data_6UQK
#
_entry.id   6UQK
#
_cell.length_a   1.00
_cell.length_b   1.00
_cell.length_c   1.00
_cell.angle_alpha   90.00
_cell.angle_beta   90.00
_cell.angle_gamma   90.00
#
_symmetry.space_group_name_H-M   'P 1'
#
loop_
_entity.id
_entity.type
_entity.pdbx_description
1 polymer 'inositol 1,4,5-triphosphate receptor, type 3'
2 non-polymer 'ZINC ION'
#
_entity_poly.entity_id   1
_entity_poly.type   'polypeptide(L)'
_entity_poly.pdbx_seq_one_letter_code
;MSSFLHIGDIVSLYAEGSVNGFISTLGLVDDRCVVEPAAGDLDNPPKKFRDCLFKVCPMNRYSAQKQYWKAKQTKQDKEK
IADVVLLQKLQHAAQMEQKQNDTENKKVHGDVVKYGSVIQLLHMKSNKYLTVNKRLPALLEKNAMRVTLDATGNEGSWLF
IQPFWKLRSNGDNVVVGDKVILNPVNAGQPLHASNYELSDNAGCKEVNSVNCNTSWKINLFMQFRDHLEEVLKGGDVVRL
FHAEQEKFLTCDEYKGKLQVFLRTTLRQSATSATSSNALWEVEVVHHDPCRGGAGHWNGLYRFKHLATGNYLAAEENPSY
KGDASDPKAAGMGAQGRTGRRNAGEKIKYCLVAVPHGNDIASLFELDPTTLQKTDSFVPRNSYVRLRHLCTNTWIQSTNV
PIDIEEERPIRLMLGTCPTKEDKEAFAIVSVPVSEIRDLDFANDASSMLASAVEKLNEGFISQNDRRFVIQLLEDLVFFV
SDVPNNGQNVLDIMVTKPNRERQKLMREQNILKQVFGILKAPFREKGGEGPLVRLEELSDQKNAPYQHMFRLCYRVLRHS
QEDYRKNQEHIAKQFGMMQSQIGYDILAEDTITALLHNNRKLLEKHITKTEVETFVSLVRKNREPRFLDYLSDLCVSNHI
AIPVTQELICKCVLDPKNSDILIRTELRPVKEMAQSHEYLSIEYSEEEVWLTWTDKNNEHHEKSVRQLAQEARAGNAHDE
NVLSYYRYQLKLFARMCLDRQYLAIDEISQQLGVDLIFLCMADEMLPFDLRASFCHLMLHVHVDRDPQELVTPVKFARLW
TEIPTAITIKDYDSNLNASRDDKKNKFANTMEFVEDYLNNVVSEAVPFANEEKNKLTFEVVSLAHNLIYFGFYSFSELLR
LTRTLLGIIDCVQGPPAMLQAYEDPGGKNVRRSIQGVGHMMSTMVLSRKQSVFSAPSLSAGASAAEPLDRSKFEENEDIV
VMETKLKILEILQFILNVRLDYRISYLLSVFKKEFVEVFPMQDSGADGTAPAFDSTTANMNLDRIGEQAEAMFGVGKTSS
MLEVDDEGGRMFLRVLIHLTMHDYAPLVSGALQLLFKHFSQRQEAMHTFKQVQLLISAQDVENYKVIKSELDRLRTMVEK
SELWVDKKGSGKGEEVEAGAAKDKKERPTDEEGFLHPPGEKSSENYQIVKGILERLNKMCGVGEQMRKKQQRLLKNMDAH
KVMLDLLQIPYDKGDAKMMEILRYTHQFLQKFCAGNPGNQALLHKHLHLFLTPGLLEAETMQHIFLNNYQLCSEISEPVL
QHFVHLLATHGRHVQYLDFLHTVIKAEGKYVKKCQDMIMTELTNAGDDVVVFYNDKASLAHLLDMMKAARDGVEDHSPLM
YHISLVDLLAACAEGKNVYTEIKCTSLLPLEDVVSVVTHEDCITEVKMAYVNFVNHC(UNK)(UNK)(UNK)(UNK)
(UNK)(UNK)(UNK)(UNK)(UNK)(UNK)(UNK)(UNK)(UNK)(UNK)(UNK)(UNK)DYKNIIEKLQDIITALEERL
KPLVQAELSVLVDVLHWPELLFLEGSEAYQRCESGGFLSKLIQHTKDLMESEEKLCIKVLRTLQQMLLKKTKYGDRGNQL
RKMLLQNYLQNRKSTSRGDLPDPIGTGLDPDWSAIAATQCRLDKEGATKLVCDLITSTKNEKIFQESIGLAIHLLDGGNT
EIQKSFHNLMMSDKKSERFFKVLHDRMKRAQQETKSTVAVNMNDLGSQPHEDREPVDPTTKGRVASFSIPGSSSRYSLGP
SLRRGHEVSERVQSSEMGTSVLIMQPILRFLQLLCENHNRDLQNFLRCQNNKTNYNLVCETLQFLDIMCGSTTGGLGLLG
LYINEDNVGLVIQTLETLTEYCQGPCHENQTCIVTHESNGIDIITALILNDISPLCKYRMDLVLQLKDNASKLLLALMES
RHDSENAERILISLRPQELVDVIKKAYLQEEERENSEVSPREVGHNIYILALQLSRHNKQLQHLLKPVKRIQEEEAEGIS
SMLSLNNKQLSQMLKSSAPAQEEEEDPLAYYENHTSQIEIVRQDRSMEQIVFPVPGICQFLTEETKHRLFTTTEQDEQGS
KVSDFFDQSSFLHNEMEWQRKLRSMPLIYWFSRRMTLWGSISFNLAVFINIIIAFFYPYME(UNK)(UNK)(UNK)
(UNK)(UNK)(UNK)(UNK)(UNK)(UNK)PLIVALILRSIYYLGIGPTLNILGALNLTNKIVFVVSFVGNRGTFIRGYK
AMVMDMEFLYHVGYILTSVLGLFAHELFYSILLFDLIYREETLFNVIKSVTRNGRSILLTALLALILVYLFSIVGFLFLK
DDFILEVDRLPNNHSTASPLGMPHGAAAFVDTCSGDKMDCVSGLSVPEVLEEDRELDSTERACDTLLMCIVTVMNHGLRN
GGGVGDILRKPSKDESLFPARVVYDLLFFFIVIIIVLNLIFGVIIDTFADLRSEKQKKEEILKTTCFICGLERDKFDNKT
VSFEEHIKLEHNMWNYLYFIVLVRVKNKTDYTGPESYVAQMIKNKNLDWFPRMRAMSLV(UNK)(UNK)(UNK)(UNK)
(UNK)(UNK)(UNK)(UNK)(UNK)(UNK)(UNK)(UNK)(UNK)(UNK)(UNK)(UNK)(UNK)(UNK)(UNK)(UNK)
(UNK)
;
_entity_poly.pdbx_strand_id   A,B,C,D
#
loop_
_chem_comp.id
_chem_comp.type
_chem_comp.name
_chem_comp.formula
ZN non-polymer 'ZINC ION' 'Zn 2'
#
# COMPACT_ATOMS: atom_id res chain seq x y z
N SER A 2 25.33 34.00 -19.70
CA SER A 2 24.08 34.65 -20.06
C SER A 2 22.89 33.83 -19.57
N SER A 3 21.87 34.54 -19.08
CA SER A 3 20.66 33.91 -18.57
C SER A 3 19.46 34.78 -18.91
N PHE A 4 18.27 34.24 -18.67
CA PHE A 4 17.04 34.98 -18.92
C PHE A 4 16.80 36.00 -17.81
N LEU A 5 16.19 37.12 -18.20
CA LEU A 5 15.85 38.17 -17.25
C LEU A 5 14.58 37.78 -16.50
N HIS A 6 14.62 37.87 -15.17
CA HIS A 6 13.51 37.55 -14.31
C HIS A 6 12.94 38.81 -13.68
N ILE A 7 11.78 38.67 -13.05
CA ILE A 7 11.13 39.77 -12.36
C ILE A 7 11.70 39.88 -10.96
N GLY A 8 12.02 41.11 -10.55
CA GLY A 8 12.60 41.35 -9.24
C GLY A 8 14.10 41.37 -9.19
N ASP A 9 14.77 41.50 -10.33
CA ASP A 9 16.22 41.51 -10.39
C ASP A 9 16.74 42.95 -10.38
N ILE A 10 17.98 43.10 -9.94
CA ILE A 10 18.66 44.40 -9.87
C ILE A 10 19.57 44.49 -11.09
N VAL A 11 19.18 45.35 -12.04
CA VAL A 11 19.88 45.49 -13.31
C VAL A 11 20.33 46.94 -13.50
N SER A 12 20.92 47.21 -14.66
CA SER A 12 21.34 48.56 -15.03
C SER A 12 20.98 48.79 -16.49
N LEU A 13 21.00 50.06 -16.89
CA LEU A 13 20.71 50.47 -18.25
C LEU A 13 21.86 51.30 -18.80
N TYR A 14 22.12 51.13 -20.09
CA TYR A 14 23.25 51.79 -20.76
C TYR A 14 22.76 52.29 -22.11
N ALA A 15 22.51 53.59 -22.21
CA ALA A 15 22.07 54.18 -23.47
C ALA A 15 23.21 54.20 -24.46
N GLU A 16 22.89 53.86 -25.72
CA GLU A 16 23.85 53.85 -26.82
C GLU A 16 23.14 54.46 -28.04
N GLY A 17 23.29 55.77 -28.21
CA GLY A 17 22.70 56.48 -29.32
C GLY A 17 23.59 57.61 -29.80
N SER A 18 23.00 58.79 -29.96
CA SER A 18 23.81 59.97 -30.26
C SER A 18 24.79 60.28 -29.14
N VAL A 19 24.40 59.99 -27.91
CA VAL A 19 25.27 60.05 -26.74
C VAL A 19 25.19 58.70 -26.04
N ASN A 20 26.33 58.27 -25.49
CA ASN A 20 26.46 56.94 -24.91
C ASN A 20 26.83 57.05 -23.44
N GLY A 21 26.34 56.08 -22.66
CA GLY A 21 26.67 56.00 -21.25
C GLY A 21 25.54 55.50 -20.38
N PHE A 22 25.81 55.35 -19.08
CA PHE A 22 24.77 54.96 -18.13
C PHE A 22 23.87 56.14 -17.81
N ILE A 23 22.79 55.85 -17.08
CA ILE A 23 21.83 56.86 -16.64
C ILE A 23 21.92 56.98 -15.12
N SER A 24 21.56 58.16 -14.62
CA SER A 24 21.61 58.44 -13.19
C SER A 24 20.58 59.51 -12.88
N THR A 25 20.48 59.83 -11.59
CA THR A 25 19.52 60.81 -11.10
C THR A 25 20.19 61.71 -10.07
N LEU A 26 19.93 63.01 -10.17
CA LEU A 26 20.34 63.93 -9.11
C LEU A 26 19.60 63.57 -7.83
N GLY A 27 20.33 63.54 -6.72
CA GLY A 27 19.86 62.86 -5.53
C GLY A 27 18.65 63.47 -4.84
N LEU A 28 17.50 62.82 -5.01
CA LEU A 28 16.36 62.88 -4.11
C LEU A 28 15.73 64.26 -3.97
N VAL A 29 16.13 65.23 -4.79
CA VAL A 29 15.49 66.55 -4.80
C VAL A 29 15.05 66.91 -6.21
N ASP A 30 15.72 66.37 -7.22
CA ASP A 30 15.35 66.56 -8.61
C ASP A 30 14.53 65.35 -9.08
N ASP A 31 14.10 65.43 -10.35
CA ASP A 31 13.32 64.36 -10.96
C ASP A 31 13.81 63.99 -12.36
N ARG A 32 14.74 64.74 -12.94
CA ARG A 32 15.21 64.47 -14.29
C ARG A 32 16.27 63.38 -14.30
N CYS A 33 16.20 62.51 -15.30
CA CYS A 33 17.20 61.48 -15.53
C CYS A 33 18.30 62.04 -16.42
N VAL A 34 19.55 61.75 -16.08
CA VAL A 34 20.72 62.35 -16.72
C VAL A 34 21.58 61.24 -17.29
N VAL A 35 22.16 61.50 -18.46
CA VAL A 35 23.11 60.59 -19.12
C VAL A 35 24.46 61.28 -19.15
N GLU A 36 25.43 60.71 -18.43
CA GLU A 36 26.76 61.29 -18.31
C GLU A 36 27.70 60.64 -19.30
N PRO A 37 28.13 61.32 -20.38
CA PRO A 37 29.07 60.66 -21.31
C PRO A 37 30.47 60.55 -20.76
N ALA A 38 30.92 61.52 -19.96
CA ALA A 38 32.26 61.53 -19.42
C ALA A 38 32.40 60.71 -18.15
N ALA A 39 31.41 59.88 -17.80
CA ALA A 39 31.46 59.10 -16.57
C ALA A 39 32.25 57.81 -16.79
N GLY A 40 31.79 56.97 -17.72
CA GLY A 40 32.45 55.71 -17.99
C GLY A 40 31.69 54.85 -18.98
N ASP A 41 32.42 54.02 -19.73
CA ASP A 41 31.83 53.15 -20.73
C ASP A 41 31.50 51.80 -20.10
N LEU A 42 31.12 50.83 -20.92
CA LEU A 42 30.78 49.51 -20.42
C LEU A 42 32.00 48.78 -19.88
N ASP A 43 33.19 49.08 -20.40
CA ASP A 43 34.41 48.44 -19.93
C ASP A 43 34.81 48.97 -18.56
N ASN A 44 35.07 50.27 -18.47
CA ASN A 44 35.43 50.90 -17.21
C ASN A 44 34.18 51.50 -16.58
N PRO A 45 33.63 50.92 -15.50
CA PRO A 45 32.41 51.50 -14.93
C PRO A 45 32.71 52.80 -14.22
N PRO A 46 31.73 53.68 -14.05
CA PRO A 46 31.98 54.97 -13.42
C PRO A 46 31.93 54.87 -11.90
N LYS A 47 32.50 55.90 -11.26
CA LYS A 47 32.41 56.02 -9.82
C LYS A 47 30.99 56.37 -9.40
N LYS A 48 30.68 56.11 -8.13
CA LYS A 48 29.33 56.30 -7.59
C LYS A 48 28.32 55.48 -8.38
N PHE A 49 28.67 54.22 -8.63
CA PHE A 49 27.84 53.33 -9.43
C PHE A 49 26.52 52.98 -8.76
N ARG A 50 26.42 53.15 -7.44
CA ARG A 50 25.22 52.74 -6.71
C ARG A 50 23.96 53.48 -7.17
N ASP A 51 24.11 54.67 -7.75
CA ASP A 51 22.96 55.42 -8.24
C ASP A 51 22.47 54.93 -9.59
N CYS A 52 23.24 54.09 -10.29
CA CYS A 52 22.91 53.66 -11.64
C CYS A 52 22.16 52.33 -11.69
N LEU A 53 21.61 51.88 -10.56
CA LEU A 53 20.89 50.63 -10.51
C LEU A 53 19.40 50.84 -10.75
N PHE A 54 18.71 49.74 -11.08
CA PHE A 54 17.27 49.78 -11.28
C PHE A 54 16.70 48.40 -11.00
N LYS A 55 15.39 48.35 -10.79
CA LYS A 55 14.67 47.11 -10.54
C LYS A 55 13.46 47.06 -11.46
N VAL A 56 13.27 45.92 -12.12
CA VAL A 56 12.07 45.69 -12.91
C VAL A 56 10.94 45.30 -11.98
N CYS A 57 9.75 45.82 -12.26
CA CYS A 57 8.56 45.59 -11.46
C CYS A 57 7.38 45.24 -12.36
N PRO A 58 6.43 44.44 -11.87
CA PRO A 58 5.37 43.95 -12.74
C PRO A 58 4.25 44.96 -12.96
N MET A 59 3.19 44.53 -13.64
CA MET A 59 2.02 45.37 -13.85
C MET A 59 1.42 45.81 -12.53
N ASN A 60 1.06 47.08 -12.44
CA ASN A 60 0.40 47.66 -11.27
C ASN A 60 -0.95 48.21 -11.68
N ARG A 61 -1.73 48.62 -10.68
CA ARG A 61 -3.05 49.20 -10.87
C ARG A 61 -3.09 50.58 -10.24
N TYR A 62 -3.63 51.55 -10.98
CA TYR A 62 -3.71 52.93 -10.53
C TYR A 62 -5.08 53.51 -10.83
N SER A 63 -6.13 52.71 -10.59
CA SER A 63 -7.50 53.17 -10.83
C SER A 63 -8.03 53.98 -9.66
N ALA A 64 -7.95 53.43 -8.45
CA ALA A 64 -8.47 54.13 -7.28
C ALA A 64 -7.57 55.27 -6.86
N GLN A 65 -6.27 55.17 -7.11
CA GLN A 65 -5.35 56.25 -6.74
C GLN A 65 -5.63 57.50 -7.57
N LYS A 66 -5.90 57.33 -8.86
CA LYS A 66 -6.25 58.49 -9.70
C LYS A 66 -7.55 59.12 -9.22
N GLN A 67 -8.51 58.31 -8.79
CA GLN A 67 -9.77 58.85 -8.28
C GLN A 67 -9.54 59.63 -6.99
N TYR A 68 -8.69 59.10 -6.10
CA TYR A 68 -8.38 59.80 -4.87
C TYR A 68 -7.68 61.12 -5.15
N TRP A 69 -6.74 61.13 -6.10
CA TRP A 69 -6.04 62.36 -6.43
C TRP A 69 -6.99 63.37 -7.08
N LYS A 70 -7.93 62.91 -7.91
CA LYS A 70 -8.89 63.81 -8.52
C LYS A 70 -9.85 64.38 -7.48
N ALA A 71 -10.19 63.59 -6.46
CA ALA A 71 -11.03 64.09 -5.38
C ALA A 71 -10.29 65.11 -4.52
N LYS A 72 -9.00 64.86 -4.27
CA LYS A 72 -8.21 65.79 -3.48
C LYS A 72 -7.90 67.07 -4.23
N GLN A 73 -7.84 67.01 -5.57
CA GLN A 73 -7.56 68.20 -6.36
C GLN A 73 -8.73 69.18 -6.31
N THR A 74 -9.95 68.66 -6.39
CA THR A 74 -11.14 69.51 -6.35
C THR A 74 -11.50 69.84 -4.90
N ALA A 82 -21.62 66.08 3.30
CA ALA A 82 -21.82 64.63 3.30
C ALA A 82 -20.85 63.91 2.36
N ASP A 83 -19.74 64.57 2.02
CA ASP A 83 -18.72 64.00 1.15
C ASP A 83 -17.56 63.37 1.92
N VAL A 84 -17.60 63.40 3.26
CA VAL A 84 -16.51 62.83 4.05
C VAL A 84 -16.61 61.30 4.08
N VAL A 85 -17.84 60.77 4.14
CA VAL A 85 -18.00 59.33 4.23
C VAL A 85 -17.59 58.66 2.92
N LEU A 86 -17.97 59.24 1.77
CA LEU A 86 -17.57 58.66 0.51
C LEU A 86 -16.07 58.80 0.28
N LEU A 87 -15.47 59.89 0.77
CA LEU A 87 -14.03 60.04 0.68
C LEU A 87 -13.31 58.99 1.52
N GLN A 88 -13.82 58.72 2.72
CA GLN A 88 -13.23 57.69 3.56
C GLN A 88 -13.37 56.31 2.92
N LYS A 89 -14.53 56.04 2.32
CA LYS A 89 -14.73 54.76 1.64
C LYS A 89 -13.78 54.64 0.45
N LEU A 90 -13.61 55.71 -0.31
CA LEU A 90 -12.68 55.68 -1.45
C LEU A 90 -11.25 55.48 -0.98
N GLN A 91 -10.87 56.11 0.13
CA GLN A 91 -9.52 55.92 0.66
C GLN A 91 -9.31 54.49 1.12
N HIS A 92 -10.32 53.89 1.77
CA HIS A 92 -10.23 52.50 2.18
C HIS A 92 -10.09 51.60 0.96
N ALA A 93 -10.85 51.88 -0.10
CA ALA A 93 -10.75 51.10 -1.32
C ALA A 93 -9.37 51.24 -1.96
N ALA A 94 -8.80 52.45 -1.90
CA ALA A 94 -7.46 52.66 -2.45
C ALA A 94 -6.42 51.90 -1.66
N GLN A 95 -6.54 51.89 -0.33
CA GLN A 95 -5.61 51.11 0.49
C GLN A 95 -5.76 49.62 0.21
N MET A 96 -7.00 49.15 0.02
CA MET A 96 -7.22 47.76 -0.33
C MET A 96 -6.60 47.42 -1.67
N GLU A 97 -6.70 48.34 -2.63
CA GLU A 97 -6.08 48.12 -3.94
C GLU A 97 -4.56 48.10 -3.82
N GLN A 98 -4.01 48.95 -2.95
CA GLN A 98 -2.56 48.94 -2.73
C GLN A 98 -2.11 47.62 -2.13
N LYS A 99 -2.86 47.10 -1.14
CA LYS A 99 -2.53 45.80 -0.57
C LYS A 99 -2.67 44.68 -1.60
N GLN A 100 -3.68 44.78 -2.47
CA GLN A 100 -3.85 43.80 -3.53
C GLN A 100 -2.66 43.82 -4.49
N ASN A 101 -2.21 45.02 -4.86
CA ASN A 101 -1.03 45.14 -5.72
C ASN A 101 0.20 44.59 -5.03
N ASP A 102 0.32 44.81 -3.72
CA ASP A 102 1.47 44.31 -2.98
C ASP A 102 1.51 42.79 -2.98
N THR A 103 0.39 42.14 -2.62
CA THR A 103 0.37 40.69 -2.61
C THR A 103 0.49 40.12 -4.03
N GLU A 104 0.01 40.84 -5.04
CA GLU A 104 0.18 40.38 -6.41
C GLU A 104 1.65 40.43 -6.81
N ASN A 105 2.36 41.49 -6.42
CA ASN A 105 3.79 41.56 -6.68
C ASN A 105 4.54 40.48 -5.93
N LYS A 106 4.08 40.14 -4.72
CA LYS A 106 4.73 39.08 -3.95
C LYS A 106 4.49 37.72 -4.60
N LYS A 107 3.31 37.49 -5.16
CA LYS A 107 2.98 36.20 -5.74
C LYS A 107 3.61 36.02 -7.12
N VAL A 108 3.70 37.10 -7.90
CA VAL A 108 4.24 37.00 -9.26
C VAL A 108 5.77 36.93 -9.26
N HIS A 109 6.43 37.30 -8.16
CA HIS A 109 7.89 37.27 -8.11
C HIS A 109 8.40 35.84 -8.27
N GLY A 110 9.26 35.66 -9.27
CA GLY A 110 9.84 34.35 -9.57
C GLY A 110 9.47 33.85 -10.94
N ASP A 111 9.25 34.76 -11.88
CA ASP A 111 8.88 34.44 -13.25
C ASP A 111 9.87 35.09 -14.21
N VAL A 112 9.77 34.72 -15.49
CA VAL A 112 10.62 35.22 -16.55
C VAL A 112 9.81 36.18 -17.41
N VAL A 113 10.39 37.34 -17.71
CA VAL A 113 9.72 38.33 -18.53
C VAL A 113 9.93 38.02 -20.01
N LYS A 114 8.96 38.41 -20.82
CA LYS A 114 8.98 38.19 -22.26
C LYS A 114 8.76 39.51 -22.99
N TYR A 115 9.08 39.52 -24.27
CA TYR A 115 8.90 40.72 -25.08
C TYR A 115 7.42 41.03 -25.26
N GLY A 116 7.14 42.32 -25.44
CA GLY A 116 5.78 42.78 -25.59
C GLY A 116 5.01 42.94 -24.30
N SER A 117 5.56 42.50 -23.17
CA SER A 117 4.89 42.61 -21.88
C SER A 117 5.11 44.01 -21.32
N VAL A 118 4.75 44.19 -20.04
CA VAL A 118 4.89 45.47 -19.35
C VAL A 118 5.94 45.32 -18.26
N ILE A 119 6.55 46.45 -17.91
CA ILE A 119 7.56 46.48 -16.85
C ILE A 119 7.75 47.92 -16.41
N GLN A 120 7.93 48.09 -15.10
CA GLN A 120 8.19 49.40 -14.50
C GLN A 120 9.59 49.42 -13.93
N LEU A 121 10.23 50.59 -13.98
CA LEU A 121 11.60 50.77 -13.50
C LEU A 121 11.55 51.49 -12.16
N LEU A 122 11.96 50.80 -11.10
CA LEU A 122 12.04 51.36 -9.76
C LEU A 122 13.49 51.66 -9.43
N HIS A 123 13.75 52.85 -8.89
CA HIS A 123 15.09 53.22 -8.49
C HIS A 123 15.47 52.51 -7.19
N MET A 124 16.76 52.16 -7.08
CA MET A 124 17.26 51.50 -5.89
C MET A 124 17.64 52.46 -4.79
N LYS A 125 18.07 53.68 -5.14
CA LYS A 125 18.48 54.66 -4.14
C LYS A 125 17.33 55.53 -3.65
N SER A 126 16.33 55.76 -4.51
CA SER A 126 15.19 56.61 -4.16
C SER A 126 13.91 55.84 -3.86
N ASN A 127 13.79 54.60 -4.34
CA ASN A 127 12.58 53.79 -4.14
C ASN A 127 11.38 54.48 -4.76
N LYS A 128 11.58 55.08 -5.93
CA LYS A 128 10.53 55.77 -6.67
C LYS A 128 10.57 55.33 -8.12
N TYR A 129 9.39 55.06 -8.68
CA TYR A 129 9.31 54.60 -10.05
C TYR A 129 9.55 55.74 -11.03
N LEU A 130 9.88 55.37 -12.25
CA LEU A 130 10.10 56.31 -13.35
C LEU A 130 8.89 56.29 -14.27
N THR A 131 8.51 57.47 -14.75
CA THR A 131 7.36 57.58 -15.64
C THR A 131 7.54 58.81 -16.53
N VAL A 132 6.57 59.01 -17.43
CA VAL A 132 6.54 60.14 -18.34
C VAL A 132 5.25 60.91 -18.10
N ASN A 133 5.29 62.21 -18.38
CA ASN A 133 4.15 63.11 -18.17
C ASN A 133 3.61 63.53 -19.54
N LYS A 134 2.49 62.94 -19.92
CA LYS A 134 1.82 63.35 -21.15
C LYS A 134 1.23 64.75 -21.06
N ARG A 135 1.05 65.27 -19.84
CA ARG A 135 0.46 66.60 -19.62
C ARG A 135 1.52 67.64 -19.26
N LEU A 136 2.72 67.50 -19.81
CA LEU A 136 3.79 68.45 -19.52
C LEU A 136 4.90 68.33 -20.56
N PRO A 137 5.33 69.42 -21.23
CA PRO A 137 6.49 69.30 -22.12
C PRO A 137 7.79 69.15 -21.34
N ALA A 138 8.88 68.91 -22.06
CA ALA A 138 10.18 68.74 -21.43
C ALA A 138 10.74 70.11 -21.00
N LEU A 139 11.91 70.08 -20.37
CA LEU A 139 12.56 71.28 -19.87
C LEU A 139 13.49 71.88 -20.92
N LEU A 140 14.48 71.11 -21.36
CA LEU A 140 15.46 71.57 -22.34
C LEU A 140 15.04 71.30 -23.78
N GLU A 141 13.76 70.98 -24.02
CA GLU A 141 13.27 70.73 -25.37
C GLU A 141 11.79 71.06 -25.40
N LYS A 142 11.35 71.63 -26.52
CA LYS A 142 9.96 72.02 -26.73
C LYS A 142 9.27 71.14 -27.76
N ASN A 143 9.66 69.87 -27.84
CA ASN A 143 9.07 68.91 -28.78
C ASN A 143 8.71 67.58 -28.15
N ALA A 144 9.29 67.22 -27.01
CA ALA A 144 9.04 65.95 -26.32
C ALA A 144 8.47 66.20 -24.94
N MET A 145 8.03 65.12 -24.30
CA MET A 145 7.45 65.19 -22.97
C MET A 145 8.56 65.01 -21.92
N ARG A 146 8.17 65.06 -20.65
CA ARG A 146 9.11 65.11 -19.53
C ARG A 146 9.05 63.81 -18.73
N VAL A 147 10.24 63.27 -18.44
CA VAL A 147 10.33 62.14 -17.51
C VAL A 147 10.29 62.65 -16.08
N THR A 148 9.88 61.78 -15.17
CA THR A 148 9.71 62.17 -13.78
C THR A 148 9.78 60.95 -12.88
N LEU A 149 10.34 61.14 -11.69
CA LEU A 149 10.42 60.12 -10.66
C LEU A 149 9.27 60.33 -9.68
N ASP A 150 8.33 59.39 -9.65
CA ASP A 150 7.17 59.45 -8.77
C ASP A 150 7.32 58.42 -7.67
N ALA A 151 7.03 58.83 -6.43
CA ALA A 151 7.18 57.92 -5.30
C ALA A 151 6.14 56.82 -5.31
N THR A 152 4.97 57.07 -5.89
CA THR A 152 3.87 56.12 -5.93
C THR A 152 3.56 55.60 -7.32
N GLY A 153 3.86 56.37 -8.36
CA GLY A 153 3.59 55.97 -9.74
C GLY A 153 2.31 56.60 -10.26
N ASN A 154 2.04 56.29 -11.53
CA ASN A 154 0.87 56.82 -12.22
C ASN A 154 0.47 55.82 -13.31
N GLU A 155 -0.50 56.22 -14.13
CA GLU A 155 -0.95 55.35 -15.22
C GLU A 155 0.05 55.32 -16.36
N GLY A 156 0.84 56.37 -16.52
CA GLY A 156 1.80 56.44 -17.62
C GLY A 156 3.16 55.83 -17.28
N SER A 157 3.21 55.00 -16.23
CA SER A 157 4.45 54.32 -15.85
C SER A 157 4.64 52.98 -16.54
N TRP A 158 3.63 52.46 -17.22
CA TRP A 158 3.75 51.17 -17.89
C TRP A 158 4.56 51.34 -19.17
N LEU A 159 5.55 50.46 -19.34
CA LEU A 159 6.50 50.54 -20.45
C LEU A 159 6.50 49.21 -21.19
N PHE A 160 6.16 49.23 -22.47
CA PHE A 160 6.37 48.07 -23.32
C PHE A 160 7.85 47.94 -23.64
N ILE A 161 8.29 46.69 -23.74
CA ILE A 161 9.66 46.33 -24.07
C ILE A 161 9.67 45.77 -25.49
N GLN A 162 10.58 46.27 -26.32
CA GLN A 162 10.70 45.85 -27.71
C GLN A 162 12.16 45.54 -28.02
N PRO A 163 12.44 44.63 -28.96
CA PRO A 163 13.84 44.44 -29.37
C PRO A 163 14.29 45.53 -30.32
N PHE A 164 15.51 46.01 -30.10
CA PHE A 164 16.11 46.98 -31.01
C PHE A 164 16.47 46.33 -32.34
N TRP A 165 17.10 45.16 -32.28
CA TRP A 165 17.43 44.41 -33.48
C TRP A 165 16.21 43.68 -34.03
N LYS A 166 16.36 43.16 -35.25
CA LYS A 166 15.34 42.32 -35.87
C LYS A 166 15.56 40.84 -35.61
N LEU A 167 16.23 40.50 -34.50
CA LEU A 167 16.53 39.11 -34.20
C LEU A 167 15.32 38.40 -33.59
N ARG A 168 14.71 39.02 -32.59
CA ARG A 168 13.61 38.42 -31.83
C ARG A 168 12.33 39.20 -32.08
N SER A 169 11.22 38.60 -31.65
CA SER A 169 9.88 39.17 -31.83
C SER A 169 9.14 39.11 -30.51
N ASN A 170 7.90 39.59 -30.53
CA ASN A 170 7.07 39.61 -29.33
C ASN A 170 6.75 38.19 -28.88
N GLY A 171 6.78 37.97 -27.57
CA GLY A 171 6.49 36.69 -26.97
C GLY A 171 7.73 35.87 -26.63
N ASP A 172 8.87 36.17 -27.23
CA ASP A 172 10.09 35.43 -26.96
C ASP A 172 10.68 35.87 -25.62
N ASN A 173 11.58 35.02 -25.10
CA ASN A 173 12.23 35.33 -23.83
C ASN A 173 13.29 36.41 -24.02
N VAL A 174 13.43 37.26 -23.01
CA VAL A 174 14.35 38.38 -23.05
C VAL A 174 15.68 37.92 -22.44
N VAL A 175 16.66 37.66 -23.30
CA VAL A 175 18.00 37.30 -22.84
C VAL A 175 18.75 38.57 -22.46
N VAL A 176 19.46 38.53 -21.34
CA VAL A 176 20.19 39.70 -20.89
C VAL A 176 21.35 40.00 -21.85
N GLY A 177 21.87 41.21 -21.73
CA GLY A 177 22.98 41.63 -22.58
C GLY A 177 22.60 41.86 -24.02
N ASP A 178 21.46 42.50 -24.25
CA ASP A 178 20.98 42.80 -25.60
C ASP A 178 20.45 44.22 -25.63
N LYS A 179 20.33 44.75 -26.85
CA LYS A 179 19.78 46.09 -27.04
C LYS A 179 18.26 46.05 -26.93
N VAL A 180 17.70 46.98 -26.16
CA VAL A 180 16.28 46.99 -25.82
C VAL A 180 15.74 48.40 -26.03
N ILE A 181 14.47 48.49 -26.39
CA ILE A 181 13.75 49.75 -26.50
C ILE A 181 12.59 49.72 -25.50
N LEU A 182 12.56 50.70 -24.61
CA LEU A 182 11.46 50.89 -23.67
C LEU A 182 10.56 52.01 -24.19
N ASN A 183 9.28 51.70 -24.37
CA ASN A 183 8.32 52.63 -24.96
C ASN A 183 7.16 52.81 -24.00
N PRO A 184 6.89 54.02 -23.50
CA PRO A 184 5.70 54.20 -22.65
C PRO A 184 4.42 54.05 -23.47
N VAL A 185 3.39 53.51 -22.81
CA VAL A 185 2.13 53.23 -23.50
C VAL A 185 1.24 54.45 -23.61
N ASN A 186 1.39 55.43 -22.73
CA ASN A 186 0.52 56.61 -22.68
C ASN A 186 1.09 57.82 -23.39
N ALA A 187 2.25 57.68 -24.07
CA ALA A 187 2.87 58.77 -24.80
C ALA A 187 3.14 58.39 -26.25
N GLY A 188 3.51 57.13 -26.48
CA GLY A 188 3.78 56.63 -27.81
C GLY A 188 5.24 56.71 -28.24
N GLN A 189 5.92 57.80 -27.88
CA GLN A 189 7.32 57.99 -28.28
C GLN A 189 8.24 57.28 -27.29
N PRO A 190 9.23 56.50 -27.72
CA PRO A 190 10.12 55.87 -26.76
C PRO A 190 11.12 56.86 -26.17
N LEU A 191 11.86 56.38 -25.18
CA LEU A 191 12.88 57.21 -24.54
C LEU A 191 14.01 57.50 -25.51
N HIS A 192 14.64 58.66 -25.33
CA HIS A 192 15.70 59.11 -26.21
C HIS A 192 16.68 59.98 -25.43
N ALA A 193 17.96 59.65 -25.50
CA ALA A 193 19.00 60.44 -24.87
C ALA A 193 19.44 61.55 -25.82
N SER A 194 19.06 62.78 -25.50
CA SER A 194 19.36 63.92 -26.34
C SER A 194 20.79 64.40 -26.06
N ASN A 195 21.15 65.55 -26.62
CA ASN A 195 22.47 66.15 -26.47
C ASN A 195 22.36 67.60 -26.04
N TYR A 196 21.41 67.89 -25.15
CA TYR A 196 21.20 69.22 -24.60
C TYR A 196 21.85 69.32 -23.23
N GLU A 197 22.69 70.33 -23.04
CA GLU A 197 23.36 70.53 -21.77
C GLU A 197 22.39 71.07 -20.72
N LEU A 198 22.83 71.04 -19.48
CA LEU A 198 22.05 71.51 -18.34
C LEU A 198 22.52 72.90 -17.91
N SER A 199 21.77 73.50 -16.99
CA SER A 199 22.07 74.86 -16.55
C SER A 199 23.33 74.88 -15.68
N ASP A 200 23.28 74.21 -14.53
CA ASP A 200 24.37 74.23 -13.57
C ASP A 200 25.31 73.03 -13.71
N ASN A 201 24.77 71.83 -13.76
CA ASN A 201 25.58 70.62 -13.86
C ASN A 201 26.17 70.52 -15.26
N ALA A 202 27.47 70.77 -15.38
CA ALA A 202 28.14 70.75 -16.68
C ALA A 202 28.50 69.33 -17.08
N GLY A 203 28.70 69.14 -18.38
CA GLY A 203 29.03 67.84 -18.92
C GLY A 203 27.94 66.81 -18.65
N CYS A 204 26.70 67.16 -18.99
CA CYS A 204 25.55 66.33 -18.72
C CYS A 204 24.55 66.46 -19.86
N LYS A 205 23.65 65.48 -19.95
CA LYS A 205 22.63 65.44 -20.97
C LYS A 205 21.36 64.85 -20.39
N GLU A 206 20.22 65.41 -20.80
CA GLU A 206 18.92 65.02 -20.28
C GLU A 206 18.19 64.13 -21.30
N VAL A 207 17.41 63.20 -20.77
CA VAL A 207 16.62 62.28 -21.60
C VAL A 207 15.24 62.88 -21.83
N ASN A 208 14.60 62.43 -22.90
CA ASN A 208 13.25 62.87 -23.24
C ASN A 208 12.53 61.69 -23.90
N SER A 209 11.36 61.96 -24.47
CA SER A 209 10.55 60.95 -25.16
C SER A 209 10.22 61.46 -26.55
N VAL A 210 11.08 61.12 -27.51
CA VAL A 210 10.87 61.48 -28.92
C VAL A 210 11.17 60.26 -29.77
N ASN A 211 10.52 60.20 -30.93
CA ASN A 211 10.69 59.07 -31.85
C ASN A 211 12.09 59.14 -32.46
N CYS A 212 13.00 58.32 -31.94
CA CYS A 212 14.37 58.29 -32.42
C CYS A 212 14.98 56.94 -32.12
N ASN A 213 16.05 56.62 -32.85
CA ASN A 213 16.73 55.33 -32.70
C ASN A 213 17.67 55.41 -31.50
N THR A 214 17.30 54.75 -30.41
CA THR A 214 18.13 54.69 -29.21
C THR A 214 18.00 53.31 -28.59
N SER A 215 19.13 52.72 -28.22
CA SER A 215 19.19 51.40 -27.62
C SER A 215 19.51 51.53 -26.14
N TRP A 216 19.15 50.47 -25.39
CA TRP A 216 19.40 50.39 -23.96
C TRP A 216 19.90 48.99 -23.64
N LYS A 217 21.20 48.87 -23.40
CA LYS A 217 21.81 47.58 -23.11
C LYS A 217 21.62 47.26 -21.63
N ILE A 218 20.81 46.25 -21.34
CA ILE A 218 20.55 45.84 -19.96
C ILE A 218 21.73 45.00 -19.49
N ASN A 219 22.37 45.42 -18.40
CA ASN A 219 23.48 44.71 -17.78
C ASN A 219 23.05 44.25 -16.39
N LEU A 220 23.29 42.98 -16.10
CA LEU A 220 22.91 42.41 -14.82
C LEU A 220 23.87 42.84 -13.73
N PHE A 221 23.33 43.06 -12.54
CA PHE A 221 24.10 43.36 -11.33
C PHE A 221 23.80 42.40 -10.19
N MET A 222 22.56 41.94 -10.08
CA MET A 222 22.19 40.97 -9.06
C MET A 222 20.90 40.29 -9.48
N GLN A 223 20.90 38.95 -9.45
CA GLN A 223 19.73 38.19 -9.83
C GLN A 223 18.65 38.27 -8.75
N PHE A 224 17.49 37.72 -9.07
CA PHE A 224 16.36 37.72 -8.13
C PHE A 224 16.53 36.69 -7.02
N ARG A 225 17.35 35.66 -7.23
CA ARG A 225 17.57 34.68 -6.18
C ARG A 225 18.42 35.23 -5.05
N ASP A 226 19.34 36.14 -5.36
CA ASP A 226 20.21 36.76 -4.36
C ASP A 226 19.57 38.02 -3.77
N HIS A 227 18.34 37.87 -3.28
CA HIS A 227 17.60 38.96 -2.66
C HIS A 227 16.81 38.48 -1.45
N LEU A 228 17.26 37.39 -0.81
CA LEU A 228 16.56 36.81 0.32
C LEU A 228 16.74 37.58 1.62
N GLU A 229 17.56 38.63 1.63
CA GLU A 229 17.79 39.45 2.82
C GLU A 229 18.38 38.61 3.96
N GLU A 230 19.21 37.63 3.61
CA GLU A 230 19.92 36.81 4.60
C GLU A 230 21.42 36.80 4.31
N VAL A 231 21.78 36.81 3.03
CA VAL A 231 23.18 36.77 2.62
C VAL A 231 23.69 38.19 2.46
N LEU A 232 25.02 38.34 2.51
CA LEU A 232 25.65 39.64 2.36
C LEU A 232 25.66 40.01 0.88
N LYS A 233 24.78 40.94 0.52
CA LYS A 233 24.69 41.39 -0.87
C LYS A 233 25.95 42.16 -1.26
N GLY A 234 26.11 42.39 -2.55
CA GLY A 234 27.25 43.08 -3.11
C GLY A 234 27.10 44.58 -3.23
N GLY A 235 26.01 45.15 -2.73
CA GLY A 235 25.78 46.59 -2.80
C GLY A 235 25.24 47.17 -1.51
N ASP A 236 24.98 46.34 -0.51
CA ASP A 236 24.42 46.82 0.76
C ASP A 236 25.54 47.44 1.60
N VAL A 237 25.34 48.69 2.00
CA VAL A 237 26.31 49.36 2.86
C VAL A 237 26.25 48.77 4.26
N VAL A 238 27.42 48.53 4.84
CA VAL A 238 27.55 47.93 6.16
C VAL A 238 28.47 48.81 7.00
N ARG A 239 28.76 48.34 8.21
CA ARG A 239 29.65 49.03 9.13
C ARG A 239 30.61 48.01 9.74
N LEU A 240 31.86 48.42 9.90
CA LEU A 240 32.91 47.58 10.47
C LEU A 240 33.12 47.94 11.93
N PHE A 241 33.31 46.91 12.76
CA PHE A 241 33.47 47.10 14.20
C PHE A 241 34.52 46.13 14.72
N HIS A 242 35.50 46.66 15.45
CA HIS A 242 36.56 45.84 16.03
C HIS A 242 36.13 45.36 17.41
N ALA A 243 36.22 44.05 17.63
CA ALA A 243 35.74 43.46 18.88
C ALA A 243 36.72 43.67 20.03
N GLU A 244 38.02 43.66 19.75
CA GLU A 244 39.02 43.79 20.81
C GLU A 244 39.03 45.22 21.37
N GLN A 245 39.20 46.20 20.49
CA GLN A 245 39.26 47.59 20.92
C GLN A 245 37.88 48.17 21.25
N GLU A 246 36.81 47.54 20.76
CA GLU A 246 35.44 48.00 21.01
C GLU A 246 35.23 49.42 20.47
N LYS A 247 35.50 49.57 19.18
CA LYS A 247 35.35 50.87 18.52
C LYS A 247 35.22 50.64 17.03
N PHE A 248 34.63 51.63 16.35
CA PHE A 248 34.40 51.55 14.92
C PHE A 248 35.64 52.04 14.15
N LEU A 249 35.59 51.82 12.84
CA LEU A 249 36.64 52.24 11.91
C LEU A 249 36.06 53.26 10.96
N THR A 250 36.80 54.34 10.70
CA THR A 250 36.34 55.39 9.82
C THR A 250 37.53 56.01 9.11
N CYS A 251 37.27 57.06 8.33
CA CYS A 251 38.31 57.77 7.62
C CYS A 251 37.89 59.23 7.48
N ASP A 252 38.86 60.14 7.62
CA ASP A 252 38.56 61.56 7.59
C ASP A 252 39.81 62.33 7.18
N GLU A 253 39.61 63.61 6.91
CA GLU A 253 40.69 64.51 6.51
C GLU A 253 41.23 65.23 7.74
N TYR A 254 42.56 65.27 7.86
CA TYR A 254 43.22 65.94 8.97
C TYR A 254 44.57 66.43 8.48
N LYS A 255 44.86 67.71 8.72
CA LYS A 255 46.12 68.33 8.32
C LYS A 255 46.36 68.18 6.83
N GLY A 256 45.30 68.22 6.03
CA GLY A 256 45.42 68.05 4.59
C GLY A 256 45.76 66.64 4.16
N LYS A 257 45.46 65.64 4.98
CA LYS A 257 45.72 64.24 4.64
C LYS A 257 44.47 63.43 4.95
N LEU A 258 44.01 62.66 3.96
CA LEU A 258 42.83 61.80 4.12
C LEU A 258 43.31 60.48 4.70
N GLN A 259 43.14 60.31 6.01
CA GLN A 259 43.66 59.15 6.73
C GLN A 259 42.52 58.27 7.23
N VAL A 260 42.74 56.96 7.17
CA VAL A 260 41.82 55.97 7.73
C VAL A 260 42.33 55.60 9.12
N PHE A 261 41.41 55.50 10.08
CA PHE A 261 41.81 55.27 11.46
C PHE A 261 40.66 54.67 12.25
N LEU A 262 41.01 54.11 13.41
CA LEU A 262 40.06 53.55 14.36
C LEU A 262 39.96 54.53 15.53
N ARG A 263 38.88 55.29 15.58
CA ARG A 263 38.75 56.35 16.57
C ARG A 263 38.70 55.78 17.98
N THR A 264 39.46 56.40 18.88
CA THR A 264 39.54 55.97 20.28
C THR A 264 38.51 56.75 21.08
N THR A 265 37.27 56.26 21.05
CA THR A 265 36.17 56.88 21.78
C THR A 265 36.20 56.47 23.25
N LEU A 266 35.22 56.97 24.00
CA LEU A 266 35.08 56.58 25.39
C LEU A 266 34.64 55.12 25.49
N ARG A 267 33.47 54.81 24.93
CA ARG A 267 32.98 53.43 24.88
C ARG A 267 32.02 53.33 23.70
N GLN A 268 31.93 52.14 23.12
CA GLN A 268 31.08 51.90 21.97
C GLN A 268 30.61 50.46 21.98
N SER A 269 29.33 50.26 21.70
CA SER A 269 28.73 48.94 21.66
C SER A 269 28.96 48.34 20.27
N ALA A 270 28.36 47.17 20.02
CA ALA A 270 28.47 46.48 18.74
C ALA A 270 27.34 46.82 17.78
N THR A 271 26.29 47.51 18.23
CA THR A 271 25.18 47.88 17.38
C THR A 271 24.69 49.30 17.60
N SER A 272 25.42 50.12 18.36
CA SER A 272 25.02 51.49 18.60
C SER A 272 25.31 52.35 17.37
N ALA A 273 24.55 53.43 17.24
CA ALA A 273 24.71 54.32 16.11
C ALA A 273 26.00 55.14 16.25
N THR A 274 26.46 55.68 15.13
CA THR A 274 27.66 56.49 15.07
C THR A 274 27.46 57.59 14.04
N SER A 275 28.53 58.31 13.74
CA SER A 275 28.46 59.41 12.78
C SER A 275 28.39 58.87 11.36
N SER A 276 28.22 59.77 10.41
CA SER A 276 28.11 59.42 8.99
C SER A 276 29.47 59.43 8.31
N ASN A 277 30.44 58.72 8.91
CA ASN A 277 31.76 58.57 8.33
C ASN A 277 32.32 57.16 8.47
N ALA A 278 31.61 56.24 9.12
CA ALA A 278 32.08 54.87 9.34
C ALA A 278 31.38 53.85 8.47
N LEU A 279 30.48 54.27 7.59
CA LEU A 279 29.80 53.34 6.70
C LEU A 279 30.71 52.97 5.54
N TRP A 280 30.58 51.73 5.07
CA TRP A 280 31.39 51.22 3.98
C TRP A 280 30.50 50.40 3.05
N GLU A 281 30.59 50.71 1.76
CA GLU A 281 29.89 49.95 0.72
C GLU A 281 30.80 48.86 0.21
N VAL A 282 30.33 47.62 0.26
CA VAL A 282 31.08 46.47 -0.21
C VAL A 282 30.83 46.28 -1.69
N GLU A 283 31.80 45.70 -2.38
CA GLU A 283 31.68 45.43 -3.80
C GLU A 283 32.53 44.21 -4.13
N VAL A 284 31.88 43.11 -4.48
CA VAL A 284 32.58 41.91 -4.91
C VAL A 284 32.97 42.07 -6.37
N VAL A 285 34.18 41.63 -6.71
CA VAL A 285 34.71 41.76 -8.07
C VAL A 285 34.54 40.45 -8.79
N HIS A 286 34.26 40.52 -10.09
CA HIS A 286 34.08 39.37 -10.95
C HIS A 286 34.80 39.65 -12.27
N HIS A 287 34.77 38.66 -13.17
CA HIS A 287 35.36 38.86 -14.48
C HIS A 287 34.63 39.97 -15.24
N ASP A 288 33.33 40.11 -15.03
CA ASP A 288 32.56 41.20 -15.64
C ASP A 288 32.62 42.43 -14.72
N PRO A 289 32.79 43.64 -15.25
CA PRO A 289 32.94 44.81 -14.37
C PRO A 289 31.62 45.42 -13.89
N CYS A 290 30.49 44.73 -14.10
CA CYS A 290 29.18 45.24 -13.70
C CYS A 290 28.35 44.22 -12.94
N ARG A 291 28.88 43.02 -12.66
CA ARG A 291 28.16 41.99 -11.95
C ARG A 291 28.48 42.05 -10.46
N GLY A 292 27.81 41.21 -9.69
CA GLY A 292 28.02 41.16 -8.26
C GLY A 292 26.87 40.45 -7.58
N GLY A 293 26.85 40.58 -6.25
CA GLY A 293 25.74 40.06 -5.46
C GLY A 293 26.02 38.73 -4.81
N ALA A 294 26.06 38.72 -3.48
CA ALA A 294 26.17 37.49 -2.68
C ALA A 294 27.45 36.72 -3.03
N GLY A 295 28.58 37.37 -2.76
CA GLY A 295 29.86 36.72 -2.96
C GLY A 295 30.13 35.67 -1.89
N HIS A 296 30.80 34.59 -2.31
CA HIS A 296 31.15 33.51 -1.41
C HIS A 296 32.44 33.83 -0.67
N TRP A 297 32.90 32.89 0.16
CA TRP A 297 34.11 33.09 0.94
C TRP A 297 35.35 33.14 0.06
N ASN A 298 35.32 32.53 -1.11
CA ASN A 298 36.45 32.52 -2.02
C ASN A 298 36.51 33.74 -2.93
N GLY A 299 35.52 34.64 -2.85
CA GLY A 299 35.49 35.79 -3.72
C GLY A 299 36.39 36.92 -3.24
N LEU A 300 36.65 37.85 -4.17
CA LEU A 300 37.47 39.03 -3.90
C LEU A 300 36.57 40.24 -3.68
N TYR A 301 36.88 41.00 -2.63
CA TYR A 301 36.04 42.10 -2.17
C TYR A 301 36.80 43.43 -2.28
N ARG A 302 36.03 44.51 -2.26
CA ARG A 302 36.56 45.85 -2.15
C ARG A 302 35.59 46.69 -1.33
N PHE A 303 36.12 47.74 -0.72
CA PHE A 303 35.36 48.63 0.16
C PHE A 303 35.44 50.05 -0.35
N LYS A 304 34.33 50.78 -0.21
CA LYS A 304 34.22 52.17 -0.63
C LYS A 304 33.63 52.99 0.52
N HIS A 305 34.10 54.22 0.65
CA HIS A 305 33.57 55.13 1.66
C HIS A 305 32.36 55.86 1.11
N LEU A 306 31.34 56.03 1.95
CA LEU A 306 30.08 56.60 1.48
C LEU A 306 30.21 58.10 1.21
N ALA A 307 30.92 58.82 2.08
CA ALA A 307 31.04 60.27 1.92
C ALA A 307 32.00 60.61 0.80
N THR A 308 33.26 60.21 0.93
CA THR A 308 34.29 60.47 -0.07
C THR A 308 34.43 59.28 -1.00
N GLY A 309 34.79 59.57 -2.24
CA GLY A 309 34.98 58.52 -3.24
C GLY A 309 36.38 57.93 -3.20
N ASN A 310 36.75 57.35 -2.06
CA ASN A 310 38.06 56.76 -1.86
C ASN A 310 37.90 55.33 -1.34
N TYR A 311 38.87 54.49 -1.67
CA TYR A 311 38.91 53.10 -1.26
C TYR A 311 40.07 52.88 -0.29
N LEU A 312 39.94 51.82 0.51
CA LEU A 312 41.00 51.42 1.44
C LEU A 312 41.94 50.45 0.73
N ALA A 313 43.23 50.56 1.04
CA ALA A 313 44.22 49.70 0.42
C ALA A 313 45.45 49.63 1.33
N ALA A 314 46.43 48.86 0.90
CA ALA A 314 47.69 48.73 1.63
C ALA A 314 48.70 49.77 1.15
N GLU A 315 49.67 50.06 2.00
CA GLU A 315 50.70 51.06 1.71
C GLU A 315 52.02 50.56 2.29
N GLU A 316 52.99 51.46 2.36
CA GLU A 316 54.32 51.16 2.90
C GLU A 316 54.66 52.20 3.96
N ASN A 317 55.04 51.72 5.15
CA ASN A 317 55.44 52.56 6.27
C ASN A 317 56.64 51.92 6.96
N PRO A 318 57.50 52.72 7.61
CA PRO A 318 58.66 52.11 8.27
C PRO A 318 58.29 51.36 9.54
N LYS A 348 53.99 47.16 10.92
CA LYS A 348 55.04 47.30 9.92
C LYS A 348 54.65 48.34 8.87
N TYR A 349 53.75 47.95 7.98
CA TYR A 349 53.19 48.85 6.98
C TYR A 349 51.68 48.75 7.04
N CYS A 350 51.02 49.90 7.20
CA CYS A 350 49.60 49.98 7.49
C CYS A 350 48.82 50.37 6.24
N LEU A 351 47.52 50.58 6.42
CA LEU A 351 46.60 50.86 5.32
C LEU A 351 46.63 52.35 4.97
N VAL A 352 45.92 52.70 3.90
CA VAL A 352 45.85 54.07 3.44
C VAL A 352 44.67 54.19 2.47
N ALA A 353 44.17 55.41 2.31
CA ALA A 353 43.08 55.70 1.39
C ALA A 353 43.65 56.09 0.02
N VAL A 354 43.16 55.44 -1.02
CA VAL A 354 43.58 55.70 -2.39
C VAL A 354 42.33 56.05 -3.21
N PRO A 355 42.39 57.03 -4.15
CA PRO A 355 41.19 57.33 -4.94
C PRO A 355 40.97 56.33 -6.06
N HIS A 356 42.05 55.84 -6.65
CA HIS A 356 41.96 54.90 -7.76
C HIS A 356 41.67 53.50 -7.23
N GLY A 357 40.71 52.83 -7.86
CA GLY A 357 40.29 51.50 -7.46
C GLY A 357 40.64 50.40 -8.45
N ASN A 358 41.05 50.78 -9.66
CA ASN A 358 41.37 49.80 -10.68
C ASN A 358 42.62 48.99 -10.35
N ASP A 359 43.49 49.51 -9.49
CA ASP A 359 44.71 48.81 -9.15
C ASP A 359 44.40 47.56 -8.31
N ILE A 360 45.30 46.58 -8.39
CA ILE A 360 45.14 45.33 -7.64
C ILE A 360 45.54 45.45 -6.18
N ALA A 361 46.14 46.57 -5.77
CA ALA A 361 46.58 46.74 -4.40
C ALA A 361 45.46 47.10 -3.43
N SER A 362 44.22 47.23 -3.90
CA SER A 362 43.08 47.59 -3.08
C SER A 362 42.10 46.44 -2.86
N LEU A 363 42.52 45.22 -3.15
CA LEU A 363 41.67 44.04 -2.99
C LEU A 363 41.89 43.40 -1.63
N PHE A 364 40.92 42.58 -1.22
CA PHE A 364 40.99 41.87 0.04
C PHE A 364 40.30 40.52 -0.12
N GLU A 365 40.45 39.67 0.90
CA GLU A 365 39.81 38.37 0.94
C GLU A 365 39.29 38.13 2.35
N LEU A 366 38.13 37.48 2.44
CA LEU A 366 37.49 37.18 3.70
C LEU A 366 37.87 35.78 4.17
N ASP A 367 37.98 35.62 5.49
CA ASP A 367 38.25 34.34 6.13
C ASP A 367 37.21 34.15 7.22
N PRO A 368 36.45 33.06 7.24
CA PRO A 368 35.36 32.93 8.20
C PRO A 368 35.86 32.43 9.54
N THR A 369 34.92 32.22 10.46
CA THR A 369 35.20 31.65 11.77
C THR A 369 34.03 30.77 12.18
N THR A 370 34.24 30.01 13.25
CA THR A 370 33.20 29.14 13.82
C THR A 370 32.81 28.02 12.87
N LEU A 371 33.73 27.62 11.98
CA LEU A 371 33.53 26.47 11.10
C LEU A 371 32.30 26.64 10.21
N GLN A 372 32.35 27.67 9.37
CA GLN A 372 31.28 27.91 8.41
C GLN A 372 31.38 26.95 7.24
N LYS A 373 30.25 26.73 6.58
CA LYS A 373 30.21 25.83 5.43
C LYS A 373 30.94 26.47 4.25
N THR A 374 31.88 25.72 3.66
CA THR A 374 32.66 26.24 2.55
C THR A 374 31.82 26.27 1.27
N ASP A 375 32.12 27.24 0.40
CA ASP A 375 31.43 27.42 -0.87
C ASP A 375 29.94 27.65 -0.64
N SER A 376 29.63 28.55 0.29
CA SER A 376 28.27 28.91 0.63
C SER A 376 28.17 30.42 0.79
N PHE A 377 26.95 30.91 0.94
CA PHE A 377 26.72 32.34 1.07
C PHE A 377 27.15 32.84 2.44
N VAL A 378 27.71 34.04 2.48
CA VAL A 378 28.14 34.65 3.73
C VAL A 378 26.90 35.12 4.49
N PRO A 379 26.67 34.70 5.73
CA PRO A 379 25.46 35.15 6.43
C PRO A 379 25.56 36.59 6.88
N ARG A 380 24.40 37.17 7.19
CA ARG A 380 24.32 38.54 7.64
C ARG A 380 24.76 38.67 9.09
N ASN A 381 25.48 39.75 9.39
CA ASN A 381 25.92 40.06 10.74
C ASN A 381 26.79 38.94 11.31
N SER A 382 27.87 38.64 10.60
CA SER A 382 28.80 37.58 10.96
C SER A 382 30.22 38.11 10.99
N TYR A 383 31.03 37.55 11.87
CA TYR A 383 32.42 37.95 12.02
C TYR A 383 33.25 37.36 10.88
N VAL A 384 34.34 38.06 10.55
CA VAL A 384 35.22 37.65 9.47
C VAL A 384 36.57 38.32 9.68
N ARG A 385 37.60 37.76 9.05
CA ARG A 385 38.95 38.32 9.06
C ARG A 385 39.34 38.73 7.65
N LEU A 386 39.88 39.94 7.51
CA LEU A 386 40.29 40.47 6.22
C LEU A 386 41.77 40.23 6.01
N ARG A 387 42.12 39.67 4.84
CA ARG A 387 43.50 39.39 4.48
C ARG A 387 43.82 40.03 3.14
N HIS A 388 45.00 40.63 3.06
CA HIS A 388 45.44 41.27 1.82
C HIS A 388 45.91 40.22 0.82
N LEU A 389 45.65 40.48 -0.46
CA LEU A 389 45.98 39.54 -1.53
C LEU A 389 47.27 39.87 -2.27
N CYS A 390 47.68 41.14 -2.26
CA CYS A 390 48.88 41.53 -3.02
C CYS A 390 50.15 41.16 -2.29
N THR A 391 50.16 41.28 -0.95
CA THR A 391 51.33 40.99 -0.13
C THR A 391 51.12 39.84 0.85
N ASN A 392 49.89 39.35 1.00
CA ASN A 392 49.60 38.22 1.90
C ASN A 392 49.98 38.56 3.34
N THR A 393 49.33 39.59 3.88
CA THR A 393 49.51 40.03 5.25
C THR A 393 48.17 39.98 5.97
N TRP A 394 48.23 40.08 7.30
CA TRP A 394 47.05 40.07 8.16
C TRP A 394 46.99 41.37 8.94
N ILE A 395 45.85 42.04 8.88
CA ILE A 395 45.68 43.34 9.52
C ILE A 395 45.40 43.15 11.00
N GLN A 396 45.87 44.09 11.80
CA GLN A 396 45.71 44.05 13.25
C GLN A 396 45.62 45.47 13.78
N SER A 397 45.01 45.59 14.96
CA SER A 397 44.81 46.88 15.61
C SER A 397 46.01 47.19 16.50
N THR A 398 46.74 48.25 16.16
CA THR A 398 47.90 48.68 16.92
C THR A 398 47.48 49.68 18.00
N ASN A 399 48.46 50.11 18.80
CA ASN A 399 48.25 51.08 19.86
C ASN A 399 49.00 52.38 19.65
N VAL A 400 49.73 52.53 18.54
CA VAL A 400 50.50 53.72 18.26
C VAL A 400 49.56 54.81 17.75
N PRO A 401 49.38 55.94 18.44
CA PRO A 401 48.51 56.99 17.87
C PRO A 401 49.15 57.65 16.66
N ILE A 402 48.29 58.14 15.77
CA ILE A 402 48.71 58.82 14.55
C ILE A 402 48.50 60.32 14.75
N ASP A 403 49.57 61.08 14.57
CA ASP A 403 49.54 62.54 14.74
C ASP A 403 49.12 62.91 16.16
N ILE A 404 49.86 62.40 17.12
CA ILE A 404 49.60 62.64 18.54
C ILE A 404 50.29 63.96 18.89
N GLU A 405 49.54 65.06 18.78
CA GLU A 405 50.02 66.40 19.08
C GLU A 405 49.18 67.10 20.14
N GLU A 406 47.87 66.91 20.12
CA GLU A 406 46.97 67.52 21.08
C GLU A 406 46.71 66.59 22.26
N GLU A 407 46.06 67.11 23.28
CA GLU A 407 45.76 66.34 24.47
C GLU A 407 44.61 65.37 24.20
N ARG A 408 44.77 64.14 24.69
CA ARG A 408 43.77 63.09 24.52
C ARG A 408 43.52 62.83 23.04
N PRO A 409 44.49 62.28 22.32
CA PRO A 409 44.32 62.08 20.87
C PRO A 409 43.26 61.03 20.57
N ILE A 410 42.75 61.10 19.34
CA ILE A 410 41.70 60.22 18.87
C ILE A 410 42.20 59.29 17.75
N ARG A 411 43.01 59.82 16.84
CA ARG A 411 43.40 59.09 15.64
C ARG A 411 44.56 58.15 15.96
N LEU A 412 44.35 56.85 15.74
CA LEU A 412 45.40 55.85 15.81
C LEU A 412 45.32 54.94 14.60
N MET A 413 46.49 54.48 14.14
CA MET A 413 46.60 53.70 12.93
C MET A 413 46.68 52.21 13.25
N LEU A 414 46.31 51.41 12.25
CA LEU A 414 46.38 49.95 12.35
C LEU A 414 47.73 49.48 11.84
N GLY A 415 47.88 48.17 11.64
CA GLY A 415 49.12 47.65 11.09
C GLY A 415 48.87 46.33 10.40
N THR A 416 49.92 45.82 9.75
CA THR A 416 49.89 44.55 9.05
C THR A 416 51.06 43.69 9.50
N CYS A 417 50.75 42.44 9.87
CA CYS A 417 51.72 41.45 10.30
C CYS A 417 51.68 40.24 9.36
N PRO A 418 52.83 39.68 8.96
CA PRO A 418 52.77 38.46 8.14
C PRO A 418 52.24 37.25 8.89
N THR A 419 52.28 37.26 10.22
CA THR A 419 51.83 36.10 10.99
C THR A 419 50.31 36.02 10.99
N LYS A 420 49.81 34.82 11.29
CA LYS A 420 48.38 34.58 11.33
C LYS A 420 47.81 35.18 12.62
N GLU A 421 47.06 36.26 12.50
CA GLU A 421 46.45 36.90 13.65
C GLU A 421 45.21 36.13 14.09
N ASP A 422 45.02 36.04 15.39
CA ASP A 422 43.89 35.33 16.00
C ASP A 422 43.04 36.22 16.89
N LYS A 423 43.66 37.15 17.62
CA LYS A 423 42.90 38.03 18.50
C LYS A 423 42.24 39.15 17.71
N GLU A 424 42.93 39.71 16.72
CA GLU A 424 42.40 40.81 15.93
C GLU A 424 41.37 40.26 14.93
N ALA A 425 40.12 40.67 15.08
CA ALA A 425 39.04 40.23 14.20
C ALA A 425 38.00 41.33 14.11
N PHE A 426 37.52 41.57 12.89
CA PHE A 426 36.50 42.57 12.63
C PHE A 426 35.12 41.93 12.61
N ALA A 427 34.10 42.79 12.57
CA ALA A 427 32.70 42.38 12.55
C ALA A 427 31.96 43.28 11.59
N ILE A 428 31.31 42.69 10.60
CA ILE A 428 30.46 43.41 9.66
C ILE A 428 29.04 43.40 10.19
N VAL A 429 28.45 44.58 10.37
CA VAL A 429 27.07 44.71 10.82
C VAL A 429 26.30 45.48 9.74
N SER A 430 25.14 44.96 9.39
CA SER A 430 24.32 45.54 8.33
C SER A 430 23.40 46.61 8.90
N VAL A 431 22.95 47.50 8.02
CA VAL A 431 22.00 48.56 8.37
C VAL A 431 20.86 48.52 7.36
N PRO A 432 19.63 48.88 7.72
CA PRO A 432 18.57 48.93 6.72
C PRO A 432 18.82 50.04 5.70
N VAL A 433 18.19 49.89 4.54
CA VAL A 433 18.34 50.88 3.47
C VAL A 433 17.57 52.16 3.77
N SER A 434 16.58 52.11 4.67
CA SER A 434 15.83 53.32 4.99
C SER A 434 16.72 54.35 5.67
N GLU A 435 17.63 53.90 6.53
CA GLU A 435 18.55 54.82 7.18
C GLU A 435 19.47 55.48 6.16
N ILE A 436 19.93 54.72 5.17
CA ILE A 436 20.81 55.28 4.14
C ILE A 436 20.03 56.26 3.28
N ARG A 437 18.77 55.95 2.98
CA ARG A 437 17.94 56.88 2.22
C ARG A 437 17.74 58.17 2.99
N ASP A 438 17.47 58.08 4.29
CA ASP A 438 17.32 59.29 5.10
C ASP A 438 18.64 60.08 5.13
N LEU A 439 19.77 59.38 5.23
CA LEU A 439 21.06 60.04 5.32
C LEU A 439 21.34 60.84 4.05
N ASP A 440 21.31 60.17 2.89
CA ASP A 440 21.64 60.88 1.66
C ASP A 440 20.54 61.85 1.26
N PHE A 441 19.30 61.64 1.73
CA PHE A 441 18.26 62.65 1.54
C PHE A 441 18.61 63.93 2.29
N ALA A 442 19.01 63.79 3.55
CA ALA A 442 19.43 64.97 4.32
C ALA A 442 20.65 65.62 3.70
N ASN A 443 21.56 64.82 3.15
CA ASN A 443 22.76 65.39 2.53
C ASN A 443 22.40 66.19 1.28
N ASP A 444 21.55 65.63 0.42
CA ASP A 444 21.12 66.35 -0.77
C ASP A 444 20.32 67.60 -0.41
N ALA A 445 19.52 67.52 0.66
CA ALA A 445 18.78 68.71 1.10
C ALA A 445 19.74 69.77 1.62
N SER A 446 20.80 69.37 2.30
CA SER A 446 21.81 70.33 2.74
C SER A 446 22.49 70.99 1.56
N SER A 447 22.80 70.21 0.52
CA SER A 447 23.41 70.78 -0.67
C SER A 447 22.47 71.76 -1.36
N MET A 448 21.19 71.40 -1.46
CA MET A 448 20.22 72.28 -2.09
C MET A 448 20.05 73.57 -1.29
N LEU A 449 19.98 73.47 0.03
CA LEU A 449 19.87 74.67 0.85
C LEU A 449 21.14 75.51 0.81
N ALA A 450 22.30 74.86 0.62
CA ALA A 450 23.53 75.61 0.43
C ALA A 450 23.49 76.42 -0.87
N SER A 451 23.03 75.79 -1.95
CA SER A 451 22.84 76.52 -3.20
C SER A 451 21.85 77.66 -3.02
N ALA A 452 20.77 77.41 -2.26
CA ALA A 452 19.73 78.42 -2.07
C ALA A 452 20.27 79.62 -1.28
N VAL A 453 20.95 79.36 -0.18
CA VAL A 453 21.47 80.46 0.64
C VAL A 453 22.59 81.18 -0.11
N GLU A 454 23.34 80.47 -0.96
CA GLU A 454 24.32 81.14 -1.80
C GLU A 454 23.64 82.11 -2.76
N LYS A 455 22.57 81.65 -3.42
CA LYS A 455 21.83 82.53 -4.33
C LYS A 455 21.22 83.71 -3.59
N LEU A 456 20.77 83.48 -2.36
CA LEU A 456 20.13 84.56 -1.60
C LEU A 456 21.15 85.59 -1.14
N ASN A 457 22.29 85.15 -0.61
CA ASN A 457 23.35 86.07 -0.24
C ASN A 457 23.89 86.80 -1.46
N GLU A 458 23.86 86.16 -2.63
CA GLU A 458 24.19 86.87 -3.86
C GLU A 458 23.10 87.86 -4.23
N GLY A 459 21.85 87.51 -3.99
CA GLY A 459 20.72 88.39 -4.19
C GLY A 459 20.10 88.24 -5.58
N PHE A 460 18.84 88.69 -5.67
CA PHE A 460 18.10 88.71 -6.93
C PHE A 460 17.93 87.30 -7.50
N ILE A 461 17.22 86.46 -6.75
CA ILE A 461 16.92 85.10 -7.20
C ILE A 461 15.81 85.16 -8.24
N SER A 462 15.59 84.04 -8.93
CA SER A 462 14.49 83.94 -9.88
C SER A 462 13.19 83.64 -9.15
N GLN A 463 12.07 84.06 -9.76
CA GLN A 463 10.76 83.78 -9.19
C GLN A 463 10.41 82.30 -9.28
N ASN A 464 11.04 81.56 -10.18
CA ASN A 464 10.72 80.14 -10.33
C ASN A 464 11.41 79.29 -9.28
N ASP A 465 12.60 79.68 -8.84
CA ASP A 465 13.36 78.90 -7.85
C ASP A 465 13.04 79.32 -6.43
N ARG A 466 11.75 79.42 -6.12
CA ARG A 466 11.25 79.60 -4.76
C ARG A 466 10.30 78.50 -4.36
N ARG A 467 9.30 78.19 -5.20
CA ARG A 467 8.27 77.23 -4.84
C ARG A 467 8.88 75.85 -4.55
N PHE A 468 9.85 75.44 -5.37
CA PHE A 468 10.59 74.21 -5.10
C PHE A 468 11.10 74.18 -3.67
N VAL A 469 11.75 75.25 -3.25
CA VAL A 469 12.28 75.34 -1.89
C VAL A 469 11.15 75.14 -0.88
N ILE A 470 10.01 75.78 -1.13
CA ILE A 470 8.86 75.63 -0.24
C ILE A 470 8.50 74.14 -0.12
N GLN A 471 8.38 73.47 -1.28
CA GLN A 471 8.08 72.04 -1.27
C GLN A 471 9.13 71.28 -0.48
N LEU A 472 10.41 71.63 -0.70
CA LEU A 472 11.49 70.98 0.05
C LEU A 472 11.27 71.16 1.54
N LEU A 473 10.99 72.39 1.97
CA LEU A 473 10.73 72.64 3.38
C LEU A 473 9.55 71.80 3.86
N GLU A 474 8.48 71.75 3.05
CA GLU A 474 7.35 70.90 3.41
C GLU A 474 7.80 69.45 3.56
N ASP A 475 8.57 68.95 2.59
CA ASP A 475 9.10 67.61 2.69
C ASP A 475 9.95 67.46 3.94
N LEU A 476 10.75 68.49 4.25
CA LEU A 476 11.58 68.44 5.45
C LEU A 476 10.73 68.24 6.68
N VAL A 477 9.58 68.92 6.76
CA VAL A 477 8.68 68.71 7.88
C VAL A 477 8.23 67.26 7.93
N PHE A 478 7.78 66.75 6.78
CA PHE A 478 7.37 65.35 6.71
C PHE A 478 8.55 64.39 6.80
N PHE A 479 9.79 64.90 6.79
CA PHE A 479 10.94 64.07 7.10
C PHE A 479 11.25 64.03 8.60
N VAL A 480 10.89 65.08 9.33
CA VAL A 480 11.30 65.20 10.73
C VAL A 480 10.25 64.58 11.64
N SER A 481 9.01 65.07 11.55
CA SER A 481 7.96 64.61 12.44
C SER A 481 7.52 63.18 12.18
N ASP A 482 7.98 62.57 11.08
CA ASP A 482 7.65 61.18 10.76
C ASP A 482 6.15 60.98 10.54
N VAL A 483 5.45 62.05 10.15
CA VAL A 483 4.02 62.00 9.87
C VAL A 483 3.84 61.94 8.35
N PRO A 484 2.89 61.18 7.80
CA PRO A 484 2.66 61.23 6.35
C PRO A 484 2.07 62.58 5.94
N ASN A 485 2.12 62.83 4.64
CA ASN A 485 1.57 64.06 4.06
C ASN A 485 0.06 63.93 4.03
N ASN A 486 -0.60 64.43 5.07
CA ASN A 486 -2.04 64.26 5.26
C ASN A 486 -2.81 65.56 5.15
N GLY A 487 -2.48 66.58 5.96
CA GLY A 487 -3.26 67.80 5.96
C GLY A 487 -2.54 69.09 6.31
N GLN A 488 -2.58 70.04 5.38
CA GLN A 488 -2.35 71.46 5.62
C GLN A 488 -0.88 71.86 5.84
N ASN A 489 0.02 70.89 6.02
CA ASN A 489 1.48 71.10 6.01
C ASN A 489 1.95 72.26 6.90
N VAL A 490 1.16 72.67 7.89
CA VAL A 490 1.41 73.91 8.63
C VAL A 490 2.06 73.59 9.98
N LEU A 491 1.32 72.87 10.82
CA LEU A 491 1.79 72.52 12.16
C LEU A 491 1.29 71.12 12.49
N ASP A 492 2.22 70.18 12.64
CA ASP A 492 1.87 68.80 12.94
C ASP A 492 1.51 68.70 14.41
N ILE A 493 0.21 68.57 14.69
CA ILE A 493 -0.25 68.41 16.07
C ILE A 493 0.27 67.10 16.66
N MET A 494 0.52 66.11 15.82
CA MET A 494 1.08 64.85 16.28
C MET A 494 2.55 65.05 16.65
N VAL A 495 2.81 65.30 17.93
CA VAL A 495 4.14 65.63 18.43
C VAL A 495 4.67 64.48 19.27
N THR A 496 4.29 63.26 18.93
CA THR A 496 4.73 62.09 19.66
C THR A 496 6.25 61.94 19.57
N LYS A 497 6.78 60.97 20.32
CA LYS A 497 8.21 60.73 20.43
C LYS A 497 8.82 60.49 19.06
N PRO A 498 9.60 61.42 18.50
CA PRO A 498 10.13 61.22 17.15
C PRO A 498 11.28 60.23 17.13
N ASN A 499 11.72 59.91 15.92
CA ASN A 499 12.84 59.00 15.75
C ASN A 499 14.14 59.69 16.13
N ARG A 500 14.82 59.17 17.14
CA ARG A 500 16.10 59.75 17.54
C ARG A 500 17.15 59.62 16.45
N GLU A 501 17.05 58.57 15.63
CA GLU A 501 18.00 58.41 14.53
C GLU A 501 17.85 59.54 13.51
N ARG A 502 16.62 59.94 13.21
CA ARG A 502 16.40 61.01 12.26
C ARG A 502 16.88 62.35 12.82
N GLN A 503 16.68 62.58 14.12
CA GLN A 503 17.19 63.79 14.75
C GLN A 503 18.71 63.81 14.72
N LYS A 504 19.35 62.67 14.97
CA LYS A 504 20.80 62.60 14.90
C LYS A 504 21.30 62.84 13.48
N LEU A 505 20.56 62.33 12.48
CA LEU A 505 20.93 62.57 11.10
C LEU A 505 20.80 64.04 10.75
N MET A 506 19.77 64.71 11.27
CA MET A 506 19.60 66.13 11.02
C MET A 506 20.71 66.94 11.69
N ARG A 507 21.12 66.54 12.90
CA ARG A 507 22.14 67.29 13.62
C ARG A 507 23.53 67.06 13.04
N GLU A 508 23.81 65.86 12.55
CA GLU A 508 25.15 65.49 12.10
C GLU A 508 25.39 65.78 10.62
N GLN A 509 24.34 65.72 9.79
CA GLN A 509 24.50 65.95 8.36
C GLN A 509 24.60 67.43 7.99
N ASN A 510 24.65 68.33 8.98
CA ASN A 510 24.91 69.75 8.75
C ASN A 510 23.81 70.39 7.90
N ILE A 511 22.59 70.35 8.42
CA ILE A 511 21.48 71.11 7.86
C ILE A 511 21.10 72.32 8.71
N LEU A 512 21.43 72.31 10.01
CA LEU A 512 21.03 73.42 10.88
C LEU A 512 21.77 74.70 10.51
N LYS A 513 23.02 74.59 10.07
CA LYS A 513 23.72 75.76 9.59
C LYS A 513 23.04 76.35 8.36
N GLN A 514 22.52 75.49 7.49
CA GLN A 514 21.90 75.97 6.26
C GLN A 514 20.56 76.65 6.54
N VAL A 515 19.79 76.12 7.49
CA VAL A 515 18.52 76.77 7.81
C VAL A 515 18.76 78.05 8.61
N PHE A 516 19.82 78.10 9.43
CA PHE A 516 20.20 79.37 10.02
C PHE A 516 20.60 80.37 8.93
N GLY A 517 21.27 79.89 7.88
CA GLY A 517 21.66 80.77 6.81
C GLY A 517 20.48 81.32 6.03
N ILE A 518 19.51 80.46 5.71
CA ILE A 518 18.33 80.93 4.98
C ILE A 518 17.43 81.76 5.88
N LEU A 519 17.53 81.61 7.20
CA LEU A 519 16.79 82.49 8.10
C LEU A 519 17.46 83.86 8.23
N LYS A 520 18.79 83.90 8.18
CA LYS A 520 19.54 85.13 8.40
C LYS A 520 19.77 85.94 7.12
N ALA A 521 19.72 85.30 5.94
CA ALA A 521 20.01 86.02 4.71
C ALA A 521 18.96 87.09 4.41
N PRO A 522 17.66 86.76 4.31
CA PRO A 522 16.69 87.83 4.04
C PRO A 522 16.55 88.82 5.18
N PHE A 523 16.99 88.47 6.39
CA PHE A 523 17.02 89.43 7.48
C PHE A 523 18.03 90.55 7.24
N ARG A 524 18.99 90.34 6.34
CA ARG A 524 19.96 91.37 6.00
C ARG A 524 19.28 92.47 5.18
N GLU A 525 20.07 93.44 4.76
CA GLU A 525 19.54 94.58 4.04
C GLU A 525 18.99 94.16 2.68
N LYS A 526 18.03 94.94 2.18
CA LYS A 526 17.42 94.78 0.86
C LYS A 526 16.66 93.46 0.70
N GLY A 527 16.33 92.79 1.81
CA GLY A 527 15.60 91.55 1.75
C GLY A 527 14.09 91.75 1.76
N GLY A 528 13.62 92.59 2.66
CA GLY A 528 12.20 92.86 2.83
C GLY A 528 11.89 93.08 4.30
N GLU A 529 10.89 93.94 4.53
CA GLU A 529 10.46 94.33 5.87
C GLU A 529 9.00 94.05 6.15
N GLY A 530 8.11 94.31 5.19
CA GLY A 530 6.69 94.18 5.39
C GLY A 530 6.09 93.08 4.54
N PRO A 531 5.39 92.10 5.15
CA PRO A 531 4.72 91.14 4.27
C PRO A 531 3.57 91.76 3.48
N GLN A 541 0.65 91.07 1.00
CA GLN A 541 0.51 90.12 -0.09
C GLN A 541 1.66 90.18 -1.09
N LYS A 542 2.71 90.94 -0.77
CA LYS A 542 3.88 91.07 -1.64
C LYS A 542 4.97 90.06 -1.33
N ASN A 543 5.00 89.52 -0.10
CA ASN A 543 5.99 88.53 0.32
C ASN A 543 5.29 87.39 1.04
N ALA A 544 4.13 86.98 0.56
CA ALA A 544 3.38 85.89 1.17
C ALA A 544 4.10 84.56 1.01
N PRO A 545 4.70 84.25 -0.15
CA PRO A 545 5.56 83.05 -0.20
C PRO A 545 6.73 83.14 0.78
N TYR A 546 7.30 84.32 0.97
CA TYR A 546 8.37 84.47 1.95
C TYR A 546 7.85 84.25 3.37
N GLN A 547 6.63 84.72 3.64
CA GLN A 547 6.02 84.47 4.94
C GLN A 547 5.81 82.97 5.16
N HIS A 548 5.33 82.26 4.13
CA HIS A 548 5.16 80.82 4.23
C HIS A 548 6.51 80.12 4.43
N MET A 549 7.55 80.62 3.76
CA MET A 549 8.89 80.05 3.92
C MET A 549 9.38 80.20 5.35
N PHE A 550 9.23 81.40 5.92
CA PHE A 550 9.65 81.61 7.30
C PHE A 550 8.81 80.78 8.27
N ARG A 551 7.52 80.63 7.97
CA ARG A 551 6.66 79.81 8.83
C ARG A 551 7.10 78.36 8.82
N LEU A 552 7.35 77.80 7.63
CA LEU A 552 7.82 76.43 7.53
C LEU A 552 9.19 76.28 8.19
N CYS A 553 10.04 77.30 8.06
CA CYS A 553 11.37 77.25 8.67
C CYS A 553 11.28 77.17 10.18
N TYR A 554 10.49 78.06 10.79
CA TYR A 554 10.33 78.02 12.24
C TYR A 554 9.62 76.76 12.70
N ARG A 555 8.69 76.23 11.90
CA ARG A 555 8.03 74.99 12.27
C ARG A 555 9.01 73.83 12.30
N VAL A 556 9.84 73.70 11.26
CA VAL A 556 10.84 72.64 11.23
C VAL A 556 11.86 72.83 12.34
N LEU A 557 12.20 74.08 12.65
CA LEU A 557 13.17 74.34 13.70
C LEU A 557 12.62 73.97 15.06
N ARG A 558 11.33 74.23 15.29
CA ARG A 558 10.70 73.82 16.55
C ARG A 558 10.58 72.30 16.62
N HIS A 559 10.29 71.65 15.49
CA HIS A 559 10.21 70.19 15.47
C HIS A 559 11.56 69.55 15.71
N SER A 560 12.65 70.22 15.32
CA SER A 560 13.99 69.68 15.48
C SER A 560 14.57 69.91 16.88
N GLN A 561 13.78 70.43 17.82
CA GLN A 561 14.24 70.74 19.18
C GLN A 561 13.28 70.13 20.20
N GLU A 562 12.91 68.86 19.99
CA GLU A 562 11.97 68.15 20.84
C GLU A 562 12.68 66.97 21.48
N ASP A 563 12.95 67.07 22.78
CA ASP A 563 13.53 65.98 23.57
C ASP A 563 14.90 65.58 23.02
N TYR A 564 15.82 66.54 23.03
CA TYR A 564 17.20 66.27 22.63
C TYR A 564 18.08 67.37 23.19
N ARG A 565 19.08 66.98 23.99
CA ARG A 565 19.91 67.95 24.71
C ARG A 565 20.83 68.72 23.77
N LYS A 566 21.58 67.99 22.93
CA LYS A 566 22.53 68.62 22.03
C LYS A 566 21.83 69.58 21.08
N ASN A 567 20.63 69.25 20.63
CA ASN A 567 19.90 70.15 19.74
C ASN A 567 19.44 71.40 20.47
N GLN A 568 19.06 71.26 21.75
CA GLN A 568 18.67 72.42 22.54
C GLN A 568 19.83 73.41 22.66
N GLU A 569 21.01 72.91 23.05
CA GLU A 569 22.15 73.84 23.15
C GLU A 569 22.59 74.35 21.79
N HIS A 570 22.45 73.54 20.74
CA HIS A 570 22.83 73.99 19.40
C HIS A 570 21.93 75.12 18.93
N ILE A 571 20.63 75.04 19.24
CA ILE A 571 19.71 76.12 18.89
C ILE A 571 19.98 77.34 19.75
N ALA A 572 20.26 77.14 21.04
CA ALA A 572 20.52 78.26 21.93
C ALA A 572 21.82 78.97 21.60
N LYS A 573 22.75 78.31 20.90
CA LYS A 573 23.98 78.97 20.49
C LYS A 573 23.69 80.18 19.60
N GLN A 574 22.65 80.10 18.77
CA GLN A 574 22.23 81.21 17.90
C GLN A 574 21.04 81.97 18.47
N PHE A 575 20.89 81.95 19.80
CA PHE A 575 19.77 82.67 20.41
C PHE A 575 19.90 84.17 20.23
N GLY A 576 21.13 84.69 20.13
CA GLY A 576 21.32 86.11 19.91
C GLY A 576 20.78 86.56 18.57
N MET A 577 20.93 85.71 17.54
CA MET A 577 20.33 86.01 16.24
C MET A 577 18.84 85.69 16.22
N MET A 578 18.41 84.71 17.03
CA MET A 578 17.00 84.38 17.10
C MET A 578 16.19 85.55 17.66
N GLN A 579 16.65 86.12 18.78
CA GLN A 579 15.91 87.18 19.46
C GLN A 579 15.84 88.48 18.66
N SER A 580 16.64 88.63 17.60
CA SER A 580 16.63 89.84 16.81
C SER A 580 15.40 89.96 15.90
N GLN A 581 14.54 88.93 15.84
CA GLN A 581 13.33 88.95 15.03
C GLN A 581 12.12 88.51 15.84
N ILE A 582 12.14 88.74 17.16
CA ILE A 582 10.99 88.39 17.99
C ILE A 582 9.85 89.37 17.81
N GLY A 583 10.12 90.59 17.34
CA GLY A 583 9.08 91.58 17.14
C GLY A 583 8.36 91.43 15.82
N TYR A 584 7.80 90.24 15.59
CA TYR A 584 7.03 89.96 14.38
C TYR A 584 5.91 89.00 14.74
N ASP A 585 5.07 88.68 13.76
CA ASP A 585 3.84 87.92 13.98
C ASP A 585 3.70 86.81 12.94
N ILE A 586 4.77 86.03 12.75
CA ILE A 586 4.73 84.85 11.88
C ILE A 586 4.73 83.55 12.70
N LEU A 587 5.80 83.28 13.46
CA LEU A 587 5.78 82.19 14.43
C LEU A 587 6.65 82.47 15.66
N ALA A 588 7.22 83.67 15.81
CA ALA A 588 8.22 83.91 16.84
C ALA A 588 7.68 83.76 18.25
N GLU A 589 6.36 83.82 18.44
CA GLU A 589 5.76 83.70 19.75
C GLU A 589 5.60 82.24 20.20
N ASP A 590 6.17 81.27 19.49
CA ASP A 590 6.06 79.85 19.81
C ASP A 590 7.41 79.18 19.99
N THR A 591 8.39 79.48 19.15
CA THR A 591 9.69 78.81 19.23
C THR A 591 10.42 79.21 20.51
N ILE A 592 10.45 80.50 20.81
CA ILE A 592 11.13 80.97 22.02
C ILE A 592 10.40 80.45 23.26
N THR A 593 9.09 80.27 23.17
CA THR A 593 8.34 79.77 24.33
C THR A 593 8.58 78.28 24.54
N ALA A 594 8.70 77.52 23.45
CA ALA A 594 8.95 76.09 23.56
C ALA A 594 10.40 75.76 23.88
N LEU A 595 11.33 76.65 23.55
CA LEU A 595 12.74 76.39 23.83
C LEU A 595 13.06 76.55 25.32
N LEU A 596 12.33 77.44 26.01
CA LEU A 596 12.55 77.74 27.43
C LEU A 596 11.42 77.22 28.29
N HIS A 597 10.91 76.02 27.97
CA HIS A 597 9.79 75.46 28.71
C HIS A 597 10.25 74.81 30.00
N ASN A 598 11.12 73.80 29.90
CA ASN A 598 11.57 73.02 31.05
C ASN A 598 13.07 72.78 31.08
N ASN A 599 13.82 73.23 30.08
CA ASN A 599 15.27 73.03 30.05
C ASN A 599 15.92 74.04 30.98
N ARG A 600 16.50 73.54 32.08
CA ARG A 600 17.14 74.43 33.06
C ARG A 600 18.54 74.81 32.62
N LYS A 601 19.34 73.85 32.15
CA LYS A 601 20.71 74.14 31.76
C LYS A 601 20.77 75.07 30.56
N LEU A 602 19.76 75.02 29.68
CA LEU A 602 19.73 75.93 28.55
C LEU A 602 19.63 77.39 29.02
N LEU A 603 18.87 77.63 30.09
CA LEU A 603 18.79 78.96 30.67
C LEU A 603 19.97 79.28 31.56
N GLU A 604 20.63 78.27 32.13
CA GLU A 604 21.76 78.51 33.01
C GLU A 604 23.01 78.88 32.22
N LYS A 605 23.20 78.27 31.04
CA LYS A 605 24.41 78.45 30.26
C LYS A 605 24.26 79.47 29.14
N HIS A 606 23.14 79.43 28.41
CA HIS A 606 22.93 80.27 27.23
C HIS A 606 22.09 81.50 27.54
N ILE A 607 22.27 82.08 28.73
CA ILE A 607 21.59 83.31 29.13
C ILE A 607 22.63 84.23 29.76
N THR A 608 22.76 85.43 29.20
CA THR A 608 23.74 86.42 29.65
C THR A 608 23.04 87.76 29.86
N LYS A 609 23.83 88.78 30.20
CA LYS A 609 23.28 90.10 30.44
C LYS A 609 22.88 90.80 29.14
N THR A 610 23.63 90.54 28.06
CA THR A 610 23.30 91.15 26.78
C THR A 610 21.93 90.72 26.30
N GLU A 611 21.56 89.46 26.54
CA GLU A 611 20.24 88.98 26.14
C GLU A 611 19.14 89.72 26.88
N VAL A 612 19.29 89.88 28.20
CA VAL A 612 18.29 90.59 28.99
C VAL A 612 18.22 92.06 28.56
N GLU A 613 19.37 92.65 28.23
CA GLU A 613 19.38 94.03 27.75
C GLU A 613 18.63 94.14 26.43
N THR A 614 18.82 93.18 25.53
CA THR A 614 18.08 93.19 24.27
C THR A 614 16.58 93.02 24.50
N PHE A 615 16.21 92.16 25.45
CA PHE A 615 14.80 91.99 25.79
C PHE A 615 14.22 93.30 26.32
N VAL A 616 14.96 94.01 27.16
CA VAL A 616 14.47 95.28 27.70
C VAL A 616 14.35 96.31 26.59
N SER A 617 15.30 96.32 25.66
CA SER A 617 15.24 97.23 24.52
C SER A 617 13.98 96.97 23.69
N LEU A 618 13.74 95.70 23.35
CA LEU A 618 12.56 95.34 22.58
C LEU A 618 11.27 95.62 23.35
N VAL A 619 11.31 95.56 24.68
CA VAL A 619 10.13 95.83 25.47
C VAL A 619 9.81 97.32 25.47
N ARG A 620 10.83 98.16 25.62
CA ARG A 620 10.58 99.60 25.61
C ARG A 620 10.25 100.12 24.22
N LYS A 621 10.69 99.43 23.17
CA LYS A 621 10.48 99.92 21.81
C LYS A 621 9.01 100.05 21.45
N ASN A 622 8.13 99.25 22.07
CA ASN A 622 6.71 99.26 21.77
C ASN A 622 5.80 99.25 23.00
N ARG A 623 6.27 98.77 24.15
CA ARG A 623 5.49 98.76 25.38
C ARG A 623 4.22 97.93 25.22
N GLU A 624 4.42 96.63 24.94
CA GLU A 624 3.35 95.65 24.79
C GLU A 624 3.47 94.57 25.87
N PRO A 625 2.36 93.97 26.31
CA PRO A 625 2.47 92.91 27.33
C PRO A 625 2.92 91.57 26.78
N ARG A 626 2.76 91.32 25.48
CA ARG A 626 3.19 90.05 24.91
C ARG A 626 4.70 89.90 24.99
N PHE A 627 5.44 90.99 24.80
CA PHE A 627 6.89 90.93 24.92
C PHE A 627 7.35 90.82 26.37
N LEU A 628 6.52 91.26 27.33
CA LEU A 628 6.87 91.18 28.74
C LEU A 628 6.51 89.84 29.36
N ASP A 629 5.51 89.15 28.81
CA ASP A 629 5.12 87.85 29.36
C ASP A 629 6.24 86.84 29.22
N TYR A 630 6.96 86.87 28.09
CA TYR A 630 8.08 85.95 27.90
C TYR A 630 9.24 86.31 28.82
N LEU A 631 9.48 87.61 29.03
CA LEU A 631 10.51 88.02 29.99
C LEU A 631 10.16 87.56 31.40
N SER A 632 8.87 87.55 31.74
CA SER A 632 8.46 87.05 33.06
C SER A 632 8.62 85.54 33.14
N ASP A 633 8.21 84.82 32.10
CA ASP A 633 8.33 83.37 32.09
C ASP A 633 9.79 82.91 32.05
N LEU A 634 10.70 83.76 31.59
CA LEU A 634 12.12 83.41 31.59
C LEU A 634 12.62 83.12 33.01
N CYS A 635 12.08 83.81 34.01
CA CYS A 635 12.53 83.64 35.38
C CYS A 635 11.81 82.51 36.12
N VAL A 636 10.76 81.94 35.55
CA VAL A 636 10.01 80.90 36.24
C VAL A 636 10.83 79.60 36.29
N SER A 637 11.15 79.06 35.12
CA SER A 637 11.94 77.83 35.01
C SER A 637 11.18 76.65 35.61
N ASN A 638 9.90 76.54 35.25
CA ASN A 638 9.06 75.42 35.66
C ASN A 638 8.92 75.37 37.18
N HIS A 639 8.54 76.49 37.77
CA HIS A 639 8.28 76.58 39.21
C HIS A 639 9.50 76.23 40.04
N ILE A 640 10.69 76.51 39.51
CA ILE A 640 11.95 76.25 40.19
C ILE A 640 12.59 77.53 40.70
N ALA A 641 12.50 78.61 39.93
CA ALA A 641 13.05 79.92 40.31
C ALA A 641 14.55 79.83 40.58
N ILE A 642 15.28 79.53 39.51
CA ILE A 642 16.74 79.44 39.61
C ILE A 642 17.30 80.80 40.03
N PRO A 643 18.33 80.86 40.87
CA PRO A 643 18.75 82.16 41.41
C PRO A 643 19.63 82.97 40.47
N VAL A 644 20.37 82.33 39.56
CA VAL A 644 21.27 83.09 38.70
C VAL A 644 20.49 83.97 37.73
N THR A 645 19.45 83.42 37.11
CA THR A 645 18.64 84.23 36.20
C THR A 645 17.84 85.29 36.96
N GLN A 646 17.44 84.98 38.20
CA GLN A 646 16.77 85.99 39.01
C GLN A 646 17.72 87.15 39.32
N GLU A 647 18.96 86.85 39.66
CA GLU A 647 19.93 87.91 39.91
C GLU A 647 20.21 88.71 38.64
N LEU A 648 20.29 88.03 37.50
CA LEU A 648 20.54 88.71 36.24
C LEU A 648 19.41 89.69 35.90
N ILE A 649 18.16 89.20 35.95
CA ILE A 649 17.04 90.05 35.59
C ILE A 649 16.82 91.13 36.64
N CYS A 650 17.21 90.88 37.90
CA CYS A 650 17.12 91.93 38.91
C CYS A 650 18.13 93.03 38.65
N LYS A 651 19.37 92.66 38.31
CA LYS A 651 20.38 93.66 38.01
C LYS A 651 20.08 94.42 36.73
N CYS A 652 19.40 93.77 35.78
CA CYS A 652 19.11 94.40 34.48
C CYS A 652 17.79 95.16 34.45
N VAL A 653 16.87 94.88 35.37
CA VAL A 653 15.53 95.46 35.34
C VAL A 653 15.42 96.59 36.35
N LEU A 654 16.06 96.45 37.50
CA LEU A 654 15.95 97.42 38.59
C LEU A 654 16.95 98.56 38.48
N ASP A 655 17.49 98.82 37.29
CA ASP A 655 18.42 99.93 37.11
C ASP A 655 17.62 101.24 37.04
N PRO A 656 18.11 102.33 37.65
CA PRO A 656 17.34 103.59 37.60
C PRO A 656 17.17 104.15 36.19
N LYS A 657 18.04 103.80 35.23
CA LYS A 657 17.89 104.32 33.89
C LYS A 657 16.69 103.74 33.15
N ASN A 658 16.25 102.55 33.54
CA ASN A 658 15.09 101.90 32.94
C ASN A 658 13.80 102.20 33.70
N SER A 659 13.74 103.33 34.39
CA SER A 659 12.55 103.70 35.15
C SER A 659 11.40 104.18 34.27
N ASP A 660 11.65 104.44 32.99
CA ASP A 660 10.58 104.90 32.11
C ASP A 660 9.65 103.77 31.69
N ILE A 661 10.13 102.53 31.69
CA ILE A 661 9.30 101.40 31.30
C ILE A 661 8.40 100.98 32.45
N LEU A 662 8.92 100.97 33.67
CA LEU A 662 8.14 100.58 34.84
C LEU A 662 7.21 101.71 35.26
N ILE A 663 6.02 101.32 35.72
CA ILE A 663 5.02 102.30 36.15
C ILE A 663 5.30 102.70 37.59
N ARG A 664 5.35 104.00 37.83
CA ARG A 664 5.53 104.53 39.18
C ARG A 664 4.17 104.66 39.84
N THR A 665 3.99 104.02 40.99
CA THR A 665 2.74 104.02 41.71
C THR A 665 2.74 105.14 42.75
N GLU A 666 1.65 105.91 42.78
CA GLU A 666 1.49 107.01 43.72
C GLU A 666 0.53 106.63 44.83
N LEU A 667 0.77 107.17 46.02
CA LEU A 667 -0.07 106.91 47.17
C LEU A 667 0.00 108.06 48.17
N THR A 692 0.98 107.24 37.65
CA THR A 692 1.70 107.97 36.62
C THR A 692 2.66 107.04 35.87
N TRP A 693 2.65 107.14 34.53
CA TRP A 693 3.51 106.33 33.68
C TRP A 693 3.97 107.18 32.50
N THR A 694 4.79 106.57 31.65
CA THR A 694 5.32 107.23 30.46
C THR A 694 4.67 106.63 29.22
N ASP A 695 4.21 107.50 28.32
CA ASP A 695 3.57 107.06 27.10
C ASP A 695 4.61 106.57 26.09
N LYS A 696 4.14 106.14 24.93
CA LYS A 696 5.02 105.64 23.89
C LYS A 696 5.70 106.75 23.10
N ASN A 697 5.10 107.95 23.05
CA ASN A 697 5.65 109.08 22.31
C ASN A 697 6.53 109.97 23.19
N ASN A 698 7.15 109.42 24.23
CA ASN A 698 8.02 110.18 25.13
C ASN A 698 7.23 111.31 25.81
N GLU A 699 6.19 110.90 26.54
CA GLU A 699 5.35 111.84 27.28
C GLU A 699 5.12 111.32 28.69
N HIS A 700 4.23 111.98 29.44
CA HIS A 700 3.91 111.58 30.81
C HIS A 700 2.42 111.78 31.03
N HIS A 701 1.73 110.70 31.39
CA HIS A 701 0.29 110.69 31.63
C HIS A 701 0.03 110.17 33.03
N GLU A 702 -0.73 110.94 33.81
CA GLU A 702 -1.10 110.59 35.17
C GLU A 702 -2.62 110.56 35.29
N LYS A 703 -3.14 109.44 35.76
CA LYS A 703 -4.58 109.25 35.93
C LYS A 703 -4.85 108.56 37.25
N SER A 704 -6.06 108.78 37.78
CA SER A 704 -6.45 108.18 39.04
C SER A 704 -6.81 106.70 38.84
N VAL A 705 -6.89 105.99 39.96
CA VAL A 705 -7.25 104.58 39.91
C VAL A 705 -8.74 104.41 39.61
N ARG A 706 -9.58 105.14 40.34
CA ARG A 706 -11.02 105.09 40.09
C ARG A 706 -11.38 105.66 38.73
N GLN A 707 -10.64 106.68 38.27
CA GLN A 707 -10.88 107.22 36.93
C GLN A 707 -10.57 106.19 35.86
N LEU A 708 -9.43 105.51 35.98
CA LEU A 708 -9.11 104.44 35.05
C LEU A 708 -10.11 103.31 35.13
N ALA A 709 -10.62 103.02 36.32
CA ALA A 709 -11.62 101.97 36.47
C ALA A 709 -12.92 102.34 35.76
N GLN A 710 -13.36 103.59 35.92
CA GLN A 710 -14.55 104.05 35.22
C GLN A 710 -14.34 104.02 33.70
N GLU A 711 -13.14 104.39 33.25
CA GLU A 711 -12.84 104.37 31.83
C GLU A 711 -12.86 102.94 31.29
N ALA A 712 -12.37 101.98 32.07
CA ALA A 712 -12.36 100.59 31.63
C ALA A 712 -13.76 100.01 31.63
N ARG A 713 -14.57 100.36 32.63
CA ARG A 713 -15.93 99.84 32.70
C ARG A 713 -16.82 100.47 31.63
N ALA A 714 -16.53 101.71 31.23
CA ALA A 714 -17.33 102.38 30.21
C ALA A 714 -16.88 102.01 28.80
N GLY A 715 -15.61 101.62 28.63
CA GLY A 715 -15.07 101.23 27.33
C GLY A 715 -14.07 102.22 26.81
N ASN A 716 -12.79 101.86 26.86
CA ASN A 716 -11.71 102.71 26.37
C ASN A 716 -10.54 101.82 25.97
N ALA A 717 -9.97 102.09 24.80
CA ALA A 717 -8.88 101.25 24.29
C ALA A 717 -7.57 101.56 24.99
N HIS A 718 -7.20 102.85 25.08
CA HIS A 718 -5.94 103.21 25.70
C HIS A 718 -5.93 102.88 27.18
N ASP A 719 -7.06 103.12 27.87
CA ASP A 719 -7.14 102.81 29.30
C ASP A 719 -7.02 101.31 29.53
N GLU A 720 -7.70 100.50 28.71
CA GLU A 720 -7.61 99.05 28.87
C GLU A 720 -6.20 98.56 28.57
N ASN A 721 -5.55 99.14 27.56
CA ASN A 721 -4.18 98.75 27.24
C ASN A 721 -3.23 99.09 28.39
N VAL A 722 -3.39 100.28 28.97
CA VAL A 722 -2.54 100.67 30.09
C VAL A 722 -2.80 99.77 31.29
N LEU A 723 -4.06 99.39 31.50
CA LEU A 723 -4.38 98.50 32.61
C LEU A 723 -3.77 97.13 32.42
N SER A 724 -3.82 96.59 31.20
CA SER A 724 -3.20 95.30 30.93
C SER A 724 -1.69 95.37 31.08
N TYR A 725 -1.09 96.48 30.64
CA TYR A 725 0.35 96.68 30.80
C TYR A 725 0.72 96.70 32.28
N TYR A 726 -0.06 97.40 33.09
CA TYR A 726 0.21 97.45 34.52
C TYR A 726 0.00 96.09 35.17
N ARG A 727 -0.99 95.33 34.70
CA ARG A 727 -1.20 93.99 35.23
C ARG A 727 -0.02 93.08 34.93
N TYR A 728 0.50 93.15 33.71
CA TYR A 728 1.66 92.33 33.37
C TYR A 728 2.90 92.79 34.11
N GLN A 729 3.03 94.09 34.37
CA GLN A 729 4.14 94.57 35.17
C GLN A 729 4.05 94.06 36.60
N LEU A 730 2.85 94.05 37.17
CA LEU A 730 2.65 93.50 38.51
C LEU A 730 2.95 92.00 38.51
N LYS A 731 2.57 91.30 37.44
CA LYS A 731 2.88 89.88 37.35
C LYS A 731 4.38 89.65 37.30
N LEU A 732 5.11 90.50 36.57
CA LEU A 732 6.57 90.40 36.53
C LEU A 732 7.17 90.65 37.90
N PHE A 733 6.66 91.67 38.61
CA PHE A 733 7.15 91.95 39.96
C PHE A 733 6.88 90.77 40.88
N ALA A 734 5.73 90.12 40.71
CA ALA A 734 5.39 88.96 41.53
C ALA A 734 6.31 87.79 41.22
N ARG A 735 6.63 87.57 39.95
CA ARG A 735 7.47 86.46 39.56
C ARG A 735 8.94 86.69 39.91
N MET A 736 9.33 87.94 40.18
CA MET A 736 10.69 88.25 40.57
C MET A 736 10.92 88.12 42.08
N CYS A 737 9.95 87.57 42.82
CA CYS A 737 10.04 87.40 44.26
C CYS A 737 9.54 86.02 44.67
N LEU A 738 9.89 85.00 43.89
CA LEU A 738 9.48 83.63 44.21
C LEU A 738 10.22 83.07 45.41
N ASP A 739 11.40 83.58 45.72
CA ASP A 739 12.19 83.17 46.86
C ASP A 739 12.70 84.40 47.61
N ARG A 740 13.45 84.17 48.68
CA ARG A 740 14.00 85.23 49.51
C ARG A 740 15.45 85.46 49.13
N GLN A 741 15.65 86.16 48.01
CA GLN A 741 17.00 86.44 47.52
C GLN A 741 17.61 87.69 48.16
N TYR A 742 16.78 88.56 48.74
CA TYR A 742 17.27 89.78 49.41
C TYR A 742 18.02 90.68 48.42
N LEU A 743 17.49 90.78 47.20
CA LEU A 743 18.05 91.61 46.14
C LEU A 743 17.01 92.52 45.52
N ALA A 744 15.78 92.05 45.37
CA ALA A 744 14.67 92.83 44.81
C ALA A 744 13.57 93.12 45.82
N ILE A 745 13.53 92.40 46.95
CA ILE A 745 12.51 92.65 47.95
C ILE A 745 12.72 93.99 48.66
N ASP A 746 13.94 94.52 48.65
CA ASP A 746 14.23 95.79 49.28
C ASP A 746 13.89 97.00 48.42
N GLU A 747 13.17 96.81 47.31
CA GLU A 747 12.75 97.88 46.42
C GLU A 747 11.25 97.93 46.22
N ILE A 748 10.59 96.78 46.12
CA ILE A 748 9.14 96.76 45.94
C ILE A 748 8.44 97.01 47.27
N SER A 749 9.06 96.66 48.39
CA SER A 749 8.44 96.88 49.69
C SER A 749 8.27 98.36 49.99
N GLN A 750 9.26 99.17 49.62
CA GLN A 750 9.19 100.61 49.82
C GLN A 750 8.32 101.31 48.78
N GLN A 751 8.02 100.65 47.66
CA GLN A 751 7.21 101.26 46.61
C GLN A 751 5.72 100.97 46.77
N LEU A 752 5.38 99.79 47.30
CA LEU A 752 3.99 99.37 47.48
C LEU A 752 3.57 99.35 48.94
N GLY A 753 4.30 98.63 49.79
CA GLY A 753 3.97 98.56 51.20
C GLY A 753 2.79 97.64 51.46
N VAL A 754 2.44 97.55 52.75
CA VAL A 754 1.33 96.70 53.17
C VAL A 754 -0.02 97.42 53.11
N ASP A 755 -0.03 98.75 53.14
CA ASP A 755 -1.30 99.48 53.11
C ASP A 755 -1.91 99.46 51.70
N LEU A 756 -1.08 99.60 50.67
CA LEU A 756 -1.59 99.57 49.30
C LEU A 756 -2.19 98.23 48.95
N ILE A 757 -1.70 97.15 49.56
CA ILE A 757 -2.26 95.82 49.31
C ILE A 757 -3.71 95.77 49.75
N PHE A 758 -4.00 96.31 50.94
CA PHE A 758 -5.39 96.34 51.41
C PHE A 758 -6.21 97.38 50.68
N LEU A 759 -5.59 98.49 50.27
CA LEU A 759 -6.33 99.55 49.61
C LEU A 759 -6.77 99.13 48.20
N CYS A 760 -5.92 98.39 47.48
CA CYS A 760 -6.27 98.00 46.12
C CYS A 760 -7.37 96.96 46.09
N MET A 761 -7.42 96.07 47.08
CA MET A 761 -8.44 95.02 47.16
C MET A 761 -9.55 95.38 48.14
N ALA A 762 -9.78 96.67 48.38
CA ALA A 762 -10.77 97.09 49.36
C ALA A 762 -12.18 97.09 48.77
N ASP A 763 -12.40 97.91 47.74
CA ASP A 763 -13.74 98.16 47.20
C ASP A 763 -13.69 98.28 45.68
N GLU A 764 -13.96 97.17 45.00
CA GLU A 764 -14.33 97.17 43.59
C GLU A 764 -13.23 97.76 42.70
N MET A 765 -12.11 97.05 42.66
CA MET A 765 -11.17 97.27 41.57
C MET A 765 -11.84 96.99 40.23
N LEU A 766 -11.19 97.44 39.15
CA LEU A 766 -11.86 97.45 37.84
C LEU A 766 -12.29 96.06 37.39
N PRO A 767 -11.36 95.08 37.17
CA PRO A 767 -11.77 93.67 37.37
C PRO A 767 -11.37 93.18 38.74
N PHE A 768 -11.97 92.08 39.20
CA PHE A 768 -11.47 91.41 40.39
C PHE A 768 -10.14 90.72 40.13
N ASP A 769 -9.83 90.41 38.86
CA ASP A 769 -8.56 89.76 38.54
C ASP A 769 -7.37 90.68 38.75
N LEU A 770 -7.54 91.98 38.51
CA LEU A 770 -6.46 92.92 38.76
C LEU A 770 -6.13 92.98 40.25
N ARG A 771 -7.15 93.10 41.09
CA ARG A 771 -6.94 93.04 42.54
C ARG A 771 -6.37 91.69 42.94
N ALA A 772 -6.75 90.62 42.25
CA ALA A 772 -6.20 89.31 42.57
C ALA A 772 -4.71 89.24 42.29
N SER A 773 -4.28 89.79 41.14
CA SER A 773 -2.86 89.81 40.82
C SER A 773 -2.09 90.70 41.79
N PHE A 774 -2.68 91.85 42.15
CA PHE A 774 -2.05 92.72 43.13
C PHE A 774 -1.89 92.02 44.47
N CYS A 775 -2.90 91.25 44.88
CA CYS A 775 -2.82 90.52 46.15
C CYS A 775 -1.82 89.37 46.05
N HIS A 776 -1.69 88.75 44.87
CA HIS A 776 -0.68 87.73 44.66
C HIS A 776 0.71 88.32 44.87
N LEU A 777 0.98 89.46 44.23
CA LEU A 777 2.27 90.13 44.40
C LEU A 777 2.49 90.53 45.85
N MET A 778 1.45 91.06 46.50
CA MET A 778 1.58 91.51 47.89
C MET A 778 1.89 90.34 48.81
N LEU A 779 1.21 89.21 48.62
CA LEU A 779 1.46 88.04 49.44
C LEU A 779 2.87 87.50 49.21
N HIS A 780 3.31 87.45 47.95
CA HIS A 780 4.66 86.97 47.68
C HIS A 780 5.72 87.90 48.25
N VAL A 781 5.41 89.20 48.34
CA VAL A 781 6.40 90.15 48.84
C VAL A 781 6.42 90.22 50.36
N HIS A 782 5.27 90.00 51.01
CA HIS A 782 5.13 90.21 52.45
C HIS A 782 5.18 88.94 53.27
N VAL A 783 4.76 87.80 52.72
CA VAL A 783 4.66 86.56 53.47
C VAL A 783 5.87 85.65 53.22
N ASP A 784 7.00 86.22 52.80
CA ASP A 784 8.22 85.47 52.55
C ASP A 784 9.45 86.20 53.08
N ARG A 785 9.28 86.98 54.13
CA ARG A 785 10.39 87.74 54.71
C ARG A 785 11.30 86.84 55.54
N PRO A 787 11.66 86.72 58.85
CA PRO A 787 11.23 86.08 60.10
C PRO A 787 9.98 85.22 59.92
N GLN A 788 10.15 84.09 59.23
CA GLN A 788 9.06 83.17 58.98
C GLN A 788 9.62 81.76 58.97
N GLU A 789 9.14 80.92 59.90
CA GLU A 789 9.57 79.54 60.04
C GLU A 789 8.38 78.61 59.86
N LEU A 790 8.63 77.48 59.20
CA LEU A 790 7.60 76.46 58.97
C LEU A 790 7.57 75.53 60.18
N VAL A 791 6.68 75.83 61.12
CA VAL A 791 6.58 75.03 62.34
C VAL A 791 5.92 73.71 62.03
N THR A 792 6.27 72.68 62.79
CA THR A 792 5.70 71.37 62.59
C THR A 792 4.24 71.36 63.06
N PRO A 793 3.32 70.71 62.33
CA PRO A 793 1.92 70.69 62.82
C PRO A 793 1.71 69.80 64.03
N VAL A 794 2.60 68.86 64.30
CA VAL A 794 2.46 67.91 65.40
C VAL A 794 3.79 67.84 66.14
N LYS A 795 3.76 68.18 67.43
CA LYS A 795 4.95 68.10 68.26
C LYS A 795 5.24 66.65 68.65
N PHE A 796 6.49 66.23 68.44
CA PHE A 796 6.91 64.86 68.72
C PHE A 796 7.69 64.72 70.02
N ALA A 797 7.93 65.82 70.74
CA ALA A 797 8.69 65.79 71.98
C ALA A 797 8.13 66.83 72.94
N ARG A 798 7.94 66.41 74.19
CA ARG A 798 7.41 67.25 75.26
C ARG A 798 8.42 67.31 76.39
N LEU A 799 8.18 68.26 77.31
CA LEU A 799 9.07 68.49 78.45
C LEU A 799 8.29 68.39 79.75
N TRP A 800 9.02 68.11 80.82
CA TRP A 800 8.42 68.00 82.15
C TRP A 800 8.03 69.38 82.67
N THR A 801 7.04 69.41 83.55
CA THR A 801 6.57 70.63 84.19
C THR A 801 5.97 71.59 83.17
N GLU A 802 5.39 71.05 82.09
CA GLU A 802 4.71 71.84 81.07
C GLU A 802 3.36 71.27 80.65
N ILE A 803 3.10 69.98 80.86
CA ILE A 803 1.82 69.38 80.52
C ILE A 803 0.89 69.56 81.71
N PRO A 804 -0.15 70.40 81.63
CA PRO A 804 -1.03 70.61 82.79
C PRO A 804 -1.86 69.36 83.08
N THR A 805 -2.52 69.41 84.24
CA THR A 805 -3.40 68.30 84.63
C THR A 805 -4.62 68.21 83.73
N ALA A 806 -5.09 69.36 83.22
CA ALA A 806 -6.22 69.41 82.31
C ALA A 806 -5.91 70.42 81.21
N ILE A 807 -6.57 70.24 80.06
CA ILE A 807 -6.39 71.10 78.90
C ILE A 807 -7.76 71.45 78.34
N THR A 808 -7.79 72.54 77.57
CA THR A 808 -9.02 73.02 76.95
C THR A 808 -8.69 73.56 75.56
N ILE A 809 -9.73 73.76 74.76
CA ILE A 809 -9.54 74.28 73.41
C ILE A 809 -9.02 75.71 73.46
N LYS A 810 -9.62 76.54 74.31
CA LYS A 810 -9.16 77.91 74.45
C LYS A 810 -7.83 77.98 75.19
N ASP A 811 -7.57 77.03 76.09
CA ASP A 811 -6.31 77.02 76.81
C ASP A 811 -5.15 76.59 75.92
N TYR A 812 -5.44 75.82 74.87
CA TYR A 812 -4.38 75.38 73.96
C TYR A 812 -3.77 76.56 73.20
N ASP A 813 -4.58 77.59 72.91
CA ASP A 813 -4.05 78.78 72.25
C ASP A 813 -3.07 79.52 73.17
N SER A 814 -3.41 79.65 74.45
CA SER A 814 -2.48 80.26 75.39
C SER A 814 -1.24 79.40 75.60
N ASN A 815 -1.39 78.08 75.53
CA ASN A 815 -0.24 77.19 75.64
C ASN A 815 0.68 77.33 74.43
N LEU A 816 0.13 77.68 73.27
CA LEU A 816 0.90 77.85 72.05
C LEU A 816 1.50 79.25 71.91
N ASN A 817 1.37 80.09 72.93
CA ASN A 817 1.90 81.46 72.89
C ASN A 817 1.30 82.25 71.73
N ASN A 825 1.50 89.22 64.08
CA ASN A 825 0.08 89.52 63.99
C ASN A 825 -0.16 90.92 63.42
N LYS A 826 0.64 91.29 62.42
CA LYS A 826 0.49 92.59 61.79
C LYS A 826 -0.60 92.58 60.73
N PHE A 827 -0.70 91.49 59.97
CA PHE A 827 -1.69 91.35 58.91
C PHE A 827 -2.94 90.61 59.38
N ALA A 828 -3.28 90.74 60.66
CA ALA A 828 -4.45 90.03 61.19
C ALA A 828 -5.74 90.61 60.61
N ASN A 829 -5.78 91.93 60.41
CA ASN A 829 -6.95 92.54 59.78
C ASN A 829 -7.12 92.03 58.35
N THR A 830 -6.02 91.80 57.63
CA THR A 830 -6.11 91.20 56.31
C THR A 830 -6.62 89.77 56.39
N MET A 831 -6.25 89.02 57.43
CA MET A 831 -6.78 87.68 57.62
C MET A 831 -8.29 87.73 57.84
N GLU A 832 -8.75 88.67 58.66
CA GLU A 832 -10.19 88.83 58.86
C GLU A 832 -10.88 89.25 57.57
N PHE A 833 -10.22 90.06 56.76
CA PHE A 833 -10.80 90.52 55.50
C PHE A 833 -10.98 89.35 54.54
N VAL A 834 -9.96 88.50 54.40
CA VAL A 834 -10.10 87.36 53.50
C VAL A 834 -11.07 86.33 54.07
N GLU A 835 -11.17 86.23 55.40
CA GLU A 835 -12.19 85.37 55.99
C GLU A 835 -13.59 85.87 55.64
N ASP A 836 -13.81 87.19 55.72
CA ASP A 836 -15.09 87.76 55.31
C ASP A 836 -15.33 87.57 53.83
N TYR A 837 -14.27 87.62 53.02
CA TYR A 837 -14.42 87.35 51.59
C TYR A 837 -14.86 85.92 51.34
N LEU A 838 -14.28 84.97 52.08
CA LEU A 838 -14.70 83.57 51.98
C LEU A 838 -16.16 83.42 52.42
N ASN A 839 -16.55 84.13 53.47
CA ASN A 839 -17.94 84.09 53.92
C ASN A 839 -18.88 84.63 52.86
N ASN A 840 -18.49 85.72 52.20
CA ASN A 840 -19.31 86.28 51.12
C ASN A 840 -19.41 85.32 49.95
N VAL A 841 -18.30 84.66 49.60
CA VAL A 841 -18.33 83.69 48.51
C VAL A 841 -19.19 82.49 48.88
N VAL A 842 -19.27 82.15 50.17
CA VAL A 842 -20.10 81.04 50.60
C VAL A 842 -21.58 81.40 50.47
N SER A 843 -21.92 82.65 50.79
CA SER A 843 -23.31 83.12 50.70
C SER A 843 -23.63 83.67 49.32
N GLU A 844 -23.39 82.85 48.29
CA GLU A 844 -23.67 83.21 46.91
C GLU A 844 -24.37 82.12 46.11
N ALA A 845 -24.39 80.88 46.59
CA ALA A 845 -25.06 79.76 45.94
C ALA A 845 -24.50 79.46 44.55
N VAL A 846 -23.24 79.81 44.31
CA VAL A 846 -22.60 79.58 43.01
C VAL A 846 -21.09 79.54 43.21
N PRO A 847 -20.51 78.42 43.63
CA PRO A 847 -19.06 78.41 43.93
C PRO A 847 -18.24 78.24 42.66
N PHE A 848 -17.33 79.19 42.41
CA PHE A 848 -16.42 79.13 41.27
C PHE A 848 -17.18 79.11 39.95
N ALA A 849 -18.28 79.87 39.89
CA ALA A 849 -19.09 79.98 38.68
C ALA A 849 -18.68 81.16 37.79
N ASN A 850 -18.09 82.20 38.37
CA ASN A 850 -17.63 83.36 37.61
C ASN A 850 -16.13 83.24 37.37
N GLU A 851 -15.72 83.61 36.15
CA GLU A 851 -14.31 83.49 35.77
C GLU A 851 -13.44 84.44 36.58
N GLU A 852 -13.88 85.70 36.71
CA GLU A 852 -13.12 86.66 37.50
C GLU A 852 -13.07 86.26 38.97
N LYS A 853 -14.21 85.85 39.52
CA LYS A 853 -14.24 85.38 40.90
C LYS A 853 -13.43 84.10 41.05
N ASN A 854 -13.44 83.23 40.03
CA ASN A 854 -12.65 82.01 40.09
C ASN A 854 -11.17 82.32 40.13
N LYS A 855 -10.73 83.33 39.37
CA LYS A 855 -9.32 83.72 39.41
C LYS A 855 -8.99 84.44 40.70
N LEU A 856 -9.94 85.16 41.28
CA LEU A 856 -9.67 85.90 42.52
C LEU A 856 -9.61 84.98 43.73
N THR A 857 -10.41 83.91 43.74
CA THR A 857 -10.40 83.01 44.89
C THR A 857 -9.08 82.27 45.02
N PHE A 858 -8.39 82.03 43.91
CA PHE A 858 -7.18 81.22 43.95
C PHE A 858 -6.07 81.93 44.73
N GLU A 859 -5.89 83.23 44.48
CA GLU A 859 -4.84 83.98 45.17
C GLU A 859 -5.14 84.06 46.67
N VAL A 860 -6.40 84.28 47.03
CA VAL A 860 -6.76 84.36 48.45
C VAL A 860 -6.57 83.01 49.12
N VAL A 861 -6.93 81.93 48.43
CA VAL A 861 -6.75 80.60 49.00
C VAL A 861 -5.28 80.30 49.20
N SER A 862 -4.44 80.67 48.24
CA SER A 862 -3.00 80.44 48.38
C SER A 862 -2.42 81.28 49.51
N LEU A 863 -2.90 82.52 49.67
CA LEU A 863 -2.42 83.37 50.76
C LEU A 863 -2.80 82.78 52.11
N ALA A 864 -4.05 82.33 52.24
CA ALA A 864 -4.48 81.69 53.49
C ALA A 864 -3.70 80.41 53.75
N HIS A 865 -3.40 79.66 52.69
CA HIS A 865 -2.62 78.43 52.82
C HIS A 865 -1.23 78.73 53.35
N ASN A 866 -0.57 79.73 52.77
CA ASN A 866 0.77 80.11 53.24
C ASN A 866 0.73 80.62 54.67
N LEU A 867 -0.32 81.40 55.02
CA LEU A 867 -0.42 81.93 56.37
C LEU A 867 -0.66 80.81 57.38
N ILE A 868 -1.42 79.79 57.00
CA ILE A 868 -1.69 78.69 57.92
C ILE A 868 -0.47 77.81 58.07
N TYR A 869 0.26 77.58 56.98
CA TYR A 869 1.47 76.74 57.06
C TYR A 869 2.58 77.47 57.80
N PHE A 870 2.61 78.81 57.74
CA PHE A 870 3.54 79.55 58.59
C PHE A 870 3.06 79.60 60.03
N GLY A 871 1.77 79.83 60.24
CA GLY A 871 1.15 79.77 61.54
C GLY A 871 0.92 81.13 62.16
N PHE A 872 -0.32 81.64 62.04
CA PHE A 872 -0.73 82.88 62.70
C PHE A 872 -2.18 82.81 63.13
N TYR A 873 -2.68 81.61 63.42
CA TYR A 873 -4.10 81.38 63.69
C TYR A 873 -4.27 80.67 65.02
N SER A 874 -5.50 80.75 65.54
CA SER A 874 -5.91 80.08 66.76
C SER A 874 -6.82 78.89 66.43
N PHE A 875 -7.09 78.07 67.44
CA PHE A 875 -7.82 76.83 67.20
C PHE A 875 -9.29 77.11 66.89
N SER A 876 -9.90 78.07 67.58
CA SER A 876 -11.29 78.42 67.28
C SER A 876 -11.42 79.01 65.87
N GLU A 877 -10.50 79.90 65.51
CA GLU A 877 -10.49 80.44 64.15
C GLU A 877 -10.25 79.34 63.13
N LEU A 878 -9.39 78.37 63.46
CA LEU A 878 -9.13 77.26 62.55
C LEU A 878 -10.38 76.41 62.37
N LEU A 879 -11.12 76.18 63.45
CA LEU A 879 -12.36 75.39 63.36
C LEU A 879 -13.40 76.12 62.53
N ARG A 880 -13.56 77.43 62.74
CA ARG A 880 -14.50 78.19 61.94
C ARG A 880 -14.11 78.20 60.47
N LEU A 881 -12.81 78.31 60.19
CA LEU A 881 -12.34 78.29 58.81
C LEU A 881 -12.60 76.93 58.17
N THR A 882 -12.34 75.85 58.90
CA THR A 882 -12.61 74.51 58.38
C THR A 882 -14.10 74.33 58.11
N ARG A 883 -14.96 74.83 59.00
CA ARG A 883 -16.40 74.72 58.80
C ARG A 883 -16.84 75.46 57.54
N THR A 884 -16.48 76.75 57.45
CA THR A 884 -16.93 77.53 56.30
C THR A 884 -16.26 77.11 55.00
N LEU A 885 -15.12 76.41 55.06
CA LEU A 885 -14.49 75.92 53.85
C LEU A 885 -15.09 74.60 53.40
N LEU A 886 -15.45 73.73 54.36
CA LEU A 886 -16.18 72.52 54.01
C LEU A 886 -17.58 72.84 53.50
N GLY A 887 -18.16 73.95 53.98
CA GLY A 887 -19.44 74.38 53.46
C GLY A 887 -19.39 75.02 52.09
N ILE A 888 -18.19 75.27 51.55
CA ILE A 888 -18.05 75.89 50.24
C ILE A 888 -18.09 74.87 49.10
N ILE A 889 -17.83 73.60 49.37
CA ILE A 889 -17.80 72.57 48.33
C ILE A 889 -19.19 71.95 48.21
N ASP A 890 -19.71 71.96 46.98
CA ASP A 890 -21.03 71.40 46.69
C ASP A 890 -22.12 72.11 47.50
N ASP A 958 -10.76 75.78 34.54
CA ASP A 958 -10.77 74.32 34.65
C ASP A 958 -9.76 73.85 35.69
N ILE A 959 -8.51 74.33 35.56
CA ILE A 959 -7.45 73.94 36.48
C ILE A 959 -7.38 74.81 37.72
N VAL A 960 -7.90 76.04 37.67
CA VAL A 960 -7.84 76.92 38.82
C VAL A 960 -8.69 76.39 39.96
N VAL A 961 -9.90 75.91 39.65
CA VAL A 961 -10.77 75.34 40.68
C VAL A 961 -10.13 74.09 41.26
N MET A 962 -9.47 73.29 40.43
CA MET A 962 -8.81 72.09 40.92
C MET A 962 -7.66 72.45 41.86
N GLU A 963 -6.87 73.46 41.52
CA GLU A 963 -5.79 73.89 42.39
C GLU A 963 -6.33 74.44 43.71
N THR A 964 -7.43 75.19 43.65
CA THR A 964 -8.05 75.69 44.87
C THR A 964 -8.54 74.55 45.74
N LYS A 965 -9.14 73.53 45.13
CA LYS A 965 -9.60 72.37 45.89
C LYS A 965 -8.42 71.63 46.52
N LEU A 966 -7.30 71.54 45.80
CA LEU A 966 -6.11 70.91 46.34
C LEU A 966 -5.59 71.68 47.54
N LYS A 967 -5.58 73.00 47.45
CA LYS A 967 -5.14 73.82 48.58
C LYS A 967 -6.08 73.65 49.77
N ILE A 968 -7.39 73.56 49.51
CA ILE A 968 -8.35 73.36 50.59
C ILE A 968 -8.12 72.00 51.24
N LEU A 969 -7.81 70.98 50.44
CA LEU A 969 -7.53 69.66 51.00
C LEU A 969 -6.25 69.68 51.84
N GLU A 970 -5.25 70.44 51.40
CA GLU A 970 -4.03 70.57 52.19
C GLU A 970 -4.32 71.26 53.52
N ILE A 971 -5.16 72.30 53.50
CA ILE A 971 -5.54 72.97 54.73
C ILE A 971 -6.31 72.03 55.66
N LEU A 972 -7.16 71.18 55.07
CA LEU A 972 -7.88 70.20 55.88
C LEU A 972 -6.94 69.19 56.50
N GLN A 973 -5.91 68.77 55.76
CA GLN A 973 -4.92 67.86 56.32
C GLN A 973 -4.15 68.53 57.45
N PHE A 974 -3.84 69.82 57.31
CA PHE A 974 -3.19 70.55 58.38
C PHE A 974 -4.08 70.61 59.63
N ILE A 975 -5.37 70.85 59.43
CA ILE A 975 -6.31 70.89 60.56
C ILE A 975 -6.38 69.52 61.22
N LEU A 976 -6.35 68.45 60.42
CA LEU A 976 -6.36 67.10 60.98
C LEU A 976 -5.10 66.83 61.79
N ASN A 977 -3.95 67.33 61.31
CA ASN A 977 -2.71 67.17 62.07
C ASN A 977 -2.79 67.93 63.40
N VAL A 978 -3.37 69.13 63.38
CA VAL A 978 -3.56 69.87 64.63
C VAL A 978 -4.49 69.10 65.57
N ARG A 979 -5.52 68.46 65.02
CA ARG A 979 -6.43 67.67 65.84
C ARG A 979 -5.71 66.48 66.46
N LEU A 980 -4.83 65.84 65.69
CA LEU A 980 -4.04 64.74 66.22
C LEU A 980 -3.13 65.22 67.36
N ASP A 981 -2.54 66.41 67.19
CA ASP A 981 -1.72 66.98 68.25
C ASP A 981 -2.56 67.24 69.50
N TYR A 982 -3.77 67.74 69.32
CA TYR A 982 -4.65 67.99 70.47
C TYR A 982 -5.03 66.69 71.17
N ARG A 983 -5.27 65.62 70.41
CA ARG A 983 -5.58 64.33 71.01
C ARG A 983 -4.39 63.80 71.80
N ILE A 984 -3.18 63.94 71.24
CA ILE A 984 -1.98 63.53 71.96
C ILE A 984 -1.83 64.33 73.24
N SER A 985 -2.14 65.63 73.20
CA SER A 985 -2.06 66.45 74.39
C SER A 985 -3.08 66.02 75.43
N TYR A 986 -4.28 65.63 75.00
CA TYR A 986 -5.30 65.15 75.92
C TYR A 986 -4.83 63.87 76.61
N LEU A 987 -4.29 62.93 75.83
CA LEU A 987 -3.78 61.69 76.42
C LEU A 987 -2.64 61.99 77.40
N LEU A 988 -1.76 62.93 77.05
CA LEU A 988 -0.67 63.30 77.93
C LEU A 988 -1.19 63.90 79.24
N SER A 989 -2.23 64.73 79.15
CA SER A 989 -2.80 65.32 80.35
C SER A 989 -3.44 64.27 81.24
N VAL A 990 -4.14 63.31 80.63
CA VAL A 990 -4.76 62.24 81.42
C VAL A 990 -3.70 61.42 82.13
N PHE A 991 -2.64 61.05 81.42
CA PHE A 991 -1.56 60.29 82.05
C PHE A 991 -0.86 61.10 83.12
N LYS A 992 -0.72 62.42 82.91
CA LYS A 992 -0.11 63.27 83.91
C LYS A 992 -0.94 63.30 85.18
N LYS A 993 -2.27 63.42 85.04
CA LYS A 993 -3.13 63.38 86.22
C LYS A 993 -3.04 62.05 86.94
N GLU A 994 -3.04 60.95 86.16
CA GLU A 994 -2.96 59.62 86.76
C GLU A 994 -1.65 59.44 87.54
N PHE A 995 -0.54 59.89 86.97
CA PHE A 995 0.76 59.75 87.63
C PHE A 995 0.94 60.74 88.77
N VAL A 996 0.23 61.86 88.74
CA VAL A 996 0.30 62.83 89.84
C VAL A 996 -0.53 62.35 91.03
N GLU A 997 -1.61 61.61 90.77
CA GLU A 997 -2.39 61.04 91.86
C GLU A 997 -1.55 60.08 92.69
N VAL A 998 -0.86 59.15 92.02
CA VAL A 998 0.01 58.19 92.69
C VAL A 998 1.41 58.78 92.81
N LEU A 1022 -6.88 52.85 86.60
CA LEU A 1022 -6.34 52.65 85.26
C LEU A 1022 -7.48 52.48 84.24
N ASP A 1023 -8.51 51.73 84.63
CA ASP A 1023 -9.64 51.51 83.73
C ASP A 1023 -10.37 52.80 83.41
N ARG A 1024 -10.45 53.72 84.37
CA ARG A 1024 -11.09 55.01 84.10
C ARG A 1024 -10.29 55.83 83.10
N ILE A 1025 -8.96 55.78 83.19
CA ILE A 1025 -8.12 56.46 82.21
C ILE A 1025 -8.33 55.87 80.83
N GLY A 1026 -8.48 54.54 80.75
CA GLY A 1026 -8.78 53.91 79.48
C GLY A 1026 -10.14 54.32 78.93
N GLU A 1027 -11.13 54.44 79.80
CA GLU A 1027 -12.45 54.89 79.37
C GLU A 1027 -12.39 56.32 78.85
N GLN A 1028 -11.61 57.18 79.51
CA GLN A 1028 -11.45 58.55 79.03
C GLN A 1028 -10.74 58.59 77.68
N ALA A 1029 -9.69 57.78 77.53
CA ALA A 1029 -8.99 57.72 76.26
C ALA A 1029 -9.89 57.20 75.14
N GLU A 1030 -10.80 56.28 75.46
CA GLU A 1030 -11.75 55.79 74.48
C GLU A 1030 -12.80 56.85 74.15
N ALA A 1031 -13.21 57.62 75.15
CA ALA A 1031 -14.12 58.74 74.89
C ALA A 1031 -13.47 59.78 74.00
N MET A 1032 -12.15 59.94 74.10
CA MET A 1032 -11.42 60.88 73.25
C MET A 1032 -11.54 60.53 71.77
N PHE A 1033 -11.82 59.27 71.44
CA PHE A 1033 -11.93 58.87 70.04
C PHE A 1033 -13.11 59.57 69.37
N GLY A 1034 -14.21 59.75 70.09
CA GLY A 1034 -15.39 60.41 69.55
C GLY A 1034 -15.29 61.92 69.61
N SER A 1040 -16.58 64.72 71.60
CA SER A 1040 -17.26 65.32 70.47
C SER A 1040 -17.18 66.85 70.50
N MET A 1041 -16.11 67.38 71.09
CA MET A 1041 -15.90 68.82 71.17
C MET A 1041 -15.22 69.35 69.90
N LEU A 1042 -14.11 68.73 69.51
CA LEU A 1042 -13.38 69.10 68.30
C LEU A 1042 -13.91 68.23 67.16
N GLU A 1043 -14.76 68.82 66.32
CA GLU A 1043 -15.35 68.10 65.20
C GLU A 1043 -15.54 69.07 64.03
N VAL A 1044 -14.98 68.73 62.88
CA VAL A 1044 -15.12 69.55 61.68
C VAL A 1044 -16.52 69.40 61.13
N ASP A 1045 -17.00 70.41 60.41
CA ASP A 1045 -18.27 70.30 59.70
C ASP A 1045 -19.43 70.04 60.64
N ASP A 1046 -19.95 71.10 61.29
CA ASP A 1046 -20.85 70.98 62.45
C ASP A 1046 -21.99 70.00 62.21
N GLU A 1047 -22.40 69.82 60.95
CA GLU A 1047 -23.29 68.74 60.53
C GLU A 1047 -22.70 67.33 60.74
N GLY A 1048 -21.47 67.21 61.23
CA GLY A 1048 -20.87 65.92 61.51
C GLY A 1048 -20.22 65.32 60.28
N GLY A 1049 -20.26 63.99 60.19
CA GLY A 1049 -19.58 63.31 59.09
C GLY A 1049 -20.28 63.48 57.76
N ARG A 1050 -21.59 63.72 57.79
CA ARG A 1050 -22.35 63.83 56.54
C ARG A 1050 -21.88 65.00 55.70
N MET A 1051 -21.57 66.13 56.34
CA MET A 1051 -21.06 67.27 55.57
C MET A 1051 -19.66 66.99 55.06
N PHE A 1052 -18.87 66.25 55.85
CA PHE A 1052 -17.48 65.99 55.50
C PHE A 1052 -17.36 65.02 54.34
N LEU A 1053 -18.10 63.91 54.37
CA LEU A 1053 -17.78 62.77 53.52
C LEU A 1053 -18.30 62.91 52.10
N ARG A 1054 -19.51 63.46 51.94
CA ARG A 1054 -20.07 63.62 50.60
C ARG A 1054 -19.22 64.60 49.81
N VAL A 1055 -18.59 65.55 50.48
CA VAL A 1055 -17.68 66.47 49.82
C VAL A 1055 -16.48 65.71 49.24
N LEU A 1056 -15.90 64.82 50.03
CA LEU A 1056 -14.78 64.02 49.55
C LEU A 1056 -15.21 63.10 48.40
N ILE A 1057 -16.42 62.56 48.48
CA ILE A 1057 -16.91 61.70 47.40
C ILE A 1057 -17.10 62.51 46.12
N HIS A 1058 -17.62 63.73 46.24
CA HIS A 1058 -17.78 64.59 45.07
C HIS A 1058 -16.44 64.99 44.49
N LEU A 1059 -15.44 65.22 45.35
CA LEU A 1059 -14.11 65.54 44.87
C LEU A 1059 -13.44 64.34 44.20
N THR A 1060 -13.78 63.13 44.63
CA THR A 1060 -13.18 61.93 44.04
C THR A 1060 -13.68 61.67 42.63
N MET A 1061 -14.81 62.25 42.24
CA MET A 1061 -15.36 62.01 40.91
C MET A 1061 -14.58 62.72 39.82
N HIS A 1062 -13.83 63.76 40.16
CA HIS A 1062 -13.09 64.52 39.15
C HIS A 1062 -11.93 63.69 38.60
N ASP A 1063 -11.36 64.17 37.50
CA ASP A 1063 -10.31 63.47 36.78
C ASP A 1063 -8.91 64.00 37.07
N TYR A 1064 -8.80 65.11 37.80
CA TYR A 1064 -7.48 65.64 38.16
C TYR A 1064 -6.78 64.65 39.09
N ALA A 1065 -5.64 64.13 38.65
CA ALA A 1065 -5.02 63.01 39.36
C ALA A 1065 -4.54 63.39 40.76
N PRO A 1066 -3.80 64.49 40.96
CA PRO A 1066 -3.43 64.84 42.35
C PRO A 1066 -4.62 65.14 43.23
N LEU A 1067 -5.70 65.68 42.66
CA LEU A 1067 -6.89 65.97 43.46
C LEU A 1067 -7.48 64.67 44.02
N VAL A 1068 -7.70 63.68 43.17
CA VAL A 1068 -8.26 62.41 43.64
C VAL A 1068 -7.25 61.68 44.52
N SER A 1069 -5.95 61.90 44.31
CA SER A 1069 -4.96 61.30 45.18
C SER A 1069 -5.10 61.84 46.61
N GLY A 1070 -5.13 63.17 46.75
CA GLY A 1070 -5.34 63.76 48.05
C GLY A 1070 -6.70 63.40 48.65
N ALA A 1071 -7.72 63.25 47.80
CA ALA A 1071 -9.04 62.86 48.28
C ALA A 1071 -9.02 61.45 48.86
N LEU A 1072 -8.37 60.52 48.17
CA LEU A 1072 -8.26 59.16 48.68
C LEU A 1072 -7.42 59.13 49.95
N GLN A 1073 -6.38 59.95 50.02
CA GLN A 1073 -5.57 60.02 51.23
C GLN A 1073 -6.41 60.49 52.41
N LEU A 1074 -7.19 61.56 52.22
CA LEU A 1074 -8.05 62.06 53.28
C LEU A 1074 -9.12 61.05 53.66
N LEU A 1075 -9.64 60.31 52.67
CA LEU A 1075 -10.66 59.31 52.95
C LEU A 1075 -10.09 58.17 53.78
N PHE A 1076 -8.90 57.70 53.45
CA PHE A 1076 -8.28 56.62 54.22
C PHE A 1076 -7.78 57.09 55.57
N LYS A 1077 -7.46 58.37 55.72
CA LYS A 1077 -7.04 58.91 57.01
C LYS A 1077 -8.21 59.29 57.90
N HIS A 1078 -9.41 59.45 57.33
CA HIS A 1078 -10.57 59.84 58.13
C HIS A 1078 -11.05 58.71 59.03
N PHE A 1079 -10.92 57.46 58.58
CA PHE A 1079 -11.38 56.30 59.33
C PHE A 1079 -10.26 55.58 60.06
N SER A 1080 -9.03 56.11 60.02
CA SER A 1080 -7.87 55.52 60.69
C SER A 1080 -7.39 56.42 61.82
N GLN A 1081 -8.33 57.02 62.55
CA GLN A 1081 -7.97 57.98 63.59
C GLN A 1081 -7.33 57.28 64.78
N ARG A 1082 -7.91 56.17 65.23
CA ARG A 1082 -7.41 55.50 66.42
C ARG A 1082 -6.02 54.91 66.18
N GLN A 1083 -5.80 54.31 65.01
CA GLN A 1083 -4.49 53.73 64.72
C GLN A 1083 -3.42 54.82 64.64
N GLU A 1084 -3.73 55.93 63.98
CA GLU A 1084 -2.77 57.03 63.89
C GLU A 1084 -2.50 57.62 65.26
N ALA A 1085 -3.54 57.71 66.11
CA ALA A 1085 -3.34 58.23 67.46
C ALA A 1085 -2.45 57.31 68.28
N MET A 1086 -2.66 56.00 68.18
CA MET A 1086 -1.82 55.05 68.89
C MET A 1086 -0.38 55.12 68.39
N HIS A 1087 -0.19 55.24 67.07
CA HIS A 1087 1.16 55.33 66.52
C HIS A 1087 1.86 56.60 66.99
N THR A 1088 1.14 57.72 67.02
CA THR A 1088 1.73 58.97 67.47
C THR A 1088 2.07 58.92 68.95
N PHE A 1089 1.21 58.29 69.75
CA PHE A 1089 1.50 58.14 71.17
C PHE A 1089 2.71 57.24 71.41
N LYS A 1090 2.84 56.20 70.60
CA LYS A 1090 3.99 55.31 70.72
C LYS A 1090 5.28 55.99 70.28
N GLN A 1091 5.19 56.87 69.27
CA GLN A 1091 6.37 57.57 68.78
C GLN A 1091 6.83 58.67 69.74
N VAL A 1092 5.89 59.29 70.46
CA VAL A 1092 6.24 60.37 71.36
C VAL A 1092 6.84 59.82 72.65
N GLN A 1093 7.56 60.68 73.36
CA GLN A 1093 8.18 60.33 74.63
C GLN A 1093 8.19 61.56 75.53
N LEU A 1094 8.49 61.33 76.80
CA LEU A 1094 8.53 62.38 77.82
C LEU A 1094 9.94 62.50 78.39
N LEU A 1095 10.40 63.74 78.51
CA LEU A 1095 11.73 64.04 79.04
C LEU A 1095 11.58 64.71 80.40
N ILE A 1096 12.72 64.87 81.08
CA ILE A 1096 12.75 65.37 82.45
C ILE A 1096 13.51 66.70 82.55
N SER A 1097 14.47 66.91 81.66
CA SER A 1097 15.36 68.06 81.73
C SER A 1097 15.26 68.89 80.45
N ALA A 1098 15.48 70.20 80.60
CA ALA A 1098 15.45 71.10 79.47
C ALA A 1098 16.74 71.02 78.66
N GLN A 1099 17.88 70.89 79.34
CA GLN A 1099 19.15 70.68 78.63
C GLN A 1099 19.11 69.37 77.86
N ASP A 1100 18.50 68.34 78.44
CA ASP A 1100 18.33 67.08 77.72
C ASP A 1100 17.42 67.27 76.51
N VAL A 1101 16.40 68.13 76.62
CA VAL A 1101 15.53 68.39 75.48
C VAL A 1101 16.30 69.10 74.37
N GLU A 1102 17.15 70.06 74.74
CA GLU A 1102 17.97 70.75 73.74
C GLU A 1102 18.94 69.77 73.09
N ASN A 1103 19.54 68.88 73.88
CA ASN A 1103 20.45 67.88 73.31
C ASN A 1103 19.71 66.94 72.38
N TYR A 1104 18.47 66.58 72.73
CA TYR A 1104 17.67 65.70 71.87
C TYR A 1104 17.31 66.39 70.57
N LYS A 1105 16.96 67.67 70.64
CA LYS A 1105 16.68 68.42 69.41
C LYS A 1105 17.93 68.53 68.54
N VAL A 1106 19.08 68.76 69.16
CA VAL A 1106 20.33 68.83 68.40
C VAL A 1106 20.65 67.48 67.77
N ILE A 1107 20.35 66.39 68.48
CA ILE A 1107 20.63 65.06 67.95
C ILE A 1107 19.69 64.74 66.80
N LYS A 1108 18.43 65.17 66.90
CA LYS A 1108 17.50 64.95 65.80
C LYS A 1108 17.90 65.74 64.57
N SER A 1109 18.31 67.00 64.76
CA SER A 1109 18.81 67.79 63.64
C SER A 1109 20.06 67.15 63.04
N GLU A 1110 20.94 66.62 63.88
CA GLU A 1110 22.14 65.96 63.40
C GLU A 1110 21.81 64.69 62.62
N LEU A 1111 20.79 63.95 63.04
CA LEU A 1111 20.40 62.74 62.33
C LEU A 1111 19.78 63.06 60.98
N ASP A 1112 18.95 64.12 60.92
CA ASP A 1112 18.40 64.55 59.63
C ASP A 1112 19.51 65.01 58.70
N ARG A 1113 20.42 65.84 59.22
CA ARG A 1113 21.59 66.24 58.44
C ARG A 1113 22.44 65.05 58.05
N LEU A 1114 22.47 64.00 58.87
CA LEU A 1114 23.28 62.82 58.55
C LEU A 1114 22.65 62.01 57.43
N ARG A 1115 21.33 61.93 57.38
CA ARG A 1115 20.67 61.26 56.26
C ARG A 1115 20.88 62.06 54.97
N THR A 1116 20.64 63.37 55.03
CA THR A 1116 20.89 64.22 53.88
C THR A 1116 22.34 64.11 53.42
N MET A 1117 23.25 64.03 54.39
CA MET A 1117 24.67 63.93 54.08
C MET A 1117 25.04 62.54 53.60
N VAL A 1118 24.27 61.52 53.96
CA VAL A 1118 24.47 60.19 53.40
C VAL A 1118 24.16 60.20 51.92
N GLU A 1119 23.01 60.78 51.56
CA GLU A 1119 22.68 60.95 50.14
C GLU A 1119 23.75 61.80 49.43
N LYS A 1120 24.14 62.91 50.04
CA LYS A 1120 25.16 63.77 49.44
C LYS A 1120 26.49 63.04 49.27
N SER A 1121 26.92 62.29 50.30
CA SER A 1121 28.19 61.57 50.23
C SER A 1121 28.14 60.48 49.16
N GLU A 1122 26.98 59.87 48.97
CA GLU A 1122 26.79 58.99 47.82
C GLU A 1122 26.98 59.78 46.54
N LEU A 1123 26.58 61.06 46.54
CA LEU A 1123 26.86 61.94 45.41
C LEU A 1123 28.25 62.56 45.52
N TRP A 1124 28.71 62.83 46.74
CA TRP A 1124 29.87 63.69 46.99
C TRP A 1124 31.07 62.87 47.43
N GLN A 1167 34.99 67.64 55.06
CA GLN A 1167 34.87 67.09 56.41
C GLN A 1167 33.47 67.30 56.98
N ILE A 1168 32.45 67.08 56.13
CA ILE A 1168 31.06 67.25 56.54
C ILE A 1168 30.56 65.95 57.15
N VAL A 1169 30.63 64.86 56.38
CA VAL A 1169 30.16 63.57 56.87
C VAL A 1169 31.03 63.08 58.01
N LYS A 1170 32.35 63.23 57.87
CA LYS A 1170 33.25 62.82 58.94
C LYS A 1170 33.04 63.66 60.19
N GLY A 1171 32.79 64.96 60.02
CA GLY A 1171 32.51 65.81 61.17
C GLY A 1171 31.22 65.42 61.86
N ILE A 1172 30.19 65.10 61.08
CA ILE A 1172 28.92 64.67 61.67
C ILE A 1172 29.10 63.35 62.41
N LEU A 1173 29.89 62.44 61.85
CA LEU A 1173 30.14 61.17 62.52
C LEU A 1173 30.90 61.37 63.82
N GLU A 1174 31.90 62.26 63.81
CA GLU A 1174 32.65 62.56 65.03
C GLU A 1174 31.76 63.21 66.07
N ARG A 1175 30.84 64.07 65.65
CA ARG A 1175 29.91 64.70 66.58
C ARG A 1175 28.98 63.66 67.19
N LEU A 1176 28.44 62.76 66.37
CA LEU A 1176 27.55 61.72 66.88
C LEU A 1176 28.28 60.76 67.80
N ASN A 1177 29.56 60.51 67.53
CA ASN A 1177 30.33 59.60 68.39
C ASN A 1177 30.65 60.25 69.72
N LYS A 1178 30.95 61.55 69.71
CA LYS A 1178 31.24 62.30 70.93
C LYS A 1178 30.00 62.92 71.56
N MET A 1179 28.80 62.57 71.07
CA MET A 1179 27.58 63.14 71.64
C MET A 1179 27.24 62.53 72.98
N CYS A 1180 27.48 61.23 73.15
CA CYS A 1180 27.15 60.53 74.39
C CYS A 1180 28.06 59.32 74.50
N GLY A 1181 27.75 58.44 75.45
CA GLY A 1181 28.51 57.23 75.71
C GLY A 1181 29.18 57.18 77.08
N VAL A 1182 29.18 58.27 77.84
CA VAL A 1182 29.80 58.31 79.16
C VAL A 1182 28.78 57.92 80.21
N GLY A 1183 29.26 57.35 81.31
CA GLY A 1183 28.41 56.95 82.40
C GLY A 1183 27.73 55.62 82.16
N GLU A 1184 27.09 55.12 83.22
CA GLU A 1184 26.35 53.86 83.17
C GLU A 1184 24.86 54.09 82.93
N GLN A 1185 24.22 54.88 83.81
CA GLN A 1185 22.80 55.21 83.62
C GLN A 1185 22.63 56.27 82.54
N MET A 1186 23.57 57.22 82.44
CA MET A 1186 23.51 58.21 81.37
C MET A 1186 23.66 57.54 80.01
N ARG A 1187 24.52 56.52 79.92
CA ARG A 1187 24.67 55.78 78.67
C ARG A 1187 23.38 55.04 78.33
N LYS A 1188 22.70 54.49 79.34
CA LYS A 1188 21.43 53.82 79.09
C LYS A 1188 20.38 54.80 78.61
N LYS A 1189 20.33 55.99 79.20
CA LYS A 1189 19.37 57.01 78.76
C LYS A 1189 19.67 57.46 77.33
N GLN A 1190 20.96 57.61 77.00
CA GLN A 1190 21.33 57.98 75.64
C GLN A 1190 20.96 56.89 74.65
N GLN A 1191 21.16 55.62 75.03
CA GLN A 1191 20.78 54.51 74.17
C GLN A 1191 19.27 54.48 73.95
N ARG A 1192 18.50 54.73 75.01
CA ARG A 1192 17.05 54.79 74.87
C ARG A 1192 16.63 55.93 73.95
N LEU A 1193 17.26 57.10 74.10
CA LEU A 1193 16.92 58.24 73.26
C LEU A 1193 17.27 57.98 71.80
N LEU A 1194 18.38 57.28 71.55
CA LEU A 1194 18.78 57.00 70.18
C LEU A 1194 17.88 55.94 69.56
N LYS A 1195 17.54 54.89 70.32
CA LYS A 1195 16.65 53.86 69.79
C LYS A 1195 15.25 54.40 69.55
N ASN A 1196 14.82 55.37 70.35
CA ASN A 1196 13.52 55.99 70.13
C ASN A 1196 13.54 56.89 68.90
N MET A 1197 14.70 57.45 68.56
CA MET A 1197 14.83 58.34 67.41
C MET A 1197 15.19 57.59 66.12
N ASP A 1198 15.20 56.26 66.14
CA ASP A 1198 15.50 55.44 64.96
C ASP A 1198 16.90 55.77 64.42
N ALA A 1199 17.90 55.51 65.25
CA ALA A 1199 19.30 55.75 64.90
C ALA A 1199 19.93 54.60 64.12
N HIS A 1200 19.16 53.57 63.77
CA HIS A 1200 19.72 52.44 63.02
C HIS A 1200 19.90 52.78 61.55
N LYS A 1201 18.93 53.49 60.96
CA LYS A 1201 18.95 53.73 59.53
C LYS A 1201 20.14 54.59 59.12
N VAL A 1202 20.49 55.58 59.94
CA VAL A 1202 21.61 56.46 59.60
C VAL A 1202 22.91 55.67 59.56
N MET A 1203 23.14 54.85 60.59
CA MET A 1203 24.37 54.05 60.64
C MET A 1203 24.41 53.02 59.51
N LEU A 1204 23.27 52.40 59.21
CA LEU A 1204 23.27 51.39 58.15
C LEU A 1204 23.43 52.02 56.78
N ASP A 1205 22.96 53.26 56.60
CA ASP A 1205 23.19 53.96 55.34
C ASP A 1205 24.64 54.42 55.23
N LEU A 1206 25.26 54.82 56.34
CA LEU A 1206 26.67 55.15 56.32
C LEU A 1206 27.54 53.92 56.07
N LEU A 1207 27.06 52.74 56.48
CA LEU A 1207 27.81 51.51 56.25
C LEU A 1207 27.68 51.00 54.83
N GLN A 1208 26.52 51.22 54.20
CA GLN A 1208 26.26 50.75 52.84
C GLN A 1208 26.59 51.80 51.79
N ILE A 1209 27.54 52.69 52.06
CA ILE A 1209 27.94 53.76 51.16
C ILE A 1209 29.44 53.63 50.88
N PRO A 1210 29.86 53.23 49.66
CA PRO A 1210 31.32 53.18 49.45
C PRO A 1210 31.97 54.55 49.48
N ASP A 1215 40.92 55.20 49.80
CA ASP A 1215 40.58 56.54 50.28
C ASP A 1215 41.08 56.75 51.71
N ALA A 1216 41.67 57.91 51.96
CA ALA A 1216 42.22 58.25 53.26
C ALA A 1216 41.21 58.92 54.18
N LYS A 1217 39.93 58.97 53.79
CA LYS A 1217 38.88 59.62 54.57
C LYS A 1217 37.71 58.69 54.82
N MET A 1218 37.43 57.78 53.87
CA MET A 1218 36.31 56.88 54.02
C MET A 1218 36.57 55.84 55.11
N MET A 1219 37.80 55.34 55.18
CA MET A 1219 38.12 54.32 56.18
C MET A 1219 37.98 54.86 57.60
N GLU A 1220 38.43 56.09 57.83
CA GLU A 1220 38.29 56.70 59.15
C GLU A 1220 36.82 56.95 59.48
N ILE A 1221 36.02 57.33 58.49
CA ILE A 1221 34.60 57.53 58.71
C ILE A 1221 33.93 56.23 59.09
N LEU A 1222 34.27 55.14 58.39
CA LEU A 1222 33.71 53.83 58.74
C LEU A 1222 34.18 53.37 60.10
N ARG A 1223 35.43 53.70 60.47
CA ARG A 1223 35.92 53.34 61.80
C ARG A 1223 35.14 54.07 62.89
N TYR A 1224 34.90 55.37 62.70
CA TYR A 1224 34.10 56.11 63.67
C TYR A 1224 32.67 55.60 63.73
N THR A 1225 32.10 55.23 62.58
CA THR A 1225 30.75 54.66 62.56
C THR A 1225 30.70 53.34 63.31
N HIS A 1226 31.73 52.50 63.15
CA HIS A 1226 31.78 51.24 63.86
C HIS A 1226 31.95 51.45 65.35
N GLN A 1227 32.76 52.43 65.74
CA GLN A 1227 32.89 52.75 67.16
C GLN A 1227 31.56 53.23 67.74
N PHE A 1228 30.84 54.06 66.98
CA PHE A 1228 29.54 54.53 67.43
C PHE A 1228 28.55 53.37 67.57
N LEU A 1229 28.56 52.44 66.62
CA LEU A 1229 27.67 51.29 66.69
C LEU A 1229 28.04 50.38 67.85
N GLN A 1230 29.32 50.26 68.15
CA GLN A 1230 29.75 49.44 69.30
C GLN A 1230 29.32 50.09 70.61
N LYS A 1231 29.46 51.42 70.71
CA LYS A 1231 28.99 52.12 71.90
C LYS A 1231 27.48 52.12 72.00
N PHE A 1232 26.76 51.95 70.88
CA PHE A 1232 25.31 51.95 70.92
C PHE A 1232 24.75 50.70 71.59
N CYS A 1233 25.43 49.56 71.43
CA CYS A 1233 25.00 48.28 71.96
C CYS A 1233 25.95 47.75 73.02
N ALA A 1234 26.39 48.65 73.92
CA ALA A 1234 27.35 48.25 74.95
C ALA A 1234 26.73 47.30 75.96
N GLY A 1235 25.69 47.76 76.67
CA GLY A 1235 25.05 46.99 77.71
C GLY A 1235 23.54 46.95 77.60
N ASN A 1236 23.03 46.88 76.38
CA ASN A 1236 21.61 46.85 76.10
C ASN A 1236 21.26 45.56 75.36
N PRO A 1237 20.49 44.63 75.93
CA PRO A 1237 20.12 43.43 75.14
C PRO A 1237 19.24 43.75 73.96
N GLY A 1238 18.40 44.78 74.05
CA GLY A 1238 17.55 45.13 72.92
C GLY A 1238 18.35 45.62 71.73
N ASN A 1239 19.32 46.52 71.98
CA ASN A 1239 20.18 46.98 70.90
C ASN A 1239 21.03 45.84 70.35
N GLN A 1240 21.45 44.92 71.21
CA GLN A 1240 22.21 43.76 70.75
C GLN A 1240 21.37 42.90 69.82
N ALA A 1241 20.12 42.66 70.19
CA ALA A 1241 19.23 41.88 69.32
C ALA A 1241 18.94 42.62 68.02
N LEU A 1242 18.80 43.94 68.09
CA LEU A 1242 18.57 44.72 66.87
C LEU A 1242 19.76 44.63 65.93
N LEU A 1243 20.98 44.71 66.48
CA LEU A 1243 22.17 44.55 65.65
C LEU A 1243 22.28 43.13 65.11
N HIS A 1244 21.88 42.14 65.90
CA HIS A 1244 21.86 40.76 65.42
C HIS A 1244 20.86 40.57 64.28
N LYS A 1245 19.77 41.35 64.28
CA LYS A 1245 18.81 41.27 63.19
C LYS A 1245 19.41 41.77 61.88
N HIS A 1246 20.38 42.67 61.95
CA HIS A 1246 21.07 43.21 60.77
C HIS A 1246 22.43 42.58 60.57
N LEU A 1247 22.57 41.28 60.89
CA LEU A 1247 23.83 40.58 60.74
C LEU A 1247 24.19 40.27 59.29
N HIS A 1248 23.27 40.50 58.35
CA HIS A 1248 23.58 40.24 56.94
C HIS A 1248 24.65 41.21 56.44
N LEU A 1249 24.59 42.46 56.87
CA LEU A 1249 25.59 43.45 56.46
C LEU A 1249 26.89 43.30 57.24
N PHE A 1250 26.82 42.80 58.47
CA PHE A 1250 28.01 42.61 59.28
C PHE A 1250 28.78 41.32 58.95
N LEU A 1251 28.27 40.51 58.03
CA LEU A 1251 28.92 39.26 57.67
C LEU A 1251 30.06 39.44 56.66
N THR A 1252 30.26 40.64 56.14
CA THR A 1252 31.29 40.86 55.15
C THR A 1252 32.68 40.76 55.80
N PRO A 1253 33.74 40.64 55.01
CA PRO A 1253 35.09 40.56 55.57
C PRO A 1253 35.62 41.93 55.95
N GLY A 1254 36.56 41.91 56.89
CA GLY A 1254 37.18 43.12 57.38
C GLY A 1254 37.74 42.92 58.77
N LEU A 1255 38.71 43.75 59.12
CA LEU A 1255 39.36 43.66 60.42
C LEU A 1255 38.48 44.23 61.53
N LEU A 1256 38.10 45.51 61.40
CA LEU A 1256 37.25 46.14 62.40
C LEU A 1256 35.84 45.57 62.43
N GLU A 1257 35.40 44.96 61.33
CA GLU A 1257 34.07 44.37 61.29
C GLU A 1257 33.95 43.23 62.28
N ALA A 1258 35.00 42.40 62.38
CA ALA A 1258 34.98 41.31 63.35
C ALA A 1258 34.99 41.84 64.78
N GLU A 1259 35.72 42.93 65.03
CA GLU A 1259 35.72 43.52 66.36
C GLU A 1259 34.34 44.08 66.70
N THR A 1260 33.67 44.68 65.73
CA THR A 1260 32.31 45.18 65.95
C THR A 1260 31.35 44.03 66.23
N MET A 1261 31.49 42.93 65.49
CA MET A 1261 30.65 41.76 65.74
C MET A 1261 30.90 41.19 67.13
N GLN A 1262 32.17 41.18 67.57
CA GLN A 1262 32.47 40.70 68.91
C GLN A 1262 31.86 41.61 69.96
N HIS A 1263 31.93 42.92 69.76
CA HIS A 1263 31.30 43.86 70.68
C HIS A 1263 29.78 43.71 70.68
N ILE A 1264 29.20 43.24 69.58
CA ILE A 1264 27.75 43.12 69.50
C ILE A 1264 27.27 41.93 70.31
N PHE A 1265 28.01 40.81 70.27
CA PHE A 1265 27.60 39.57 70.93
C PHE A 1265 28.21 39.43 72.32
N LEU A 1266 28.44 40.52 73.03
CA LEU A 1266 29.01 40.46 74.36
C LEU A 1266 27.90 40.18 75.37
N ASN A 1267 27.98 39.02 76.04
CA ASN A 1267 27.05 38.65 77.11
C ASN A 1267 25.61 38.62 76.61
N ASN A 1268 25.41 38.08 75.41
CA ASN A 1268 24.10 37.91 74.79
C ASN A 1268 23.74 36.44 74.89
N TYR A 1269 23.07 36.06 75.98
CA TYR A 1269 22.69 34.66 76.18
C TYR A 1269 21.60 34.24 75.21
N GLN A 1270 20.71 35.16 74.82
CA GLN A 1270 19.66 34.83 73.87
C GLN A 1270 20.17 34.72 72.44
N LEU A 1271 21.27 35.39 72.11
CA LEU A 1271 21.83 35.38 70.76
C LEU A 1271 22.95 34.36 70.61
N CYS A 1272 23.83 34.22 71.61
CA CYS A 1272 24.95 33.29 71.50
C CYS A 1272 24.49 31.84 71.59
N SER A 1273 23.44 31.57 72.37
CA SER A 1273 22.96 30.20 72.48
C SER A 1273 22.36 29.70 71.16
N GLU A 1274 21.68 30.58 70.44
CA GLU A 1274 21.10 30.27 69.14
C GLU A 1274 21.96 30.76 67.98
N ILE A 1275 23.28 30.75 68.16
CA ILE A 1275 24.19 31.22 67.12
C ILE A 1275 24.11 30.28 65.92
N SER A 1276 24.19 30.85 64.72
CA SER A 1276 24.05 30.08 63.49
C SER A 1276 25.35 29.38 63.14
N GLU A 1277 25.23 28.19 62.58
CA GLU A 1277 26.39 27.44 62.11
C GLU A 1277 27.10 28.14 60.95
N PRO A 1278 26.42 28.56 59.87
CA PRO A 1278 27.15 29.19 58.77
C PRO A 1278 27.87 30.47 59.15
N VAL A 1279 27.38 31.20 60.15
CA VAL A 1279 28.09 32.41 60.59
C VAL A 1279 29.46 32.06 61.13
N LEU A 1280 29.52 31.13 62.08
CA LEU A 1280 30.81 30.70 62.64
C LEU A 1280 31.66 30.02 61.57
N GLN A 1281 31.03 29.32 60.62
CA GLN A 1281 31.78 28.73 59.52
C GLN A 1281 32.48 29.81 58.70
N HIS A 1282 31.75 30.88 58.37
CA HIS A 1282 32.35 31.98 57.62
C HIS A 1282 33.46 32.65 58.43
N PHE A 1283 33.26 32.77 59.75
CA PHE A 1283 34.27 33.44 60.56
C PHE A 1283 35.55 32.61 60.63
N VAL A 1284 35.44 31.29 60.78
CA VAL A 1284 36.65 30.48 60.82
C VAL A 1284 37.28 30.39 59.44
N HIS A 1285 36.47 30.45 58.37
CA HIS A 1285 37.03 30.55 57.02
C HIS A 1285 37.86 31.82 56.88
N LEU A 1286 37.34 32.94 57.40
CA LEU A 1286 38.09 34.19 57.37
C LEU A 1286 39.38 34.07 58.19
N LEU A 1287 39.30 33.42 59.35
CA LEU A 1287 40.49 33.26 60.19
C LEU A 1287 41.54 32.42 59.47
N ALA A 1288 41.12 31.43 58.70
CA ALA A 1288 42.07 30.60 57.96
C ALA A 1288 42.61 31.32 56.73
N THR A 1289 41.81 32.20 56.11
CA THR A 1289 42.21 32.83 54.86
C THR A 1289 43.11 34.05 55.11
N HIS A 1290 42.64 34.99 55.93
CA HIS A 1290 43.33 36.27 56.06
C HIS A 1290 44.67 36.17 56.79
N GLY A 1291 44.93 35.07 57.49
CA GLY A 1291 46.23 34.84 58.12
C GLY A 1291 46.22 34.89 59.63
N ARG A 1292 45.12 34.44 60.23
CA ARG A 1292 45.03 34.25 61.68
C ARG A 1292 45.27 35.56 62.44
N HIS A 1293 44.37 36.52 62.23
CA HIS A 1293 44.40 37.75 63.01
C HIS A 1293 43.87 37.50 64.41
N VAL A 1294 44.33 38.32 65.35
CA VAL A 1294 43.91 38.14 66.75
C VAL A 1294 42.47 38.57 66.98
N GLN A 1295 41.90 39.40 66.10
CA GLN A 1295 40.55 39.89 66.30
C GLN A 1295 39.53 38.77 66.15
N TYR A 1296 39.76 37.85 65.21
CA TYR A 1296 38.87 36.70 65.09
C TYR A 1296 38.99 35.79 66.32
N LEU A 1297 40.18 35.66 66.89
CA LEU A 1297 40.33 34.90 68.13
C LEU A 1297 39.57 35.56 69.27
N ASP A 1298 39.60 36.90 69.34
CA ASP A 1298 38.83 37.60 70.36
C ASP A 1298 37.34 37.41 70.14
N PHE A 1299 36.90 37.41 68.88
CA PHE A 1299 35.50 37.14 68.58
C PHE A 1299 35.10 35.75 69.02
N LEU A 1300 35.96 34.76 68.77
CA LEU A 1300 35.68 33.40 69.22
C LEU A 1300 35.62 33.32 70.74
N HIS A 1301 36.51 34.05 71.42
CA HIS A 1301 36.47 34.10 72.88
C HIS A 1301 35.17 34.70 73.38
N THR A 1302 34.69 35.75 72.70
CA THR A 1302 33.44 36.37 73.12
C THR A 1302 32.24 35.48 72.84
N VAL A 1303 32.28 34.71 71.75
CA VAL A 1303 31.15 33.87 71.37
C VAL A 1303 31.16 32.50 72.04
N ILE A 1304 32.29 32.09 72.62
CA ILE A 1304 32.36 30.76 73.24
C ILE A 1304 31.66 30.75 74.59
N LYS A 1305 32.14 31.57 75.53
CA LYS A 1305 31.54 31.64 76.85
C LYS A 1305 30.34 32.57 76.82
N ALA A 1306 29.19 32.04 77.23
CA ALA A 1306 27.95 32.82 77.25
C ALA A 1306 27.90 33.67 78.51
N GLU A 1307 26.77 34.36 78.73
CA GLU A 1307 26.65 35.21 79.91
C GLU A 1307 26.60 34.37 81.19
N GLY A 1308 25.99 33.19 81.13
CA GLY A 1308 25.89 32.31 82.28
C GLY A 1308 26.97 31.24 82.26
N LYS A 1309 26.58 30.00 81.98
CA LYS A 1309 27.51 28.89 81.92
C LYS A 1309 28.12 28.83 80.52
N TYR A 1310 28.86 27.76 80.24
CA TYR A 1310 29.47 27.56 78.94
C TYR A 1310 28.43 27.09 77.93
N VAL A 1311 28.71 27.38 76.65
CA VAL A 1311 27.80 26.97 75.58
C VAL A 1311 27.85 25.46 75.40
N LYS A 1312 26.81 24.92 74.77
CA LYS A 1312 26.67 23.49 74.52
C LYS A 1312 26.92 23.12 73.07
N LYS A 1313 26.25 23.77 72.13
CA LYS A 1313 26.36 23.45 70.72
C LYS A 1313 27.47 24.23 70.01
N CYS A 1314 27.91 25.35 70.58
CA CYS A 1314 28.91 26.19 69.92
C CYS A 1314 30.32 25.65 70.12
N GLN A 1315 30.61 25.14 71.32
CA GLN A 1315 31.97 24.67 71.62
C GLN A 1315 32.35 23.48 70.75
N ASP A 1316 31.43 22.54 70.57
CA ASP A 1316 31.73 21.36 69.76
C ASP A 1316 31.95 21.74 68.31
N MET A 1317 31.11 22.62 67.76
CA MET A 1317 31.28 23.05 66.38
C MET A 1317 32.58 23.82 66.20
N ILE A 1318 32.95 24.65 67.18
CA ILE A 1318 34.19 25.40 67.08
C ILE A 1318 35.38 24.46 67.12
N MET A 1319 35.34 23.46 68.00
CA MET A 1319 36.43 22.50 68.08
C MET A 1319 36.55 21.70 66.79
N THR A 1320 35.42 21.27 66.22
CA THR A 1320 35.45 20.51 64.98
C THR A 1320 35.99 21.36 63.84
N GLU A 1321 35.59 22.63 63.78
CA GLU A 1321 36.07 23.51 62.71
C GLU A 1321 37.56 23.82 62.87
N LEU A 1322 38.03 23.95 64.11
CA LEU A 1322 39.45 24.21 64.33
C LEU A 1322 40.31 22.98 64.05
N THR A 1323 39.77 21.79 64.30
CA THR A 1323 40.52 20.57 64.05
C THR A 1323 40.53 20.18 62.58
N ASN A 1324 39.40 20.39 61.89
CA ASN A 1324 39.28 20.03 60.49
C ASN A 1324 39.80 21.11 59.54
N ALA A 1325 40.22 22.26 60.06
CA ALA A 1325 40.75 23.31 59.19
C ALA A 1325 42.10 22.93 58.60
N GLY A 1326 42.83 22.03 59.26
CA GLY A 1326 44.14 21.61 58.81
C GLY A 1326 45.26 22.33 59.54
N ASP A 1327 46.46 22.19 59.00
CA ASP A 1327 47.64 22.83 59.57
C ASP A 1327 47.78 24.29 59.18
N ASP A 1328 46.83 24.85 58.43
CA ASP A 1328 46.93 26.25 58.03
C ASP A 1328 46.68 27.16 59.22
N VAL A 1329 45.49 27.11 59.80
CA VAL A 1329 45.17 27.89 61.01
C VAL A 1329 45.57 27.00 62.19
N VAL A 1330 46.85 27.06 62.54
CA VAL A 1330 47.38 26.32 63.68
C VAL A 1330 48.81 26.79 63.93
N VAL A 1331 49.17 26.96 65.21
CA VAL A 1331 50.52 27.37 65.60
C VAL A 1331 50.93 26.48 66.76
N PHE A 1332 51.68 25.42 66.48
CA PHE A 1332 52.23 24.52 67.48
C PHE A 1332 53.74 24.45 67.21
N TYR A 1333 54.50 25.32 67.85
CA TYR A 1333 55.92 25.45 67.57
C TYR A 1333 56.65 24.29 68.22
N ASN A 1334 57.01 23.29 67.41
CA ASN A 1334 57.86 22.20 67.87
C ASN A 1334 59.34 22.53 67.72
N ASP A 1335 59.69 23.45 66.83
CA ASP A 1335 61.07 23.85 66.63
C ASP A 1335 61.48 24.89 67.67
N LYS A 1336 62.76 24.86 68.04
CA LYS A 1336 63.29 25.80 69.02
C LYS A 1336 63.53 27.19 68.44
N ALA A 1337 63.68 27.30 67.11
CA ALA A 1337 63.91 28.61 66.50
C ALA A 1337 62.69 29.51 66.60
N SER A 1338 61.50 28.92 66.69
CA SER A 1338 60.28 29.73 66.80
C SER A 1338 60.14 30.34 68.18
N LEU A 1339 60.47 29.58 69.23
CA LEU A 1339 60.39 30.10 70.60
C LEU A 1339 61.60 30.93 70.98
N ALA A 1340 62.75 30.70 70.35
CA ALA A 1340 63.93 31.49 70.67
C ALA A 1340 63.78 32.94 70.20
N HIS A 1341 63.06 33.16 69.11
CA HIS A 1341 62.86 34.51 68.59
C HIS A 1341 61.80 35.25 69.40
N ASP A 1355 50.55 44.20 71.50
CA ASP A 1355 49.13 43.94 71.33
C ASP A 1355 48.91 42.87 70.28
N HIS A 1356 49.03 43.25 69.01
CA HIS A 1356 48.88 42.32 67.89
C HIS A 1356 50.26 41.75 67.56
N SER A 1357 50.45 40.46 67.82
CA SER A 1357 51.72 39.80 67.58
C SER A 1357 51.47 38.31 67.40
N PRO A 1358 52.40 37.58 66.78
CA PRO A 1358 52.21 36.13 66.66
C PRO A 1358 52.26 35.40 67.99
N LEU A 1359 53.05 35.89 68.95
CA LEU A 1359 53.05 35.29 70.28
C LEU A 1359 51.71 35.49 70.97
N MET A 1360 51.15 36.70 70.89
CA MET A 1360 49.82 36.93 71.41
C MET A 1360 48.78 36.12 70.65
N TYR A 1361 49.00 35.89 69.36
CA TYR A 1361 48.09 35.05 68.59
C TYR A 1361 48.11 33.62 69.11
N HIS A 1362 49.30 33.09 69.38
CA HIS A 1362 49.39 31.74 69.93
C HIS A 1362 48.79 31.67 71.32
N ILE A 1363 48.96 32.73 72.12
CA ILE A 1363 48.38 32.76 73.46
C ILE A 1363 46.86 32.71 73.36
N SER A 1364 46.29 33.52 72.46
CA SER A 1364 44.85 33.53 72.28
C SER A 1364 44.35 32.19 71.75
N LEU A 1365 45.12 31.56 70.86
CA LEU A 1365 44.72 30.26 70.34
C LEU A 1365 44.73 29.20 71.43
N VAL A 1366 45.74 29.23 72.30
CA VAL A 1366 45.80 28.28 73.41
C VAL A 1366 44.66 28.52 74.38
N ASP A 1367 44.33 29.79 74.64
CA ASP A 1367 43.21 30.10 75.51
C ASP A 1367 41.90 29.62 74.91
N LEU A 1368 41.73 29.77 73.59
CA LEU A 1368 40.52 29.30 72.94
C LEU A 1368 40.43 27.78 72.98
N LEU A 1369 41.56 27.10 72.79
CA LEU A 1369 41.58 25.65 72.87
C LEU A 1369 41.25 25.18 74.28
N ALA A 1370 41.72 25.89 75.30
CA ALA A 1370 41.39 25.56 76.67
C ALA A 1370 39.91 25.77 76.95
N ALA A 1371 39.36 26.88 76.45
CA ALA A 1371 37.93 27.15 76.63
C ALA A 1371 37.07 26.14 75.88
N CYS A 1372 37.59 25.58 74.79
CA CYS A 1372 36.82 24.61 74.02
C CYS A 1372 36.58 23.33 74.80
N ALA A 1373 37.47 23.00 75.75
CA ALA A 1373 37.36 21.78 76.55
C ALA A 1373 37.73 22.12 77.98
N GLU A 1374 36.71 22.44 78.79
CA GLU A 1374 36.85 22.65 80.22
C GLU A 1374 35.97 21.73 81.04
N GLY A 1375 34.75 21.47 80.58
CA GLY A 1375 33.85 20.53 81.23
C GLY A 1375 34.08 19.11 80.78
N LYS A 1376 33.03 18.32 80.84
CA LYS A 1376 33.08 16.92 80.44
C LYS A 1376 32.86 16.82 78.93
N ASN A 1377 33.94 16.57 78.19
CA ASN A 1377 33.88 16.40 76.75
C ASN A 1377 34.89 15.33 76.34
N VAL A 1378 34.41 14.31 75.65
CA VAL A 1378 35.26 13.16 75.33
C VAL A 1378 36.09 13.42 74.10
N TYR A 1379 35.44 13.61 72.94
CA TYR A 1379 36.18 13.76 71.70
C TYR A 1379 36.87 15.11 71.61
N THR A 1380 36.30 16.16 72.21
CA THR A 1380 36.96 17.46 72.24
C THR A 1380 38.28 17.37 73.01
N GLU A 1381 38.24 16.76 74.20
CA GLU A 1381 39.46 16.58 74.97
C GLU A 1381 40.43 15.65 74.27
N ILE A 1382 39.92 14.65 73.56
CA ILE A 1382 40.79 13.74 72.81
C ILE A 1382 41.55 14.49 71.72
N LYS A 1383 40.83 15.33 70.97
CA LYS A 1383 41.47 16.13 69.93
C LYS A 1383 42.45 17.13 70.54
N CYS A 1384 42.10 17.69 71.71
CA CYS A 1384 43.01 18.63 72.36
C CYS A 1384 44.30 17.93 72.79
N THR A 1385 44.20 16.71 73.31
CA THR A 1385 45.38 15.97 73.70
C THR A 1385 46.20 15.55 72.48
N SER A 1386 45.52 15.20 71.39
CA SER A 1386 46.23 14.81 70.17
C SER A 1386 46.92 16.01 69.52
N LEU A 1387 46.39 17.21 69.71
CA LEU A 1387 46.99 18.39 69.10
C LEU A 1387 48.26 18.83 69.81
N LEU A 1388 48.29 18.69 71.14
CA LEU A 1388 49.41 19.14 71.96
C LEU A 1388 49.87 17.97 72.82
N PRO A 1389 51.08 17.45 72.67
CA PRO A 1389 51.55 16.41 73.58
C PRO A 1389 51.80 16.96 74.98
N LEU A 1390 51.60 16.10 75.97
CA LEU A 1390 51.85 16.51 77.36
C LEU A 1390 53.34 16.62 77.63
N GLU A 1391 54.13 15.66 77.15
CA GLU A 1391 55.58 15.72 77.32
C GLU A 1391 56.16 16.93 76.60
N ASP A 1392 55.63 17.24 75.41
CA ASP A 1392 56.09 18.43 74.69
C ASP A 1392 55.78 19.70 75.47
N VAL A 1393 54.60 19.75 76.10
CA VAL A 1393 54.24 20.92 76.91
C VAL A 1393 55.16 21.03 78.12
N VAL A 1394 55.48 19.90 78.75
CA VAL A 1394 56.38 19.91 79.89
C VAL A 1394 57.77 20.36 79.48
N SER A 1395 58.21 19.96 78.29
CA SER A 1395 59.52 20.39 77.80
C SER A 1395 59.52 21.87 77.47
N VAL A 1396 58.43 22.37 76.90
CA VAL A 1396 58.34 23.80 76.58
C VAL A 1396 58.26 24.63 77.86
N VAL A 1397 57.69 24.08 78.93
CA VAL A 1397 57.63 24.79 80.19
C VAL A 1397 59.02 25.00 80.76
N THR A 1398 59.93 24.07 80.52
CA THR A 1398 61.30 24.19 81.02
C THR A 1398 62.07 25.24 80.24
N THR A 1404 57.54 35.37 78.69
CA THR A 1404 57.45 34.43 79.82
C THR A 1404 56.05 34.36 80.42
N GLU A 1405 55.04 34.82 79.67
CA GLU A 1405 53.67 34.82 80.11
C GLU A 1405 52.85 33.71 79.45
N VAL A 1406 53.49 32.65 78.98
CA VAL A 1406 52.80 31.54 78.35
C VAL A 1406 52.39 30.48 79.36
N LYS A 1407 52.54 30.79 80.66
CA LYS A 1407 52.15 29.85 81.70
C LYS A 1407 50.64 29.71 81.81
N MET A 1408 49.87 30.71 81.33
CA MET A 1408 48.42 30.63 81.42
C MET A 1408 47.87 29.49 80.59
N ALA A 1409 48.53 29.15 79.49
CA ALA A 1409 48.07 28.05 78.64
C ALA A 1409 48.11 26.73 79.41
N TYR A 1410 49.26 26.42 80.04
CA TYR A 1410 49.36 25.21 80.82
C TYR A 1410 48.52 25.29 82.09
N VAL A 1411 48.29 26.49 82.62
CA VAL A 1411 47.48 26.64 83.81
C VAL A 1411 46.02 26.29 83.51
N ASN A 1412 45.49 26.77 82.39
CA ASN A 1412 44.12 26.47 82.00
C ASN A 1412 43.98 25.07 81.42
N PHE A 1413 45.06 24.51 80.85
CA PHE A 1413 45.05 23.13 80.40
C PHE A 1413 45.18 22.14 81.55
N VAL A 1414 45.42 22.62 82.77
CA VAL A 1414 45.54 21.73 83.93
C VAL A 1414 44.23 21.03 84.22
N ASN A 1415 43.11 21.58 83.75
CA ASN A 1415 41.81 20.94 83.91
C ASN A 1415 41.84 19.54 83.30
N HIS A 1416 41.50 18.53 84.11
CA HIS A 1416 41.59 17.14 83.72
C HIS A 1416 40.34 16.40 84.15
N CYS A 1417 39.75 15.66 83.20
CA CYS A 1417 38.54 14.87 83.46
C CYS A 1417 37.40 15.75 83.96
N UNK A 1418 50.54 40.56 86.31
CA UNK A 1418 51.91 40.28 85.88
C UNK A 1418 52.50 39.15 86.73
N UNK A 1419 52.95 39.50 87.94
CA UNK A 1419 53.49 38.52 88.87
C UNK A 1419 52.42 37.99 89.81
N UNK A 1420 51.50 38.85 90.25
CA UNK A 1420 50.41 38.40 91.11
C UNK A 1420 49.48 37.46 90.36
N UNK A 1421 49.14 37.79 89.11
CA UNK A 1421 48.30 36.90 88.30
C UNK A 1421 49.01 35.58 88.04
N UNK A 1422 50.33 35.63 87.80
CA UNK A 1422 51.08 34.40 87.60
C UNK A 1422 51.08 33.53 88.85
N UNK A 1423 51.26 34.14 90.01
CA UNK A 1423 51.23 33.39 91.26
C UNK A 1423 49.84 32.80 91.51
N UNK A 1424 48.79 33.55 91.20
CA UNK A 1424 47.45 33.01 91.35
C UNK A 1424 47.18 31.85 90.43
N UNK A 1425 47.63 31.95 89.17
CA UNK A 1425 47.46 30.84 88.24
C UNK A 1425 48.26 29.62 88.68
N UNK A 1426 49.46 29.84 89.22
CA UNK A 1426 50.27 28.73 89.70
C UNK A 1426 49.59 28.06 90.89
N UNK A 1427 49.00 28.85 91.79
CA UNK A 1427 48.29 28.28 92.93
C UNK A 1427 47.06 27.51 92.47
N UNK A 1428 46.33 28.02 91.48
CA UNK A 1428 45.18 27.32 90.95
C UNK A 1428 45.60 26.00 90.30
N UNK A 1429 46.72 26.01 89.57
CA UNK A 1429 47.20 24.79 88.93
C UNK A 1429 47.64 23.77 89.99
N UNK A 1430 48.28 24.23 91.05
CA UNK A 1430 48.70 23.32 92.12
C UNK A 1430 47.50 22.73 92.82
N UNK A 1431 46.45 23.54 93.03
CA UNK A 1431 45.24 23.03 93.66
C UNK A 1431 44.51 22.05 92.73
N UNK A 1432 44.57 22.27 91.42
CA UNK A 1432 43.94 21.35 90.48
C UNK A 1432 44.70 20.04 90.39
N UNK A 1433 46.03 20.08 90.52
CA UNK A 1433 46.85 18.89 90.45
C UNK A 1433 46.85 18.16 91.79
N ASP A 1434 13.40 57.99 89.37
CA ASP A 1434 12.01 58.41 89.24
C ASP A 1434 11.55 58.38 87.79
N TYR A 1435 12.43 58.82 86.88
CA TYR A 1435 12.09 58.85 85.47
C TYR A 1435 11.89 57.45 84.90
N LYS A 1436 12.61 56.46 85.42
CA LYS A 1436 12.47 55.10 84.93
C LYS A 1436 11.10 54.53 85.25
N ASN A 1437 10.61 54.76 86.47
CA ASN A 1437 9.28 54.30 86.84
C ASN A 1437 8.21 55.00 86.01
N ILE A 1438 8.40 56.30 85.75
CA ILE A 1438 7.44 57.04 84.93
C ILE A 1438 7.41 56.50 83.52
N ILE A 1439 8.59 56.19 82.96
CA ILE A 1439 8.65 55.65 81.61
C ILE A 1439 8.00 54.27 81.55
N GLU A 1440 8.24 53.44 82.56
CA GLU A 1440 7.61 52.12 82.60
C GLU A 1440 6.10 52.23 82.71
N LYS A 1441 5.61 53.16 83.53
CA LYS A 1441 4.17 53.35 83.66
C LYS A 1441 3.57 53.86 82.36
N LEU A 1442 4.28 54.76 81.66
CA LEU A 1442 3.79 55.25 80.38
C LEU A 1442 3.73 54.14 79.35
N GLN A 1443 4.75 53.29 79.31
CA GLN A 1443 4.76 52.17 78.37
C GLN A 1443 3.63 51.20 78.67
N ASP A 1444 3.41 50.90 79.96
CA ASP A 1444 2.32 49.99 80.32
C ASP A 1444 0.97 50.59 79.97
N ILE A 1445 0.79 51.89 80.20
CA ILE A 1445 -0.49 52.54 79.88
C ILE A 1445 -0.71 52.53 78.37
N ILE A 1446 0.34 52.78 77.58
CA ILE A 1446 0.20 52.77 76.13
C ILE A 1446 -0.15 51.37 75.65
N THR A 1447 0.50 50.35 76.19
CA THR A 1447 0.20 48.98 75.80
C THR A 1447 -1.24 48.60 76.15
N ALA A 1448 -1.69 48.98 77.35
CA ALA A 1448 -3.07 48.67 77.75
C ALA A 1448 -4.07 49.41 76.87
N LEU A 1449 -3.80 50.68 76.55
CA LEU A 1449 -4.71 51.43 75.69
C LEU A 1449 -4.77 50.83 74.30
N GLU A 1450 -3.62 50.39 73.77
CA GLU A 1450 -3.61 49.76 72.45
C GLU A 1450 -4.40 48.46 72.48
N GLU A 1451 -4.18 47.63 73.50
CA GLU A 1451 -4.89 46.36 73.60
C GLU A 1451 -6.39 46.56 73.78
N ARG A 1452 -6.79 47.67 74.42
CA ARG A 1452 -8.21 47.94 74.61
C ARG A 1452 -8.86 48.54 73.37
N LEU A 1453 -8.11 49.34 72.61
CA LEU A 1453 -8.66 50.07 71.46
C LEU A 1453 -8.47 49.34 70.13
N LYS A 1454 -7.73 48.23 70.10
CA LYS A 1454 -7.61 47.48 68.86
C LYS A 1454 -8.95 47.01 68.33
N PRO A 1455 -9.89 46.51 69.15
CA PRO A 1455 -11.21 46.17 68.61
C PRO A 1455 -11.95 47.37 68.06
N LEU A 1456 -11.78 48.54 68.67
CA LEU A 1456 -12.37 49.76 68.13
C LEU A 1456 -11.79 50.08 66.76
N VAL A 1457 -10.48 49.87 66.58
CA VAL A 1457 -9.86 50.12 65.27
C VAL A 1457 -10.40 49.14 64.24
N GLN A 1458 -10.57 47.88 64.63
CA GLN A 1458 -11.14 46.89 63.71
C GLN A 1458 -12.56 47.27 63.31
N ALA A 1459 -13.37 47.71 64.29
CA ALA A 1459 -14.72 48.13 63.98
C ALA A 1459 -14.73 49.36 63.08
N GLU A 1460 -13.78 50.27 63.28
CA GLU A 1460 -13.70 51.45 62.42
C GLU A 1460 -13.33 51.05 61.00
N LEU A 1461 -12.42 50.09 60.85
CA LEU A 1461 -12.06 49.61 59.51
C LEU A 1461 -13.27 48.94 58.84
N SER A 1462 -14.03 48.17 59.61
CA SER A 1462 -15.23 47.54 59.06
C SER A 1462 -16.24 48.58 58.62
N VAL A 1463 -16.42 49.63 59.42
CA VAL A 1463 -17.35 50.70 59.08
C VAL A 1463 -16.87 51.44 57.83
N LEU A 1464 -15.56 51.62 57.70
CA LEU A 1464 -15.01 52.27 56.51
C LEU A 1464 -15.26 51.43 55.27
N VAL A 1465 -15.09 50.11 55.39
CA VAL A 1465 -15.37 49.23 54.26
C VAL A 1465 -16.84 49.29 53.89
N ASP A 1466 -17.73 49.27 54.89
CA ASP A 1466 -19.16 49.34 54.63
C ASP A 1466 -19.54 50.65 53.96
N VAL A 1467 -18.92 51.76 54.37
CA VAL A 1467 -19.22 53.04 53.77
C VAL A 1467 -18.70 53.10 52.34
N LEU A 1468 -17.51 52.54 52.11
CA LEU A 1468 -16.95 52.51 50.76
C LEU A 1468 -17.74 51.61 49.83
N HIS A 1469 -18.45 50.62 50.36
CA HIS A 1469 -19.22 49.72 49.50
C HIS A 1469 -20.45 50.43 48.94
N TRP A 1470 -21.18 51.17 49.79
CA TRP A 1470 -22.44 51.80 49.41
C TRP A 1470 -22.24 53.30 49.18
N PRO A 1471 -22.47 53.85 47.99
CA PRO A 1471 -22.37 55.31 47.82
C PRO A 1471 -23.65 56.07 48.07
N GLU A 1472 -24.80 55.41 48.12
CA GLU A 1472 -26.08 56.11 48.21
C GLU A 1472 -26.29 56.78 49.55
N LEU A 1473 -25.63 56.31 50.61
CA LEU A 1473 -25.87 56.87 51.94
C LEU A 1473 -25.31 58.28 52.06
N LEU A 1474 -24.15 58.55 51.47
CA LEU A 1474 -23.49 59.84 51.64
C LEU A 1474 -24.02 60.88 50.65
N PHE A 1475 -24.27 60.47 49.41
CA PHE A 1475 -24.67 61.43 48.38
C PHE A 1475 -26.09 61.95 48.64
N LEU A 1476 -27.08 61.07 48.61
CA LEU A 1476 -28.46 61.39 48.95
C LEU A 1476 -29.02 62.55 48.12
N GLU A 1477 -28.59 62.65 46.86
CA GLU A 1477 -29.07 63.72 45.99
C GLU A 1477 -30.46 63.42 45.44
N GLY A 1478 -30.66 62.23 44.91
CA GLY A 1478 -31.93 61.83 44.34
C GLY A 1478 -32.05 62.20 42.87
N ALA A 1481 -25.92 63.14 38.59
CA ALA A 1481 -25.69 63.25 40.02
C ALA A 1481 -25.80 61.88 40.69
N TYR A 1482 -27.04 61.39 40.83
CA TYR A 1482 -27.26 60.08 41.44
C TYR A 1482 -26.94 58.95 40.47
N GLN A 1483 -27.08 59.18 39.16
CA GLN A 1483 -26.75 58.15 38.18
C GLN A 1483 -25.26 57.85 38.18
N ARG A 1484 -24.42 58.87 38.45
CA ARG A 1484 -22.98 58.66 38.50
C ARG A 1484 -22.52 58.05 39.82
N CYS A 1485 -23.35 58.08 40.86
CA CYS A 1485 -22.93 57.59 42.17
C CYS A 1485 -23.07 56.08 42.27
N GLU A 1486 -24.29 55.56 42.12
CA GLU A 1486 -24.54 54.12 42.30
C GLU A 1486 -24.25 53.33 41.02
N SER A 1487 -24.96 53.66 39.94
CA SER A 1487 -24.80 52.92 38.69
C SER A 1487 -23.65 53.42 37.84
N GLY A 1488 -23.01 54.54 38.20
CA GLY A 1488 -21.92 55.07 37.41
C GLY A 1488 -20.61 54.33 37.59
N GLY A 1489 -20.44 53.61 38.68
CA GLY A 1489 -19.21 52.88 38.93
C GLY A 1489 -18.16 53.72 39.61
N PHE A 1490 -18.50 54.26 40.79
CA PHE A 1490 -17.51 54.99 41.58
C PHE A 1490 -16.32 54.09 41.93
N LEU A 1491 -16.60 52.82 42.21
CA LEU A 1491 -15.51 51.86 42.45
C LEU A 1491 -14.66 51.69 41.19
N SER A 1492 -15.27 51.77 40.01
CA SER A 1492 -14.49 51.67 38.78
C SER A 1492 -13.54 52.85 38.62
N LYS A 1493 -14.02 54.06 38.90
CA LYS A 1493 -13.15 55.22 38.86
C LYS A 1493 -12.06 55.14 39.90
N LEU A 1494 -12.38 54.61 41.09
CA LEU A 1494 -11.37 54.44 42.13
C LEU A 1494 -10.29 53.45 41.68
N ILE A 1495 -10.71 52.35 41.06
CA ILE A 1495 -9.74 51.36 40.58
C ILE A 1495 -8.88 51.95 39.47
N GLN A 1496 -9.49 52.74 38.58
CA GLN A 1496 -8.71 53.38 37.52
C GLN A 1496 -7.68 54.35 38.09
N HIS A 1497 -8.08 55.15 39.07
CA HIS A 1497 -7.15 56.09 39.69
C HIS A 1497 -6.05 55.35 40.46
N THR A 1498 -6.38 54.21 41.05
CA THR A 1498 -5.37 53.43 41.77
C THR A 1498 -4.37 52.80 40.80
N LYS A 1499 -4.86 52.34 39.64
CA LYS A 1499 -3.96 51.77 38.65
C LYS A 1499 -3.13 52.83 37.96
N ASP A 1500 -3.64 54.07 37.88
CA ASP A 1500 -2.90 55.14 37.23
C ASP A 1500 -1.84 55.73 38.16
N LEU A 1501 -2.19 55.98 39.42
CA LEU A 1501 -1.31 56.63 40.39
C LEU A 1501 -0.64 55.62 41.31
N MET A 1502 -0.32 54.42 40.82
CA MET A 1502 0.32 53.42 41.64
C MET A 1502 1.82 53.67 41.79
N GLU A 1503 2.45 54.30 40.79
CA GLU A 1503 3.90 54.50 40.81
C GLU A 1503 4.31 55.69 41.67
N SER A 1504 3.42 56.65 41.90
CA SER A 1504 3.80 57.84 42.66
C SER A 1504 3.90 57.52 44.15
N GLU A 1505 2.87 56.89 44.71
CA GLU A 1505 2.82 56.58 46.14
C GLU A 1505 2.33 55.14 46.30
N GLU A 1506 3.20 54.28 46.83
CA GLU A 1506 2.83 52.89 47.04
C GLU A 1506 1.98 52.69 48.29
N LYS A 1507 2.05 53.61 49.25
CA LYS A 1507 1.24 53.47 50.46
C LYS A 1507 -0.25 53.57 50.13
N LEU A 1508 -0.63 54.56 49.32
CA LEU A 1508 -2.02 54.67 48.91
C LEU A 1508 -2.46 53.46 48.10
N CYS A 1509 -1.57 52.93 47.27
CA CYS A 1509 -1.91 51.78 46.45
C CYS A 1509 -2.16 50.55 47.31
N ILE A 1510 -1.25 50.25 48.24
CA ILE A 1510 -1.44 49.07 49.09
C ILE A 1510 -2.63 49.28 50.03
N LYS A 1511 -2.91 50.52 50.43
CA LYS A 1511 -4.09 50.78 51.25
C LYS A 1511 -5.36 50.50 50.47
N VAL A 1512 -5.42 50.94 49.21
CA VAL A 1512 -6.59 50.67 48.38
C VAL A 1512 -6.73 49.17 48.13
N LEU A 1513 -5.60 48.48 47.96
CA LEU A 1513 -5.64 47.03 47.76
C LEU A 1513 -6.17 46.32 49.00
N ARG A 1514 -5.74 46.76 50.18
CA ARG A 1514 -6.23 46.17 51.42
C ARG A 1514 -7.72 46.45 51.60
N THR A 1515 -8.16 47.65 51.23
CA THR A 1515 -9.58 47.98 51.34
C THR A 1515 -10.41 47.11 50.40
N LEU A 1516 -9.95 46.92 49.16
CA LEU A 1516 -10.67 46.06 48.23
C LEU A 1516 -10.65 44.61 48.69
N GLN A 1517 -9.56 44.17 49.32
CA GLN A 1517 -9.48 42.82 49.85
C GLN A 1517 -10.50 42.62 50.97
N GLN A 1518 -10.57 43.58 51.90
CA GLN A 1518 -11.51 43.47 53.01
C GLN A 1518 -12.95 43.66 52.57
N MET A 1519 -13.18 44.34 51.45
CA MET A 1519 -14.55 44.57 50.99
C MET A 1519 -15.15 43.34 50.34
N LEU A 1520 -14.34 42.60 49.57
CA LEU A 1520 -14.83 41.41 48.85
C LEU A 1520 -14.68 40.16 49.72
N LEU A 1521 -15.34 40.19 50.88
CA LEU A 1521 -15.30 39.08 51.81
C LEU A 1521 -16.53 39.15 52.71
N LYS A 1522 -16.86 38.02 53.32
CA LYS A 1522 -18.00 37.96 54.21
C LYS A 1522 -17.70 38.69 55.52
N LYS A 1523 -18.71 39.36 56.05
CA LYS A 1523 -18.55 40.10 57.29
C LYS A 1523 -18.50 39.15 58.48
N THR A 1524 -17.87 39.62 59.55
CA THR A 1524 -17.74 38.87 60.79
C THR A 1524 -18.09 39.77 61.97
N LYS A 1525 -18.82 39.22 62.93
CA LYS A 1525 -19.25 39.99 64.09
C LYS A 1525 -18.09 40.16 65.07
N TYR A 1526 -17.88 41.40 65.49
CA TYR A 1526 -16.83 41.73 66.44
C TYR A 1526 -17.39 41.65 67.86
N GLY A 1527 -16.63 42.15 68.83
CA GLY A 1527 -17.06 42.13 70.21
C GLY A 1527 -18.29 42.98 70.47
N ASP A 1528 -18.76 42.99 71.72
CA ASP A 1528 -19.96 43.75 72.07
C ASP A 1528 -19.71 45.25 71.90
N ARG A 1529 -18.60 45.75 72.44
CA ARG A 1529 -18.27 47.17 72.28
C ARG A 1529 -18.04 47.51 70.82
N GLY A 1530 -17.32 46.65 70.10
CA GLY A 1530 -17.10 46.89 68.68
C GLY A 1530 -18.38 46.85 67.88
N ASN A 1531 -19.28 45.91 68.20
CA ASN A 1531 -20.56 45.84 67.51
C ASN A 1531 -21.40 47.09 67.78
N GLN A 1532 -21.41 47.55 69.02
CA GLN A 1532 -22.16 48.77 69.35
C GLN A 1532 -21.59 49.97 68.64
N LEU A 1533 -20.25 50.09 68.59
CA LEU A 1533 -19.63 51.21 67.89
C LEU A 1533 -19.93 51.17 66.41
N ARG A 1534 -19.88 49.97 65.81
CA ARG A 1534 -20.19 49.85 64.39
C ARG A 1534 -21.65 50.20 64.11
N LYS A 1535 -22.57 49.77 64.98
CA LYS A 1535 -23.97 50.09 64.80
C LYS A 1535 -24.21 51.59 64.92
N MET A 1536 -23.56 52.23 65.89
CA MET A 1536 -23.70 53.69 66.04
C MET A 1536 -23.15 54.42 64.83
N LEU A 1537 -21.97 54.01 64.35
CA LEU A 1537 -21.38 54.67 63.18
C LEU A 1537 -22.24 54.46 61.95
N LEU A 1538 -22.84 53.27 61.81
CA LEU A 1538 -23.71 53.01 60.67
C LEU A 1538 -24.97 53.87 60.74
N GLN A 1539 -25.58 53.96 61.93
CA GLN A 1539 -26.76 54.81 62.08
C GLN A 1539 -26.43 56.27 61.85
N ASN A 1540 -25.19 56.68 62.14
CA ASN A 1540 -24.82 58.08 61.96
C ASN A 1540 -24.53 58.41 60.50
N TYR A 1541 -23.79 57.53 59.81
CA TYR A 1541 -23.35 57.82 58.46
C TYR A 1541 -24.37 57.43 57.40
N LEU A 1542 -25.21 56.42 57.65
CA LEU A 1542 -26.16 55.96 56.65
C LEU A 1542 -27.33 56.95 56.53
N GLN A 1543 -28.09 57.10 57.61
CA GLN A 1543 -29.24 58.01 57.64
C GLN A 1543 -30.26 57.65 56.56
N ASN A 1544 -30.45 56.35 56.33
CA ASN A 1544 -31.39 55.89 55.33
C ASN A 1544 -31.79 54.44 55.59
N ASP A 1564 -25.78 32.51 50.94
CA ASP A 1564 -24.55 33.22 51.31
C ASP A 1564 -23.65 33.43 50.10
N TRP A 1565 -23.43 32.37 49.33
CA TRP A 1565 -22.57 32.44 48.16
C TRP A 1565 -23.14 33.36 47.08
N SER A 1566 -24.45 33.55 47.05
CA SER A 1566 -25.05 34.41 46.03
C SER A 1566 -24.58 35.85 46.19
N ALA A 1567 -24.53 36.35 47.42
CA ALA A 1567 -24.09 37.73 47.65
C ALA A 1567 -22.61 37.90 47.29
N ILE A 1568 -21.78 36.92 47.66
CA ILE A 1568 -20.36 37.01 47.32
C ILE A 1568 -20.16 36.96 45.82
N ALA A 1569 -20.94 36.13 45.13
CA ALA A 1569 -20.82 36.04 43.68
C ALA A 1569 -21.28 37.34 43.01
N ALA A 1570 -22.35 37.95 43.53
CA ALA A 1570 -22.80 39.22 42.99
C ALA A 1570 -21.77 40.31 43.21
N THR A 1571 -21.15 40.34 44.39
CA THR A 1571 -20.11 41.32 44.67
C THR A 1571 -18.91 41.12 43.75
N GLN A 1572 -18.52 39.87 43.53
CA GLN A 1572 -17.41 39.59 42.63
C GLN A 1572 -17.72 40.00 41.20
N CYS A 1573 -18.95 39.74 40.74
CA CYS A 1573 -19.35 40.13 39.40
C CYS A 1573 -19.38 41.64 39.26
N ARG A 1574 -19.85 42.35 40.29
CA ARG A 1574 -19.87 43.80 40.23
C ARG A 1574 -18.46 44.38 40.23
N LEU A 1575 -17.55 43.78 41.00
CA LEU A 1575 -16.17 44.24 41.00
C LEU A 1575 -15.49 43.97 39.67
N ASP A 1576 -15.81 42.84 39.05
CA ASP A 1576 -15.23 42.52 37.74
C ASP A 1576 -15.79 43.42 36.65
N LYS A 1577 -17.06 43.80 36.75
CA LYS A 1577 -17.65 44.70 35.77
C LYS A 1577 -17.05 46.09 35.85
N GLU A 1578 -16.57 46.50 37.03
CA GLU A 1578 -15.93 47.79 37.19
C GLU A 1578 -14.54 47.86 36.55
N GLY A 1579 -13.96 46.71 36.18
CA GLY A 1579 -12.65 46.69 35.55
C GLY A 1579 -11.54 46.35 36.53
N ALA A 1580 -11.83 45.47 37.49
CA ALA A 1580 -10.83 45.08 38.48
C ALA A 1580 -9.86 44.06 37.93
N THR A 1581 -10.26 43.26 36.95
CA THR A 1581 -9.38 42.24 36.40
C THR A 1581 -8.18 42.88 35.70
N LYS A 1582 -8.43 43.87 34.83
CA LYS A 1582 -7.35 44.54 34.14
C LYS A 1582 -6.46 45.29 35.12
N LEU A 1583 -7.05 45.87 36.16
CA LEU A 1583 -6.25 46.57 37.17
C LEU A 1583 -5.33 45.60 37.91
N VAL A 1584 -5.85 44.44 38.29
CA VAL A 1584 -5.03 43.44 38.97
C VAL A 1584 -3.93 42.93 38.06
N CYS A 1585 -4.24 42.73 36.77
CA CYS A 1585 -3.24 42.28 35.83
C CYS A 1585 -2.13 43.32 35.67
N ASP A 1586 -2.50 44.60 35.56
CA ASP A 1586 -1.49 45.65 35.43
C ASP A 1586 -0.66 45.78 36.70
N LEU A 1587 -1.28 45.61 37.87
CA LEU A 1587 -0.55 45.70 39.12
C LEU A 1587 0.42 44.52 39.27
N ILE A 1588 0.04 43.34 38.78
CA ILE A 1588 0.93 42.18 38.85
C ILE A 1588 2.01 42.22 37.79
N THR A 1589 1.78 42.91 36.67
CA THR A 1589 2.72 42.93 35.55
C THR A 1589 3.62 44.15 35.53
N SER A 1590 3.26 45.23 36.23
CA SER A 1590 3.97 46.50 36.19
C SER A 1590 4.20 47.04 37.59
N THR A 1591 4.71 46.18 38.47
CA THR A 1591 5.03 46.56 39.84
C THR A 1591 6.34 45.93 40.25
N LYS A 1592 7.02 46.59 41.20
CA LYS A 1592 8.30 46.14 41.71
C LYS A 1592 8.31 45.88 43.22
N ASN A 1593 7.41 46.49 43.97
CA ASN A 1593 7.36 46.28 45.41
C ASN A 1593 6.79 44.90 45.73
N GLU A 1594 7.39 44.23 46.71
CA GLU A 1594 6.94 42.89 47.08
C GLU A 1594 5.61 42.95 47.82
N LYS A 1595 5.41 43.96 48.67
CA LYS A 1595 4.17 44.08 49.41
C LYS A 1595 2.99 44.36 48.48
N ILE A 1596 3.19 45.23 47.49
CA ILE A 1596 2.13 45.54 46.54
C ILE A 1596 1.77 44.29 45.74
N PHE A 1597 2.78 43.52 45.33
CA PHE A 1597 2.53 42.30 44.57
C PHE A 1597 1.80 41.27 45.42
N GLN A 1598 2.17 41.16 46.70
CA GLN A 1598 1.47 40.24 47.59
C GLN A 1598 0.02 40.65 47.77
N GLU A 1599 -0.24 41.95 47.92
CA GLU A 1599 -1.62 42.42 48.06
C GLU A 1599 -2.41 42.17 46.78
N SER A 1600 -1.78 42.36 45.62
CA SER A 1600 -2.47 42.08 44.36
C SER A 1600 -2.79 40.60 44.21
N ILE A 1601 -1.84 39.73 44.59
CA ILE A 1601 -2.09 38.30 44.51
C ILE A 1601 -3.21 37.90 45.47
N GLY A 1602 -3.23 38.50 46.66
CA GLY A 1602 -4.31 38.21 47.60
C GLY A 1602 -5.66 38.66 47.08
N LEU A 1603 -5.71 39.84 46.46
CA LEU A 1603 -6.96 40.32 45.89
C LEU A 1603 -7.42 39.41 44.75
N ALA A 1604 -6.49 38.95 43.92
CA ALA A 1604 -6.85 38.05 42.82
C ALA A 1604 -7.32 36.71 43.36
N ILE A 1605 -6.75 36.24 44.47
CA ILE A 1605 -7.16 34.96 45.04
C ILE A 1605 -8.54 35.08 45.67
N HIS A 1606 -8.80 36.17 46.40
CA HIS A 1606 -10.09 36.36 47.04
C HIS A 1606 -11.19 36.79 46.08
N LEU A 1607 -10.83 37.25 44.88
CA LEU A 1607 -11.84 37.66 43.91
C LEU A 1607 -12.42 36.47 43.15
N LEU A 1608 -11.57 35.52 42.78
CA LEU A 1608 -11.98 34.35 41.99
C LEU A 1608 -12.19 33.12 42.87
N ASP A 1609 -12.54 33.31 44.14
CA ASP A 1609 -12.76 32.18 45.03
C ASP A 1609 -14.16 31.61 44.85
N GLY A 1610 -14.28 30.30 44.98
CA GLY A 1610 -15.58 29.66 44.82
C GLY A 1610 -16.01 29.63 43.37
N GLY A 1611 -17.28 29.94 43.14
CA GLY A 1611 -17.83 29.96 41.80
C GLY A 1611 -17.57 31.26 41.09
N ASN A 1612 -16.58 31.26 40.20
CA ASN A 1612 -16.15 32.44 39.45
C ASN A 1612 -15.97 32.12 37.98
N THR A 1613 -16.97 31.45 37.40
CA THR A 1613 -16.91 31.12 35.98
C THR A 1613 -16.87 32.38 35.13
N GLU A 1614 -17.69 33.37 35.46
CA GLU A 1614 -17.66 34.64 34.74
C GLU A 1614 -16.33 35.35 34.93
N ILE A 1615 -15.79 35.32 36.16
CA ILE A 1615 -14.50 35.94 36.41
C ILE A 1615 -13.39 35.20 35.66
N GLN A 1616 -13.50 33.88 35.57
CA GLN A 1616 -12.52 33.11 34.80
C GLN A 1616 -12.59 33.46 33.32
N LYS A 1617 -13.80 33.61 32.78
CA LYS A 1617 -13.96 34.01 31.39
C LYS A 1617 -13.39 35.41 31.17
N SER A 1618 -13.59 36.31 32.14
CA SER A 1618 -13.04 37.66 32.02
C SER A 1618 -11.52 37.64 32.03
N PHE A 1619 -10.92 36.83 32.91
CA PHE A 1619 -9.47 36.72 32.92
C PHE A 1619 -8.95 36.14 31.61
N HIS A 1620 -9.66 35.15 31.06
CA HIS A 1620 -9.23 34.57 29.79
C HIS A 1620 -9.31 35.59 28.67
N ASN A 1621 -10.40 36.38 28.62
CA ASN A 1621 -10.54 37.39 27.60
C ASN A 1621 -9.50 38.50 27.74
N LEU A 1622 -9.10 38.81 28.98
CA LEU A 1622 -8.11 39.85 29.20
C LEU A 1622 -6.70 39.37 28.87
N MET A 1623 -6.40 38.10 29.15
CA MET A 1623 -5.08 37.56 28.89
C MET A 1623 -4.89 37.12 27.44
N MET A 1624 -5.98 36.85 26.72
CA MET A 1624 -5.86 36.39 25.33
C MET A 1624 -5.56 37.56 24.39
N SER A 1625 -6.46 38.54 24.35
CA SER A 1625 -6.32 39.69 23.45
C SER A 1625 -5.57 40.81 24.15
N ASP A 1626 -4.30 40.54 24.44
CA ASP A 1626 -3.43 41.51 25.09
C ASP A 1626 -1.98 41.13 24.82
N LYS A 1627 -1.13 42.14 24.65
CA LYS A 1627 0.29 41.92 24.37
C LYS A 1627 1.13 41.81 25.63
N LYS A 1628 0.62 42.26 26.77
CA LYS A 1628 1.38 42.22 28.02
C LYS A 1628 1.29 40.87 28.72
N SER A 1629 0.32 40.02 28.34
CA SER A 1629 0.12 38.76 29.04
C SER A 1629 1.36 37.89 29.00
N GLU A 1630 2.03 37.83 27.85
CA GLU A 1630 3.29 37.09 27.75
C GLU A 1630 4.29 37.59 28.78
N ARG A 1631 4.41 38.91 28.93
CA ARG A 1631 5.29 39.46 29.96
C ARG A 1631 4.81 39.05 31.34
N PHE A 1632 3.50 39.09 31.58
CA PHE A 1632 2.96 38.76 32.89
C PHE A 1632 3.35 37.35 33.30
N PHE A 1633 3.00 36.37 32.46
CA PHE A 1633 3.39 34.99 32.71
C PHE A 1633 4.90 34.87 32.87
N LYS A 1634 5.66 35.63 32.08
CA LYS A 1634 7.12 35.59 32.20
C LYS A 1634 7.55 35.97 33.61
N VAL A 1635 7.01 37.08 34.11
CA VAL A 1635 7.34 37.53 35.46
C VAL A 1635 6.96 36.45 36.47
N LEU A 1636 5.79 35.82 36.26
CA LEU A 1636 5.37 34.75 37.15
C LEU A 1636 6.41 33.64 37.19
N HIS A 1637 6.84 33.19 36.00
CA HIS A 1637 7.85 32.15 35.93
C HIS A 1637 9.12 32.58 36.64
N ASP A 1638 9.51 33.85 36.47
CA ASP A 1638 10.72 34.33 37.12
C ASP A 1638 10.60 34.18 38.62
N ARG A 1639 9.49 34.65 39.18
CA ARG A 1639 9.30 34.53 40.63
C ARG A 1639 9.29 33.07 41.06
N MET A 1640 8.65 32.21 40.25
CA MET A 1640 8.61 30.79 40.58
C MET A 1640 10.02 30.23 40.62
N LYS A 1641 10.84 30.59 39.64
CA LYS A 1641 12.22 30.10 39.60
C LYS A 1641 12.97 30.58 40.83
N ARG A 1642 12.74 31.83 41.23
CA ARG A 1642 13.40 32.35 42.41
C ARG A 1642 13.02 31.51 43.64
N ALA A 1643 11.73 31.22 43.77
CA ALA A 1643 11.28 30.40 44.89
C ALA A 1643 11.92 29.01 44.82
N GLN A 1644 12.05 28.47 43.60
CA GLN A 1644 12.69 27.18 43.44
C GLN A 1644 14.13 27.23 43.92
N GLN A 1645 14.83 28.31 43.57
CA GLN A 1645 16.21 28.47 44.05
C GLN A 1645 16.25 28.52 45.55
N GLU A 1646 15.28 29.20 46.17
CA GLU A 1646 15.22 29.24 47.62
C GLU A 1646 15.03 27.84 48.19
N THR A 1647 14.16 27.05 47.55
CA THR A 1647 13.95 25.68 47.99
C THR A 1647 15.21 24.85 47.83
N LYS A 1648 16.05 25.19 46.85
CA LYS A 1648 17.32 24.52 46.65
C LYS A 1648 18.42 25.06 47.55
N SER A 1649 18.18 26.18 48.24
CA SER A 1649 19.22 26.78 49.07
C SER A 1649 19.31 26.10 50.43
N THR A 1650 18.21 26.13 51.18
CA THR A 1650 18.15 25.57 52.53
C THR A 1650 17.45 24.21 52.55
N VAL A 1651 17.61 23.43 51.48
CA VAL A 1651 16.97 22.12 51.42
C VAL A 1651 17.63 21.12 52.37
N ALA A 1652 18.88 21.36 52.77
CA ALA A 1652 19.57 20.45 53.67
C ALA A 1652 19.02 20.60 55.09
N VAL A 1653 18.52 19.50 55.64
CA VAL A 1653 17.96 19.50 56.98
C VAL A 1653 18.00 18.10 57.56
N SER A 1708 13.62 25.04 61.69
CA SER A 1708 13.92 26.31 61.04
C SER A 1708 12.65 26.93 60.47
N GLU A 1709 12.82 27.98 59.66
CA GLU A 1709 11.71 28.67 59.02
C GLU A 1709 12.05 28.88 57.54
N MET A 1710 11.05 28.68 56.68
CA MET A 1710 11.26 28.83 55.26
C MET A 1710 11.51 30.29 54.89
N GLY A 1711 12.06 30.51 53.70
CA GLY A 1711 12.36 31.84 53.22
C GLY A 1711 11.12 32.61 52.80
N THR A 1712 11.34 33.87 52.45
CA THR A 1712 10.25 34.73 52.01
C THR A 1712 9.76 34.34 50.61
N SER A 1713 10.65 33.77 49.79
CA SER A 1713 10.24 33.36 48.45
C SER A 1713 9.22 32.23 48.50
N VAL A 1714 9.40 31.28 49.41
CA VAL A 1714 8.42 30.20 49.56
C VAL A 1714 7.10 30.75 50.07
N LEU A 1715 7.16 31.71 51.00
CA LEU A 1715 5.94 32.31 51.51
C LEU A 1715 5.22 33.13 50.46
N ILE A 1716 5.95 33.67 49.48
CA ILE A 1716 5.33 34.42 48.40
C ILE A 1716 4.80 33.47 47.32
N MET A 1717 5.42 32.31 47.14
CA MET A 1717 4.96 31.34 46.16
C MET A 1717 3.83 30.47 46.66
N GLN A 1718 3.64 30.37 47.98
CA GLN A 1718 2.54 29.56 48.51
C GLN A 1718 1.18 30.05 48.04
N PRO A 1719 0.85 31.34 48.11
CA PRO A 1719 -0.43 31.79 47.53
C PRO A 1719 -0.45 31.76 46.01
N ILE A 1720 0.71 31.73 45.35
CA ILE A 1720 0.73 31.69 43.89
C ILE A 1720 0.14 30.38 43.40
N LEU A 1721 0.53 29.26 44.00
CA LEU A 1721 -0.03 27.97 43.61
C LEU A 1721 -1.51 27.90 43.95
N ARG A 1722 -1.93 28.50 45.06
CA ARG A 1722 -3.35 28.52 45.40
C ARG A 1722 -4.14 29.32 44.39
N PHE A 1723 -3.58 30.44 43.92
CA PHE A 1723 -4.25 31.22 42.88
C PHE A 1723 -4.33 30.46 41.58
N LEU A 1724 -3.25 29.76 41.21
CA LEU A 1724 -3.27 28.96 39.99
C LEU A 1724 -4.30 27.83 40.09
N GLN A 1725 -4.47 27.26 41.28
CA GLN A 1725 -5.46 26.20 41.45
C GLN A 1725 -6.88 26.76 41.42
N LEU A 1726 -7.11 27.90 42.07
CA LEU A 1726 -8.41 28.55 42.04
C LEU A 1726 -8.77 29.03 40.64
N LEU A 1727 -7.77 29.27 39.78
CA LEU A 1727 -8.06 29.61 38.39
C LEU A 1727 -8.79 28.48 37.70
N CYS A 1728 -8.40 27.24 37.98
CA CYS A 1728 -9.08 26.05 37.46
C CYS A 1728 -10.07 25.51 38.49
N GLU A 1729 -11.07 26.34 38.80
CA GLU A 1729 -12.10 25.94 39.76
C GLU A 1729 -13.04 24.90 39.14
N ASN A 1730 -13.62 25.23 38.00
CA ASN A 1730 -14.42 24.28 37.24
C ASN A 1730 -13.48 23.41 36.41
N HIS A 1731 -14.04 22.66 35.45
CA HIS A 1731 -13.20 21.88 34.54
C HIS A 1731 -12.25 22.79 33.78
N ASN A 1732 -12.79 23.68 32.95
CA ASN A 1732 -12.03 24.73 32.27
C ASN A 1732 -10.89 24.14 31.43
N ARG A 1733 -11.29 23.37 30.41
CA ARG A 1733 -10.30 22.77 29.51
C ARG A 1733 -9.52 23.84 28.76
N ASP A 1734 -10.21 24.87 28.27
CA ASP A 1734 -9.54 25.94 27.54
C ASP A 1734 -8.57 26.69 28.43
N LEU A 1735 -8.96 26.94 29.68
CA LEU A 1735 -8.08 27.67 30.59
C LEU A 1735 -6.86 26.84 30.95
N GLN A 1736 -7.03 25.53 31.15
CA GLN A 1736 -5.89 24.67 31.40
C GLN A 1736 -4.96 24.62 30.19
N ASN A 1737 -5.53 24.58 28.99
CA ASN A 1737 -4.70 24.59 27.78
C ASN A 1737 -3.94 25.90 27.66
N PHE A 1738 -4.57 27.02 28.00
CA PHE A 1738 -3.88 28.30 27.96
C PHE A 1738 -2.76 28.36 28.98
N LEU A 1739 -3.00 27.82 30.19
CA LEU A 1739 -1.94 27.78 31.19
C LEU A 1739 -0.80 26.86 30.77
N ARG A 1740 -1.10 25.82 30.00
CA ARG A 1740 -0.07 24.91 29.52
C ARG A 1740 0.68 25.49 28.32
N CYS A 1741 -0.05 25.75 27.23
CA CYS A 1741 0.59 26.19 26.00
C CYS A 1741 0.99 27.66 26.06
N GLN A 1742 0.03 28.54 26.37
CA GLN A 1742 0.27 29.99 26.40
C GLN A 1742 0.77 30.46 25.03
N ASN A 1743 -0.12 30.34 24.05
CA ASN A 1743 0.23 30.63 22.67
C ASN A 1743 0.58 32.10 22.49
N ASN A 1744 1.87 32.38 22.38
CA ASN A 1744 2.36 33.74 22.22
C ASN A 1744 3.77 33.65 21.62
N LYS A 1745 4.51 34.76 21.69
CA LYS A 1745 5.89 34.76 21.20
C LYS A 1745 6.76 33.83 22.02
N THR A 1746 6.39 33.55 23.27
CA THR A 1746 7.15 32.64 24.13
C THR A 1746 6.18 31.81 24.96
N ASN A 1747 6.58 30.57 25.23
CA ASN A 1747 5.83 29.64 26.05
C ASN A 1747 6.66 29.24 27.25
N TYR A 1748 5.98 28.95 28.36
CA TYR A 1748 6.65 28.72 29.64
C TYR A 1748 6.20 27.42 30.32
N ASN A 1749 4.94 27.01 30.10
CA ASN A 1749 4.43 25.73 30.61
C ASN A 1749 4.55 25.65 32.13
N LEU A 1750 3.76 26.51 32.78
CA LEU A 1750 3.82 26.63 34.24
C LEU A 1750 3.50 25.33 34.97
N VAL A 1751 2.80 24.39 34.32
CA VAL A 1751 2.53 23.10 34.96
C VAL A 1751 3.85 22.35 35.19
N CYS A 1752 4.74 22.36 34.20
CA CYS A 1752 6.05 21.76 34.39
C CYS A 1752 6.84 22.50 35.47
N GLU A 1753 6.64 23.81 35.58
CA GLU A 1753 7.30 24.56 36.64
C GLU A 1753 6.81 24.13 38.02
N THR A 1754 5.50 23.90 38.15
CA THR A 1754 4.97 23.41 39.43
C THR A 1754 5.47 22.00 39.72
N LEU A 1755 5.60 21.16 38.70
CA LEU A 1755 6.16 19.84 38.89
C LEU A 1755 7.60 19.91 39.37
N GLN A 1756 8.40 20.79 38.76
CA GLN A 1756 9.78 20.97 39.20
C GLN A 1756 9.83 21.52 40.62
N PHE A 1757 8.90 22.40 40.97
CA PHE A 1757 8.84 22.93 42.32
C PHE A 1757 8.58 21.82 43.33
N LEU A 1758 7.63 20.93 43.01
CA LEU A 1758 7.34 19.80 43.89
C LEU A 1758 8.55 18.88 44.00
N ASP A 1759 9.24 18.64 42.88
CA ASP A 1759 10.40 17.77 42.89
C ASP A 1759 11.52 18.37 43.74
N ILE A 1760 11.69 19.69 43.69
CA ILE A 1760 12.74 20.33 44.47
C ILE A 1760 12.38 20.35 45.95
N MET A 1761 11.10 20.56 46.26
CA MET A 1761 10.67 20.58 47.65
C MET A 1761 10.74 19.21 48.29
N CYS A 1762 10.47 18.15 47.51
CA CYS A 1762 10.49 16.78 48.00
C CYS A 1762 11.81 16.07 47.75
N GLY A 1763 12.74 16.70 47.03
CA GLY A 1763 14.01 16.07 46.72
C GLY A 1763 13.95 15.24 45.45
N SER A 1764 14.92 15.45 44.56
CA SER A 1764 14.93 14.74 43.28
C SER A 1764 15.20 13.26 43.49
N THR A 1765 16.22 12.93 44.28
CA THR A 1765 16.58 11.54 44.57
C THR A 1765 15.75 11.09 45.76
N THR A 1766 14.61 10.46 45.48
CA THR A 1766 13.67 9.99 46.50
C THR A 1766 13.46 8.47 46.39
N GLY A 1767 14.56 7.75 46.19
CA GLY A 1767 14.45 6.30 46.08
C GLY A 1767 14.21 5.64 47.43
N GLY A 1768 14.97 6.03 48.44
CA GLY A 1768 14.83 5.46 49.76
C GLY A 1768 13.73 6.12 50.57
N LEU A 1769 13.45 5.52 51.73
CA LEU A 1769 12.42 6.07 52.61
C LEU A 1769 12.85 7.42 53.17
N GLY A 1770 14.06 7.49 53.74
CA GLY A 1770 14.58 8.74 54.25
C GLY A 1770 14.83 9.78 53.18
N LEU A 1771 15.05 9.34 51.94
CA LEU A 1771 15.27 10.26 50.83
C LEU A 1771 13.97 10.82 50.27
N LEU A 1772 12.81 10.38 50.75
CA LEU A 1772 11.51 10.80 50.23
C LEU A 1772 10.52 11.23 51.29
N GLY A 1773 10.81 11.04 52.58
CA GLY A 1773 9.90 11.39 53.65
C GLY A 1773 10.52 12.20 54.77
N LEU A 1774 11.85 12.29 54.80
CA LEU A 1774 12.53 12.99 55.89
C LEU A 1774 12.54 14.50 55.70
N TYR A 1775 12.35 15.00 54.47
CA TYR A 1775 12.40 16.43 54.22
C TYR A 1775 11.10 17.12 54.63
N ILE A 1776 9.96 16.45 54.44
CA ILE A 1776 8.66 17.06 54.74
C ILE A 1776 8.51 17.11 56.25
N ASN A 1777 8.59 18.31 56.82
CA ASN A 1777 8.45 18.53 58.25
C ASN A 1777 7.03 19.01 58.56
N GLU A 1778 6.79 19.30 59.84
CA GLU A 1778 5.46 19.75 60.25
C GLU A 1778 5.21 21.19 59.80
N ASP A 1779 6.24 22.01 59.73
CA ASP A 1779 6.12 23.41 59.33
C ASP A 1779 6.30 23.60 57.83
N ASN A 1780 6.30 22.52 57.03
CA ASN A 1780 6.44 22.59 55.58
C ASN A 1780 5.45 21.73 54.83
N VAL A 1781 4.57 21.00 55.53
CA VAL A 1781 3.60 20.15 54.85
C VAL A 1781 2.47 20.96 54.22
N GLY A 1782 2.23 22.18 54.69
CA GLY A 1782 1.15 22.98 54.13
C GLY A 1782 1.41 23.37 52.68
N LEU A 1783 2.61 23.86 52.40
CA LEU A 1783 2.95 24.24 51.03
C LEU A 1783 2.96 23.01 50.12
N VAL A 1784 3.43 21.87 50.63
CA VAL A 1784 3.43 20.64 49.84
C VAL A 1784 2.01 20.23 49.51
N ILE A 1785 1.11 20.30 50.50
CA ILE A 1785 -0.29 19.93 50.26
C ILE A 1785 -0.94 20.90 49.28
N GLN A 1786 -0.60 22.17 49.36
CA GLN A 1786 -1.16 23.15 48.44
C GLN A 1786 -0.69 22.89 47.00
N THR A 1787 0.61 22.62 46.83
CA THR A 1787 1.12 22.31 45.50
C THR A 1787 0.52 21.01 44.98
N LEU A 1788 0.28 20.04 45.87
CA LEU A 1788 -0.33 18.79 45.47
C LEU A 1788 -1.77 18.99 45.01
N GLU A 1789 -2.53 19.81 45.75
CA GLU A 1789 -3.90 20.11 45.34
C GLU A 1789 -3.91 20.88 44.02
N THR A 1790 -2.94 21.77 43.82
CA THR A 1790 -2.86 22.48 42.55
C THR A 1790 -2.56 21.54 41.39
N LEU A 1791 -1.64 20.59 41.60
CA LEU A 1791 -1.36 19.59 40.58
C LEU A 1791 -2.58 18.73 40.30
N THR A 1792 -3.37 18.43 41.33
CA THR A 1792 -4.61 17.68 41.11
C THR A 1792 -5.60 18.49 40.30
N GLU A 1793 -5.74 19.78 40.61
CA GLU A 1793 -6.71 20.62 39.93
C GLU A 1793 -6.29 20.96 38.50
N TYR A 1794 -5.00 20.86 38.18
CA TYR A 1794 -4.56 21.11 36.81
C TYR A 1794 -5.15 20.08 35.86
N CYS A 1795 -5.01 18.79 36.19
CA CYS A 1795 -5.48 17.70 35.36
C CYS A 1795 -6.68 16.97 35.98
N GLN A 1796 -7.52 17.71 36.70
CA GLN A 1796 -8.70 17.10 37.29
C GLN A 1796 -9.71 16.71 36.22
N GLY A 1797 -10.09 17.66 35.37
CA GLY A 1797 -11.03 17.39 34.30
C GLY A 1797 -10.38 16.59 33.19
N PRO A 1798 -11.19 16.06 32.26
CA PRO A 1798 -10.63 15.25 31.17
C PRO A 1798 -10.11 16.13 30.05
N CYS A 1799 -8.79 16.16 29.89
CA CYS A 1799 -8.11 16.88 28.82
C CYS A 1799 -7.20 16.00 28.00
N HIS A 1800 -6.50 15.06 28.64
CA HIS A 1800 -5.60 14.12 27.96
C HIS A 1800 -4.45 14.81 27.23
N GLU A 1801 -4.14 16.06 27.61
CA GLU A 1801 -3.02 16.80 27.05
C GLU A 1801 -1.99 17.16 28.12
N ASN A 1802 -2.42 17.79 29.21
CA ASN A 1802 -1.50 18.12 30.29
C ASN A 1802 -1.13 16.90 31.11
N GLN A 1803 -2.00 15.88 31.14
CA GLN A 1803 -1.68 14.66 31.88
C GLN A 1803 -0.48 13.95 31.26
N THR A 1804 -0.35 14.01 29.93
CA THR A 1804 0.81 13.40 29.29
C THR A 1804 2.08 14.22 29.50
N CYS A 1805 1.93 15.54 29.62
CA CYS A 1805 3.09 16.41 29.82
C CYS A 1805 3.57 16.40 31.26
N ILE A 1806 2.69 16.09 32.23
CA ILE A 1806 3.06 16.05 33.63
C ILE A 1806 3.60 14.68 34.04
N VAL A 1807 3.81 13.80 33.06
CA VAL A 1807 4.34 12.46 33.31
C VAL A 1807 5.52 12.17 32.39
N THR A 1808 6.22 13.23 31.97
CA THR A 1808 7.35 13.11 31.06
C THR A 1808 8.61 13.83 31.53
N HIS A 1809 8.50 14.79 32.45
CA HIS A 1809 9.65 15.53 32.95
C HIS A 1809 10.12 14.97 34.29
N ILE A 1814 9.74 12.84 38.43
CA ILE A 1814 8.66 13.62 39.03
C ILE A 1814 7.58 12.68 39.56
N ASP A 1815 7.05 11.84 38.67
CA ASP A 1815 6.02 10.88 39.07
C ASP A 1815 6.55 9.88 40.08
N ILE A 1816 7.86 9.58 40.03
CA ILE A 1816 8.44 8.68 41.01
C ILE A 1816 8.36 9.26 42.41
N ILE A 1817 8.44 10.59 42.52
CA ILE A 1817 8.31 11.23 43.83
C ILE A 1817 6.91 11.01 44.40
N THR A 1818 5.88 11.17 43.54
CA THR A 1818 4.52 10.94 43.99
C THR A 1818 4.31 9.47 44.33
N ALA A 1819 4.89 8.56 43.56
CA ALA A 1819 4.77 7.14 43.86
C ALA A 1819 5.41 6.80 45.20
N LEU A 1820 6.57 7.39 45.48
CA LEU A 1820 7.21 7.16 46.78
C LEU A 1820 6.42 7.79 47.91
N ILE A 1821 5.78 8.93 47.66
CA ILE A 1821 4.98 9.57 48.69
C ILE A 1821 3.76 8.71 49.01
N LEU A 1822 3.19 8.07 47.99
CA LEU A 1822 2.01 7.21 48.17
C LEU A 1822 2.37 5.80 48.61
N ASN A 1823 3.64 5.40 48.54
CA ASN A 1823 4.07 4.04 48.85
C ASN A 1823 5.13 4.00 49.94
N ASP A 1824 5.22 5.03 50.79
CA ASP A 1824 6.17 5.05 51.88
C ASP A 1824 5.60 5.90 53.01
N ILE A 1825 5.92 5.49 54.24
CA ILE A 1825 5.42 6.17 55.44
C ILE A 1825 6.29 7.39 55.72
N SER A 1826 5.80 8.28 56.58
CA SER A 1826 6.52 9.48 56.94
C SER A 1826 7.28 9.23 58.25
N PRO A 1827 8.61 9.35 58.30
CA PRO A 1827 9.29 9.05 59.57
C PRO A 1827 9.07 10.09 60.64
N LEU A 1828 9.14 11.38 60.29
CA LEU A 1828 9.07 12.45 61.27
C LEU A 1828 7.65 12.94 61.53
N CYS A 1829 6.73 12.74 60.60
CA CYS A 1829 5.35 13.20 60.74
C CYS A 1829 4.47 12.20 61.47
N LYS A 1830 5.04 11.19 62.13
CA LYS A 1830 4.23 10.21 62.85
C LYS A 1830 3.63 10.80 64.12
N TYR A 1831 4.19 11.87 64.66
CA TYR A 1831 3.63 12.49 65.85
C TYR A 1831 2.29 13.15 65.56
N ARG A 1832 2.10 13.65 64.34
CA ARG A 1832 0.85 14.26 63.90
C ARG A 1832 0.46 13.59 62.58
N MET A 1833 -0.28 12.48 62.67
CA MET A 1833 -0.59 11.65 61.51
C MET A 1833 -1.82 12.13 60.74
N ASP A 1834 -2.57 13.10 61.27
CA ASP A 1834 -3.76 13.57 60.57
C ASP A 1834 -3.39 14.27 59.27
N LEU A 1835 -2.45 15.23 59.34
CA LEU A 1835 -2.02 15.92 58.14
C LEU A 1835 -1.30 14.97 57.18
N VAL A 1836 -0.60 13.96 57.71
CA VAL A 1836 0.07 12.99 56.86
C VAL A 1836 -0.96 12.17 56.09
N LEU A 1837 -2.03 11.73 56.77
CA LEU A 1837 -3.08 11.00 56.09
C LEU A 1837 -3.81 11.88 55.07
N GLN A 1838 -3.97 13.16 55.39
CA GLN A 1838 -4.58 14.08 54.43
C GLN A 1838 -3.72 14.20 53.18
N LEU A 1839 -2.40 14.33 53.36
CA LEU A 1839 -1.50 14.39 52.22
C LEU A 1839 -1.53 13.09 51.42
N LYS A 1840 -1.63 11.96 52.11
CA LYS A 1840 -1.72 10.67 51.41
C LYS A 1840 -2.99 10.60 50.58
N ASP A 1841 -4.11 11.06 51.14
CA ASP A 1841 -5.36 11.07 50.39
C ASP A 1841 -5.28 12.00 49.19
N ASN A 1842 -4.64 13.16 49.35
CA ASN A 1842 -4.48 14.08 48.24
C ASN A 1842 -3.59 13.46 47.16
N ALA A 1843 -2.56 12.72 47.56
CA ALA A 1843 -1.71 12.06 46.58
C ALA A 1843 -2.46 10.97 45.84
N SER A 1844 -3.29 10.21 46.56
CA SER A 1844 -4.13 9.22 45.90
C SER A 1844 -5.08 9.88 44.92
N LYS A 1845 -5.63 11.05 45.27
CA LYS A 1845 -6.51 11.77 44.36
C LYS A 1845 -5.75 12.23 43.12
N LEU A 1846 -4.52 12.73 43.30
CA LEU A 1846 -3.72 13.14 42.15
C LEU A 1846 -3.42 11.97 41.25
N LEU A 1847 -3.08 10.82 41.83
CA LEU A 1847 -2.75 9.65 41.02
C LEU A 1847 -3.98 9.08 40.33
N LEU A 1848 -5.16 9.24 40.93
CA LEU A 1848 -6.39 8.83 40.27
C LEU A 1848 -6.73 9.76 39.12
N ALA A 1849 -6.47 11.06 39.29
CA ALA A 1849 -6.74 12.02 38.23
C ALA A 1849 -5.75 11.87 37.09
N LEU A 1850 -4.50 11.48 37.39
CA LEU A 1850 -3.52 11.30 36.32
C LEU A 1850 -3.88 10.14 35.42
N MET A 1851 -4.34 9.03 36.00
CA MET A 1851 -4.78 7.87 35.24
C MET A 1851 -6.25 8.03 34.84
N GLU A 1852 -6.50 9.06 34.03
CA GLU A 1852 -7.85 9.39 33.59
C GLU A 1852 -8.22 8.47 32.43
N SER A 1853 -9.33 8.79 31.76
CA SER A 1853 -9.82 7.97 30.66
C SER A 1853 -8.90 8.15 29.46
N ARG A 1854 -7.95 7.22 29.32
CA ARG A 1854 -6.98 7.24 28.22
C ARG A 1854 -6.90 5.85 27.61
N HIS A 1855 -7.05 5.78 26.28
CA HIS A 1855 -7.00 4.48 25.61
C HIS A 1855 -5.58 3.94 25.54
N ASP A 1856 -4.57 4.82 25.56
CA ASP A 1856 -3.19 4.37 25.49
C ASP A 1856 -2.78 3.73 26.81
N SER A 1857 -1.50 3.33 26.87
CA SER A 1857 -0.94 2.69 28.06
C SER A 1857 0.47 3.18 28.38
N GLU A 1858 0.85 4.35 27.89
CA GLU A 1858 2.18 4.89 28.19
C GLU A 1858 2.24 5.40 29.63
N ASN A 1859 1.26 6.22 30.02
CA ASN A 1859 1.21 6.71 31.39
C ASN A 1859 1.01 5.56 32.36
N ALA A 1860 0.19 4.57 31.98
CA ALA A 1860 0.01 3.40 32.83
C ALA A 1860 1.30 2.62 32.98
N GLU A 1861 2.07 2.48 31.90
CA GLU A 1861 3.35 1.79 31.98
C GLU A 1861 4.33 2.54 32.86
N ARG A 1862 4.33 3.87 32.76
CA ARG A 1862 5.21 4.67 33.62
C ARG A 1862 4.83 4.53 35.09
N ILE A 1863 3.52 4.55 35.38
CA ILE A 1863 3.08 4.40 36.76
C ILE A 1863 3.40 3.01 37.28
N LEU A 1864 3.33 2.00 36.42
CA LEU A 1864 3.66 0.64 36.85
C LEU A 1864 5.16 0.49 37.09
N ILE A 1865 5.98 1.17 36.28
CA ILE A 1865 7.42 1.11 36.48
C ILE A 1865 7.83 1.91 37.72
N SER A 1866 7.07 2.95 38.06
CA SER A 1866 7.40 3.75 39.23
C SER A 1866 7.05 3.02 40.53
N LEU A 1867 5.78 2.69 40.71
CA LEU A 1867 5.31 2.01 41.91
C LEU A 1867 5.48 0.51 41.78
N ARG A 1868 5.48 -0.18 42.93
CA ARG A 1868 5.63 -1.62 43.02
C ARG A 1868 4.25 -2.28 43.21
N PRO A 1869 3.94 -3.41 42.54
CA PRO A 1869 2.62 -4.03 42.78
C PRO A 1869 2.46 -4.59 44.19
N GLN A 1870 3.43 -5.40 44.62
CA GLN A 1870 3.35 -6.01 45.94
C GLN A 1870 3.39 -4.96 47.04
N GLU A 1871 4.20 -3.91 46.84
CA GLU A 1871 4.25 -2.83 47.82
C GLU A 1871 2.92 -2.11 47.92
N LEU A 1872 2.25 -1.89 46.78
CA LEU A 1872 0.95 -1.24 46.79
C LEU A 1872 -0.10 -2.13 47.48
N VAL A 1873 -0.07 -3.43 47.20
CA VAL A 1873 -1.00 -4.34 47.85
C VAL A 1873 -0.80 -4.35 49.36
N ASP A 1874 0.47 -4.41 49.80
CA ASP A 1874 0.76 -4.37 51.22
C ASP A 1874 0.36 -3.04 51.84
N VAL A 1875 0.50 -1.95 51.09
CA VAL A 1875 0.10 -0.64 51.61
C VAL A 1875 -1.40 -0.58 51.81
N ILE A 1876 -2.17 -1.09 50.85
CA ILE A 1876 -3.62 -1.11 50.99
C ILE A 1876 -4.03 -2.00 52.16
N LYS A 1877 -3.36 -3.15 52.30
CA LYS A 1877 -3.67 -4.07 53.40
C LYS A 1877 -3.41 -3.41 54.74
N LYS A 1878 -2.27 -2.74 54.89
CA LYS A 1878 -1.95 -2.06 56.14
C LYS A 1878 -2.89 -0.89 56.39
N ALA A 1879 -3.31 -0.19 55.32
CA ALA A 1879 -4.24 0.91 55.48
C ALA A 1879 -5.58 0.43 56.02
N TYR A 1880 -6.06 -0.71 55.52
CA TYR A 1880 -7.31 -1.26 56.05
C TYR A 1880 -7.11 -1.84 57.44
N LEU A 1881 -5.94 -2.41 57.71
CA LEU A 1881 -5.68 -3.02 59.01
C LEU A 1881 -5.42 -2.00 60.10
N GLN A 1882 -5.13 -0.74 59.75
CA GLN A 1882 -4.99 0.30 60.76
C GLN A 1882 -6.28 0.46 61.55
N GLU A 1883 -7.36 0.88 60.88
CA GLU A 1883 -8.71 0.91 61.45
C GLU A 1883 -8.80 1.73 62.73
N GLU A 1884 -7.95 2.74 62.88
CA GLU A 1884 -7.93 3.60 64.07
C GLU A 1884 -7.77 5.04 63.58
N GLU A 1885 -8.90 5.72 63.36
CA GLU A 1885 -8.85 7.09 62.88
C GLU A 1885 -8.54 8.07 64.01
N ARG A 1886 -9.41 8.12 65.02
CA ARG A 1886 -9.23 9.02 66.17
C ARG A 1886 -9.18 10.47 65.71
N GLU A 1887 -9.96 10.81 64.69
CA GLU A 1887 -9.99 12.16 64.15
C GLU A 1887 -11.33 12.39 63.47
N ASN A 1888 -11.63 13.66 63.23
CA ASN A 1888 -12.88 14.08 62.59
C ASN A 1888 -12.64 14.94 61.36
N SER A 1889 -11.46 14.84 60.74
CA SER A 1889 -11.11 15.60 59.55
C SER A 1889 -11.11 14.71 58.30
N GLU A 1890 -11.95 13.69 58.28
CA GLU A 1890 -12.03 12.74 57.16
C GLU A 1890 -10.67 12.08 56.91
N VAL A 1891 -9.95 11.80 57.99
CA VAL A 1891 -8.63 11.20 57.93
C VAL A 1891 -8.68 9.69 58.20
N SER A 1892 -9.83 9.07 58.00
CA SER A 1892 -9.95 7.63 58.26
C SER A 1892 -9.11 6.87 57.23
N PRO A 1893 -8.25 5.93 57.65
CA PRO A 1893 -7.45 5.21 56.64
C PRO A 1893 -8.27 4.29 55.75
N ARG A 1894 -9.51 3.98 56.10
CA ARG A 1894 -10.33 3.09 55.27
C ARG A 1894 -10.59 3.70 53.90
N GLU A 1895 -10.96 4.98 53.87
CA GLU A 1895 -11.26 5.63 52.60
C GLU A 1895 -10.02 5.75 51.73
N VAL A 1896 -8.88 6.10 52.33
CA VAL A 1896 -7.64 6.23 51.57
C VAL A 1896 -7.21 4.87 51.04
N GLY A 1897 -7.34 3.83 51.85
CA GLY A 1897 -6.99 2.50 51.39
C GLY A 1897 -7.89 2.02 50.26
N HIS A 1898 -9.18 2.33 50.34
CA HIS A 1898 -10.09 1.95 49.28
C HIS A 1898 -9.82 2.74 48.01
N ASN A 1899 -9.41 4.01 48.14
CA ASN A 1899 -9.02 4.78 46.97
C ASN A 1899 -7.77 4.20 46.31
N ILE A 1900 -6.79 3.79 47.13
CA ILE A 1900 -5.60 3.15 46.60
C ILE A 1900 -5.97 1.84 45.91
N TYR A 1901 -6.94 1.11 46.47
CA TYR A 1901 -7.40 -0.12 45.84
C TYR A 1901 -8.07 0.18 44.50
N ILE A 1902 -8.84 1.26 44.41
CA ILE A 1902 -9.46 1.63 43.15
C ILE A 1902 -8.40 1.98 42.11
N LEU A 1903 -7.36 2.72 42.54
CA LEU A 1903 -6.28 3.03 41.62
C LEU A 1903 -5.56 1.77 41.17
N ALA A 1904 -5.38 0.81 42.07
CA ALA A 1904 -4.72 -0.44 41.70
C ALA A 1904 -5.57 -1.24 40.71
N LEU A 1905 -6.89 -1.27 40.93
CA LEU A 1905 -7.77 -1.95 39.99
C LEU A 1905 -7.77 -1.27 38.64
N GLN A 1906 -7.65 0.07 38.62
CA GLN A 1906 -7.55 0.78 37.35
C GLN A 1906 -6.26 0.45 36.64
N LEU A 1907 -5.15 0.35 37.37
CA LEU A 1907 -3.86 0.06 36.78
C LEU A 1907 -3.69 -1.41 36.40
N SER A 1908 -4.50 -2.30 36.97
CA SER A 1908 -4.37 -3.73 36.71
C SER A 1908 -4.87 -4.15 35.33
N ARG A 1909 -5.39 -3.24 34.53
CA ARG A 1909 -5.97 -3.59 33.23
C ARG A 1909 -4.93 -3.66 32.11
N HIS A 1910 -3.64 -3.67 32.44
CA HIS A 1910 -2.58 -3.74 31.44
C HIS A 1910 -1.56 -4.83 31.74
N ASN A 1911 -1.32 -5.11 33.01
CA ASN A 1911 -0.36 -6.12 33.44
C ASN A 1911 -1.08 -7.33 34.02
N LYS A 1912 -0.48 -8.50 33.85
CA LYS A 1912 -1.08 -9.75 34.29
C LYS A 1912 -0.73 -10.11 35.72
N GLN A 1913 0.35 -9.55 36.27
CA GLN A 1913 0.73 -9.89 37.65
C GLN A 1913 -0.31 -9.41 38.66
N LEU A 1914 -0.99 -8.31 38.36
CA LEU A 1914 -1.99 -7.74 39.27
C LEU A 1914 -3.41 -8.20 38.97
N GLN A 1915 -3.61 -9.00 37.92
CA GLN A 1915 -4.94 -9.50 37.61
C GLN A 1915 -5.35 -10.60 38.59
N HIS A 1916 -4.46 -11.57 38.82
CA HIS A 1916 -4.72 -12.66 39.74
C HIS A 1916 -4.28 -12.37 41.17
N LEU A 1917 -3.75 -11.19 41.44
CA LEU A 1917 -3.29 -10.82 42.77
C LEU A 1917 -4.33 -10.08 43.60
N LEU A 1918 -5.35 -9.50 42.96
CA LEU A 1918 -6.35 -8.72 43.67
C LEU A 1918 -7.45 -9.58 44.28
N LYS A 1919 -7.63 -10.82 43.82
CA LYS A 1919 -8.68 -11.66 44.35
C LYS A 1919 -8.37 -12.04 45.80
N PRO A 1920 -9.36 -12.06 46.70
CA PRO A 1920 -9.04 -12.48 48.07
C PRO A 1920 -8.70 -13.96 48.17
N VAL A 1921 -9.48 -14.83 47.52
CA VAL A 1921 -9.24 -16.26 47.58
C VAL A 1921 -9.80 -16.93 46.33
N ASP A 1959 -10.11 -10.45 54.48
CA ASP A 1959 -11.09 -9.49 54.97
C ASP A 1959 -10.97 -8.10 54.30
N PRO A 1960 -9.74 -7.55 54.15
CA PRO A 1960 -9.65 -6.25 53.47
C PRO A 1960 -10.00 -6.33 52.00
N LEU A 1961 -9.46 -7.33 51.32
CA LEU A 1961 -9.68 -7.47 49.88
C LEU A 1961 -11.15 -7.75 49.58
N ALA A 1962 -11.79 -8.61 50.37
CA ALA A 1962 -13.20 -8.91 50.15
C ALA A 1962 -14.07 -7.67 50.40
N TYR A 1963 -13.80 -6.95 51.49
CA TYR A 1963 -14.59 -5.77 51.79
C TYR A 1963 -14.41 -4.68 50.73
N TYR A 1964 -13.20 -4.55 50.18
CA TYR A 1964 -12.98 -3.57 49.11
C TYR A 1964 -13.59 -4.01 47.80
N GLU A 1965 -13.60 -5.32 47.50
CA GLU A 1965 -14.26 -5.80 46.31
C GLU A 1965 -15.78 -5.71 46.43
N ASN A 1966 -16.32 -5.69 47.65
CA ASN A 1966 -17.76 -5.54 47.83
C ASN A 1966 -18.21 -4.13 47.46
N HIS A 1967 -17.48 -3.12 47.93
CA HIS A 1967 -17.83 -1.72 47.72
C HIS A 1967 -17.10 -1.16 46.50
N THR A 1968 -17.42 -1.73 45.34
CA THR A 1968 -16.83 -1.31 44.08
C THR A 1968 -17.84 -1.52 42.97
N SER A 1969 -17.94 -0.54 42.07
CA SER A 1969 -18.89 -0.60 40.97
C SER A 1969 -18.33 0.15 39.78
N GLN A 1970 -18.33 -0.49 38.62
CA GLN A 1970 -17.87 0.09 37.37
C GLN A 1970 -19.06 0.39 36.46
N ILE A 1971 -18.93 1.43 35.66
CA ILE A 1971 -20.00 1.83 34.73
C ILE A 1971 -19.37 2.50 33.52
N GLU A 1972 -19.92 2.23 32.35
CA GLU A 1972 -19.46 2.81 31.10
C GLU A 1972 -20.34 3.99 30.73
N ILE A 1973 -19.71 5.09 30.31
CA ILE A 1973 -20.40 6.31 29.93
C ILE A 1973 -19.77 6.83 28.65
N VAL A 1974 -20.34 7.92 28.12
CA VAL A 1974 -19.83 8.59 26.94
C VAL A 1974 -19.81 10.09 27.22
N ARG A 1975 -18.77 10.78 26.72
CA ARG A 1975 -18.53 12.19 27.04
C ARG A 1975 -18.33 12.97 25.73
N GLN A 1976 -19.45 13.36 25.11
CA GLN A 1976 -19.50 14.35 24.04
C GLN A 1976 -18.55 14.04 22.87
N ASP A 1977 -18.14 12.77 22.70
CA ASP A 1977 -17.26 12.41 21.59
C ASP A 1977 -17.61 11.06 20.97
N ARG A 1978 -18.71 10.41 21.39
CA ARG A 1978 -19.10 9.12 20.84
C ARG A 1978 -18.03 8.06 21.09
N SER A 1979 -17.43 8.11 22.29
CA SER A 1979 -16.42 7.14 22.71
C SER A 1979 -16.71 6.71 24.13
N MET A 1980 -16.62 5.40 24.38
CA MET A 1980 -16.93 4.85 25.69
C MET A 1980 -15.77 5.07 26.66
N GLU A 1981 -16.12 5.21 27.94
CA GLU A 1981 -15.14 5.36 28.99
C GLU A 1981 -15.67 4.67 30.25
N GLN A 1982 -14.84 3.85 30.87
CA GLN A 1982 -15.22 3.08 32.05
C GLN A 1982 -14.75 3.82 33.30
N ILE A 1983 -15.69 4.12 34.19
CA ILE A 1983 -15.41 4.79 35.46
C ILE A 1983 -15.77 3.84 36.59
N VAL A 1984 -14.84 3.65 37.52
CA VAL A 1984 -15.05 2.84 38.72
C VAL A 1984 -15.24 3.78 39.90
N PHE A 1985 -16.10 3.40 40.84
CA PHE A 1985 -16.40 4.21 42.00
C PHE A 1985 -16.89 3.32 43.12
N PRO A 1986 -16.82 3.76 44.37
CA PRO A 1986 -17.39 2.98 45.47
C PRO A 1986 -18.87 3.27 45.66
N VAL A 1987 -19.57 2.28 46.22
CA VAL A 1987 -21.00 2.42 46.49
C VAL A 1987 -21.15 3.24 47.77
N PRO A 1988 -22.07 4.21 47.85
CA PRO A 1988 -22.21 4.96 49.10
C PRO A 1988 -22.88 4.12 50.19
N GLY A 1989 -22.82 4.65 51.41
CA GLY A 1989 -23.37 3.95 52.55
C GLY A 1989 -24.88 3.99 52.63
N ILE A 1990 -25.52 4.97 51.98
CA ILE A 1990 -26.97 5.10 52.01
C ILE A 1990 -27.62 4.36 50.85
N CYS A 1991 -26.84 3.49 50.18
CA CYS A 1991 -27.33 2.71 49.04
C CYS A 1991 -27.30 1.21 49.26
N GLN A 1992 -26.60 0.73 50.30
CA GLN A 1992 -26.54 -0.70 50.54
C GLN A 1992 -27.86 -1.25 51.07
N PHE A 1993 -28.60 -0.45 51.83
CA PHE A 1993 -29.90 -0.87 52.37
C PHE A 1993 -30.93 -0.79 51.25
N LEU A 1994 -31.08 -1.90 50.53
CA LEU A 1994 -32.08 -2.01 49.48
C LEU A 1994 -32.50 -3.46 49.38
N THR A 1995 -33.79 -3.73 49.61
CA THR A 1995 -34.29 -5.09 49.57
C THR A 1995 -34.39 -5.59 48.13
N GLU A 1996 -34.34 -6.91 47.98
CA GLU A 1996 -34.42 -7.53 46.67
C GLU A 1996 -35.83 -7.56 46.10
N GLU A 1997 -36.85 -7.38 46.95
CA GLU A 1997 -38.23 -7.43 46.48
C GLU A 1997 -38.52 -6.28 45.52
N THR A 1998 -38.19 -5.06 45.92
CA THR A 1998 -38.43 -3.91 45.05
C THR A 1998 -37.59 -4.00 43.78
N LYS A 1999 -36.36 -4.50 43.90
CA LYS A 1999 -35.51 -4.63 42.73
C LYS A 1999 -36.10 -5.63 41.74
N HIS A 2000 -36.57 -6.78 42.23
CA HIS A 2000 -37.18 -7.76 41.36
C HIS A 2000 -38.49 -7.25 40.77
N ARG A 2001 -39.23 -6.43 41.52
CA ARG A 2001 -40.45 -5.84 40.98
C ARG A 2001 -40.12 -4.88 39.84
N LEU A 2002 -39.10 -4.04 40.02
CA LEU A 2002 -38.74 -3.07 39.00
C LEU A 2002 -38.09 -3.73 37.79
N PHE A 2003 -37.44 -4.87 37.98
CA PHE A 2003 -36.77 -5.54 36.87
C PHE A 2003 -37.76 -6.12 35.87
N THR A 2004 -39.01 -6.37 36.27
CA THR A 2004 -40.04 -6.92 35.41
C THR A 2004 -41.15 -5.93 35.07
N THR A 2005 -41.13 -4.73 35.65
CA THR A 2005 -42.16 -3.73 35.42
C THR A 2005 -41.54 -2.46 34.85
N THR A 2006 -40.67 -2.63 33.84
CA THR A 2006 -40.00 -1.52 33.17
C THR A 2006 -40.10 -1.77 31.66
N GLU A 2007 -41.13 -1.21 31.04
CA GLU A 2007 -41.38 -1.41 29.62
C GLU A 2007 -40.79 -0.27 28.80
N GLN A 2008 -40.60 -0.54 27.51
CA GLN A 2008 -40.05 0.45 26.60
C GLN A 2008 -41.10 1.54 26.32
N ASP A 2009 -40.61 2.73 25.97
CA ASP A 2009 -41.46 3.89 25.68
C ASP A 2009 -41.03 4.49 24.34
N GLU A 2010 -41.55 3.93 23.25
CA GLU A 2010 -41.42 4.48 21.91
C GLU A 2010 -39.97 4.73 21.48
N GLN A 2011 -39.02 4.01 22.08
CA GLN A 2011 -37.61 4.19 21.74
C GLN A 2011 -36.82 2.87 21.71
N GLY A 2012 -37.46 1.73 21.91
CA GLY A 2012 -36.74 0.48 21.92
C GLY A 2012 -35.76 0.30 23.04
N SER A 2013 -35.87 1.10 24.11
CA SER A 2013 -34.96 1.03 25.25
C SER A 2013 -35.75 1.19 26.54
N LYS A 2014 -35.23 0.59 27.61
CA LYS A 2014 -35.87 0.61 28.92
C LYS A 2014 -35.22 1.61 29.86
N VAL A 2015 -34.58 2.66 29.33
CA VAL A 2015 -33.90 3.64 30.15
C VAL A 2015 -34.78 4.83 30.51
N SER A 2016 -35.79 5.15 29.69
CA SER A 2016 -36.61 6.33 29.96
C SER A 2016 -37.44 6.16 31.23
N ASP A 2017 -37.81 4.93 31.58
CA ASP A 2017 -38.60 4.65 32.78
C ASP A 2017 -37.73 4.35 34.00
N PHE A 2018 -36.51 4.88 34.04
CA PHE A 2018 -35.55 4.62 35.09
C PHE A 2018 -35.29 5.82 35.98
N PHE A 2019 -35.07 7.00 35.40
CA PHE A 2019 -34.89 8.20 36.22
C PHE A 2019 -36.17 8.58 36.95
N ASP A 2020 -37.33 8.32 36.33
CA ASP A 2020 -38.59 8.61 37.00
C ASP A 2020 -38.76 7.78 38.28
N GLN A 2021 -38.10 6.63 38.37
CA GLN A 2021 -38.15 5.77 39.54
C GLN A 2021 -36.91 5.89 40.42
N SER A 2022 -35.87 6.61 39.98
CA SER A 2022 -34.65 6.70 40.77
C SER A 2022 -34.87 7.47 42.06
N SER A 2023 -35.58 8.60 41.99
CA SER A 2023 -35.85 9.37 43.20
C SER A 2023 -36.74 8.57 44.16
N PHE A 2024 -37.71 7.84 43.62
CA PHE A 2024 -38.57 7.01 44.47
C PHE A 2024 -37.76 5.91 45.14
N LEU A 2025 -36.81 5.31 44.42
CA LEU A 2025 -35.97 4.29 45.01
C LEU A 2025 -35.06 4.88 46.09
N HIS A 2026 -34.56 6.09 45.87
CA HIS A 2026 -33.73 6.74 46.88
C HIS A 2026 -34.55 7.02 48.14
N ASN A 2027 -35.77 7.52 47.97
CA ASN A 2027 -36.65 7.75 49.13
C ASN A 2027 -36.98 6.44 49.82
N GLU A 2028 -37.14 5.36 49.05
CA GLU A 2028 -37.43 4.06 49.66
C GLU A 2028 -36.24 3.55 50.46
N MET A 2029 -35.03 3.74 49.95
CA MET A 2029 -33.85 3.35 50.71
C MET A 2029 -33.69 4.20 51.97
N GLU A 2030 -34.01 5.49 51.89
CA GLU A 2030 -33.97 6.33 53.08
C GLU A 2030 -34.99 5.85 54.12
N TRP A 2031 -36.20 5.51 53.67
CA TRP A 2031 -37.21 5.01 54.59
C TRP A 2031 -36.79 3.69 55.19
N GLN A 2032 -36.14 2.82 54.41
CA GLN A 2032 -35.65 1.56 54.92
C GLN A 2032 -34.58 1.77 55.98
N ARG A 2033 -33.67 2.73 55.75
CA ARG A 2033 -32.66 3.05 56.75
C ARG A 2033 -33.29 3.61 58.01
N LYS A 2034 -34.34 4.43 57.86
CA LYS A 2034 -35.00 5.00 59.03
C LYS A 2034 -35.74 3.93 59.82
N LEU A 2035 -36.37 2.97 59.13
CA LEU A 2035 -37.18 1.96 59.81
C LEU A 2035 -36.31 0.86 60.42
N ARG A 2036 -35.20 0.52 59.78
CA ARG A 2036 -34.33 -0.52 60.33
C ARG A 2036 -33.65 -0.09 61.62
N SER A 2037 -33.55 1.22 61.86
CA SER A 2037 -32.97 1.70 63.12
C SER A 2037 -33.93 1.53 64.29
N MET A 2038 -35.24 1.44 64.04
CA MET A 2038 -36.22 1.25 65.09
C MET A 2038 -36.43 -0.24 65.36
N PRO A 2039 -36.30 -0.73 66.59
CA PRO A 2039 -36.60 -2.15 66.83
C PRO A 2039 -38.09 -2.44 66.88
N LEU A 2040 -38.41 -3.73 66.76
CA LEU A 2040 -39.76 -4.27 66.89
C LEU A 2040 -40.71 -3.83 65.78
N ILE A 2041 -40.21 -3.17 64.73
CA ILE A 2041 -41.00 -2.78 63.58
C ILE A 2041 -40.48 -3.41 62.29
N TYR A 2042 -39.15 -3.51 62.16
CA TYR A 2042 -38.57 -4.12 60.97
C TYR A 2042 -38.89 -5.61 60.91
N TRP A 2043 -38.73 -6.32 62.02
CA TRP A 2043 -39.11 -7.73 62.06
C TRP A 2043 -40.62 -7.91 61.97
N PHE A 2044 -41.39 -6.93 62.47
CA PHE A 2044 -42.84 -7.01 62.42
C PHE A 2044 -43.40 -6.77 61.04
N SER A 2045 -42.60 -6.27 60.09
CA SER A 2045 -43.05 -5.98 58.73
C SER A 2045 -42.25 -6.71 57.66
N ARG A 2046 -41.14 -7.37 58.01
CA ARG A 2046 -40.36 -8.09 57.00
C ARG A 2046 -41.12 -9.31 56.49
N ARG A 2047 -41.66 -10.11 57.41
CA ARG A 2047 -42.38 -11.33 57.04
C ARG A 2047 -43.77 -10.96 56.53
N MET A 2048 -43.82 -10.57 55.26
CA MET A 2048 -45.08 -10.17 54.64
C MET A 2048 -45.83 -11.33 54.01
N THR A 2049 -45.13 -12.43 53.68
CA THR A 2049 -45.75 -13.57 53.01
C THR A 2049 -46.34 -14.58 53.98
N LEU A 2050 -46.60 -14.19 55.22
CA LEU A 2050 -47.21 -15.05 56.24
C LEU A 2050 -48.51 -14.52 56.78
N TRP A 2051 -48.58 -13.21 57.07
CA TRP A 2051 -49.80 -12.64 57.64
C TRP A 2051 -50.95 -12.70 56.64
N GLY A 2052 -50.69 -12.35 55.38
CA GLY A 2052 -51.73 -12.42 54.38
C GLY A 2052 -52.22 -13.83 54.14
N SER A 2053 -51.31 -14.80 54.13
CA SER A 2053 -51.70 -16.18 53.95
C SER A 2053 -52.54 -16.68 55.12
N ILE A 2054 -52.14 -16.32 56.34
CA ILE A 2054 -52.90 -16.72 57.52
C ILE A 2054 -54.29 -16.10 57.50
N SER A 2055 -54.38 -14.83 57.10
CA SER A 2055 -55.67 -14.17 57.03
C SER A 2055 -56.56 -14.81 55.97
N PHE A 2056 -55.98 -15.16 54.81
CA PHE A 2056 -56.76 -15.81 53.77
C PHE A 2056 -57.26 -17.17 54.22
N ASN A 2057 -56.41 -17.94 54.90
CA ASN A 2057 -56.84 -19.25 55.39
C ASN A 2057 -57.94 -19.12 56.43
N LEU A 2058 -57.80 -18.14 57.34
CA LEU A 2058 -58.84 -17.92 58.35
C LEU A 2058 -60.14 -17.50 57.70
N ALA A 2059 -60.09 -16.65 56.68
CA ALA A 2059 -61.29 -16.23 55.99
C ALA A 2059 -61.95 -17.40 55.26
N VAL A 2060 -61.14 -18.26 54.65
CA VAL A 2060 -61.68 -19.43 53.95
C VAL A 2060 -62.36 -20.36 54.94
N PHE A 2061 -61.74 -20.60 56.09
CA PHE A 2061 -62.35 -21.47 57.07
C PHE A 2061 -63.62 -20.85 57.65
N ILE A 2062 -63.64 -19.53 57.84
CA ILE A 2062 -64.84 -18.87 58.34
C ILE A 2062 -65.97 -18.99 57.33
N ASN A 2063 -65.65 -18.84 56.04
CA ASN A 2063 -66.66 -18.99 55.00
C ASN A 2063 -67.19 -20.42 54.96
N ILE A 2064 -66.29 -21.40 55.07
CA ILE A 2064 -66.71 -22.80 55.05
C ILE A 2064 -67.59 -23.12 56.25
N ILE A 2065 -67.31 -22.50 57.41
CA ILE A 2065 -68.11 -22.73 58.59
C ILE A 2065 -69.49 -22.08 58.44
N ILE A 2066 -69.52 -20.88 57.87
CA ILE A 2066 -70.80 -20.17 57.71
C ILE A 2066 -71.66 -20.84 56.64
N ALA A 2067 -71.04 -21.51 55.67
CA ALA A 2067 -71.77 -22.08 54.55
C ALA A 2067 -72.49 -23.38 54.89
N PHE A 2068 -72.32 -23.91 56.12
CA PHE A 2068 -72.98 -25.14 56.54
C PHE A 2068 -73.96 -24.96 57.69
N PHE A 2069 -73.80 -23.91 58.51
CA PHE A 2069 -74.62 -23.72 59.70
C PHE A 2069 -75.19 -22.31 59.79
N TYR A 2070 -75.62 -21.71 58.67
CA TYR A 2070 -76.07 -20.33 58.72
C TYR A 2070 -77.33 -20.13 59.57
N PRO A 2071 -78.34 -21.02 59.56
CA PRO A 2071 -79.40 -20.96 60.57
C PRO A 2071 -78.95 -21.64 61.85
N TYR A 2072 -78.75 -20.83 62.90
CA TYR A 2072 -78.27 -21.36 64.16
C TYR A 2072 -78.62 -20.40 65.28
N MET A 2073 -78.62 -20.93 66.51
CA MET A 2073 -78.90 -20.13 67.69
C MET A 2073 -78.30 -20.85 68.90
N GLU A 2074 -77.43 -20.17 69.64
CA GLU A 2074 -76.79 -20.76 70.79
C GLU A 2074 -76.39 -19.68 71.79
N UNK A 2075 -73.57 -33.08 58.70
CA UNK A 2075 -72.47 -34.03 58.64
C UNK A 2075 -71.16 -33.34 58.31
N UNK A 2076 -70.90 -32.22 58.98
CA UNK A 2076 -69.67 -31.48 58.76
C UNK A 2076 -68.48 -32.16 59.45
N UNK A 2077 -68.66 -32.61 60.69
CA UNK A 2077 -67.58 -33.28 61.40
C UNK A 2077 -67.23 -34.61 60.73
N UNK A 2078 -68.24 -35.33 60.23
CA UNK A 2078 -67.99 -36.58 59.55
C UNK A 2078 -67.24 -36.36 58.24
N UNK A 2079 -67.51 -35.25 57.55
CA UNK A 2079 -66.79 -34.94 56.33
C UNK A 2079 -65.38 -34.46 56.61
N UNK A 2080 -65.18 -33.77 57.75
CA UNK A 2080 -63.84 -33.31 58.11
C UNK A 2080 -62.97 -34.47 58.59
N UNK A 2081 -63.56 -35.44 59.27
CA UNK A 2081 -62.79 -36.60 59.72
C UNK A 2081 -62.34 -37.46 58.55
N UNK A 2082 -63.16 -37.57 57.51
CA UNK A 2082 -62.81 -38.33 56.32
C UNK A 2082 -62.03 -37.51 55.29
N UNK A 2083 -61.53 -36.33 55.68
CA UNK A 2083 -60.76 -35.49 54.76
C UNK A 2083 -59.85 -34.54 55.54
N PRO A 2084 -51.73 -26.14 59.38
CA PRO A 2084 -52.55 -26.87 58.41
C PRO A 2084 -53.56 -27.79 59.09
N LEU A 2085 -53.11 -28.89 59.70
CA LEU A 2085 -54.01 -29.77 60.43
C LEU A 2085 -54.27 -29.28 61.84
N ILE A 2086 -53.29 -28.60 62.46
CA ILE A 2086 -53.51 -28.00 63.76
C ILE A 2086 -54.59 -26.93 63.69
N VAL A 2087 -54.68 -26.22 62.56
CA VAL A 2087 -55.75 -25.25 62.38
C VAL A 2087 -57.10 -25.95 62.36
N ALA A 2088 -57.17 -27.11 61.71
CA ALA A 2088 -58.43 -27.87 61.69
C ALA A 2088 -58.79 -28.39 63.07
N LEU A 2089 -57.79 -28.81 63.84
CA LEU A 2089 -58.05 -29.28 65.20
C LEU A 2089 -58.56 -28.13 66.08
N ILE A 2090 -57.96 -26.94 65.94
CA ILE A 2090 -58.42 -25.78 66.70
C ILE A 2090 -59.83 -25.41 66.27
N LEU A 2091 -60.13 -25.53 64.97
CA LEU A 2091 -61.47 -25.23 64.49
C LEU A 2091 -62.49 -26.20 65.07
N ARG A 2092 -62.13 -27.48 65.15
CA ARG A 2092 -63.02 -28.47 65.75
C ARG A 2092 -63.23 -28.17 67.24
N SER A 2093 -62.16 -27.82 67.95
CA SER A 2093 -62.28 -27.50 69.37
C SER A 2093 -63.14 -26.26 69.57
N ILE A 2094 -63.09 -25.30 68.65
CA ILE A 2094 -63.91 -24.10 68.76
C ILE A 2094 -65.36 -24.41 68.44
N TYR A 2095 -65.60 -25.26 67.43
CA TYR A 2095 -66.95 -25.66 67.09
C TYR A 2095 -67.60 -26.45 68.21
N TYR A 2096 -66.80 -27.20 68.97
CA TYR A 2096 -67.34 -27.91 70.13
C TYR A 2096 -67.72 -26.98 71.27
N LEU A 2097 -67.29 -25.72 71.23
CA LEU A 2097 -67.61 -24.72 72.25
C LEU A 2097 -68.57 -23.66 71.71
N GLY A 2098 -69.54 -24.09 70.91
CA GLY A 2098 -70.51 -23.18 70.33
C GLY A 2098 -70.03 -22.55 69.04
N ILE A 2099 -70.90 -22.54 68.03
CA ILE A 2099 -70.51 -22.03 66.71
C ILE A 2099 -70.54 -20.51 66.69
N GLY A 2100 -71.46 -19.89 67.42
CA GLY A 2100 -71.62 -18.45 67.39
C GLY A 2100 -70.42 -17.71 67.95
N PRO A 2101 -70.12 -17.93 69.23
CA PRO A 2101 -68.91 -17.31 69.81
C PRO A 2101 -67.63 -17.72 69.12
N THR A 2102 -67.55 -18.96 68.62
CA THR A 2102 -66.37 -19.39 67.90
C THR A 2102 -66.18 -18.58 66.62
N LEU A 2103 -67.26 -18.39 65.86
CA LEU A 2103 -67.19 -17.59 64.65
C LEU A 2103 -66.88 -16.14 64.98
N ASN A 2104 -67.41 -15.63 66.09
CA ASN A 2104 -67.12 -14.25 66.49
C ASN A 2104 -65.63 -14.08 66.82
N ILE A 2105 -65.07 -15.04 67.55
CA ILE A 2105 -63.64 -14.97 67.89
C ILE A 2105 -62.80 -15.11 66.63
N LEU A 2106 -63.20 -15.98 65.70
CA LEU A 2106 -62.47 -16.13 64.45
C LEU A 2106 -62.51 -14.85 63.64
N GLY A 2107 -63.66 -14.18 63.60
CA GLY A 2107 -63.76 -12.92 62.89
C GLY A 2107 -62.93 -11.82 63.54
N ALA A 2108 -62.90 -11.78 64.87
CA ALA A 2108 -62.07 -10.82 65.56
C ALA A 2108 -60.59 -11.06 65.28
N LEU A 2109 -60.17 -12.33 65.27
CA LEU A 2109 -58.79 -12.66 64.97
C LEU A 2109 -58.45 -12.30 63.52
N ASN A 2110 -59.39 -12.52 62.60
CA ASN A 2110 -59.16 -12.16 61.21
C ASN A 2110 -59.04 -10.64 61.06
N LEU A 2111 -59.87 -9.89 61.78
CA LEU A 2111 -59.78 -8.44 61.73
C LEU A 2111 -58.45 -7.94 62.28
N THR A 2112 -58.00 -8.53 63.39
CA THR A 2112 -56.71 -8.15 63.96
C THR A 2112 -55.57 -8.48 63.00
N ASN A 2113 -55.64 -9.65 62.37
CA ASN A 2113 -54.60 -10.03 61.42
C ASN A 2113 -54.59 -9.12 60.20
N LYS A 2114 -55.78 -8.73 59.73
CA LYS A 2114 -55.85 -7.82 58.59
C LYS A 2114 -55.31 -6.44 58.96
N ILE A 2115 -55.59 -5.99 60.19
CA ILE A 2115 -55.05 -4.70 60.64
C ILE A 2115 -53.52 -4.76 60.71
N VAL A 2116 -52.99 -5.87 61.24
CA VAL A 2116 -51.54 -6.02 61.32
C VAL A 2116 -50.93 -6.07 59.92
N PHE A 2117 -51.62 -6.74 58.99
CA PHE A 2117 -51.13 -6.82 57.62
C PHE A 2117 -51.13 -5.46 56.95
N VAL A 2118 -52.18 -4.67 57.17
CA VAL A 2118 -52.25 -3.34 56.60
C VAL A 2118 -51.16 -2.45 57.20
N VAL A 2119 -50.90 -2.59 58.50
CA VAL A 2119 -49.84 -1.82 59.13
C VAL A 2119 -48.49 -2.20 58.56
N SER A 2120 -48.25 -3.49 58.35
CA SER A 2120 -46.99 -3.94 57.78
C SER A 2120 -46.83 -3.43 56.35
N PHE A 2121 -47.91 -3.46 55.57
CA PHE A 2121 -47.85 -2.97 54.20
C PHE A 2121 -47.61 -1.47 54.15
N VAL A 2122 -48.18 -0.72 55.10
CA VAL A 2122 -47.96 0.72 55.15
C VAL A 2122 -46.55 1.04 55.58
N GLY A 2123 -45.98 0.24 56.50
CA GLY A 2123 -44.64 0.50 56.98
C GLY A 2123 -43.55 0.03 56.04
N ASN A 2124 -43.85 -0.95 55.19
CA ASN A 2124 -42.84 -1.48 54.29
C ASN A 2124 -42.54 -0.49 53.16
N ARG A 2125 -43.56 -0.19 52.34
CA ARG A 2125 -43.40 0.72 51.22
C ARG A 2125 -44.58 1.66 51.03
N GLY A 2126 -45.56 1.67 51.94
CA GLY A 2126 -46.73 2.51 51.76
C GLY A 2126 -46.45 3.98 52.00
N THR A 2127 -45.49 4.28 52.86
CA THR A 2127 -45.14 5.67 53.19
C THR A 2127 -44.08 6.19 52.21
N PHE A 2128 -44.41 6.11 50.93
CA PHE A 2128 -43.50 6.61 49.89
C PHE A 2128 -43.39 8.13 49.97
N ILE A 2129 -44.53 8.82 49.94
CA ILE A 2129 -44.54 10.27 50.09
C ILE A 2129 -44.40 10.62 51.58
N ARG A 2130 -44.04 11.87 51.83
CA ARG A 2130 -43.85 12.35 53.20
C ARG A 2130 -45.20 12.57 53.86
N GLY A 2131 -45.50 11.79 54.90
CA GLY A 2131 -46.73 11.94 55.64
C GLY A 2131 -47.94 11.31 55.00
N TYR A 2132 -47.77 10.56 53.90
CA TYR A 2132 -48.89 9.91 53.21
C TYR A 2132 -49.91 10.93 52.73
N LYS A 2133 -49.42 11.90 51.95
CA LYS A 2133 -50.29 12.93 51.40
C LYS A 2133 -51.08 12.43 50.20
N ALA A 2134 -50.40 11.79 49.26
CA ALA A 2134 -51.01 11.26 48.04
C ALA A 2134 -50.99 9.74 48.00
N MET A 2135 -51.04 9.10 49.17
CA MET A 2135 -51.02 7.65 49.24
C MET A 2135 -52.39 7.02 48.98
N VAL A 2136 -53.47 7.80 48.99
CA VAL A 2136 -54.80 7.25 48.77
C VAL A 2136 -55.07 6.96 47.30
N MET A 2137 -54.35 7.59 46.38
CA MET A 2137 -54.55 7.41 44.95
C MET A 2137 -53.56 6.43 44.33
N ASP A 2138 -53.08 5.47 45.12
CA ASP A 2138 -52.13 4.48 44.63
C ASP A 2138 -52.80 3.26 44.00
N MET A 2139 -54.12 3.11 44.15
CA MET A 2139 -54.88 2.01 43.56
C MET A 2139 -54.50 0.65 44.15
N GLU A 2140 -53.83 0.64 45.31
CA GLU A 2140 -53.53 -0.59 46.03
C GLU A 2140 -53.80 -0.50 47.52
N PHE A 2141 -53.80 0.70 48.11
CA PHE A 2141 -54.10 0.88 49.52
C PHE A 2141 -55.58 1.08 49.79
N LEU A 2142 -56.29 1.75 48.87
CA LEU A 2142 -57.74 1.90 49.01
C LEU A 2142 -58.44 0.55 48.95
N TYR A 2143 -57.90 -0.39 48.18
CA TYR A 2143 -58.47 -1.72 48.11
C TYR A 2143 -58.42 -2.40 49.47
N HIS A 2144 -57.25 -2.36 50.13
CA HIS A 2144 -57.14 -2.93 51.46
C HIS A 2144 -57.98 -2.16 52.48
N VAL A 2145 -58.11 -0.85 52.30
CA VAL A 2145 -58.94 -0.06 53.21
C VAL A 2145 -60.39 -0.51 53.13
N GLY A 2146 -60.91 -0.65 51.90
CA GLY A 2146 -62.26 -1.15 51.73
C GLY A 2146 -62.43 -2.58 52.19
N TYR A 2147 -61.37 -3.39 52.05
CA TYR A 2147 -61.41 -4.76 52.54
C TYR A 2147 -61.56 -4.79 54.06
N ILE A 2148 -60.77 -3.98 54.76
CA ILE A 2148 -60.87 -3.90 56.21
C ILE A 2148 -62.21 -3.34 56.63
N LEU A 2149 -62.72 -2.35 55.89
CA LEU A 2149 -64.02 -1.79 56.20
C LEU A 2149 -65.13 -2.82 56.01
N THR A 2150 -65.06 -3.59 54.92
CA THR A 2150 -66.06 -4.63 54.69
C THR A 2150 -65.99 -5.71 55.77
N SER A 2151 -64.78 -6.08 56.19
CA SER A 2151 -64.63 -7.07 57.25
C SER A 2151 -65.20 -6.56 58.56
N VAL A 2152 -64.96 -5.28 58.88
CA VAL A 2152 -65.51 -4.70 60.10
C VAL A 2152 -67.04 -4.66 60.04
N LEU A 2153 -67.58 -4.32 58.87
CA LEU A 2153 -69.03 -4.27 58.72
C LEU A 2153 -69.64 -5.65 58.87
N GLY A 2154 -68.97 -6.68 58.33
CA GLY A 2154 -69.47 -8.04 58.48
C GLY A 2154 -69.33 -8.56 59.89
N LEU A 2155 -68.31 -8.11 60.62
CA LEU A 2155 -68.11 -8.54 61.99
C LEU A 2155 -69.05 -7.85 62.96
N PHE A 2156 -69.45 -6.61 62.66
CA PHE A 2156 -70.27 -5.81 63.57
C PHE A 2156 -71.75 -5.82 63.20
N ALA A 2157 -72.08 -5.51 61.94
CA ALA A 2157 -73.48 -5.30 61.57
C ALA A 2157 -74.24 -6.62 61.49
N HIS A 2158 -73.84 -7.49 60.59
CA HIS A 2158 -74.57 -8.75 60.36
C HIS A 2158 -73.65 -9.73 59.66
N GLU A 2159 -74.08 -10.99 59.64
CA GLU A 2159 -73.33 -12.05 58.99
C GLU A 2159 -73.61 -12.00 57.48
N LEU A 2160 -73.12 -13.02 56.77
CA LEU A 2160 -73.32 -13.15 55.32
C LEU A 2160 -72.72 -11.97 54.55
N PHE A 2161 -71.71 -11.32 55.12
CA PHE A 2161 -70.89 -10.33 54.42
C PHE A 2161 -69.46 -10.79 54.21
N TYR A 2162 -69.06 -11.94 54.76
CA TYR A 2162 -67.73 -12.47 54.52
C TYR A 2162 -67.53 -12.92 53.08
N SER A 2163 -68.62 -13.15 52.34
CA SER A 2163 -68.49 -13.48 50.93
C SER A 2163 -67.82 -12.36 50.15
N ILE A 2164 -68.06 -11.11 50.54
CA ILE A 2164 -67.37 -9.99 49.91
C ILE A 2164 -65.88 -10.05 50.20
N LEU A 2165 -65.52 -10.47 51.42
CA LEU A 2165 -64.12 -10.66 51.76
C LEU A 2165 -63.52 -11.88 51.08
N LEU A 2166 -64.36 -12.79 50.58
CA LEU A 2166 -63.88 -14.01 49.94
C LEU A 2166 -63.26 -13.77 48.56
N PHE A 2167 -63.25 -12.53 48.04
CA PHE A 2167 -62.61 -12.22 46.78
C PHE A 2167 -61.12 -11.91 46.93
N ASP A 2168 -60.50 -12.33 48.03
CA ASP A 2168 -59.07 -12.17 48.20
C ASP A 2168 -58.25 -13.12 47.33
N LEU A 2169 -58.90 -14.06 46.65
CA LEU A 2169 -58.19 -14.98 45.77
C LEU A 2169 -57.61 -14.29 44.54
N ILE A 2170 -58.11 -13.10 44.19
CA ILE A 2170 -57.62 -12.41 43.00
C ILE A 2170 -56.24 -11.82 43.27
N TYR A 2171 -56.08 -11.16 44.41
CA TYR A 2171 -54.83 -10.47 44.70
C TYR A 2171 -53.72 -11.44 45.08
N ARG A 2172 -54.07 -12.56 45.71
CA ARG A 2172 -53.05 -13.52 46.14
C ARG A 2172 -52.55 -14.35 44.98
N GLU A 2173 -53.45 -14.99 44.25
CA GLU A 2173 -53.07 -15.85 43.14
C GLU A 2173 -52.59 -14.99 41.97
N GLU A 2174 -51.38 -15.25 41.49
CA GLU A 2174 -50.79 -14.49 40.40
C GLU A 2174 -51.18 -15.03 39.03
N THR A 2175 -51.41 -16.35 38.92
CA THR A 2175 -51.76 -16.94 37.64
C THR A 2175 -53.21 -16.66 37.23
N LEU A 2176 -53.99 -16.00 38.07
CA LEU A 2176 -55.37 -15.64 37.74
C LEU A 2176 -55.49 -14.24 37.15
N PHE A 2177 -54.62 -13.31 37.55
CA PHE A 2177 -54.78 -11.92 37.17
C PHE A 2177 -54.66 -11.73 35.66
N ASN A 2178 -53.94 -12.61 34.98
CA ASN A 2178 -53.95 -12.60 33.52
C ASN A 2178 -55.35 -12.92 32.98
N VAL A 2179 -56.03 -13.86 33.62
CA VAL A 2179 -57.37 -14.24 33.15
C VAL A 2179 -58.35 -13.10 33.38
N ILE A 2180 -58.22 -12.41 34.51
CA ILE A 2180 -59.11 -11.28 34.79
C ILE A 2180 -58.78 -10.12 33.86
N LYS A 2181 -57.50 -9.91 33.56
CA LYS A 2181 -57.12 -8.88 32.60
C LYS A 2181 -57.65 -9.21 31.21
N SER A 2182 -57.81 -10.49 30.90
CA SER A 2182 -58.43 -10.89 29.64
C SER A 2182 -59.87 -10.39 29.51
N VAL A 2183 -60.52 -10.07 30.63
CA VAL A 2183 -61.88 -9.53 30.62
C VAL A 2183 -61.82 -8.02 30.77
N THR A 2184 -60.85 -7.52 31.53
CA THR A 2184 -60.78 -6.10 31.86
C THR A 2184 -60.14 -5.27 30.75
N ARG A 2185 -59.37 -5.89 29.85
CA ARG A 2185 -58.69 -5.13 28.81
C ARG A 2185 -59.68 -4.64 27.77
N ASN A 2186 -60.35 -5.56 27.08
CA ASN A 2186 -61.30 -5.24 26.02
C ASN A 2186 -62.74 -5.29 26.53
N GLY A 2187 -62.97 -4.99 27.80
CA GLY A 2187 -64.32 -4.98 28.33
C GLY A 2187 -65.21 -3.95 27.67
N ARG A 2188 -64.62 -2.87 27.15
CA ARG A 2188 -65.37 -1.89 26.38
C ARG A 2188 -66.06 -2.55 25.19
N SER A 2189 -65.30 -3.26 24.36
CA SER A 2189 -65.88 -3.93 23.21
C SER A 2189 -66.83 -5.04 23.63
N ILE A 2190 -66.59 -5.66 24.78
CA ILE A 2190 -67.49 -6.72 25.25
C ILE A 2190 -68.85 -6.14 25.58
N LEU A 2191 -68.89 -5.07 26.37
CA LEU A 2191 -70.17 -4.43 26.65
C LEU A 2191 -70.79 -3.83 25.39
N LEU A 2192 -69.96 -3.42 24.44
CA LEU A 2192 -70.49 -2.86 23.19
C LEU A 2192 -71.20 -3.92 22.36
N THR A 2193 -70.57 -5.09 22.19
CA THR A 2193 -71.24 -6.15 21.45
C THR A 2193 -72.39 -6.75 22.24
N ALA A 2194 -72.34 -6.66 23.57
CA ALA A 2194 -73.51 -7.01 24.37
C ALA A 2194 -74.68 -6.08 24.07
N LEU A 2195 -74.39 -4.77 23.95
CA LEU A 2195 -75.43 -3.82 23.55
C LEU A 2195 -75.92 -4.11 22.13
N LEU A 2196 -75.03 -4.56 21.26
CA LEU A 2196 -75.44 -4.96 19.91
C LEU A 2196 -76.43 -6.12 19.96
N ALA A 2197 -76.11 -7.14 20.75
CA ALA A 2197 -77.02 -8.27 20.91
C ALA A 2197 -78.34 -7.80 21.52
N LEU A 2198 -78.26 -6.88 22.47
CA LEU A 2198 -79.47 -6.37 23.12
C LEU A 2198 -80.38 -5.65 22.13
N ILE A 2199 -79.80 -4.77 21.32
CA ILE A 2199 -80.62 -3.99 20.39
C ILE A 2199 -81.12 -4.88 19.25
N LEU A 2200 -80.37 -5.91 18.88
CA LEU A 2200 -80.88 -6.85 17.88
C LEU A 2200 -82.04 -7.66 18.43
N VAL A 2201 -81.93 -8.11 19.68
CA VAL A 2201 -83.05 -8.80 20.32
C VAL A 2201 -84.25 -7.87 20.45
N TYR A 2202 -83.99 -6.58 20.67
CA TYR A 2202 -85.09 -5.61 20.75
C TYR A 2202 -85.76 -5.44 19.39
N LEU A 2203 -84.98 -5.43 18.31
CA LEU A 2203 -85.55 -5.37 16.98
C LEU A 2203 -86.43 -6.59 16.71
N PHE A 2204 -85.93 -7.78 17.07
CA PHE A 2204 -86.73 -8.98 16.87
C PHE A 2204 -87.99 -8.96 17.72
N SER A 2205 -87.89 -8.44 18.95
CA SER A 2205 -89.04 -8.35 19.83
C SER A 2205 -90.10 -7.41 19.26
N ILE A 2206 -89.67 -6.25 18.74
CA ILE A 2206 -90.66 -5.28 18.28
C ILE A 2206 -91.29 -5.72 16.97
N VAL A 2207 -90.53 -6.38 16.08
CA VAL A 2207 -91.16 -6.89 14.87
C VAL A 2207 -92.11 -8.04 15.21
N GLY A 2208 -91.77 -8.86 16.20
CA GLY A 2208 -92.70 -9.87 16.66
C GLY A 2208 -93.97 -9.26 17.22
N PHE A 2209 -93.83 -8.19 18.00
CA PHE A 2209 -95.00 -7.46 18.50
C PHE A 2209 -95.81 -6.85 17.37
N LEU A 2210 -95.16 -6.50 16.27
CA LEU A 2210 -95.86 -5.93 15.13
C LEU A 2210 -96.63 -6.98 14.34
N PHE A 2211 -96.10 -8.20 14.26
CA PHE A 2211 -96.74 -9.28 13.49
C PHE A 2211 -97.26 -10.40 14.38
N LEU A 2212 -96.42 -10.99 15.23
CA LEU A 2212 -96.74 -12.22 15.95
C LEU A 2212 -97.09 -11.93 17.41
N LYS A 2213 -97.81 -10.84 17.65
CA LYS A 2213 -98.19 -10.49 19.03
C LYS A 2213 -99.11 -11.54 19.63
N ASP A 2214 -100.14 -11.95 18.90
CA ASP A 2214 -101.15 -12.89 19.41
C ASP A 2214 -100.74 -14.33 19.16
N ASP A 2215 -99.54 -14.70 19.60
CA ASP A 2215 -99.04 -16.06 19.47
C ASP A 2215 -98.25 -16.55 20.69
N PHE A 2216 -98.13 -15.76 21.75
CA PHE A 2216 -97.39 -16.14 22.94
C PHE A 2216 -98.35 -16.63 24.01
N ILE A 2217 -98.13 -17.85 24.50
CA ILE A 2217 -98.85 -18.40 25.65
C ILE A 2217 -97.78 -18.92 26.60
N LEU A 2218 -97.36 -18.07 27.54
CA LEU A 2218 -96.28 -18.40 28.46
C LEU A 2218 -96.85 -19.17 29.65
N GLU A 2219 -96.37 -20.39 29.84
CA GLU A 2219 -96.79 -21.23 30.97
C GLU A 2219 -96.18 -20.66 32.24
N VAL A 2220 -97.01 -19.97 33.04
CA VAL A 2220 -96.58 -19.31 34.26
C VAL A 2220 -97.38 -19.89 35.42
N ASP A 2221 -96.69 -20.51 36.37
CA ASP A 2221 -97.35 -21.03 37.55
C ASP A 2221 -97.72 -19.89 38.49
N ARG A 2222 -98.78 -20.12 39.27
CA ARG A 2222 -99.30 -19.13 40.21
C ARG A 2222 -98.80 -19.43 41.61
N LEU A 2223 -98.61 -18.37 42.39
CA LEU A 2223 -98.16 -18.51 43.76
C LEU A 2223 -99.32 -18.98 44.65
N PRO A 2224 -99.03 -19.54 45.83
CA PRO A 2224 -100.11 -19.95 46.73
C PRO A 2224 -100.81 -18.74 47.32
N ASN A 2225 -102.10 -18.61 46.99
CA ASN A 2225 -102.89 -17.47 47.46
C ASN A 2225 -103.20 -17.62 48.95
N THR A 2272 -103.96 -19.56 33.72
CA THR A 2272 -102.70 -20.29 33.75
C THR A 2272 -101.66 -19.60 32.88
N GLU A 2273 -102.00 -19.43 31.60
CA GLU A 2273 -101.09 -18.83 30.63
C GLU A 2273 -101.19 -17.30 30.67
N ARG A 2274 -100.10 -16.65 30.29
CA ARG A 2274 -100.02 -15.20 30.22
C ARG A 2274 -99.92 -14.76 28.77
N ALA A 2275 -100.65 -13.72 28.40
CA ALA A 2275 -100.66 -13.25 27.03
C ALA A 2275 -99.41 -12.45 26.68
N CYS A 2276 -98.98 -11.57 27.58
CA CYS A 2276 -97.82 -10.72 27.37
C CYS A 2276 -98.00 -9.83 26.14
N ASP A 2277 -99.23 -9.41 25.86
CA ASP A 2277 -99.54 -8.48 24.79
C ASP A 2277 -99.60 -7.04 25.28
N THR A 2278 -98.89 -6.73 26.36
CA THR A 2278 -98.89 -5.40 26.96
C THR A 2278 -97.88 -4.52 26.24
N LEU A 2279 -97.54 -3.38 26.85
CA LEU A 2279 -96.54 -2.47 26.31
C LEU A 2279 -95.23 -3.17 26.00
N LEU A 2280 -94.41 -2.57 25.13
CA LEU A 2280 -93.23 -3.23 24.59
C LEU A 2280 -92.21 -3.59 25.67
N MET A 2281 -92.27 -2.97 26.85
CA MET A 2281 -91.35 -3.35 27.92
C MET A 2281 -91.60 -4.80 28.34
N CYS A 2282 -92.87 -5.18 28.48
CA CYS A 2282 -93.20 -6.54 28.92
C CYS A 2282 -92.74 -7.57 27.89
N ILE A 2283 -92.99 -7.31 26.61
CA ILE A 2283 -92.62 -8.29 25.60
C ILE A 2283 -91.11 -8.31 25.39
N VAL A 2284 -90.42 -7.19 25.60
CA VAL A 2284 -88.97 -7.20 25.54
C VAL A 2284 -88.39 -8.03 26.68
N THR A 2285 -88.97 -7.89 27.88
CA THR A 2285 -88.54 -8.72 29.01
C THR A 2285 -88.82 -10.19 28.74
N VAL A 2286 -89.94 -10.49 28.09
CA VAL A 2286 -90.26 -11.87 27.75
C VAL A 2286 -89.27 -12.41 26.73
N MET A 2287 -88.86 -11.56 25.78
CA MET A 2287 -87.87 -11.99 24.80
C MET A 2287 -86.53 -12.27 25.46
N ASN A 2288 -86.12 -11.42 26.40
CA ASN A 2288 -84.88 -11.67 27.14
C ASN A 2288 -85.01 -12.92 28.01
N HIS A 2289 -86.21 -13.20 28.50
CA HIS A 2289 -86.45 -14.42 29.27
C HIS A 2289 -86.29 -15.66 28.40
N GLY A 2290 -86.80 -15.61 27.17
CA GLY A 2290 -86.72 -16.74 26.27
C GLY A 2290 -85.41 -16.89 25.54
N LEU A 2291 -84.59 -15.82 25.51
CA LEU A 2291 -83.34 -15.87 24.77
C LEU A 2291 -82.37 -16.89 25.33
N ARG A 2292 -82.40 -17.12 26.64
CA ARG A 2292 -81.41 -17.97 27.29
C ARG A 2292 -81.64 -19.46 27.05
N ASN A 2293 -82.72 -19.86 26.38
CA ASN A 2293 -82.99 -21.27 26.19
C ASN A 2293 -81.99 -21.94 25.26
N GLY A 2294 -81.25 -21.18 24.47
CA GLY A 2294 -80.27 -21.72 23.55
C GLY A 2294 -80.84 -22.02 22.17
N GLY A 2295 -82.02 -22.60 22.12
CA GLY A 2295 -82.68 -22.90 20.86
C GLY A 2295 -83.57 -21.77 20.39
N GLY A 2296 -83.06 -20.55 20.42
CA GLY A 2296 -83.82 -19.39 20.01
C GLY A 2296 -84.99 -19.13 20.94
N VAL A 2297 -85.87 -18.23 20.48
CA VAL A 2297 -87.05 -17.83 21.22
C VAL A 2297 -88.30 -18.57 20.77
N GLY A 2298 -88.18 -19.50 19.81
CA GLY A 2298 -89.34 -20.24 19.34
C GLY A 2298 -89.89 -21.22 20.34
N ASP A 2299 -89.08 -21.65 21.31
CA ASP A 2299 -89.55 -22.60 22.31
C ASP A 2299 -90.60 -21.97 23.22
N ILE A 2300 -90.51 -20.67 23.47
CA ILE A 2300 -91.49 -20.01 24.32
C ILE A 2300 -92.84 -19.93 23.60
N LEU A 2301 -92.82 -19.73 22.28
CA LEU A 2301 -94.04 -19.63 21.51
C LEU A 2301 -94.64 -21.00 21.26
N ARG A 2302 -95.96 -21.04 21.09
CA ARG A 2302 -96.66 -22.29 20.85
C ARG A 2302 -96.27 -22.89 19.50
N LYS A 2303 -96.39 -24.21 19.39
CA LYS A 2303 -96.06 -24.91 18.16
C LYS A 2303 -97.30 -24.95 17.27
N PRO A 2304 -97.25 -24.47 16.00
CA PRO A 2304 -98.46 -24.49 15.18
C PRO A 2304 -98.67 -25.80 14.44
N SER A 2305 -99.75 -25.89 13.67
CA SER A 2305 -100.07 -27.07 12.90
C SER A 2305 -99.34 -27.04 11.56
N LYS A 2306 -99.51 -28.10 10.78
CA LYS A 2306 -98.88 -28.19 9.47
C LYS A 2306 -99.57 -27.33 8.41
N ASP A 2307 -100.86 -27.04 8.59
CA ASP A 2307 -101.65 -26.27 7.64
C ASP A 2307 -102.16 -24.98 8.28
N GLU A 2308 -101.31 -24.34 9.07
CA GLU A 2308 -101.67 -23.07 9.70
C GLU A 2308 -101.56 -21.94 8.69
N SER A 2309 -101.81 -20.72 9.16
CA SER A 2309 -101.81 -19.55 8.27
C SER A 2309 -100.40 -19.04 8.02
N LEU A 2310 -99.71 -18.61 9.08
CA LEU A 2310 -98.39 -18.00 8.98
C LEU A 2310 -97.28 -18.94 9.44
N PHE A 2311 -97.45 -20.24 9.20
CA PHE A 2311 -96.45 -21.20 9.65
C PHE A 2311 -95.14 -21.09 8.88
N PRO A 2312 -95.13 -20.96 7.55
CA PRO A 2312 -93.85 -20.70 6.86
C PRO A 2312 -93.17 -19.43 7.32
N ALA A 2313 -93.92 -18.34 7.45
CA ALA A 2313 -93.36 -17.10 7.96
C ALA A 2313 -92.82 -17.28 9.38
N ARG A 2314 -93.54 -18.03 10.22
CA ARG A 2314 -93.08 -18.25 11.58
C ARG A 2314 -91.78 -19.02 11.61
N VAL A 2315 -91.67 -20.09 10.82
CA VAL A 2315 -90.46 -20.91 10.90
C VAL A 2315 -89.27 -20.19 10.29
N VAL A 2316 -89.48 -19.42 9.20
CA VAL A 2316 -88.36 -18.67 8.65
C VAL A 2316 -87.93 -17.57 9.62
N TYR A 2317 -88.89 -16.95 10.32
CA TYR A 2317 -88.54 -15.95 11.33
C TYR A 2317 -87.72 -16.58 12.45
N ASP A 2318 -88.12 -17.77 12.90
CA ASP A 2318 -87.38 -18.45 13.95
C ASP A 2318 -85.96 -18.80 13.49
N LEU A 2319 -85.83 -19.31 12.26
CA LEU A 2319 -84.50 -19.67 11.76
C LEU A 2319 -83.62 -18.43 11.61
N LEU A 2320 -84.20 -17.31 11.19
CA LEU A 2320 -83.42 -16.08 11.05
C LEU A 2320 -83.00 -15.57 12.43
N PHE A 2321 -83.89 -15.62 13.41
CA PHE A 2321 -83.54 -15.26 14.77
C PHE A 2321 -82.41 -16.13 15.30
N PHE A 2322 -82.44 -17.41 14.96
CA PHE A 2322 -81.35 -18.31 15.36
C PHE A 2322 -80.04 -17.89 14.71
N PHE A 2323 -80.00 -17.85 13.38
CA PHE A 2323 -78.75 -17.56 12.69
C PHE A 2323 -78.28 -16.12 12.85
N ILE A 2324 -79.07 -15.24 13.47
CA ILE A 2324 -78.66 -13.87 13.69
C ILE A 2324 -78.54 -13.48 15.16
N VAL A 2325 -78.94 -14.34 16.11
CA VAL A 2325 -79.07 -13.92 17.51
C VAL A 2325 -78.37 -14.85 18.49
N ILE A 2326 -78.06 -16.10 18.13
CA ILE A 2326 -77.43 -17.04 19.06
C ILE A 2326 -76.14 -17.62 18.45
N ILE A 2327 -75.90 -17.38 17.16
CA ILE A 2327 -74.70 -17.85 16.48
C ILE A 2327 -73.82 -16.66 16.11
N ILE A 2328 -74.34 -15.75 15.29
CA ILE A 2328 -73.53 -14.62 14.84
C ILE A 2328 -73.44 -13.53 15.91
N VAL A 2329 -74.40 -13.47 16.82
CA VAL A 2329 -74.46 -12.36 17.77
C VAL A 2329 -73.54 -12.60 18.96
N LEU A 2330 -73.66 -13.77 19.61
CA LEU A 2330 -72.94 -14.04 20.85
C LEU A 2330 -71.53 -14.54 20.62
N ASN A 2331 -71.31 -15.34 19.57
CA ASN A 2331 -69.96 -15.84 19.31
C ASN A 2331 -68.98 -14.73 18.97
N LEU A 2332 -69.47 -13.54 18.62
CA LEU A 2332 -68.58 -12.40 18.46
C LEU A 2332 -67.91 -12.03 19.78
N ILE A 2333 -68.67 -12.07 20.89
CA ILE A 2333 -68.09 -11.81 22.20
C ILE A 2333 -67.04 -12.86 22.53
N PHE A 2334 -67.35 -14.13 22.26
CA PHE A 2334 -66.38 -15.20 22.43
C PHE A 2334 -65.12 -14.93 21.59
N GLY A 2335 -65.31 -14.38 20.40
CA GLY A 2335 -64.17 -14.11 19.55
C GLY A 2335 -63.29 -13.00 20.09
N VAL A 2336 -63.90 -11.91 20.57
CA VAL A 2336 -63.13 -10.85 21.21
C VAL A 2336 -62.40 -11.40 22.43
N ILE A 2337 -63.04 -12.32 23.16
CA ILE A 2337 -62.43 -12.89 24.36
C ILE A 2337 -61.21 -13.71 23.98
N ILE A 2338 -61.33 -14.56 22.96
CA ILE A 2338 -60.20 -15.36 22.53
C ILE A 2338 -59.09 -14.47 21.97
N ASP A 2339 -59.47 -13.41 21.27
CA ASP A 2339 -58.49 -12.50 20.70
C ASP A 2339 -57.69 -11.80 21.78
N THR A 2340 -58.35 -11.34 22.85
CA THR A 2340 -57.61 -10.69 23.91
C THR A 2340 -56.84 -11.70 24.76
N PHE A 2341 -57.30 -12.95 24.83
CA PHE A 2341 -56.48 -13.98 25.46
C PHE A 2341 -55.16 -14.14 24.71
N ALA A 2342 -55.23 -14.33 23.39
CA ALA A 2342 -54.01 -14.42 22.59
C ALA A 2342 -53.20 -13.15 22.65
N ASP A 2343 -53.86 -11.99 22.78
CA ASP A 2343 -53.17 -10.73 22.94
C ASP A 2343 -52.30 -10.73 24.19
N LEU A 2344 -52.92 -11.01 25.33
CA LEU A 2344 -52.20 -11.09 26.60
C LEU A 2344 -51.07 -12.10 26.51
N ARG A 2345 -51.32 -13.25 25.87
CA ARG A 2345 -50.28 -14.28 25.76
C ARG A 2345 -49.10 -13.77 24.95
N SER A 2346 -49.36 -13.22 23.77
CA SER A 2346 -48.28 -12.78 22.89
C SER A 2346 -47.49 -11.65 23.53
N GLU A 2347 -48.19 -10.75 24.23
CA GLU A 2347 -47.49 -9.67 24.93
C GLU A 2347 -46.57 -10.23 26.01
N LYS A 2348 -47.07 -11.19 26.79
CA LYS A 2348 -46.23 -11.81 27.81
C LYS A 2348 -45.01 -12.48 27.20
N GLN A 2349 -45.21 -13.23 26.11
CA GLN A 2349 -44.09 -13.95 25.49
C GLN A 2349 -43.07 -12.98 24.92
N LYS A 2350 -43.52 -11.91 24.26
CA LYS A 2350 -42.60 -10.93 23.71
C LYS A 2350 -41.83 -10.22 24.80
N LYS A 2351 -42.51 -9.88 25.90
CA LYS A 2351 -41.83 -9.24 27.02
C LYS A 2351 -40.79 -10.16 27.63
N GLU A 2352 -41.12 -11.45 27.75
CA GLU A 2352 -40.16 -12.41 28.29
C GLU A 2352 -38.94 -12.53 27.37
N GLU A 2353 -39.17 -12.62 26.05
CA GLU A 2353 -38.07 -12.72 25.12
C GLU A 2353 -37.20 -11.47 25.13
N ILE A 2354 -37.82 -10.30 25.30
CA ILE A 2354 -37.04 -9.07 25.35
C ILE A 2354 -36.25 -8.97 26.65
N LEU A 2355 -36.80 -9.49 27.74
CA LEU A 2355 -36.12 -9.44 29.02
C LEU A 2355 -35.00 -10.47 29.11
N LYS A 2356 -35.11 -11.56 28.35
CA LYS A 2356 -34.10 -12.62 28.43
C LYS A 2356 -32.89 -12.32 27.57
N THR A 2357 -33.10 -11.66 26.41
CA THR A 2357 -32.06 -11.44 25.41
C THR A 2357 -31.78 -9.94 25.25
N THR A 2358 -31.68 -9.23 26.37
CA THR A 2358 -31.34 -7.81 26.35
C THR A 2358 -30.60 -7.48 27.62
N CYS A 2359 -29.52 -6.71 27.50
CA CYS A 2359 -28.70 -6.34 28.64
C CYS A 2359 -29.33 -5.26 29.52
N PHE A 2360 -30.53 -4.77 29.19
CA PHE A 2360 -31.33 -3.84 29.96
C PHE A 2360 -30.82 -2.40 29.86
N ILE A 2361 -29.66 -2.15 29.23
CA ILE A 2361 -29.14 -0.79 29.09
C ILE A 2361 -28.80 -0.53 27.62
N CYS A 2362 -27.92 -1.37 27.05
CA CYS A 2362 -27.43 -1.11 25.71
C CYS A 2362 -28.39 -1.61 24.64
N GLY A 2363 -29.14 -2.66 24.91
CA GLY A 2363 -30.11 -3.17 23.95
C GLY A 2363 -29.51 -4.07 22.89
N LEU A 2364 -28.53 -4.90 23.27
CA LEU A 2364 -27.87 -5.82 22.36
C LEU A 2364 -28.48 -7.22 22.50
N GLU A 2365 -28.30 -8.01 21.44
CA GLU A 2365 -28.76 -9.38 21.42
C GLU A 2365 -27.64 -10.30 21.92
N ARG A 2366 -27.85 -11.61 21.78
CA ARG A 2366 -26.87 -12.60 22.22
C ARG A 2366 -25.95 -13.08 21.11
N ASP A 2367 -26.31 -12.86 19.84
CA ASP A 2367 -25.50 -13.34 18.73
C ASP A 2367 -24.17 -12.62 18.62
N LYS A 2368 -24.05 -11.43 19.18
CA LYS A 2368 -22.83 -10.65 19.07
C LYS A 2368 -21.76 -11.04 20.08
N PHE A 2369 -22.07 -11.96 21.01
CA PHE A 2369 -21.09 -12.48 21.97
C PHE A 2369 -20.93 -13.97 21.67
N ASP A 2370 -19.98 -14.27 20.79
CA ASP A 2370 -19.65 -15.64 20.40
C ASP A 2370 -18.21 -16.00 20.73
N ASN A 2371 -17.25 -15.13 20.40
CA ASN A 2371 -15.84 -15.37 20.68
C ASN A 2371 -15.12 -14.10 21.13
N LYS A 2372 -15.84 -13.14 21.71
CA LYS A 2372 -15.25 -11.88 22.16
C LYS A 2372 -14.66 -11.98 23.57
N THR A 2373 -14.58 -13.19 24.14
CA THR A 2373 -14.01 -13.38 25.47
C THR A 2373 -14.82 -12.65 26.54
N VAL A 2374 -16.10 -12.43 26.30
CA VAL A 2374 -17.00 -11.81 27.27
C VAL A 2374 -18.38 -12.42 27.11
N SER A 2375 -18.83 -13.15 28.13
CA SER A 2375 -20.12 -13.83 28.06
C SER A 2375 -21.26 -12.85 28.32
N PHE A 2376 -22.45 -13.23 27.86
CA PHE A 2376 -23.64 -12.41 28.10
C PHE A 2376 -24.01 -12.40 29.58
N GLU A 2377 -23.72 -13.48 30.30
CA GLU A 2377 -24.03 -13.52 31.72
C GLU A 2377 -23.12 -12.59 32.51
N GLU A 2378 -21.84 -12.54 32.15
CA GLU A 2378 -20.91 -11.66 32.83
C GLU A 2378 -21.10 -10.21 32.41
N HIS A 2379 -21.56 -9.98 31.18
CA HIS A 2379 -21.76 -8.61 30.71
C HIS A 2379 -22.92 -7.94 31.42
N ILE A 2380 -23.94 -8.71 31.80
CA ILE A 2380 -25.12 -8.17 32.47
C ILE A 2380 -25.01 -8.25 33.99
N LYS A 2381 -23.81 -8.52 34.52
CA LYS A 2381 -23.60 -8.61 35.96
C LYS A 2381 -22.35 -7.91 36.47
N LEU A 2382 -21.42 -7.51 35.60
CA LEU A 2382 -20.18 -6.87 35.98
C LEU A 2382 -19.97 -5.51 35.32
N GLU A 2383 -20.34 -5.37 34.05
CA GLU A 2383 -20.11 -4.15 33.29
C GLU A 2383 -21.37 -3.31 33.10
N HIS A 2384 -22.51 -3.95 32.84
CA HIS A 2384 -23.77 -3.26 32.56
C HIS A 2384 -24.83 -3.64 33.59
N ASN A 2385 -24.45 -3.66 34.86
CA ASN A 2385 -25.42 -3.89 35.92
C ASN A 2385 -26.34 -2.69 36.06
N MET A 2386 -27.65 -2.97 36.17
CA MET A 2386 -28.63 -1.89 36.19
C MET A 2386 -28.49 -1.04 37.44
N TRP A 2387 -28.23 -1.68 38.59
CA TRP A 2387 -28.17 -0.95 39.86
C TRP A 2387 -26.90 -0.14 40.02
N ASN A 2388 -25.86 -0.41 39.23
CA ASN A 2388 -24.63 0.38 39.33
C ASN A 2388 -24.88 1.82 38.91
N TYR A 2389 -25.72 2.03 37.89
CA TYR A 2389 -26.03 3.39 37.49
C TYR A 2389 -26.90 4.10 38.51
N LEU A 2390 -27.78 3.35 39.20
CA LEU A 2390 -28.51 3.94 40.32
C LEU A 2390 -27.56 4.37 41.42
N TYR A 2391 -26.56 3.54 41.74
CA TYR A 2391 -25.57 3.91 42.73
C TYR A 2391 -24.78 5.13 42.29
N PHE A 2392 -24.48 5.22 40.99
CA PHE A 2392 -23.75 6.37 40.48
C PHE A 2392 -24.58 7.65 40.60
N ILE A 2393 -25.86 7.56 40.29
CA ILE A 2393 -26.73 8.73 40.42
C ILE A 2393 -26.84 9.13 41.90
N VAL A 2394 -26.91 8.15 42.79
CA VAL A 2394 -26.99 8.44 44.22
C VAL A 2394 -25.72 9.13 44.69
N LEU A 2395 -24.56 8.66 44.21
CA LEU A 2395 -23.30 9.30 44.58
C LEU A 2395 -23.21 10.70 44.02
N VAL A 2396 -23.72 10.92 42.82
CA VAL A 2396 -23.71 12.26 42.24
C VAL A 2396 -24.61 13.19 43.04
N ARG A 2397 -25.73 12.67 43.54
CA ARG A 2397 -26.65 13.48 44.33
C ARG A 2397 -26.19 13.66 45.78
N VAL A 2398 -25.26 12.83 46.25
CA VAL A 2398 -24.83 12.87 47.65
C VAL A 2398 -23.56 13.66 47.83
N LYS A 2399 -22.61 13.54 46.90
CA LYS A 2399 -21.31 14.16 47.07
C LYS A 2399 -21.41 15.69 46.98
N ASN A 2400 -20.32 16.35 47.36
CA ASN A 2400 -20.27 17.80 47.33
C ASN A 2400 -20.13 18.31 45.89
N LYS A 2401 -20.32 19.61 45.73
CA LYS A 2401 -20.38 20.22 44.41
C LYS A 2401 -19.00 20.57 43.85
N THR A 2402 -18.07 20.99 44.70
CA THR A 2402 -16.80 21.51 44.23
C THR A 2402 -15.79 20.42 43.87
N ASP A 2403 -15.93 19.22 44.42
CA ASP A 2403 -14.94 18.16 44.28
C ASP A 2403 -15.60 16.83 43.94
N TYR A 2404 -16.52 16.84 42.96
CA TYR A 2404 -17.20 15.62 42.58
C TYR A 2404 -16.22 14.59 42.02
N THR A 2405 -15.70 14.85 40.83
CA THR A 2405 -14.74 13.98 40.16
C THR A 2405 -14.34 14.64 38.85
N GLY A 2406 -13.57 13.92 38.02
CA GLY A 2406 -13.26 14.40 36.69
C GLY A 2406 -14.50 14.46 35.81
N PRO A 2407 -15.08 13.30 35.49
CA PRO A 2407 -16.30 13.27 34.67
C PRO A 2407 -17.60 13.34 35.45
N GLU A 2408 -17.55 13.32 36.78
CA GLU A 2408 -18.77 13.44 37.57
C GLU A 2408 -19.37 14.83 37.45
N SER A 2409 -18.52 15.86 37.31
CA SER A 2409 -19.05 17.19 37.03
C SER A 2409 -19.78 17.20 35.70
N TYR A 2410 -19.25 16.50 34.70
CA TYR A 2410 -19.90 16.44 33.40
C TYR A 2410 -21.25 15.74 33.47
N VAL A 2411 -21.30 14.58 34.12
CA VAL A 2411 -22.56 13.86 34.19
C VAL A 2411 -23.56 14.59 35.08
N ALA A 2412 -23.07 15.36 36.06
CA ALA A 2412 -23.98 16.18 36.86
C ALA A 2412 -24.57 17.31 36.03
N GLN A 2413 -23.73 17.99 35.23
CA GLN A 2413 -24.25 19.02 34.34
C GLN A 2413 -25.23 18.43 33.33
N MET A 2414 -25.00 17.19 32.89
CA MET A 2414 -25.93 16.55 31.96
C MET A 2414 -27.23 16.16 32.64
N ILE A 2415 -27.18 15.78 33.92
CA ILE A 2415 -28.39 15.39 34.64
C ILE A 2415 -29.25 16.60 34.97
N LYS A 2416 -28.67 17.79 35.09
CA LYS A 2416 -29.44 18.99 35.39
C LYS A 2416 -30.28 19.46 34.21
N ASN A 2417 -29.88 19.12 32.98
CA ASN A 2417 -30.60 19.53 31.78
C ASN A 2417 -31.62 18.48 31.33
N LYS A 2418 -31.71 17.34 32.00
CA LYS A 2418 -32.66 16.28 31.65
C LYS A 2418 -32.41 15.78 30.22
N ASN A 2419 -31.20 15.29 30.00
CA ASN A 2419 -30.78 14.74 28.72
C ASN A 2419 -30.16 13.38 28.96
N LEU A 2420 -30.88 12.32 28.56
CA LEU A 2420 -30.43 10.94 28.77
C LEU A 2420 -29.64 10.45 27.56
N ASP A 2421 -28.59 11.21 27.23
CA ASP A 2421 -27.70 10.89 26.13
C ASP A 2421 -26.39 10.25 26.58
N TRP A 2422 -26.11 10.26 27.88
CA TRP A 2422 -24.83 9.76 28.39
C TRP A 2422 -24.83 8.26 28.68
N PHE A 2423 -25.96 7.57 28.46
CA PHE A 2423 -25.95 6.11 28.55
C PHE A 2423 -25.34 5.52 27.28
N PRO A 2424 -24.79 4.31 27.34
CA PRO A 2424 -24.36 3.65 26.11
C PRO A 2424 -25.53 2.99 25.40
N ARG A 2425 -25.50 3.08 24.07
CA ARG A 2425 -26.57 2.56 23.22
C ARG A 2425 -25.97 1.73 22.10
N MET A 2426 -26.27 0.43 22.09
CA MET A 2426 -25.90 -0.48 21.02
C MET A 2426 -24.39 -0.66 20.87
N ARG A 2427 -23.62 -0.33 21.90
CA ARG A 2427 -22.19 -0.60 21.90
C ARG A 2427 -21.67 -0.49 23.32
N ALA A 2428 -20.52 -1.12 23.56
CA ALA A 2428 -19.92 -1.14 24.89
C ALA A 2428 -18.48 -1.59 24.77
N MET A 2429 -17.78 -1.54 25.89
CA MET A 2429 -16.40 -2.00 25.95
C MET A 2429 -16.34 -3.52 25.77
N SER A 2430 -15.18 -3.99 25.33
CA SER A 2430 -14.94 -5.42 25.08
C SER A 2430 -15.85 -5.98 24.00
N LEU A 2431 -16.33 -5.12 23.10
CA LEU A 2431 -17.14 -5.52 21.96
C LEU A 2431 -16.56 -5.09 20.61
N VAL A 2432 -15.66 -4.11 20.59
CA VAL A 2432 -15.05 -3.64 19.36
C VAL A 2432 -13.80 -4.45 19.06
N UNK A 2433 2.56 5.60 7.04
CA UNK A 2433 3.90 5.21 7.44
C UNK A 2433 4.81 5.03 6.23
N UNK A 2434 4.35 4.22 5.27
CA UNK A 2434 5.13 4.00 4.06
C UNK A 2434 5.29 5.28 3.24
N UNK A 2435 4.31 6.18 3.32
CA UNK A 2435 4.41 7.44 2.59
C UNK A 2435 5.56 8.29 3.11
N UNK A 2436 5.81 8.25 4.42
CA UNK A 2436 6.94 8.99 4.98
C UNK A 2436 8.27 8.43 4.50
N UNK A 2437 8.39 7.10 4.43
CA UNK A 2437 9.59 6.48 3.90
C UNK A 2437 9.78 6.84 2.42
N UNK A 2438 8.68 6.87 1.66
CA UNK A 2438 8.77 7.25 0.26
C UNK A 2438 9.21 8.71 0.12
N UNK A 2439 8.72 9.58 1.00
CA UNK A 2439 9.13 10.99 0.95
C UNK A 2439 10.60 11.15 1.29
N UNK A 2440 11.09 10.40 2.29
CA UNK A 2440 12.51 10.43 2.62
C UNK A 2440 13.35 9.93 1.46
N UNK A 2441 12.91 8.85 0.81
CA UNK A 2441 13.62 8.34 -0.36
C UNK A 2441 13.60 9.36 -1.49
N UNK A 2442 12.50 10.09 -1.64
CA UNK A 2442 12.43 11.11 -2.69
C UNK A 2442 13.36 12.28 -2.39
N UNK A 2443 13.50 12.65 -1.11
CA UNK A 2443 14.46 13.69 -0.75
C UNK A 2443 15.89 13.25 -1.02
N UNK A 2444 16.22 12.01 -0.64
CA UNK A 2444 17.55 11.47 -0.94
C UNK A 2444 17.80 11.43 -2.43
N UNK A 2445 16.77 11.07 -3.21
CA UNK A 2445 16.91 11.04 -4.67
C UNK A 2445 17.03 12.44 -5.25
N UNK A 2446 16.40 13.43 -4.62
CA UNK A 2446 16.58 14.81 -5.05
C UNK A 2446 18.02 15.26 -4.87
N UNK A 2447 18.61 14.97 -3.71
CA UNK A 2447 20.02 15.28 -3.49
C UNK A 2447 20.90 14.49 -4.46
N UNK A 2448 20.55 13.24 -4.74
CA UNK A 2448 21.33 12.41 -5.65
C UNK A 2448 21.30 12.98 -7.06
N UNK A 2449 20.13 13.43 -7.52
CA UNK A 2449 20.01 14.01 -8.85
C UNK A 2449 20.72 15.35 -8.93
N UNK A 2450 20.68 16.12 -7.83
CA UNK A 2450 21.43 17.38 -7.79
C UNK A 2450 22.93 17.11 -7.91
N UNK A 2451 23.42 16.05 -7.27
CA UNK A 2451 24.83 15.69 -7.41
C UNK A 2451 25.13 15.14 -8.79
N UNK A 2452 24.17 14.46 -9.41
CA UNK A 2452 24.39 13.89 -10.75
C UNK A 2452 24.35 14.96 -11.83
N UNK A 2453 23.62 16.04 -11.61
CA UNK A 2453 23.52 17.11 -12.61
C UNK A 2453 24.85 17.85 -12.72
N SER B 2 39.34 22.30 11.63
CA SER B 2 38.67 22.74 12.84
C SER B 2 37.25 22.19 12.90
N SER B 3 36.82 21.78 14.10
CA SER B 3 35.50 21.23 14.32
C SER B 3 35.00 21.68 15.70
N PHE B 4 33.73 21.42 15.96
CA PHE B 4 33.13 21.75 17.24
C PHE B 4 33.56 20.75 18.30
N LEU B 5 33.68 21.24 19.53
CA LEU B 5 34.04 20.40 20.66
C LEU B 5 32.81 19.65 21.14
N HIS B 6 32.95 18.33 21.30
CA HIS B 6 31.88 17.46 21.75
C HIS B 6 32.18 16.96 23.17
N ILE B 7 31.16 16.34 23.76
CA ILE B 7 31.28 15.76 25.10
C ILE B 7 31.86 14.37 24.98
N GLY B 8 32.84 14.06 25.83
CA GLY B 8 33.51 12.78 25.82
C GLY B 8 34.75 12.71 24.97
N ASP B 9 35.32 13.84 24.58
CA ASP B 9 36.53 13.87 23.77
C ASP B 9 37.77 13.99 24.64
N ILE B 10 38.90 13.54 24.10
CA ILE B 10 40.19 13.59 24.76
C ILE B 10 40.94 14.80 24.22
N VAL B 11 41.09 15.83 25.06
CA VAL B 11 41.68 17.09 24.66
C VAL B 11 42.86 17.40 25.57
N SER B 12 43.47 18.58 25.36
CA SER B 12 44.56 19.06 26.19
C SER B 12 44.34 20.54 26.46
N LEU B 13 45.08 21.06 27.45
CA LEU B 13 45.01 22.46 27.84
C LEU B 13 46.41 23.05 27.80
N TYR B 14 46.48 24.33 27.40
CA TYR B 14 47.76 25.04 27.24
C TYR B 14 47.58 26.44 27.81
N ALA B 15 48.11 26.65 29.01
CA ALA B 15 48.04 27.97 29.63
C ALA B 15 48.95 28.95 28.91
N GLU B 16 48.45 30.16 28.71
CA GLU B 16 49.19 31.25 28.05
C GLU B 16 48.90 32.53 28.85
N GLY B 17 49.77 32.81 29.83
CA GLY B 17 49.65 34.01 30.64
C GLY B 17 51.00 34.56 31.02
N SER B 18 51.19 34.84 32.31
CA SER B 18 52.51 35.25 32.78
C SER B 18 53.53 34.14 32.56
N VAL B 19 53.10 32.88 32.66
CA VAL B 19 53.89 31.72 32.31
C VAL B 19 53.08 30.90 31.31
N ASN B 20 53.79 30.29 30.36
CA ASN B 20 53.17 29.59 29.25
C ASN B 20 53.59 28.12 29.24
N GLY B 21 52.67 27.26 28.80
CA GLY B 21 52.94 25.85 28.67
C GLY B 21 51.77 24.95 28.98
N PHE B 22 51.95 23.65 28.83
CA PHE B 22 50.92 22.69 29.17
C PHE B 22 50.86 22.48 30.69
N ILE B 23 49.85 21.75 31.13
CA ILE B 23 49.65 21.43 32.54
C ILE B 23 49.85 19.93 32.71
N SER B 24 50.25 19.54 33.92
CA SER B 24 50.51 18.14 34.25
C SER B 24 50.28 17.95 35.74
N THR B 25 50.43 16.70 36.18
CA THR B 25 50.22 16.32 37.57
C THR B 25 51.33 15.37 38.00
N LEU B 26 51.85 15.58 39.21
CA LEU B 26 52.75 14.62 39.80
C LEU B 26 51.99 13.32 40.04
N GLY B 27 52.62 12.20 39.70
CA GLY B 27 51.89 10.96 39.52
C GLY B 27 51.27 10.35 40.76
N LEU B 28 49.95 10.48 40.87
CA LEU B 28 49.08 9.60 41.65
C LEU B 28 49.36 9.61 43.16
N VAL B 29 50.22 10.50 43.65
CA VAL B 29 50.44 10.65 45.09
C VAL B 29 50.23 12.09 45.52
N ASP B 30 50.43 13.04 44.61
CA ASP B 30 50.18 14.44 44.85
C ASP B 30 48.81 14.82 44.29
N ASP B 31 48.44 16.08 44.49
CA ASP B 31 47.18 16.62 44.01
C ASP B 31 47.31 17.96 43.30
N ARG B 32 48.48 18.59 43.33
CA ARG B 32 48.65 19.91 42.74
C ARG B 32 48.90 19.79 41.24
N CYS B 33 48.31 20.72 40.49
CA CYS B 33 48.53 20.83 39.05
C CYS B 33 49.71 21.75 38.81
N VAL B 34 50.60 21.36 37.89
CA VAL B 34 51.86 22.03 37.65
C VAL B 34 51.91 22.48 36.20
N VAL B 35 52.50 23.66 35.97
CA VAL B 35 52.73 24.21 34.65
C VAL B 35 54.23 24.28 34.43
N GLU B 36 54.72 23.50 33.47
CA GLU B 36 56.16 23.41 33.20
C GLU B 36 56.51 24.33 32.03
N PRO B 37 57.21 25.45 32.25
CA PRO B 37 57.56 26.30 31.10
C PRO B 37 58.68 25.72 30.26
N ALA B 38 59.63 25.02 30.86
CA ALA B 38 60.76 24.45 30.14
C ALA B 38 60.45 23.10 29.50
N ALA B 39 59.18 22.70 29.44
CA ALA B 39 58.83 21.40 28.86
C ALA B 39 58.72 21.48 27.34
N GLY B 40 57.83 22.34 26.84
CA GLY B 40 57.64 22.48 25.41
C GLY B 40 56.49 23.40 25.05
N ASP B 41 56.59 24.06 23.91
CA ASP B 41 55.57 24.98 23.44
C ASP B 41 54.55 24.23 22.59
N LEU B 42 53.65 24.98 21.94
CA LEU B 42 52.64 24.35 21.10
C LEU B 42 53.25 23.73 19.85
N ASP B 43 54.37 24.26 19.38
CA ASP B 43 55.02 23.71 18.19
C ASP B 43 55.70 22.38 18.51
N ASN B 44 56.66 22.40 19.43
CA ASN B 44 57.38 21.21 19.85
C ASN B 44 56.71 20.66 21.11
N PRO B 45 55.98 19.53 21.05
CA PRO B 45 55.33 19.05 22.26
C PRO B 45 56.35 18.45 23.21
N PRO B 46 56.04 18.39 24.51
CA PRO B 46 57.01 17.86 25.47
C PRO B 46 56.98 16.34 25.55
N LYS B 47 58.05 15.80 26.13
CA LYS B 47 58.10 14.37 26.39
C LYS B 47 57.16 14.02 27.53
N LYS B 48 56.80 12.74 27.59
CA LYS B 48 55.83 12.24 28.56
C LYS B 48 54.49 12.97 28.41
N PHE B 49 54.06 13.09 27.16
CA PHE B 49 52.84 13.82 26.84
C PHE B 49 51.58 13.14 27.38
N ARG B 50 51.65 11.84 27.68
CA ARG B 50 50.46 11.11 28.09
C ARG B 50 49.84 11.65 29.37
N ASP B 51 50.61 12.33 30.21
CA ASP B 51 50.08 12.91 31.43
C ASP B 51 49.34 14.22 31.20
N CYS B 52 49.46 14.83 30.02
CA CYS B 52 48.90 16.14 29.75
C CYS B 52 47.52 16.07 29.08
N LEU B 53 46.86 14.92 29.13
CA LEU B 53 45.55 14.76 28.52
C LEU B 53 44.44 15.05 29.53
N PHE B 54 43.24 15.28 29.00
CA PHE B 54 42.07 15.51 29.83
C PHE B 54 40.83 15.11 29.05
N LYS B 55 39.73 14.92 29.79
CA LYS B 55 38.45 14.58 29.21
C LYS B 55 37.38 15.50 29.78
N VAL B 56 36.56 16.05 28.90
CA VAL B 56 35.41 16.85 29.33
C VAL B 56 34.30 15.90 29.74
N CYS B 57 33.60 16.25 30.82
CA CYS B 57 32.53 15.45 31.38
C CYS B 57 31.34 16.34 31.70
N PRO B 58 30.11 15.79 31.64
CA PRO B 58 28.92 16.63 31.77
C PRO B 58 28.57 16.96 33.22
N MET B 59 27.43 17.61 33.41
CA MET B 59 26.95 17.93 34.75
C MET B 59 26.76 16.65 35.55
N ASN B 60 27.20 16.69 36.81
CA ASN B 60 27.03 15.59 37.75
C ASN B 60 26.21 16.07 38.95
N ARG B 61 25.86 15.13 39.81
CA ARG B 61 25.09 15.40 41.02
C ARG B 61 25.88 14.90 42.22
N TYR B 62 25.96 15.74 43.26
CA TYR B 62 26.70 15.42 44.48
C TYR B 62 25.88 15.80 45.70
N SER B 63 24.58 15.50 45.68
CA SER B 63 23.72 15.81 46.81
C SER B 63 23.79 14.72 47.87
N ALA B 64 23.58 13.46 47.48
CA ALA B 64 23.60 12.37 48.45
C ALA B 64 25.01 12.05 48.91
N GLN B 65 26.01 12.27 48.05
CA GLN B 65 27.39 11.99 48.45
C GLN B 65 27.85 12.92 49.55
N LYS B 66 27.48 14.20 49.47
CA LYS B 66 27.82 15.14 50.53
C LYS B 66 27.14 14.74 51.83
N GLN B 67 25.89 14.27 51.76
CA GLN B 67 25.20 13.82 52.96
C GLN B 67 25.88 12.61 53.57
N TYR B 68 26.30 11.67 52.73
CA TYR B 68 27.01 10.49 53.24
C TYR B 68 28.33 10.88 53.89
N TRP B 69 29.06 11.81 53.28
CA TRP B 69 30.33 12.25 53.85
C TRP B 69 30.11 13.00 55.16
N LYS B 70 29.04 13.81 55.24
CA LYS B 70 28.74 14.51 56.48
C LYS B 70 28.32 13.55 57.58
N ALA B 71 27.63 12.46 57.22
CA ALA B 71 27.26 11.45 58.21
C ALA B 71 28.49 10.68 58.68
N LYS B 72 29.42 10.39 57.76
CA LYS B 72 30.63 9.66 58.14
C LYS B 72 31.58 10.54 58.94
N GLN B 73 31.54 11.86 58.74
CA GLN B 73 32.43 12.75 59.49
C GLN B 73 32.02 12.80 60.96
N THR B 74 30.72 12.86 61.23
CA THR B 74 30.23 12.91 62.60
C THR B 74 30.17 11.51 63.21
N ALA B 82 20.05 3.17 66.63
CA ALA B 82 19.07 3.04 65.56
C ALA B 82 19.42 3.90 64.34
N ASP B 83 20.69 4.27 64.21
CA ASP B 83 21.17 5.06 63.09
C ASP B 83 21.79 4.23 61.98
N VAL B 84 21.83 2.90 62.13
CA VAL B 84 22.42 2.04 61.12
C VAL B 84 21.46 1.87 59.94
N VAL B 85 20.17 1.79 60.20
CA VAL B 85 19.20 1.56 59.13
C VAL B 85 19.11 2.80 58.23
N LEU B 86 19.09 4.00 58.83
CA LEU B 86 19.03 5.20 58.01
C LEU B 86 20.34 5.41 57.26
N LEU B 87 21.46 5.00 57.84
CA LEU B 87 22.74 5.10 57.14
C LEU B 87 22.76 4.15 55.95
N GLN B 88 22.23 2.93 56.12
CA GLN B 88 22.16 1.99 55.01
C GLN B 88 21.23 2.50 53.92
N LYS B 89 20.10 3.10 54.30
CA LYS B 89 19.18 3.66 53.31
C LYS B 89 19.84 4.82 52.56
N LEU B 90 20.57 5.67 53.28
CA LEU B 90 21.26 6.78 52.63
C LEU B 90 22.34 6.27 51.69
N GLN B 91 23.06 5.22 52.07
CA GLN B 91 24.08 4.65 51.19
C GLN B 91 23.45 4.05 49.95
N HIS B 92 22.31 3.37 50.10
CA HIS B 92 21.61 2.84 48.94
C HIS B 92 21.14 3.97 48.02
N ALA B 93 20.65 5.06 48.60
CA ALA B 93 20.24 6.20 47.80
C ALA B 93 21.43 6.83 47.08
N ALA B 94 22.58 6.87 47.73
CA ALA B 94 23.78 7.42 47.09
C ALA B 94 24.24 6.54 45.93
N GLN B 95 24.18 5.21 46.11
CA GLN B 95 24.54 4.32 45.02
C GLN B 95 23.55 4.44 43.87
N MET B 96 22.26 4.63 44.18
CA MET B 96 21.27 4.83 43.13
C MET B 96 21.53 6.14 42.39
N GLU B 97 21.93 7.18 43.11
CA GLU B 97 22.26 8.44 42.47
C GLU B 97 23.51 8.30 41.60
N GLN B 98 24.47 7.49 42.04
CA GLN B 98 25.66 7.25 41.22
C GLN B 98 25.29 6.52 39.94
N LYS B 99 24.43 5.52 40.04
CA LYS B 99 23.99 4.82 38.83
C LYS B 99 23.19 5.74 37.91
N GLN B 100 22.39 6.62 38.50
CA GLN B 100 21.64 7.61 37.71
C GLN B 100 22.59 8.54 36.96
N ASN B 101 23.63 9.02 37.65
CA ASN B 101 24.63 9.86 36.99
C ASN B 101 25.36 9.10 35.90
N ASP B 102 25.62 7.81 36.13
CA ASP B 102 26.32 7.01 35.12
C ASP B 102 25.47 6.87 33.86
N THR B 103 24.21 6.47 34.01
CA THR B 103 23.36 6.33 32.84
C THR B 103 23.08 7.68 32.18
N GLU B 104 23.05 8.76 32.95
CA GLU B 104 22.89 10.08 32.36
C GLU B 104 24.10 10.47 31.53
N ASN B 105 25.30 10.16 32.02
CA ASN B 105 26.51 10.40 31.24
C ASN B 105 26.53 9.54 29.98
N LYS B 106 26.01 8.32 30.09
CA LYS B 106 25.96 7.44 28.92
C LYS B 106 24.97 7.96 27.87
N LYS B 107 23.85 8.52 28.33
CA LYS B 107 22.82 8.98 27.40
C LYS B 107 23.18 10.33 26.78
N VAL B 108 23.83 11.21 27.54
CA VAL B 108 24.18 12.53 27.04
C VAL B 108 25.38 12.50 26.10
N HIS B 109 26.18 11.44 26.12
CA HIS B 109 27.36 11.36 25.28
C HIS B 109 26.96 11.38 23.81
N GLY B 110 27.52 12.34 23.06
CA GLY B 110 27.23 12.51 21.65
C GLY B 110 26.59 13.83 21.33
N ASP B 111 26.90 14.86 22.12
CA ASP B 111 26.35 16.20 21.94
C ASP B 111 27.50 17.19 21.84
N VAL B 112 27.15 18.43 21.48
CA VAL B 112 28.11 19.52 21.31
C VAL B 112 27.94 20.48 22.49
N VAL B 113 29.07 20.88 23.07
CA VAL B 113 29.06 21.79 24.20
C VAL B 113 28.99 23.23 23.69
N LYS B 114 28.39 24.10 24.50
CA LYS B 114 28.23 25.51 24.19
C LYS B 114 28.77 26.36 25.32
N TYR B 115 28.98 27.63 25.04
CA TYR B 115 29.50 28.56 26.04
C TYR B 115 28.46 28.79 27.13
N GLY B 116 28.95 29.09 28.33
CA GLY B 116 28.09 29.30 29.48
C GLY B 116 27.61 28.04 30.15
N SER B 117 27.85 26.87 29.57
CA SER B 117 27.41 25.61 30.15
C SER B 117 28.41 25.18 31.23
N VAL B 118 28.28 23.93 31.68
CA VAL B 118 29.14 23.36 32.71
C VAL B 118 29.96 22.25 32.08
N ILE B 119 31.12 21.97 32.69
CA ILE B 119 32.01 20.93 32.20
C ILE B 119 33.00 20.61 33.32
N GLN B 120 33.29 19.32 33.48
CA GLN B 120 34.28 18.84 34.45
C GLN B 120 35.47 18.25 33.70
N LEU B 121 36.66 18.40 34.29
CA LEU B 121 37.90 17.91 33.70
C LEU B 121 38.32 16.64 34.42
N LEU B 122 38.30 15.52 33.72
CA LEU B 122 38.74 14.23 34.25
C LEU B 122 40.12 13.91 33.69
N HIS B 123 41.03 13.48 34.56
CA HIS B 123 42.36 13.09 34.12
C HIS B 123 42.32 11.73 33.44
N MET B 124 43.18 11.56 32.44
CA MET B 124 43.26 10.31 31.70
C MET B 124 44.17 9.29 32.37
N LYS B 125 45.19 9.74 33.08
CA LYS B 125 46.13 8.84 33.74
C LYS B 125 45.70 8.45 35.14
N SER B 126 44.97 9.34 35.84
CA SER B 126 44.54 9.09 37.21
C SER B 126 43.07 8.74 37.33
N ASN B 127 42.25 9.11 36.35
CA ASN B 127 40.80 8.85 36.40
C ASN B 127 40.17 9.55 37.60
N LYS B 128 40.64 10.77 37.87
CA LYS B 128 40.15 11.59 38.98
C LYS B 128 39.87 12.99 38.46
N TYR B 129 38.74 13.55 38.87
CA TYR B 129 38.33 14.87 38.43
C TYR B 129 39.15 15.94 39.14
N LEU B 130 39.16 17.13 38.53
CA LEU B 130 39.84 18.30 39.08
C LEU B 130 38.81 19.24 39.68
N THR B 131 39.15 19.83 40.83
CA THR B 131 38.23 20.74 41.50
C THR B 131 39.04 21.74 42.32
N VAL B 132 38.33 22.67 42.95
CA VAL B 132 38.90 23.68 43.82
C VAL B 132 38.30 23.53 45.21
N ASN B 133 39.06 23.94 46.22
CA ASN B 133 38.66 23.83 47.62
C ASN B 133 38.40 25.24 48.15
N LYS B 134 37.13 25.58 48.29
CA LYS B 134 36.76 26.86 48.89
C LYS B 134 37.08 26.91 50.38
N ARG B 135 37.28 25.75 51.02
CA ARG B 135 37.56 25.66 52.45
C ARG B 135 39.04 25.38 52.72
N LEU B 136 39.93 25.89 51.89
CA LEU B 136 41.35 25.68 52.07
C LEU B 136 42.15 26.68 51.25
N PRO B 137 43.10 27.44 51.84
CA PRO B 137 43.95 28.29 51.00
C PRO B 137 44.96 27.48 50.19
N ALA B 138 45.69 28.16 49.31
CA ALA B 138 46.69 27.49 48.49
C ALA B 138 47.94 27.19 49.32
N LEU B 139 48.91 26.53 48.68
CA LEU B 139 50.16 26.14 49.33
C LEU B 139 51.22 27.22 49.20
N LEU B 140 51.57 27.57 47.97
CA LEU B 140 52.60 28.57 47.69
C LEU B 140 52.04 29.99 47.58
N GLU B 141 50.81 30.22 48.05
CA GLU B 141 50.21 31.54 48.01
C GLU B 141 49.18 31.64 49.11
N LYS B 142 49.09 32.82 49.74
CA LYS B 142 48.17 33.07 50.83
C LYS B 142 47.07 34.04 50.42
N ASN B 143 46.65 33.99 49.15
CA ASN B 143 45.60 34.85 48.62
C ASN B 143 44.56 34.10 47.80
N ALA B 144 44.87 32.92 47.27
CA ALA B 144 43.97 32.13 46.45
C ALA B 144 43.70 30.78 47.09
N MET B 145 42.75 30.05 46.52
CA MET B 145 42.37 28.74 47.01
C MET B 145 43.21 27.66 46.33
N ARG B 146 42.96 26.41 46.70
CA ARG B 146 43.80 25.28 46.31
C ARG B 146 43.06 24.38 45.34
N VAL B 147 43.72 24.01 44.24
CA VAL B 147 43.20 22.98 43.35
C VAL B 147 43.51 21.60 43.91
N THR B 148 42.71 20.63 43.52
CA THR B 148 42.85 19.28 44.06
C THR B 148 42.24 18.26 43.09
N LEU B 149 42.86 17.09 43.03
CA LEU B 149 42.37 15.97 42.23
C LEU B 149 41.60 15.03 43.15
N ASP B 150 40.29 14.93 42.93
CA ASP B 150 39.40 14.09 43.71
C ASP B 150 38.99 12.89 42.88
N ALA B 151 39.03 11.70 43.48
CA ALA B 151 38.69 10.48 42.76
C ALA B 151 37.19 10.41 42.46
N THR B 152 36.36 11.04 43.28
CA THR B 152 34.91 11.00 43.13
C THR B 152 34.31 12.35 42.77
N GLY B 153 34.95 13.45 43.13
CA GLY B 153 34.45 14.78 42.85
C GLY B 153 33.74 15.39 44.04
N ASN B 154 33.29 16.63 43.84
CA ASN B 154 32.61 17.38 44.87
C ASN B 154 31.67 18.38 44.20
N GLU B 155 31.07 19.26 45.01
CA GLU B 155 30.16 20.26 44.47
C GLU B 155 30.91 21.38 43.77
N GLY B 156 32.16 21.63 44.15
CA GLY B 156 32.94 22.70 43.57
C GLY B 156 33.71 22.29 42.32
N SER B 157 33.33 21.17 41.71
CA SER B 157 33.98 20.70 40.49
C SER B 157 33.34 21.27 39.23
N TRP B 158 32.18 21.90 39.32
CA TRP B 158 31.51 22.45 38.15
C TRP B 158 32.23 23.73 37.70
N LEU B 159 32.54 23.80 36.41
CA LEU B 159 33.31 24.89 35.83
C LEU B 159 32.53 25.50 34.68
N PHE B 160 32.21 26.79 34.79
CA PHE B 160 31.69 27.52 33.65
C PHE B 160 32.81 27.81 32.66
N ILE B 161 32.46 27.79 31.37
CA ILE B 161 33.37 28.06 30.28
C ILE B 161 32.99 29.41 29.70
N GLN B 162 33.99 30.27 29.51
CA GLN B 162 33.80 31.62 28.97
C GLN B 162 34.81 31.87 27.87
N PRO B 163 34.48 32.72 26.88
CA PRO B 163 35.49 33.09 25.89
C PRO B 163 36.46 34.13 26.44
N PHE B 164 37.75 33.93 26.15
CA PHE B 164 38.75 34.92 26.53
C PHE B 164 38.63 36.17 25.66
N TRP B 165 38.47 35.99 24.36
CA TRP B 165 38.27 37.11 23.46
C TRP B 165 36.83 37.61 23.51
N LYS B 166 36.61 38.77 22.90
CA LYS B 166 35.27 39.34 22.75
C LYS B 166 34.61 38.93 21.44
N LEU B 167 35.01 37.79 20.87
CA LEU B 167 34.48 37.36 19.59
C LEU B 167 33.11 36.71 19.76
N ARG B 168 32.99 35.77 20.69
CA ARG B 168 31.78 34.98 20.90
C ARG B 168 31.17 35.32 22.24
N SER B 169 29.93 34.86 22.44
CA SER B 169 29.15 35.12 23.64
C SER B 169 28.56 33.80 24.13
N ASN B 170 27.81 33.89 25.23
CA ASN B 170 27.20 32.71 25.82
C ASN B 170 26.14 32.14 24.89
N GLY B 171 26.09 30.81 24.80
CA GLY B 171 25.15 30.11 23.97
C GLY B 171 25.71 29.67 22.63
N ASP B 172 26.79 30.27 22.18
CA ASP B 172 27.38 29.91 20.89
C ASP B 172 28.17 28.61 21.02
N ASN B 173 28.44 27.99 19.87
CA ASN B 173 29.20 26.76 19.85
C ASN B 173 30.67 27.03 20.11
N VAL B 174 31.32 26.09 20.81
CA VAL B 174 32.72 26.23 21.20
C VAL B 174 33.55 25.56 20.11
N VAL B 175 34.18 26.36 19.27
CA VAL B 175 35.08 25.85 18.25
C VAL B 175 36.45 25.59 18.88
N VAL B 176 37.05 24.45 18.54
CA VAL B 176 38.34 24.09 19.12
C VAL B 176 39.42 25.05 18.62
N GLY B 177 40.54 25.05 19.32
CA GLY B 177 41.66 25.90 18.94
C GLY B 177 41.42 27.37 19.23
N ASP B 178 40.84 27.68 20.38
CA ASP B 178 40.57 29.05 20.79
C ASP B 178 40.93 29.23 22.25
N LYS B 179 41.10 30.49 22.66
CA LYS B 179 41.40 30.81 24.04
C LYS B 179 40.14 30.73 24.88
N VAL B 180 40.24 30.06 26.03
CA VAL B 180 39.11 29.75 26.89
C VAL B 180 39.46 30.09 28.32
N ILE B 181 38.44 30.48 29.09
CA ILE B 181 38.58 30.72 30.52
C ILE B 181 37.65 29.75 31.24
N LEU B 182 38.22 28.95 32.15
CA LEU B 182 37.45 28.05 33.00
C LEU B 182 37.33 28.68 34.38
N ASN B 183 36.10 28.86 34.85
CA ASN B 183 35.82 29.55 36.11
C ASN B 183 35.01 28.63 37.01
N PRO B 184 35.50 28.25 38.19
CA PRO B 184 34.66 27.44 39.08
C PRO B 184 33.50 28.26 39.63
N VAL B 185 32.37 27.58 39.83
CA VAL B 185 31.15 28.25 40.26
C VAL B 185 31.12 28.50 41.76
N ASN B 186 31.84 27.71 42.55
CA ASN B 186 31.79 27.78 44.00
C ASN B 186 32.93 28.60 44.61
N ALA B 187 33.76 29.24 43.78
CA ALA B 187 34.86 30.05 44.26
C ALA B 187 34.81 31.45 43.65
N GLY B 188 34.40 31.56 42.40
CA GLY B 188 34.28 32.84 41.71
C GLY B 188 35.50 33.24 40.91
N GLN B 189 36.70 32.98 41.44
CA GLN B 189 37.92 33.37 40.76
C GLN B 189 38.32 32.30 39.75
N PRO B 190 38.68 32.65 38.51
CA PRO B 190 39.08 31.61 37.56
C PRO B 190 40.49 31.10 37.85
N LEU B 191 40.87 30.06 37.12
CA LEU B 191 42.19 29.48 37.27
C LEU B 191 43.26 30.45 36.78
N HIS B 192 44.44 30.36 37.38
CA HIS B 192 45.54 31.27 37.06
C HIS B 192 46.86 30.55 37.29
N ALA B 193 47.71 30.58 36.27
CA ALA B 193 49.05 30.00 36.36
C ALA B 193 49.99 31.05 36.95
N SER B 194 50.41 30.84 38.19
CA SER B 194 51.28 31.78 38.88
C SER B 194 52.73 31.53 38.47
N ASN B 195 53.66 32.18 39.17
CA ASN B 195 55.09 32.06 38.90
C ASN B 195 55.84 31.77 40.19
N TYR B 196 55.26 30.93 41.05
CA TYR B 196 55.89 30.52 42.30
C TYR B 196 56.52 29.14 42.13
N GLU B 197 57.80 29.03 42.49
CA GLU B 197 58.51 27.77 42.37
C GLU B 197 58.07 26.80 43.46
N LEU B 198 58.46 25.55 43.29
CA LEU B 198 58.13 24.47 44.22
C LEU B 198 59.32 24.17 45.11
N SER B 199 59.09 23.32 46.12
CA SER B 199 60.13 23.00 47.09
C SER B 199 61.21 22.11 46.47
N ASP B 200 60.82 20.92 46.04
CA ASP B 200 61.77 19.93 45.52
C ASP B 200 61.85 19.95 43.99
N ASN B 201 60.71 19.90 43.31
CA ASN B 201 60.69 19.87 41.85
C ASN B 201 61.06 21.24 41.32
N ALA B 202 62.27 21.37 40.77
CA ALA B 202 62.74 22.64 40.26
C ALA B 202 62.21 22.91 38.86
N GLY B 203 62.22 24.18 38.48
CA GLY B 203 61.72 24.58 37.18
C GLY B 203 60.26 24.24 36.99
N CYS B 204 59.44 24.64 37.96
CA CYS B 204 58.01 24.31 37.96
C CYS B 204 57.23 25.47 38.54
N LYS B 205 55.93 25.49 38.24
CA LYS B 205 55.03 26.53 38.71
C LYS B 205 53.67 25.91 39.01
N GLU B 206 53.04 26.38 40.08
CA GLU B 206 51.77 25.87 40.55
C GLU B 206 50.63 26.79 40.16
N VAL B 207 49.47 26.20 39.88
CA VAL B 207 48.29 26.95 39.51
C VAL B 207 47.48 27.26 40.77
N ASN B 208 46.65 28.30 40.69
CA ASN B 208 45.78 28.69 41.78
C ASN B 208 44.49 29.25 41.18
N SER B 209 43.67 29.88 42.01
CA SER B 209 42.41 30.48 41.60
C SER B 209 42.37 31.92 42.09
N VAL B 210 42.84 32.84 41.23
CA VAL B 210 42.82 34.26 41.52
C VAL B 210 42.32 35.00 40.28
N ASN B 211 41.72 36.16 40.50
CA ASN B 211 41.18 36.97 39.41
C ASN B 211 42.34 37.55 38.62
N CYS B 212 42.64 36.94 37.47
CA CYS B 212 43.73 37.41 36.62
C CYS B 212 43.46 36.97 35.19
N ASN B 213 44.14 37.64 34.26
CA ASN B 213 43.96 37.36 32.83
C ASN B 213 44.83 36.16 32.46
N THR B 214 44.19 35.02 32.22
CA THR B 214 44.87 33.80 31.81
C THR B 214 44.00 33.07 30.81
N SER B 215 44.62 32.61 29.72
CA SER B 215 43.93 31.90 28.66
C SER B 215 44.32 30.42 28.71
N TRP B 216 43.46 29.59 28.12
CA TRP B 216 43.67 28.15 28.03
C TRP B 216 43.29 27.70 26.63
N LYS B 217 44.30 27.42 25.81
CA LYS B 217 44.07 27.01 24.43
C LYS B 217 43.80 25.50 24.40
N ILE B 218 42.56 25.14 24.07
CA ILE B 218 42.17 23.73 24.00
C ILE B 218 42.68 23.17 22.68
N ASN B 219 43.49 22.11 22.75
CA ASN B 219 44.01 21.41 21.59
C ASN B 219 43.46 19.99 21.57
N LEU B 220 42.94 19.58 20.42
CA LEU B 220 42.35 18.25 20.29
C LEU B 220 43.42 17.19 20.19
N PHE B 221 43.15 16.03 20.78
CA PHE B 221 44.00 14.85 20.68
C PHE B 221 43.25 13.64 20.17
N MET B 222 41.97 13.50 20.52
CA MET B 222 41.17 12.40 20.02
C MET B 222 39.70 12.78 20.17
N GLN B 223 38.94 12.61 19.08
CA GLN B 223 37.52 12.96 19.10
C GLN B 223 36.74 11.90 19.86
N PHE B 224 35.45 12.19 20.07
CA PHE B 224 34.57 11.27 20.79
C PHE B 224 34.16 10.07 19.94
N ARG B 225 34.23 10.17 18.62
CA ARG B 225 33.89 9.03 17.77
C ARG B 225 34.95 7.95 17.84
N ASP B 226 36.21 8.33 18.03
CA ASP B 226 37.32 7.37 18.13
C ASP B 226 37.53 6.91 19.57
N HIS B 227 36.46 6.42 20.19
CA HIS B 227 36.50 5.91 21.56
C HIS B 227 35.62 4.68 21.71
N LEU B 228 35.41 3.93 20.63
CA LEU B 228 34.53 2.78 20.66
C LEU B 228 35.17 1.55 21.29
N GLU B 229 36.45 1.62 21.69
CA GLU B 229 37.15 0.51 22.31
C GLU B 229 37.21 -0.71 21.41
N GLU B 230 37.30 -0.48 20.09
CA GLU B 230 37.46 -1.54 19.10
C GLU B 230 38.66 -1.28 18.21
N VAL B 231 38.92 -0.01 17.90
CA VAL B 231 40.02 0.37 17.03
C VAL B 231 41.26 0.65 17.89
N LEU B 232 42.42 0.60 17.26
CA LEU B 232 43.69 0.85 17.93
C LEU B 232 43.84 2.35 18.11
N LYS B 233 43.65 2.83 19.34
CA LYS B 233 43.78 4.25 19.63
C LYS B 233 45.23 4.68 19.52
N GLY B 234 45.44 5.99 19.50
CA GLY B 234 46.75 6.58 19.35
C GLY B 234 47.48 6.84 20.65
N GLY B 235 46.92 6.43 21.79
CA GLY B 235 47.55 6.62 23.09
C GLY B 235 47.49 5.41 24.00
N ASP B 236 46.85 4.34 23.55
CA ASP B 236 46.72 3.13 24.35
C ASP B 236 48.01 2.33 24.30
N VAL B 237 48.58 2.05 25.47
CA VAL B 237 49.80 1.25 25.53
C VAL B 237 49.47 -0.20 25.20
N VAL B 238 50.31 -0.83 24.39
CA VAL B 238 50.13 -2.20 23.93
C VAL B 238 51.42 -2.98 24.20
N ARG B 239 51.43 -4.23 23.76
CA ARG B 239 52.59 -5.10 23.88
C ARG B 239 52.83 -5.81 22.57
N LEU B 240 54.09 -5.95 22.20
CA LEU B 240 54.50 -6.61 20.97
C LEU B 240 54.93 -8.04 21.26
N PHE B 241 54.53 -8.97 20.38
CA PHE B 241 54.81 -10.38 20.56
C PHE B 241 55.14 -11.00 19.22
N HIS B 242 56.27 -11.70 19.16
CA HIS B 242 56.70 -12.37 17.93
C HIS B 242 56.14 -13.78 17.90
N ALA B 243 55.47 -14.13 16.79
CA ALA B 243 54.79 -15.41 16.70
C ALA B 243 55.76 -16.56 16.41
N GLU B 244 56.81 -16.30 15.63
CA GLU B 244 57.73 -17.36 15.27
C GLU B 244 58.58 -17.79 16.46
N GLN B 245 59.26 -16.83 17.09
CA GLN B 245 60.11 -17.12 18.23
C GLN B 245 59.32 -17.37 19.52
N GLU B 246 58.07 -16.92 19.58
CA GLU B 246 57.21 -17.11 20.75
C GLU B 246 57.84 -16.45 21.98
N LYS B 247 58.09 -15.14 21.85
CA LYS B 247 58.69 -14.37 22.94
C LYS B 247 58.39 -12.90 22.70
N PHE B 248 58.44 -12.13 23.78
CA PHE B 248 58.16 -10.70 23.73
C PHE B 248 59.41 -9.92 23.35
N LEU B 249 59.21 -8.62 23.09
CA LEU B 249 60.26 -7.68 22.75
C LEU B 249 60.33 -6.63 23.83
N THR B 250 61.55 -6.28 24.25
CA THR B 250 61.73 -5.30 25.32
C THR B 250 63.04 -4.55 25.07
N CYS B 251 63.39 -3.69 26.01
CA CYS B 251 64.63 -2.92 25.94
C CYS B 251 65.11 -2.64 27.35
N ASP B 252 66.42 -2.71 27.55
CA ASP B 252 66.99 -2.54 28.88
C ASP B 252 68.43 -2.10 28.76
N GLU B 253 69.01 -1.70 29.89
CA GLU B 253 70.38 -1.24 29.98
C GLU B 253 71.28 -2.40 30.36
N TYR B 254 72.40 -2.54 29.64
CA TYR B 254 73.37 -3.59 29.91
C TYR B 254 74.74 -3.09 29.49
N LYS B 255 75.72 -3.21 30.39
CA LYS B 255 77.09 -2.78 30.14
C LYS B 255 77.14 -1.30 29.75
N GLY B 256 76.26 -0.49 30.33
CA GLY B 256 76.21 0.91 29.99
C GLY B 256 75.68 1.22 28.61
N LYS B 257 74.88 0.32 28.04
CA LYS B 257 74.28 0.52 26.72
C LYS B 257 72.80 0.15 26.79
N LEU B 258 71.95 1.07 26.36
CA LEU B 258 70.51 0.85 26.34
C LEU B 258 70.16 0.15 25.04
N GLN B 259 69.97 -1.17 25.10
CA GLN B 259 69.76 -1.99 23.93
C GLN B 259 68.34 -2.55 23.91
N VAL B 260 67.77 -2.63 22.71
CA VAL B 260 66.48 -3.26 22.46
C VAL B 260 66.73 -4.68 21.99
N PHE B 261 65.96 -5.63 22.52
CA PHE B 261 66.22 -7.04 22.22
C PHE B 261 64.95 -7.86 22.47
N LEU B 262 64.97 -9.07 21.91
CA LEU B 262 63.91 -10.05 22.07
C LEU B 262 64.44 -11.13 23.02
N ARG B 263 63.99 -11.09 24.28
CA ARG B 263 64.52 -11.98 25.30
C ARG B 263 64.21 -13.43 24.97
N THR B 264 65.22 -14.29 25.13
CA THR B 264 65.10 -15.71 24.85
C THR B 264 64.72 -16.43 26.15
N THR B 265 63.43 -16.41 26.44
CA THR B 265 62.91 -17.05 27.65
C THR B 265 62.76 -18.56 27.42
N LEU B 266 62.27 -19.25 28.46
CA LEU B 266 61.98 -20.68 28.33
C LEU B 266 60.80 -20.90 27.41
N ARG B 267 59.64 -20.35 27.77
CA ARG B 267 58.46 -20.41 26.93
C ARG B 267 57.56 -19.23 27.29
N GLN B 268 56.79 -18.77 26.32
CA GLN B 268 55.91 -17.62 26.52
C GLN B 268 54.70 -17.76 25.61
N SER B 269 53.53 -17.49 26.16
CA SER B 269 52.28 -17.55 25.42
C SER B 269 52.07 -16.22 24.68
N ALA B 270 50.90 -16.08 24.05
CA ALA B 270 50.55 -14.87 23.31
C ALA B 270 49.77 -13.86 24.14
N THR B 271 49.34 -14.23 25.36
CA THR B 271 48.59 -13.33 26.22
C THR B 271 49.02 -13.41 27.68
N SER B 272 50.11 -14.11 27.99
CA SER B 272 50.56 -14.21 29.36
C SER B 272 51.25 -12.92 29.79
N ALA B 273 51.24 -12.67 31.10
CA ALA B 273 51.85 -11.46 31.63
C ALA B 273 53.36 -11.55 31.57
N THR B 274 54.01 -10.38 31.66
CA THR B 274 55.45 -10.28 31.62
C THR B 274 55.88 -9.14 32.55
N SER B 275 57.16 -8.80 32.50
CA SER B 275 57.68 -7.74 33.35
C SER B 275 57.25 -6.38 32.82
N SER B 276 57.60 -5.34 33.58
CA SER B 276 57.25 -3.96 33.23
C SER B 276 58.35 -3.30 32.41
N ASN B 277 58.77 -3.99 31.33
CA ASN B 277 59.74 -3.45 30.39
C ASN B 277 59.40 -3.72 28.93
N ALA B 278 58.32 -4.45 28.65
CA ALA B 278 57.93 -4.80 27.29
C ALA B 278 56.74 -4.01 26.77
N LEU B 279 56.21 -3.09 27.57
CA LEU B 279 55.08 -2.26 27.12
C LEU B 279 55.57 -1.16 26.19
N TRP B 280 54.73 -0.81 25.21
CA TRP B 280 55.05 0.22 24.24
C TRP B 280 53.84 1.09 24.00
N GLU B 281 54.03 2.40 24.10
CA GLU B 281 52.99 3.36 23.79
C GLU B 281 53.09 3.76 22.32
N VAL B 282 52.00 3.60 21.60
CA VAL B 282 51.94 3.94 20.18
C VAL B 282 51.56 5.40 20.05
N GLU B 283 52.01 6.03 18.95
CA GLU B 283 51.69 7.42 18.69
C GLU B 283 51.67 7.62 17.18
N VAL B 284 50.51 7.86 16.62
CA VAL B 284 50.38 8.17 15.20
C VAL B 284 50.74 9.63 14.99
N VAL B 285 51.46 9.92 13.91
CA VAL B 285 51.92 11.27 13.59
C VAL B 285 50.99 11.88 12.56
N HIS B 286 50.76 13.18 12.67
CA HIS B 286 49.92 13.93 11.75
C HIS B 286 50.61 15.26 11.45
N HIS B 287 50.00 16.06 10.58
CA HIS B 287 50.55 17.39 10.30
C HIS B 287 50.56 18.26 11.55
N ASP B 288 49.57 18.09 12.44
CA ASP B 288 49.53 18.78 13.71
C ASP B 288 50.32 18.00 14.76
N PRO B 289 51.14 18.63 15.61
CA PRO B 289 51.95 17.86 16.55
C PRO B 289 51.25 17.46 17.84
N CYS B 290 49.92 17.64 17.92
CA CYS B 290 49.15 17.30 19.11
C CYS B 290 47.92 16.47 18.82
N ARG B 291 47.69 16.07 17.57
CA ARG B 291 46.53 15.27 17.20
C ARG B 291 46.88 13.79 17.19
N GLY B 292 45.88 12.95 16.96
CA GLY B 292 46.09 11.52 16.91
C GLY B 292 44.76 10.80 17.05
N GLY B 293 44.86 9.49 17.28
CA GLY B 293 43.70 8.67 17.56
C GLY B 293 43.18 7.89 16.37
N ALA B 294 43.27 6.57 16.45
CA ALA B 294 42.69 5.67 15.46
C ALA B 294 43.29 5.91 14.07
N GLY B 295 44.60 5.69 13.97
CA GLY B 295 45.26 5.81 12.68
C GLY B 295 44.93 4.65 11.77
N HIS B 296 44.85 4.94 10.47
CA HIS B 296 44.54 3.94 9.47
C HIS B 296 45.82 3.21 9.06
N TRP B 297 45.68 2.29 8.10
CA TRP B 297 46.83 1.52 7.64
C TRP B 297 47.84 2.38 6.89
N ASN B 298 47.41 3.48 6.31
CA ASN B 298 48.31 4.37 5.57
C ASN B 298 49.02 5.38 6.46
N GLY B 299 48.73 5.40 7.77
CA GLY B 299 49.32 6.38 8.65
C GLY B 299 50.73 5.99 9.10
N LEU B 300 51.43 6.99 9.62
CA LEU B 300 52.78 6.81 10.14
C LEU B 300 52.75 6.73 11.66
N TYR B 301 53.47 5.76 12.20
CA TYR B 301 53.44 5.41 13.61
C TYR B 301 54.80 5.63 14.25
N ARG B 302 54.79 5.73 15.58
CA ARG B 302 56.01 5.73 16.38
C ARG B 302 55.72 5.01 17.69
N PHE B 303 56.78 4.48 18.29
CA PHE B 303 56.69 3.70 19.52
C PHE B 303 57.55 4.35 20.60
N LYS B 304 57.06 4.30 21.84
CA LYS B 304 57.76 4.83 23.00
C LYS B 304 57.79 3.79 24.10
N HIS B 305 58.88 3.75 24.85
CA HIS B 305 59.00 2.85 25.98
C HIS B 305 58.40 3.49 27.23
N LEU B 306 57.68 2.68 28.01
CA LEU B 306 56.97 3.22 29.17
C LEU B 306 57.92 3.63 30.29
N ALA B 307 58.94 2.81 30.55
CA ALA B 307 59.86 3.10 31.64
C ALA B 307 60.81 4.24 31.28
N THR B 308 61.62 4.05 30.24
CA THR B 308 62.57 5.04 29.79
C THR B 308 61.97 5.87 28.65
N GLY B 309 62.38 7.12 28.56
CA GLY B 309 61.91 8.01 27.53
C GLY B 309 62.72 7.89 26.25
N ASN B 310 62.73 6.70 25.66
CA ASN B 310 63.47 6.42 24.44
C ASN B 310 62.55 5.78 23.42
N TYR B 311 62.85 6.02 22.14
CA TYR B 311 62.11 5.47 21.02
C TYR B 311 62.96 4.46 20.26
N LEU B 312 62.29 3.57 19.55
CA LEU B 312 62.96 2.61 18.69
C LEU B 312 63.15 3.20 17.31
N ALA B 313 64.29 2.87 16.68
CA ALA B 313 64.59 3.39 15.35
C ALA B 313 65.59 2.46 14.68
N ALA B 314 65.94 2.79 13.45
CA ALA B 314 66.93 2.05 12.68
C ALA B 314 68.32 2.61 12.91
N GLU B 315 69.33 1.77 12.67
CA GLU B 315 70.72 2.13 12.87
C GLU B 315 71.54 1.47 11.76
N GLU B 316 72.86 1.47 11.94
CA GLU B 316 73.79 0.89 10.98
C GLU B 316 74.71 -0.08 11.72
N ASN B 317 74.79 -1.31 11.22
CA ASN B 317 75.65 -2.35 11.76
C ASN B 317 76.29 -3.12 10.62
N PRO B 318 77.48 -3.71 10.84
CA PRO B 318 78.11 -4.44 9.73
C PRO B 318 77.43 -5.78 9.45
N LYS B 348 71.55 -7.46 8.60
CA LYS B 348 72.45 -6.47 8.01
C LYS B 348 72.69 -5.33 8.99
N TYR B 349 71.69 -4.45 9.13
CA TYR B 349 71.71 -3.37 10.09
C TYR B 349 70.42 -3.41 10.88
N CYS B 350 70.54 -3.45 12.21
CA CYS B 350 69.43 -3.71 13.11
C CYS B 350 68.96 -2.41 13.77
N LEU B 351 68.02 -2.55 14.70
CA LEU B 351 67.39 -1.41 15.35
C LEU B 351 68.24 -0.94 16.54
N VAL B 352 67.82 0.18 17.12
CA VAL B 352 68.53 0.78 18.25
C VAL B 352 67.59 1.75 18.94
N ALA B 353 67.88 2.05 20.20
CA ALA B 353 67.11 3.01 20.98
C ALA B 353 67.75 4.39 20.85
N VAL B 354 66.93 5.38 20.52
CA VAL B 354 67.38 6.77 20.38
C VAL B 354 66.52 7.63 21.30
N PRO B 355 67.08 8.65 21.98
CA PRO B 355 66.24 9.49 22.85
C PRO B 355 65.44 10.53 22.07
N HIS B 356 66.04 11.05 21.00
CA HIS B 356 65.37 12.07 20.19
C HIS B 356 64.37 11.41 19.26
N GLY B 357 63.17 11.99 19.20
CA GLY B 357 62.08 11.47 18.39
C GLY B 357 61.70 12.35 17.21
N ASN B 358 62.20 13.58 17.19
CA ASN B 358 61.87 14.51 16.12
C ASN B 358 62.45 14.08 14.77
N ASP B 359 63.49 13.26 14.77
CA ASP B 359 64.10 12.82 13.52
C ASP B 359 63.17 11.88 12.76
N ILE B 360 63.35 11.85 11.43
CA ILE B 360 62.53 11.00 10.58
C ILE B 360 62.98 9.55 10.57
N ALA B 361 64.12 9.23 11.18
CA ALA B 361 64.65 7.88 11.18
C ALA B 361 63.97 6.97 12.20
N SER B 362 63.00 7.47 12.96
CA SER B 362 62.31 6.69 13.99
C SER B 362 60.86 6.40 13.63
N LEU B 363 60.49 6.56 12.37
CA LEU B 363 59.13 6.31 11.90
C LEU B 363 59.00 4.89 11.37
N PHE B 364 57.75 4.42 11.30
CA PHE B 364 57.44 3.10 10.79
C PHE B 364 56.11 3.15 10.07
N GLU B 365 55.79 2.05 9.37
CA GLU B 365 54.51 1.89 8.69
C GLU B 365 54.00 0.48 8.91
N LEU B 366 52.68 0.36 9.03
CA LEU B 366 52.05 -0.93 9.27
C LEU B 366 51.57 -1.53 7.95
N ASP B 367 51.62 -2.86 7.88
CA ASP B 367 51.15 -3.61 6.73
C ASP B 367 50.22 -4.70 7.27
N PRO B 368 48.97 -4.80 6.81
CA PRO B 368 48.04 -5.75 7.40
C PRO B 368 48.22 -7.15 6.83
N THR B 369 47.36 -8.06 7.28
CA THR B 369 47.32 -9.42 6.76
C THR B 369 45.88 -9.89 6.76
N THR B 370 45.65 -11.04 6.12
CA THR B 370 44.33 -11.66 6.05
C THR B 370 43.32 -10.81 5.26
N LEU B 371 43.82 -9.98 4.34
CA LEU B 371 42.97 -9.20 3.43
C LEU B 371 42.03 -8.29 4.20
N GLN B 372 42.61 -7.35 4.94
CA GLN B 372 41.84 -6.37 5.67
C GLN B 372 41.34 -5.27 4.73
N LYS B 373 40.26 -4.62 5.14
CA LYS B 373 39.67 -3.57 4.33
C LYS B 373 40.58 -2.34 4.33
N THR B 374 40.89 -1.84 3.14
CA THR B 374 41.78 -0.70 3.02
C THR B 374 41.06 0.59 3.42
N ASP B 375 41.84 1.53 3.95
CA ASP B 375 41.32 2.83 4.38
C ASP B 375 40.23 2.65 5.46
N SER B 376 40.54 1.81 6.44
CA SER B 376 39.63 1.53 7.54
C SER B 376 40.43 1.52 8.84
N PHE B 377 39.72 1.43 9.96
CA PHE B 377 40.35 1.44 11.27
C PHE B 377 41.03 0.11 11.54
N VAL B 378 42.18 0.18 12.21
CA VAL B 378 42.93 -1.01 12.57
C VAL B 378 42.21 -1.71 13.72
N PRO B 379 41.84 -2.98 13.62
CA PRO B 379 41.12 -3.62 14.74
C PRO B 379 42.05 -3.94 15.90
N ARG B 380 41.43 -4.17 17.05
CA ARG B 380 42.17 -4.48 18.27
C ARG B 380 42.66 -5.93 18.23
N ASN B 381 43.88 -6.13 18.73
CA ASN B 381 44.48 -7.46 18.85
C ASN B 381 44.57 -8.15 17.48
N SER B 382 45.26 -7.48 16.56
CA SER B 382 45.43 -7.96 15.20
C SER B 382 46.90 -7.96 14.83
N TYR B 383 47.27 -8.91 13.97
CA TYR B 383 48.65 -9.04 13.52
C TYR B 383 48.96 -7.98 12.46
N VAL B 384 50.23 -7.60 12.39
CA VAL B 384 50.67 -6.58 11.45
C VAL B 384 52.17 -6.74 11.23
N ARG B 385 52.68 -6.18 10.14
CA ARG B 385 54.10 -6.18 9.83
C ARG B 385 54.59 -4.74 9.82
N LEU B 386 55.73 -4.50 10.47
CA LEU B 386 56.31 -3.16 10.57
C LEU B 386 57.38 -3.00 9.51
N ARG B 387 57.31 -1.90 8.76
CA ARG B 387 58.26 -1.59 7.70
C ARG B 387 58.84 -0.20 7.94
N HIS B 388 60.15 -0.08 7.73
CA HIS B 388 60.82 1.20 7.90
C HIS B 388 60.57 2.09 6.69
N LEU B 389 60.46 3.39 6.93
CA LEU B 389 60.15 4.36 5.89
C LEU B 389 61.36 5.11 5.37
N CYS B 390 62.43 5.22 6.15
CA CYS B 390 63.60 5.98 5.73
C CYS B 390 64.46 5.20 4.76
N THR B 391 64.59 3.88 4.97
CA THR B 391 65.41 3.02 4.14
C THR B 391 64.63 1.93 3.40
N ASN B 392 63.34 1.75 3.71
CA ASN B 392 62.50 0.76 3.05
C ASN B 392 63.06 -0.65 3.22
N THR B 393 63.13 -1.08 4.48
CA THR B 393 63.58 -2.41 4.86
C THR B 393 62.48 -3.10 5.64
N TRP B 394 62.65 -4.41 5.81
CA TRP B 394 61.71 -5.25 6.54
C TRP B 394 62.43 -5.90 7.70
N ILE B 395 61.87 -5.76 8.90
CA ILE B 395 62.51 -6.27 10.10
C ILE B 395 62.22 -7.76 10.24
N GLN B 396 63.18 -8.48 10.82
CA GLN B 396 63.08 -9.92 10.99
C GLN B 396 63.83 -10.32 12.25
N SER B 397 63.45 -11.48 12.80
CA SER B 397 64.05 -12.00 14.02
C SER B 397 65.24 -12.87 13.66
N THR B 398 66.43 -12.45 14.08
CA THR B 398 67.66 -13.19 13.83
C THR B 398 67.93 -14.15 14.98
N ASN B 399 69.00 -14.94 14.84
CA ASN B 399 69.43 -15.90 15.84
C ASN B 399 70.78 -15.58 16.45
N VAL B 400 71.42 -14.48 16.05
CA VAL B 400 72.73 -14.10 16.58
C VAL B 400 72.56 -13.47 17.96
N PRO B 401 73.08 -14.04 19.04
CA PRO B 401 72.94 -13.37 20.33
C PRO B 401 73.80 -12.12 20.41
N ILE B 402 73.34 -11.17 21.23
CA ILE B 402 74.02 -9.90 21.44
C ILE B 402 74.72 -9.96 22.79
N ASP B 403 76.03 -9.72 22.80
CA ASP B 403 76.83 -9.76 24.01
C ASP B 403 76.75 -11.13 24.68
N ILE B 404 77.12 -12.16 23.91
CA ILE B 404 77.09 -13.54 24.39
C ILE B 404 78.42 -13.78 25.10
N GLU B 405 78.43 -13.55 26.41
CA GLU B 405 79.61 -13.74 27.26
C GLU B 405 79.36 -14.71 28.39
N GLU B 406 78.17 -14.68 29.00
CA GLU B 406 77.82 -15.57 30.10
C GLU B 406 77.12 -16.82 29.57
N GLU B 407 76.93 -17.78 30.47
CA GLU B 407 76.28 -19.03 30.11
C GLU B 407 74.78 -18.83 29.95
N ARG B 408 74.22 -19.43 28.90
CA ARG B 408 72.80 -19.35 28.59
C ARG B 408 72.39 -17.89 28.41
N PRO B 409 72.84 -17.24 27.34
CA PRO B 409 72.53 -15.82 27.15
C PRO B 409 71.06 -15.59 26.87
N ILE B 410 70.63 -14.36 27.11
CA ILE B 410 69.24 -13.95 26.96
C ILE B 410 69.08 -12.94 25.83
N ARG B 411 70.01 -11.99 25.71
CA ARG B 411 69.86 -10.88 24.79
C ARG B 411 70.29 -11.30 23.38
N LEU B 412 69.37 -11.19 22.43
CA LEU B 412 69.67 -11.38 21.01
C LEU B 412 69.03 -10.25 20.22
N MET B 413 69.70 -9.86 19.14
CA MET B 413 69.31 -8.72 18.33
C MET B 413 68.52 -9.19 17.09
N LEU B 414 67.73 -8.27 16.56
CA LEU B 414 66.95 -8.49 15.36
C LEU B 414 67.78 -8.06 14.15
N GLY B 415 67.15 -7.98 12.98
CA GLY B 415 67.84 -7.51 11.79
C GLY B 415 66.86 -6.93 10.80
N THR B 416 67.41 -6.36 9.73
CA THR B 416 66.62 -5.76 8.65
C THR B 416 67.11 -6.33 7.32
N CYS B 417 66.16 -6.80 6.51
CA CYS B 417 66.41 -7.33 5.19
C CYS B 417 65.65 -6.51 4.14
N PRO B 418 66.25 -6.18 2.99
CA PRO B 418 65.47 -5.47 1.96
C PRO B 418 64.38 -6.32 1.33
N THR B 419 64.47 -7.66 1.43
CA THR B 419 63.48 -8.51 0.82
C THR B 419 62.18 -8.50 1.63
N LYS B 420 61.10 -8.90 0.96
CA LYS B 420 59.78 -8.94 1.59
C LYS B 420 59.70 -10.15 2.50
N GLU B 421 59.72 -9.92 3.80
CA GLU B 421 59.62 -11.00 4.77
C GLU B 421 58.18 -11.48 4.89
N ASP B 422 58.02 -12.79 5.03
CA ASP B 422 56.72 -13.44 5.16
C ASP B 422 56.56 -14.22 6.45
N LYS B 423 57.63 -14.89 6.91
CA LYS B 423 57.55 -15.66 8.15
C LYS B 423 57.61 -14.76 9.37
N GLU B 424 58.46 -13.74 9.34
CA GLU B 424 58.61 -12.83 10.48
C GLU B 424 57.42 -11.88 10.53
N ALA B 425 56.63 -11.97 11.59
CA ALA B 425 55.47 -11.12 11.77
C ALA B 425 55.23 -10.90 13.26
N PHE B 426 54.92 -9.66 13.63
CA PHE B 426 54.65 -9.30 15.01
C PHE B 426 53.15 -9.31 15.27
N ALA B 427 52.81 -9.17 16.56
CA ALA B 427 51.43 -9.15 17.01
C ALA B 427 51.31 -8.11 18.10
N ILE B 428 50.39 -7.17 17.90
CA ILE B 428 50.08 -6.15 18.89
C ILE B 428 48.92 -6.66 19.74
N VAL B 429 49.11 -6.72 21.05
CA VAL B 429 48.08 -7.13 21.99
C VAL B 429 47.84 -5.98 22.96
N SER B 430 46.58 -5.64 23.18
CA SER B 430 46.21 -4.52 24.03
C SER B 430 46.07 -4.98 25.48
N VAL B 431 46.17 -4.02 26.38
CA VAL B 431 46.03 -4.25 27.81
C VAL B 431 45.03 -3.23 28.36
N PRO B 432 44.23 -3.53 29.37
CA PRO B 432 43.36 -2.50 29.95
C PRO B 432 44.16 -1.40 30.61
N VAL B 433 43.51 -0.24 30.76
CA VAL B 433 44.15 0.91 31.38
C VAL B 433 44.26 0.74 32.90
N SER B 434 43.46 -0.14 33.49
CA SER B 434 43.54 -0.33 34.94
C SER B 434 44.89 -0.93 35.33
N GLU B 435 45.41 -1.85 34.51
CA GLU B 435 46.72 -2.42 34.80
C GLU B 435 47.82 -1.36 34.73
N ILE B 436 47.71 -0.45 33.75
CA ILE B 436 48.72 0.60 33.62
C ILE B 436 48.60 1.57 34.79
N ARG B 437 47.38 1.86 35.23
CA ARG B 437 47.19 2.72 36.39
C ARG B 437 47.81 2.07 37.63
N ASP B 438 47.58 0.78 37.83
CA ASP B 438 48.19 0.09 38.96
C ASP B 438 49.71 0.10 38.86
N LEU B 439 50.24 -0.08 37.66
CA LEU B 439 51.69 -0.12 37.46
C LEU B 439 52.33 1.21 37.84
N ASP B 440 51.88 2.30 37.21
CA ASP B 440 52.49 3.59 37.49
C ASP B 440 52.13 4.09 38.89
N PHE B 441 51.02 3.63 39.46
CA PHE B 441 50.73 3.93 40.86
C PHE B 441 51.78 3.30 41.77
N ALA B 442 52.09 2.02 41.54
CA ALA B 442 53.12 1.35 42.32
C ALA B 442 54.47 2.02 42.11
N ASN B 443 54.74 2.47 40.89
CA ASN B 443 56.03 3.11 40.62
C ASN B 443 56.15 4.45 41.36
N ASP B 444 55.09 5.26 41.32
CA ASP B 444 55.11 6.52 42.05
C ASP B 444 55.16 6.29 43.55
N ALA B 445 54.51 5.23 44.05
CA ALA B 445 54.60 4.91 45.47
C ALA B 445 56.01 4.49 45.84
N SER B 446 56.69 3.75 44.96
CA SER B 446 58.07 3.38 45.19
C SER B 446 58.96 4.61 45.25
N SER B 447 58.73 5.56 44.34
CA SER B 447 59.52 6.79 44.36
C SER B 447 59.28 7.58 45.64
N MET B 448 58.01 7.68 46.07
CA MET B 448 57.70 8.40 47.29
C MET B 448 58.32 7.73 48.51
N LEU B 449 58.27 6.40 48.58
CA LEU B 449 58.89 5.70 49.69
C LEU B 449 60.41 5.79 49.64
N ALA B 450 60.98 5.91 48.45
CA ALA B 450 62.42 6.14 48.33
C ALA B 450 62.79 7.51 48.90
N SER B 451 62.00 8.54 48.56
CA SER B 451 62.23 9.85 49.16
C SER B 451 62.06 9.79 50.67
N ALA B 452 61.07 9.03 51.14
CA ALA B 452 60.81 8.95 52.57
C ALA B 452 61.95 8.27 53.31
N VAL B 453 62.42 7.13 52.81
CA VAL B 453 63.50 6.43 53.47
C VAL B 453 64.80 7.20 53.36
N GLU B 454 64.98 7.98 52.28
CA GLU B 454 66.13 8.86 52.19
C GLU B 454 66.09 9.91 53.29
N LYS B 455 64.93 10.55 53.47
CA LYS B 455 64.78 11.55 54.52
C LYS B 455 64.99 10.93 55.90
N LEU B 456 64.54 9.69 56.09
CA LEU B 456 64.66 9.05 57.40
C LEU B 456 66.10 8.66 57.69
N ASN B 457 66.79 8.09 56.72
CA ASN B 457 68.21 7.78 56.91
C ASN B 457 69.03 9.05 57.09
N GLU B 458 68.59 10.16 56.49
CA GLU B 458 69.22 11.45 56.76
C GLU B 458 68.87 11.92 58.17
N GLY B 459 67.65 11.68 58.61
CA GLY B 459 67.22 11.98 59.96
C GLY B 459 66.57 13.35 60.08
N PHE B 460 65.80 13.51 61.16
CA PHE B 460 65.15 14.78 61.49
C PHE B 460 64.19 15.22 60.38
N ILE B 461 63.15 14.40 60.17
CA ILE B 461 62.12 14.73 59.19
C ILE B 461 61.20 15.79 59.79
N SER B 462 60.35 16.38 58.94
CA SER B 462 59.35 17.33 59.40
C SER B 462 58.14 16.60 59.97
N GLN B 463 57.45 17.27 60.90
CA GLN B 463 56.24 16.70 61.47
C GLN B 463 55.10 16.65 60.46
N ASN B 464 55.15 17.48 59.42
CA ASN B 464 54.08 17.50 58.42
C ASN B 464 54.19 16.35 57.43
N ASP B 465 55.41 15.93 57.11
CA ASP B 465 55.62 14.88 56.12
C ASP B 465 55.66 13.49 56.77
N ARG B 466 54.67 13.22 57.62
CA ARG B 466 54.42 11.88 58.16
C ARG B 466 53.03 11.39 57.84
N ARG B 467 52.01 12.23 58.09
CA ARG B 467 50.62 11.80 57.92
C ARG B 467 50.34 11.38 56.49
N PHE B 468 50.87 12.13 55.51
CA PHE B 468 50.79 11.74 54.11
C PHE B 468 51.23 10.31 53.92
N VAL B 469 52.41 9.98 54.46
CA VAL B 469 52.94 8.62 54.35
C VAL B 469 51.96 7.61 54.92
N ILE B 470 51.36 7.94 56.07
CA ILE B 470 50.36 7.06 56.67
C ILE B 470 49.24 6.81 55.68
N GLN B 471 48.70 7.90 55.10
CA GLN B 471 47.65 7.77 54.11
C GLN B 471 48.11 6.90 52.95
N LEU B 472 49.34 7.12 52.48
CA LEU B 472 49.87 6.30 51.41
C LEU B 472 49.86 4.83 51.80
N LEU B 473 50.35 4.53 53.02
CA LEU B 473 50.34 3.15 53.48
C LEU B 473 48.92 2.62 53.52
N GLU B 474 47.97 3.43 54.00
CA GLU B 474 46.57 3.02 53.99
C GLU B 474 46.13 2.72 52.57
N ASP B 475 46.43 3.63 51.64
CA ASP B 475 46.09 3.40 50.25
C ASP B 475 46.76 2.13 49.75
N LEU B 476 48.01 1.90 50.16
CA LEU B 476 48.71 0.69 49.75
C LEU B 476 47.96 -0.55 50.18
N VAL B 477 47.40 -0.53 51.40
CA VAL B 477 46.58 -1.66 51.84
C VAL B 477 45.39 -1.83 50.91
N PHE B 478 44.68 -0.73 50.65
CA PHE B 478 43.55 -0.79 49.74
C PHE B 478 43.97 -0.98 48.30
N PHE B 479 45.27 -0.95 48.00
CA PHE B 479 45.75 -1.36 46.69
C PHE B 479 46.04 -2.85 46.61
N VAL B 480 46.38 -3.49 47.73
CA VAL B 480 46.84 -4.86 47.72
C VAL B 480 45.66 -5.81 47.89
N SER B 481 44.93 -5.66 48.99
CA SER B 481 43.83 -6.57 49.30
C SER B 481 42.64 -6.43 48.35
N ASP B 482 42.62 -5.41 47.49
CA ASP B 482 41.54 -5.22 46.53
C ASP B 482 40.20 -4.99 47.21
N VAL B 483 40.22 -4.48 48.44
CA VAL B 483 39.01 -4.18 49.20
C VAL B 483 38.77 -2.67 49.13
N PRO B 484 37.53 -2.19 49.00
CA PRO B 484 37.31 -0.73 49.06
C PRO B 484 37.59 -0.19 50.45
N ASN B 485 37.72 1.13 50.52
CA ASN B 485 37.96 1.83 51.78
C ASN B 485 36.64 1.88 52.54
N ASN B 486 36.42 0.89 53.41
CA ASN B 486 35.15 0.72 54.11
C ASN B 486 35.26 0.96 55.61
N GLY B 487 36.13 0.24 56.32
CA GLY B 487 36.20 0.37 57.76
C GLY B 487 37.54 0.13 58.42
N GLN B 488 38.02 1.15 59.14
CA GLN B 488 39.03 1.04 60.19
C GLN B 488 40.46 0.83 59.70
N ASN B 489 40.66 0.55 58.41
CA ASN B 489 41.97 0.55 57.74
C ASN B 489 43.06 -0.24 58.49
N VAL B 490 42.67 -1.18 59.37
CA VAL B 490 43.62 -1.80 60.29
C VAL B 490 44.02 -3.18 59.79
N LEU B 491 43.04 -4.08 59.69
CA LEU B 491 43.28 -5.45 59.26
C LEU B 491 42.09 -5.90 58.43
N ASP B 492 42.31 -6.15 57.14
CA ASP B 492 41.25 -6.57 56.23
C ASP B 492 40.95 -8.04 56.49
N ILE B 493 39.83 -8.31 57.15
CA ILE B 493 39.42 -9.69 57.40
C ILE B 493 39.11 -10.41 56.09
N MET B 494 38.71 -9.66 55.06
CA MET B 494 38.48 -10.25 53.75
C MET B 494 39.81 -10.63 53.11
N VAL B 495 40.22 -11.88 53.27
CA VAL B 495 41.52 -12.36 52.83
C VAL B 495 41.33 -13.33 51.66
N THR B 496 40.30 -13.09 50.85
CA THR B 496 40.03 -13.94 49.71
C THR B 496 41.19 -13.89 48.70
N LYS B 497 41.09 -14.73 47.68
CA LYS B 497 42.13 -14.89 46.68
C LYS B 497 42.44 -13.55 46.01
N PRO B 498 43.59 -12.93 46.27
CA PRO B 498 43.85 -11.60 45.70
C PRO B 498 44.23 -11.70 44.22
N ASN B 499 44.37 -10.54 43.61
CA ASN B 499 44.76 -10.47 42.20
C ASN B 499 46.24 -10.79 42.06
N ARG B 500 46.55 -11.87 41.33
CA ARG B 500 47.93 -12.24 41.10
C ARG B 500 48.68 -11.17 40.32
N GLU B 501 47.97 -10.46 39.43
CA GLU B 501 48.60 -9.39 38.68
C GLU B 501 49.09 -8.28 39.59
N ARG B 502 48.28 -7.92 40.59
CA ARG B 502 48.69 -6.87 41.52
C ARG B 502 49.87 -7.31 42.38
N GLN B 503 49.88 -8.58 42.79
CA GLN B 503 51.02 -9.09 43.54
C GLN B 503 52.29 -9.10 42.69
N LYS B 504 52.16 -9.47 41.42
CA LYS B 504 53.32 -9.42 40.52
C LYS B 504 53.79 -8.00 40.31
N LEU B 505 52.86 -7.05 40.22
CA LEU B 505 53.25 -5.64 40.10
C LEU B 505 53.98 -5.16 41.34
N MET B 506 53.52 -5.60 42.52
CA MET B 506 54.20 -5.21 43.75
C MET B 506 55.59 -5.82 43.83
N ARG B 507 55.73 -7.08 43.38
CA ARG B 507 57.04 -7.74 43.47
C ARG B 507 58.02 -7.21 42.43
N GLU B 508 57.54 -6.83 41.25
CA GLU B 508 58.42 -6.44 40.16
C GLU B 508 58.72 -4.95 40.13
N GLN B 509 57.80 -4.11 40.59
CA GLN B 509 57.99 -2.66 40.57
C GLN B 509 58.92 -2.17 41.69
N ASN B 510 59.50 -3.06 42.48
CA ASN B 510 60.51 -2.71 43.47
C ASN B 510 59.95 -1.78 44.55
N ILE B 511 58.96 -2.29 45.27
CA ILE B 511 58.45 -1.64 46.47
C ILE B 511 58.87 -2.38 47.74
N LEU B 512 59.18 -3.67 47.66
CA LEU B 512 59.51 -4.43 48.86
C LEU B 512 60.84 -3.95 49.45
N LYS B 513 61.78 -3.54 48.61
CA LYS B 513 63.02 -2.97 49.13
C LYS B 513 62.75 -1.68 49.89
N GLN B 514 61.79 -0.88 49.42
CA GLN B 514 61.51 0.39 50.06
C GLN B 514 60.81 0.20 51.39
N VAL B 515 59.91 -0.78 51.50
CA VAL B 515 59.26 -1.01 52.78
C VAL B 515 60.22 -1.69 53.75
N PHE B 516 61.13 -2.53 53.25
CA PHE B 516 62.20 -3.00 54.12
C PHE B 516 63.06 -1.83 54.61
N GLY B 517 63.29 -0.84 53.75
CA GLY B 517 64.08 0.31 54.15
C GLY B 517 63.39 1.15 55.21
N ILE B 518 62.09 1.41 55.03
CA ILE B 518 61.36 2.19 56.03
C ILE B 518 61.13 1.39 57.31
N LEU B 519 61.18 0.06 57.24
CA LEU B 519 61.12 -0.75 58.46
C LEU B 519 62.44 -0.75 59.20
N LYS B 520 63.57 -0.72 58.46
CA LYS B 520 64.88 -0.83 59.07
C LYS B 520 65.48 0.50 59.48
N ALA B 521 65.04 1.62 58.88
CA ALA B 521 65.64 2.91 59.21
C ALA B 521 65.37 3.33 60.64
N PRO B 522 64.12 3.41 61.12
CA PRO B 522 63.91 3.80 62.52
C PRO B 522 64.41 2.75 63.51
N PHE B 523 64.62 1.51 63.08
CA PHE B 523 65.24 0.52 63.93
C PHE B 523 66.69 0.85 64.24
N ARG B 524 67.33 1.70 63.44
CA ARG B 524 68.69 2.12 63.70
C ARG B 524 68.73 3.04 64.91
N GLU B 525 69.93 3.54 65.22
CA GLU B 525 70.11 4.38 66.40
C GLU B 525 69.37 5.70 66.25
N LYS B 526 69.01 6.29 67.39
CA LYS B 526 68.37 7.59 67.50
C LYS B 526 66.99 7.64 66.85
N GLY B 527 66.37 6.49 66.58
CA GLY B 527 65.06 6.45 65.98
C GLY B 527 63.93 6.47 67.00
N GLY B 528 64.06 5.66 68.03
CA GLY B 528 63.06 5.54 69.08
C GLY B 528 63.00 4.11 69.57
N GLU B 529 62.67 3.97 70.86
CA GLU B 529 62.60 2.68 71.54
C GLU B 529 61.25 2.40 72.17
N GLY B 530 60.63 3.40 72.81
CA GLY B 530 59.40 3.21 73.54
C GLY B 530 58.25 3.97 72.91
N PRO B 531 57.14 3.28 72.56
CA PRO B 531 56.00 4.08 72.08
C PRO B 531 55.38 4.95 73.18
N GLN B 541 52.51 7.40 74.08
CA GLN B 541 51.80 8.40 73.29
C GLN B 541 52.74 9.39 72.59
N LYS B 542 54.05 9.11 72.63
CA LYS B 542 55.04 9.97 72.00
C LYS B 542 55.37 9.54 70.58
N ASN B 543 55.14 8.28 70.24
CA ASN B 543 55.39 7.75 68.90
C ASN B 543 54.21 6.93 68.41
N ALA B 544 53.00 7.40 68.71
CA ALA B 544 51.79 6.71 68.30
C ALA B 544 51.60 6.72 66.79
N PRO B 545 51.87 7.84 66.10
CA PRO B 545 51.90 7.76 64.63
C PRO B 545 52.94 6.79 64.11
N TYR B 546 54.10 6.68 64.77
CA TYR B 546 55.10 5.70 64.35
C TYR B 546 54.61 4.29 64.60
N GLN B 547 53.88 4.07 65.70
CA GLN B 547 53.28 2.78 65.96
C GLN B 547 52.27 2.42 64.88
N HIS B 548 51.43 3.38 64.48
CA HIS B 548 50.48 3.15 63.40
C HIS B 548 51.18 2.88 62.09
N MET B 549 52.31 3.56 61.85
CA MET B 549 53.07 3.33 60.63
C MET B 549 53.62 1.92 60.59
N PHE B 550 54.21 1.45 61.70
CA PHE B 550 54.73 0.09 61.75
C PHE B 550 53.60 -0.93 61.63
N ARG B 551 52.44 -0.63 62.23
CA ARG B 551 51.30 -1.53 62.13
C ARG B 551 50.84 -1.68 60.69
N LEU B 552 50.68 -0.54 59.99
CA LEU B 552 50.28 -0.59 58.59
C LEU B 552 51.34 -1.27 57.74
N CYS B 553 52.62 -1.07 58.07
CA CYS B 553 53.69 -1.70 57.33
C CYS B 553 53.64 -3.21 57.45
N TYR B 554 53.52 -3.72 58.68
CA TYR B 554 53.43 -5.17 58.87
C TYR B 554 52.14 -5.72 58.27
N ARG B 555 51.05 -4.96 58.30
CA ARG B 555 49.80 -5.44 57.70
C ARG B 555 49.95 -5.59 56.20
N VAL B 556 50.52 -4.58 55.53
CA VAL B 556 50.73 -4.66 54.09
C VAL B 556 51.72 -5.77 53.76
N LEU B 557 52.73 -5.96 54.61
CA LEU B 557 53.72 -7.01 54.37
C LEU B 557 53.10 -8.39 54.49
N ARG B 558 52.19 -8.57 55.45
CA ARG B 558 51.50 -9.85 55.58
C ARG B 558 50.53 -10.06 54.42
N HIS B 559 49.88 -8.99 53.97
CA HIS B 559 48.98 -9.10 52.83
C HIS B 559 49.73 -9.43 51.54
N SER B 560 50.98 -9.00 51.43
CA SER B 560 51.79 -9.23 50.24
C SER B 560 52.46 -10.60 50.22
N GLN B 561 52.14 -11.49 51.17
CA GLN B 561 52.74 -12.82 51.27
C GLN B 561 51.65 -13.87 51.42
N GLU B 562 50.62 -13.78 50.58
CA GLU B 562 49.46 -14.67 50.61
C GLU B 562 49.40 -15.43 49.29
N ASP B 563 49.73 -16.72 49.34
CA ASP B 563 49.62 -17.61 48.18
C ASP B 563 50.49 -17.13 47.01
N TYR B 564 51.79 -17.06 47.28
CA TYR B 564 52.76 -16.72 46.23
C TYR B 564 54.13 -17.19 46.67
N ARG B 565 54.76 -18.03 45.86
CA ARG B 565 56.01 -18.68 46.23
C ARG B 565 57.16 -17.69 46.25
N LYS B 566 57.34 -16.94 45.16
CA LYS B 566 58.44 -15.99 45.04
C LYS B 566 58.38 -14.94 46.16
N ASN B 567 57.19 -14.51 46.53
CA ASN B 567 57.08 -13.52 47.61
C ASN B 567 57.43 -14.14 48.95
N GLN B 568 57.11 -15.42 49.16
CA GLN B 568 57.47 -16.07 50.40
C GLN B 568 58.99 -16.13 50.55
N GLU B 569 59.69 -16.58 49.51
CA GLU B 569 61.15 -16.63 49.62
C GLU B 569 61.75 -15.23 49.67
N HIS B 570 61.14 -14.25 48.99
CA HIS B 570 61.65 -12.88 49.03
C HIS B 570 61.54 -12.29 50.43
N ILE B 571 60.44 -12.59 51.14
CA ILE B 571 60.29 -12.13 52.51
C ILE B 571 61.25 -12.87 53.43
N ALA B 572 61.41 -14.18 53.21
CA ALA B 572 62.30 -14.96 54.06
C ALA B 572 63.76 -14.60 53.86
N LYS B 573 64.11 -13.98 52.73
CA LYS B 573 65.49 -13.53 52.54
C LYS B 573 65.91 -12.52 53.60
N GLN B 574 64.98 -11.69 54.07
CA GLN B 574 65.23 -10.71 55.13
C GLN B 574 64.70 -11.19 56.48
N PHE B 575 64.61 -12.51 56.68
CA PHE B 575 64.14 -13.03 57.95
C PHE B 575 65.10 -12.71 59.09
N GLY B 576 66.40 -12.60 58.79
CA GLY B 576 67.35 -12.24 59.83
C GLY B 576 67.11 -10.85 60.40
N MET B 577 66.71 -9.91 59.53
CA MET B 577 66.34 -8.58 59.99
C MET B 577 64.93 -8.57 60.58
N MET B 578 64.06 -9.45 60.10
CA MET B 578 62.71 -9.54 60.65
C MET B 578 62.73 -9.97 62.11
N GLN B 579 63.50 -11.03 62.41
CA GLN B 579 63.51 -11.60 63.76
C GLN B 579 64.17 -10.69 64.78
N SER B 580 64.86 -9.64 64.36
CA SER B 580 65.52 -8.72 65.29
C SER B 580 64.54 -7.79 66.00
N GLN B 581 63.25 -7.81 65.66
CA GLN B 581 62.24 -6.98 66.30
C GLN B 581 61.02 -7.81 66.71
N ILE B 582 61.22 -9.10 67.00
CA ILE B 582 60.12 -9.94 67.43
C ILE B 582 59.72 -9.65 68.87
N GLY B 583 60.63 -9.08 69.67
CA GLY B 583 60.34 -8.76 71.05
C GLY B 583 59.61 -7.45 71.22
N TYR B 584 58.46 -7.32 70.56
CA TYR B 584 57.62 -6.13 70.67
C TYR B 584 56.17 -6.56 70.55
N ASP B 585 55.26 -5.60 70.69
CA ASP B 585 53.83 -5.86 70.79
C ASP B 585 53.04 -4.93 69.88
N ILE B 586 53.46 -4.83 68.62
CA ILE B 586 52.72 -4.08 67.59
C ILE B 586 52.01 -5.02 66.61
N LEU B 587 52.77 -5.81 65.85
CA LEU B 587 52.17 -6.88 65.05
C LEU B 587 53.07 -8.09 64.89
N ALA B 588 54.23 -8.14 65.54
CA ALA B 588 55.23 -9.17 65.26
C ALA B 588 54.76 -10.58 65.58
N GLU B 589 53.72 -10.73 66.39
CA GLU B 589 53.20 -12.04 66.75
C GLU B 589 52.26 -12.62 65.70
N ASP B 590 52.15 -12.00 64.51
CA ASP B 590 51.27 -12.46 63.44
C ASP B 590 51.99 -12.72 62.14
N THR B 591 52.94 -11.87 61.75
CA THR B 591 53.62 -12.05 60.47
C THR B 591 54.50 -13.29 60.48
N ILE B 592 55.28 -13.48 61.55
CA ILE B 592 56.14 -14.65 61.65
C ILE B 592 55.31 -15.91 61.75
N THR B 593 54.11 -15.83 62.34
CA THR B 593 53.26 -17.01 62.47
C THR B 593 52.62 -17.35 61.13
N ALA B 594 52.25 -16.34 60.34
CA ALA B 594 51.63 -16.59 59.05
C ALA B 594 52.64 -16.97 57.98
N LEU B 595 53.91 -16.57 58.14
CA LEU B 595 54.92 -16.90 57.14
C LEU B 595 55.34 -18.38 57.22
N LEU B 596 55.27 -18.97 58.42
CA LEU B 596 55.68 -20.35 58.65
C LEU B 596 54.49 -21.24 58.95
N HIS B 597 53.38 -21.02 58.24
CA HIS B 597 52.16 -21.79 58.49
C HIS B 597 52.22 -23.16 57.81
N ASN B 598 52.35 -23.15 56.48
CA ASN B 598 52.31 -24.37 55.68
C ASN B 598 53.42 -24.46 54.63
N ASN B 599 54.25 -23.43 54.49
CA ASN B 599 55.32 -23.44 53.49
C ASN B 599 56.47 -24.29 54.02
N ARG B 600 56.71 -25.43 53.38
CA ARG B 600 57.77 -26.34 53.82
C ARG B 600 59.13 -25.90 53.29
N LYS B 601 59.21 -25.53 52.01
CA LYS B 601 60.48 -25.14 51.43
C LYS B 601 61.02 -23.85 52.05
N LEU B 602 60.13 -22.97 52.51
CA LEU B 602 60.58 -21.76 53.18
C LEU B 602 61.34 -22.09 54.45
N LEU B 603 60.90 -23.12 55.19
CA LEU B 603 61.62 -23.57 56.37
C LEU B 603 62.80 -24.44 56.03
N GLU B 604 62.78 -25.12 54.88
CA GLU B 604 63.89 -25.99 54.50
C GLU B 604 65.10 -25.19 54.01
N LYS B 605 64.86 -24.09 53.31
CA LYS B 605 65.92 -23.30 52.69
C LYS B 605 66.33 -22.09 53.52
N HIS B 606 65.37 -21.35 54.07
CA HIS B 606 65.63 -20.09 54.76
C HIS B 606 65.66 -20.28 56.28
N ILE B 607 66.18 -21.41 56.75
CA ILE B 607 66.34 -21.68 58.17
C ILE B 607 67.75 -22.24 58.39
N THR B 608 68.52 -21.57 59.25
CA THR B 608 69.89 -21.95 59.53
C THR B 608 70.10 -22.02 61.04
N LYS B 609 71.34 -22.28 61.45
CA LYS B 609 71.65 -22.39 62.86
C LYS B 609 71.69 -21.02 63.54
N THR B 610 72.09 -19.98 62.82
CA THR B 610 72.13 -18.65 63.40
C THR B 610 70.73 -18.17 63.79
N GLU B 611 69.72 -18.53 62.99
CA GLU B 611 68.36 -18.15 63.32
C GLU B 611 67.90 -18.82 64.62
N VAL B 612 68.18 -20.11 64.78
CA VAL B 612 67.79 -20.81 66.00
C VAL B 612 68.55 -20.26 67.19
N GLU B 613 69.82 -19.88 66.99
CA GLU B 613 70.60 -19.28 68.07
C GLU B 613 69.99 -17.94 68.48
N THR B 614 69.56 -17.14 67.51
CA THR B 614 68.91 -15.87 67.82
C THR B 614 67.60 -16.10 68.56
N PHE B 615 66.84 -17.11 68.16
CA PHE B 615 65.60 -17.44 68.86
C PHE B 615 65.88 -17.83 70.30
N VAL B 616 66.93 -18.62 70.53
CA VAL B 616 67.28 -19.03 71.89
C VAL B 616 67.73 -17.83 72.71
N SER B 617 68.48 -16.92 72.09
CA SER B 617 68.90 -15.70 72.78
C SER B 617 67.69 -14.87 73.21
N LEU B 618 66.75 -14.65 72.28
CA LEU B 618 65.55 -13.89 72.60
C LEU B 618 64.68 -14.61 73.62
N VAL B 619 64.74 -15.95 73.66
CA VAL B 619 63.95 -16.69 74.63
C VAL B 619 64.54 -16.53 76.03
N ARG B 620 65.86 -16.64 76.15
CA ARG B 620 66.49 -16.48 77.47
C ARG B 620 66.45 -15.04 77.96
N LYS B 621 66.37 -14.07 77.04
CA LYS B 621 66.43 -12.67 77.46
C LYS B 621 65.28 -12.27 78.37
N ASN B 622 64.13 -12.95 78.27
CA ASN B 622 62.95 -12.62 79.07
C ASN B 622 62.26 -13.83 79.69
N ARG B 623 62.41 -15.03 79.13
CA ARG B 623 61.81 -16.25 79.67
C ARG B 623 60.28 -16.14 79.71
N GLU B 624 59.71 -15.98 78.50
CA GLU B 624 58.26 -15.91 78.30
C GLU B 624 57.79 -17.08 77.45
N PRO B 625 56.54 -17.57 77.63
CA PRO B 625 56.07 -18.67 76.79
C PRO B 625 55.65 -18.26 75.39
N ARG B 626 55.33 -16.98 75.18
CA ARG B 626 54.93 -16.54 73.85
C ARG B 626 56.08 -16.66 72.86
N PHE B 627 57.32 -16.39 73.31
CA PHE B 627 58.48 -16.54 72.45
C PHE B 627 58.84 -18.00 72.21
N LEU B 628 58.45 -18.89 73.12
CA LEU B 628 58.75 -20.31 72.99
C LEU B 628 57.71 -21.05 72.16
N ASP B 629 56.47 -20.55 72.12
CA ASP B 629 55.44 -21.21 71.33
C ASP B 629 55.77 -21.18 69.84
N TYR B 630 56.33 -20.07 69.36
CA TYR B 630 56.72 -19.99 67.96
C TYR B 630 57.92 -20.89 67.67
N LEU B 631 58.86 -20.98 68.61
CA LEU B 631 59.97 -21.91 68.44
C LEU B 631 59.48 -23.35 68.38
N SER B 632 58.44 -23.67 69.15
CA SER B 632 57.86 -25.02 69.08
C SER B 632 57.13 -25.25 67.77
N ASP B 633 56.34 -24.27 67.32
CA ASP B 633 55.61 -24.40 66.07
C ASP B 633 56.55 -24.43 64.86
N LEU B 634 57.76 -23.90 64.99
CA LEU B 634 58.73 -23.96 63.90
C LEU B 634 59.03 -25.40 63.49
N CYS B 635 59.01 -26.34 64.45
CA CYS B 635 59.34 -27.72 64.18
C CYS B 635 58.15 -28.55 63.72
N VAL B 636 56.92 -28.01 63.81
CA VAL B 636 55.74 -28.79 63.44
C VAL B 636 55.67 -28.97 61.93
N SER B 637 55.59 -27.85 61.19
CA SER B 637 55.52 -27.87 59.74
C SER B 637 54.26 -28.57 59.25
N ASN B 638 53.13 -28.20 59.87
CA ASN B 638 51.81 -28.70 59.47
C ASN B 638 51.71 -30.22 59.63
N HIS B 639 52.08 -30.70 60.82
CA HIS B 639 51.97 -32.12 61.17
C HIS B 639 52.82 -32.99 60.26
N ILE B 640 53.92 -32.46 59.77
CA ILE B 640 54.83 -33.17 58.88
C ILE B 640 56.11 -33.58 59.61
N ALA B 641 56.63 -32.71 60.47
CA ALA B 641 57.83 -32.98 61.26
C ALA B 641 59.03 -33.29 60.35
N ILE B 642 59.41 -32.25 59.60
CA ILE B 642 60.56 -32.39 58.69
C ILE B 642 61.81 -32.69 59.52
N PRO B 643 62.72 -33.55 59.05
CA PRO B 643 63.84 -33.97 59.93
C PRO B 643 64.98 -32.98 60.00
N VAL B 644 65.19 -32.14 58.99
CA VAL B 644 66.33 -31.23 59.00
C VAL B 644 66.16 -30.16 60.08
N THR B 645 64.97 -29.58 60.18
CA THR B 645 64.72 -28.59 61.22
C THR B 645 64.70 -29.24 62.61
N GLN B 646 64.24 -30.49 62.70
CA GLN B 646 64.30 -31.20 63.96
C GLN B 646 65.74 -31.40 64.41
N GLU B 647 66.62 -31.80 63.47
CA GLU B 647 68.03 -31.96 63.81
C GLU B 647 68.66 -30.63 64.19
N LEU B 648 68.29 -29.55 63.49
CA LEU B 648 68.85 -28.24 63.80
C LEU B 648 68.45 -27.80 65.20
N ILE B 649 67.16 -27.86 65.52
CA ILE B 649 66.71 -27.41 66.84
C ILE B 649 67.19 -28.35 67.93
N CYS B 650 67.41 -29.64 67.61
CA CYS B 650 67.98 -30.54 68.60
C CYS B 650 69.43 -30.20 68.90
N LYS B 651 70.21 -29.91 67.87
CA LYS B 651 71.61 -29.54 68.08
C LYS B 651 71.74 -28.18 68.76
N CYS B 652 70.78 -27.29 68.54
CA CYS B 652 70.85 -25.95 69.10
C CYS B 652 70.20 -25.82 70.47
N VAL B 653 69.31 -26.74 70.85
CA VAL B 653 68.55 -26.64 72.10
C VAL B 653 69.15 -27.53 73.17
N LEU B 654 69.64 -28.71 72.78
CA LEU B 654 70.13 -29.70 73.72
C LEU B 654 71.61 -29.50 74.08
N ASP B 655 72.15 -28.29 73.87
CA ASP B 655 73.53 -28.03 74.23
C ASP B 655 73.64 -27.83 75.75
N PRO B 656 74.68 -28.34 76.42
CA PRO B 656 74.76 -28.16 77.88
C PRO B 656 74.89 -26.70 78.31
N LYS B 657 75.36 -25.80 77.44
CA LYS B 657 75.50 -24.40 77.84
C LYS B 657 74.14 -23.71 77.99
N ASN B 658 73.11 -24.20 77.31
CA ASN B 658 71.77 -23.64 77.38
C ASN B 658 70.91 -24.35 78.44
N SER B 659 71.54 -24.94 79.45
CA SER B 659 70.81 -25.63 80.50
C SER B 659 70.10 -24.70 81.47
N ASP B 660 70.40 -23.39 81.44
CA ASP B 660 69.76 -22.46 82.35
C ASP B 660 68.34 -22.13 81.92
N ILE B 661 68.02 -22.26 80.63
CA ILE B 661 66.68 -21.96 80.16
C ILE B 661 65.74 -23.12 80.43
N LEU B 662 66.21 -24.35 80.22
CA LEU B 662 65.39 -25.53 80.44
C LEU B 662 65.28 -25.84 81.94
N ILE B 663 64.12 -26.31 82.35
CA ILE B 663 63.86 -26.63 83.76
C ILE B 663 64.38 -28.03 84.04
N ARG B 664 65.18 -28.15 85.09
CA ARG B 664 65.69 -29.44 85.54
C ARG B 664 64.67 -30.06 86.49
N THR B 665 64.20 -31.26 86.15
CA THR B 665 63.20 -31.97 86.94
C THR B 665 63.88 -32.90 87.94
N GLU B 666 63.43 -32.84 89.19
CA GLU B 666 63.96 -33.66 90.26
C GLU B 666 63.00 -34.79 90.59
N LEU B 667 63.56 -35.93 91.00
CA LEU B 667 62.76 -37.09 91.37
C LEU B 667 63.51 -37.98 92.36
N THR B 692 63.44 -27.60 90.22
CA THR B 692 64.41 -26.51 90.31
C THR B 692 64.62 -25.87 88.94
N TRP B 693 64.64 -24.53 88.92
CA TRP B 693 64.84 -23.77 87.70
C TRP B 693 65.64 -22.52 88.02
N THR B 694 65.95 -21.74 86.98
CA THR B 694 66.71 -20.51 87.10
C THR B 694 65.79 -19.32 86.89
N ASP B 695 65.88 -18.34 87.78
CA ASP B 695 65.04 -17.15 87.69
C ASP B 695 65.58 -16.22 86.61
N LYS B 696 64.89 -15.09 86.42
CA LYS B 696 65.30 -14.10 85.42
C LYS B 696 66.46 -13.24 85.87
N ASN B 697 66.64 -13.07 87.18
CA ASN B 697 67.72 -12.23 87.73
C ASN B 697 68.97 -13.04 88.04
N ASN B 698 69.22 -14.14 87.32
CA ASN B 698 70.40 -14.98 87.52
C ASN B 698 70.43 -15.54 88.94
N GLU B 699 69.37 -16.28 89.27
CA GLU B 699 69.24 -16.92 90.58
C GLU B 699 68.81 -18.37 90.41
N HIS B 700 68.48 -19.04 91.52
CA HIS B 700 68.05 -20.43 91.50
C HIS B 700 66.94 -20.62 92.53
N HIS B 701 65.79 -21.06 92.07
CA HIS B 701 64.62 -21.27 92.92
C HIS B 701 64.15 -22.72 92.76
N GLU B 702 64.00 -23.41 93.89
CA GLU B 702 63.55 -24.79 93.93
C GLU B 702 62.29 -24.87 94.78
N LYS B 703 61.22 -25.44 94.21
CA LYS B 703 59.95 -25.60 94.90
C LYS B 703 59.39 -26.97 94.60
N SER B 704 58.55 -27.46 95.52
CA SER B 704 57.94 -28.77 95.36
C SER B 704 56.79 -28.70 94.35
N VAL B 705 56.35 -29.88 93.90
CA VAL B 705 55.26 -29.95 92.94
C VAL B 705 53.94 -29.64 93.65
N ARG B 706 53.68 -30.29 94.79
CA ARG B 706 52.47 -30.02 95.53
C ARG B 706 52.45 -28.60 96.10
N GLN B 707 53.61 -28.07 96.46
CA GLN B 707 53.67 -26.68 96.93
C GLN B 707 53.29 -25.71 95.82
N LEU B 708 53.85 -25.92 94.62
CA LEU B 708 53.47 -25.08 93.48
C LEU B 708 52.00 -25.26 93.14
N ALA B 709 51.46 -26.47 93.30
CA ALA B 709 50.05 -26.68 93.03
C ALA B 709 49.17 -25.92 94.01
N GLN B 710 49.52 -25.96 95.30
CA GLN B 710 48.78 -25.20 96.29
C GLN B 710 48.89 -23.70 96.02
N GLU B 711 50.07 -23.24 95.59
CA GLU B 711 50.24 -21.83 95.28
C GLU B 711 49.38 -21.43 94.09
N ALA B 712 49.28 -22.30 93.08
CA ALA B 712 48.47 -21.98 91.91
C ALA B 712 46.98 -22.02 92.24
N ARG B 713 46.57 -22.97 93.07
CA ARG B 713 45.16 -23.06 93.44
C ARG B 713 44.74 -21.93 94.36
N ALA B 714 45.67 -21.42 95.17
CA ALA B 714 45.36 -20.32 96.09
C ALA B 714 45.46 -18.96 95.41
N GLY B 715 46.26 -18.85 94.35
CA GLY B 715 46.44 -17.61 93.62
C GLY B 715 47.81 -17.01 93.80
N ASN B 716 48.65 -17.12 92.78
CA ASN B 716 49.99 -16.57 92.81
C ASN B 716 50.44 -16.27 91.39
N ALA B 717 51.01 -15.10 91.18
CA ALA B 717 51.41 -14.68 89.84
C ALA B 717 52.69 -15.37 89.39
N HIS B 718 53.73 -15.35 90.23
CA HIS B 718 55.00 -15.96 89.87
C HIS B 718 54.86 -17.47 89.72
N ASP B 719 54.11 -18.10 90.62
CA ASP B 719 53.93 -19.55 90.53
C ASP B 719 53.17 -19.93 89.26
N GLU B 720 52.12 -19.18 88.93
CA GLU B 720 51.37 -19.47 87.70
C GLU B 720 52.23 -19.24 86.47
N ASN B 721 53.06 -18.19 86.48
CA ASN B 721 53.95 -17.94 85.35
C ASN B 721 54.97 -19.06 85.19
N VAL B 722 55.54 -19.52 86.29
CA VAL B 722 56.51 -20.62 86.22
C VAL B 722 55.83 -21.89 85.74
N LEU B 723 54.58 -22.12 86.17
CA LEU B 723 53.85 -23.30 85.73
C LEU B 723 53.56 -23.25 84.23
N SER B 724 53.17 -22.08 83.73
CA SER B 724 52.92 -21.95 82.29
C SER B 724 54.22 -22.11 81.51
N TYR B 725 55.32 -21.57 82.02
CA TYR B 725 56.62 -21.74 81.38
C TYR B 725 57.00 -23.22 81.31
N TYR B 726 56.79 -23.95 82.40
CA TYR B 726 57.10 -25.37 82.41
C TYR B 726 56.17 -26.14 81.47
N ARG B 727 54.91 -25.72 81.38
CA ARG B 727 53.98 -26.37 80.46
C ARG B 727 54.42 -26.18 79.02
N TYR B 728 54.84 -24.96 78.66
CA TYR B 728 55.31 -24.72 77.30
C TYR B 728 56.62 -25.44 77.03
N GLN B 729 57.49 -25.57 78.04
CA GLN B 729 58.71 -26.36 77.87
C GLN B 729 58.39 -27.82 77.62
N LEU B 730 57.42 -28.37 78.35
CA LEU B 730 56.99 -29.75 78.13
C LEU B 730 56.37 -29.90 76.74
N LYS B 731 55.64 -28.90 76.29
CA LYS B 731 55.07 -28.94 74.95
C LYS B 731 56.17 -28.93 73.89
N LEU B 732 57.22 -28.15 74.12
CA LEU B 732 58.35 -28.14 73.19
C LEU B 732 59.05 -29.49 73.18
N PHE B 733 59.24 -30.09 74.35
CA PHE B 733 59.85 -31.42 74.41
C PHE B 733 58.99 -32.44 73.68
N ALA B 734 57.67 -32.31 73.80
CA ALA B 734 56.77 -33.23 73.11
C ALA B 734 56.85 -33.04 71.61
N ARG B 735 56.92 -31.80 71.14
CA ARG B 735 56.97 -31.53 69.71
C ARG B 735 58.32 -31.89 69.10
N MET B 736 59.36 -32.04 69.91
CA MET B 736 60.67 -32.44 69.43
C MET B 736 60.84 -33.95 69.32
N CYS B 737 59.76 -34.71 69.48
CA CYS B 737 59.80 -36.17 69.41
C CYS B 737 58.61 -36.70 68.62
N LEU B 738 58.28 -36.02 67.52
CA LEU B 738 57.17 -36.46 66.67
C LEU B 738 57.52 -37.72 65.89
N ASP B 739 58.79 -38.00 65.66
CA ASP B 739 59.25 -39.19 64.96
C ASP B 739 60.40 -39.82 65.75
N ARG B 740 60.92 -40.92 65.21
CA ARG B 740 62.01 -41.66 65.84
C ARG B 740 63.32 -41.29 65.16
N GLN B 741 63.83 -40.11 65.52
CA GLN B 741 65.08 -39.62 64.93
C GLN B 741 66.32 -40.16 65.66
N TYR B 742 66.16 -40.64 66.89
CA TYR B 742 67.29 -41.19 67.66
C TYR B 742 68.37 -40.15 67.89
N LEU B 743 67.95 -38.92 68.15
CA LEU B 743 68.85 -37.79 68.43
C LEU B 743 68.49 -37.06 69.72
N ALA B 744 67.19 -36.94 70.03
CA ALA B 744 66.71 -36.30 71.24
C ALA B 744 66.02 -37.25 72.20
N ILE B 745 65.62 -38.44 71.74
CA ILE B 745 64.96 -39.41 72.61
C ILE B 745 65.92 -39.98 73.63
N ASP B 746 67.23 -39.95 73.37
CA ASP B 746 68.22 -40.46 74.30
C ASP B 746 68.60 -39.49 75.41
N GLU B 747 67.86 -38.39 75.56
CA GLU B 747 68.09 -37.40 76.61
C GLU B 747 66.87 -37.17 77.49
N ILE B 748 65.68 -37.15 76.92
CA ILE B 748 64.47 -36.97 77.71
C ILE B 748 64.08 -38.25 78.44
N SER B 749 64.44 -39.41 77.89
CA SER B 749 64.10 -40.68 78.53
C SER B 749 64.83 -40.83 79.86
N GLN B 750 66.09 -40.40 79.92
CA GLN B 750 66.85 -40.47 81.15
C GLN B 750 66.51 -39.36 82.14
N GLN B 751 65.84 -38.30 81.68
CA GLN B 751 65.48 -37.18 82.55
C GLN B 751 64.10 -37.34 83.17
N LEU B 752 63.16 -37.97 82.46
CA LEU B 752 61.79 -38.16 82.93
C LEU B 752 61.50 -39.61 83.27
N GLY B 753 61.72 -40.53 82.33
CA GLY B 753 61.45 -41.94 82.59
C GLY B 753 59.98 -42.27 82.54
N VAL B 754 59.69 -43.55 82.79
CA VAL B 754 58.31 -44.04 82.76
C VAL B 754 57.61 -43.88 84.10
N ASP B 755 58.36 -43.78 85.21
CA ASP B 755 57.73 -43.66 86.52
C ASP B 755 57.18 -42.26 86.73
N LEU B 756 57.89 -41.23 86.27
CA LEU B 756 57.41 -39.86 86.44
C LEU B 756 56.13 -39.63 85.66
N ILE B 757 55.94 -40.35 84.54
CA ILE B 757 54.72 -40.20 83.76
C ILE B 757 53.51 -40.63 84.59
N PHE B 758 53.61 -41.76 85.29
CA PHE B 758 52.53 -42.21 86.14
C PHE B 758 52.42 -41.35 87.40
N LEU B 759 53.55 -40.85 87.91
CA LEU B 759 53.52 -40.08 89.15
C LEU B 759 52.86 -38.72 88.94
N CYS B 760 53.10 -38.10 87.79
CA CYS B 760 52.55 -36.76 87.55
C CYS B 760 51.05 -36.81 87.33
N MET B 761 50.54 -37.87 86.72
CA MET B 761 49.11 -38.04 86.45
C MET B 761 48.43 -38.95 87.47
N ALA B 762 49.00 -39.07 88.67
CA ALA B 762 48.45 -40.00 89.67
C ALA B 762 47.29 -39.38 90.42
N ASP B 763 47.53 -38.26 91.13
CA ASP B 763 46.55 -37.70 92.06
C ASP B 763 46.61 -36.17 91.99
N GLU B 764 45.72 -35.58 91.19
CA GLU B 764 45.35 -34.18 91.28
C GLU B 764 46.56 -33.26 91.05
N MET B 765 47.08 -33.30 89.83
CA MET B 765 47.94 -32.22 89.36
C MET B 765 47.17 -30.90 89.43
N LEU B 766 47.92 -29.79 89.31
CA LEU B 766 47.33 -28.47 89.60
C LEU B 766 46.16 -28.15 88.67
N PRO B 767 46.35 -28.04 87.32
CA PRO B 767 45.22 -28.36 86.43
C PRO B 767 45.32 -29.78 85.91
N PHE B 768 44.22 -30.32 85.40
CA PHE B 768 44.29 -31.58 84.66
C PHE B 768 44.98 -31.41 83.32
N ASP B 769 45.01 -30.18 82.78
CA ASP B 769 45.66 -29.94 81.49
C ASP B 769 47.17 -30.08 81.59
N LEU B 770 47.76 -29.72 82.72
CA LEU B 770 49.20 -29.90 82.89
C LEU B 770 49.56 -31.38 82.88
N ARG B 771 48.82 -32.19 83.64
CA ARG B 771 49.02 -33.64 83.59
C ARG B 771 48.74 -34.19 82.19
N ALA B 772 47.79 -33.58 81.48
CA ALA B 772 47.49 -34.03 80.12
C ALA B 772 48.67 -33.78 79.19
N SER B 773 49.29 -32.60 79.29
CA SER B 773 50.46 -32.30 78.47
C SER B 773 51.64 -33.19 78.84
N PHE B 774 51.82 -33.44 80.15
CA PHE B 774 52.87 -34.35 80.59
C PHE B 774 52.65 -35.74 80.03
N CYS B 775 51.41 -36.22 80.02
CA CYS B 775 51.11 -37.53 79.48
C CYS B 775 51.27 -37.56 77.97
N HIS B 776 50.96 -36.46 77.29
CA HIS B 776 51.22 -36.36 75.86
C HIS B 776 52.70 -36.53 75.56
N LEU B 777 53.55 -35.79 76.29
CA LEU B 777 54.99 -35.93 76.10
C LEU B 777 55.45 -37.34 76.44
N MET B 778 54.93 -37.92 77.52
CA MET B 778 55.34 -39.26 77.92
C MET B 778 54.97 -40.30 76.87
N LEU B 779 53.75 -40.18 76.33
CA LEU B 779 53.32 -41.12 75.29
C LEU B 779 54.17 -40.96 74.04
N HIS B 780 54.44 -39.72 73.62
CA HIS B 780 55.26 -39.52 72.44
C HIS B 780 56.69 -40.02 72.64
N VAL B 781 57.19 -39.99 73.88
CA VAL B 781 58.56 -40.41 74.15
C VAL B 781 58.67 -41.92 74.32
N HIS B 782 57.63 -42.57 74.85
CA HIS B 782 57.69 -43.97 75.23
C HIS B 782 57.04 -44.91 74.23
N VAL B 783 56.03 -44.47 73.49
CA VAL B 783 55.26 -45.32 72.60
C VAL B 783 55.73 -45.18 71.15
N ASP B 784 56.96 -44.73 70.93
CA ASP B 784 57.52 -44.57 69.59
C ASP B 784 58.97 -45.05 69.54
N ARG B 785 59.32 -46.03 70.36
CA ARG B 785 60.68 -46.55 70.40
C ARG B 785 60.94 -47.47 69.21
N PRO B 787 61.30 -50.78 69.19
CA PRO B 787 60.64 -52.08 69.03
C PRO B 787 59.11 -51.96 69.02
N GLN B 788 58.59 -51.38 67.95
CA GLN B 788 57.15 -51.19 67.79
C GLN B 788 56.80 -51.33 66.32
N GLU B 789 55.96 -52.32 66.00
CA GLU B 789 55.54 -52.60 64.63
C GLU B 789 54.02 -52.49 64.53
N LEU B 790 53.56 -51.94 63.42
CA LEU B 790 52.12 -51.78 63.16
C LEU B 790 51.62 -53.07 62.52
N VAL B 791 51.10 -53.97 63.36
CA VAL B 791 50.61 -55.25 62.86
C VAL B 791 49.28 -55.06 62.13
N THR B 792 49.03 -55.92 61.16
CA THR B 792 47.79 -55.82 60.40
C THR B 792 46.61 -56.27 61.28
N PRO B 793 45.45 -55.59 61.21
CA PRO B 793 44.32 -56.05 62.03
C PRO B 793 43.68 -57.33 61.53
N VAL B 794 43.89 -57.71 60.27
CA VAL B 794 43.28 -58.89 59.67
C VAL B 794 44.35 -59.66 58.92
N LYS B 795 44.57 -60.91 59.32
CA LYS B 795 45.54 -61.76 58.65
C LYS B 795 44.96 -62.28 57.33
N PHE B 796 45.74 -62.15 56.26
CA PHE B 796 45.31 -62.56 54.93
C PHE B 796 45.93 -63.88 54.48
N ALA B 797 46.78 -64.50 55.30
CA ALA B 797 47.43 -65.75 54.95
C ALA B 797 47.60 -66.61 56.19
N ARG B 798 47.25 -67.88 56.07
CA ARG B 798 47.34 -68.85 57.16
C ARG B 798 48.24 -70.00 56.71
N LEU B 799 48.63 -70.82 57.70
CA LEU B 799 49.53 -71.94 57.48
C LEU B 799 48.89 -73.23 57.96
N TRP B 800 49.37 -74.35 57.41
CA TRP B 800 48.88 -75.66 57.78
C TRP B 800 49.37 -76.04 59.16
N THR B 801 48.59 -76.91 59.83
CA THR B 801 48.93 -77.41 61.16
C THR B 801 48.95 -76.29 62.20
N GLU B 802 48.12 -75.27 61.99
CA GLU B 802 47.97 -74.17 62.93
C GLU B 802 46.53 -73.79 63.21
N ILE B 803 45.58 -74.10 62.33
CA ILE B 803 44.18 -73.80 62.53
C ILE B 803 43.57 -74.96 63.33
N PRO B 804 43.19 -74.77 64.59
CA PRO B 804 42.63 -75.90 65.36
C PRO B 804 41.25 -76.28 64.85
N THR B 805 40.78 -77.43 65.35
CA THR B 805 39.45 -77.90 64.99
C THR B 805 38.36 -76.98 65.55
N ALA B 806 38.61 -76.38 66.71
CA ALA B 806 37.68 -75.44 67.32
C ALA B 806 38.46 -74.26 67.87
N ILE B 807 37.77 -73.12 67.99
CA ILE B 807 38.37 -71.89 68.50
C ILE B 807 37.42 -71.28 69.53
N THR B 808 37.99 -70.40 70.36
CA THR B 808 37.24 -69.72 71.41
C THR B 808 37.76 -68.29 71.54
N ILE B 809 36.98 -67.46 72.22
CA ILE B 809 37.38 -66.07 72.41
C ILE B 809 38.62 -65.99 73.30
N LYS B 810 38.64 -66.75 74.40
CA LYS B 810 39.81 -66.77 75.26
C LYS B 810 40.97 -67.53 74.62
N ASP B 811 40.68 -68.52 73.77
CA ASP B 811 41.74 -69.26 73.10
C ASP B 811 42.40 -68.43 72.02
N TYR B 812 41.69 -67.45 71.46
CA TYR B 812 42.27 -66.60 70.42
C TYR B 812 43.41 -65.75 70.97
N ASP B 813 43.33 -65.36 72.24
CA ASP B 813 44.42 -64.59 72.85
C ASP B 813 45.67 -65.45 72.97
N SER B 814 45.51 -66.71 73.38
CA SER B 814 46.66 -67.62 73.43
C SER B 814 47.20 -67.92 72.04
N ASN B 815 46.31 -67.97 71.04
CA ASN B 815 46.76 -68.18 69.67
C ASN B 815 47.54 -66.98 69.14
N LEU B 816 47.24 -65.78 69.65
CA LEU B 816 47.94 -64.57 69.24
C LEU B 816 49.21 -64.31 70.02
N ASN B 817 49.63 -65.24 70.88
CA ASN B 817 50.84 -65.09 71.68
C ASN B 817 50.76 -63.85 72.58
N ASN B 825 54.61 -55.60 77.49
CA ASN B 825 53.60 -55.44 78.54
C ASN B 825 54.18 -54.74 79.76
N LYS B 826 55.02 -53.72 79.52
CA LYS B 826 55.62 -52.98 80.63
C LYS B 826 54.67 -51.90 81.14
N PHE B 827 53.94 -51.24 80.25
CA PHE B 827 53.01 -50.19 80.61
C PHE B 827 51.57 -50.70 80.77
N ALA B 828 51.42 -51.96 81.16
CA ALA B 828 50.08 -52.53 81.31
C ALA B 828 49.33 -51.88 82.46
N ASN B 829 50.04 -51.56 83.55
CA ASN B 829 49.40 -50.85 84.66
C ASN B 829 48.92 -49.47 84.23
N THR B 830 49.67 -48.80 83.34
CA THR B 830 49.18 -47.54 82.80
C THR B 830 47.95 -47.74 81.93
N MET B 831 47.88 -48.85 81.19
CA MET B 831 46.69 -49.15 80.42
C MET B 831 45.48 -49.34 81.34
N GLU B 832 45.67 -50.08 82.44
CA GLU B 832 44.59 -50.23 83.41
C GLU B 832 44.21 -48.89 84.03
N PHE B 833 45.20 -48.02 84.25
CA PHE B 833 44.93 -46.72 84.85
C PHE B 833 44.07 -45.86 83.92
N VAL B 834 44.41 -45.82 82.63
CA VAL B 834 43.62 -45.03 81.70
C VAL B 834 42.26 -45.67 81.46
N GLU B 835 42.17 -47.00 81.56
CA GLU B 835 40.86 -47.65 81.49
C GLU B 835 39.99 -47.23 82.68
N ASP B 836 40.56 -47.19 83.88
CA ASP B 836 39.83 -46.71 85.04
C ASP B 836 39.46 -45.25 84.89
N TYR B 837 40.33 -44.45 84.26
CA TYR B 837 39.99 -43.05 84.01
C TYR B 837 38.81 -42.93 83.07
N LEU B 838 38.77 -43.76 82.02
CA LEU B 838 37.62 -43.78 81.12
C LEU B 838 36.36 -44.20 81.86
N ASN B 839 36.48 -45.19 82.76
CA ASN B 839 35.34 -45.62 83.55
C ASN B 839 34.83 -44.50 84.45
N ASN B 840 35.74 -43.75 85.05
CA ASN B 840 35.35 -42.61 85.89
C ASN B 840 34.68 -41.53 85.06
N VAL B 841 35.20 -41.26 83.86
CA VAL B 841 34.58 -40.26 82.99
C VAL B 841 33.20 -40.73 82.53
N VAL B 842 33.00 -42.04 82.41
CA VAL B 842 31.69 -42.56 82.03
C VAL B 842 30.69 -42.37 83.15
N SER B 843 31.13 -42.55 84.39
CA SER B 843 30.26 -42.41 85.57
C SER B 843 30.26 -40.97 86.07
N GLU B 844 29.95 -40.03 85.18
CA GLU B 844 29.87 -38.61 85.52
C GLU B 844 28.63 -37.91 84.95
N ALA B 845 27.94 -38.51 83.99
CA ALA B 845 26.71 -37.95 83.42
C ALA B 845 26.95 -36.61 82.73
N VAL B 846 28.17 -36.35 82.27
CA VAL B 846 28.51 -35.10 81.61
C VAL B 846 29.74 -35.33 80.73
N PRO B 847 29.59 -35.86 79.52
CA PRO B 847 30.78 -36.18 78.71
C PRO B 847 31.30 -34.94 77.99
N PHE B 848 32.59 -34.63 78.22
CA PHE B 848 33.25 -33.51 77.56
C PHE B 848 32.56 -32.18 77.87
N ALA B 849 32.10 -32.03 79.11
CA ALA B 849 31.46 -30.81 79.57
C ALA B 849 32.42 -29.82 80.21
N ASN B 850 33.53 -30.30 80.77
CA ASN B 850 34.55 -29.46 81.39
C ASN B 850 35.69 -29.24 80.41
N GLU B 851 36.19 -28.00 80.37
CA GLU B 851 37.26 -27.67 79.43
C GLU B 851 38.55 -28.40 79.79
N GLU B 852 38.92 -28.40 81.07
CA GLU B 852 40.12 -29.11 81.49
C GLU B 852 39.98 -30.61 81.26
N LYS B 853 38.84 -31.18 81.64
CA LYS B 853 38.60 -32.60 81.37
C LYS B 853 38.54 -32.88 79.88
N ASN B 854 37.99 -31.94 79.10
CA ASN B 854 37.95 -32.12 77.65
C ASN B 854 39.35 -32.17 77.06
N LYS B 855 40.25 -31.32 77.56
CA LYS B 855 41.63 -31.34 77.08
C LYS B 855 42.37 -32.57 77.58
N LEU B 856 42.02 -33.07 78.76
CA LEU B 856 42.70 -34.23 79.33
C LEU B 856 42.28 -35.53 78.65
N THR B 857 41.02 -35.62 78.23
CA THR B 857 40.54 -36.85 77.59
C THR B 857 41.21 -37.08 76.25
N PHE B 858 41.60 -36.00 75.56
CA PHE B 858 42.14 -36.14 74.21
C PHE B 858 43.48 -36.86 74.22
N GLU B 859 44.37 -36.49 75.15
CA GLU B 859 45.67 -37.14 75.22
C GLU B 859 45.53 -38.62 75.58
N VAL B 860 44.64 -38.93 76.52
CA VAL B 860 44.45 -40.32 76.92
C VAL B 860 43.86 -41.13 75.77
N VAL B 861 42.92 -40.53 75.02
CA VAL B 861 42.32 -41.23 73.89
C VAL B 861 43.38 -41.49 72.81
N SER B 862 44.24 -40.51 72.55
CA SER B 862 45.29 -40.70 71.56
C SER B 862 46.30 -41.76 72.01
N LEU B 863 46.60 -41.79 73.31
CA LEU B 863 47.52 -42.79 73.82
C LEU B 863 46.92 -44.19 73.66
N ALA B 864 45.65 -44.35 74.03
CA ALA B 864 44.99 -45.63 73.86
C ALA B 864 44.90 -46.02 72.39
N HIS B 865 44.68 -45.05 71.51
CA HIS B 865 44.63 -45.30 70.08
C HIS B 865 45.96 -45.84 69.58
N ASN B 866 47.06 -45.18 69.96
CA ASN B 866 48.37 -45.63 69.55
C ASN B 866 48.69 -47.01 70.12
N LEU B 867 48.30 -47.26 71.37
CA LEU B 867 48.56 -48.55 71.98
C LEU B 867 47.78 -49.65 71.29
N ILE B 868 46.55 -49.36 70.86
CA ILE B 868 45.73 -50.38 70.20
C ILE B 868 46.24 -50.64 68.79
N TYR B 869 46.66 -49.58 68.09
CA TYR B 869 47.18 -49.76 66.73
C TYR B 869 48.54 -50.44 66.75
N PHE B 870 49.31 -50.27 67.82
CA PHE B 870 50.54 -51.04 67.98
C PHE B 870 50.24 -52.48 68.40
N GLY B 871 49.32 -52.63 69.36
CA GLY B 871 48.83 -53.93 69.77
C GLY B 871 49.44 -54.42 71.06
N PHE B 872 48.71 -54.23 72.17
CA PHE B 872 49.10 -54.76 73.47
C PHE B 872 47.89 -55.17 74.29
N TYR B 873 46.80 -55.57 73.62
CA TYR B 873 45.53 -55.83 74.27
C TYR B 873 45.02 -57.22 73.90
N SER B 874 44.09 -57.70 74.71
CA SER B 874 43.41 -58.98 74.50
C SER B 874 41.99 -58.74 74.03
N PHE B 875 41.33 -59.82 73.60
CA PHE B 875 40.01 -59.68 72.99
C PHE B 875 38.95 -59.32 74.02
N SER B 876 39.03 -59.90 75.22
CA SER B 876 38.07 -59.55 76.27
C SER B 876 38.25 -58.10 76.70
N GLU B 877 39.50 -57.67 76.87
CA GLU B 877 39.76 -56.27 77.19
C GLU B 877 39.28 -55.36 76.07
N LEU B 878 39.46 -55.78 74.83
CA LEU B 878 39.00 -54.98 73.69
C LEU B 878 37.48 -54.87 73.70
N LEU B 879 36.78 -55.95 74.02
CA LEU B 879 35.32 -55.92 74.08
C LEU B 879 34.84 -55.00 75.20
N ARG B 880 35.47 -55.09 76.37
CA ARG B 880 35.10 -54.21 77.47
C ARG B 880 35.37 -52.75 77.13
N LEU B 881 36.49 -52.48 76.45
CA LEU B 881 36.81 -51.11 76.04
C LEU B 881 35.80 -50.60 75.03
N THR B 882 35.42 -51.44 74.07
CA THR B 882 34.41 -51.04 73.08
C THR B 882 33.07 -50.75 73.76
N ARG B 883 32.70 -51.58 74.74
CA ARG B 883 31.45 -51.37 75.45
C ARG B 883 31.45 -50.05 76.20
N THR B 884 32.48 -49.84 77.04
CA THR B 884 32.52 -48.60 77.84
C THR B 884 32.77 -47.36 77.00
N LEU B 885 33.31 -47.51 75.79
CA LEU B 885 33.51 -46.36 74.90
C LEU B 885 32.24 -46.03 74.13
N LEU B 886 31.48 -47.05 73.72
CA LEU B 886 30.18 -46.80 73.12
C LEU B 886 29.20 -46.25 74.14
N GLY B 887 29.36 -46.60 75.41
CA GLY B 887 28.55 -46.03 76.47
C GLY B 887 28.90 -44.61 76.83
N ILE B 888 30.01 -44.07 76.30
CA ILE B 888 30.41 -42.71 76.62
C ILE B 888 29.76 -41.66 75.71
N ILE B 889 29.25 -42.06 74.55
CA ILE B 889 28.66 -41.13 73.60
C ILE B 889 27.16 -41.03 73.88
N ASP B 890 26.69 -39.80 74.09
CA ASP B 890 25.28 -39.54 74.36
C ASP B 890 24.83 -40.26 75.62
N ASP B 958 35.72 -27.22 71.01
CA ASP B 958 34.88 -27.46 69.84
C ASP B 958 35.49 -28.56 68.96
N ILE B 959 36.78 -28.40 68.63
CA ILE B 959 37.46 -29.37 67.78
C ILE B 959 38.06 -30.53 68.56
N VAL B 960 38.34 -30.35 69.85
CA VAL B 960 38.94 -31.42 70.64
C VAL B 960 37.97 -32.59 70.79
N VAL B 961 36.70 -32.30 71.06
CA VAL B 961 35.71 -33.36 71.18
C VAL B 961 35.53 -34.07 69.85
N MET B 962 35.59 -33.32 68.74
CA MET B 962 35.47 -33.93 67.43
C MET B 962 36.65 -34.86 67.14
N GLU B 963 37.86 -34.44 67.49
CA GLU B 963 39.03 -35.30 67.29
C GLU B 963 38.94 -36.54 68.17
N THR B 964 38.46 -36.39 69.40
CA THR B 964 38.30 -37.55 70.27
C THR B 964 37.27 -38.52 69.70
N LYS B 965 36.18 -37.99 69.16
CA LYS B 965 35.17 -38.85 68.54
C LYS B 965 35.73 -39.56 67.31
N LEU B 966 36.58 -38.87 66.54
CA LEU B 966 37.21 -39.50 65.38
C LEU B 966 38.13 -40.63 65.82
N LYS B 967 38.90 -40.41 66.89
CA LYS B 967 39.76 -41.47 67.40
C LYS B 967 38.94 -42.65 67.90
N ILE B 968 37.81 -42.37 68.55
CA ILE B 968 36.94 -43.46 69.03
C ILE B 968 36.38 -44.24 67.84
N LEU B 969 36.03 -43.54 66.76
CA LEU B 969 35.52 -44.22 65.58
C LEU B 969 36.61 -45.08 64.94
N GLU B 970 37.85 -44.58 64.94
CA GLU B 970 38.95 -45.39 64.42
C GLU B 970 39.17 -46.65 65.27
N ILE B 971 39.06 -46.51 66.59
CA ILE B 971 39.19 -47.67 67.46
C ILE B 971 38.06 -48.66 67.22
N LEU B 972 36.85 -48.14 66.96
CA LEU B 972 35.73 -49.02 66.64
C LEU B 972 35.95 -49.75 65.33
N GLN B 973 36.52 -49.07 64.33
CA GLN B 973 36.84 -49.73 63.08
C GLN B 973 37.90 -50.81 63.27
N PHE B 974 38.88 -50.54 64.14
CA PHE B 974 39.87 -51.57 64.46
C PHE B 974 39.23 -52.78 65.12
N ILE B 975 38.30 -52.54 66.05
CA ILE B 975 37.60 -53.64 66.70
C ILE B 975 36.78 -54.43 65.68
N LEU B 976 36.16 -53.74 64.73
CA LEU B 976 35.40 -54.42 63.68
C LEU B 976 36.32 -55.26 62.80
N ASN B 977 37.52 -54.77 62.51
CA ASN B 977 38.48 -55.56 61.74
C ASN B 977 38.89 -56.81 62.52
N VAL B 978 39.10 -56.67 63.83
CA VAL B 978 39.42 -57.84 64.66
C VAL B 978 38.27 -58.83 64.64
N ARG B 979 37.04 -58.32 64.65
CA ARG B 979 35.87 -59.20 64.60
C ARG B 979 35.80 -59.94 63.27
N LEU B 980 36.13 -59.25 62.17
CA LEU B 980 36.17 -59.90 60.87
C LEU B 980 37.22 -60.99 60.85
N ASP B 981 38.38 -60.73 61.46
CA ASP B 981 39.43 -61.74 61.55
C ASP B 981 38.94 -62.95 62.35
N TYR B 982 38.21 -62.71 63.44
CA TYR B 982 37.69 -63.81 64.25
C TYR B 982 36.67 -64.62 63.46
N ARG B 983 35.83 -63.95 62.66
CA ARG B 983 34.86 -64.67 61.83
C ARG B 983 35.56 -65.52 60.79
N ILE B 984 36.61 -64.98 60.17
CA ILE B 984 37.39 -65.76 59.20
C ILE B 984 38.02 -66.97 59.88
N SER B 985 38.50 -66.79 61.11
CA SER B 985 39.09 -67.91 61.85
C SER B 985 38.04 -68.96 62.16
N TYR B 986 36.82 -68.54 62.50
CA TYR B 986 35.74 -69.49 62.76
C TYR B 986 35.42 -70.31 61.51
N LEU B 987 35.29 -69.63 60.36
CA LEU B 987 35.04 -70.34 59.12
C LEU B 987 36.18 -71.31 58.79
N LEU B 988 37.42 -70.88 59.03
CA LEU B 988 38.56 -71.75 58.78
C LEU B 988 38.53 -72.98 59.68
N SER B 989 38.15 -72.80 60.94
CA SER B 989 38.07 -73.92 61.86
C SER B 989 36.98 -74.90 61.44
N VAL B 990 35.83 -74.37 60.99
CA VAL B 990 34.74 -75.24 60.55
C VAL B 990 35.17 -76.05 59.33
N PHE B 991 35.80 -75.38 58.36
CA PHE B 991 36.27 -76.10 57.18
C PHE B 991 37.36 -77.11 57.54
N LYS B 992 38.21 -76.77 58.51
CA LYS B 992 39.24 -77.71 58.95
C LYS B 992 38.62 -78.96 59.56
N LYS B 993 37.60 -78.79 60.40
CA LYS B 993 36.92 -79.94 60.97
C LYS B 993 36.25 -80.78 59.88
N GLU B 994 35.60 -80.12 58.92
CA GLU B 994 34.93 -80.84 57.85
C GLU B 994 35.93 -81.64 57.02
N PHE B 995 37.08 -81.05 56.69
CA PHE B 995 38.08 -81.75 55.89
C PHE B 995 38.84 -82.80 56.70
N VAL B 996 38.90 -82.66 58.03
CA VAL B 996 39.55 -83.66 58.85
C VAL B 996 38.64 -84.87 59.05
N GLU B 997 37.32 -84.66 59.04
CA GLU B 997 36.40 -85.79 59.12
C GLU B 997 36.59 -86.72 57.92
N VAL B 998 36.59 -86.15 56.72
CA VAL B 998 36.78 -86.92 55.49
C VAL B 998 38.27 -87.01 55.17
N LEU B 1022 27.85 -81.23 54.55
CA LEU B 1022 28.11 -79.93 53.97
C LEU B 1022 27.06 -78.91 54.39
N ASP B 1023 25.79 -79.34 54.39
CA ASP B 1023 24.70 -78.45 54.78
C ASP B 1023 24.83 -78.00 56.24
N ARG B 1024 25.33 -78.87 57.11
CA ARG B 1024 25.52 -78.48 58.50
C ARG B 1024 26.61 -77.41 58.63
N ILE B 1025 27.68 -77.53 57.83
CA ILE B 1025 28.71 -76.51 57.83
C ILE B 1025 28.15 -75.18 57.35
N GLY B 1026 27.26 -75.23 56.34
CA GLY B 1026 26.62 -74.00 55.89
C GLY B 1026 25.72 -73.40 56.95
N GLU B 1027 25.00 -74.25 57.70
CA GLU B 1027 24.16 -73.75 58.78
C GLU B 1027 25.01 -73.11 59.88
N GLN B 1028 26.17 -73.70 60.18
CA GLN B 1028 27.05 -73.10 61.17
C GLN B 1028 27.61 -71.77 60.68
N ALA B 1029 28.00 -71.69 59.41
CA ALA B 1029 28.49 -70.45 58.84
C ALA B 1029 27.41 -69.37 58.85
N GLU B 1030 26.15 -69.77 58.64
CA GLU B 1030 25.05 -68.81 58.70
C GLU B 1030 24.78 -68.36 60.13
N ALA B 1031 24.94 -69.28 61.09
CA ALA B 1031 24.81 -68.91 62.50
C ALA B 1031 25.90 -67.94 62.90
N MET B 1032 27.09 -68.05 62.28
CA MET B 1032 28.18 -67.13 62.56
C MET B 1032 27.83 -65.68 62.21
N PHE B 1033 26.86 -65.46 61.31
CA PHE B 1033 26.50 -64.10 60.94
C PHE B 1033 25.90 -63.35 62.12
N GLY B 1034 25.13 -64.03 62.96
CA GLY B 1034 24.52 -63.41 64.12
C GLY B 1034 25.46 -63.34 65.30
N SER B 1040 26.08 -65.04 68.49
CA SER B 1040 25.82 -63.83 69.28
C SER B 1040 26.76 -63.73 70.48
N MET B 1041 27.97 -64.29 70.36
CA MET B 1041 28.96 -64.22 71.42
C MET B 1041 29.77 -62.94 71.36
N LEU B 1042 30.31 -62.62 70.18
CA LEU B 1042 31.08 -61.40 69.96
C LEU B 1042 30.11 -60.34 69.45
N GLU B 1043 29.72 -59.42 70.34
CA GLU B 1043 28.77 -58.37 70.01
C GLU B 1043 29.12 -57.12 70.80
N VAL B 1044 29.34 -56.01 70.10
CA VAL B 1044 29.65 -54.74 70.75
C VAL B 1044 28.39 -54.18 71.38
N ASP B 1045 28.55 -53.35 72.42
CA ASP B 1045 27.42 -52.63 72.99
C ASP B 1045 26.35 -53.59 73.53
N ASP B 1046 26.56 -54.13 74.74
CA ASP B 1046 25.80 -55.27 75.27
C ASP B 1046 24.29 -55.11 75.09
N GLU B 1047 23.81 -53.86 75.07
CA GLU B 1047 22.44 -53.53 74.66
C GLU B 1047 22.13 -53.88 73.21
N GLY B 1048 23.09 -54.39 72.44
CA GLY B 1048 22.86 -54.81 71.06
C GLY B 1048 23.00 -53.65 70.10
N GLY B 1049 22.19 -53.68 69.03
CA GLY B 1049 22.33 -52.67 67.99
C GLY B 1049 21.81 -51.32 68.43
N ARG B 1050 20.87 -51.29 69.37
CA ARG B 1050 20.25 -50.03 69.77
C ARG B 1050 21.28 -49.08 70.39
N MET B 1051 22.20 -49.62 71.19
CA MET B 1051 23.24 -48.76 71.77
C MET B 1051 24.22 -48.31 70.69
N PHE B 1052 24.45 -49.17 69.70
CA PHE B 1052 25.44 -48.87 68.66
C PHE B 1052 24.94 -47.81 67.70
N LEU B 1053 23.70 -47.93 67.22
CA LEU B 1053 23.27 -47.19 66.04
C LEU B 1053 22.87 -45.75 66.34
N ARG B 1054 22.20 -45.52 67.46
CA ARG B 1054 21.78 -44.17 67.80
C ARG B 1054 22.99 -43.30 68.04
N VAL B 1055 24.09 -43.91 68.51
CA VAL B 1055 25.33 -43.16 68.68
C VAL B 1055 25.86 -42.68 67.34
N LEU B 1056 25.85 -43.57 66.33
CA LEU B 1056 26.30 -43.17 65.01
C LEU B 1056 25.38 -42.11 64.41
N ILE B 1057 24.08 -42.22 64.66
CA ILE B 1057 23.14 -41.22 64.15
C ILE B 1057 23.39 -39.86 64.80
N HIS B 1058 23.68 -39.86 66.11
CA HIS B 1058 23.98 -38.61 66.80
C HIS B 1058 25.30 -38.02 66.31
N LEU B 1059 26.27 -38.88 65.99
CA LEU B 1059 27.54 -38.39 65.45
C LEU B 1059 27.37 -37.84 64.05
N THR B 1060 26.43 -38.39 63.27
CA THR B 1060 26.21 -37.92 61.91
C THR B 1060 25.60 -36.52 61.86
N MET B 1061 24.98 -36.06 62.95
CA MET B 1061 24.34 -34.76 62.95
C MET B 1061 25.34 -33.61 62.99
N HIS B 1062 26.57 -33.87 63.45
CA HIS B 1062 27.56 -32.80 63.55
C HIS B 1062 28.02 -32.37 62.17
N ASP B 1063 28.72 -31.22 62.14
CA ASP B 1063 29.16 -30.59 60.90
C ASP B 1063 30.61 -30.85 60.56
N TYR B 1064 31.37 -31.48 61.46
CA TYR B 1064 32.77 -31.80 61.17
C TYR B 1064 32.81 -32.84 60.05
N ALA B 1065 33.43 -32.47 58.92
CA ALA B 1065 33.33 -33.30 57.71
C ALA B 1065 33.99 -34.66 57.88
N PRO B 1066 35.23 -34.78 58.36
CA PRO B 1066 35.80 -36.12 58.56
C PRO B 1066 35.02 -36.96 59.56
N LEU B 1067 34.42 -36.33 60.58
CA LEU B 1067 33.64 -37.07 61.55
C LEU B 1067 32.44 -37.74 60.89
N VAL B 1068 31.65 -36.97 60.12
CA VAL B 1068 30.50 -37.56 59.46
C VAL B 1068 30.94 -38.52 58.36
N SER B 1069 32.12 -38.30 57.77
CA SER B 1069 32.64 -39.26 56.79
C SER B 1069 32.88 -40.62 57.43
N GLY B 1070 33.62 -40.63 58.55
CA GLY B 1070 33.82 -41.87 59.26
C GLY B 1070 32.53 -42.48 59.79
N ALA B 1071 31.58 -41.63 60.19
CA ALA B 1071 30.30 -42.12 60.67
C ALA B 1071 29.54 -42.83 59.55
N LEU B 1072 29.49 -42.24 58.36
CA LEU B 1072 28.83 -42.87 57.23
C LEU B 1072 29.55 -44.16 56.84
N GLN B 1073 30.89 -44.17 56.92
CA GLN B 1073 31.64 -45.38 56.62
C GLN B 1073 31.27 -46.49 57.58
N LEU B 1074 31.22 -46.19 58.88
CA LEU B 1074 30.85 -47.19 59.87
C LEU B 1074 29.41 -47.64 59.69
N LEU B 1075 28.52 -46.71 59.30
CA LEU B 1075 27.13 -47.06 59.10
C LEU B 1075 26.96 -48.01 57.92
N PHE B 1076 27.67 -47.75 56.82
CA PHE B 1076 27.58 -48.62 55.65
C PHE B 1076 28.32 -49.94 55.86
N LYS B 1077 29.32 -49.97 56.74
CA LYS B 1077 30.01 -51.22 57.05
C LYS B 1077 29.30 -52.04 58.10
N HIS B 1078 28.39 -51.44 58.87
CA HIS B 1078 27.70 -52.17 59.93
C HIS B 1078 26.70 -53.17 59.36
N PHE B 1079 26.08 -52.84 58.23
CA PHE B 1079 25.07 -53.69 57.60
C PHE B 1079 25.60 -54.50 56.44
N SER B 1080 26.91 -54.44 56.16
CA SER B 1080 27.55 -55.18 55.07
C SER B 1080 28.50 -56.23 55.62
N GLN B 1081 28.10 -56.87 56.73
CA GLN B 1081 28.98 -57.84 57.39
C GLN B 1081 29.16 -59.10 56.56
N ARG B 1082 28.06 -59.63 56.01
CA ARG B 1082 28.14 -60.89 55.28
C ARG B 1082 28.93 -60.73 53.99
N GLN B 1083 28.72 -59.63 53.27
CA GLN B 1083 29.45 -59.41 52.03
C GLN B 1083 30.94 -59.25 52.29
N GLU B 1084 31.30 -58.48 53.32
CA GLU B 1084 32.70 -58.31 53.66
C GLU B 1084 33.33 -59.63 54.10
N ALA B 1085 32.57 -60.44 54.84
CA ALA B 1085 33.07 -61.75 55.27
C ALA B 1085 33.31 -62.65 54.08
N MET B 1086 32.38 -62.68 53.12
CA MET B 1086 32.56 -63.49 51.93
C MET B 1086 33.76 -63.01 51.12
N HIS B 1087 33.93 -61.69 51.00
CA HIS B 1087 35.07 -61.15 50.25
C HIS B 1087 36.39 -61.51 50.93
N THR B 1088 36.44 -61.42 52.26
CA THR B 1088 37.66 -61.77 52.97
C THR B 1088 37.96 -63.25 52.87
N PHE B 1089 36.92 -64.10 52.91
CA PHE B 1089 37.13 -65.53 52.76
C PHE B 1089 37.62 -65.86 51.35
N LYS B 1090 37.10 -65.16 50.34
CA LYS B 1090 37.54 -65.39 48.97
C LYS B 1090 38.97 -64.89 48.76
N GLN B 1091 39.36 -63.81 49.44
CA GLN B 1091 40.71 -63.29 49.28
C GLN B 1091 41.75 -64.14 50.00
N VAL B 1092 41.36 -64.80 51.10
CA VAL B 1092 42.30 -65.59 51.87
C VAL B 1092 42.53 -66.94 51.20
N GLN B 1093 43.65 -67.57 51.55
CA GLN B 1093 43.99 -68.88 51.01
C GLN B 1093 44.74 -69.66 52.08
N LEU B 1094 44.92 -70.95 51.84
CA LEU B 1094 45.58 -71.87 52.76
C LEU B 1094 46.82 -72.45 52.10
N LEU B 1095 47.92 -72.47 52.84
CA LEU B 1095 49.20 -72.99 52.39
C LEU B 1095 49.52 -74.28 53.13
N ILE B 1096 50.57 -74.96 52.67
CA ILE B 1096 50.93 -76.29 53.17
C ILE B 1096 52.30 -76.28 53.83
N SER B 1097 53.19 -75.38 53.37
CA SER B 1097 54.58 -75.36 53.81
C SER B 1097 54.92 -74.01 54.44
N ALA B 1098 55.85 -74.04 55.40
CA ALA B 1098 56.30 -72.82 56.05
C ALA B 1098 57.28 -72.04 55.18
N GLN B 1099 58.17 -72.76 54.48
CA GLN B 1099 59.06 -72.09 53.53
C GLN B 1099 58.26 -71.45 52.40
N ASP B 1100 57.18 -72.11 51.96
CA ASP B 1100 56.29 -71.50 50.98
C ASP B 1100 55.61 -70.27 51.55
N VAL B 1101 55.28 -70.28 52.84
CA VAL B 1101 54.66 -69.11 53.45
C VAL B 1101 55.66 -67.95 53.50
N GLU B 1102 56.91 -68.25 53.82
CA GLU B 1102 57.94 -67.20 53.83
C GLU B 1102 58.16 -66.65 52.42
N ASN B 1103 58.18 -67.53 51.42
CA ASN B 1103 58.33 -67.08 50.04
C ASN B 1103 57.14 -66.23 49.61
N TYR B 1104 55.93 -66.59 50.06
CA TYR B 1104 54.75 -65.80 49.72
C TYR B 1104 54.79 -64.43 50.39
N LYS B 1105 55.24 -64.38 51.64
CA LYS B 1105 55.39 -63.08 52.30
C LYS B 1105 56.43 -62.22 51.59
N VAL B 1106 57.54 -62.84 51.19
CA VAL B 1106 58.57 -62.10 50.46
C VAL B 1106 58.03 -61.60 49.12
N ILE B 1107 57.20 -62.41 48.46
CA ILE B 1107 56.65 -62.02 47.17
C ILE B 1107 55.65 -60.88 47.35
N LYS B 1108 54.86 -60.91 48.42
CA LYS B 1108 53.93 -59.82 48.69
C LYS B 1108 54.67 -58.53 49.00
N SER B 1109 55.73 -58.61 49.81
CA SER B 1109 56.55 -57.43 50.07
C SER B 1109 57.18 -56.91 48.79
N GLU B 1110 57.63 -57.82 47.92
CA GLU B 1110 58.22 -57.41 46.65
C GLU B 1110 57.19 -56.76 45.73
N LEU B 1111 55.95 -57.23 45.76
CA LEU B 1111 54.91 -56.62 44.93
C LEU B 1111 54.54 -55.23 45.43
N ASP B 1112 54.45 -55.07 46.76
CA ASP B 1112 54.20 -53.74 47.31
C ASP B 1112 55.34 -52.78 46.97
N ARG B 1113 56.58 -53.24 47.17
CA ARG B 1113 57.74 -52.45 46.77
C ARG B 1113 57.74 -52.17 45.28
N LEU B 1114 57.19 -53.09 44.48
CA LEU B 1114 57.17 -52.91 43.04
C LEU B 1114 56.16 -51.85 42.63
N ARG B 1115 55.01 -51.79 43.32
CA ARG B 1115 54.06 -50.73 43.05
C ARG B 1115 54.63 -49.36 43.47
N THR B 1116 55.20 -49.31 44.68
CA THR B 1116 55.84 -48.08 45.14
C THR B 1116 56.94 -47.66 44.18
N MET B 1117 57.68 -48.64 43.66
CA MET B 1117 58.77 -48.37 42.75
C MET B 1117 58.26 -48.03 41.35
N VAL B 1118 57.06 -48.47 41.01
CA VAL B 1118 56.44 -48.03 39.76
C VAL B 1118 56.14 -46.55 39.82
N GLU B 1119 55.52 -46.12 40.92
CA GLU B 1119 55.29 -44.69 41.12
C GLU B 1119 56.62 -43.92 41.14
N LYS B 1120 57.60 -44.44 41.87
CA LYS B 1120 58.90 -43.78 41.94
C LYS B 1120 59.56 -43.70 40.56
N SER B 1121 59.53 -44.79 39.79
CA SER B 1121 60.16 -44.82 38.48
C SER B 1121 59.46 -43.86 37.53
N GLU B 1122 58.14 -43.71 37.68
CA GLU B 1122 57.44 -42.64 36.98
C GLU B 1122 58.00 -41.28 37.40
N LEU B 1123 58.40 -41.17 38.67
CA LEU B 1123 59.10 -39.96 39.12
C LEU B 1123 60.59 -40.04 38.85
N TRP B 1124 61.17 -41.24 38.91
CA TRP B 1124 62.61 -41.42 38.98
C TRP B 1124 63.16 -41.95 37.66
N GLN B 1167 69.39 -49.18 39.97
CA GLN B 1167 69.02 -50.57 39.69
C GLN B 1167 68.03 -51.09 40.72
N ILE B 1168 67.04 -50.26 41.05
CA ILE B 1168 66.00 -50.62 42.01
C ILE B 1168 64.88 -51.35 41.29
N VAL B 1169 64.28 -50.68 40.30
CA VAL B 1169 63.18 -51.27 39.56
C VAL B 1169 63.66 -52.47 38.76
N LYS B 1170 64.82 -52.35 38.11
CA LYS B 1170 65.37 -53.46 37.35
C LYS B 1170 65.72 -54.62 38.26
N GLY B 1171 66.26 -54.33 39.45
CA GLY B 1171 66.55 -55.39 40.40
C GLY B 1171 65.30 -56.09 40.89
N ILE B 1172 64.24 -55.33 41.15
CA ILE B 1172 62.98 -55.93 41.58
C ILE B 1172 62.40 -56.80 40.46
N LEU B 1173 62.51 -56.34 39.22
CA LEU B 1173 62.01 -57.12 38.09
C LEU B 1173 62.81 -58.42 37.93
N GLU B 1174 64.13 -58.34 38.09
CA GLU B 1174 64.96 -59.54 38.00
C GLU B 1174 64.65 -60.50 39.14
N ARG B 1175 64.37 -59.97 40.33
CA ARG B 1175 64.00 -60.84 41.45
C ARG B 1175 62.66 -61.53 41.19
N LEU B 1176 61.68 -60.78 40.69
CA LEU B 1176 60.37 -61.38 40.41
C LEU B 1176 60.46 -62.38 39.27
N ASN B 1177 61.35 -62.17 38.30
CA ASN B 1177 61.50 -63.11 37.20
C ASN B 1177 62.19 -64.38 37.67
N LYS B 1178 63.17 -64.26 38.57
CA LYS B 1178 63.89 -65.40 39.11
C LYS B 1178 63.24 -65.95 40.38
N MET B 1179 62.06 -65.49 40.73
CA MET B 1179 61.40 -65.97 41.95
C MET B 1179 60.81 -67.36 41.76
N CYS B 1180 60.27 -67.65 40.57
CA CYS B 1180 59.66 -68.95 40.30
C CYS B 1180 59.72 -69.19 38.80
N GLY B 1181 58.99 -70.21 38.35
CA GLY B 1181 58.95 -70.60 36.95
C GLY B 1181 59.51 -71.97 36.64
N VAL B 1182 60.16 -72.63 37.60
CA VAL B 1182 60.76 -73.95 37.39
C VAL B 1182 59.73 -75.00 37.74
N GLY B 1183 59.84 -76.16 37.09
CA GLY B 1183 58.96 -77.28 37.35
C GLY B 1183 57.63 -77.14 36.63
N GLU B 1184 56.86 -78.24 36.68
CA GLU B 1184 55.53 -78.29 36.07
C GLU B 1184 54.43 -78.01 37.09
N GLN B 1185 54.39 -78.80 38.17
CA GLN B 1185 53.42 -78.56 39.24
C GLN B 1185 53.83 -77.38 40.10
N MET B 1186 55.14 -77.21 40.34
CA MET B 1186 55.62 -76.05 41.08
C MET B 1186 55.31 -74.76 40.34
N ARG B 1187 55.44 -74.78 39.01
CA ARG B 1187 55.08 -73.61 38.22
C ARG B 1187 53.59 -73.32 38.32
N LYS B 1188 52.75 -74.35 38.34
CA LYS B 1188 51.31 -74.16 38.50
C LYS B 1188 50.99 -73.56 39.86
N LYS B 1189 51.66 -74.05 40.92
CA LYS B 1189 51.43 -73.49 42.24
C LYS B 1189 51.88 -72.03 42.31
N GLN B 1190 53.01 -71.71 41.68
CA GLN B 1190 53.48 -70.33 41.65
C GLN B 1190 52.52 -69.44 40.88
N GLN B 1191 51.97 -69.94 39.78
CA GLN B 1191 50.99 -69.18 39.02
C GLN B 1191 49.73 -68.94 39.84
N ARG B 1192 49.28 -69.95 40.57
CA ARG B 1192 48.11 -69.78 41.44
C ARG B 1192 48.39 -68.75 42.52
N LEU B 1193 49.57 -68.81 43.14
CA LEU B 1193 49.92 -67.86 44.19
C LEU B 1193 49.99 -66.44 43.65
N LEU B 1194 50.50 -66.28 42.42
CA LEU B 1194 50.61 -64.94 41.83
C LEU B 1194 49.25 -64.41 41.44
N LYS B 1195 48.40 -65.25 40.85
CA LYS B 1195 47.06 -64.81 40.47
C LYS B 1195 46.21 -64.50 41.69
N ASN B 1196 46.44 -65.20 42.80
CA ASN B 1196 45.72 -64.89 44.03
C ASN B 1196 46.20 -63.58 44.65
N MET B 1197 47.46 -63.21 44.41
CA MET B 1197 48.03 -61.99 44.95
C MET B 1197 47.85 -60.79 44.03
N ASP B 1198 47.10 -60.93 42.94
CA ASP B 1198 46.84 -59.84 42.01
C ASP B 1198 48.14 -59.29 41.42
N ALA B 1199 48.85 -60.16 40.71
CA ALA B 1199 50.11 -59.81 40.08
C ALA B 1199 49.95 -59.15 38.72
N HIS B 1200 48.71 -58.89 38.28
CA HIS B 1200 48.50 -58.26 36.98
C HIS B 1200 48.79 -56.76 37.02
N LYS B 1201 48.36 -56.10 38.10
CA LYS B 1201 48.47 -54.64 38.17
C LYS B 1201 49.92 -54.17 38.15
N VAL B 1202 50.80 -54.91 38.83
CA VAL B 1202 52.21 -54.51 38.88
C VAL B 1202 52.83 -54.57 37.48
N MET B 1203 52.58 -55.67 36.77
CA MET B 1203 53.14 -55.82 35.43
C MET B 1203 52.55 -54.79 34.47
N LEU B 1204 51.24 -54.52 34.58
CA LEU B 1204 50.61 -53.56 33.67
C LEU B 1204 51.06 -52.14 33.98
N ASP B 1205 51.38 -51.84 35.24
CA ASP B 1205 51.92 -50.53 35.57
C ASP B 1205 53.37 -50.40 35.11
N LEU B 1206 54.14 -51.48 35.17
CA LEU B 1206 55.49 -51.46 34.63
C LEU B 1206 55.49 -51.33 33.12
N LEU B 1207 54.43 -51.84 32.46
CA LEU B 1207 54.34 -51.74 31.01
C LEU B 1207 53.88 -50.37 30.54
N GLN B 1208 53.03 -49.70 31.33
CA GLN B 1208 52.50 -48.39 30.99
C GLN B 1208 53.33 -47.24 31.56
N ILE B 1209 54.63 -47.46 31.76
CA ILE B 1209 55.53 -46.46 32.33
C ILE B 1209 56.67 -46.23 31.35
N PRO B 1210 56.75 -45.05 30.67
CA PRO B 1210 57.90 -44.87 29.79
C PRO B 1210 59.23 -44.78 30.53
N ASP B 1215 66.95 -45.20 25.97
CA ASP B 1215 67.45 -45.55 27.29
C ASP B 1215 68.03 -46.96 27.30
N ALA B 1216 69.19 -47.11 27.93
CA ALA B 1216 69.89 -48.39 28.01
C ALA B 1216 69.48 -49.22 29.22
N LYS B 1217 68.44 -48.80 29.95
CA LYS B 1217 67.99 -49.51 31.14
C LYS B 1217 66.49 -49.82 31.08
N MET B 1218 65.73 -48.95 30.43
CA MET B 1218 64.28 -49.17 30.34
C MET B 1218 63.95 -50.35 29.43
N MET B 1219 64.68 -50.49 28.32
CA MET B 1219 64.40 -51.58 27.40
C MET B 1219 64.64 -52.93 28.04
N GLU B 1220 65.73 -53.07 28.81
CA GLU B 1220 66.01 -54.32 29.49
C GLU B 1220 64.96 -54.61 30.56
N ILE B 1221 64.49 -53.57 31.25
CA ILE B 1221 63.44 -53.75 32.26
C ILE B 1221 62.16 -54.24 31.60
N LEU B 1222 61.79 -53.64 30.46
CA LEU B 1222 60.60 -54.10 29.75
C LEU B 1222 60.78 -55.51 29.22
N ARG B 1223 62.00 -55.86 28.80
CA ARG B 1223 62.25 -57.24 28.34
C ARG B 1223 62.07 -58.24 29.48
N TYR B 1224 62.60 -57.92 30.66
CA TYR B 1224 62.42 -58.82 31.80
C TYR B 1224 60.95 -58.88 32.21
N THR B 1225 60.23 -57.77 32.12
CA THR B 1225 58.80 -57.79 32.44
C THR B 1225 58.04 -58.65 31.45
N HIS B 1226 58.39 -58.57 30.17
CA HIS B 1226 57.73 -59.41 29.17
C HIS B 1226 58.05 -60.88 29.37
N GLN B 1227 59.29 -61.19 29.74
CA GLN B 1227 59.64 -62.57 30.05
C GLN B 1227 58.85 -63.08 31.25
N PHE B 1228 58.70 -62.24 32.28
CA PHE B 1228 57.91 -62.61 33.44
C PHE B 1228 56.46 -62.84 33.07
N LEU B 1229 55.90 -61.98 32.23
CA LEU B 1229 54.51 -62.15 31.80
C LEU B 1229 54.34 -63.40 30.96
N GLN B 1230 55.33 -63.74 30.14
CA GLN B 1230 55.26 -64.95 29.33
C GLN B 1230 55.33 -66.19 30.22
N LYS B 1231 56.20 -66.17 31.24
CA LYS B 1231 56.27 -67.28 32.18
C LYS B 1231 55.03 -67.36 33.05
N PHE B 1232 54.31 -66.25 33.22
CA PHE B 1232 53.11 -66.26 34.06
C PHE B 1232 51.97 -67.04 33.41
N CYS B 1233 51.87 -66.99 32.08
CA CYS B 1233 50.79 -67.63 31.33
C CYS B 1233 51.33 -68.75 30.45
N ALA B 1234 52.23 -69.58 31.00
CA ALA B 1234 52.83 -70.64 30.22
C ALA B 1234 51.82 -71.73 29.88
N GLY B 1235 51.26 -72.37 30.92
CA GLY B 1235 50.34 -73.47 30.74
C GLY B 1235 49.07 -73.34 31.56
N ASN B 1236 48.57 -72.12 31.69
CA ASN B 1236 47.36 -71.83 32.46
C ASN B 1236 46.32 -71.20 31.54
N PRO B 1237 45.18 -71.85 31.27
CA PRO B 1237 44.16 -71.16 30.44
C PRO B 1237 43.58 -69.94 31.10
N GLY B 1238 43.47 -69.93 32.43
CA GLY B 1238 42.94 -68.76 33.11
C GLY B 1238 43.82 -67.53 32.95
N ASN B 1239 45.13 -67.71 33.15
CA ASN B 1239 46.07 -66.61 32.94
C ASN B 1239 46.09 -66.18 31.48
N GLN B 1240 45.95 -67.14 30.55
CA GLN B 1240 45.90 -66.79 29.13
C GLN B 1240 44.67 -65.94 28.84
N ALA B 1241 43.52 -66.30 29.39
CA ALA B 1241 42.32 -65.49 29.18
C ALA B 1241 42.44 -64.13 29.84
N LEU B 1242 43.10 -64.07 31.00
CA LEU B 1242 43.31 -62.79 31.67
C LEU B 1242 44.20 -61.88 30.83
N LEU B 1243 45.26 -62.43 30.25
CA LEU B 1243 46.11 -61.64 29.36
C LEU B 1243 45.36 -61.23 28.10
N HIS B 1244 44.49 -62.11 27.59
CA HIS B 1244 43.68 -61.76 26.43
C HIS B 1244 42.71 -60.63 26.76
N LYS B 1245 42.25 -60.54 28.01
CA LYS B 1245 41.38 -59.44 28.41
C LYS B 1245 42.10 -58.10 28.35
N HIS B 1246 43.43 -58.10 28.53
CA HIS B 1246 44.24 -56.89 28.49
C HIS B 1246 45.00 -56.77 27.16
N LEU B 1247 44.38 -57.21 26.06
CA LEU B 1247 45.03 -57.16 24.76
C LEU B 1247 45.07 -55.75 24.18
N HIS B 1248 44.41 -54.76 24.80
CA HIS B 1248 44.47 -53.40 24.30
C HIS B 1248 45.87 -52.82 24.43
N LEU B 1249 46.56 -53.14 25.53
CA LEU B 1249 47.92 -52.66 25.72
C LEU B 1249 48.93 -53.47 24.92
N PHE B 1250 48.65 -54.74 24.65
CA PHE B 1250 49.55 -55.59 23.88
C PHE B 1250 49.42 -55.38 22.38
N LEU B 1251 48.50 -54.54 21.92
CA LEU B 1251 48.31 -54.31 20.50
C LEU B 1251 49.30 -53.31 19.91
N THR B 1252 50.14 -52.68 20.74
CA THR B 1252 51.08 -51.69 20.23
C THR B 1252 52.17 -52.37 19.41
N PRO B 1253 52.94 -51.61 18.65
CA PRO B 1253 54.03 -52.20 17.85
C PRO B 1253 55.26 -52.46 18.70
N GLY B 1254 56.06 -53.42 18.23
CA GLY B 1254 57.28 -53.81 18.90
C GLY B 1254 57.67 -55.22 18.53
N LEU B 1255 58.96 -55.50 18.69
CA LEU B 1255 59.50 -56.82 18.36
C LEU B 1255 59.13 -57.85 19.42
N LEU B 1256 59.55 -57.60 20.67
CA LEU B 1256 59.26 -58.52 21.76
C LEU B 1256 57.78 -58.57 22.10
N GLU B 1257 57.02 -57.53 21.77
CA GLU B 1257 55.59 -57.53 22.04
C GLU B 1257 54.88 -58.61 21.25
N ALA B 1258 55.27 -58.81 20.00
CA ALA B 1258 54.67 -59.87 19.19
C ALA B 1258 55.04 -61.24 19.74
N GLU B 1259 56.27 -61.41 20.23
CA GLU B 1259 56.65 -62.68 20.84
C GLU B 1259 55.86 -62.94 22.10
N THR B 1260 55.61 -61.91 22.91
CA THR B 1260 54.80 -62.07 24.11
C THR B 1260 53.36 -62.43 23.74
N MET B 1261 52.82 -61.79 22.69
CA MET B 1261 51.48 -62.13 22.24
C MET B 1261 51.41 -63.58 21.75
N GLN B 1262 52.45 -64.03 21.06
CA GLN B 1262 52.49 -65.42 20.60
C GLN B 1262 52.54 -66.38 21.79
N HIS B 1263 53.35 -66.04 22.81
CA HIS B 1263 53.40 -66.86 24.01
C HIS B 1263 52.06 -66.86 24.75
N ILE B 1264 51.28 -65.79 24.61
CA ILE B 1264 50.02 -65.70 25.34
C ILE B 1264 48.98 -66.62 24.71
N PHE B 1265 48.94 -66.69 23.38
CA PHE B 1265 47.93 -67.45 22.65
C PHE B 1265 48.39 -68.87 22.30
N LEU B 1266 49.25 -69.47 23.12
CA LEU B 1266 49.72 -70.82 22.87
C LEU B 1266 48.69 -71.83 23.36
N ASN B 1267 48.12 -72.59 22.42
CA ASN B 1267 47.19 -73.68 22.74
C ASN B 1267 45.97 -73.16 23.49
N ASN B 1268 45.45 -72.01 23.07
CA ASN B 1268 44.26 -71.40 23.63
C ASN B 1268 43.11 -71.62 22.65
N TYR B 1269 42.40 -72.73 22.81
CA TYR B 1269 41.30 -73.05 21.91
C TYR B 1269 40.13 -72.10 22.10
N GLN B 1270 39.90 -71.62 23.32
CA GLN B 1270 38.82 -70.68 23.57
C GLN B 1270 39.11 -69.27 23.07
N LEU B 1271 40.40 -68.91 22.96
CA LEU B 1271 40.80 -67.59 22.51
C LEU B 1271 41.13 -67.54 21.02
N CYS B 1272 41.81 -68.57 20.50
CA CYS B 1272 42.18 -68.55 19.09
C CYS B 1272 40.98 -68.77 18.19
N SER B 1273 40.00 -69.56 18.62
CA SER B 1273 38.82 -69.79 17.80
C SER B 1273 38.01 -68.51 17.62
N GLU B 1274 37.91 -67.70 18.66
CA GLU B 1274 37.21 -66.42 18.63
C GLU B 1274 38.16 -65.25 18.44
N ILE B 1275 39.25 -65.44 17.69
CA ILE B 1275 40.20 -64.37 17.46
C ILE B 1275 39.55 -63.27 16.64
N SER B 1276 39.91 -62.02 16.96
CA SER B 1276 39.30 -60.88 16.30
C SER B 1276 39.96 -60.60 14.96
N GLU B 1277 39.15 -60.15 14.00
CA GLU B 1277 39.67 -59.78 12.69
C GLU B 1277 40.60 -58.57 12.76
N PRO B 1278 40.24 -57.44 13.40
CA PRO B 1278 41.15 -56.30 13.40
C PRO B 1278 42.49 -56.57 14.06
N VAL B 1279 42.55 -57.50 15.02
CA VAL B 1279 43.83 -57.83 15.64
C VAL B 1279 44.78 -58.42 14.61
N LEU B 1280 44.34 -59.46 13.90
CA LEU B 1280 45.16 -60.08 12.87
C LEU B 1280 45.43 -59.09 11.74
N GLN B 1281 44.49 -58.21 11.44
CA GLN B 1281 44.72 -57.18 10.43
C GLN B 1281 45.87 -56.27 10.85
N HIS B 1282 45.87 -55.83 12.11
CA HIS B 1282 46.97 -54.99 12.60
C HIS B 1282 48.29 -55.75 12.58
N PHE B 1283 48.25 -57.05 12.90
CA PHE B 1283 49.49 -57.82 12.94
C PHE B 1283 50.07 -57.98 11.54
N VAL B 1284 49.23 -58.26 10.54
CA VAL B 1284 49.75 -58.39 9.17
C VAL B 1284 50.18 -57.03 8.64
N HIS B 1285 49.50 -55.95 9.06
CA HIS B 1285 49.97 -54.61 8.70
C HIS B 1285 51.36 -54.36 9.26
N LEU B 1286 51.60 -54.76 10.51
CA LEU B 1286 52.93 -54.64 11.09
C LEU B 1286 53.95 -55.48 10.33
N LEU B 1287 53.56 -56.69 9.95
CA LEU B 1287 54.46 -57.57 9.21
C LEU B 1287 54.84 -56.95 7.86
N ALA B 1288 53.88 -56.27 7.22
CA ALA B 1288 54.17 -55.62 5.95
C ALA B 1288 54.97 -54.34 6.12
N THR B 1289 54.78 -53.63 7.24
CA THR B 1289 55.43 -52.33 7.42
C THR B 1289 56.87 -52.48 7.92
N HIS B 1290 57.06 -53.21 9.02
CA HIS B 1290 58.36 -53.24 9.68
C HIS B 1290 59.42 -53.99 8.91
N GLY B 1291 59.04 -54.79 7.91
CA GLY B 1291 59.99 -55.45 7.04
C GLY B 1291 60.08 -56.95 7.21
N ARG B 1292 58.94 -57.58 7.53
CA ARG B 1292 58.82 -59.04 7.55
C ARG B 1292 59.80 -59.68 8.55
N HIS B 1293 59.60 -59.36 9.82
CA HIS B 1293 60.35 -60.02 10.88
C HIS B 1293 59.83 -61.44 11.10
N VAL B 1294 60.71 -62.31 11.58
CA VAL B 1294 60.32 -63.71 11.80
C VAL B 1294 59.39 -63.87 12.99
N GLN B 1295 59.38 -62.90 13.91
CA GLN B 1295 58.54 -63.03 15.10
C GLN B 1295 57.06 -62.98 14.76
N TYR B 1296 56.68 -62.13 13.79
CA TYR B 1296 55.29 -62.11 13.35
C TYR B 1296 54.91 -63.40 12.65
N LEU B 1297 55.85 -64.01 11.92
CA LEU B 1297 55.59 -65.31 11.32
C LEU B 1297 55.39 -66.38 12.39
N ASP B 1298 56.18 -66.32 13.46
CA ASP B 1298 55.99 -67.26 14.57
C ASP B 1298 54.64 -67.03 15.24
N PHE B 1299 54.23 -65.78 15.39
CA PHE B 1299 52.92 -65.47 15.96
C PHE B 1299 51.81 -66.04 15.07
N LEU B 1300 51.95 -65.90 13.76
CA LEU B 1300 50.95 -66.47 12.85
C LEU B 1300 50.93 -67.98 12.94
N HIS B 1301 52.10 -68.61 13.10
CA HIS B 1301 52.15 -70.06 13.27
C HIS B 1301 51.44 -70.47 14.56
N THR B 1302 51.62 -69.70 15.63
CA THR B 1302 50.97 -70.03 16.89
C THR B 1302 49.46 -69.81 16.83
N VAL B 1303 49.01 -68.80 16.08
CA VAL B 1303 47.59 -68.48 16.00
C VAL B 1303 46.85 -69.29 14.94
N ILE B 1304 47.56 -69.91 14.01
CA ILE B 1304 46.89 -70.65 12.94
C ILE B 1304 46.36 -71.98 13.45
N LYS B 1305 47.26 -72.85 13.92
CA LYS B 1305 46.86 -74.15 14.43
C LYS B 1305 46.40 -74.02 15.88
N ALA B 1306 45.18 -74.46 16.15
CA ALA B 1306 44.60 -74.38 17.49
C ALA B 1306 45.11 -75.56 18.32
N GLU B 1307 44.58 -75.69 19.53
CA GLU B 1307 45.00 -76.79 20.41
C GLU B 1307 44.54 -78.13 19.86
N GLY B 1308 43.36 -78.18 19.25
CA GLY B 1308 42.83 -79.40 18.68
C GLY B 1308 43.10 -79.50 17.19
N LYS B 1309 42.05 -79.33 16.38
CA LYS B 1309 42.17 -79.38 14.93
C LYS B 1309 42.59 -78.00 14.41
N TYR B 1310 42.57 -77.84 13.09
CA TYR B 1310 42.91 -76.57 12.47
C TYR B 1310 41.75 -75.58 12.60
N VAL B 1311 42.09 -74.30 12.57
CA VAL B 1311 41.07 -73.26 12.66
C VAL B 1311 40.25 -73.23 11.37
N LYS B 1312 39.07 -72.62 11.48
CA LYS B 1312 38.13 -72.50 10.37
C LYS B 1312 38.05 -71.10 9.80
N LYS B 1313 37.84 -70.09 10.64
CA LYS B 1313 37.70 -68.71 10.19
C LYS B 1313 39.02 -67.95 10.14
N CYS B 1314 40.05 -68.43 10.85
CA CYS B 1314 41.32 -67.71 10.90
C CYS B 1314 42.17 -67.99 9.67
N GLN B 1315 42.17 -69.24 9.18
CA GLN B 1315 43.02 -69.60 8.06
C GLN B 1315 42.63 -68.85 6.80
N ASP B 1316 41.32 -68.74 6.53
CA ASP B 1316 40.85 -68.05 5.33
C ASP B 1316 41.20 -66.56 5.39
N MET B 1317 41.00 -65.93 6.54
CA MET B 1317 41.33 -64.52 6.69
C MET B 1317 42.83 -64.29 6.55
N ILE B 1318 43.64 -65.19 7.10
CA ILE B 1318 45.08 -65.06 6.99
C ILE B 1318 45.53 -65.20 5.55
N MET B 1319 44.96 -66.17 4.83
CA MET B 1319 45.31 -66.35 3.42
C MET B 1319 44.89 -65.14 2.60
N THR B 1320 43.70 -64.61 2.84
CA THR B 1320 43.24 -63.43 2.10
C THR B 1320 44.13 -62.22 2.39
N GLU B 1321 44.53 -62.04 3.65
CA GLU B 1321 45.39 -60.91 3.99
C GLU B 1321 46.78 -61.06 3.41
N LEU B 1322 47.29 -62.29 3.35
CA LEU B 1322 48.61 -62.51 2.78
C LEU B 1322 48.60 -62.37 1.26
N THR B 1323 47.48 -62.71 0.61
CA THR B 1323 47.41 -62.59 -0.84
C THR B 1323 47.13 -61.15 -1.27
N ASN B 1324 46.29 -60.44 -0.52
CA ASN B 1324 45.93 -59.07 -0.86
C ASN B 1324 46.93 -58.03 -0.37
N ALA B 1325 47.97 -58.45 0.37
CA ALA B 1325 48.96 -57.50 0.86
C ALA B 1325 49.83 -56.97 -0.29
N GLY B 1326 49.95 -57.72 -1.37
CA GLY B 1326 50.76 -57.33 -2.50
C GLY B 1326 52.12 -58.02 -2.49
N ASP B 1327 52.99 -57.51 -3.34
CA ASP B 1327 54.35 -58.05 -3.45
C ASP B 1327 55.28 -57.51 -2.37
N ASP B 1328 54.80 -56.70 -1.43
CA ASP B 1328 55.66 -56.18 -0.38
C ASP B 1328 56.03 -57.27 0.61
N VAL B 1329 55.04 -57.84 1.29
CA VAL B 1329 55.27 -58.97 2.21
C VAL B 1329 55.14 -60.23 1.37
N VAL B 1330 56.24 -60.60 0.71
CA VAL B 1330 56.30 -61.81 -0.09
C VAL B 1330 57.75 -62.04 -0.50
N VAL B 1331 58.19 -63.29 -0.47
CA VAL B 1331 59.54 -63.68 -0.87
C VAL B 1331 59.42 -64.93 -1.73
N PHE B 1332 59.41 -64.74 -3.05
CA PHE B 1332 59.40 -65.84 -4.01
C PHE B 1332 60.57 -65.60 -4.96
N TYR B 1333 61.72 -66.17 -4.62
CA TYR B 1333 62.96 -65.90 -5.35
C TYR B 1333 62.92 -66.67 -6.67
N ASN B 1334 62.60 -65.97 -7.76
CA ASN B 1334 62.70 -66.53 -9.10
C ASN B 1334 64.09 -66.38 -9.69
N ASP B 1335 64.87 -65.41 -9.21
CA ASP B 1335 66.23 -65.21 -9.70
C ASP B 1335 67.20 -66.15 -8.99
N LYS B 1336 68.24 -66.55 -9.72
CA LYS B 1336 69.25 -67.44 -9.17
C LYS B 1336 70.21 -66.73 -8.22
N ALA B 1337 70.35 -65.41 -8.33
CA ALA B 1337 71.26 -64.69 -7.46
C ALA B 1337 70.78 -64.68 -6.01
N SER B 1338 69.46 -64.80 -5.79
CA SER B 1338 68.94 -64.81 -4.43
C SER B 1338 69.23 -66.13 -3.73
N LEU B 1339 69.10 -67.25 -4.45
CA LEU B 1339 69.38 -68.56 -3.87
C LEU B 1339 70.87 -68.89 -3.85
N ALA B 1340 71.67 -68.29 -4.75
CA ALA B 1340 73.10 -68.56 -4.74
C ALA B 1340 73.78 -67.96 -3.52
N HIS B 1341 73.28 -66.85 -3.03
CA HIS B 1341 73.86 -66.19 -1.86
C HIS B 1341 73.44 -66.92 -0.58
N ASP B 1355 69.41 -67.99 13.34
CA ASP B 1355 68.09 -67.82 13.94
C ASP B 1355 67.25 -66.86 13.10
N HIS B 1356 67.52 -65.56 13.23
CA HIS B 1356 66.83 -64.54 12.45
C HIS B 1356 67.62 -64.28 11.17
N SER B 1357 67.04 -64.67 10.04
CA SER B 1357 67.71 -64.51 8.75
C SER B 1357 66.64 -64.46 7.67
N PRO B 1358 66.96 -63.94 6.48
CA PRO B 1358 65.97 -63.94 5.39
C PRO B 1358 65.65 -65.33 4.89
N LEU B 1359 66.61 -66.26 4.92
CA LEU B 1359 66.32 -67.64 4.54
C LEU B 1359 65.36 -68.29 5.54
N MET B 1360 65.60 -68.08 6.82
CA MET B 1360 64.65 -68.56 7.83
C MET B 1360 63.31 -67.86 7.69
N TYR B 1361 63.31 -66.59 7.28
CA TYR B 1361 62.05 -65.89 7.04
C TYR B 1361 61.27 -66.54 5.90
N HIS B 1362 61.96 -66.88 4.80
CA HIS B 1362 61.29 -67.55 3.70
C HIS B 1362 60.81 -68.94 4.11
N ILE B 1363 61.59 -69.64 4.94
CA ILE B 1363 61.17 -70.96 5.41
C ILE B 1363 59.90 -70.85 6.25
N SER B 1364 59.86 -69.86 7.15
CA SER B 1364 58.67 -69.66 7.97
C SER B 1364 57.48 -69.24 7.12
N LEU B 1365 57.71 -68.43 6.09
CA LEU B 1365 56.62 -68.02 5.21
C LEU B 1365 56.07 -69.21 4.43
N VAL B 1366 56.95 -70.09 3.95
CA VAL B 1366 56.50 -71.27 3.24
C VAL B 1366 55.73 -72.20 4.17
N ASP B 1367 56.20 -72.33 5.42
CA ASP B 1367 55.49 -73.16 6.38
C ASP B 1367 54.12 -72.58 6.69
N LEU B 1368 54.02 -71.26 6.81
CA LEU B 1368 52.72 -70.63 7.05
C LEU B 1368 51.79 -70.81 5.86
N LEU B 1369 52.33 -70.70 4.64
CA LEU B 1369 51.51 -70.92 3.45
C LEU B 1369 51.03 -72.36 3.39
N ALA B 1370 51.87 -73.31 3.79
CA ALA B 1370 51.46 -74.71 3.82
C ALA B 1370 50.37 -74.94 4.87
N ALA B 1371 50.52 -74.33 6.04
CA ALA B 1371 49.53 -74.46 7.09
C ALA B 1371 48.21 -73.79 6.70
N CYS B 1372 48.27 -72.76 5.85
CA CYS B 1372 47.06 -72.07 5.43
C CYS B 1372 46.16 -72.96 4.59
N ALA B 1373 46.74 -73.95 3.89
CA ALA B 1373 45.98 -74.86 3.04
C ALA B 1373 46.54 -76.28 3.23
N GLU B 1374 45.92 -77.02 4.14
CA GLU B 1374 46.21 -78.43 4.35
C GLU B 1374 44.99 -79.32 4.18
N GLY B 1375 43.82 -78.86 4.62
CA GLY B 1375 42.58 -79.57 4.44
C GLY B 1375 41.94 -79.26 3.10
N LYS B 1376 40.62 -79.39 3.06
CA LYS B 1376 39.86 -79.12 1.85
C LYS B 1376 39.56 -77.63 1.76
N ASN B 1377 40.27 -76.92 0.89
CA ASN B 1377 40.07 -75.50 0.66
C ASN B 1377 40.27 -75.21 -0.83
N VAL B 1378 39.27 -74.62 -1.45
CA VAL B 1378 39.29 -74.42 -2.91
C VAL B 1378 40.08 -73.17 -3.26
N TYR B 1379 39.60 -72.00 -2.84
CA TYR B 1379 40.25 -70.76 -3.24
C TYR B 1379 41.58 -70.56 -2.55
N THR B 1380 41.73 -71.05 -1.32
CA THR B 1380 43.02 -70.98 -0.63
C THR B 1380 44.08 -71.77 -1.39
N GLU B 1381 43.76 -73.01 -1.76
CA GLU B 1381 44.68 -73.82 -2.54
C GLU B 1381 44.92 -73.22 -3.92
N ILE B 1382 43.90 -72.59 -4.50
CA ILE B 1382 44.07 -71.96 -5.81
C ILE B 1382 45.07 -70.81 -5.72
N LYS B 1383 44.93 -69.97 -4.69
CA LYS B 1383 45.87 -68.88 -4.50
C LYS B 1383 47.28 -69.40 -4.18
N CYS B 1384 47.36 -70.50 -3.43
CA CYS B 1384 48.66 -71.09 -3.12
C CYS B 1384 49.34 -71.60 -4.39
N THR B 1385 48.57 -72.22 -5.29
CA THR B 1385 49.14 -72.70 -6.54
C THR B 1385 49.53 -71.54 -7.45
N SER B 1386 48.72 -70.47 -7.44
CA SER B 1386 49.04 -69.31 -8.27
C SER B 1386 50.25 -68.56 -7.75
N LEU B 1387 50.53 -68.64 -6.44
CA LEU B 1387 51.65 -67.92 -5.87
C LEU B 1387 52.97 -68.61 -6.18
N LEU B 1388 52.98 -69.95 -6.21
CA LEU B 1388 54.18 -70.74 -6.42
C LEU B 1388 53.93 -71.72 -7.54
N PRO B 1389 54.62 -71.63 -8.68
CA PRO B 1389 54.43 -72.66 -9.72
C PRO B 1389 55.01 -74.00 -9.29
N LEU B 1390 54.41 -75.07 -9.80
CA LEU B 1390 54.89 -76.40 -9.48
C LEU B 1390 56.19 -76.70 -10.22
N GLU B 1391 56.27 -76.31 -11.50
CA GLU B 1391 57.50 -76.52 -12.25
C GLU B 1391 58.64 -75.68 -11.67
N ASP B 1392 58.34 -74.47 -11.21
CA ASP B 1392 59.36 -73.65 -10.57
C ASP B 1392 59.86 -74.29 -9.29
N VAL B 1393 58.95 -74.90 -8.52
CA VAL B 1393 59.35 -75.59 -7.29
C VAL B 1393 60.22 -76.80 -7.63
N VAL B 1394 59.86 -77.53 -8.68
CA VAL B 1394 60.64 -78.69 -9.09
C VAL B 1394 62.03 -78.26 -9.55
N SER B 1395 62.12 -77.12 -10.23
CA SER B 1395 63.41 -76.62 -10.67
C SER B 1395 64.25 -76.15 -9.49
N VAL B 1396 63.62 -75.52 -8.50
CA VAL B 1396 64.35 -75.07 -7.32
C VAL B 1396 64.80 -76.25 -6.49
N VAL B 1397 64.06 -77.36 -6.52
CA VAL B 1397 64.47 -78.55 -5.79
C VAL B 1397 65.75 -79.14 -6.36
N THR B 1398 65.96 -78.99 -7.67
CA THR B 1398 67.17 -79.51 -8.31
C THR B 1398 68.38 -78.64 -7.96
N THR B 1404 70.37 -76.08 2.76
CA THR B 1404 69.82 -77.29 2.14
C THR B 1404 68.65 -77.87 2.93
N GLU B 1405 68.06 -77.06 3.82
CA GLU B 1405 66.94 -77.48 4.65
C GLU B 1405 65.61 -76.92 4.16
N VAL B 1406 65.52 -76.56 2.88
CA VAL B 1406 64.29 -76.01 2.32
C VAL B 1406 63.40 -77.12 1.78
N LYS B 1407 63.75 -78.38 2.05
CA LYS B 1407 62.93 -79.50 1.60
C LYS B 1407 61.61 -79.59 2.37
N MET B 1408 61.54 -79.02 3.56
CA MET B 1408 60.30 -79.09 4.34
C MET B 1408 59.17 -78.35 3.66
N ALA B 1409 59.47 -77.29 2.91
CA ALA B 1409 58.43 -76.55 2.20
C ALA B 1409 57.75 -77.45 1.17
N TYR B 1410 58.52 -78.11 0.31
CA TYR B 1410 57.95 -79.01 -0.67
C TYR B 1410 57.35 -80.25 -0.02
N VAL B 1411 57.87 -80.66 1.14
CA VAL B 1411 57.34 -81.82 1.83
C VAL B 1411 55.94 -81.53 2.36
N ASN B 1412 55.74 -80.36 2.95
CA ASN B 1412 54.43 -79.97 3.46
C ASN B 1412 53.49 -79.53 2.35
N PHE B 1413 54.03 -79.02 1.23
CA PHE B 1413 53.20 -78.71 0.07
C PHE B 1413 52.79 -79.94 -0.71
N VAL B 1414 53.32 -81.12 -0.36
CA VAL B 1414 52.95 -82.35 -1.06
C VAL B 1414 51.49 -82.69 -0.85
N ASN B 1415 50.86 -82.14 0.20
CA ASN B 1415 49.44 -82.34 0.44
C ASN B 1415 48.65 -81.87 -0.77
N HIS B 1416 47.83 -82.76 -1.34
CA HIS B 1416 47.09 -82.50 -2.56
C HIS B 1416 45.65 -82.98 -2.41
N CYS B 1417 44.72 -82.10 -2.75
CA CYS B 1417 43.29 -82.41 -2.68
C CYS B 1417 42.88 -82.81 -1.27
N UNK B 1418 67.90 -83.07 11.65
CA UNK B 1418 68.85 -82.69 10.60
C UNK B 1418 68.73 -83.65 9.43
N UNK B 1419 69.34 -84.83 9.54
CA UNK B 1419 69.26 -85.86 8.52
C UNK B 1419 68.11 -86.82 8.78
N UNK B 1420 67.86 -87.17 10.05
CA UNK B 1420 66.74 -88.05 10.37
C UNK B 1420 65.41 -87.36 10.07
N UNK B 1421 65.28 -86.10 10.43
CA UNK B 1421 64.05 -85.36 10.12
C UNK B 1421 63.87 -85.22 8.61
N UNK B 1422 64.97 -85.02 7.88
CA UNK B 1422 64.88 -84.93 6.43
C UNK B 1422 64.43 -86.26 5.83
N UNK B 1423 64.97 -87.36 6.33
CA UNK B 1423 64.56 -88.68 5.83
C UNK B 1423 63.10 -88.95 6.16
N UNK B 1424 62.65 -88.56 7.35
CA UNK B 1424 61.25 -88.74 7.70
C UNK B 1424 60.33 -87.91 6.82
N UNK B 1425 60.71 -86.67 6.54
CA UNK B 1425 59.91 -85.83 5.65
C UNK B 1425 59.88 -86.40 4.25
N UNK B 1426 61.01 -86.93 3.77
CA UNK B 1426 61.05 -87.54 2.45
C UNK B 1426 60.16 -88.77 2.39
N UNK B 1427 60.17 -89.59 3.45
CA UNK B 1427 59.30 -90.75 3.49
C UNK B 1427 57.83 -90.35 3.52
N UNK B 1428 57.50 -89.30 4.27
CA UNK B 1428 56.12 -88.82 4.31
C UNK B 1428 55.68 -88.30 2.95
N UNK B 1429 56.58 -87.60 2.26
CA UNK B 1429 56.25 -87.09 0.92
C UNK B 1429 56.07 -88.22 -0.07
N UNK B 1430 56.91 -89.27 0.03
CA UNK B 1430 56.78 -90.42 -0.86
C UNK B 1430 55.48 -91.15 -0.59
N UNK B 1431 55.09 -91.27 0.68
CA UNK B 1431 53.83 -91.91 1.01
C UNK B 1431 52.64 -91.08 0.56
N UNK B 1432 52.76 -89.75 0.58
CA UNK B 1432 51.68 -88.89 0.12
C UNK B 1432 51.56 -88.94 -1.40
N UNK B 1433 52.67 -89.08 -2.10
CA UNK B 1433 52.66 -89.14 -3.56
C UNK B 1433 52.29 -90.54 -4.04
N ASP B 1434 47.51 -83.86 47.38
CA ASP B 1434 46.61 -83.67 48.51
C ASP B 1434 46.16 -82.22 48.62
N TYR B 1435 47.09 -81.29 48.40
CA TYR B 1435 46.77 -79.87 48.50
C TYR B 1435 45.79 -79.44 47.42
N LYS B 1436 45.85 -80.06 46.24
CA LYS B 1436 44.94 -79.69 45.17
C LYS B 1436 43.49 -80.04 45.53
N ASN B 1437 43.27 -81.23 46.09
CA ASN B 1437 41.94 -81.62 46.51
C ASN B 1437 41.43 -80.71 47.62
N ILE B 1438 42.31 -80.33 48.55
CA ILE B 1438 41.91 -79.43 49.63
C ILE B 1438 41.53 -78.07 49.08
N ILE B 1439 42.29 -77.57 48.11
CA ILE B 1439 41.99 -76.27 47.52
C ILE B 1439 40.66 -76.32 46.76
N GLU B 1440 40.42 -77.42 46.04
CA GLU B 1440 39.16 -77.56 45.32
C GLU B 1440 37.98 -77.63 46.29
N LYS B 1441 38.15 -78.37 47.40
CA LYS B 1441 37.08 -78.45 48.40
C LYS B 1441 36.83 -77.09 49.03
N LEU B 1442 37.89 -76.33 49.31
CA LEU B 1442 37.72 -75.00 49.88
C LEU B 1442 36.99 -74.08 48.91
N GLN B 1443 37.35 -74.13 47.62
CA GLN B 1443 36.68 -73.31 46.63
C GLN B 1443 35.21 -73.68 46.51
N ASP B 1444 34.90 -74.98 46.51
CA ASP B 1444 33.51 -75.41 46.42
C ASP B 1444 32.72 -74.98 47.66
N ILE B 1445 33.33 -75.08 48.83
CA ILE B 1445 32.65 -74.68 50.06
C ILE B 1445 32.40 -73.17 50.06
N ILE B 1446 33.37 -72.39 49.59
CA ILE B 1446 33.20 -70.94 49.53
C ILE B 1446 32.09 -70.58 48.56
N THR B 1447 32.05 -71.24 47.40
CA THR B 1447 31.01 -70.97 46.41
C THR B 1447 29.63 -71.32 46.96
N ALA B 1448 29.52 -72.47 47.63
CA ALA B 1448 28.24 -72.88 48.21
C ALA B 1448 27.80 -71.92 49.30
N LEU B 1449 28.73 -71.48 50.15
CA LEU B 1449 28.39 -70.54 51.21
C LEU B 1449 27.94 -69.21 50.64
N GLU B 1450 28.60 -68.74 49.58
CA GLU B 1450 28.20 -67.50 48.95
C GLU B 1450 26.82 -67.62 48.33
N GLU B 1451 26.56 -68.72 47.63
CA GLU B 1451 25.26 -68.92 47.01
C GLU B 1451 24.16 -69.05 48.04
N ARG B 1452 24.48 -69.59 49.23
CA ARG B 1452 23.48 -69.73 50.28
C ARG B 1452 23.24 -68.44 51.04
N LEU B 1453 24.28 -67.61 51.19
CA LEU B 1453 24.20 -66.39 52.00
C LEU B 1453 23.90 -65.14 51.19
N LYS B 1454 23.86 -65.23 49.86
CA LYS B 1454 23.48 -64.06 49.07
C LYS B 1454 22.09 -63.55 49.40
N PRO B 1455 21.08 -64.40 49.60
CA PRO B 1455 19.78 -63.87 50.04
C PRO B 1455 19.83 -63.19 51.39
N LEU B 1456 20.67 -63.70 52.30
CA LEU B 1456 20.86 -63.04 53.59
C LEU B 1456 21.46 -61.65 53.40
N VAL B 1457 22.40 -61.52 52.46
CA VAL B 1457 23.01 -60.21 52.20
C VAL B 1457 21.98 -59.26 51.61
N GLN B 1458 21.12 -59.76 50.72
CA GLN B 1458 20.06 -58.92 50.16
C GLN B 1458 19.09 -58.47 51.25
N ALA B 1459 18.73 -59.38 52.15
CA ALA B 1459 17.83 -59.03 53.25
C ALA B 1459 18.49 -58.01 54.18
N GLU B 1460 19.80 -58.14 54.40
CA GLU B 1460 20.51 -57.17 55.24
C GLU B 1460 20.53 -55.80 54.58
N LEU B 1461 20.72 -55.76 53.26
CA LEU B 1461 20.68 -54.49 52.55
C LEU B 1461 19.29 -53.85 52.63
N SER B 1462 18.24 -54.67 52.50
CA SER B 1462 16.89 -54.17 52.63
C SER B 1462 16.64 -53.62 54.03
N VAL B 1463 17.13 -54.32 55.05
CA VAL B 1463 16.96 -53.85 56.43
C VAL B 1463 17.72 -52.56 56.65
N LEU B 1464 18.91 -52.43 56.04
CA LEU B 1464 19.67 -51.19 56.15
C LEU B 1464 18.94 -50.03 55.50
N VAL B 1465 18.32 -50.27 54.34
CA VAL B 1465 17.55 -49.23 53.68
C VAL B 1465 16.37 -48.83 54.54
N ASP B 1466 15.67 -49.81 55.12
CA ASP B 1466 14.52 -49.52 55.96
C ASP B 1466 14.93 -48.73 57.20
N VAL B 1467 16.09 -49.05 57.78
CA VAL B 1467 16.55 -48.32 58.96
C VAL B 1467 16.96 -46.91 58.58
N LEU B 1468 17.61 -46.74 57.42
CA LEU B 1468 18.00 -45.42 56.97
C LEU B 1468 16.79 -44.55 56.60
N HIS B 1469 15.67 -45.17 56.23
CA HIS B 1469 14.49 -44.38 55.89
C HIS B 1469 13.87 -43.73 57.12
N TRP B 1470 13.72 -44.49 58.20
CA TRP B 1470 13.03 -44.03 59.40
C TRP B 1470 14.03 -43.68 60.48
N PRO B 1471 14.12 -42.43 60.97
CA PRO B 1471 15.04 -42.14 62.09
C PRO B 1471 14.43 -42.29 63.47
N GLU B 1472 13.11 -42.38 63.59
CA GLU B 1472 12.46 -42.38 64.90
C GLU B 1472 12.73 -43.66 65.69
N LEU B 1473 13.05 -44.76 65.01
CA LEU B 1473 13.22 -46.03 65.72
C LEU B 1473 14.48 -46.04 66.57
N LEU B 1474 15.56 -45.44 66.07
CA LEU B 1474 16.84 -45.50 66.76
C LEU B 1474 16.97 -44.41 67.82
N PHE B 1475 16.48 -43.20 67.53
CA PHE B 1475 16.66 -42.09 68.45
C PHE B 1475 15.81 -42.27 69.71
N LEU B 1476 14.49 -42.30 69.55
CA LEU B 1476 13.55 -42.60 70.64
C LEU B 1476 13.72 -41.64 71.83
N GLU B 1477 14.08 -40.38 71.55
CA GLU B 1477 14.28 -39.42 72.63
C GLU B 1477 12.95 -38.88 73.13
N GLY B 1478 12.08 -38.45 72.22
CA GLY B 1478 10.79 -37.91 72.58
C GLY B 1478 10.84 -36.41 72.82
N ALA B 1481 16.23 -32.16 69.72
CA ALA B 1481 16.54 -33.58 69.79
C ALA B 1481 15.69 -34.37 68.81
N TYR B 1482 14.40 -34.53 69.12
CA TYR B 1482 13.50 -35.26 68.23
C TYR B 1482 13.07 -34.40 67.04
N GLN B 1483 13.04 -33.08 67.21
CA GLN B 1483 12.69 -32.20 66.09
C GLN B 1483 13.74 -32.26 65.00
N ARG B 1484 15.01 -32.44 65.36
CA ARG B 1484 16.08 -32.54 64.38
C ARG B 1484 16.17 -33.91 63.73
N CYS B 1485 15.54 -34.92 64.32
CA CYS B 1485 15.66 -36.29 63.79
C CYS B 1485 14.69 -36.52 62.64
N GLU B 1486 13.38 -36.40 62.90
CA GLU B 1486 12.37 -36.71 61.90
C GLU B 1486 12.09 -35.53 60.98
N SER B 1487 11.66 -34.40 61.55
CA SER B 1487 11.32 -33.22 60.76
C SER B 1487 12.52 -32.35 60.42
N GLY B 1488 13.69 -32.61 61.01
CA GLY B 1488 14.86 -31.80 60.74
C GLY B 1488 15.51 -32.06 59.41
N GLY B 1489 15.28 -33.23 58.81
CA GLY B 1489 15.88 -33.56 57.54
C GLY B 1489 17.26 -34.19 57.69
N PHE B 1490 17.33 -35.29 58.42
CA PHE B 1490 18.59 -36.03 58.52
C PHE B 1490 19.06 -36.49 57.14
N LEU B 1491 18.13 -36.88 56.28
CA LEU B 1491 18.47 -37.22 54.91
C LEU B 1491 19.02 -36.01 54.16
N SER B 1492 18.53 -34.81 54.47
CA SER B 1492 19.06 -33.61 53.84
C SER B 1492 20.51 -33.36 54.24
N LYS B 1493 20.82 -33.52 55.53
CA LYS B 1493 22.19 -33.37 55.98
C LYS B 1493 23.09 -34.45 55.37
N LEU B 1494 22.57 -35.66 55.24
CA LEU B 1494 23.33 -36.73 54.60
C LEU B 1494 23.63 -36.40 53.15
N ILE B 1495 22.65 -35.87 52.42
CA ILE B 1495 22.85 -35.51 51.02
C ILE B 1495 23.84 -34.36 50.91
N GLN B 1496 23.77 -33.40 51.84
CA GLN B 1496 24.72 -32.29 51.82
C GLN B 1496 26.14 -32.78 52.06
N HIS B 1497 26.31 -33.68 53.04
CA HIS B 1497 27.64 -34.22 53.32
C HIS B 1497 28.15 -35.08 52.17
N THR B 1498 27.25 -35.77 51.46
CA THR B 1498 27.67 -36.58 50.31
C THR B 1498 28.08 -35.69 49.15
N LYS B 1499 27.37 -34.57 48.95
CA LYS B 1499 27.74 -33.64 47.89
C LYS B 1499 29.02 -32.88 48.22
N ASP B 1500 29.30 -32.68 49.51
CA ASP B 1500 30.50 -31.95 49.91
C ASP B 1500 31.74 -32.83 49.86
N LEU B 1501 31.64 -34.06 50.38
CA LEU B 1501 32.77 -34.97 50.47
C LEU B 1501 32.78 -36.01 49.35
N MET B 1502 32.33 -35.62 48.16
CA MET B 1502 32.32 -36.54 47.03
C MET B 1502 33.70 -36.69 46.40
N GLU B 1503 34.53 -35.65 46.47
CA GLU B 1503 35.83 -35.68 45.81
C GLU B 1503 36.88 -36.43 46.61
N SER B 1504 36.72 -36.55 47.92
CA SER B 1504 37.73 -37.21 48.75
C SER B 1504 37.70 -38.72 48.56
N GLU B 1505 36.52 -39.33 48.68
CA GLU B 1505 36.35 -40.77 48.58
C GLU B 1505 35.13 -41.06 47.70
N GLU B 1506 35.37 -41.68 46.54
CA GLU B 1506 34.29 -42.02 45.63
C GLU B 1506 33.53 -43.26 46.06
N LYS B 1507 34.14 -44.14 46.86
CA LYS B 1507 33.44 -45.34 47.32
C LYS B 1507 32.27 -44.98 48.21
N LEU B 1508 32.49 -44.07 49.17
CA LEU B 1508 31.40 -43.62 50.03
C LEU B 1508 30.31 -42.92 49.22
N CYS B 1509 30.71 -42.16 48.20
CA CYS B 1509 29.74 -41.44 47.38
C CYS B 1509 28.86 -42.40 46.60
N ILE B 1510 29.47 -43.39 45.92
CA ILE B 1510 28.68 -44.34 45.15
C ILE B 1510 27.87 -45.23 46.07
N LYS B 1511 28.36 -45.51 47.27
CA LYS B 1511 27.56 -46.28 48.23
C LYS B 1511 26.33 -45.51 48.66
N VAL B 1512 26.49 -44.21 48.96
CA VAL B 1512 25.34 -43.39 49.32
C VAL B 1512 24.36 -43.28 48.16
N LEU B 1513 24.89 -43.19 46.94
CA LEU B 1513 24.02 -43.13 45.77
C LEU B 1513 23.24 -44.42 45.60
N ARG B 1514 23.89 -45.57 45.81
CA ARG B 1514 23.19 -46.85 45.72
C ARG B 1514 22.14 -46.97 46.81
N THR B 1515 22.44 -46.48 48.02
CA THR B 1515 21.47 -46.53 49.10
C THR B 1515 20.25 -45.68 48.79
N LEU B 1516 20.48 -44.46 48.27
CA LEU B 1516 19.36 -43.60 47.89
C LEU B 1516 18.56 -44.19 46.74
N GLN B 1517 19.24 -44.88 45.81
CA GLN B 1517 18.54 -45.53 44.70
C GLN B 1517 17.64 -46.65 45.22
N GLN B 1518 18.17 -47.49 46.12
CA GLN B 1518 17.38 -48.59 46.67
C GLN B 1518 16.29 -48.11 47.61
N MET B 1519 16.44 -46.92 48.20
CA MET B 1519 15.44 -46.42 49.13
C MET B 1519 14.21 -45.87 48.41
N LEU B 1520 14.41 -45.20 47.28
CA LEU B 1520 13.32 -44.58 46.53
C LEU B 1520 12.76 -45.56 45.50
N LEU B 1521 12.29 -46.69 46.01
CA LEU B 1521 11.71 -47.73 45.16
C LEU B 1521 10.78 -48.59 45.99
N LYS B 1522 9.90 -49.30 45.30
CA LYS B 1522 8.96 -50.17 45.99
C LYS B 1522 9.67 -51.42 46.52
N LYS B 1523 9.24 -51.87 47.69
CA LYS B 1523 9.85 -53.04 48.32
C LYS B 1523 9.40 -54.31 47.61
N THR B 1524 10.22 -55.35 47.73
CA THR B 1524 9.95 -56.66 47.14
C THR B 1524 10.22 -57.73 48.18
N LYS B 1525 9.35 -58.73 48.23
CA LYS B 1525 9.47 -59.81 49.20
C LYS B 1525 10.57 -60.78 48.77
N TYR B 1526 11.47 -61.09 49.69
CA TYR B 1526 12.55 -62.02 49.44
C TYR B 1526 12.10 -63.44 49.82
N GLY B 1527 13.04 -64.38 49.88
CA GLY B 1527 12.73 -65.74 50.23
C GLY B 1527 12.22 -65.90 51.65
N ASP B 1528 11.89 -67.13 52.03
CA ASP B 1528 11.37 -67.38 53.37
C ASP B 1528 12.40 -67.08 54.43
N ARG B 1529 13.62 -67.59 54.26
CA ARG B 1529 14.69 -67.31 55.20
C ARG B 1529 15.03 -65.83 55.23
N GLY B 1530 15.09 -65.21 54.05
CA GLY B 1530 15.36 -63.77 53.99
C GLY B 1530 14.26 -62.96 54.63
N ASN B 1531 13.00 -63.35 54.41
CA ASN B 1531 11.88 -62.64 55.02
C ASN B 1531 11.91 -62.78 56.54
N GLN B 1532 12.22 -63.98 57.03
CA GLN B 1532 12.30 -64.18 58.48
C GLN B 1532 13.45 -63.37 59.08
N LEU B 1533 14.60 -63.33 58.40
CA LEU B 1533 15.72 -62.55 58.90
C LEU B 1533 15.39 -61.06 58.91
N ARG B 1534 14.73 -60.58 57.86
CA ARG B 1534 14.34 -59.16 57.81
C ARG B 1534 13.34 -58.84 58.91
N LYS B 1535 12.38 -59.73 59.16
CA LYS B 1535 11.40 -59.50 60.21
C LYS B 1535 12.07 -59.47 61.58
N MET B 1536 13.02 -60.39 61.81
CA MET B 1536 13.72 -60.40 63.10
C MET B 1536 14.56 -59.14 63.28
N LEU B 1537 15.27 -58.71 62.23
CA LEU B 1537 16.08 -57.51 62.31
C LEU B 1537 15.21 -56.28 62.53
N LEU B 1538 14.03 -56.24 61.90
CA LEU B 1538 13.12 -55.12 62.09
C LEU B 1538 12.58 -55.09 63.51
N GLN B 1539 12.19 -56.25 64.05
CA GLN B 1539 11.71 -56.30 65.42
C GLN B 1539 12.80 -55.94 66.41
N ASN B 1540 14.06 -56.21 66.06
CA ASN B 1540 15.16 -55.92 66.96
C ASN B 1540 15.53 -54.44 66.94
N TYR B 1541 15.60 -53.85 65.75
CA TYR B 1541 16.08 -52.47 65.61
C TYR B 1541 14.97 -51.43 65.78
N LEU B 1542 13.72 -51.76 65.46
CA LEU B 1542 12.64 -50.79 65.56
C LEU B 1542 12.24 -50.56 67.01
N GLN B 1543 11.75 -51.62 67.67
CA GLN B 1543 11.33 -51.54 69.07
C GLN B 1543 10.24 -50.48 69.27
N ASN B 1544 9.34 -50.38 68.30
CA ASN B 1544 8.27 -49.39 68.36
C ASN B 1544 7.11 -49.80 67.45
N ASP B 1564 -0.66 -47.29 45.71
CA ASP B 1564 0.76 -47.62 45.62
C ASP B 1564 1.57 -46.40 45.18
N TRP B 1565 1.11 -45.74 44.11
CA TRP B 1565 1.82 -44.59 43.58
C TRP B 1565 1.84 -43.41 44.56
N SER B 1566 0.87 -43.34 45.47
CA SER B 1566 0.84 -42.24 46.43
C SER B 1566 2.05 -42.27 47.35
N ALA B 1567 2.43 -43.46 47.83
CA ALA B 1567 3.58 -43.57 48.71
C ALA B 1567 4.87 -43.22 47.99
N ILE B 1568 5.01 -43.68 46.75
CA ILE B 1568 6.21 -43.37 45.97
C ILE B 1568 6.29 -41.88 45.70
N ALA B 1569 5.15 -41.26 45.39
CA ALA B 1569 5.13 -39.82 45.14
C ALA B 1569 5.48 -39.03 46.39
N ALA B 1570 4.97 -39.48 47.55
CA ALA B 1570 5.30 -38.80 48.80
C ALA B 1570 6.79 -38.95 49.12
N THR B 1571 7.35 -40.13 48.88
CA THR B 1571 8.78 -40.33 49.12
C THR B 1571 9.61 -39.46 48.20
N GLN B 1572 9.21 -39.36 46.92
CA GLN B 1572 9.93 -38.52 45.98
C GLN B 1572 9.84 -37.05 46.38
N CYS B 1573 8.67 -36.60 46.82
CA CYS B 1573 8.52 -35.22 47.25
C CYS B 1573 9.36 -34.92 48.50
N ARG B 1574 9.40 -35.88 49.42
CA ARG B 1574 10.21 -35.68 50.63
C ARG B 1574 11.70 -35.66 50.30
N LEU B 1575 12.14 -36.50 49.34
CA LEU B 1575 13.53 -36.48 48.94
C LEU B 1575 13.88 -35.19 48.21
N ASP B 1576 12.94 -34.66 47.41
CA ASP B 1576 13.19 -33.41 46.72
C ASP B 1576 13.20 -32.23 47.68
N LYS B 1577 12.38 -32.27 48.72
CA LYS B 1577 12.37 -31.20 49.70
C LYS B 1577 13.67 -31.16 50.50
N GLU B 1578 14.33 -32.31 50.65
CA GLU B 1578 15.61 -32.36 51.36
C GLU B 1578 16.76 -31.75 50.57
N GLY B 1579 16.57 -31.48 49.28
CA GLY B 1579 17.60 -30.89 48.45
C GLY B 1579 18.35 -31.91 47.62
N ALA B 1580 17.65 -32.94 47.16
CA ALA B 1580 18.29 -33.98 46.35
C ALA B 1580 18.48 -33.55 44.91
N THR B 1581 17.65 -32.63 44.40
CA THR B 1581 17.78 -32.20 43.02
C THR B 1581 19.10 -31.46 42.79
N LYS B 1582 19.42 -30.50 43.67
CA LYS B 1582 20.67 -29.77 43.54
C LYS B 1582 21.87 -30.70 43.72
N LEU B 1583 21.75 -31.67 44.63
CA LEU B 1583 22.84 -32.62 44.83
C LEU B 1583 23.08 -33.46 43.58
N VAL B 1584 21.99 -33.93 42.96
CA VAL B 1584 22.13 -34.72 41.74
C VAL B 1584 22.70 -33.87 40.62
N CYS B 1585 22.28 -32.62 40.52
CA CYS B 1585 22.82 -31.73 39.49
C CYS B 1585 24.30 -31.50 39.69
N ASP B 1586 24.74 -31.27 40.93
CA ASP B 1586 26.15 -31.06 41.20
C ASP B 1586 26.96 -32.32 40.94
N LEU B 1587 26.40 -33.49 41.27
CA LEU B 1587 27.11 -34.74 41.02
C LEU B 1587 27.23 -35.02 39.52
N ILE B 1588 26.22 -34.63 38.74
CA ILE B 1588 26.29 -34.82 37.29
C ILE B 1588 27.16 -33.78 36.61
N THR B 1589 27.32 -32.60 37.21
CA THR B 1589 28.06 -31.50 36.58
C THR B 1589 29.50 -31.38 37.07
N SER B 1590 29.84 -31.97 38.22
CA SER B 1590 31.15 -31.82 38.84
C SER B 1590 31.70 -33.17 39.27
N THR B 1591 31.66 -34.14 38.35
CA THR B 1591 32.18 -35.48 38.60
C THR B 1591 32.93 -35.96 37.36
N LYS B 1592 33.89 -36.86 37.60
CA LYS B 1592 34.71 -37.44 36.53
C LYS B 1592 34.63 -38.95 36.45
N ASN B 1593 34.27 -39.64 37.53
CA ASN B 1593 34.16 -41.08 37.51
C ASN B 1593 32.92 -41.51 36.74
N GLU B 1594 33.07 -42.56 35.93
CA GLU B 1594 31.95 -43.05 35.13
C GLU B 1594 30.91 -43.76 36.00
N LYS B 1595 31.37 -44.50 37.02
CA LYS B 1595 30.44 -45.21 37.89
C LYS B 1595 29.60 -44.23 38.71
N ILE B 1596 30.23 -43.18 39.22
CA ILE B 1596 29.49 -42.18 40.00
C ILE B 1596 28.46 -41.48 39.12
N PHE B 1597 28.83 -41.18 37.88
CA PHE B 1597 27.89 -40.52 36.96
C PHE B 1597 26.75 -41.46 36.60
N GLN B 1598 27.03 -42.75 36.42
CA GLN B 1598 25.97 -43.71 36.14
C GLN B 1598 25.02 -43.82 37.32
N GLU B 1599 25.55 -43.85 38.54
CA GLU B 1599 24.70 -43.92 39.73
C GLU B 1599 23.85 -42.66 39.85
N SER B 1600 24.43 -41.49 39.56
CA SER B 1600 23.67 -40.25 39.62
C SER B 1600 22.56 -40.23 38.59
N ILE B 1601 22.84 -40.71 37.37
CA ILE B 1601 21.82 -40.76 36.33
C ILE B 1601 20.71 -41.74 36.73
N GLY B 1602 21.08 -42.87 37.33
CA GLY B 1602 20.08 -43.81 37.80
C GLY B 1602 19.20 -43.23 38.89
N LEU B 1603 19.81 -42.50 39.83
CA LEU B 1603 19.04 -41.86 40.88
C LEU B 1603 18.09 -40.81 40.31
N ALA B 1604 18.57 -40.03 39.33
CA ALA B 1604 17.71 -39.04 38.70
C ALA B 1604 16.57 -39.68 37.93
N ILE B 1605 16.82 -40.84 37.32
CA ILE B 1605 15.78 -41.52 36.56
C ILE B 1605 14.74 -42.11 37.50
N HIS B 1606 15.18 -42.73 38.59
CA HIS B 1606 14.25 -43.33 39.55
C HIS B 1606 13.56 -42.31 40.44
N LEU B 1607 14.07 -41.07 40.51
CA LEU B 1607 13.44 -40.06 41.34
C LEU B 1607 12.26 -39.41 40.63
N LEU B 1608 12.39 -39.14 39.34
CA LEU B 1608 11.36 -38.46 38.55
C LEU B 1608 10.52 -39.43 37.73
N ASP B 1609 10.38 -40.67 38.20
CA ASP B 1609 9.59 -41.67 37.48
C ASP B 1609 8.12 -41.51 37.81
N GLY B 1610 7.27 -41.76 36.82
CA GLY B 1610 5.84 -41.65 37.03
C GLY B 1610 5.40 -40.20 37.12
N GLY B 1611 4.54 -39.91 38.10
CA GLY B 1611 4.04 -38.56 38.30
C GLY B 1611 4.98 -37.73 39.15
N ASN B 1612 5.74 -36.86 38.51
CA ASN B 1612 6.75 -36.03 39.17
C ASN B 1612 6.65 -34.60 38.67
N THR B 1613 5.42 -34.06 38.64
CA THR B 1613 5.23 -32.68 38.22
C THR B 1613 5.96 -31.72 39.15
N GLU B 1614 5.86 -31.95 40.47
CA GLU B 1614 6.58 -31.11 41.41
C GLU B 1614 8.09 -31.26 41.26
N ILE B 1615 8.55 -32.49 41.02
CA ILE B 1615 9.98 -32.71 40.81
C ILE B 1615 10.43 -32.04 39.52
N GLN B 1616 9.59 -32.07 38.49
CA GLN B 1616 9.93 -31.39 37.24
C GLN B 1616 10.01 -29.88 37.44
N LYS B 1617 9.08 -29.32 38.20
CA LYS B 1617 9.13 -27.88 38.50
C LYS B 1617 10.38 -27.55 39.30
N SER B 1618 10.77 -28.42 40.23
CA SER B 1618 11.98 -28.20 41.01
C SER B 1618 13.22 -28.23 40.11
N PHE B 1619 13.29 -29.20 39.20
CA PHE B 1619 14.42 -29.25 38.27
C PHE B 1619 14.46 -28.00 37.39
N HIS B 1620 13.29 -27.53 36.94
CA HIS B 1620 13.26 -26.32 36.11
C HIS B 1620 13.73 -25.12 36.90
N ASN B 1621 13.29 -24.98 38.16
CA ASN B 1621 13.71 -23.86 38.98
C ASN B 1621 15.20 -23.93 39.29
N LEU B 1622 15.76 -25.14 39.42
CA LEU B 1622 17.17 -25.27 39.73
C LEU B 1622 18.04 -25.02 38.50
N MET B 1623 17.56 -25.41 37.32
CA MET B 1623 18.34 -25.23 36.09
C MET B 1623 18.18 -23.83 35.51
N MET B 1624 17.11 -23.11 35.86
CA MET B 1624 16.89 -21.78 35.30
C MET B 1624 17.77 -20.74 35.99
N SER B 1625 17.59 -20.59 37.30
CA SER B 1625 18.32 -19.59 38.08
C SER B 1625 19.61 -20.20 38.63
N ASP B 1626 20.50 -20.54 37.70
CA ASP B 1626 21.80 -21.10 38.05
C ASP B 1626 22.76 -20.90 36.89
N LYS B 1627 24.02 -20.64 37.21
CA LYS B 1627 25.04 -20.41 36.20
C LYS B 1627 25.72 -21.69 35.74
N LYS B 1628 25.61 -22.78 36.50
CA LYS B 1628 26.25 -24.04 36.13
C LYS B 1628 25.44 -24.86 35.14
N SER B 1629 24.15 -24.54 34.97
CA SER B 1629 23.28 -25.36 34.12
C SER B 1629 23.81 -25.42 32.69
N GLU B 1630 24.28 -24.30 32.16
CA GLU B 1630 24.89 -24.28 30.83
C GLU B 1630 26.04 -25.28 30.74
N ARG B 1631 26.89 -25.30 31.77
CA ARG B 1631 27.96 -26.29 31.81
C ARG B 1631 27.40 -27.70 31.86
N PHE B 1632 26.35 -27.91 32.66
CA PHE B 1632 25.77 -29.24 32.83
C PHE B 1632 25.29 -29.79 31.48
N PHE B 1633 24.41 -29.04 30.82
CA PHE B 1633 23.97 -29.41 29.49
C PHE B 1633 25.14 -29.62 28.54
N LYS B 1634 26.17 -28.77 28.66
CA LYS B 1634 27.35 -28.92 27.80
C LYS B 1634 27.97 -30.30 27.98
N VAL B 1635 28.18 -30.68 29.24
CA VAL B 1635 28.76 -31.99 29.53
C VAL B 1635 27.87 -33.08 28.96
N LEU B 1636 26.55 -32.92 29.09
CA LEU B 1636 25.62 -33.89 28.53
C LEU B 1636 25.84 -34.04 27.05
N HIS B 1637 25.90 -32.92 26.33
CA HIS B 1637 26.13 -32.96 24.89
C HIS B 1637 27.44 -33.65 24.57
N ASP B 1638 28.47 -33.37 25.37
CA ASP B 1638 29.77 -33.99 25.14
C ASP B 1638 29.65 -35.50 25.20
N ARG B 1639 29.01 -36.00 26.27
CA ARG B 1639 28.85 -37.44 26.41
C ARG B 1639 28.04 -38.00 25.26
N MET B 1640 26.99 -37.27 24.86
CA MET B 1640 26.16 -37.73 23.76
C MET B 1640 26.99 -37.85 22.49
N LYS B 1641 27.83 -36.85 22.23
CA LYS B 1641 28.67 -36.88 21.04
C LYS B 1641 29.62 -38.07 21.09
N ARG B 1642 30.15 -38.35 22.29
CA ARG B 1642 31.04 -39.50 22.43
C ARG B 1642 30.30 -40.77 22.07
N ALA B 1643 29.08 -40.92 22.59
CA ALA B 1643 28.29 -42.09 22.27
C ALA B 1643 28.02 -42.18 20.77
N GLN B 1644 27.77 -41.02 20.15
CA GLN B 1644 27.55 -40.98 18.72
C GLN B 1644 28.78 -41.48 17.98
N GLN B 1645 29.96 -41.05 18.42
CA GLN B 1645 31.19 -41.52 17.81
C GLN B 1645 31.31 -43.03 17.95
N GLU B 1646 30.94 -43.55 19.12
CA GLU B 1646 30.97 -45.00 19.30
C GLU B 1646 30.02 -45.68 18.33
N THR B 1647 28.84 -45.10 18.12
CA THR B 1647 27.90 -45.67 17.16
C THR B 1647 28.46 -45.61 15.75
N LYS B 1648 29.30 -44.61 15.47
CA LYS B 1648 29.95 -44.50 14.17
C LYS B 1648 31.19 -45.38 14.06
N SER B 1649 31.67 -45.94 15.17
CA SER B 1649 32.90 -46.73 15.13
C SER B 1649 32.63 -48.15 14.65
N THR B 1650 31.77 -48.88 15.37
CA THR B 1650 31.45 -50.27 15.06
C THR B 1650 30.12 -50.40 14.35
N VAL B 1651 29.75 -49.41 13.53
CA VAL B 1651 28.48 -49.47 12.82
C VAL B 1651 28.49 -50.51 11.72
N ALA B 1652 29.66 -50.91 11.23
CA ALA B 1652 29.74 -51.90 10.17
C ALA B 1652 29.43 -53.29 10.73
N VAL B 1653 28.41 -53.93 10.17
CA VAL B 1653 28.01 -55.27 10.60
C VAL B 1653 27.26 -55.98 9.49
N SER B 1708 27.81 -59.36 18.00
CA SER B 1708 28.75 -58.61 18.82
C SER B 1708 28.04 -57.96 19.99
N GLU B 1709 28.74 -57.05 20.69
CA GLU B 1709 28.20 -56.33 21.82
C GLU B 1709 28.55 -54.85 21.68
N MET B 1710 27.58 -54.00 22.01
CA MET B 1710 27.78 -52.57 21.89
C MET B 1710 28.81 -52.07 22.91
N GLY B 1711 29.33 -50.87 22.67
CA GLY B 1711 30.32 -50.29 23.54
C GLY B 1711 29.72 -49.77 24.84
N THR B 1712 30.62 -49.30 25.72
CA THR B 1712 30.18 -48.76 27.00
C THR B 1712 29.52 -47.41 26.84
N SER B 1713 29.89 -46.65 25.81
CA SER B 1713 29.26 -45.35 25.58
C SER B 1713 27.79 -45.49 25.26
N VAL B 1714 27.43 -46.49 24.45
CA VAL B 1714 26.02 -46.71 24.15
C VAL B 1714 25.27 -47.16 25.40
N LEU B 1715 25.89 -47.99 26.22
CA LEU B 1715 25.25 -48.44 27.46
C LEU B 1715 25.09 -47.28 28.44
N ILE B 1716 25.96 -46.27 28.37
CA ILE B 1716 25.83 -45.11 29.25
C ILE B 1716 24.83 -44.12 28.70
N MET B 1717 24.66 -44.07 27.38
CA MET B 1717 23.70 -43.16 26.76
C MET B 1717 22.28 -43.73 26.74
N GLN B 1718 22.13 -45.05 26.89
CA GLN B 1718 20.79 -45.63 26.90
C GLN B 1718 19.92 -45.10 28.03
N PRO B 1719 20.40 -45.03 29.29
CA PRO B 1719 19.58 -44.39 30.33
C PRO B 1719 19.49 -42.89 30.19
N ILE B 1720 20.40 -42.26 29.45
CA ILE B 1720 20.33 -40.81 29.27
C ILE B 1720 19.07 -40.42 28.50
N LEU B 1721 18.79 -41.14 27.41
CA LEU B 1721 17.58 -40.86 26.65
C LEU B 1721 16.33 -41.17 27.46
N ARG B 1722 16.38 -42.22 28.29
CA ARG B 1722 15.24 -42.54 29.15
C ARG B 1722 15.00 -41.44 30.18
N PHE B 1723 16.08 -40.87 30.72
CA PHE B 1723 15.94 -39.76 31.66
C PHE B 1723 15.39 -38.53 30.96
N LEU B 1724 15.86 -38.24 29.75
CA LEU B 1724 15.33 -37.11 29.00
C LEU B 1724 13.86 -37.30 28.68
N GLN B 1725 13.44 -38.53 28.41
CA GLN B 1725 12.03 -38.79 28.13
C GLN B 1725 11.19 -38.67 29.40
N LEU B 1726 11.68 -39.22 30.51
CA LEU B 1726 10.97 -39.09 31.78
C LEU B 1726 10.90 -37.65 32.26
N LEU B 1727 11.82 -36.80 31.81
CA LEU B 1727 11.73 -35.38 32.14
C LEU B 1727 10.45 -34.78 31.57
N CYS B 1728 10.07 -35.19 30.36
CA CYS B 1728 8.82 -34.76 29.74
C CYS B 1728 7.74 -35.82 29.96
N GLU B 1729 7.41 -36.04 31.23
CA GLU B 1729 6.36 -37.01 31.57
C GLU B 1729 4.99 -36.47 31.20
N ASN B 1730 4.65 -35.29 31.70
CA ASN B 1730 3.41 -34.61 31.32
C ASN B 1730 3.66 -33.89 30.00
N HIS B 1731 2.74 -32.99 29.64
CA HIS B 1731 2.95 -32.17 28.44
C HIS B 1731 4.22 -31.34 28.57
N ASN B 1732 4.24 -30.42 29.54
CA ASN B 1732 5.45 -29.66 29.90
C ASN B 1732 6.01 -28.90 28.70
N ARG B 1733 5.20 -27.95 28.21
CA ARG B 1733 5.63 -27.13 27.08
C ARG B 1733 6.85 -26.29 27.44
N ASP B 1734 6.85 -25.70 28.63
CA ASP B 1734 7.99 -24.88 29.06
C ASP B 1734 9.25 -25.71 29.19
N LEU B 1735 9.13 -26.93 29.73
CA LEU B 1735 10.30 -27.79 29.90
C LEU B 1735 10.85 -28.24 28.55
N GLN B 1736 9.96 -28.56 27.60
CA GLN B 1736 10.41 -28.91 26.26
C GLN B 1736 11.10 -27.73 25.58
N ASN B 1737 10.56 -26.52 25.78
CA ASN B 1737 11.19 -25.33 25.21
C ASN B 1737 12.56 -25.10 25.83
N PHE B 1738 12.70 -25.33 27.13
CA PHE B 1738 13.99 -25.18 27.78
C PHE B 1738 14.99 -26.22 27.28
N LEU B 1739 14.54 -27.46 27.08
CA LEU B 1739 15.42 -28.48 26.52
C LEU B 1739 15.81 -28.17 25.08
N ARG B 1740 14.93 -27.48 24.35
CA ARG B 1740 15.24 -27.11 22.96
C ARG B 1740 16.13 -25.88 22.92
N CYS B 1741 15.65 -24.76 23.45
CA CYS B 1741 16.38 -23.50 23.33
C CYS B 1741 17.55 -23.44 24.31
N GLN B 1742 17.28 -23.64 25.60
CA GLN B 1742 18.29 -23.54 26.64
C GLN B 1742 18.93 -22.15 26.64
N ASN B 1743 18.09 -21.16 26.96
CA ASN B 1743 18.48 -19.76 26.87
C ASN B 1743 19.61 -19.46 27.86
N ASN B 1744 20.82 -19.34 27.34
CA ASN B 1744 22.00 -19.07 28.15
C ASN B 1744 23.08 -18.51 27.23
N LYS B 1745 24.32 -18.48 27.71
CA LYS B 1745 25.43 -18.02 26.88
C LYS B 1745 25.65 -18.94 25.68
N THR B 1746 25.23 -20.20 25.78
CA THR B 1746 25.37 -21.16 24.69
C THR B 1746 24.12 -22.04 24.63
N ASN B 1747 23.76 -22.44 23.41
CA ASN B 1747 22.63 -23.32 23.15
C ASN B 1747 23.15 -24.57 22.46
N TYR B 1748 22.46 -25.70 22.71
CA TYR B 1748 22.93 -27.00 22.23
C TYR B 1748 21.85 -27.78 21.49
N ASN B 1749 20.57 -27.59 21.86
CA ASN B 1749 19.45 -28.20 21.16
C ASN B 1749 19.56 -29.72 21.16
N LEU B 1750 19.43 -30.29 22.36
CA LEU B 1750 19.60 -31.73 22.55
C LEU B 1750 18.62 -32.56 21.74
N VAL B 1751 17.49 -31.99 21.31
CA VAL B 1751 16.56 -32.73 20.46
C VAL B 1751 17.22 -33.07 19.13
N CYS B 1752 17.91 -32.09 18.53
CA CYS B 1752 18.66 -32.36 17.32
C CYS B 1752 19.77 -33.37 17.56
N GLU B 1753 20.36 -33.37 18.76
CA GLU B 1753 21.37 -34.36 19.09
C GLU B 1753 20.76 -35.77 19.13
N THR B 1754 19.57 -35.90 19.69
CA THR B 1754 18.91 -37.20 19.71
C THR B 1754 18.53 -37.64 18.30
N LEU B 1755 18.11 -36.69 17.45
CA LEU B 1755 17.82 -37.03 16.06
C LEU B 1755 19.06 -37.52 15.34
N GLN B 1756 20.19 -36.85 15.56
CA GLN B 1756 21.45 -37.28 14.95
C GLN B 1756 21.87 -38.64 15.49
N PHE B 1757 21.61 -38.89 16.78
CA PHE B 1757 21.92 -40.20 17.36
C PHE B 1757 21.11 -41.30 16.68
N LEU B 1758 19.81 -41.04 16.48
CA LEU B 1758 18.97 -42.02 15.80
C LEU B 1758 19.44 -42.24 14.36
N ASP B 1759 19.82 -41.15 13.68
CA ASP B 1759 20.28 -41.27 12.30
C ASP B 1759 21.56 -42.07 12.22
N ILE B 1760 22.45 -41.91 13.19
CA ILE B 1760 23.71 -42.64 13.18
C ILE B 1760 23.49 -44.10 13.54
N MET B 1761 22.57 -44.37 14.47
CA MET B 1761 22.29 -45.75 14.85
C MET B 1761 21.58 -46.51 13.74
N CYS B 1762 20.73 -45.84 12.97
CA CYS B 1762 19.98 -46.45 11.88
C CYS B 1762 20.65 -46.28 10.53
N GLY B 1763 21.74 -45.52 10.44
CA GLY B 1763 22.42 -45.29 9.17
C GLY B 1763 21.85 -44.11 8.43
N SER B 1764 22.73 -43.21 7.97
CA SER B 1764 22.27 -42.01 7.27
C SER B 1764 21.66 -42.36 5.92
N THR B 1765 22.34 -43.20 5.14
CA THR B 1765 21.85 -43.62 3.83
C THR B 1765 20.96 -44.84 4.04
N THR B 1766 19.65 -44.60 4.15
CA THR B 1766 18.66 -45.63 4.39
C THR B 1766 17.62 -45.66 3.27
N GLY B 1767 18.09 -45.55 2.02
CA GLY B 1767 17.17 -45.58 0.90
C GLY B 1767 16.64 -46.97 0.61
N GLY B 1768 17.54 -47.96 0.59
CA GLY B 1768 17.15 -49.32 0.31
C GLY B 1768 16.65 -50.04 1.55
N LEU B 1769 16.13 -51.25 1.32
CA LEU B 1769 15.64 -52.06 2.43
C LEU B 1769 16.78 -52.50 3.34
N GLY B 1770 17.83 -53.09 2.75
CA GLY B 1770 18.99 -53.49 3.53
C GLY B 1770 19.75 -52.32 4.13
N LEU B 1771 19.63 -51.14 3.54
CA LEU B 1771 20.29 -49.95 4.07
C LEU B 1771 19.53 -49.31 5.23
N LEU B 1772 18.33 -49.82 5.57
CA LEU B 1772 17.50 -49.23 6.61
C LEU B 1772 16.97 -50.24 7.62
N GLY B 1773 17.15 -51.54 7.40
CA GLY B 1773 16.64 -52.56 8.31
C GLY B 1773 17.66 -53.61 8.71
N LEU B 1774 18.80 -53.66 8.02
CA LEU B 1774 19.80 -54.68 8.31
C LEU B 1774 20.66 -54.36 9.51
N TYR B 1775 20.74 -53.09 9.92
CA TYR B 1775 21.59 -52.70 11.03
C TYR B 1775 20.93 -53.03 12.37
N ILE B 1776 19.62 -52.88 12.46
CA ILE B 1776 18.91 -53.11 13.72
C ILE B 1776 18.87 -54.60 13.99
N ASN B 1777 19.65 -55.05 14.97
CA ASN B 1777 19.71 -56.45 15.36
C ASN B 1777 18.83 -56.70 16.58
N GLU B 1778 18.84 -57.94 17.06
CA GLU B 1778 18.04 -58.29 18.24
C GLU B 1778 18.62 -57.70 19.51
N ASP B 1779 19.95 -57.57 19.59
CA ASP B 1779 20.62 -57.03 20.76
C ASP B 1779 20.83 -55.52 20.69
N ASN B 1780 20.18 -54.84 19.74
CA ASN B 1780 20.28 -53.39 19.59
C ASN B 1780 18.94 -52.71 19.39
N VAL B 1781 17.83 -53.45 19.36
CA VAL B 1781 16.53 -52.84 19.16
C VAL B 1781 16.04 -52.11 20.41
N GLY B 1782 16.55 -52.46 21.59
CA GLY B 1782 16.10 -51.81 22.80
C GLY B 1782 16.48 -50.34 22.85
N LEU B 1783 17.74 -50.03 22.54
CA LEU B 1783 18.17 -48.63 22.53
C LEU B 1783 17.45 -47.85 21.45
N VAL B 1784 17.20 -48.48 20.30
CA VAL B 1784 16.47 -47.80 19.23
C VAL B 1784 15.05 -47.49 19.68
N ILE B 1785 14.39 -48.44 20.34
CA ILE B 1785 13.03 -48.22 20.81
C ILE B 1785 13.00 -47.15 21.89
N GLN B 1786 14.03 -47.11 22.74
CA GLN B 1786 14.08 -46.08 23.78
C GLN B 1786 14.27 -44.70 23.17
N THR B 1787 15.17 -44.57 22.20
CA THR B 1787 15.36 -43.29 21.53
C THR B 1787 14.11 -42.88 20.78
N LEU B 1788 13.40 -43.85 20.20
CA LEU B 1788 12.16 -43.55 19.49
C LEU B 1788 11.08 -43.06 20.44
N GLU B 1789 10.95 -43.70 21.60
CA GLU B 1789 9.99 -43.24 22.60
C GLU B 1789 10.36 -41.85 23.13
N THR B 1790 11.65 -41.59 23.27
CA THR B 1790 12.08 -40.26 23.70
C THR B 1790 11.73 -39.21 22.66
N LEU B 1791 11.96 -39.52 21.38
CA LEU B 1791 11.58 -38.60 20.31
C LEU B 1791 10.08 -38.37 20.28
N THR B 1792 9.30 -39.41 20.59
CA THR B 1792 7.85 -39.25 20.65
C THR B 1792 7.46 -38.34 21.82
N GLU B 1793 8.10 -38.54 22.98
CA GLU B 1793 7.76 -37.75 24.16
C GLU B 1793 8.24 -36.31 24.07
N TYR B 1794 9.23 -36.03 23.23
CA TYR B 1794 9.68 -34.64 23.06
C TYR B 1794 8.56 -33.78 22.48
N CYS B 1795 7.96 -34.24 21.38
CA CYS B 1795 6.91 -33.50 20.68
C CYS B 1795 5.55 -34.16 20.83
N GLN B 1796 5.30 -34.80 21.97
CA GLN B 1796 4.01 -35.43 22.21
C GLN B 1796 2.92 -34.38 22.38
N GLY B 1797 3.11 -33.44 23.29
CA GLY B 1797 2.15 -32.38 23.51
C GLY B 1797 2.19 -31.36 22.40
N PRO B 1798 1.18 -30.48 22.35
CA PRO B 1798 1.13 -29.47 21.28
C PRO B 1798 2.02 -28.29 21.60
N CYS B 1799 3.11 -28.15 20.85
CA CYS B 1799 4.04 -27.03 20.96
C CYS B 1799 4.25 -26.31 19.65
N HIS B 1800 4.31 -27.03 18.54
CA HIS B 1800 4.49 -26.47 17.20
C HIS B 1800 5.79 -25.69 17.04
N GLU B 1801 6.77 -25.96 17.91
CA GLU B 1801 8.10 -25.36 17.83
C GLU B 1801 9.19 -26.40 17.62
N ASN B 1802 9.24 -27.42 18.48
CA ASN B 1802 10.23 -28.48 18.31
C ASN B 1802 9.86 -29.43 17.19
N GLN B 1803 8.58 -29.54 16.85
CA GLN B 1803 8.17 -30.38 15.73
C GLN B 1803 8.71 -29.85 14.42
N THR B 1804 8.81 -28.53 14.26
CA THR B 1804 9.39 -27.96 13.05
C THR B 1804 10.90 -28.11 13.02
N CYS B 1805 11.55 -28.11 14.18
CA CYS B 1805 12.99 -28.26 14.25
C CYS B 1805 13.44 -29.71 14.09
N ILE B 1806 12.58 -30.67 14.43
CA ILE B 1806 12.92 -32.08 14.31
C ILE B 1806 12.59 -32.62 12.91
N VAL B 1807 12.22 -31.73 11.99
CA VAL B 1807 11.89 -32.12 10.62
C VAL B 1807 12.67 -31.25 9.63
N THR B 1808 13.83 -30.74 10.06
CA THR B 1808 14.65 -29.86 9.23
C THR B 1808 16.12 -30.29 9.13
N HIS B 1809 16.60 -31.11 10.06
CA HIS B 1809 18.00 -31.56 10.05
C HIS B 1809 18.11 -32.96 9.44
N ILE B 1814 16.75 -37.27 8.28
CA ILE B 1814 16.33 -37.78 9.58
C ILE B 1814 14.92 -38.37 9.47
N ASP B 1815 13.97 -37.55 9.02
CA ASP B 1815 12.60 -38.02 8.86
C ASP B 1815 12.51 -39.13 7.82
N ILE B 1816 13.40 -39.14 6.84
CA ILE B 1816 13.40 -40.20 5.83
C ILE B 1816 13.72 -41.53 6.49
N ILE B 1817 14.56 -41.54 7.53
CA ILE B 1817 14.86 -42.78 8.24
C ILE B 1817 13.61 -43.33 8.92
N THR B 1818 12.83 -42.45 9.56
CA THR B 1818 11.59 -42.89 10.19
C THR B 1818 10.59 -43.38 9.15
N ALA B 1819 10.53 -42.69 8.00
CA ALA B 1819 9.63 -43.12 6.93
C ALA B 1819 10.01 -44.49 6.42
N LEU B 1820 11.31 -44.75 6.25
CA LEU B 1820 11.75 -46.06 5.80
C LEU B 1820 11.50 -47.12 6.87
N ILE B 1821 11.64 -46.76 8.15
CA ILE B 1821 11.37 -47.71 9.21
C ILE B 1821 9.89 -48.08 9.24
N LEU B 1822 9.02 -47.12 8.95
CA LEU B 1822 7.58 -47.36 8.95
C LEU B 1822 7.08 -47.94 7.62
N ASN B 1823 7.89 -47.92 6.56
CA ASN B 1823 7.48 -48.37 5.23
C ASN B 1823 8.37 -49.48 4.68
N ASP B 1824 9.05 -50.21 5.56
CA ASP B 1824 9.89 -51.32 5.12
C ASP B 1824 9.95 -52.36 6.23
N ILE B 1825 10.03 -53.63 5.82
CA ILE B 1825 10.06 -54.74 6.76
C ILE B 1825 11.48 -54.92 7.28
N SER B 1826 11.61 -55.69 8.37
CA SER B 1826 12.92 -55.97 8.96
C SER B 1826 13.44 -57.30 8.45
N PRO B 1827 14.61 -57.36 7.79
CA PRO B 1827 15.04 -58.66 7.25
C PRO B 1827 15.49 -59.64 8.33
N LEU B 1828 16.27 -59.16 9.29
CA LEU B 1828 16.86 -60.04 10.30
C LEU B 1828 15.98 -60.23 11.53
N CYS B 1829 15.08 -59.30 11.82
CA CYS B 1829 14.22 -59.38 12.99
C CYS B 1829 12.95 -60.18 12.75
N LYS B 1830 12.88 -60.93 11.65
CA LYS B 1830 11.69 -61.73 11.38
C LYS B 1830 11.57 -62.93 12.31
N TYR B 1831 12.67 -63.38 12.90
CA TYR B 1831 12.61 -64.50 13.84
C TYR B 1831 11.86 -64.13 15.11
N ARG B 1832 11.94 -62.86 15.53
CA ARG B 1832 11.26 -62.34 16.71
C ARG B 1832 10.51 -61.08 16.26
N MET B 1833 9.27 -61.27 15.79
CA MET B 1833 8.51 -60.18 15.20
C MET B 1833 7.74 -59.35 16.23
N ASP B 1834 7.69 -59.78 17.49
CA ASP B 1834 6.96 -59.01 18.49
C ASP B 1834 7.61 -57.66 18.74
N LEU B 1835 8.93 -57.66 19.00
CA LEU B 1835 9.63 -56.41 19.20
C LEU B 1835 9.64 -55.56 17.94
N VAL B 1836 9.66 -56.19 16.76
CA VAL B 1836 9.62 -55.44 15.52
C VAL B 1836 8.28 -54.74 15.36
N LEU B 1837 7.18 -55.43 15.68
CA LEU B 1837 5.87 -54.80 15.62
C LEU B 1837 5.73 -53.70 16.67
N GLN B 1838 6.34 -53.90 17.84
CA GLN B 1838 6.34 -52.84 18.85
C GLN B 1838 7.07 -51.60 18.35
N LEU B 1839 8.22 -51.79 17.72
CA LEU B 1839 8.96 -50.66 17.16
C LEU B 1839 8.16 -49.98 16.04
N LYS B 1840 7.46 -50.78 15.23
CA LYS B 1840 6.63 -50.20 14.18
C LYS B 1840 5.50 -49.36 14.77
N ASP B 1841 4.87 -49.85 15.84
CA ASP B 1841 3.82 -49.08 16.50
C ASP B 1841 4.37 -47.80 17.11
N ASN B 1842 5.57 -47.87 17.70
CA ASN B 1842 6.18 -46.67 18.26
C ASN B 1842 6.51 -45.67 17.16
N ALA B 1843 6.94 -46.16 16.00
CA ALA B 1843 7.23 -45.26 14.88
C ALA B 1843 5.96 -44.61 14.36
N SER B 1844 4.88 -45.38 14.29
CA SER B 1844 3.59 -44.81 13.90
C SER B 1844 3.15 -43.75 14.90
N LYS B 1845 3.38 -43.99 16.19
CA LYS B 1845 3.04 -42.99 17.20
C LYS B 1845 3.87 -41.73 17.04
N LEU B 1846 5.16 -41.89 16.76
CA LEU B 1846 6.02 -40.72 16.55
C LEU B 1846 5.56 -39.93 15.33
N LEU B 1847 5.21 -40.62 14.25
CA LEU B 1847 4.78 -39.93 13.04
C LEU B 1847 3.42 -39.27 13.22
N LEU B 1848 2.57 -39.84 14.08
CA LEU B 1848 1.29 -39.20 14.39
C LEU B 1848 1.51 -37.96 15.25
N ALA B 1849 2.46 -38.02 16.17
CA ALA B 1849 2.76 -36.87 17.02
C ALA B 1849 3.44 -35.75 16.23
N LEU B 1850 4.24 -36.11 15.23
CA LEU B 1850 4.92 -35.09 14.42
C LEU B 1850 3.92 -34.29 13.60
N MET B 1851 2.92 -34.97 13.03
CA MET B 1851 1.87 -34.31 12.26
C MET B 1851 0.75 -33.86 13.19
N GLU B 1852 1.10 -32.97 14.11
CA GLU B 1852 0.17 -32.47 15.10
C GLU B 1852 -0.72 -31.39 14.47
N SER B 1853 -1.47 -30.68 15.30
CA SER B 1853 -2.39 -29.65 14.83
C SER B 1853 -1.56 -28.46 14.34
N ARG B 1854 -1.32 -28.41 13.04
CA ARG B 1854 -0.56 -27.34 12.40
C ARG B 1854 -1.32 -26.86 11.17
N HIS B 1855 -1.54 -25.55 11.08
CA HIS B 1855 -2.26 -24.99 9.94
C HIS B 1855 -1.40 -25.01 8.67
N ASP B 1856 -0.08 -24.96 8.82
CA ASP B 1856 0.80 -24.95 7.67
C ASP B 1856 0.82 -26.33 7.01
N SER B 1857 1.65 -26.46 5.95
CA SER B 1857 1.78 -27.71 5.22
C SER B 1857 3.23 -28.00 4.83
N GLU B 1858 4.20 -27.41 5.54
CA GLU B 1858 5.60 -27.69 5.24
C GLU B 1858 6.01 -29.07 5.75
N ASN B 1859 5.69 -29.37 7.01
CA ASN B 1859 5.97 -30.69 7.55
C ASN B 1859 5.19 -31.76 6.81
N ALA B 1860 3.94 -31.46 6.44
CA ALA B 1860 3.14 -32.40 5.66
C ALA B 1860 3.78 -32.65 4.30
N GLU B 1861 4.28 -31.59 3.65
CA GLU B 1861 4.94 -31.76 2.36
C GLU B 1861 6.21 -32.59 2.49
N ARG B 1862 6.97 -32.37 3.57
CA ARG B 1862 8.18 -33.16 3.78
C ARG B 1862 7.84 -34.63 4.02
N ILE B 1863 6.80 -34.89 4.81
CA ILE B 1863 6.40 -36.28 5.06
C ILE B 1863 5.89 -36.93 3.79
N LEU B 1864 5.22 -36.17 2.93
CA LEU B 1864 4.73 -36.73 1.66
C LEU B 1864 5.89 -37.00 0.71
N ILE B 1865 6.92 -36.15 0.72
CA ILE B 1865 8.07 -36.37 -0.13
C ILE B 1865 8.91 -37.55 0.38
N SER B 1866 8.90 -37.78 1.69
CA SER B 1866 9.67 -38.87 2.27
C SER B 1866 9.01 -40.23 1.98
N LEU B 1867 7.79 -40.42 2.45
CA LEU B 1867 7.07 -41.66 2.27
C LEU B 1867 6.34 -41.68 0.93
N ARG B 1868 5.99 -42.89 0.49
CA ARG B 1868 5.28 -43.11 -0.77
C ARG B 1868 3.80 -43.33 -0.51
N PRO B 1869 2.87 -42.77 -1.31
CA PRO B 1869 1.44 -43.04 -1.04
C PRO B 1869 1.05 -44.49 -1.29
N GLN B 1870 1.41 -45.02 -2.46
CA GLN B 1870 1.04 -46.38 -2.80
C GLN B 1870 1.71 -47.38 -1.87
N GLU B 1871 2.97 -47.11 -1.50
CA GLU B 1871 3.66 -47.98 -0.56
C GLU B 1871 2.98 -47.98 0.80
N LEU B 1872 2.51 -46.82 1.26
CA LEU B 1872 1.82 -46.76 2.55
C LEU B 1872 0.49 -47.50 2.48
N VAL B 1873 -0.24 -47.34 1.37
CA VAL B 1873 -1.51 -48.06 1.21
C VAL B 1873 -1.28 -49.56 1.22
N ASP B 1874 -0.26 -50.02 0.49
CA ASP B 1874 0.05 -51.45 0.47
C ASP B 1874 0.50 -51.93 1.84
N VAL B 1875 1.22 -51.09 2.59
CA VAL B 1875 1.67 -51.47 3.92
C VAL B 1875 0.47 -51.65 4.85
N ILE B 1876 -0.49 -50.72 4.79
CA ILE B 1876 -1.69 -50.84 5.61
C ILE B 1876 -2.49 -52.09 5.22
N LYS B 1877 -2.59 -52.34 3.91
CA LYS B 1877 -3.32 -53.51 3.44
C LYS B 1877 -2.68 -54.80 3.94
N LYS B 1878 -1.36 -54.90 3.84
CA LYS B 1878 -0.66 -56.08 4.32
C LYS B 1878 -0.75 -56.21 5.84
N ALA B 1879 -0.74 -55.07 6.56
CA ALA B 1879 -0.86 -55.11 8.01
C ALA B 1879 -2.22 -55.67 8.42
N TYR B 1880 -3.28 -55.27 7.73
CA TYR B 1880 -4.59 -55.83 8.04
C TYR B 1880 -4.72 -57.27 7.57
N LEU B 1881 -4.06 -57.61 6.46
CA LEU B 1881 -4.15 -58.96 5.93
C LEU B 1881 -3.31 -59.97 6.70
N GLN B 1882 -2.38 -59.50 7.54
CA GLN B 1882 -1.62 -60.41 8.39
C GLN B 1882 -2.56 -61.17 9.32
N GLU B 1883 -3.23 -60.44 10.22
CA GLU B 1883 -4.30 -60.97 11.06
C GLU B 1883 -3.85 -62.17 11.90
N GLU B 1884 -2.58 -62.25 12.25
CA GLU B 1884 -2.03 -63.35 13.05
C GLU B 1884 -1.08 -62.74 14.08
N GLU B 1885 -1.63 -62.43 15.27
CA GLU B 1885 -0.83 -61.82 16.32
C GLU B 1885 0.03 -62.86 17.03
N ARG B 1886 -0.62 -63.85 17.66
CA ARG B 1886 0.09 -64.92 18.39
C ARG B 1886 0.95 -64.33 19.51
N GLU B 1887 0.45 -63.27 20.14
CA GLU B 1887 1.18 -62.60 21.21
C GLU B 1887 0.19 -61.88 22.11
N ASN B 1888 0.66 -61.51 23.30
CA ASN B 1888 -0.16 -60.82 24.30
C ASN B 1888 0.49 -59.51 24.76
N SER B 1889 1.37 -58.93 23.95
CA SER B 1889 2.05 -57.68 24.26
C SER B 1889 1.50 -56.52 23.44
N GLU B 1890 0.21 -56.58 23.07
CA GLU B 1890 -0.42 -55.55 22.26
C GLU B 1890 0.29 -55.40 20.92
N VAL B 1891 0.77 -56.50 20.36
CA VAL B 1891 1.51 -56.51 19.11
C VAL B 1891 0.61 -56.94 17.94
N SER B 1892 -0.69 -56.77 18.07
CA SER B 1892 -1.60 -57.15 16.99
C SER B 1892 -1.39 -56.22 15.80
N PRO B 1893 -1.20 -56.74 14.58
CA PRO B 1893 -1.00 -55.81 13.44
C PRO B 1893 -2.23 -55.00 13.08
N ARG B 1894 -3.42 -55.35 13.58
CA ARG B 1894 -4.61 -54.61 13.25
C ARG B 1894 -4.54 -53.17 13.78
N GLU B 1895 -4.12 -53.02 15.03
CA GLU B 1895 -4.04 -51.68 15.62
C GLU B 1895 -2.98 -50.82 14.94
N VAL B 1896 -1.82 -51.42 14.63
CA VAL B 1896 -0.77 -50.67 13.95
C VAL B 1896 -1.20 -50.27 12.55
N GLY B 1897 -1.88 -51.17 11.84
CA GLY B 1897 -2.37 -50.85 10.51
C GLY B 1897 -3.42 -49.76 10.55
N HIS B 1898 -4.31 -49.79 11.55
CA HIS B 1898 -5.32 -48.74 11.67
C HIS B 1898 -4.68 -47.41 12.05
N ASN B 1899 -3.62 -47.42 12.86
CA ASN B 1899 -2.91 -46.20 13.17
C ASN B 1899 -2.24 -45.63 11.92
N ILE B 1900 -1.64 -46.49 11.10
CA ILE B 1900 -1.06 -46.04 9.84
C ILE B 1900 -2.13 -45.47 8.93
N TYR B 1901 -3.32 -46.08 8.95
CA TYR B 1901 -4.43 -45.55 8.15
C TYR B 1901 -4.85 -44.17 8.65
N ILE B 1902 -4.87 -43.98 9.97
CA ILE B 1902 -5.22 -42.68 10.52
C ILE B 1902 -4.19 -41.64 10.12
N LEU B 1903 -2.91 -42.01 10.15
CA LEU B 1903 -1.87 -41.09 9.71
C LEU B 1903 -2.02 -40.75 8.23
N ALA B 1904 -2.38 -41.75 7.42
CA ALA B 1904 -2.57 -41.50 6.00
C ALA B 1904 -3.76 -40.59 5.75
N LEU B 1905 -4.85 -40.78 6.49
CA LEU B 1905 -6.00 -39.89 6.36
C LEU B 1905 -5.66 -38.48 6.81
N GLN B 1906 -4.80 -38.35 7.82
CA GLN B 1906 -4.37 -37.02 8.24
C GLN B 1906 -3.52 -36.36 7.16
N LEU B 1907 -2.64 -37.13 6.51
CA LEU B 1907 -1.76 -36.58 5.48
C LEU B 1907 -2.49 -36.34 4.17
N SER B 1908 -3.64 -36.98 3.95
CA SER B 1908 -4.35 -36.86 2.68
C SER B 1908 -5.06 -35.52 2.51
N ARG B 1909 -5.00 -34.61 3.47
CA ARG B 1909 -5.72 -33.35 3.41
C ARG B 1909 -4.96 -32.26 2.67
N HIS B 1910 -3.88 -32.61 1.94
CA HIS B 1910 -3.09 -31.64 1.21
C HIS B 1910 -2.87 -32.05 -0.25
N ASN B 1911 -2.79 -33.36 -0.50
CA ASN B 1911 -2.56 -33.89 -1.84
C ASN B 1911 -3.82 -34.57 -2.36
N LYS B 1912 -4.00 -34.50 -3.68
CA LYS B 1912 -5.18 -35.05 -4.32
C LYS B 1912 -5.06 -36.52 -4.68
N GLN B 1913 -3.83 -37.04 -4.81
CA GLN B 1913 -3.65 -38.44 -5.17
C GLN B 1913 -4.19 -39.39 -4.11
N LEU B 1914 -4.14 -38.99 -2.84
CA LEU B 1914 -4.58 -39.81 -1.73
C LEU B 1914 -6.03 -39.53 -1.32
N GLN B 1915 -6.69 -38.56 -1.96
CA GLN B 1915 -8.09 -38.28 -1.62
C GLN B 1915 -9.01 -39.34 -2.20
N HIS B 1916 -8.82 -39.68 -3.48
CA HIS B 1916 -9.63 -40.69 -4.15
C HIS B 1916 -9.05 -42.10 -4.03
N LEU B 1917 -7.92 -42.26 -3.34
CA LEU B 1917 -7.28 -43.57 -3.20
C LEU B 1917 -7.67 -44.29 -1.92
N LEU B 1918 -8.22 -43.59 -0.93
CA LEU B 1918 -8.56 -44.21 0.34
C LEU B 1918 -9.93 -44.87 0.32
N LYS B 1919 -10.79 -44.53 -0.62
CA LYS B 1919 -12.12 -45.12 -0.66
C LYS B 1919 -12.02 -46.61 -1.03
N PRO B 1920 -12.81 -47.49 -0.39
CA PRO B 1920 -12.74 -48.90 -0.81
C PRO B 1920 -13.31 -49.14 -2.19
N VAL B 1921 -14.45 -48.55 -2.51
CA VAL B 1921 -15.08 -48.75 -3.82
C VAL B 1921 -15.97 -47.56 -4.15
N ASP B 1959 -12.20 -55.07 2.00
CA ASP B 1959 -12.44 -55.45 3.39
C ASP B 1959 -11.57 -54.66 4.40
N PRO B 1960 -10.25 -54.48 4.14
CA PRO B 1960 -9.46 -53.67 5.08
C PRO B 1960 -9.86 -52.22 5.10
N LEU B 1961 -10.01 -51.63 3.90
CA LEU B 1961 -10.33 -50.22 3.80
C LEU B 1961 -11.70 -49.92 4.38
N ALA B 1962 -12.69 -50.78 4.12
CA ALA B 1962 -14.02 -50.56 4.67
C ALA B 1962 -14.02 -50.68 6.18
N TYR B 1963 -13.34 -51.70 6.73
CA TYR B 1963 -13.30 -51.88 8.17
C TYR B 1963 -12.59 -50.73 8.85
N TYR B 1964 -11.55 -50.18 8.23
CA TYR B 1964 -10.84 -49.04 8.80
C TYR B 1964 -11.65 -47.76 8.68
N GLU B 1965 -12.41 -47.59 7.59
CA GLU B 1965 -13.28 -46.43 7.48
C GLU B 1965 -14.47 -46.51 8.43
N ASN B 1966 -14.84 -47.72 8.86
CA ASN B 1966 -15.93 -47.86 9.82
C ASN B 1966 -15.51 -47.37 11.20
N HIS B 1967 -14.31 -47.76 11.64
CA HIS B 1967 -13.82 -47.39 12.97
C HIS B 1967 -12.94 -46.15 12.89
N THR B 1968 -13.58 -45.04 12.52
CA THR B 1968 -12.89 -43.76 12.42
C THR B 1968 -13.90 -42.65 12.73
N SER B 1969 -13.45 -41.66 13.50
CA SER B 1969 -14.31 -40.55 13.91
C SER B 1969 -13.46 -39.31 14.11
N GLN B 1970 -13.88 -38.21 13.48
CA GLN B 1970 -13.21 -36.92 13.58
C GLN B 1970 -14.06 -35.98 14.43
N ILE B 1971 -13.39 -35.08 15.14
CA ILE B 1971 -14.07 -34.10 15.99
C ILE B 1971 -13.21 -32.85 16.06
N GLU B 1972 -13.88 -31.70 16.06
CA GLU B 1972 -13.22 -30.41 16.17
C GLU B 1972 -13.28 -29.91 17.61
N ILE B 1973 -12.15 -29.41 18.10
CA ILE B 1973 -12.03 -28.90 19.47
C ILE B 1973 -11.27 -27.58 19.42
N VAL B 1974 -11.14 -26.95 20.58
CA VAL B 1974 -10.38 -25.72 20.75
C VAL B 1974 -9.50 -25.86 21.97
N ARG B 1975 -8.27 -25.32 21.90
CA ARG B 1975 -7.25 -25.50 22.94
C ARG B 1975 -6.70 -24.14 23.35
N GLN B 1976 -7.42 -23.47 24.25
CA GLN B 1976 -6.94 -22.30 25.00
C GLN B 1976 -6.38 -21.20 24.10
N ASP B 1977 -6.77 -21.14 22.83
CA ASP B 1977 -6.31 -20.09 21.92
C ASP B 1977 -7.38 -19.58 20.97
N ARG B 1978 -8.63 -20.04 21.11
CA ARG B 1978 -9.72 -19.62 20.24
C ARG B 1978 -9.43 -19.99 18.78
N SER B 1979 -8.87 -21.18 18.57
CA SER B 1979 -8.58 -21.70 17.24
C SER B 1979 -9.01 -23.16 17.17
N MET B 1980 -9.68 -23.52 16.08
CA MET B 1980 -10.19 -24.87 15.93
C MET B 1980 -9.08 -25.83 15.52
N GLU B 1981 -9.22 -27.09 15.94
CA GLU B 1981 -8.29 -28.15 15.59
C GLU B 1981 -9.08 -29.45 15.46
N GLN B 1982 -8.84 -30.16 14.36
CA GLN B 1982 -9.54 -31.40 14.05
C GLN B 1982 -8.69 -32.58 14.49
N ILE B 1983 -9.25 -33.43 15.34
CA ILE B 1983 -8.59 -34.63 15.84
C ILE B 1983 -9.39 -35.84 15.38
N VAL B 1984 -8.70 -36.80 14.77
CA VAL B 1984 -9.28 -38.06 14.33
C VAL B 1984 -8.86 -39.15 15.30
N PHE B 1985 -9.74 -40.11 15.56
CA PHE B 1985 -9.48 -41.17 16.50
C PHE B 1985 -10.35 -42.36 16.14
N PRO B 1986 -9.98 -43.57 16.57
CA PRO B 1986 -10.85 -44.73 16.36
C PRO B 1986 -11.90 -44.85 17.46
N VAL B 1987 -13.01 -45.50 17.10
CA VAL B 1987 -14.09 -45.73 18.06
C VAL B 1987 -13.70 -46.93 18.91
N PRO B 1988 -13.89 -46.91 20.23
CA PRO B 1988 -13.54 -48.07 21.04
C PRO B 1988 -14.52 -49.22 20.84
N GLY B 1989 -14.12 -50.39 21.33
CA GLY B 1989 -14.94 -51.58 21.18
C GLY B 1989 -16.15 -51.64 22.09
N ILE B 1990 -16.13 -50.89 23.19
CA ILE B 1990 -17.24 -50.88 24.14
C ILE B 1990 -18.25 -49.78 23.79
N CYS B 1991 -18.14 -49.20 22.58
CA CYS B 1991 -19.01 -48.14 22.14
C CYS B 1991 -19.84 -48.50 20.91
N GLN B 1992 -19.51 -49.59 20.21
CA GLN B 1992 -20.27 -49.96 19.02
C GLN B 1992 -21.64 -50.52 19.38
N PHE B 1993 -21.76 -51.18 20.53
CA PHE B 1993 -23.03 -51.74 20.97
C PHE B 1993 -23.89 -50.61 21.52
N LEU B 1994 -24.67 -49.99 20.64
CA LEU B 1994 -25.60 -48.93 21.04
C LEU B 1994 -26.77 -48.96 20.09
N THR B 1995 -27.97 -49.19 20.62
CA THR B 1995 -29.17 -49.27 19.80
C THR B 1995 -29.58 -47.88 19.32
N GLU B 1996 -30.30 -47.86 18.20
CA GLU B 1996 -30.77 -46.60 17.63
C GLU B 1996 -31.97 -46.02 18.37
N GLU B 1997 -32.68 -46.84 19.17
CA GLU B 1997 -33.85 -46.35 19.87
C GLU B 1997 -33.48 -45.27 20.89
N THR B 1998 -32.49 -45.57 21.73
CA THR B 1998 -32.06 -44.59 22.74
C THR B 1998 -31.46 -43.36 22.08
N LYS B 1999 -30.75 -43.53 20.98
CA LYS B 1999 -30.16 -42.39 20.28
C LYS B 1999 -31.27 -41.49 19.72
N HIS B 2000 -32.28 -42.08 19.09
CA HIS B 2000 -33.38 -41.30 18.56
C HIS B 2000 -34.18 -40.64 19.68
N ARG B 2001 -34.29 -41.30 20.84
CA ARG B 2001 -34.97 -40.69 21.98
C ARG B 2001 -34.20 -39.46 22.46
N LEU B 2002 -32.88 -39.59 22.58
CA LEU B 2002 -32.08 -38.48 23.08
C LEU B 2002 -31.97 -37.35 22.07
N PHE B 2003 -32.06 -37.66 20.78
CA PHE B 2003 -31.96 -36.63 19.76
C PHE B 2003 -33.13 -35.66 19.77
N THR B 2004 -34.28 -36.07 20.32
CA THR B 2004 -35.47 -35.24 20.37
C THR B 2004 -35.83 -34.79 21.79
N THR B 2005 -35.11 -35.26 22.81
CA THR B 2005 -35.39 -34.92 24.20
C THR B 2005 -34.18 -34.24 24.82
N THR B 2006 -33.60 -33.27 24.11
CA THR B 2006 -32.44 -32.51 24.57
C THR B 2006 -32.72 -31.03 24.29
N GLU B 2007 -33.29 -30.35 25.28
CA GLU B 2007 -33.66 -28.95 25.15
C GLU B 2007 -32.54 -28.03 25.65
N GLN B 2008 -32.60 -26.78 25.22
CA GLN B 2008 -31.62 -25.80 25.65
C GLN B 2008 -31.86 -25.40 27.10
N ASP B 2009 -30.80 -24.94 27.76
CA ASP B 2009 -30.85 -24.53 29.17
C ASP B 2009 -30.20 -23.15 29.31
N GLU B 2010 -30.99 -22.11 29.05
CA GLU B 2010 -30.63 -20.71 29.31
C GLU B 2010 -29.32 -20.30 28.65
N GLN B 2011 -28.91 -20.98 27.57
CA GLN B 2011 -27.68 -20.65 26.87
C GLN B 2011 -27.78 -20.75 25.36
N GLY B 2012 -28.95 -21.05 24.80
CA GLY B 2012 -29.08 -21.18 23.37
C GLY B 2012 -28.33 -22.35 22.76
N SER B 2013 -27.91 -23.32 23.57
CA SER B 2013 -27.17 -24.48 23.09
C SER B 2013 -27.68 -25.73 23.78
N LYS B 2014 -27.56 -26.86 23.09
CA LYS B 2014 -28.01 -28.15 23.57
C LYS B 2014 -26.86 -29.02 24.10
N VAL B 2015 -25.78 -28.39 24.55
CA VAL B 2015 -24.61 -29.14 25.03
C VAL B 2015 -24.64 -29.37 26.54
N SER B 2016 -25.32 -28.51 27.30
CA SER B 2016 -25.32 -28.65 28.75
C SER B 2016 -26.04 -29.91 29.20
N ASP B 2017 -27.03 -30.37 28.43
CA ASP B 2017 -27.79 -31.57 28.76
C ASP B 2017 -27.20 -32.83 28.13
N PHE B 2018 -25.90 -32.84 27.87
CA PHE B 2018 -25.22 -33.93 27.19
C PHE B 2018 -24.29 -34.71 28.10
N PHE B 2019 -23.45 -34.04 28.89
CA PHE B 2019 -22.58 -34.74 29.83
C PHE B 2019 -23.39 -35.40 30.94
N ASP B 2020 -24.51 -34.80 31.34
CA ASP B 2020 -25.37 -35.42 32.35
C ASP B 2020 -25.93 -36.76 31.88
N GLN B 2021 -26.04 -36.97 30.57
CA GLN B 2021 -26.52 -38.22 30.00
C GLN B 2021 -25.40 -39.10 29.47
N SER B 2022 -24.16 -38.61 29.42
CA SER B 2022 -23.07 -39.40 28.86
C SER B 2022 -22.77 -40.62 29.73
N SER B 2023 -22.70 -40.43 31.05
CA SER B 2023 -22.45 -41.57 31.94
C SER B 2023 -23.58 -42.57 31.88
N PHE B 2024 -24.82 -42.09 31.79
CA PHE B 2024 -25.96 -43.00 31.67
C PHE B 2024 -25.90 -43.78 30.37
N LEU B 2025 -25.49 -43.13 29.28
CA LEU B 2025 -25.35 -43.84 28.02
C LEU B 2025 -24.24 -44.87 28.06
N HIS B 2026 -23.14 -44.54 28.75
CA HIS B 2026 -22.06 -45.50 28.90
C HIS B 2026 -22.51 -46.72 29.71
N ASN B 2027 -23.24 -46.48 30.79
CA ASN B 2027 -23.79 -47.59 31.57
C ASN B 2027 -24.78 -48.41 30.76
N GLU B 2028 -25.56 -47.73 29.90
CA GLU B 2028 -26.51 -48.46 29.06
C GLU B 2028 -25.80 -49.33 28.04
N MET B 2029 -24.71 -48.83 27.46
CA MET B 2029 -23.93 -49.63 26.51
C MET B 2029 -23.28 -50.81 27.23
N GLU B 2030 -22.80 -50.60 28.46
CA GLU B 2030 -22.25 -51.70 29.23
C GLU B 2030 -23.30 -52.76 29.51
N TRP B 2031 -24.52 -52.34 29.88
CA TRP B 2031 -25.60 -53.28 30.14
C TRP B 2031 -25.98 -54.01 28.87
N GLN B 2032 -25.97 -53.32 27.72
CA GLN B 2032 -26.27 -53.96 26.45
C GLN B 2032 -25.23 -55.02 26.11
N ARG B 2033 -23.96 -54.71 26.34
CA ARG B 2033 -22.89 -55.69 26.11
C ARG B 2033 -23.05 -56.89 27.04
N LYS B 2034 -23.44 -56.65 28.29
CA LYS B 2034 -23.61 -57.74 29.24
C LYS B 2034 -24.80 -58.62 28.86
N LEU B 2035 -25.89 -58.00 28.39
CA LEU B 2035 -27.10 -58.77 28.08
C LEU B 2035 -26.99 -59.48 26.75
N ARG B 2036 -26.30 -58.90 25.77
CA ARG B 2036 -26.16 -59.56 24.47
C ARG B 2036 -25.31 -60.82 24.55
N SER B 2037 -24.47 -60.94 25.57
CA SER B 2037 -23.68 -62.15 25.74
C SER B 2037 -24.51 -63.33 26.25
N MET B 2038 -25.65 -63.05 26.90
CA MET B 2038 -26.52 -64.11 27.41
C MET B 2038 -27.53 -64.50 26.33
N PRO B 2039 -27.66 -65.78 25.96
CA PRO B 2039 -28.70 -66.15 24.99
C PRO B 2039 -30.09 -66.19 25.62
N LEU B 2040 -31.09 -66.19 24.74
CA LEU B 2040 -32.50 -66.35 25.08
C LEU B 2040 -33.08 -65.18 25.89
N ILE B 2041 -32.33 -64.08 26.04
CA ILE B 2041 -32.81 -62.89 26.72
C ILE B 2041 -32.79 -61.68 25.80
N TYR B 2042 -31.76 -61.57 24.94
CA TYR B 2042 -31.68 -60.46 24.01
C TYR B 2042 -32.79 -60.52 22.98
N TRP B 2043 -33.03 -61.71 22.40
CA TRP B 2043 -34.13 -61.87 21.47
C TRP B 2043 -35.47 -61.77 22.18
N PHE B 2044 -35.53 -62.16 23.46
CA PHE B 2044 -36.77 -62.10 24.22
C PHE B 2044 -37.15 -60.68 24.63
N SER B 2045 -36.24 -59.71 24.48
CA SER B 2045 -36.49 -58.33 24.87
C SER B 2045 -36.30 -57.34 23.72
N ARG B 2046 -35.75 -57.77 22.58
CA ARG B 2046 -35.56 -56.85 21.46
C ARG B 2046 -36.90 -56.43 20.86
N ARG B 2047 -37.78 -57.41 20.60
CA ARG B 2047 -39.07 -57.15 19.97
C ARG B 2047 -40.01 -56.58 21.03
N MET B 2048 -39.89 -55.28 21.27
CA MET B 2048 -40.70 -54.60 22.26
C MET B 2048 -42.02 -54.07 21.69
N THR B 2049 -42.08 -53.85 20.37
CA THR B 2049 -43.27 -53.29 19.73
C THR B 2049 -44.29 -54.33 19.33
N LEU B 2050 -44.24 -55.53 19.90
CA LEU B 2050 -45.18 -56.60 19.63
C LEU B 2050 -45.92 -57.08 20.87
N TRP B 2051 -45.23 -57.25 21.99
CA TRP B 2051 -45.87 -57.74 23.20
C TRP B 2051 -46.89 -56.73 23.72
N GLY B 2052 -46.53 -55.45 23.76
CA GLY B 2052 -47.46 -54.44 24.21
C GLY B 2052 -48.68 -54.33 23.32
N SER B 2053 -48.48 -54.42 22.00
CA SER B 2053 -49.61 -54.36 21.08
C SER B 2053 -50.52 -55.57 21.26
N ILE B 2054 -49.94 -56.75 21.43
CA ILE B 2054 -50.76 -57.95 21.63
C ILE B 2054 -51.54 -57.85 22.94
N SER B 2055 -50.90 -57.33 23.99
CA SER B 2055 -51.59 -57.17 25.27
C SER B 2055 -52.72 -56.16 25.16
N PHE B 2056 -52.49 -55.06 24.44
CA PHE B 2056 -53.54 -54.05 24.26
C PHE B 2056 -54.72 -54.62 23.48
N ASN B 2057 -54.43 -55.39 22.42
CA ASN B 2057 -55.51 -55.99 21.64
C ASN B 2057 -56.29 -57.00 22.47
N LEU B 2058 -55.59 -57.81 23.26
CA LEU B 2058 -56.27 -58.77 24.13
C LEU B 2058 -57.14 -58.07 25.16
N ALA B 2059 -56.63 -56.98 25.74
CA ALA B 2059 -57.42 -56.23 26.71
C ALA B 2059 -58.65 -55.60 26.07
N VAL B 2060 -58.50 -55.09 24.84
CA VAL B 2060 -59.63 -54.49 24.15
C VAL B 2060 -60.70 -55.54 23.86
N PHE B 2061 -60.28 -56.73 23.41
CA PHE B 2061 -61.24 -57.78 23.13
C PHE B 2061 -61.91 -58.26 24.41
N ILE B 2062 -61.15 -58.34 25.51
CA ILE B 2062 -61.73 -58.75 26.79
C ILE B 2062 -62.78 -57.74 27.24
N ASN B 2063 -62.47 -56.45 27.08
CA ASN B 2063 -63.44 -55.40 27.44
C ASN B 2063 -64.68 -55.49 26.57
N ILE B 2064 -64.51 -55.71 25.27
CA ILE B 2064 -65.65 -55.81 24.37
C ILE B 2064 -66.50 -57.02 24.70
N ILE B 2065 -65.88 -58.12 25.15
CA ILE B 2065 -66.63 -59.30 25.52
C ILE B 2065 -67.38 -59.07 26.82
N ILE B 2066 -66.74 -58.39 27.79
CA ILE B 2066 -67.39 -58.15 29.07
C ILE B 2066 -68.52 -57.13 28.94
N ALA B 2067 -68.43 -56.24 27.95
CA ALA B 2067 -69.40 -55.17 27.81
C ALA B 2067 -70.72 -55.61 27.18
N PHE B 2068 -70.84 -56.88 26.77
CA PHE B 2068 -72.07 -57.41 26.18
C PHE B 2068 -72.71 -58.52 26.98
N PHE B 2069 -71.96 -59.23 27.82
CA PHE B 2069 -72.48 -60.39 28.54
C PHE B 2069 -72.14 -60.34 30.03
N TYR B 2070 -72.19 -59.16 30.66
CA TYR B 2070 -71.77 -59.08 32.06
C TYR B 2070 -72.66 -59.88 33.00
N PRO B 2071 -73.99 -59.93 32.85
CA PRO B 2071 -74.79 -60.91 33.60
C PRO B 2071 -74.75 -62.27 32.90
N TYR B 2072 -74.09 -63.24 33.53
CA TYR B 2072 -73.95 -64.56 32.93
C TYR B 2072 -73.64 -65.57 34.02
N MET B 2073 -73.90 -66.84 33.69
CA MET B 2073 -73.62 -67.95 34.60
C MET B 2073 -73.50 -69.21 33.77
N GLU B 2074 -72.37 -69.90 33.90
CA GLU B 2074 -72.13 -71.13 33.15
C GLU B 2074 -71.14 -72.03 33.88
N UNK B 2075 -77.00 -60.28 20.23
CA UNK B 2075 -76.64 -60.32 18.81
C UNK B 2075 -75.18 -59.96 18.60
N UNK B 2076 -74.30 -60.53 19.42
CA UNK B 2076 -72.88 -60.26 19.29
C UNK B 2076 -72.27 -61.02 18.12
N UNK B 2077 -72.63 -62.30 17.97
CA UNK B 2077 -72.09 -63.08 16.86
C UNK B 2077 -72.59 -62.56 15.52
N UNK B 2078 -73.85 -62.11 15.47
CA UNK B 2078 -74.38 -61.55 14.24
C UNK B 2078 -73.71 -60.24 13.88
N UNK B 2079 -73.32 -59.45 14.88
CA UNK B 2079 -72.60 -58.20 14.62
C UNK B 2079 -71.15 -58.48 14.23
N UNK B 2080 -70.55 -59.54 14.77
CA UNK B 2080 -69.17 -59.88 14.41
C UNK B 2080 -69.10 -60.48 13.02
N UNK B 2081 -70.12 -61.25 12.61
CA UNK B 2081 -70.13 -61.81 11.27
C UNK B 2081 -70.29 -60.73 10.20
N UNK B 2082 -71.07 -59.69 10.50
CA UNK B 2082 -71.27 -58.57 9.58
C UNK B 2082 -70.20 -57.50 9.71
N UNK B 2083 -69.10 -57.78 10.42
CA UNK B 2083 -68.03 -56.80 10.59
C UNK B 2083 -66.72 -57.50 10.90
N PRO B 2084 -55.09 -60.69 13.45
CA PRO B 2084 -56.23 -59.78 13.22
C PRO B 2084 -57.57 -60.52 13.12
N LEU B 2085 -57.79 -61.24 12.02
CA LEU B 2085 -59.01 -62.03 11.87
C LEU B 2085 -58.88 -63.38 12.55
N ILE B 2086 -57.67 -63.95 12.59
CA ILE B 2086 -57.45 -65.20 13.33
C ILE B 2086 -57.74 -65.01 14.80
N VAL B 2087 -57.43 -63.82 15.34
CA VAL B 2087 -57.77 -63.53 16.73
C VAL B 2087 -59.28 -63.55 16.93
N ALA B 2088 -60.03 -63.01 15.97
CA ALA B 2088 -61.49 -63.02 16.06
C ALA B 2088 -62.02 -64.45 15.96
N LEU B 2089 -61.42 -65.28 15.11
CA LEU B 2089 -61.84 -66.67 15.01
C LEU B 2089 -61.58 -67.42 16.30
N ILE B 2090 -60.41 -67.19 16.91
CA ILE B 2090 -60.10 -67.83 18.19
C ILE B 2090 -61.05 -67.34 19.27
N LEU B 2091 -61.42 -66.05 19.22
CA LEU B 2091 -62.37 -65.51 20.20
C LEU B 2091 -63.73 -66.17 20.03
N ARG B 2092 -64.17 -66.38 18.80
CA ARG B 2092 -65.43 -67.06 18.56
C ARG B 2092 -65.39 -68.50 19.04
N SER B 2093 -64.28 -69.20 18.77
CA SER B 2093 -64.14 -70.57 19.23
C SER B 2093 -64.13 -70.65 20.75
N ILE B 2094 -63.57 -69.64 21.42
CA ILE B 2094 -63.55 -69.63 22.88
C ILE B 2094 -64.94 -69.31 23.42
N TYR B 2095 -65.65 -68.39 22.78
CA TYR B 2095 -67.01 -68.06 23.21
C TYR B 2095 -67.94 -69.24 23.03
N TYR B 2096 -67.70 -70.08 22.03
CA TYR B 2096 -68.49 -71.29 21.85
C TYR B 2096 -68.22 -72.33 22.93
N LEU B 2097 -67.16 -72.18 23.71
CA LEU B 2097 -66.81 -73.10 24.79
C LEU B 2097 -67.02 -72.45 26.15
N GLY B 2098 -68.09 -71.67 26.29
CA GLY B 2098 -68.38 -71.00 27.55
C GLY B 2098 -67.68 -69.65 27.67
N ILE B 2099 -68.42 -68.63 28.08
CA ILE B 2099 -67.87 -67.29 28.17
C ILE B 2099 -67.02 -67.11 29.42
N GLY B 2100 -67.39 -67.77 30.52
CA GLY B 2100 -66.70 -67.61 31.78
C GLY B 2100 -65.27 -68.12 31.74
N PRO B 2101 -65.10 -69.42 31.50
CA PRO B 2101 -63.74 -69.95 31.38
C PRO B 2101 -62.96 -69.33 30.24
N THR B 2102 -63.61 -68.96 29.15
CA THR B 2102 -62.92 -68.29 28.04
C THR B 2102 -62.35 -66.95 28.50
N LEU B 2103 -63.16 -66.15 29.20
CA LEU B 2103 -62.68 -64.88 29.72
C LEU B 2103 -61.59 -65.07 30.75
N ASN B 2104 -61.70 -66.13 31.56
CA ASN B 2104 -60.66 -66.41 32.55
C ASN B 2104 -59.34 -66.75 31.87
N ILE B 2105 -59.38 -67.56 30.82
CA ILE B 2105 -58.17 -67.92 30.10
C ILE B 2105 -57.59 -66.70 29.39
N LEU B 2106 -58.47 -65.85 28.84
CA LEU B 2106 -58.00 -64.63 28.19
C LEU B 2106 -57.32 -63.70 29.20
N GLY B 2107 -57.89 -63.58 30.39
CA GLY B 2107 -57.28 -62.75 31.41
C GLY B 2107 -55.95 -63.30 31.89
N ALA B 2108 -55.85 -64.63 32.01
CA ALA B 2108 -54.59 -65.25 32.38
C ALA B 2108 -53.52 -65.01 31.31
N LEU B 2109 -53.91 -65.14 30.04
CA LEU B 2109 -52.97 -64.88 28.95
C LEU B 2109 -52.54 -63.42 28.94
N ASN B 2110 -53.48 -62.50 29.21
CA ASN B 2110 -53.14 -61.09 29.25
C ASN B 2110 -52.18 -60.79 30.41
N LEU B 2111 -52.40 -61.43 31.56
CA LEU B 2111 -51.50 -61.25 32.69
C LEU B 2111 -50.11 -61.78 32.38
N THR B 2112 -50.03 -62.95 31.74
CA THR B 2112 -48.73 -63.50 31.36
C THR B 2112 -48.02 -62.59 30.36
N ASN B 2113 -48.77 -62.07 29.39
CA ASN B 2113 -48.18 -61.18 28.40
C ASN B 2113 -47.70 -59.88 29.04
N LYS B 2114 -48.47 -59.34 29.99
CA LYS B 2114 -48.05 -58.14 30.68
C LYS B 2114 -46.82 -58.38 31.53
N ILE B 2115 -46.72 -59.56 32.16
CA ILE B 2115 -45.53 -59.89 32.94
C ILE B 2115 -44.32 -60.00 32.03
N VAL B 2116 -44.48 -60.64 30.86
CA VAL B 2116 -43.38 -60.76 29.91
C VAL B 2116 -42.97 -59.38 29.41
N PHE B 2117 -43.94 -58.51 29.17
CA PHE B 2117 -43.64 -57.15 28.70
C PHE B 2117 -42.89 -56.36 29.76
N VAL B 2118 -43.30 -56.49 31.02
CA VAL B 2118 -42.61 -55.80 32.10
C VAL B 2118 -41.19 -56.33 32.25
N VAL B 2119 -41.01 -57.64 32.10
CA VAL B 2119 -39.67 -58.22 32.19
C VAL B 2119 -38.80 -57.72 31.05
N SER B 2120 -39.36 -57.63 29.84
CA SER B 2120 -38.60 -57.11 28.70
C SER B 2120 -38.23 -55.65 28.90
N PHE B 2121 -39.17 -54.85 29.43
CA PHE B 2121 -38.88 -53.44 29.67
C PHE B 2121 -37.84 -53.26 30.77
N VAL B 2122 -37.84 -54.13 31.77
CA VAL B 2122 -36.84 -54.04 32.84
C VAL B 2122 -35.48 -54.48 32.33
N GLY B 2123 -35.43 -55.47 31.43
CA GLY B 2123 -34.17 -55.95 30.92
C GLY B 2123 -33.58 -55.08 29.82
N ASN B 2124 -34.42 -54.32 29.12
CA ASN B 2124 -33.93 -53.48 28.03
C ASN B 2124 -33.16 -52.28 28.57
N ARG B 2125 -33.86 -51.42 29.33
CA ARG B 2125 -33.25 -50.22 29.89
C ARG B 2125 -33.69 -49.92 31.32
N GLY B 2126 -34.46 -50.81 31.96
CA GLY B 2126 -34.94 -50.53 33.30
C GLY B 2126 -33.87 -50.64 34.36
N THR B 2127 -32.87 -51.49 34.13
CA THR B 2127 -31.77 -51.68 35.10
C THR B 2127 -30.64 -50.69 34.83
N PHE B 2128 -31.02 -49.41 34.83
CA PHE B 2128 -30.02 -48.35 34.64
C PHE B 2128 -29.07 -48.28 35.82
N ILE B 2129 -29.60 -48.16 37.03
CA ILE B 2129 -28.77 -48.19 38.23
C ILE B 2129 -28.40 -49.63 38.56
N ARG B 2130 -27.38 -49.79 39.40
CA ARG B 2130 -26.90 -51.10 39.79
C ARG B 2130 -27.85 -51.72 40.81
N GLY B 2131 -28.50 -52.82 40.43
CA GLY B 2131 -29.41 -53.51 41.32
C GLY B 2131 -30.78 -52.92 41.45
N TYR B 2132 -31.12 -51.90 40.66
CA TYR B 2132 -32.42 -51.26 40.69
C TYR B 2132 -32.70 -50.66 42.08
N LYS B 2133 -31.78 -49.79 42.51
CA LYS B 2133 -31.92 -49.15 43.81
C LYS B 2133 -32.91 -47.99 43.75
N ALA B 2134 -32.75 -47.12 42.74
CA ALA B 2134 -33.59 -45.94 42.57
C ALA B 2134 -34.45 -46.05 41.31
N MET B 2135 -34.81 -47.27 40.92
CA MET B 2135 -35.63 -47.48 39.73
C MET B 2135 -37.11 -47.25 39.97
N VAL B 2136 -37.54 -47.16 41.24
CA VAL B 2136 -38.97 -46.98 41.53
C VAL B 2136 -39.42 -45.54 41.32
N MET B 2137 -38.49 -44.57 41.34
CA MET B 2137 -38.82 -43.16 41.19
C MET B 2137 -38.59 -42.66 39.76
N ASP B 2138 -38.71 -43.54 38.77
CA ASP B 2138 -38.53 -43.16 37.37
C ASP B 2138 -39.79 -42.63 36.72
N MET B 2139 -40.95 -42.77 37.36
CA MET B 2139 -42.22 -42.27 36.84
C MET B 2139 -42.66 -42.99 35.58
N GLU B 2140 -42.08 -44.16 35.28
CA GLU B 2140 -42.51 -45.00 34.17
C GLU B 2140 -42.62 -46.47 34.53
N PHE B 2141 -41.91 -46.94 35.55
CA PHE B 2141 -42.00 -48.33 35.99
C PHE B 2141 -43.09 -48.54 37.03
N LEU B 2142 -43.33 -47.57 37.90
CA LEU B 2142 -44.42 -47.67 38.86
C LEU B 2142 -45.77 -47.71 38.16
N TYR B 2143 -45.89 -47.04 37.02
CA TYR B 2143 -47.12 -47.09 36.25
C TYR B 2143 -47.41 -48.51 35.79
N HIS B 2144 -46.41 -49.18 35.21
CA HIS B 2144 -46.59 -50.57 34.80
C HIS B 2144 -46.80 -51.49 35.98
N VAL B 2145 -46.17 -51.19 37.12
CA VAL B 2145 -46.37 -52.01 38.32
C VAL B 2145 -47.81 -51.93 38.77
N GLY B 2146 -48.36 -50.73 38.84
CA GLY B 2146 -49.76 -50.57 39.20
C GLY B 2146 -50.69 -51.17 38.16
N TYR B 2147 -50.31 -51.11 36.89
CA TYR B 2147 -51.10 -51.73 35.84
C TYR B 2147 -51.18 -53.24 36.04
N ILE B 2148 -50.04 -53.88 36.30
CA ILE B 2148 -50.02 -55.32 36.54
C ILE B 2148 -50.79 -55.66 37.80
N LEU B 2149 -50.66 -54.83 38.83
CA LEU B 2149 -51.40 -55.06 40.07
C LEU B 2149 -52.91 -54.94 39.85
N THR B 2150 -53.33 -53.94 39.08
CA THR B 2150 -54.75 -53.78 38.78
C THR B 2150 -55.27 -54.95 37.96
N SER B 2151 -54.47 -55.43 37.00
CA SER B 2151 -54.87 -56.57 36.20
C SER B 2151 -55.00 -57.83 37.06
N VAL B 2152 -54.06 -58.04 37.98
CA VAL B 2152 -54.14 -59.19 38.87
C VAL B 2152 -55.36 -59.09 39.77
N LEU B 2153 -55.66 -57.88 40.27
CA LEU B 2153 -56.82 -57.71 41.13
C LEU B 2153 -58.11 -57.98 40.35
N GLY B 2154 -58.16 -57.54 39.10
CA GLY B 2154 -59.34 -57.81 38.28
C GLY B 2154 -59.48 -59.27 37.90
N LEU B 2155 -58.35 -59.96 37.74
CA LEU B 2155 -58.38 -61.38 37.39
C LEU B 2155 -58.73 -62.26 38.58
N PHE B 2156 -58.35 -61.84 39.79
CA PHE B 2156 -58.53 -62.65 40.99
C PHE B 2156 -59.77 -62.26 41.80
N ALA B 2157 -59.91 -60.98 42.14
CA ALA B 2157 -60.95 -60.57 43.07
C ALA B 2157 -62.32 -60.60 42.43
N HIS B 2158 -62.54 -59.78 41.39
CA HIS B 2158 -63.86 -59.67 40.78
C HIS B 2158 -63.69 -59.07 39.40
N GLU B 2159 -64.76 -59.16 38.61
CA GLU B 2159 -64.78 -58.61 37.26
C GLU B 2159 -65.04 -57.11 37.32
N LEU B 2160 -65.25 -56.51 36.15
CA LEU B 2160 -65.55 -55.07 36.05
C LEU B 2160 -64.42 -54.21 36.59
N PHE B 2161 -63.19 -54.73 36.60
CA PHE B 2161 -61.98 -53.96 36.87
C PHE B 2161 -61.07 -53.82 35.66
N TYR B 2162 -61.39 -54.48 34.55
CA TYR B 2162 -60.60 -54.31 33.33
C TYR B 2162 -60.76 -52.93 32.73
N SER B 2163 -61.81 -52.19 33.10
CA SER B 2163 -61.95 -50.81 32.64
C SER B 2163 -60.79 -49.95 33.10
N ILE B 2164 -60.25 -50.22 34.29
CA ILE B 2164 -59.08 -49.49 34.75
C ILE B 2164 -57.87 -49.82 33.89
N LEU B 2165 -57.77 -51.07 33.43
CA LEU B 2165 -56.72 -51.46 32.51
C LEU B 2165 -56.96 -50.90 31.11
N LEU B 2166 -58.18 -50.47 30.81
CA LEU B 2166 -58.50 -49.95 29.48
C LEU B 2166 -57.91 -48.57 29.20
N PHE B 2167 -57.23 -47.94 30.16
CA PHE B 2167 -56.57 -46.66 29.94
C PHE B 2167 -55.17 -46.82 29.35
N ASP B 2168 -54.85 -47.97 28.75
CA ASP B 2168 -53.57 -48.14 28.08
C ASP B 2168 -53.48 -47.39 26.77
N LEU B 2169 -54.58 -46.77 26.31
CA LEU B 2169 -54.55 -46.00 25.07
C LEU B 2169 -53.74 -44.72 25.20
N ILE B 2170 -53.48 -44.25 26.42
CA ILE B 2170 -52.74 -43.00 26.61
C ILE B 2170 -51.26 -43.24 26.32
N TYR B 2171 -50.69 -44.32 26.87
CA TYR B 2171 -49.26 -44.56 26.74
C TYR B 2171 -48.90 -45.05 25.34
N ARG B 2172 -49.79 -45.78 24.69
CA ARG B 2172 -49.49 -46.32 23.36
C ARG B 2172 -49.60 -45.24 22.29
N GLU B 2173 -50.75 -44.57 22.22
CA GLU B 2173 -50.96 -43.54 21.21
C GLU B 2173 -50.13 -42.31 21.54
N GLU B 2174 -49.30 -41.88 20.59
CA GLU B 2174 -48.42 -40.73 20.79
C GLU B 2174 -49.10 -39.41 20.44
N THR B 2175 -50.04 -39.42 19.50
CA THR B 2175 -50.73 -38.19 19.10
C THR B 2175 -51.77 -37.73 20.11
N LEU B 2176 -52.00 -38.50 21.18
CA LEU B 2176 -52.93 -38.11 22.24
C LEU B 2176 -52.26 -37.39 23.39
N PHE B 2177 -50.99 -37.72 23.69
CA PHE B 2177 -50.35 -37.21 24.89
C PHE B 2177 -50.20 -35.69 24.84
N ASN B 2178 -50.15 -35.10 23.64
CA ASN B 2178 -50.20 -33.65 23.55
C ASN B 2178 -51.54 -33.12 24.03
N VAL B 2179 -52.63 -33.83 23.71
CA VAL B 2179 -53.95 -33.38 24.13
C VAL B 2179 -54.11 -33.49 25.64
N ILE B 2180 -53.56 -34.55 26.23
CA ILE B 2180 -53.62 -34.71 27.68
C ILE B 2180 -52.73 -33.68 28.37
N LYS B 2181 -51.57 -33.38 27.77
CA LYS B 2181 -50.71 -32.33 28.31
C LYS B 2181 -51.38 -30.98 28.23
N SER B 2182 -52.26 -30.77 27.25
CA SER B 2182 -53.04 -29.56 27.17
C SER B 2182 -53.94 -29.36 28.38
N VAL B 2183 -54.26 -30.43 29.12
CA VAL B 2183 -55.07 -30.34 30.33
C VAL B 2183 -54.15 -30.35 31.55
N THR B 2184 -53.04 -31.08 31.46
CA THR B 2184 -52.15 -31.27 32.60
C THR B 2184 -51.19 -30.11 32.82
N ARG B 2185 -50.95 -29.29 31.79
CA ARG B 2185 -50.00 -28.19 31.94
C ARG B 2185 -50.58 -27.09 32.82
N ASN B 2186 -51.68 -26.48 32.39
CA ASN B 2186 -52.32 -25.38 33.11
C ASN B 2186 -53.52 -25.86 33.92
N GLY B 2187 -53.47 -27.10 34.41
CA GLY B 2187 -54.56 -27.61 35.24
C GLY B 2187 -54.72 -26.83 36.54
N ARG B 2188 -53.64 -26.23 37.03
CA ARG B 2188 -53.73 -25.35 38.19
C ARG B 2188 -54.72 -24.22 37.95
N SER B 2189 -54.53 -23.47 36.87
CA SER B 2189 -55.43 -22.38 36.55
C SER B 2189 -56.83 -22.88 36.23
N ILE B 2190 -56.95 -24.09 35.69
CA ILE B 2190 -58.27 -24.64 35.37
C ILE B 2190 -59.04 -24.89 36.66
N LEU B 2191 -58.44 -25.57 37.62
CA LEU B 2191 -59.10 -25.78 38.89
C LEU B 2191 -59.32 -24.46 39.63
N LEU B 2192 -58.44 -23.49 39.41
CA LEU B 2192 -58.60 -22.19 40.07
C LEU B 2192 -59.82 -21.44 39.53
N THR B 2193 -59.98 -21.38 38.21
CA THR B 2193 -61.16 -20.74 37.65
C THR B 2193 -62.42 -21.56 37.91
N ALA B 2194 -62.27 -22.88 38.07
CA ALA B 2194 -63.40 -23.68 38.50
C ALA B 2194 -63.84 -23.28 39.91
N LEU B 2195 -62.87 -23.05 40.80
CA LEU B 2195 -63.19 -22.54 42.13
C LEU B 2195 -63.82 -21.15 42.05
N LEU B 2196 -63.37 -20.34 41.10
CA LEU B 2196 -63.99 -19.02 40.91
C LEU B 2196 -65.46 -19.16 40.53
N ALA B 2197 -65.74 -20.05 39.57
CA ALA B 2197 -67.14 -20.30 39.19
C ALA B 2197 -67.93 -20.84 40.37
N LEU B 2198 -67.30 -21.71 41.17
CA LEU B 2198 -67.98 -22.29 42.33
C LEU B 2198 -68.34 -21.22 43.35
N ILE B 2199 -67.40 -20.34 43.67
CA ILE B 2199 -67.66 -19.33 44.69
C ILE B 2199 -68.63 -18.27 44.16
N LEU B 2200 -68.62 -18.00 42.86
CA LEU B 2200 -69.61 -17.08 42.29
C LEU B 2200 -71.01 -17.69 42.35
N VAL B 2201 -71.13 -18.98 42.02
CA VAL B 2201 -72.41 -19.66 42.16
C VAL B 2201 -72.85 -19.68 43.61
N TYR B 2202 -71.91 -19.79 44.54
CA TYR B 2202 -72.24 -19.76 45.96
C TYR B 2202 -72.75 -18.38 46.37
N LEU B 2203 -72.14 -17.32 45.85
CA LEU B 2203 -72.63 -15.97 46.10
C LEU B 2203 -74.06 -15.81 45.58
N PHE B 2204 -74.32 -16.28 44.37
CA PHE B 2204 -75.66 -16.18 43.81
C PHE B 2204 -76.65 -17.00 44.63
N SER B 2205 -76.22 -18.18 45.10
CA SER B 2205 -77.09 -19.02 45.91
C SER B 2205 -77.44 -18.36 47.23
N ILE B 2206 -76.45 -17.74 47.89
CA ILE B 2206 -76.71 -17.17 49.21
C ILE B 2206 -77.53 -15.89 49.09
N VAL B 2207 -77.33 -15.09 48.05
CA VAL B 2207 -78.18 -13.91 47.88
C VAL B 2207 -79.60 -14.34 47.52
N GLY B 2208 -79.75 -15.41 46.74
CA GLY B 2208 -81.08 -15.95 46.49
C GLY B 2208 -81.75 -16.44 47.76
N PHE B 2209 -80.98 -17.10 48.63
CA PHE B 2209 -81.51 -17.52 49.92
C PHE B 2209 -81.87 -16.32 50.80
N LEU B 2210 -81.18 -15.20 50.61
CA LEU B 2210 -81.48 -14.01 51.39
C LEU B 2210 -82.74 -13.30 50.90
N PHE B 2211 -83.01 -13.34 49.59
CA PHE B 2211 -84.17 -12.67 49.01
C PHE B 2211 -85.20 -13.65 48.47
N LEU B 2212 -84.82 -14.56 47.59
CA LEU B 2212 -85.75 -15.39 46.83
C LEU B 2212 -85.83 -16.81 47.39
N LYS B 2213 -85.78 -16.95 48.71
CA LYS B 2213 -85.84 -18.27 49.33
C LYS B 2213 -87.17 -18.96 49.05
N ASP B 2214 -88.27 -18.24 49.24
CA ASP B 2214 -89.61 -18.82 49.10
C ASP B 2214 -90.11 -18.72 47.66
N ASP B 2215 -89.32 -19.22 46.72
CA ASP B 2215 -89.70 -19.22 45.30
C ASP B 2215 -89.29 -20.48 44.56
N PHE B 2216 -88.69 -21.47 45.23
CA PHE B 2216 -88.26 -22.70 44.60
C PHE B 2216 -89.29 -23.79 44.84
N ILE B 2217 -89.78 -24.40 43.76
CA ILE B 2217 -90.64 -25.58 43.81
C ILE B 2217 -90.02 -26.59 42.87
N LEU B 2218 -89.16 -27.46 43.40
CA LEU B 2218 -88.43 -28.43 42.60
C LEU B 2218 -89.29 -29.67 42.40
N GLU B 2219 -89.58 -29.99 41.14
CA GLU B 2219 -90.35 -31.18 40.80
C GLU B 2219 -89.48 -32.41 41.02
N VAL B 2220 -89.74 -33.11 42.12
CA VAL B 2220 -88.96 -34.29 42.52
C VAL B 2220 -89.91 -35.47 42.60
N ASP B 2221 -89.66 -36.48 41.79
CA ASP B 2221 -90.44 -37.70 41.84
C ASP B 2221 -90.07 -38.52 43.07
N ARG B 2222 -91.03 -39.30 43.55
CA ARG B 2222 -90.85 -40.13 44.74
C ARG B 2222 -90.57 -41.57 44.33
N LEU B 2223 -89.77 -42.25 45.15
CA LEU B 2223 -89.44 -43.64 44.89
C LEU B 2223 -90.61 -44.55 45.25
N PRO B 2224 -90.64 -45.77 44.72
CA PRO B 2224 -91.73 -46.70 45.09
C PRO B 2224 -91.60 -47.14 46.53
N ASN B 2225 -92.58 -46.79 47.35
CA ASN B 2225 -92.57 -47.15 48.76
C ASN B 2225 -92.85 -48.63 48.95
N THR B 2272 -95.18 -33.64 46.50
CA THR B 2272 -94.56 -33.75 45.19
C THR B 2272 -93.35 -32.84 45.07
N GLU B 2273 -93.57 -31.55 45.29
CA GLU B 2273 -92.52 -30.55 45.19
C GLU B 2273 -91.74 -30.44 46.48
N ARG B 2274 -90.48 -30.03 46.37
CA ARG B 2274 -89.60 -29.82 47.51
C ARG B 2274 -89.32 -28.33 47.66
N ALA B 2275 -89.32 -27.87 48.91
CA ALA B 2275 -89.13 -26.45 49.18
C ALA B 2275 -87.66 -26.05 49.08
N CYS B 2276 -86.76 -26.88 49.64
CA CYS B 2276 -85.33 -26.60 49.65
C CYS B 2276 -85.02 -25.29 50.36
N ASP B 2277 -85.81 -24.96 51.40
CA ASP B 2277 -85.57 -23.80 52.23
C ASP B 2277 -84.78 -24.15 53.49
N THR B 2278 -83.98 -25.22 53.43
CA THR B 2278 -83.19 -25.67 54.56
C THR B 2278 -81.89 -24.91 54.64
N LEU B 2279 -80.94 -25.41 55.42
CA LEU B 2279 -79.61 -24.80 55.56
C LEU B 2279 -78.96 -24.58 54.19
N LEU B 2280 -77.97 -23.67 54.16
CA LEU B 2280 -77.41 -23.22 52.89
C LEU B 2280 -76.73 -24.34 52.10
N MET B 2281 -76.38 -25.45 52.74
CA MET B 2281 -75.82 -26.57 52.00
C MET B 2281 -76.82 -27.14 51.00
N CYS B 2282 -78.08 -27.28 51.42
CA CYS B 2282 -79.10 -27.83 50.55
C CYS B 2282 -79.36 -26.93 49.35
N ILE B 2283 -79.45 -25.62 49.59
CA ILE B 2283 -79.76 -24.70 48.49
C ILE B 2283 -78.54 -24.51 47.60
N VAL B 2284 -77.33 -24.63 48.14
CA VAL B 2284 -76.14 -24.60 47.29
C VAL B 2284 -76.10 -25.83 46.39
N THR B 2285 -76.45 -26.99 46.93
CA THR B 2285 -76.52 -28.20 46.11
C THR B 2285 -77.60 -28.07 45.05
N VAL B 2286 -78.73 -27.43 45.40
CA VAL B 2286 -79.78 -27.22 44.41
C VAL B 2286 -79.32 -26.27 43.32
N MET B 2287 -78.54 -25.25 43.69
CA MET B 2287 -78.00 -24.33 42.70
C MET B 2287 -77.04 -25.04 41.76
N ASN B 2288 -76.17 -25.90 42.30
CA ASN B 2288 -75.28 -26.68 41.45
C ASN B 2288 -76.07 -27.66 40.58
N HIS B 2289 -77.20 -28.16 41.08
CA HIS B 2289 -78.05 -29.04 40.29
C HIS B 2289 -78.66 -28.28 39.11
N GLY B 2290 -79.10 -27.04 39.35
CA GLY B 2290 -79.72 -26.26 38.29
C GLY B 2290 -78.75 -25.56 37.36
N LEU B 2291 -77.48 -25.45 37.75
CA LEU B 2291 -76.50 -24.73 36.94
C LEU B 2291 -76.28 -25.42 35.59
N ARG B 2292 -76.38 -26.74 35.54
CA ARG B 2292 -76.02 -27.47 34.33
C ARG B 2292 -77.07 -27.37 33.22
N ASN B 2293 -78.21 -26.72 33.47
CA ASN B 2293 -79.25 -26.66 32.46
C ASN B 2293 -78.86 -25.81 31.25
N GLY B 2294 -77.83 -24.97 31.38
CA GLY B 2294 -77.38 -24.11 30.30
C GLY B 2294 -78.07 -22.76 30.27
N GLY B 2295 -79.39 -22.75 30.47
CA GLY B 2295 -80.14 -21.51 30.49
C GLY B 2295 -80.24 -20.92 31.89
N GLY B 2296 -79.11 -20.85 32.58
CA GLY B 2296 -79.10 -20.31 33.93
C GLY B 2296 -79.87 -21.20 34.90
N VAL B 2297 -80.09 -20.63 36.09
CA VAL B 2297 -80.81 -21.31 37.16
C VAL B 2297 -82.28 -20.93 37.22
N GLY B 2298 -82.74 -20.06 36.32
CA GLY B 2298 -84.14 -19.63 36.34
C GLY B 2298 -85.10 -20.72 35.94
N ASP B 2299 -84.64 -21.73 35.21
CA ASP B 2299 -85.54 -22.81 34.80
C ASP B 2299 -86.00 -23.64 35.98
N ILE B 2300 -85.17 -23.77 37.01
CA ILE B 2300 -85.58 -24.53 38.19
C ILE B 2300 -86.65 -23.79 38.97
N LEU B 2301 -86.58 -22.46 39.00
CA LEU B 2301 -87.56 -21.66 39.72
C LEU B 2301 -88.84 -21.53 38.92
N ARG B 2302 -89.95 -21.33 39.63
CA ARG B 2302 -91.25 -21.20 38.99
C ARG B 2302 -91.32 -19.92 38.16
N LYS B 2303 -92.18 -19.93 37.14
CA LYS B 2303 -92.36 -18.77 36.28
C LYS B 2303 -93.44 -17.88 36.88
N PRO B 2304 -93.17 -16.57 37.12
CA PRO B 2304 -94.21 -15.73 37.74
C PRO B 2304 -95.15 -15.11 36.72
N SER B 2305 -96.12 -14.34 37.20
CA SER B 2305 -97.08 -13.67 36.35
C SER B 2305 -96.52 -12.34 35.85
N LYS B 2306 -97.29 -11.66 35.01
CA LYS B 2306 -96.88 -10.37 34.46
C LYS B 2306 -97.00 -9.24 35.47
N ASP B 2307 -97.89 -9.37 36.45
CA ASP B 2307 -98.13 -8.33 37.46
C ASP B 2307 -97.78 -8.84 38.86
N GLU B 2308 -96.69 -9.58 38.97
CA GLU B 2308 -96.24 -10.09 40.25
C GLU B 2308 -95.54 -8.98 41.03
N SER B 2309 -95.03 -9.33 42.21
CA SER B 2309 -94.41 -8.34 43.09
C SER B 2309 -92.97 -8.07 42.68
N LEU B 2310 -92.11 -9.09 42.72
CA LEU B 2310 -90.68 -8.96 42.46
C LEU B 2310 -90.29 -9.52 41.10
N PHE B 2311 -91.20 -9.40 40.10
CA PHE B 2311 -90.91 -9.96 38.79
C PHE B 2311 -89.79 -9.20 38.07
N PRO B 2312 -89.75 -7.86 38.05
CA PRO B 2312 -88.58 -7.18 37.47
C PRO B 2312 -87.28 -7.53 38.16
N ALA B 2313 -87.27 -7.55 39.49
CA ALA B 2313 -86.08 -7.95 40.23
C ALA B 2313 -85.69 -9.38 39.89
N ARG B 2314 -86.67 -10.27 39.77
CA ARG B 2314 -86.37 -11.66 39.45
C ARG B 2314 -85.74 -11.80 38.07
N VAL B 2315 -86.29 -11.10 37.06
CA VAL B 2315 -85.77 -11.27 35.71
C VAL B 2315 -84.41 -10.61 35.57
N VAL B 2316 -84.18 -9.46 36.23
CA VAL B 2316 -82.85 -8.87 36.13
C VAL B 2316 -81.83 -9.74 36.87
N TYR B 2317 -82.24 -10.36 37.98
CA TYR B 2317 -81.34 -11.28 38.68
C TYR B 2317 -80.99 -12.47 37.82
N ASP B 2318 -81.97 -13.02 37.10
CA ASP B 2318 -81.72 -14.14 36.21
C ASP B 2318 -80.77 -13.74 35.08
N LEU B 2319 -81.00 -12.57 34.48
CA LEU B 2319 -80.13 -12.11 33.39
C LEU B 2319 -78.72 -11.86 33.87
N LEU B 2320 -78.57 -11.33 35.08
CA LEU B 2320 -77.23 -11.11 35.63
C LEU B 2320 -76.54 -12.43 35.92
N PHE B 2321 -77.27 -13.39 36.48
CA PHE B 2321 -76.70 -14.72 36.69
C PHE B 2321 -76.26 -15.34 35.38
N PHE B 2322 -77.04 -15.14 34.31
CA PHE B 2322 -76.64 -15.63 33.01
C PHE B 2322 -75.35 -14.97 32.53
N PHE B 2323 -75.34 -13.64 32.44
CA PHE B 2323 -74.19 -12.94 31.89
C PHE B 2323 -72.98 -12.98 32.81
N ILE B 2324 -73.09 -13.50 34.03
CA ILE B 2324 -71.96 -13.60 34.94
C ILE B 2324 -71.59 -15.04 35.32
N VAL B 2325 -72.36 -16.04 34.92
CA VAL B 2325 -72.18 -17.39 35.46
C VAL B 2325 -72.10 -18.48 34.39
N ILE B 2326 -72.57 -18.24 33.16
CA ILE B 2326 -72.55 -19.26 32.11
C ILE B 2326 -71.85 -18.73 30.86
N ILE B 2327 -71.57 -17.42 30.80
CA ILE B 2327 -70.87 -16.82 29.67
C ILE B 2327 -69.50 -16.36 30.11
N ILE B 2328 -69.43 -15.45 31.08
CA ILE B 2328 -68.14 -14.90 31.49
C ILE B 2328 -67.40 -15.86 32.42
N VAL B 2329 -68.12 -16.76 33.10
CA VAL B 2329 -67.49 -17.60 34.12
C VAL B 2329 -66.84 -18.82 33.49
N LEU B 2330 -67.58 -19.57 32.67
CA LEU B 2330 -67.09 -20.84 32.14
C LEU B 2330 -66.23 -20.69 30.91
N ASN B 2331 -66.54 -19.72 30.05
CA ASN B 2331 -65.73 -19.53 28.84
C ASN B 2331 -64.30 -19.11 29.16
N LEU B 2332 -64.04 -18.63 30.37
CA LEU B 2332 -62.66 -18.39 30.79
C LEU B 2332 -61.86 -19.68 30.82
N ILE B 2333 -62.47 -20.77 31.30
CA ILE B 2333 -61.79 -22.06 31.30
C ILE B 2333 -61.51 -22.51 29.88
N PHE B 2334 -62.50 -22.35 28.99
CA PHE B 2334 -62.31 -22.63 27.58
C PHE B 2334 -61.17 -21.80 27.00
N GLY B 2335 -61.04 -20.56 27.46
CA GLY B 2335 -59.98 -19.70 26.96
C GLY B 2335 -58.61 -20.16 27.41
N VAL B 2336 -58.47 -20.52 28.68
CA VAL B 2336 -57.20 -21.08 29.16
C VAL B 2336 -56.87 -22.36 28.40
N ILE B 2337 -57.90 -23.16 28.09
CA ILE B 2337 -57.69 -24.41 27.37
C ILE B 2337 -57.16 -24.13 25.97
N ILE B 2338 -57.78 -23.19 25.26
CA ILE B 2338 -57.33 -22.85 23.92
C ILE B 2338 -55.93 -22.24 23.97
N ASP B 2339 -55.67 -21.44 24.99
CA ASP B 2339 -54.37 -20.79 25.11
C ASP B 2339 -53.26 -21.82 25.31
N THR B 2340 -53.51 -22.83 26.16
CA THR B 2340 -52.48 -23.85 26.37
C THR B 2340 -52.39 -24.79 25.17
N PHE B 2341 -53.48 -24.98 24.42
CA PHE B 2341 -53.38 -25.70 23.16
C PHE B 2341 -52.42 -25.00 22.21
N ALA B 2342 -52.64 -23.71 21.99
CA ALA B 2342 -51.73 -22.93 21.15
C ALA B 2342 -50.32 -22.90 21.74
N ASP B 2343 -50.21 -22.92 23.06
CA ASP B 2343 -48.90 -22.97 23.71
C ASP B 2343 -48.14 -24.21 23.32
N LEU B 2344 -48.77 -25.37 23.55
CA LEU B 2344 -48.18 -26.65 23.17
C LEU B 2344 -47.83 -26.67 21.70
N ARG B 2345 -48.71 -26.14 20.84
CA ARG B 2345 -48.45 -26.14 19.41
C ARG B 2345 -47.22 -25.32 19.07
N SER B 2346 -47.17 -24.08 19.56
CA SER B 2346 -46.07 -23.18 19.23
C SER B 2346 -44.76 -23.72 19.76
N GLU B 2347 -44.78 -24.33 20.96
CA GLU B 2347 -43.57 -24.93 21.49
C GLU B 2347 -43.09 -26.08 20.62
N LYS B 2348 -44.02 -26.93 20.17
CA LYS B 2348 -43.65 -28.03 19.28
C LYS B 2348 -43.05 -27.50 17.98
N GLN B 2349 -43.68 -26.47 17.40
CA GLN B 2349 -43.21 -25.95 16.12
C GLN B 2349 -41.83 -25.30 16.26
N LYS B 2350 -41.63 -24.55 17.34
CA LYS B 2350 -40.32 -23.92 17.57
C LYS B 2350 -39.24 -24.96 17.81
N LYS B 2351 -39.57 -26.01 18.56
CA LYS B 2351 -38.59 -27.08 18.80
C LYS B 2351 -38.25 -27.79 17.49
N GLU B 2352 -39.24 -28.03 16.64
CA GLU B 2352 -38.99 -28.65 15.35
C GLU B 2352 -38.09 -27.78 14.49
N GLU B 2353 -38.38 -26.47 14.44
CA GLU B 2353 -37.57 -25.57 13.63
C GLU B 2353 -36.15 -25.47 14.16
N ILE B 2354 -35.97 -25.53 15.48
CA ILE B 2354 -34.63 -25.47 16.05
C ILE B 2354 -33.88 -26.77 15.79
N LEU B 2355 -34.59 -27.90 15.78
CA LEU B 2355 -33.95 -29.19 15.53
C LEU B 2355 -33.62 -29.39 14.06
N LYS B 2356 -34.36 -28.73 13.16
CA LYS B 2356 -34.14 -28.92 11.73
C LYS B 2356 -33.00 -28.05 11.22
N THR B 2357 -32.85 -26.84 11.76
CA THR B 2357 -31.91 -25.84 11.28
C THR B 2357 -30.83 -25.54 12.31
N THR B 2358 -30.30 -26.59 12.93
CA THR B 2358 -29.21 -26.44 13.89
C THR B 2358 -28.36 -27.70 13.86
N CYS B 2359 -27.04 -27.53 13.86
CA CYS B 2359 -26.12 -28.65 13.78
C CYS B 2359 -25.97 -29.41 15.10
N PHE B 2360 -26.70 -29.01 16.15
CA PHE B 2360 -26.78 -29.68 17.44
C PHE B 2360 -25.55 -29.46 18.32
N ILE B 2361 -24.48 -28.83 17.81
CA ILE B 2361 -23.28 -28.57 18.59
C ILE B 2361 -22.91 -27.10 18.49
N CYS B 2362 -22.70 -26.62 17.26
CA CYS B 2362 -22.19 -25.26 17.06
C CYS B 2362 -23.31 -24.23 17.13
N GLY B 2363 -24.52 -24.58 16.72
CA GLY B 2363 -25.63 -23.66 16.77
C GLY B 2363 -25.69 -22.71 15.60
N LEU B 2364 -25.35 -23.17 14.41
CA LEU B 2364 -25.38 -22.36 13.20
C LEU B 2364 -26.67 -22.61 12.42
N GLU B 2365 -27.02 -21.64 11.57
CA GLU B 2365 -28.18 -21.74 10.71
C GLU B 2365 -27.77 -22.34 9.37
N ARG B 2366 -28.69 -22.32 8.40
CA ARG B 2366 -28.44 -22.86 7.07
C ARG B 2366 -28.00 -21.81 6.07
N ASP B 2367 -28.22 -20.52 6.35
CA ASP B 2367 -27.88 -19.47 5.39
C ASP B 2367 -26.37 -19.33 5.21
N LYS B 2368 -25.57 -19.77 6.16
CA LYS B 2368 -24.13 -19.61 6.09
C LYS B 2368 -23.44 -20.68 5.24
N PHE B 2369 -24.17 -21.68 4.75
CA PHE B 2369 -23.64 -22.70 3.85
C PHE B 2369 -24.36 -22.54 2.51
N ASP B 2370 -23.80 -21.71 1.64
CA ASP B 2370 -24.33 -21.46 0.30
C ASP B 2370 -23.34 -21.84 -0.79
N ASN B 2371 -22.06 -21.45 -0.64
CA ASN B 2371 -21.03 -21.78 -1.62
C ASN B 2371 -19.70 -22.13 -0.97
N LYS B 2372 -19.71 -22.59 0.28
CA LYS B 2372 -18.50 -22.93 1.01
C LYS B 2372 -18.02 -24.36 0.71
N THR B 2373 -18.61 -25.04 -0.27
CA THR B 2373 -18.21 -26.40 -0.63
C THR B 2373 -18.41 -27.39 0.51
N VAL B 2374 -19.35 -27.09 1.41
CA VAL B 2374 -19.69 -27.99 2.51
C VAL B 2374 -21.18 -27.87 2.79
N SER B 2375 -21.93 -28.94 2.54
CA SER B 2375 -23.37 -28.91 2.72
C SER B 2375 -23.74 -29.07 4.19
N PHE B 2376 -24.95 -28.61 4.52
CA PHE B 2376 -25.44 -28.76 5.89
C PHE B 2376 -25.69 -30.21 6.24
N GLU B 2377 -26.05 -31.04 5.25
CA GLU B 2377 -26.27 -32.46 5.52
C GLU B 2377 -24.95 -33.17 5.83
N GLU B 2378 -23.88 -32.83 5.09
CA GLU B 2378 -22.59 -33.44 5.34
C GLU B 2378 -21.94 -32.89 6.60
N HIS B 2379 -22.23 -31.63 6.95
CA HIS B 2379 -21.64 -31.04 8.14
C HIS B 2379 -22.18 -31.66 9.42
N ILE B 2380 -23.44 -32.09 9.40
CA ILE B 2380 -24.08 -32.69 10.57
C ILE B 2380 -23.98 -34.21 10.57
N LYS B 2381 -23.12 -34.79 9.72
CA LYS B 2381 -22.94 -36.23 9.64
C LYS B 2381 -21.50 -36.69 9.54
N LEU B 2382 -20.54 -35.80 9.26
CA LEU B 2382 -19.14 -36.15 9.11
C LEU B 2382 -18.22 -35.38 10.03
N GLU B 2383 -18.49 -34.09 10.25
CA GLU B 2383 -17.64 -33.22 11.06
C GLU B 2383 -18.20 -32.93 12.44
N HIS B 2384 -19.50 -32.71 12.56
CA HIS B 2384 -20.16 -32.34 13.81
C HIS B 2384 -21.21 -33.38 14.20
N ASN B 2385 -20.85 -34.66 14.08
CA ASN B 2385 -21.74 -35.71 14.53
C ASN B 2385 -21.81 -35.73 16.04
N MET B 2386 -23.03 -35.84 16.57
CA MET B 2386 -23.22 -35.75 18.02
C MET B 2386 -22.57 -36.93 18.74
N TRP B 2387 -22.67 -38.13 18.17
CA TRP B 2387 -22.17 -39.32 18.83
C TRP B 2387 -20.64 -39.43 18.79
N ASN B 2388 -19.99 -38.69 17.90
CA ASN B 2388 -18.53 -38.74 17.85
C ASN B 2388 -17.92 -38.18 19.13
N TYR B 2389 -18.53 -37.14 19.69
CA TYR B 2389 -18.02 -36.59 20.95
C TYR B 2389 -18.29 -37.53 22.12
N LEU B 2390 -19.41 -38.27 22.07
CA LEU B 2390 -19.63 -39.32 23.06
C LEU B 2390 -18.56 -40.39 22.96
N TYR B 2391 -18.22 -40.80 21.74
CA TYR B 2391 -17.14 -41.78 21.56
C TYR B 2391 -15.81 -41.24 22.07
N PHE B 2392 -15.57 -39.94 21.86
CA PHE B 2392 -14.33 -39.34 22.33
C PHE B 2392 -14.27 -39.33 23.86
N ILE B 2393 -15.39 -38.99 24.50
CA ILE B 2393 -15.44 -39.02 25.96
C ILE B 2393 -15.24 -40.43 26.48
N VAL B 2394 -15.82 -41.42 25.79
CA VAL B 2394 -15.66 -42.81 26.20
C VAL B 2394 -14.21 -43.24 26.07
N LEU B 2395 -13.54 -42.83 24.99
CA LEU B 2395 -12.13 -43.16 24.81
C LEU B 2395 -11.27 -42.48 25.87
N VAL B 2396 -11.61 -41.25 26.23
CA VAL B 2396 -10.87 -40.55 27.26
C VAL B 2396 -11.05 -41.24 28.61
N ARG B 2397 -12.24 -41.77 28.87
CA ARG B 2397 -12.50 -42.46 30.13
C ARG B 2397 -11.97 -43.89 30.14
N VAL B 2398 -11.65 -44.46 28.98
CA VAL B 2398 -11.24 -45.85 28.87
C VAL B 2398 -9.71 -45.98 28.81
N LYS B 2399 -9.05 -45.08 28.08
CA LYS B 2399 -7.62 -45.21 27.86
C LYS B 2399 -6.84 -44.98 29.15
N ASN B 2400 -5.55 -45.31 29.10
CA ASN B 2400 -4.68 -45.16 30.25
C ASN B 2400 -4.33 -43.69 30.47
N LYS B 2401 -3.75 -43.40 31.62
CA LYS B 2401 -3.50 -42.02 32.04
C LYS B 2401 -2.21 -41.45 31.49
N THR B 2402 -1.17 -42.29 31.37
CA THR B 2402 0.16 -41.78 31.03
C THR B 2402 0.35 -41.55 29.53
N ASP B 2403 -0.43 -42.21 28.68
CA ASP B 2403 -0.23 -42.17 27.23
C ASP B 2403 -1.55 -41.95 26.51
N TYR B 2404 -2.33 -40.97 26.96
CA TYR B 2404 -3.60 -40.68 26.31
C TYR B 2404 -3.40 -40.24 24.86
N THR B 2405 -2.87 -39.04 24.68
CA THR B 2405 -2.61 -38.47 23.37
C THR B 2405 -1.95 -37.10 23.55
N GLY B 2406 -1.77 -36.36 22.46
CA GLY B 2406 -1.29 -35.00 22.56
C GLY B 2406 -2.31 -34.10 23.24
N PRO B 2407 -3.45 -33.88 22.60
CA PRO B 2407 -4.50 -33.05 23.20
C PRO B 2407 -5.50 -33.79 24.08
N GLU B 2408 -5.42 -35.12 24.14
CA GLU B 2408 -6.32 -35.87 24.99
C GLU B 2408 -6.02 -35.61 26.47
N SER B 2409 -4.75 -35.39 26.81
CA SER B 2409 -4.43 -34.98 28.17
C SER B 2409 -5.08 -33.63 28.49
N TYR B 2410 -5.09 -32.72 27.52
CA TYR B 2410 -5.70 -31.42 27.73
C TYR B 2410 -7.21 -31.54 27.94
N VAL B 2411 -7.89 -32.29 27.07
CA VAL B 2411 -9.34 -32.40 27.22
C VAL B 2411 -9.69 -33.21 28.46
N ALA B 2412 -8.82 -34.12 28.91
CA ALA B 2412 -9.06 -34.82 30.16
C ALA B 2412 -8.93 -33.88 31.35
N GLN B 2413 -7.90 -33.03 31.35
CA GLN B 2413 -7.76 -32.04 32.41
C GLN B 2413 -8.93 -31.07 32.40
N MET B 2414 -9.48 -30.77 31.23
CA MET B 2414 -10.64 -29.88 31.16
C MET B 2414 -11.90 -30.58 31.64
N ILE B 2415 -12.02 -31.88 31.41
CA ILE B 2415 -13.20 -32.60 31.84
C ILE B 2415 -13.22 -32.81 33.36
N LYS B 2416 -12.06 -32.83 34.00
CA LYS B 2416 -11.99 -33.01 35.44
C LYS B 2416 -12.45 -31.77 36.20
N ASN B 2417 -12.37 -30.58 35.59
CA ASN B 2417 -12.78 -29.34 36.24
C ASN B 2417 -14.22 -28.96 35.92
N LYS B 2418 -14.93 -29.74 35.11
CA LYS B 2418 -16.32 -29.47 34.77
C LYS B 2418 -16.47 -28.11 34.09
N ASN B 2419 -15.76 -27.95 32.97
CA ASN B 2419 -15.78 -26.73 32.17
C ASN B 2419 -16.05 -27.11 30.73
N LEU B 2420 -17.25 -26.80 30.25
CA LEU B 2420 -17.66 -27.14 28.88
C LEU B 2420 -17.33 -25.99 27.92
N ASP B 2421 -16.06 -25.61 27.92
CA ASP B 2421 -15.55 -24.56 27.05
C ASP B 2421 -14.83 -25.10 25.82
N TRP B 2422 -14.54 -26.40 25.77
CA TRP B 2422 -13.76 -26.97 24.68
C TRP B 2422 -14.60 -27.38 23.49
N PHE B 2423 -15.93 -27.23 23.54
CA PHE B 2423 -16.74 -27.44 22.36
C PHE B 2423 -16.64 -26.24 21.42
N PRO B 2424 -16.87 -26.43 20.12
CA PRO B 2424 -16.95 -25.28 19.22
C PRO B 2424 -18.31 -24.60 19.30
N ARG B 2425 -18.29 -23.27 19.24
CA ARG B 2425 -19.50 -22.45 19.36
C ARG B 2425 -19.52 -21.43 18.24
N MET B 2426 -20.51 -21.54 17.35
CA MET B 2426 -20.77 -20.56 16.30
C MET B 2426 -19.63 -20.46 15.28
N ARG B 2427 -18.78 -21.48 15.20
CA ARG B 2427 -17.75 -21.51 14.16
C ARG B 2427 -17.21 -22.93 14.08
N ALA B 2428 -16.63 -23.24 12.92
CA ALA B 2428 -16.09 -24.58 12.68
C ALA B 2428 -15.16 -24.53 11.48
N MET B 2429 -14.52 -25.65 11.20
CA MET B 2429 -13.65 -25.77 10.05
C MET B 2429 -14.47 -25.73 8.77
N SER B 2430 -13.82 -25.36 7.67
CA SER B 2430 -14.44 -25.26 6.36
C SER B 2430 -15.56 -24.21 6.33
N LEU B 2431 -15.49 -23.22 7.22
CA LEU B 2431 -16.43 -22.11 7.26
C LEU B 2431 -15.77 -20.75 7.17
N VAL B 2432 -14.46 -20.65 7.45
CA VAL B 2432 -13.74 -19.39 7.39
C VAL B 2432 -13.20 -19.18 5.98
N UNK B 2433 5.49 -6.55 3.79
CA UNK B 2433 6.39 -7.03 2.74
C UNK B 2433 6.98 -5.86 1.96
N UNK B 2434 6.11 -4.97 1.49
CA UNK B 2434 6.58 -3.79 0.75
C UNK B 2434 7.40 -2.86 1.64
N UNK B 2435 7.12 -2.84 2.93
CA UNK B 2435 7.89 -2.00 3.85
C UNK B 2435 9.34 -2.46 3.92
N UNK B 2436 9.58 -3.78 3.86
CA UNK B 2436 10.95 -4.28 3.86
C UNK B 2436 11.70 -3.87 2.60
N UNK B 2437 11.03 -3.93 1.45
CA UNK B 2437 11.64 -3.48 0.21
C UNK B 2437 11.94 -1.98 0.27
N UNK B 2438 11.02 -1.20 0.85
CA UNK B 2438 11.27 0.23 1.00
C UNK B 2438 12.45 0.50 1.92
N UNK B 2439 12.59 -0.29 2.99
CA UNK B 2439 13.72 -0.12 3.89
C UNK B 2439 15.03 -0.48 3.22
N UNK B 2440 15.05 -1.54 2.42
CA UNK B 2440 16.24 -1.89 1.66
C UNK B 2440 16.60 -0.79 0.67
N UNK B 2441 15.59 -0.25 -0.02
CA UNK B 2441 15.83 0.86 -0.94
C UNK B 2441 16.37 2.08 -0.20
N UNK B 2442 15.87 2.32 1.02
CA UNK B 2442 16.36 3.46 1.80
C UNK B 2442 17.80 3.25 2.24
N UNK B 2443 18.18 2.01 2.57
CA UNK B 2443 19.57 1.73 2.92
C UNK B 2443 20.48 1.94 1.71
N UNK B 2444 20.05 1.44 0.54
CA UNK B 2444 20.83 1.66 -0.68
C UNK B 2444 20.95 3.15 -0.99
N UNK B 2445 19.87 3.90 -0.76
CA UNK B 2445 19.91 5.34 -0.99
C UNK B 2445 20.80 6.05 0.03
N UNK B 2446 20.87 5.52 1.25
CA UNK B 2446 21.78 6.07 2.24
C UNK B 2446 23.23 5.92 1.78
N UNK B 2447 23.58 4.72 1.32
CA UNK B 2447 24.93 4.52 0.79
C UNK B 2447 25.17 5.39 -0.44
N UNK B 2448 24.15 5.54 -1.29
CA UNK B 2448 24.29 6.37 -2.48
C UNK B 2448 24.53 7.83 -2.12
N UNK B 2449 23.81 8.35 -1.14
CA UNK B 2449 23.99 9.73 -0.71
C UNK B 2449 25.34 9.92 -0.01
N UNK B 2450 25.79 8.90 0.73
CA UNK B 2450 27.12 8.96 1.32
C UNK B 2450 28.19 9.03 0.24
N UNK B 2451 28.01 8.29 -0.86
CA UNK B 2451 28.95 8.37 -1.96
C UNK B 2451 28.84 9.69 -2.71
N UNK B 2452 27.63 10.27 -2.77
CA UNK B 2452 27.43 11.53 -3.47
C UNK B 2452 27.97 12.71 -2.67
N UNK B 2453 28.00 12.60 -1.35
CA UNK B 2453 28.49 13.70 -0.50
C UNK B 2453 30.00 13.86 -0.67
N SER C 2 45.48 -10.09 -3.25
CA SER C 2 45.23 -11.24 -2.40
C SER C 2 43.76 -11.33 -2.04
N SER C 3 43.23 -12.55 -2.03
CA SER C 3 41.84 -12.81 -1.70
C SER C 3 41.73 -14.12 -0.93
N PHE C 4 40.55 -14.39 -0.40
CA PHE C 4 40.30 -15.62 0.33
C PHE C 4 40.12 -16.78 -0.64
N LEU C 5 40.56 -17.96 -0.21
CA LEU C 5 40.41 -19.17 -1.00
C LEU C 5 38.98 -19.70 -0.88
N HIS C 6 38.36 -19.98 -2.02
CA HIS C 6 37.00 -20.48 -2.08
C HIS C 6 37.01 -21.95 -2.53
N ILE C 7 35.85 -22.58 -2.41
CA ILE C 7 35.68 -23.96 -2.82
C ILE C 7 35.36 -23.99 -4.31
N GLY C 8 36.02 -24.88 -5.05
CA GLY C 8 35.83 -25.00 -6.48
C GLY C 8 36.77 -24.18 -7.32
N ASP C 9 37.89 -23.70 -6.75
CA ASP C 9 38.86 -22.91 -7.49
C ASP C 9 39.98 -23.79 -8.02
N ILE C 10 40.62 -23.31 -9.08
CA ILE C 10 41.74 -23.99 -9.72
C ILE C 10 43.02 -23.35 -9.20
N VAL C 11 43.76 -24.09 -8.38
CA VAL C 11 44.95 -23.59 -7.72
C VAL C 11 46.14 -24.49 -8.06
N SER C 12 47.29 -24.18 -7.47
CA SER C 12 48.50 -24.98 -7.62
C SER C 12 49.18 -25.10 -6.27
N LEU C 13 50.11 -26.05 -6.18
CA LEU C 13 50.87 -26.30 -4.96
C LEU C 13 52.36 -26.24 -5.28
N TYR C 14 53.12 -25.73 -4.32
CA TYR C 14 54.57 -25.51 -4.47
C TYR C 14 55.24 -25.97 -3.18
N ALA C 15 55.85 -27.14 -3.21
CA ALA C 15 56.56 -27.64 -2.04
C ALA C 15 57.84 -26.84 -1.82
N GLU C 16 58.12 -26.52 -0.55
CA GLU C 16 59.31 -25.79 -0.15
C GLU C 16 59.84 -26.44 1.12
N GLY C 17 60.74 -27.41 0.95
CA GLY C 17 61.35 -28.10 2.06
C GLY C 17 62.80 -28.46 1.78
N SER C 18 63.17 -29.72 2.01
CA SER C 18 64.51 -30.17 1.63
C SER C 18 64.70 -30.07 0.12
N VAL C 19 63.64 -30.28 -0.65
CA VAL C 19 63.60 -30.05 -2.08
C VAL C 19 62.44 -29.12 -2.37
N ASN C 20 62.63 -28.24 -3.36
CA ASN C 20 61.68 -27.19 -3.68
C ASN C 20 61.19 -27.33 -5.11
N GLY C 21 59.92 -26.96 -5.32
CA GLY C 21 59.35 -26.96 -6.65
C GLY C 21 57.88 -27.34 -6.68
N PHE C 22 57.28 -27.30 -7.87
CA PHE C 22 55.90 -27.71 -8.04
C PHE C 22 55.80 -29.24 -8.03
N ILE C 23 54.56 -29.73 -8.01
CA ILE C 23 54.27 -31.16 -8.05
C ILE C 23 53.58 -31.48 -9.37
N SER C 24 53.74 -32.73 -9.81
CA SER C 24 53.17 -33.18 -11.07
C SER C 24 52.93 -34.68 -10.97
N THR C 25 52.36 -35.24 -12.05
CA THR C 25 52.03 -36.65 -12.12
C THR C 25 52.41 -37.19 -13.48
N LEU C 26 53.01 -38.38 -13.50
CA LEU C 26 53.22 -39.08 -14.75
C LEU C 26 51.86 -39.42 -15.37
N GLY C 27 51.73 -39.20 -16.66
CA GLY C 27 50.42 -39.12 -17.27
C GLY C 27 49.61 -40.40 -17.32
N LEU C 28 48.62 -40.48 -16.45
CA LEU C 28 47.43 -41.32 -16.60
C LEU C 28 47.72 -42.82 -16.62
N VAL C 29 48.95 -43.25 -16.33
CA VAL C 29 49.27 -44.67 -16.22
C VAL C 29 49.94 -44.96 -14.88
N ASP C 30 50.61 -43.97 -14.32
CA ASP C 30 51.22 -44.07 -13.00
C ASP C 30 50.28 -43.47 -11.96
N ASP C 31 50.70 -43.54 -10.69
CA ASP C 31 49.95 -42.98 -9.58
C ASP C 31 50.80 -42.17 -8.62
N ARG C 32 52.12 -42.16 -8.77
CA ARG C 32 52.98 -41.44 -7.85
C ARG C 32 53.06 -39.96 -8.20
N CYS C 33 53.09 -39.12 -7.18
CA CYS C 33 53.26 -37.69 -7.34
C CYS C 33 54.76 -37.37 -7.28
N VAL C 34 55.21 -36.51 -8.19
CA VAL C 34 56.63 -36.23 -8.38
C VAL C 34 56.88 -34.74 -8.16
N VAL C 35 58.01 -34.42 -7.55
CA VAL C 35 58.46 -33.04 -7.35
C VAL C 35 59.73 -32.85 -8.16
N GLU C 36 59.66 -31.97 -9.17
CA GLU C 36 60.77 -31.74 -10.09
C GLU C 36 61.54 -30.50 -9.64
N PRO C 37 62.76 -30.63 -9.09
CA PRO C 37 63.49 -29.42 -8.71
C PRO C 37 64.05 -28.64 -9.89
N ALA C 38 64.44 -29.33 -10.96
CA ALA C 38 65.03 -28.68 -12.13
C ALA C 38 63.97 -28.17 -13.11
N ALA C 39 62.70 -28.12 -12.71
CA ALA C 39 61.65 -27.66 -13.62
C ALA C 39 61.55 -26.13 -13.62
N GLY C 40 61.29 -25.55 -12.46
CA GLY C 40 61.15 -24.10 -12.36
C GLY C 40 60.73 -23.64 -10.99
N ASP C 41 61.13 -22.44 -10.61
CA ASP C 41 60.80 -21.87 -9.31
C ASP C 41 59.51 -21.07 -9.41
N LEU C 42 59.17 -20.35 -8.34
CA LEU C 42 57.95 -19.56 -8.35
C LEU C 42 58.04 -18.38 -9.31
N ASP C 43 59.25 -17.87 -9.56
CA ASP C 43 59.42 -16.76 -10.48
C ASP C 43 59.24 -17.22 -11.92
N ASN C 44 60.07 -18.14 -12.38
CA ASN C 44 60.00 -18.68 -13.72
C ASN C 44 59.19 -19.97 -13.69
N PRO C 45 57.94 -20.01 -14.19
CA PRO C 45 57.18 -21.25 -14.11
C PRO C 45 57.72 -22.27 -15.10
N PRO C 46 57.48 -23.56 -14.87
CA PRO C 46 58.02 -24.58 -15.77
C PRO C 46 57.12 -24.80 -16.98
N LYS C 47 57.71 -25.44 -17.99
CA LYS C 47 56.96 -25.83 -19.16
C LYS C 47 56.01 -26.99 -18.81
N LYS C 48 55.00 -27.17 -19.65
CA LYS C 48 53.95 -28.17 -19.42
C LYS C 48 53.28 -27.92 -18.07
N PHE C 49 52.93 -26.66 -17.83
CA PHE C 49 52.34 -26.25 -16.57
C PHE C 49 50.94 -26.82 -16.36
N ARG C 50 50.27 -27.26 -17.43
CA ARG C 50 48.88 -27.71 -17.32
C ARG C 50 48.73 -28.92 -16.41
N ASP C 51 49.79 -29.71 -16.23
CA ASP C 51 49.73 -30.86 -15.34
C ASP C 51 49.86 -30.49 -13.87
N CYS C 52 50.26 -29.27 -13.54
CA CYS C 52 50.54 -28.86 -12.17
C CYS C 52 49.34 -28.18 -11.51
N LEU C 53 48.14 -28.33 -12.06
CA LEU C 53 46.95 -27.70 -11.50
C LEU C 53 46.25 -28.67 -10.54
N PHE C 54 45.37 -28.11 -9.72
CA PHE C 54 44.57 -28.89 -8.79
C PHE C 54 43.30 -28.13 -8.47
N LYS C 55 42.32 -28.86 -7.94
CA LYS C 55 41.03 -28.29 -7.54
C LYS C 55 40.72 -28.76 -6.13
N VAL C 56 40.33 -27.82 -5.28
CA VAL C 56 39.84 -28.15 -3.94
C VAL C 56 38.41 -28.63 -4.04
N CYS C 57 38.08 -29.66 -3.26
CA CYS C 57 36.76 -30.28 -3.26
C CYS C 57 36.30 -30.49 -1.83
N PRO C 58 34.98 -30.45 -1.59
CA PRO C 58 34.49 -30.48 -0.20
C PRO C 58 34.44 -31.88 0.39
N MET C 59 33.89 -32.00 1.60
CA MET C 59 33.73 -33.30 2.23
C MET C 59 32.88 -34.22 1.37
N ASN C 60 33.30 -35.48 1.26
CA ASN C 60 32.59 -36.51 0.54
C ASN C 60 32.23 -37.64 1.50
N ARG C 61 31.43 -38.57 1.01
CA ARG C 61 31.01 -39.75 1.76
C ARG C 61 31.41 -41.01 1.02
N TYR C 62 32.00 -41.96 1.74
CA TYR C 62 32.47 -43.21 1.16
C TYR C 62 32.07 -44.38 2.05
N SER C 63 30.83 -44.36 2.54
CA SER C 63 30.33 -45.44 3.39
C SER C 63 29.81 -46.61 2.54
N ALA C 64 28.92 -46.34 1.60
CA ALA C 64 28.35 -47.39 0.79
C ALA C 64 29.34 -47.91 -0.24
N GLN C 65 30.26 -47.06 -0.72
CA GLN C 65 31.24 -47.49 -1.69
C GLN C 65 32.20 -48.52 -1.09
N LYS C 66 32.62 -48.30 0.15
CA LYS C 66 33.47 -49.28 0.82
C LYS C 66 32.74 -50.60 1.00
N GLN C 67 31.44 -50.55 1.31
CA GLN C 67 30.66 -51.77 1.45
C GLN C 67 30.56 -52.51 0.12
N TYR C 68 30.33 -51.78 -0.97
CA TYR C 68 30.26 -52.40 -2.28
C TYR C 68 31.59 -53.03 -2.66
N TRP C 69 32.70 -52.35 -2.36
CA TRP C 69 34.01 -52.91 -2.68
C TRP C 69 34.32 -54.14 -1.83
N LYS C 70 33.89 -54.12 -0.56
CA LYS C 70 34.10 -55.29 0.28
C LYS C 70 33.25 -56.46 -0.16
N ALA C 71 32.05 -56.19 -0.69
CA ALA C 71 31.21 -57.27 -1.22
C ALA C 71 31.80 -57.82 -2.51
N LYS C 72 32.36 -56.95 -3.36
CA LYS C 72 32.95 -57.41 -4.60
C LYS C 72 34.27 -58.14 -4.37
N GLN C 73 34.97 -57.83 -3.28
CA GLN C 73 36.23 -58.50 -3.00
C GLN C 73 36.00 -59.96 -2.59
N THR C 74 34.98 -60.19 -1.78
CA THR C 74 34.65 -61.56 -1.34
C THR C 74 33.84 -62.28 -2.40
N ALA C 82 20.91 -66.29 -3.14
CA ALA C 82 19.98 -65.22 -2.78
C ALA C 82 20.71 -63.93 -2.39
N ASP C 83 21.96 -63.79 -2.81
CA ASP C 83 22.77 -62.61 -2.53
C ASP C 83 22.75 -61.60 -3.67
N VAL C 84 22.03 -61.87 -4.76
CA VAL C 84 21.99 -60.95 -5.89
C VAL C 84 21.06 -59.77 -5.58
N VAL C 85 19.95 -60.04 -4.89
CA VAL C 85 19.00 -58.96 -4.61
C VAL C 85 19.58 -57.96 -3.62
N LEU C 86 20.27 -58.43 -2.58
CA LEU C 86 20.89 -57.51 -1.65
C LEU C 86 22.04 -56.76 -2.29
N LEU C 87 22.77 -57.40 -3.21
CA LEU C 87 23.84 -56.71 -3.92
C LEU C 87 23.27 -55.61 -4.80
N GLN C 88 22.15 -55.88 -5.48
CA GLN C 88 21.50 -54.86 -6.31
C GLN C 88 21.00 -53.72 -5.45
N LYS C 89 20.42 -54.03 -4.29
CA LYS C 89 19.95 -52.98 -3.39
C LYS C 89 21.11 -52.13 -2.89
N LEU C 90 22.24 -52.78 -2.54
CA LEU C 90 23.40 -52.04 -2.09
C LEU C 90 23.98 -51.17 -3.19
N GLN C 91 23.96 -51.66 -4.43
CA GLN C 91 24.45 -50.86 -5.55
C GLN C 91 23.54 -49.65 -5.79
N HIS C 92 22.22 -49.86 -5.68
CA HIS C 92 21.30 -48.73 -5.82
C HIS C 92 21.53 -47.71 -4.71
N ALA C 93 21.77 -48.18 -3.49
CA ALA C 93 22.05 -47.26 -2.39
C ALA C 93 23.35 -46.50 -2.62
N ALA C 94 24.36 -47.18 -3.19
CA ALA C 94 25.62 -46.52 -3.48
C ALA C 94 25.45 -45.45 -4.56
N GLN C 95 24.66 -45.75 -5.59
CA GLN C 95 24.39 -44.75 -6.62
C GLN C 95 23.61 -43.58 -6.05
N MET C 96 22.66 -43.85 -5.15
CA MET C 96 21.93 -42.77 -4.49
C MET C 96 22.86 -41.91 -3.65
N GLU C 97 23.81 -42.55 -2.96
CA GLU C 97 24.79 -41.78 -2.17
C GLU C 97 25.69 -40.95 -3.07
N GLN C 98 26.04 -41.48 -4.24
CA GLN C 98 26.85 -40.72 -5.19
C GLN C 98 26.08 -39.50 -5.69
N LYS C 99 24.80 -39.67 -6.00
CA LYS C 99 23.99 -38.54 -6.43
C LYS C 99 23.82 -37.52 -5.30
N GLN C 100 23.69 -38.01 -4.07
CA GLN C 100 23.61 -37.11 -2.92
C GLN C 100 24.88 -36.30 -2.76
N ASN C 101 26.04 -36.96 -2.89
CA ASN C 101 27.31 -36.24 -2.83
C ASN C 101 27.44 -35.24 -3.97
N ASP C 102 26.94 -35.59 -5.15
CA ASP C 102 27.00 -34.68 -6.29
C ASP C 102 26.19 -33.42 -6.03
N THR C 103 24.93 -33.58 -5.62
CA THR C 103 24.10 -32.41 -5.35
C THR C 103 24.61 -31.63 -4.15
N GLU C 104 25.24 -32.30 -3.18
CA GLU C 104 25.82 -31.58 -2.06
C GLU C 104 27.01 -30.73 -2.51
N ASN C 105 27.85 -31.27 -3.40
CA ASN C 105 28.94 -30.50 -3.95
C ASN C 105 28.42 -29.33 -4.79
N LYS C 106 27.30 -29.53 -5.47
CA LYS C 106 26.72 -28.45 -6.26
C LYS C 106 26.15 -27.35 -5.37
N LYS C 107 25.57 -27.73 -4.23
CA LYS C 107 24.95 -26.75 -3.34
C LYS C 107 26.00 -26.01 -2.50
N VAL C 108 27.07 -26.70 -2.10
CA VAL C 108 28.08 -26.07 -1.25
C VAL C 108 29.02 -25.17 -2.05
N HIS C 109 29.06 -25.30 -3.36
CA HIS C 109 29.95 -24.49 -4.18
C HIS C 109 29.58 -23.01 -4.06
N GLY C 110 30.55 -22.20 -3.65
CA GLY C 110 30.36 -20.77 -3.48
C GLY C 110 30.58 -20.31 -2.05
N ASP C 111 31.45 -21.01 -1.33
CA ASP C 111 31.76 -20.70 0.07
C ASP C 111 33.26 -20.53 0.21
N VAL C 112 33.67 -20.05 1.39
CA VAL C 112 35.06 -19.79 1.72
C VAL C 112 35.52 -20.87 2.69
N VAL C 113 36.70 -21.43 2.43
CA VAL C 113 37.26 -22.47 3.28
C VAL C 113 38.00 -21.83 4.45
N LYS C 114 38.02 -22.55 5.57
CA LYS C 114 38.69 -22.09 6.80
C LYS C 114 39.66 -23.17 7.27
N TYR C 115 40.55 -22.76 8.17
CA TYR C 115 41.53 -23.69 8.71
C TYR C 115 40.86 -24.73 9.59
N GLY C 116 41.47 -25.91 9.66
CA GLY C 116 40.94 -27.02 10.42
C GLY C 116 39.84 -27.80 9.73
N SER C 117 39.36 -27.33 8.58
CA SER C 117 38.30 -28.02 7.85
C SER C 117 38.92 -29.14 7.02
N VAL C 118 38.12 -29.72 6.12
CA VAL C 118 38.54 -30.81 5.25
C VAL C 118 38.56 -30.30 3.81
N ILE C 119 39.38 -30.94 2.99
CA ILE C 119 39.49 -30.59 1.58
C ILE C 119 40.16 -31.73 0.85
N GLN C 120 39.68 -32.01 -0.36
CA GLN C 120 40.25 -33.04 -1.23
C GLN C 120 40.87 -32.38 -2.45
N LEU C 121 41.94 -32.96 -2.96
CA LEU C 121 42.66 -32.44 -4.11
C LEU C 121 42.32 -33.30 -5.33
N LEU C 122 41.64 -32.69 -6.30
CA LEU C 122 41.29 -33.35 -7.55
C LEU C 122 42.21 -32.84 -8.65
N HIS C 123 42.75 -33.77 -9.45
CA HIS C 123 43.60 -33.39 -10.56
C HIS C 123 42.77 -32.84 -11.71
N MET C 124 43.33 -31.87 -12.43
CA MET C 124 42.66 -31.25 -13.56
C MET C 124 42.85 -32.02 -14.84
N LYS C 125 43.99 -32.71 -15.01
CA LYS C 125 44.27 -33.46 -16.22
C LYS C 125 43.74 -34.89 -16.17
N SER C 126 43.68 -35.49 -14.97
CA SER C 126 43.24 -36.87 -14.81
C SER C 126 41.83 -37.00 -14.24
N ASN C 127 41.33 -35.97 -13.56
CA ASN C 127 40.00 -36.02 -12.94
C ASN C 127 39.93 -37.15 -11.90
N LYS C 128 41.02 -37.31 -11.15
CA LYS C 128 41.12 -38.32 -10.11
C LYS C 128 41.67 -37.68 -8.84
N TYR C 129 41.07 -38.01 -7.71
CA TYR C 129 41.49 -37.44 -6.44
C TYR C 129 42.79 -38.06 -5.97
N LEU C 130 43.45 -37.35 -5.06
CA LEU C 130 44.69 -37.80 -4.44
C LEU C 130 44.40 -38.30 -3.03
N THR C 131 45.07 -39.38 -2.65
CA THR C 131 44.86 -39.95 -1.32
C THR C 131 46.12 -40.69 -0.89
N VAL C 132 46.08 -41.22 0.32
CA VAL C 132 47.17 -42.00 0.90
C VAL C 132 46.65 -43.39 1.24
N ASN C 133 47.55 -44.36 1.22
CA ASN C 133 47.21 -45.76 1.48
C ASN C 133 47.81 -46.16 2.82
N LYS C 134 46.97 -46.24 3.85
CA LYS C 134 47.42 -46.72 5.15
C LYS C 134 47.77 -48.20 5.14
N ARG C 135 47.30 -48.95 4.13
CA ARG C 135 47.54 -50.38 4.02
C ARG C 135 48.60 -50.70 2.97
N LEU C 136 49.59 -49.84 2.81
CA LEU C 136 50.64 -50.06 1.83
C LEU C 136 51.84 -49.17 2.13
N PRO C 137 53.08 -49.71 2.26
CA PRO C 137 54.23 -48.80 2.40
C PRO C 137 54.56 -48.10 1.09
N ALA C 138 55.51 -47.18 1.14
CA ALA C 138 55.92 -46.43 -0.03
C ALA C 138 56.81 -47.30 -0.93
N LEU C 139 57.20 -46.74 -2.07
CA LEU C 139 58.03 -47.45 -3.04
C LEU C 139 59.51 -47.24 -2.78
N LEU C 140 59.95 -45.98 -2.80
CA LEU C 140 61.36 -45.63 -2.59
C LEU C 140 61.69 -45.39 -1.13
N GLU C 141 60.84 -45.80 -0.20
CA GLU C 141 61.10 -45.63 1.23
C GLU C 141 60.34 -46.71 1.98
N LYS C 142 60.98 -47.22 3.04
CA LYS C 142 60.40 -48.27 3.88
C LYS C 142 60.03 -47.75 5.27
N ASN C 143 59.62 -46.49 5.35
CA ASN C 143 59.21 -45.87 6.60
C ASN C 143 57.91 -45.09 6.52
N ALA C 144 57.47 -44.68 5.32
CA ALA C 144 56.24 -43.91 5.13
C ALA C 144 55.29 -44.69 4.24
N MET C 145 54.06 -44.16 4.14
CA MET C 145 53.02 -44.77 3.33
C MET C 145 53.07 -44.20 1.91
N ARG C 146 52.18 -44.68 1.05
CA ARG C 146 52.21 -44.41 -0.38
C ARG C 146 51.04 -43.52 -0.78
N VAL C 147 51.33 -42.47 -1.55
CA VAL C 147 50.29 -41.67 -2.17
C VAL C 147 49.78 -42.36 -3.42
N THR C 148 48.54 -42.04 -3.80
CA THR C 148 47.92 -42.71 -4.93
C THR C 148 46.81 -41.84 -5.50
N LEU C 149 46.63 -41.90 -6.82
CA LEU C 149 45.57 -41.19 -7.52
C LEU C 149 44.44 -42.19 -7.77
N ASP C 150 43.30 -41.95 -7.12
CA ASP C 150 42.12 -42.80 -7.25
C ASP C 150 41.05 -42.07 -8.05
N ALA C 151 40.45 -42.79 -8.99
CA ALA C 151 39.44 -42.17 -9.86
C ALA C 151 38.15 -41.85 -9.09
N THR C 152 37.87 -42.60 -8.03
CA THR C 152 36.65 -42.43 -7.24
C THR C 152 36.90 -41.92 -5.83
N GLY C 153 38.08 -42.20 -5.26
CA GLY C 153 38.42 -41.79 -3.92
C GLY C 153 38.21 -42.90 -2.91
N ASN C 154 38.55 -42.58 -1.67
CA ASN C 154 38.46 -43.53 -0.56
C ASN C 154 38.23 -42.75 0.72
N GLU C 155 38.26 -43.46 1.85
CA GLU C 155 38.07 -42.82 3.14
C GLU C 155 39.30 -42.02 3.57
N GLY C 156 40.48 -42.41 3.09
CA GLY C 156 41.71 -41.74 3.47
C GLY C 156 42.06 -40.55 2.59
N SER C 157 41.09 -40.03 1.84
CA SER C 157 41.30 -38.88 0.99
C SER C 157 41.06 -37.56 1.70
N TRP C 158 40.46 -37.57 2.89
CA TRP C 158 40.19 -36.34 3.62
C TRP C 158 41.48 -35.79 4.21
N LEU C 159 41.72 -34.50 3.98
CA LEU C 159 42.96 -33.84 4.39
C LEU C 159 42.62 -32.62 5.23
N PHE C 160 43.09 -32.61 6.48
CA PHE C 160 43.04 -31.40 7.27
C PHE C 160 44.08 -30.41 6.78
N ILE C 161 43.73 -29.12 6.86
CA ILE C 161 44.60 -28.02 6.46
C ILE C 161 45.03 -27.31 7.73
N GLN C 162 46.33 -27.06 7.85
CA GLN C 162 46.92 -26.40 9.01
C GLN C 162 47.86 -25.28 8.54
N PRO C 163 48.03 -24.22 9.33
CA PRO C 163 49.03 -23.22 8.98
C PRO C 163 50.44 -23.69 9.32
N PHE C 164 51.37 -23.44 8.40
CA PHE C 164 52.77 -23.74 8.67
C PHE C 164 53.35 -22.77 9.68
N TRP C 165 53.06 -21.48 9.53
CA TRP C 165 53.51 -20.47 10.47
C TRP C 165 52.61 -20.46 11.70
N LYS C 166 53.07 -19.73 12.73
CA LYS C 166 52.29 -19.50 13.94
C LYS C 166 51.46 -18.23 13.88
N LEU C 167 51.12 -17.78 12.67
CA LEU C 167 50.38 -16.54 12.50
C LEU C 167 48.89 -16.73 12.77
N ARG C 168 48.30 -17.74 12.15
CA ARG C 168 46.87 -18.01 12.21
C ARG C 168 46.60 -19.30 12.96
N SER C 169 45.34 -19.52 13.30
CA SER C 169 44.89 -20.67 14.06
C SER C 169 43.68 -21.29 13.38
N ASN C 170 43.16 -22.36 13.97
CA ASN C 170 42.00 -23.04 13.40
C ASN C 170 40.77 -22.15 13.46
N GLY C 171 39.97 -22.18 12.39
CA GLY C 171 38.76 -21.41 12.28
C GLY C 171 38.91 -20.13 11.49
N ASP C 172 40.14 -19.62 11.33
CA ASP C 172 40.37 -18.40 10.59
C ASP C 172 40.28 -18.66 9.08
N ASN C 173 40.11 -17.58 8.33
CA ASN C 173 40.02 -17.68 6.88
C ASN C 173 41.39 -17.94 6.28
N VAL C 174 41.42 -18.75 5.22
CA VAL C 174 42.66 -19.13 4.56
C VAL C 174 42.92 -18.13 3.43
N VAL C 175 43.87 -17.22 3.67
CA VAL C 175 44.28 -16.28 2.65
C VAL C 175 45.26 -16.96 1.70
N VAL C 176 45.10 -16.73 0.40
CA VAL C 176 45.98 -17.36 -0.57
C VAL C 176 47.39 -16.79 -0.45
N GLY C 177 48.34 -17.51 -1.03
CA GLY C 177 49.73 -17.07 -1.00
C GLY C 177 50.38 -17.22 0.35
N ASP C 178 50.13 -18.33 1.05
CA ASP C 178 50.70 -18.60 2.35
C ASP C 178 51.16 -20.05 2.41
N LYS C 179 52.02 -20.33 3.38
CA LYS C 179 52.52 -21.69 3.60
C LYS C 179 51.46 -22.51 4.32
N VAL C 180 51.21 -23.72 3.81
CA VAL C 180 50.14 -24.57 4.28
C VAL C 180 50.67 -25.98 4.47
N ILE C 181 50.09 -26.70 5.44
CA ILE C 181 50.39 -28.11 5.69
C ILE C 181 49.10 -28.89 5.48
N LEU C 182 49.15 -29.87 4.59
CA LEU C 182 48.05 -30.80 4.36
C LEU C 182 48.36 -32.11 5.07
N ASN C 183 47.47 -32.54 5.95
CA ASN C 183 47.68 -33.72 6.78
C ASN C 183 46.53 -34.69 6.57
N PRO C 184 46.76 -35.91 6.08
CA PRO C 184 45.65 -36.86 5.98
C PRO C 184 45.18 -37.31 7.36
N VAL C 185 43.87 -37.55 7.47
CA VAL C 185 43.27 -37.90 8.74
C VAL C 185 43.44 -39.37 9.10
N ASN C 186 43.61 -40.24 8.11
CA ASN C 186 43.67 -41.68 8.32
C ASN C 186 45.10 -42.23 8.38
N ALA C 187 46.11 -41.36 8.36
CA ALA C 187 47.51 -41.77 8.44
C ALA C 187 48.24 -41.04 9.56
N GLY C 188 47.91 -39.78 9.78
CA GLY C 188 48.51 -38.98 10.84
C GLY C 188 49.71 -38.16 10.39
N GLN C 189 50.56 -38.74 9.55
CA GLN C 189 51.77 -38.04 9.10
C GLN C 189 51.44 -37.14 7.91
N PRO C 190 51.88 -35.88 7.88
CA PRO C 190 51.59 -35.03 6.73
C PRO C 190 52.46 -35.39 5.53
N LEU C 191 52.15 -34.77 4.40
CA LEU C 191 52.92 -35.00 3.19
C LEU C 191 54.33 -34.43 3.33
N HIS C 192 55.27 -35.06 2.64
CA HIS C 192 56.68 -34.68 2.73
C HIS C 192 57.36 -35.00 1.41
N ALA C 193 58.05 -34.00 0.85
CA ALA C 193 58.81 -34.16 -0.38
C ALA C 193 60.20 -34.66 -0.01
N SER C 194 60.47 -35.93 -0.31
CA SER C 194 61.75 -36.55 0.02
C SER C 194 62.79 -36.18 -1.04
N ASN C 195 63.95 -36.83 -0.99
CA ASN C 195 65.05 -36.61 -1.92
C ASN C 195 65.55 -37.93 -2.48
N TYR C 196 64.63 -38.84 -2.76
CA TYR C 196 64.95 -40.15 -3.35
C TYR C 196 64.68 -40.11 -4.85
N GLU C 197 65.68 -40.51 -5.63
CA GLU C 197 65.55 -40.52 -7.07
C GLU C 197 64.67 -41.68 -7.52
N LEU C 198 64.27 -41.63 -8.78
CA LEU C 198 63.42 -42.65 -9.39
C LEU C 198 64.26 -43.59 -10.25
N SER C 199 63.63 -44.67 -10.72
CA SER C 199 64.34 -45.67 -11.49
C SER C 199 64.70 -45.16 -12.87
N ASP C 200 63.69 -44.84 -13.68
CA ASP C 200 63.87 -44.43 -15.07
C ASP C 200 63.90 -42.91 -15.23
N ASN C 201 62.91 -42.21 -14.68
CA ASN C 201 62.81 -40.77 -14.82
C ASN C 201 63.88 -40.12 -13.95
N ALA C 202 64.92 -39.58 -14.59
CA ALA C 202 66.02 -38.96 -13.87
C ALA C 202 65.67 -37.53 -13.46
N GLY C 203 66.39 -37.04 -12.46
CA GLY C 203 66.17 -35.70 -11.96
C GLY C 203 64.76 -35.52 -11.42
N CYS C 204 64.34 -36.43 -10.55
CA CYS C 204 63.00 -36.43 -10.00
C CYS C 204 63.03 -36.89 -8.56
N LYS C 205 61.96 -36.57 -7.82
CA LYS C 205 61.84 -36.92 -6.42
C LYS C 205 60.38 -37.26 -6.12
N GLU C 206 60.17 -38.27 -5.29
CA GLU C 206 58.85 -38.76 -4.95
C GLU C 206 58.44 -38.27 -3.56
N VAL C 207 57.13 -38.03 -3.42
CA VAL C 207 56.57 -37.57 -2.16
C VAL C 207 56.14 -38.78 -1.34
N ASN C 208 56.04 -38.58 -0.03
CA ASN C 208 55.60 -39.62 0.89
C ASN C 208 54.83 -38.95 2.03
N SER C 209 54.55 -39.71 3.08
CA SER C 209 53.82 -39.22 4.26
C SER C 209 54.64 -39.57 5.50
N VAL C 210 55.51 -38.65 5.91
CA VAL C 210 56.33 -38.80 7.11
C VAL C 210 56.29 -37.49 7.88
N ASN C 211 56.46 -37.59 9.19
CA ASN C 211 56.43 -36.41 10.07
C ASN C 211 57.69 -35.59 9.81
N CYS C 212 57.55 -34.51 9.04
CA CYS C 212 58.67 -33.65 8.73
C CYS C 212 58.15 -32.26 8.40
N ASN C 213 59.04 -31.28 8.48
CA ASN C 213 58.69 -29.88 8.23
C ASN C 213 58.70 -29.63 6.72
N THR C 214 57.52 -29.49 6.14
CA THR C 214 57.37 -29.21 4.72
C THR C 214 56.20 -28.27 4.53
N SER C 215 56.41 -27.23 3.72
CA SER C 215 55.39 -26.23 3.43
C SER C 215 54.87 -26.41 2.01
N TRP C 216 53.67 -25.89 1.78
CA TRP C 216 53.02 -25.96 0.47
C TRP C 216 52.40 -24.59 0.20
N LYS C 217 53.03 -23.81 -0.68
CA LYS C 217 52.55 -22.48 -1.01
C LYS C 217 51.47 -22.58 -2.08
N ILE C 218 50.23 -22.26 -1.71
CA ILE C 218 49.11 -22.32 -2.64
C ILE C 218 49.15 -21.07 -3.50
N ASN C 219 49.21 -21.26 -4.82
CA ASN C 219 49.20 -20.17 -5.79
C ASN C 219 47.94 -20.28 -6.62
N LEU C 220 47.24 -19.16 -6.77
CA LEU C 220 45.99 -19.14 -7.52
C LEU C 220 46.27 -19.15 -9.02
N PHE C 221 45.40 -19.85 -9.75
CA PHE C 221 45.43 -19.87 -11.22
C PHE C 221 44.10 -19.47 -11.83
N MET C 222 42.99 -19.80 -11.18
CA MET C 222 41.68 -19.39 -11.66
C MET C 222 40.69 -19.48 -10.50
N GLN C 223 39.94 -18.41 -10.28
CA GLN C 223 38.97 -18.37 -9.20
C GLN C 223 37.75 -19.21 -9.55
N PHE C 224 36.86 -19.36 -8.56
CA PHE C 224 35.65 -20.15 -8.75
C PHE C 224 34.59 -19.42 -9.56
N ARG C 225 34.67 -18.08 -9.65
CA ARG C 225 33.70 -17.34 -10.44
C ARG C 225 33.95 -17.54 -11.94
N ASP C 226 35.21 -17.70 -12.33
CA ASP C 226 35.57 -17.91 -13.74
C ASP C 226 35.55 -19.39 -14.11
N HIS C 227 34.42 -20.04 -13.83
CA HIS C 227 34.21 -21.45 -14.16
C HIS C 227 32.79 -21.70 -14.65
N LEU C 228 32.15 -20.69 -15.23
CA LEU C 228 30.78 -20.81 -15.68
C LEU C 228 30.63 -21.56 -16.99
N GLU C 229 31.74 -21.98 -17.62
CA GLU C 229 31.70 -22.71 -18.88
C GLU C 229 31.01 -21.92 -19.98
N GLU C 230 31.17 -20.59 -19.97
CA GLU C 230 30.66 -19.72 -21.01
C GLU C 230 31.76 -18.82 -21.56
N VAL C 231 32.68 -18.40 -20.69
CA VAL C 231 33.77 -17.53 -21.10
C VAL C 231 34.97 -18.37 -21.49
N LEU C 232 35.88 -17.76 -22.26
CA LEU C 232 37.09 -18.42 -22.71
C LEU C 232 38.08 -18.48 -21.55
N LYS C 233 38.23 -19.65 -20.95
CA LYS C 233 39.16 -19.80 -19.84
C LYS C 233 40.60 -19.67 -20.33
N GLY C 234 41.51 -19.53 -19.38
CA GLY C 234 42.92 -19.36 -19.65
C GLY C 234 43.72 -20.64 -19.74
N GLY C 235 43.07 -21.81 -19.67
CA GLY C 235 43.75 -23.09 -19.75
C GLY C 235 43.05 -24.11 -20.63
N ASP C 236 41.89 -23.75 -21.18
CA ASP C 236 41.12 -24.67 -22.02
C ASP C 236 41.73 -24.71 -23.42
N VAL C 237 42.09 -25.91 -23.88
CA VAL C 237 42.63 -26.06 -25.21
C VAL C 237 41.52 -25.86 -26.24
N VAL C 238 41.82 -25.12 -27.31
CA VAL C 238 40.87 -24.80 -28.36
C VAL C 238 41.50 -25.16 -29.70
N ARG C 239 40.79 -24.83 -30.77
CA ARG C 239 41.24 -25.06 -32.13
C ARG C 239 40.98 -23.82 -32.96
N LEU C 240 41.93 -23.49 -33.84
CA LEU C 240 41.83 -22.33 -34.70
C LEU C 240 41.38 -22.76 -36.10
N PHE C 241 40.50 -21.97 -36.69
CA PHE C 241 39.93 -22.29 -38.01
C PHE C 241 39.80 -21.01 -38.82
N HIS C 242 40.33 -21.03 -40.04
CA HIS C 242 40.25 -19.87 -40.93
C HIS C 242 38.97 -19.97 -41.77
N ALA C 243 38.19 -18.89 -41.77
CA ALA C 243 36.89 -18.90 -42.43
C ALA C 243 37.02 -18.73 -43.94
N GLU C 244 38.00 -17.96 -44.40
CA GLU C 244 38.14 -17.70 -45.83
C GLU C 244 38.64 -18.95 -46.56
N GLN C 245 39.77 -19.51 -46.10
CA GLN C 245 40.34 -20.69 -46.73
C GLN C 245 39.61 -21.97 -46.37
N GLU C 246 38.84 -21.97 -45.28
CA GLU C 246 38.08 -23.13 -44.85
C GLU C 246 39.01 -24.31 -44.56
N LYS C 247 39.96 -24.06 -43.66
CA LYS C 247 40.93 -25.08 -43.27
C LYS C 247 41.52 -24.70 -41.91
N PHE C 248 42.04 -25.71 -41.23
CA PHE C 248 42.62 -25.52 -39.91
C PHE C 248 44.09 -25.10 -40.00
N LEU C 249 44.64 -24.71 -38.86
CA LEU C 249 46.03 -24.30 -38.72
C LEU C 249 46.74 -25.29 -37.81
N THR C 250 47.94 -25.69 -38.18
CA THR C 250 48.69 -26.66 -37.39
C THR C 250 50.18 -26.37 -37.55
N CYS C 251 51.00 -27.23 -36.96
CA CYS C 251 52.45 -27.11 -37.06
C CYS C 251 53.06 -28.50 -36.97
N ASP C 252 54.10 -28.72 -37.76
CA ASP C 252 54.71 -30.04 -37.84
C ASP C 252 56.16 -29.90 -38.30
N GLU C 253 56.88 -31.01 -38.21
CA GLU C 253 58.29 -31.07 -38.61
C GLU C 253 58.38 -31.57 -40.04
N TYR C 254 59.19 -30.89 -40.85
CA TYR C 254 59.40 -31.28 -42.24
C TYR C 254 60.80 -30.83 -42.65
N LYS C 255 61.55 -31.76 -43.22
CA LYS C 255 62.93 -31.49 -43.68
C LYS C 255 63.80 -30.97 -42.53
N GLY C 256 63.55 -31.44 -41.32
CA GLY C 256 64.30 -30.98 -40.17
C GLY C 256 63.98 -29.57 -39.74
N LYS C 257 62.79 -29.07 -40.07
CA LYS C 257 62.36 -27.73 -39.68
C LYS C 257 60.95 -27.81 -39.13
N LEU C 258 60.75 -27.28 -37.92
CA LEU C 258 59.44 -27.26 -37.29
C LEU C 258 58.70 -26.02 -37.77
N GLN C 259 57.80 -26.19 -38.73
CA GLN C 259 57.11 -25.10 -39.39
C GLN C 259 55.63 -25.11 -39.04
N VAL C 260 55.07 -23.92 -38.88
CA VAL C 260 53.64 -23.71 -38.68
C VAL C 260 53.02 -23.38 -40.03
N PHE C 261 51.87 -23.98 -40.32
CA PHE C 261 51.26 -23.82 -41.64
C PHE C 261 49.77 -24.11 -41.57
N LEU C 262 49.08 -23.67 -42.61
CA LEU C 262 47.65 -23.91 -42.80
C LEU C 262 47.51 -24.97 -43.90
N ARG C 263 47.20 -26.20 -43.49
CA ARG C 263 47.17 -27.31 -44.44
C ARG C 263 46.09 -27.11 -45.48
N THR C 264 46.44 -27.37 -46.74
CA THR C 264 45.51 -27.22 -47.86
C THR C 264 44.84 -28.58 -48.12
N THR C 265 43.80 -28.85 -47.34
CA THR C 265 43.06 -30.09 -47.47
C THR C 265 42.06 -30.00 -48.63
N LEU C 266 41.31 -31.09 -48.83
CA LEU C 266 40.26 -31.10 -49.83
C LEU C 266 39.12 -30.17 -49.42
N ARG C 267 38.50 -30.46 -48.28
CA ARG C 267 37.46 -29.61 -47.72
C ARG C 267 37.40 -29.85 -46.22
N GLN C 268 37.00 -28.82 -45.49
CA GLN C 268 36.94 -28.91 -44.03
C GLN C 268 35.83 -27.99 -43.53
N SER C 269 35.05 -28.50 -42.59
CA SER C 269 33.96 -27.74 -41.99
C SER C 269 34.51 -26.87 -40.85
N ALA C 270 33.61 -26.22 -40.12
CA ALA C 270 33.98 -25.37 -39.01
C ALA C 270 33.95 -26.08 -37.66
N THR C 271 33.42 -27.32 -37.61
CA THR C 271 33.36 -28.08 -36.37
C THR C 271 33.72 -29.55 -36.56
N SER C 272 34.23 -29.94 -37.72
CA SER C 272 34.61 -31.32 -37.94
C SER C 272 35.92 -31.64 -37.25
N ALA C 273 36.11 -32.92 -36.93
CA ALA C 273 37.31 -33.35 -36.23
C ALA C 273 38.51 -33.33 -37.18
N THR C 274 39.69 -33.31 -36.59
CA THR C 274 40.95 -33.29 -37.34
C THR C 274 41.97 -34.12 -36.57
N SER C 275 43.22 -34.06 -37.02
CA SER C 275 44.29 -34.81 -36.39
C SER C 275 44.70 -34.15 -35.07
N SER C 276 45.60 -34.83 -34.36
CA SER C 276 46.08 -34.34 -33.06
C SER C 276 47.33 -33.48 -33.23
N ASN C 277 47.23 -32.47 -34.11
CA ASN C 277 48.31 -31.51 -34.30
C ASN C 277 47.81 -30.08 -34.46
N ALA C 278 46.50 -29.84 -34.46
CA ALA C 278 45.92 -28.51 -34.64
C ALA C 278 45.37 -27.91 -33.36
N LEU C 279 45.49 -28.60 -32.23
CA LEU C 279 45.02 -28.07 -30.96
C LEU C 279 46.01 -27.04 -30.43
N TRP C 280 45.48 -26.02 -29.75
CA TRP C 280 46.31 -24.97 -29.17
C TRP C 280 45.79 -24.63 -27.79
N GLU C 281 46.70 -24.60 -26.82
CA GLU C 281 46.38 -24.18 -25.46
C GLU C 281 46.64 -22.69 -25.32
N VAL C 282 45.62 -21.96 -24.89
CA VAL C 282 45.71 -20.52 -24.70
C VAL C 282 46.24 -20.24 -23.30
N GLU C 283 46.91 -19.11 -23.15
CA GLU C 283 47.43 -18.70 -21.85
C GLU C 283 47.48 -17.19 -21.81
N VAL C 284 46.63 -16.59 -20.98
CA VAL C 284 46.65 -15.14 -20.78
C VAL C 284 47.77 -14.80 -19.81
N VAL C 285 48.48 -13.72 -20.09
CA VAL C 285 49.62 -13.29 -19.27
C VAL C 285 49.16 -12.18 -18.34
N HIS C 286 49.71 -12.17 -17.13
CA HIS C 286 49.42 -11.17 -16.12
C HIS C 286 50.73 -10.77 -15.45
N HIS C 287 50.65 -9.82 -14.52
CA HIS C 287 51.83 -9.42 -13.78
C HIS C 287 52.39 -10.58 -12.96
N ASP C 288 51.51 -11.46 -12.46
CA ASP C 288 51.94 -12.67 -11.76
C ASP C 288 52.18 -13.79 -12.77
N PRO C 289 53.24 -14.59 -12.64
CA PRO C 289 53.51 -15.62 -13.65
C PRO C 289 52.75 -16.93 -13.46
N CYS C 290 51.77 -16.96 -12.56
CA CYS C 290 50.99 -18.16 -12.29
C CYS C 290 49.49 -17.93 -12.30
N ARG C 291 49.02 -16.71 -12.60
CA ARG C 291 47.60 -16.40 -12.61
C ARG C 291 47.05 -16.54 -14.03
N GLY C 292 45.74 -16.37 -14.16
CA GLY C 292 45.09 -16.46 -15.45
C GLY C 292 43.60 -16.65 -15.27
N GLY C 293 42.95 -17.01 -16.38
CA GLY C 293 41.54 -17.33 -16.36
C GLY C 293 40.63 -16.21 -16.80
N ALA C 294 39.95 -16.41 -17.93
CA ALA C 294 38.92 -15.50 -18.42
C ALA C 294 39.49 -14.11 -18.67
N GLY C 295 40.43 -14.04 -19.62
CA GLY C 295 40.99 -12.77 -20.01
C GLY C 295 40.03 -11.97 -20.85
N HIS C 296 40.08 -10.64 -20.67
CA HIS C 296 39.22 -9.74 -21.40
C HIS C 296 39.84 -9.42 -22.76
N TRP C 297 39.16 -8.54 -23.52
CA TRP C 297 39.64 -8.17 -24.84
C TRP C 297 40.94 -7.37 -24.79
N ASN C 298 41.20 -6.67 -23.68
CA ASN C 298 42.40 -5.87 -23.54
C ASN C 298 43.60 -6.68 -23.03
N GLY C 299 43.42 -7.97 -22.74
CA GLY C 299 44.51 -8.77 -22.20
C GLY C 299 45.45 -9.28 -23.28
N LEU C 300 46.62 -9.73 -22.82
CA LEU C 300 47.65 -10.26 -23.69
C LEU C 300 47.63 -11.79 -23.62
N TYR C 301 47.69 -12.44 -24.78
CA TYR C 301 47.52 -13.87 -24.92
C TYR C 301 48.79 -14.51 -25.47
N ARG C 302 48.89 -15.83 -25.27
CA ARG C 302 49.92 -16.64 -25.88
C ARG C 302 49.33 -18.01 -26.20
N PHE C 303 49.91 -18.67 -27.18
CA PHE C 303 49.46 -19.97 -27.67
C PHE C 303 50.57 -21.00 -27.53
N LYS C 304 50.19 -22.23 -27.19
CA LYS C 304 51.10 -23.35 -27.05
C LYS C 304 50.58 -24.54 -27.82
N HIS C 305 51.48 -25.31 -28.41
CA HIS C 305 51.11 -26.52 -29.12
C HIS C 305 51.04 -27.69 -28.14
N LEU C 306 50.02 -28.54 -28.34
CA LEU C 306 49.78 -29.62 -27.38
C LEU C 306 50.84 -30.71 -27.51
N ALA C 307 51.23 -31.06 -28.73
CA ALA C 307 52.19 -32.15 -28.92
C ALA C 307 53.60 -31.69 -28.56
N THR C 308 54.11 -30.70 -29.27
CA THR C 308 55.44 -30.16 -29.04
C THR C 308 55.37 -28.94 -28.13
N GLY C 309 56.42 -28.75 -27.34
CA GLY C 309 56.49 -27.62 -26.43
C GLY C 309 57.05 -26.38 -27.09
N ASN C 310 56.36 -25.91 -28.13
CA ASN C 310 56.76 -24.72 -28.89
C ASN C 310 55.60 -23.75 -28.97
N TYR C 311 55.93 -22.46 -29.06
CA TYR C 311 54.97 -21.39 -29.18
C TYR C 311 55.06 -20.74 -30.55
N LEU C 312 53.98 -20.10 -30.95
CA LEU C 312 53.94 -19.35 -32.21
C LEU C 312 54.39 -17.92 -31.96
N ALA C 313 55.11 -17.34 -32.92
CA ALA C 313 55.59 -15.98 -32.77
C ALA C 313 55.86 -15.42 -34.17
N ALA C 314 56.29 -14.16 -34.21
CA ALA C 314 56.64 -13.49 -35.44
C ALA C 314 58.12 -13.69 -35.76
N GLU C 315 58.45 -13.54 -37.05
CA GLU C 315 59.81 -13.73 -37.53
C GLU C 315 60.06 -12.70 -38.62
N GLU C 316 61.16 -12.90 -39.36
CA GLU C 316 61.56 -12.02 -40.45
C GLU C 316 61.78 -12.86 -41.70
N ASN C 317 61.13 -12.47 -42.79
CA ASN C 317 61.27 -13.13 -44.08
C ASN C 317 61.31 -12.08 -45.18
N PRO C 318 61.95 -12.37 -46.32
CA PRO C 318 62.01 -11.35 -47.36
C PRO C 318 60.69 -11.17 -48.10
N LYS C 348 54.87 -10.39 -46.20
CA LYS C 348 56.15 -9.73 -45.96
C LYS C 348 57.04 -10.60 -45.07
N TYR C 349 56.72 -10.64 -43.78
CA TYR C 349 57.39 -11.50 -42.81
C TYR C 349 56.33 -12.27 -42.04
N CYS C 350 56.46 -13.59 -42.03
CA CYS C 350 55.43 -14.49 -41.53
C CYS C 350 55.82 -15.02 -40.15
N LEU C 351 55.00 -15.95 -39.64
CA LEU C 351 55.16 -16.48 -38.30
C LEU C 351 56.18 -17.62 -38.30
N VAL C 352 56.49 -18.11 -37.10
CA VAL C 352 57.45 -19.18 -36.92
C VAL C 352 57.28 -19.75 -35.52
N ALA C 353 57.72 -20.99 -35.34
CA ALA C 353 57.67 -21.66 -34.04
C ALA C 353 58.98 -21.42 -33.30
N VAL C 354 58.85 -20.98 -32.05
CA VAL C 354 60.00 -20.72 -31.18
C VAL C 354 59.83 -21.55 -29.91
N PRO C 355 60.90 -22.14 -29.34
CA PRO C 355 60.72 -22.91 -28.09
C PRO C 355 60.62 -22.02 -26.87
N HIS C 356 61.36 -20.92 -26.87
CA HIS C 356 61.37 -20.00 -25.73
C HIS C 356 60.13 -19.12 -25.77
N GLY C 357 59.48 -18.99 -24.61
CA GLY C 357 58.25 -18.21 -24.50
C GLY C 357 58.40 -16.96 -23.65
N ASN C 358 59.52 -16.83 -22.93
CA ASN C 358 59.72 -15.66 -22.09
C ASN C 358 59.89 -14.38 -22.88
N ASP C 359 60.28 -14.46 -24.15
CA ASP C 359 60.49 -13.27 -24.95
C ASP C 359 59.17 -12.59 -25.26
N ILE C 360 59.24 -11.28 -25.50
CA ILE C 360 58.05 -10.48 -25.80
C ILE C 360 57.60 -10.62 -27.24
N ALA C 361 58.38 -11.28 -28.10
CA ALA C 361 58.04 -11.41 -29.51
C ALA C 361 57.00 -12.50 -29.78
N SER C 362 56.52 -13.20 -28.74
CA SER C 362 55.56 -14.28 -28.90
C SER C 362 54.18 -13.92 -28.34
N LEU C 363 53.92 -12.64 -28.10
CA LEU C 363 52.64 -12.18 -27.58
C LEU C 363 51.70 -11.79 -28.70
N PHE C 364 50.42 -11.73 -28.38
CA PHE C 364 49.39 -11.35 -29.33
C PHE C 364 48.28 -10.60 -28.60
N GLU C 365 47.37 -10.01 -29.37
CA GLU C 365 46.21 -9.32 -28.83
C GLU C 365 45.00 -9.65 -29.67
N LEU C 366 43.85 -9.78 -29.01
CA LEU C 366 42.60 -10.12 -29.67
C LEU C 366 41.82 -8.85 -30.00
N ASP C 367 41.10 -8.90 -31.12
CA ASP C 367 40.23 -7.82 -31.56
C ASP C 367 38.88 -8.43 -31.89
N PRO C 368 37.77 -7.97 -31.30
CA PRO C 368 36.49 -8.64 -31.49
C PRO C 368 35.83 -8.20 -32.78
N THR C 369 34.62 -8.71 -33.00
CA THR C 369 33.79 -8.33 -34.14
C THR C 369 32.33 -8.34 -33.69
N THR C 370 31.47 -7.80 -34.55
CA THR C 370 30.03 -7.77 -34.31
C THR C 370 29.66 -6.89 -33.12
N LEU C 371 30.50 -5.90 -32.80
CA LEU C 371 30.20 -4.91 -31.76
C LEU C 371 29.99 -5.59 -30.40
N GLN C 372 31.04 -6.24 -29.92
CA GLN C 372 30.99 -6.86 -28.60
C GLN C 372 31.15 -5.82 -27.51
N LYS C 373 30.65 -6.14 -26.32
CA LYS C 373 30.74 -5.23 -25.19
C LYS C 373 32.19 -5.13 -24.71
N THR C 374 32.68 -3.91 -24.59
CA THR C 374 34.06 -3.70 -24.16
C THR C 374 34.22 -3.95 -22.68
N ASP C 375 35.41 -4.42 -22.29
CA ASP C 375 35.73 -4.72 -20.90
C ASP C 375 34.79 -5.78 -20.34
N SER C 376 34.60 -6.85 -21.11
CA SER C 376 33.73 -7.96 -20.74
C SER C 376 34.44 -9.26 -21.08
N PHE C 377 33.85 -10.37 -20.65
CA PHE C 377 34.42 -11.68 -20.89
C PHE C 377 34.23 -12.09 -22.34
N VAL C 378 35.24 -12.76 -22.89
CA VAL C 378 35.20 -13.25 -24.27
C VAL C 378 34.25 -14.45 -24.31
N PRO C 379 33.21 -14.46 -25.15
CA PRO C 379 32.31 -15.61 -25.17
C PRO C 379 32.94 -16.82 -25.86
N ARG C 380 32.34 -17.98 -25.60
CA ARG C 380 32.83 -19.23 -26.17
C ARG C 380 32.40 -19.34 -27.63
N ASN C 381 33.31 -19.87 -28.45
CA ASN C 381 33.04 -20.13 -29.87
C ASN C 381 32.66 -18.83 -30.59
N SER C 382 33.58 -17.86 -30.53
CA SER C 382 33.39 -16.55 -31.13
C SER C 382 34.59 -16.21 -32.01
N TYR C 383 34.32 -15.46 -33.06
CA TYR C 383 35.36 -15.04 -33.99
C TYR C 383 36.17 -13.90 -33.40
N VAL C 384 37.43 -13.81 -33.82
CA VAL C 384 38.34 -12.78 -33.32
C VAL C 384 39.47 -12.62 -34.33
N ARG C 385 40.16 -11.48 -34.25
CA ARG C 385 41.32 -11.20 -35.08
C ARG C 385 42.54 -11.07 -34.19
N LEU C 386 43.64 -11.71 -34.59
CA LEU C 386 44.88 -11.69 -33.83
C LEU C 386 45.81 -10.64 -34.39
N ARG C 387 46.35 -9.78 -33.51
CA ARG C 387 47.27 -8.72 -33.89
C ARG C 387 48.54 -8.83 -33.08
N HIS C 388 49.68 -8.65 -33.74
CA HIS C 388 50.96 -8.70 -33.06
C HIS C 388 51.21 -7.41 -32.30
N LEU C 389 51.88 -7.53 -31.15
CA LEU C 389 52.14 -6.40 -30.27
C LEU C 389 53.53 -5.83 -30.40
N CYS C 390 54.51 -6.63 -30.85
CA CYS C 390 55.88 -6.14 -30.93
C CYS C 390 56.10 -5.27 -32.14
N THR C 391 55.47 -5.60 -33.27
CA THR C 391 55.62 -4.87 -34.52
C THR C 391 54.33 -4.23 -35.02
N ASN C 392 53.18 -4.53 -34.41
CA ASN C 392 51.90 -3.94 -34.79
C ASN C 392 51.57 -4.26 -36.25
N THR C 393 51.44 -5.55 -36.53
CA THR C 393 51.06 -6.05 -37.85
C THR C 393 49.80 -6.89 -37.71
N TRP C 394 49.18 -7.18 -38.87
CA TRP C 394 47.96 -7.97 -38.95
C TRP C 394 48.22 -9.20 -39.80
N ILE C 395 47.90 -10.36 -39.26
CA ILE C 395 48.18 -11.62 -39.94
C ILE C 395 47.10 -11.90 -40.98
N GLN C 396 47.50 -12.54 -42.07
CA GLN C 396 46.61 -12.85 -43.17
C GLN C 396 47.04 -14.16 -43.82
N SER C 397 46.10 -14.80 -44.49
CA SER C 397 46.34 -16.07 -45.15
C SER C 397 46.81 -15.82 -46.58
N THR C 398 48.04 -16.22 -46.88
CA THR C 398 48.62 -16.06 -48.20
C THR C 398 48.33 -17.30 -49.05
N ASN C 399 48.76 -17.24 -50.32
CA ASN C 399 48.60 -18.35 -51.26
C ASN C 399 49.93 -18.95 -51.71
N VAL C 400 51.05 -18.47 -51.20
CA VAL C 400 52.36 -18.97 -51.60
C VAL C 400 52.64 -20.27 -50.87
N PRO C 401 52.78 -21.42 -51.54
CA PRO C 401 53.10 -22.65 -50.81
C PRO C 401 54.52 -22.62 -50.27
N ILE C 402 54.71 -23.33 -49.16
CA ILE C 402 56.01 -23.44 -48.50
C ILE C 402 56.60 -24.80 -48.82
N ASP C 403 57.81 -24.80 -49.38
CA ASP C 403 58.50 -26.03 -49.76
C ASP C 403 57.68 -26.83 -50.78
N ILE C 404 57.37 -26.16 -51.89
CA ILE C 404 56.58 -26.77 -52.96
C ILE C 404 57.56 -27.52 -53.85
N GLU C 405 57.74 -28.80 -53.56
CA GLU C 405 58.64 -29.68 -54.32
C GLU C 405 57.92 -30.90 -54.87
N GLU C 406 56.98 -31.47 -54.12
CA GLU C 406 56.24 -32.64 -54.54
C GLU C 406 54.93 -32.23 -55.21
N GLU C 407 54.25 -33.20 -55.81
CA GLU C 407 53.00 -32.96 -56.50
C GLU C 407 51.87 -32.75 -55.49
N ARG C 408 51.04 -31.75 -55.76
CA ARG C 408 49.90 -31.42 -54.90
C ARG C 408 50.39 -31.09 -53.49
N PRO C 409 51.10 -29.97 -53.31
CA PRO C 409 51.64 -29.65 -51.99
C PRO C 409 50.54 -29.32 -50.98
N ILE C 410 50.91 -29.45 -49.71
CA ILE C 410 50.00 -29.22 -48.59
C ILE C 410 50.39 -28.01 -47.77
N ARG C 411 51.69 -27.82 -47.55
CA ARG C 411 52.17 -26.79 -46.63
C ARG C 411 52.22 -25.44 -47.34
N LEU C 412 51.50 -24.47 -46.81
CA LEU C 412 51.58 -23.08 -47.26
C LEU C 412 51.67 -22.17 -46.04
N MET C 413 52.39 -21.07 -46.19
CA MET C 413 52.69 -20.15 -45.11
C MET C 413 51.74 -18.96 -45.15
N LEU C 414 51.58 -18.32 -43.98
CA LEU C 414 50.77 -17.13 -43.84
C LEU C 414 51.65 -15.90 -44.06
N GLY C 415 51.13 -14.72 -43.73
CA GLY C 415 51.93 -13.50 -43.84
C GLY C 415 51.41 -12.44 -42.90
N THR C 416 52.14 -11.34 -42.83
CA THR C 416 51.80 -10.19 -42.00
C THR C 416 51.82 -8.93 -42.84
N CYS C 417 50.74 -8.15 -42.76
CA CYS C 417 50.59 -6.89 -43.46
C CYS C 417 50.40 -5.77 -42.44
N PRO C 418 51.03 -4.59 -42.61
CA PRO C 418 50.75 -3.49 -41.67
C PRO C 418 49.34 -2.92 -41.81
N THR C 419 48.67 -3.15 -42.93
CA THR C 419 47.33 -2.60 -43.12
C THR C 419 46.31 -3.38 -42.30
N LYS C 420 45.17 -2.74 -42.06
CA LYS C 420 44.09 -3.34 -41.29
C LYS C 420 43.37 -4.36 -42.17
N GLU C 421 43.56 -5.64 -41.86
CA GLU C 421 42.91 -6.70 -42.61
C GLU C 421 41.46 -6.84 -42.17
N ASP C 422 40.58 -7.10 -43.14
CA ASP C 422 39.15 -7.27 -42.91
C ASP C 422 38.63 -8.61 -43.36
N LYS C 423 39.14 -9.16 -44.46
CA LYS C 423 38.68 -10.46 -44.95
C LYS C 423 39.30 -11.60 -44.14
N GLU C 424 40.57 -11.49 -43.79
CA GLU C 424 41.26 -12.54 -43.04
C GLU C 424 40.83 -12.48 -41.58
N ALA C 425 40.17 -13.54 -41.11
CA ALA C 425 39.71 -13.61 -39.74
C ALA C 425 39.69 -15.07 -39.30
N PHE C 426 40.16 -15.31 -38.08
CA PHE C 426 40.20 -16.64 -37.50
C PHE C 426 38.97 -16.89 -36.64
N ALA C 427 38.82 -18.14 -36.22
CA ALA C 427 37.70 -18.57 -35.38
C ALA C 427 38.25 -19.56 -34.35
N ILE C 428 38.02 -19.26 -33.08
CA ILE C 428 38.38 -20.15 -31.99
C ILE C 428 37.17 -21.01 -31.68
N VAL C 429 37.35 -22.33 -31.72
CA VAL C 429 36.31 -23.29 -31.38
C VAL C 429 36.81 -24.14 -30.23
N SER C 430 35.97 -24.30 -29.21
CA SER C 430 36.33 -25.04 -28.01
C SER C 430 36.02 -26.52 -28.18
N VAL C 431 36.69 -27.33 -27.38
CA VAL C 431 36.49 -28.78 -27.36
C VAL C 431 36.28 -29.21 -25.91
N PRO C 432 35.49 -30.24 -25.61
CA PRO C 432 35.38 -30.69 -24.23
C PRO C 432 36.69 -31.27 -23.72
N VAL C 433 36.81 -31.29 -22.39
CA VAL C 433 38.02 -31.82 -21.76
C VAL C 433 38.08 -33.34 -21.85
N SER C 434 36.95 -34.01 -22.05
CA SER C 434 36.95 -35.47 -22.14
C SER C 434 37.73 -35.94 -23.35
N GLU C 435 37.61 -35.23 -24.47
CA GLU C 435 38.37 -35.58 -25.67
C GLU C 435 39.87 -35.43 -25.42
N ILE C 436 40.27 -34.38 -24.71
CA ILE C 436 41.68 -34.16 -24.43
C ILE C 436 42.20 -35.24 -23.47
N ARG C 437 41.38 -35.62 -22.50
CA ARG C 437 41.74 -36.70 -21.59
C ARG C 437 41.94 -38.00 -22.36
N ASP C 438 41.02 -38.31 -23.28
CA ASP C 438 41.17 -39.52 -24.10
C ASP C 438 42.42 -39.44 -24.96
N LEU C 439 42.71 -38.26 -25.51
CA LEU C 439 43.87 -38.09 -26.39
C LEU C 439 45.16 -38.36 -25.63
N ASP C 440 45.39 -37.62 -24.54
CA ASP C 440 46.64 -37.80 -23.82
C ASP C 440 46.68 -39.13 -23.08
N PHE C 441 45.53 -39.74 -22.76
CA PHE C 441 45.52 -41.10 -22.24
C PHE C 441 46.05 -42.07 -23.28
N ALA C 442 45.57 -41.96 -24.51
CA ALA C 442 46.07 -42.83 -25.58
C ALA C 442 47.55 -42.58 -25.84
N ASN C 443 47.99 -41.32 -25.72
CA ASN C 443 49.40 -41.01 -25.95
C ASN C 443 50.28 -41.63 -24.87
N ASP C 444 49.88 -41.50 -23.61
CA ASP C 444 50.63 -42.11 -22.53
C ASP C 444 50.61 -43.63 -22.62
N ALA C 445 49.49 -44.21 -23.06
CA ALA C 445 49.44 -45.65 -23.26
C ALA C 445 50.37 -46.08 -24.38
N SER C 446 50.47 -45.28 -25.43
CA SER C 446 51.40 -45.58 -26.51
C SER C 446 52.84 -45.53 -26.01
N SER C 447 53.16 -44.54 -25.17
CA SER C 447 54.50 -44.46 -24.61
C SER C 447 54.81 -45.65 -23.72
N MET C 448 53.83 -46.06 -22.89
CA MET C 448 54.04 -47.19 -22.01
C MET C 448 54.23 -48.48 -22.81
N LEU C 449 53.42 -48.67 -23.86
CA LEU C 449 53.58 -49.86 -24.69
C LEU C 449 54.87 -49.81 -25.48
N ALA C 450 55.36 -48.63 -25.82
CA ALA C 450 56.67 -48.52 -26.46
C ALA C 450 57.77 -48.96 -25.51
N SER C 451 57.70 -48.52 -24.25
CA SER C 451 58.66 -48.99 -23.25
C SER C 451 58.55 -50.50 -23.08
N ALA C 452 57.32 -51.03 -23.09
CA ALA C 452 57.11 -52.46 -22.88
C ALA C 452 57.69 -53.28 -24.03
N VAL C 453 57.41 -52.88 -25.27
CA VAL C 453 57.92 -53.64 -26.40
C VAL C 453 59.43 -53.47 -26.51
N GLU C 454 59.96 -52.32 -26.08
CA GLU C 454 61.42 -52.17 -26.03
C GLU C 454 62.02 -53.18 -25.04
N LYS C 455 61.44 -53.28 -23.85
CA LYS C 455 61.93 -54.22 -22.86
C LYS C 455 61.79 -55.66 -23.36
N LEU C 456 60.73 -55.95 -24.11
CA LEU C 456 60.51 -57.31 -24.59
C LEU C 456 61.49 -57.68 -25.69
N ASN C 457 61.70 -56.77 -26.65
CA ASN C 457 62.69 -57.00 -27.69
C ASN C 457 64.10 -57.08 -27.10
N GLU C 458 64.34 -56.37 -26.01
CA GLU C 458 65.61 -56.54 -25.28
C GLU C 458 65.65 -57.89 -24.58
N GLY C 459 64.52 -58.33 -24.04
CA GLY C 459 64.39 -59.64 -23.44
C GLY C 459 64.64 -59.62 -21.93
N PHE C 460 64.15 -60.66 -21.27
CA PHE C 460 64.34 -60.87 -19.83
C PHE C 460 63.76 -59.70 -19.02
N ILE C 461 62.45 -59.55 -19.11
CA ILE C 461 61.74 -58.54 -18.34
C ILE C 461 61.60 -59.01 -16.90
N SER C 462 61.22 -58.10 -16.01
CA SER C 462 60.96 -58.46 -14.62
C SER C 462 59.57 -59.07 -14.48
N GLN C 463 59.42 -59.92 -13.47
CA GLN C 463 58.11 -60.51 -13.17
C GLN C 463 57.11 -59.50 -12.66
N ASN C 464 57.58 -58.38 -12.10
CA ASN C 464 56.68 -57.37 -11.56
C ASN C 464 56.09 -56.48 -12.64
N ASP C 465 56.83 -56.23 -13.72
CA ASP C 465 56.37 -55.35 -14.79
C ASP C 465 55.64 -56.12 -15.88
N ARG C 466 54.70 -56.97 -15.46
CA ARG C 466 53.76 -57.64 -16.36
C ARG C 466 52.32 -57.34 -15.98
N ARG C 467 51.96 -57.49 -14.71
CA ARG C 467 50.58 -57.34 -14.28
C ARG C 467 50.05 -55.95 -14.59
N PHE C 468 50.87 -54.92 -14.36
CA PHE C 468 50.53 -53.56 -14.75
C PHE C 468 50.08 -53.51 -16.20
N VAL C 469 50.87 -54.10 -17.10
CA VAL C 469 50.53 -54.12 -18.51
C VAL C 469 49.17 -54.76 -18.72
N ILE C 470 48.91 -55.88 -18.02
CA ILE C 470 47.61 -56.53 -18.12
C ILE C 470 46.51 -55.55 -17.75
N GLN C 471 46.66 -54.87 -16.61
CA GLN C 471 45.69 -53.87 -16.20
C GLN C 471 45.52 -52.81 -17.27
N LEU C 472 46.65 -52.34 -17.84
CA LEU C 472 46.58 -51.36 -18.91
C LEU C 472 45.74 -51.89 -20.06
N LEU C 473 46.02 -53.12 -20.49
CA LEU C 473 45.25 -53.72 -21.57
C LEU C 473 43.78 -53.78 -21.19
N GLU C 474 43.48 -54.17 -19.94
CA GLU C 474 42.10 -54.17 -19.48
C GLU C 474 41.51 -52.78 -19.59
N ASP C 475 42.25 -51.78 -19.10
CA ASP C 475 41.77 -50.40 -19.22
C ASP C 475 41.58 -50.04 -20.68
N LEU C 476 42.49 -50.49 -21.54
CA LEU C 476 42.37 -50.20 -22.97
C LEU C 476 41.05 -50.74 -23.52
N VAL C 477 40.66 -51.93 -23.08
CA VAL C 477 39.36 -52.46 -23.50
C VAL C 477 38.25 -51.54 -23.04
N PHE C 478 38.28 -51.17 -21.75
CA PHE C 478 37.28 -50.25 -21.23
C PHE C 478 37.46 -48.83 -21.76
N PHE C 479 38.53 -48.55 -22.50
CA PHE C 479 38.65 -47.30 -23.22
C PHE C 479 38.03 -47.36 -24.61
N VAL C 480 38.00 -48.55 -25.22
CA VAL C 480 37.58 -48.67 -26.61
C VAL C 480 36.09 -48.91 -26.70
N SER C 481 35.61 -49.97 -26.05
CA SER C 481 34.20 -50.35 -26.15
C SER C 481 33.28 -49.37 -25.44
N ASP C 482 33.80 -48.43 -24.67
CA ASP C 482 32.99 -47.43 -23.98
C ASP C 482 32.05 -48.06 -22.96
N VAL C 483 32.40 -49.23 -22.46
CA VAL C 483 31.60 -49.94 -21.46
C VAL C 483 32.26 -49.74 -20.10
N PRO C 484 31.52 -49.53 -19.00
CA PRO C 484 32.17 -49.45 -17.69
C PRO C 484 32.76 -50.79 -17.29
N ASN C 485 33.62 -50.74 -16.28
CA ASN C 485 34.26 -51.94 -15.73
C ASN C 485 33.24 -52.67 -14.87
N ASN C 486 32.53 -53.62 -15.48
CA ASN C 486 31.42 -54.31 -14.84
C ASN C 486 31.71 -55.79 -14.57
N GLY C 487 32.04 -56.56 -15.59
CA GLY C 487 32.23 -58.00 -15.40
C GLY C 487 33.22 -58.70 -16.31
N GLN C 488 34.21 -59.34 -15.69
CA GLN C 488 35.02 -60.40 -16.27
C GLN C 488 36.06 -59.95 -17.30
N ASN C 489 36.01 -58.70 -17.75
CA ASN C 489 37.06 -58.06 -18.55
C ASN C 489 37.53 -58.90 -19.75
N VAL C 490 36.72 -59.85 -20.23
CA VAL C 490 37.18 -60.85 -21.19
C VAL C 490 36.70 -60.48 -22.59
N LEU C 491 35.38 -60.44 -22.77
CA LEU C 491 34.78 -60.14 -24.06
C LEU C 491 33.50 -59.34 -23.83
N ASP C 492 33.51 -58.09 -24.27
CA ASP C 492 32.35 -57.21 -24.09
C ASP C 492 31.29 -57.60 -25.10
N ILE C 493 30.23 -58.26 -24.62
CA ILE C 493 29.12 -58.63 -25.50
C ILE C 493 28.41 -57.39 -26.01
N MET C 494 28.47 -56.28 -25.27
CA MET C 494 27.89 -55.03 -25.73
C MET C 494 28.74 -54.46 -26.84
N VAL C 495 28.37 -54.74 -28.09
CA VAL C 495 29.14 -54.35 -29.27
C VAL C 495 28.40 -53.28 -30.04
N THR C 496 27.65 -52.44 -29.32
CA THR C 496 26.89 -51.37 -29.96
C THR C 496 27.84 -50.39 -30.66
N LYS C 497 27.24 -49.45 -31.39
CA LYS C 497 27.97 -48.48 -32.21
C LYS C 497 28.96 -47.70 -31.35
N PRO C 498 30.27 -47.92 -31.46
CA PRO C 498 31.21 -47.23 -30.59
C PRO C 498 31.42 -45.77 -31.02
N ASN C 499 32.16 -45.05 -30.19
CA ASN C 499 32.47 -43.66 -30.48
C ASN C 499 33.49 -43.58 -31.60
N ARG C 500 33.10 -42.95 -32.71
CA ARG C 500 34.03 -42.79 -33.83
C ARG C 500 35.20 -41.91 -33.45
N GLU C 501 35.00 -40.97 -32.54
CA GLU C 501 36.10 -40.11 -32.10
C GLU C 501 37.17 -40.93 -31.38
N ARG C 502 36.76 -41.88 -30.55
CA ARG C 502 37.72 -42.71 -29.84
C ARG C 502 38.47 -43.62 -30.80
N GLN C 503 37.77 -44.16 -31.81
CA GLN C 503 38.45 -44.98 -32.82
C GLN C 503 39.45 -44.15 -33.61
N LYS C 504 39.10 -42.91 -33.95
CA LYS C 504 40.02 -42.03 -34.65
C LYS C 504 41.23 -41.70 -33.77
N LEU C 505 41.00 -41.51 -32.48
CA LEU C 505 42.10 -41.26 -31.56
C LEU C 505 43.03 -42.47 -31.47
N MET C 506 42.45 -43.67 -31.47
CA MET C 506 43.27 -44.88 -31.44
C MET C 506 44.07 -45.03 -32.73
N ARG C 507 43.46 -44.71 -33.86
CA ARG C 507 44.15 -44.87 -35.14
C ARG C 507 45.22 -43.82 -35.37
N GLU C 508 45.00 -42.60 -34.88
CA GLU C 508 45.91 -41.48 -35.16
C GLU C 508 47.00 -41.33 -34.12
N GLN C 509 46.73 -41.69 -32.87
CA GLN C 509 47.72 -41.54 -31.80
C GLN C 509 48.80 -42.62 -31.82
N ASN C 510 48.80 -43.50 -32.82
CA ASN C 510 49.88 -44.47 -33.02
C ASN C 510 49.98 -45.45 -31.85
N ILE C 511 48.90 -46.20 -31.63
CA ILE C 511 48.91 -47.32 -30.71
C ILE C 511 48.88 -48.66 -31.44
N LEU C 512 48.40 -48.71 -32.68
CA LEU C 512 48.29 -49.99 -33.39
C LEU C 512 49.67 -50.55 -33.71
N LYS C 513 50.65 -49.68 -33.98
CA LYS C 513 52.01 -50.17 -34.17
C LYS C 513 52.54 -50.80 -32.90
N GLN C 514 52.20 -50.24 -31.74
CA GLN C 514 52.72 -50.76 -30.49
C GLN C 514 52.09 -52.09 -30.13
N VAL C 515 50.79 -52.26 -30.41
CA VAL C 515 50.17 -53.56 -30.11
C VAL C 515 50.61 -54.60 -31.14
N PHE C 516 50.87 -54.20 -32.38
CA PHE C 516 51.51 -55.14 -33.31
C PHE C 516 52.90 -55.53 -32.80
N GLY C 517 53.62 -54.58 -32.20
CA GLY C 517 54.94 -54.89 -31.68
C GLY C 517 54.89 -55.85 -30.51
N ILE C 518 53.96 -55.63 -29.57
CA ILE C 518 53.85 -56.53 -28.42
C ILE C 518 53.25 -57.87 -28.83
N LEU C 519 52.53 -57.93 -29.96
CA LEU C 519 52.07 -59.21 -30.47
C LEU C 519 53.19 -59.98 -31.17
N LYS C 520 54.09 -59.26 -31.85
CA LYS C 520 55.14 -59.90 -32.65
C LYS C 520 56.41 -60.20 -31.86
N ALA C 521 56.66 -59.49 -30.74
CA ALA C 521 57.90 -59.70 -30.00
C ALA C 521 57.97 -61.09 -29.39
N PRO C 522 57.01 -61.53 -28.56
CA PRO C 522 57.11 -62.89 -28.01
C PRO C 522 56.96 -63.98 -29.05
N PHE C 523 56.41 -63.67 -30.22
CA PHE C 523 56.38 -64.63 -31.32
C PHE C 523 57.78 -64.93 -31.86
N ARG C 524 58.76 -64.06 -31.60
CA ARG C 524 60.12 -64.31 -32.01
C ARG C 524 60.73 -65.43 -31.17
N GLU C 525 62.02 -65.70 -31.41
CA GLU C 525 62.68 -66.80 -30.74
C GLU C 525 62.83 -66.52 -29.25
N LYS C 526 62.90 -67.60 -28.46
CA LYS C 526 63.12 -67.56 -27.02
C LYS C 526 62.00 -66.88 -26.25
N GLY C 527 60.82 -66.73 -26.87
CA GLY C 527 59.69 -66.11 -26.19
C GLY C 527 58.83 -67.10 -25.45
N GLY C 528 58.51 -68.21 -26.10
CA GLY C 528 57.67 -69.24 -25.53
C GLY C 528 56.81 -69.87 -26.62
N GLU C 529 56.51 -71.16 -26.44
CA GLU C 529 55.75 -71.95 -27.40
C GLU C 529 54.50 -72.58 -26.80
N GLY C 530 54.59 -73.12 -25.58
CA GLY C 530 53.51 -73.83 -24.96
C GLY C 530 52.97 -73.12 -23.74
N PRO C 531 51.65 -72.81 -23.70
CA PRO C 531 51.15 -72.25 -22.44
C PRO C 531 51.18 -73.25 -21.29
N GLN C 541 50.25 -73.87 -17.57
CA GLN C 541 50.21 -72.97 -16.42
C GLN C 541 51.52 -72.21 -16.21
N LYS C 542 52.44 -72.30 -17.17
CA LYS C 542 53.72 -71.61 -17.08
C LYS C 542 53.69 -70.24 -17.75
N ASN C 543 52.76 -70.00 -18.68
CA ASN C 543 52.63 -68.73 -19.37
C ASN C 543 51.17 -68.30 -19.40
N ALA C 544 50.45 -68.54 -18.31
CA ALA C 544 49.03 -68.17 -18.22
C ALA C 544 48.84 -66.67 -18.23
N PRO C 545 49.67 -65.87 -17.54
CA PRO C 545 49.60 -64.42 -17.74
C PRO C 545 49.87 -64.01 -19.17
N TYR C 546 50.79 -64.69 -19.86
CA TYR C 546 51.03 -64.39 -21.26
C TYR C 546 49.83 -64.76 -22.12
N GLN C 547 49.16 -65.87 -21.79
CA GLN C 547 47.94 -66.22 -22.48
C GLN C 547 46.86 -65.16 -22.28
N HIS C 548 46.71 -64.66 -21.06
CA HIS C 548 45.75 -63.61 -20.79
C HIS C 548 46.12 -62.33 -21.53
N MET C 549 47.42 -62.05 -21.63
CA MET C 549 47.88 -60.87 -22.37
C MET C 549 47.51 -60.97 -23.84
N PHE C 550 47.78 -62.13 -24.45
CA PHE C 550 47.43 -62.31 -25.86
C PHE C 550 45.92 -62.27 -26.06
N ARG C 551 45.16 -62.81 -25.11
CA ARG C 551 43.71 -62.78 -25.20
C ARG C 551 43.19 -61.35 -25.18
N LEU C 552 43.67 -60.55 -24.22
CA LEU C 552 43.26 -59.15 -24.15
C LEU C 552 43.71 -58.39 -25.39
N CYS C 553 44.89 -58.72 -25.92
CA CYS C 553 45.39 -58.06 -27.11
C CYS C 553 44.48 -58.31 -28.31
N TYR C 554 44.14 -59.58 -28.55
CA TYR C 554 43.26 -59.90 -29.66
C TYR C 554 41.86 -59.34 -29.43
N ARG C 555 41.40 -59.28 -28.18
CA ARG C 555 40.08 -58.71 -27.91
C ARG C 555 40.05 -57.23 -28.25
N VAL C 556 41.07 -56.48 -27.81
CA VAL C 556 41.14 -55.06 -28.12
C VAL C 556 41.31 -54.84 -29.62
N LEU C 557 42.06 -55.73 -30.28
CA LEU C 557 42.27 -55.60 -31.72
C LEU C 557 40.98 -55.84 -32.49
N ARG C 558 40.17 -56.80 -32.03
CA ARG C 558 38.87 -57.04 -32.66
C ARG C 558 37.92 -55.89 -32.39
N HIS C 559 37.98 -55.33 -31.18
CA HIS C 559 37.13 -54.19 -30.85
C HIS C 559 37.51 -52.94 -31.66
N SER C 560 38.78 -52.82 -32.03
CA SER C 560 39.26 -51.67 -32.79
C SER C 560 39.02 -51.78 -34.29
N GLN C 561 38.30 -52.81 -34.75
CA GLN C 561 38.04 -53.04 -36.16
C GLN C 561 36.55 -53.27 -36.39
N GLU C 562 35.73 -52.41 -35.80
CA GLU C 562 34.27 -52.50 -35.88
C GLU C 562 33.74 -51.25 -36.57
N ASP C 563 33.27 -51.42 -37.81
CA ASP C 563 32.62 -50.36 -38.57
C ASP C 563 33.57 -49.17 -38.77
N TYR C 564 34.68 -49.44 -39.44
CA TYR C 564 35.63 -48.39 -39.80
C TYR C 564 36.51 -48.90 -40.93
N ARG C 565 36.51 -48.17 -42.06
CA ARG C 565 37.19 -48.63 -43.26
C ARG C 565 38.71 -48.57 -43.10
N LYS C 566 39.23 -47.42 -42.69
CA LYS C 566 40.67 -47.25 -42.55
C LYS C 566 41.26 -48.25 -41.57
N ASN C 567 40.54 -48.56 -40.50
CA ASN C 567 41.05 -49.54 -39.53
C ASN C 567 41.06 -50.94 -40.12
N GLN C 568 40.06 -51.26 -40.96
CA GLN C 568 40.03 -52.57 -41.61
C GLN C 568 41.26 -52.74 -42.51
N GLU C 569 41.54 -51.76 -43.36
CA GLU C 569 42.72 -51.89 -44.22
C GLU C 569 44.01 -51.82 -43.41
N HIS C 570 44.03 -51.06 -42.32
CA HIS C 570 45.23 -50.97 -41.50
C HIS C 570 45.53 -52.31 -40.84
N ILE C 571 44.49 -53.02 -40.39
CA ILE C 571 44.68 -54.34 -39.81
C ILE C 571 45.08 -55.34 -40.89
N ALA C 572 44.46 -55.25 -42.07
CA ALA C 572 44.78 -56.18 -43.15
C ALA C 572 46.18 -55.98 -43.69
N LYS C 573 46.77 -54.80 -43.48
CA LYS C 573 48.15 -54.59 -43.91
C LYS C 573 49.11 -55.56 -43.24
N GLN C 574 48.83 -55.94 -41.98
CA GLN C 574 49.64 -56.90 -41.25
C GLN C 574 48.99 -58.29 -41.21
N PHE C 575 48.18 -58.60 -42.22
CA PHE C 575 47.54 -59.91 -42.28
C PHE C 575 48.55 -61.02 -42.46
N GLY C 576 49.67 -60.75 -43.13
CA GLY C 576 50.70 -61.76 -43.30
C GLY C 576 51.32 -62.18 -41.98
N MET C 577 51.50 -61.24 -41.06
CA MET C 577 51.96 -61.57 -39.72
C MET C 577 50.84 -62.13 -38.86
N MET C 578 49.60 -61.71 -39.13
CA MET C 578 48.46 -62.24 -38.37
C MET C 578 48.29 -63.74 -38.62
N GLN C 579 48.32 -64.15 -39.89
CA GLN C 579 48.07 -65.54 -40.25
C GLN C 579 49.17 -66.49 -39.78
N SER C 580 50.31 -65.98 -39.35
CA SER C 580 51.41 -66.84 -38.91
C SER C 580 51.17 -67.45 -37.53
N GLN C 581 50.07 -67.09 -36.85
CA GLN C 581 49.74 -67.62 -35.53
C GLN C 581 48.29 -68.08 -35.47
N ILE C 582 47.73 -68.49 -36.62
CA ILE C 582 46.37 -68.99 -36.64
C ILE C 582 46.27 -70.38 -36.05
N GLY C 583 47.37 -71.14 -36.03
CA GLY C 583 47.36 -72.49 -35.49
C GLY C 583 47.51 -72.53 -33.99
N TYR C 584 46.62 -71.84 -33.28
CA TYR C 584 46.61 -71.81 -31.83
C TYR C 584 45.16 -71.72 -31.37
N ASP C 585 44.98 -71.75 -30.05
CA ASP C 585 43.66 -71.85 -29.43
C ASP C 585 43.51 -70.84 -28.30
N ILE C 586 43.85 -69.58 -28.56
CA ILE C 586 43.63 -68.48 -27.62
C ILE C 586 42.47 -67.58 -28.06
N LEU C 587 42.62 -66.90 -29.21
CA LEU C 587 41.49 -66.20 -29.80
C LEU C 587 41.54 -66.17 -31.33
N ALA C 588 42.48 -66.84 -31.98
CA ALA C 588 42.71 -66.68 -33.40
C ALA C 588 41.53 -67.11 -34.27
N GLU C 589 40.63 -67.92 -33.72
CA GLU C 589 39.47 -68.38 -34.47
C GLU C 589 38.32 -67.37 -34.50
N ASP C 590 38.54 -66.15 -34.03
CA ASP C 590 37.51 -65.11 -33.99
C ASP C 590 37.90 -63.84 -34.74
N THR C 591 39.15 -63.39 -34.61
CA THR C 591 39.56 -62.15 -35.25
C THR C 591 39.58 -62.28 -36.77
N ILE C 592 40.15 -63.38 -37.27
CA ILE C 592 40.19 -63.60 -38.71
C ILE C 592 38.79 -63.80 -39.26
N THR C 593 37.88 -64.37 -38.46
CA THR C 593 36.52 -64.59 -38.92
C THR C 593 35.74 -63.27 -38.96
N ALA C 594 35.98 -62.39 -37.99
CA ALA C 594 35.28 -61.11 -37.95
C ALA C 594 35.86 -60.10 -38.93
N LEU C 595 37.13 -60.25 -39.31
CA LEU C 595 37.73 -59.31 -40.25
C LEU C 595 37.23 -59.54 -41.67
N LEU C 596 36.89 -60.77 -42.02
CA LEU C 596 36.46 -61.14 -43.36
C LEU C 596 34.97 -61.51 -43.39
N HIS C 597 34.17 -60.76 -42.63
CA HIS C 597 32.74 -61.06 -42.55
C HIS C 597 31.98 -60.50 -43.74
N ASN C 598 32.04 -59.18 -43.94
CA ASN C 598 31.28 -58.50 -44.99
C ASN C 598 32.10 -57.48 -45.78
N ASN C 599 33.36 -57.26 -45.43
CA ASN C 599 34.19 -56.29 -46.13
C ASN C 599 34.67 -56.91 -47.44
N ARG C 600 34.19 -56.39 -48.56
CA ARG C 600 34.57 -56.92 -49.87
C ARG C 600 35.92 -56.38 -50.32
N LYS C 601 36.13 -55.07 -50.18
CA LYS C 601 37.39 -54.48 -50.63
C LYS C 601 38.58 -54.99 -49.84
N LEU C 602 38.37 -55.35 -48.57
CA LEU C 602 39.46 -55.91 -47.78
C LEU C 602 39.95 -57.23 -48.38
N LEU C 603 39.02 -58.03 -48.91
CA LEU C 603 39.40 -59.27 -49.58
C LEU C 603 39.87 -59.04 -51.01
N GLU C 604 39.42 -57.95 -51.64
CA GLU C 604 39.81 -57.67 -53.01
C GLU C 604 41.24 -57.13 -53.09
N LYS C 605 41.65 -56.32 -52.12
CA LYS C 605 42.95 -55.65 -52.14
C LYS C 605 44.00 -56.37 -51.31
N HIS C 606 43.65 -56.84 -50.10
CA HIS C 606 44.62 -57.43 -49.17
C HIS C 606 44.60 -58.95 -49.21
N ILE C 607 44.39 -59.53 -50.38
CA ILE C 607 44.42 -60.98 -50.58
C ILE C 607 45.27 -61.27 -51.81
N THR C 608 46.31 -62.07 -51.64
CA THR C 608 47.25 -62.41 -52.70
C THR C 608 47.43 -63.92 -52.74
N LYS C 609 48.32 -64.37 -53.63
CA LYS C 609 48.57 -65.80 -53.78
C LYS C 609 49.39 -66.35 -52.62
N THR C 610 50.30 -65.54 -52.07
CA THR C 610 51.11 -65.98 -50.95
C THR C 610 50.25 -66.31 -49.74
N GLU C 611 49.19 -65.54 -49.52
CA GLU C 611 48.29 -65.81 -48.40
C GLU C 611 47.60 -67.15 -48.57
N VAL C 612 47.08 -67.43 -49.77
CA VAL C 612 46.42 -68.70 -50.02
C VAL C 612 47.41 -69.85 -49.89
N GLU C 613 48.65 -69.64 -50.34
CA GLU C 613 49.67 -70.67 -50.19
C GLU C 613 49.96 -70.95 -48.72
N THR C 614 50.02 -69.90 -47.90
CA THR C 614 50.23 -70.09 -46.47
C THR C 614 49.05 -70.82 -45.83
N PHE C 615 47.82 -70.49 -46.27
CA PHE C 615 46.66 -71.20 -45.77
C PHE C 615 46.72 -72.68 -46.13
N VAL C 616 47.14 -73.00 -47.36
CA VAL C 616 47.24 -74.39 -47.76
C VAL C 616 48.33 -75.11 -46.97
N SER C 617 49.44 -74.42 -46.70
CA SER C 617 50.50 -75.00 -45.90
C SER C 617 50.01 -75.32 -44.49
N LEU C 618 49.31 -74.37 -43.86
CA LEU C 618 48.77 -74.59 -42.52
C LEU C 618 47.70 -75.67 -42.53
N VAL C 619 46.99 -75.83 -43.64
CA VAL C 619 45.95 -76.85 -43.72
C VAL C 619 46.56 -78.24 -43.81
N ARG C 620 47.61 -78.39 -44.63
CA ARG C 620 48.26 -79.70 -44.75
C ARG C 620 49.07 -80.05 -43.51
N LYS C 621 49.52 -79.05 -42.75
CA LYS C 621 50.40 -79.33 -41.61
C LYS C 621 49.70 -80.19 -40.54
N ASN C 622 48.38 -80.13 -40.45
CA ASN C 622 47.62 -80.88 -39.45
C ASN C 622 46.39 -81.59 -39.99
N ARG C 623 45.82 -81.14 -41.10
CA ARG C 623 44.65 -81.79 -41.70
C ARG C 623 43.45 -81.78 -40.75
N GLU C 624 43.02 -80.57 -40.38
CA GLU C 624 41.87 -80.33 -39.53
C GLU C 624 40.77 -79.59 -40.29
N PRO C 625 39.48 -79.79 -39.95
CA PRO C 625 38.43 -79.05 -40.66
C PRO C 625 38.27 -77.62 -40.20
N ARG C 626 38.72 -77.28 -38.99
CA ARG C 626 38.61 -75.90 -38.52
C ARG C 626 39.44 -74.94 -39.37
N PHE C 627 40.62 -75.39 -39.81
CA PHE C 627 41.46 -74.57 -40.66
C PHE C 627 40.92 -74.48 -42.09
N LEU C 628 40.13 -75.45 -42.52
CA LEU C 628 39.55 -75.46 -43.85
C LEU C 628 38.25 -74.69 -43.94
N ASP C 629 37.51 -74.58 -42.83
CA ASP C 629 36.26 -73.84 -42.84
C ASP C 629 36.50 -72.37 -43.14
N TYR C 630 37.57 -71.79 -42.59
CA TYR C 630 37.88 -70.39 -42.86
C TYR C 630 38.34 -70.20 -44.30
N LEU C 631 39.10 -71.17 -44.84
CA LEU C 631 39.47 -71.10 -46.25
C LEU C 631 38.24 -71.17 -47.15
N SER C 632 37.23 -71.93 -46.75
CA SER C 632 35.99 -72.00 -47.53
C SER C 632 35.21 -70.69 -47.42
N ASP C 633 35.10 -70.15 -46.20
CA ASP C 633 34.38 -68.89 -46.00
C ASP C 633 35.08 -67.71 -46.66
N LEU C 634 36.38 -67.82 -46.91
CA LEU C 634 37.10 -66.75 -47.60
C LEU C 634 36.51 -66.48 -48.98
N CYS C 635 36.01 -67.52 -49.66
CA CYS C 635 35.47 -67.39 -51.00
C CYS C 635 34.00 -66.99 -51.04
N VAL C 636 33.30 -67.01 -49.89
CA VAL C 636 31.87 -66.70 -49.88
C VAL C 636 31.67 -65.21 -50.12
N SER C 637 32.20 -64.37 -49.22
CA SER C 637 32.08 -62.92 -49.33
C SER C 637 30.62 -62.48 -49.21
N ASN C 638 29.93 -63.04 -48.22
CA ASN C 638 28.55 -62.67 -47.91
C ASN C 638 27.62 -62.97 -49.08
N HIS C 639 27.69 -64.21 -49.58
CA HIS C 639 26.80 -64.68 -50.64
C HIS C 639 26.96 -63.87 -51.92
N ILE C 640 28.16 -63.34 -52.16
CA ILE C 640 28.46 -62.55 -53.34
C ILE C 640 29.31 -63.33 -54.34
N ALA C 641 30.27 -64.12 -53.84
CA ALA C 641 31.12 -64.95 -54.68
C ALA C 641 31.90 -64.09 -55.69
N ILE C 642 32.78 -63.26 -55.13
CA ILE C 642 33.61 -62.39 -55.98
C ILE C 642 34.48 -63.26 -56.87
N PRO C 643 34.74 -62.90 -58.13
CA PRO C 643 35.44 -63.81 -59.03
C PRO C 643 36.95 -63.82 -58.87
N VAL C 644 37.56 -62.73 -58.39
CA VAL C 644 39.01 -62.68 -58.29
C VAL C 644 39.52 -63.66 -57.24
N THR C 645 38.87 -63.68 -56.07
CA THR C 645 39.28 -64.62 -55.03
C THR C 645 38.96 -66.06 -55.43
N GLN C 646 37.87 -66.26 -56.18
CA GLN C 646 37.56 -67.59 -56.68
C GLN C 646 38.65 -68.06 -57.64
N GLU C 647 39.10 -67.19 -58.54
CA GLU C 647 40.18 -67.57 -59.45
C GLU C 647 41.47 -67.83 -58.69
N LEU C 648 41.76 -67.03 -57.67
CA LEU C 648 42.97 -67.22 -56.88
C LEU C 648 42.96 -68.57 -56.17
N ILE C 649 41.87 -68.88 -55.46
CA ILE C 649 41.80 -70.13 -54.72
C ILE C 649 41.70 -71.31 -55.67
N CYS C 650 41.14 -71.13 -56.87
CA CYS C 650 41.12 -72.20 -57.85
C CYS C 650 42.53 -72.49 -58.37
N LYS C 651 43.30 -71.45 -58.67
CA LYS C 651 44.66 -71.65 -59.15
C LYS C 651 45.56 -72.21 -58.06
N CYS C 652 45.28 -71.89 -56.80
CA CYS C 652 46.13 -72.33 -55.69
C CYS C 652 45.72 -73.66 -55.10
N VAL C 653 44.48 -74.11 -55.31
CA VAL C 653 43.96 -75.33 -54.69
C VAL C 653 43.98 -76.49 -55.66
N LEU C 654 43.70 -76.22 -56.94
CA LEU C 654 43.58 -77.26 -57.95
C LEU C 654 44.92 -77.62 -58.60
N ASP C 655 46.04 -77.31 -57.94
CA ASP C 655 47.35 -77.68 -58.49
C ASP C 655 47.60 -79.17 -58.24
N PRO C 656 48.19 -79.89 -59.21
CA PRO C 656 48.42 -81.33 -58.98
C PRO C 656 49.37 -81.63 -57.82
N LYS C 657 50.24 -80.69 -57.43
CA LYS C 657 51.16 -80.96 -56.34
C LYS C 657 50.45 -81.03 -54.99
N ASN C 658 49.30 -80.36 -54.85
CA ASN C 658 48.52 -80.38 -53.62
C ASN C 658 47.45 -81.46 -53.62
N SER C 659 47.68 -82.55 -54.36
CA SER C 659 46.72 -83.64 -54.44
C SER C 659 46.71 -84.50 -53.18
N ASP C 660 47.70 -84.35 -52.29
CA ASP C 660 47.74 -85.16 -51.08
C ASP C 660 46.74 -84.69 -50.04
N ILE C 661 46.36 -83.41 -50.07
CA ILE C 661 45.40 -82.88 -49.10
C ILE C 661 43.98 -83.25 -49.50
N LEU C 662 43.67 -83.17 -50.79
CA LEU C 662 42.32 -83.49 -51.27
C LEU C 662 42.12 -85.00 -51.33
N ILE C 663 40.91 -85.43 -51.00
CA ILE C 663 40.58 -86.85 -51.01
C ILE C 663 40.21 -87.28 -52.42
N ARG C 664 40.84 -88.35 -52.88
CA ARG C 664 40.53 -88.93 -54.19
C ARG C 664 39.38 -89.91 -54.03
N THR C 665 38.30 -89.68 -54.78
CA THR C 665 37.12 -90.51 -54.71
C THR C 665 37.17 -91.60 -55.77
N GLU C 666 36.89 -92.84 -55.36
CA GLU C 666 36.91 -93.98 -56.25
C GLU C 666 35.48 -94.40 -56.59
N LEU C 667 35.31 -94.93 -57.80
CA LEU C 667 34.00 -95.39 -58.26
C LEU C 667 34.16 -96.47 -59.33
N THR C 692 39.93 -93.38 -50.99
CA THR C 692 41.35 -93.38 -50.65
C THR C 692 41.84 -91.97 -50.37
N TRP C 693 42.60 -91.82 -49.29
CA TRP C 693 43.16 -90.53 -48.89
C TRP C 693 44.54 -90.75 -48.30
N THR C 694 45.19 -89.65 -47.92
CA THR C 694 46.53 -89.67 -47.34
C THR C 694 46.43 -89.33 -45.86
N ASP C 695 47.10 -90.13 -45.04
CA ASP C 695 47.10 -89.91 -43.60
C ASP C 695 48.03 -88.75 -43.23
N LYS C 696 48.10 -88.46 -41.93
CA LYS C 696 48.95 -87.37 -41.46
C LYS C 696 50.41 -87.76 -41.37
N ASN C 697 50.72 -89.06 -41.22
CA ASN C 697 52.09 -89.54 -41.11
C ASN C 697 52.69 -89.94 -42.45
N ASN C 698 52.23 -89.33 -43.55
CA ASN C 698 52.72 -89.63 -44.89
C ASN C 698 52.48 -91.10 -45.24
N GLU C 699 51.21 -91.48 -45.22
CA GLU C 699 50.79 -92.84 -45.56
C GLU C 699 49.60 -92.80 -46.51
N HIS C 700 48.99 -93.96 -46.77
CA HIS C 700 47.84 -94.06 -47.66
C HIS C 700 46.87 -95.09 -47.09
N HIS C 701 45.65 -94.65 -46.83
CA HIS C 701 44.60 -95.49 -46.27
C HIS C 701 43.39 -95.47 -47.19
N GLU C 702 42.92 -96.65 -47.58
CA GLU C 702 41.76 -96.81 -48.45
C GLU C 702 40.71 -97.64 -47.72
N LYS C 703 39.50 -97.11 -47.63
CA LYS C 703 38.39 -97.79 -46.97
C LYS C 703 37.13 -97.61 -47.81
N SER C 704 36.20 -98.55 -47.64
CA SER C 704 34.94 -98.50 -48.38
C SER C 704 34.01 -97.47 -47.75
N VAL C 705 32.96 -97.13 -48.51
CA VAL C 705 31.97 -96.17 -48.02
C VAL C 705 31.09 -96.81 -46.95
N ARG C 706 30.57 -98.01 -47.24
CA ARG C 706 29.74 -98.71 -46.25
C ARG C 706 30.55 -99.12 -45.04
N GLN C 707 31.84 -99.46 -45.24
CA GLN C 707 32.69 -99.80 -44.10
C GLN C 707 32.89 -98.61 -43.19
N LEU C 708 33.18 -97.43 -43.77
CA LEU C 708 33.30 -96.22 -42.98
C LEU C 708 31.98 -95.87 -42.30
N ALA C 709 30.85 -96.13 -42.97
CA ALA C 709 29.55 -95.86 -42.37
C ALA C 709 29.31 -96.75 -41.17
N GLN C 710 29.64 -98.04 -41.28
CA GLN C 710 29.49 -98.95 -40.15
C GLN C 710 30.43 -98.54 -39.02
N GLU C 711 31.64 -98.10 -39.35
CA GLU C 711 32.57 -97.65 -38.31
C GLU C 711 32.05 -96.42 -37.60
N ALA C 712 31.43 -95.49 -38.33
CA ALA C 712 30.90 -94.28 -37.72
C ALA C 712 29.67 -94.58 -36.88
N ARG C 713 28.81 -95.49 -37.34
CA ARG C 713 27.62 -95.84 -36.58
C ARG C 713 27.97 -96.65 -35.34
N ALA C 714 29.05 -97.43 -35.39
CA ALA C 714 29.45 -98.23 -34.23
C ALA C 714 30.29 -97.43 -33.24
N GLY C 715 30.97 -96.38 -33.70
CA GLY C 715 31.78 -95.54 -32.85
C GLY C 715 33.26 -95.69 -33.13
N ASN C 716 33.85 -94.70 -33.78
CA ASN C 716 35.27 -94.70 -34.09
C ASN C 716 35.75 -93.27 -34.23
N ALA C 717 36.88 -92.95 -33.61
CA ALA C 717 37.39 -91.59 -33.61
C ALA C 717 38.03 -91.23 -34.95
N HIS C 718 38.93 -92.09 -35.45
CA HIS C 718 39.61 -91.80 -36.70
C HIS C 718 38.64 -91.79 -37.87
N ASP C 719 37.69 -92.73 -37.88
CA ASP C 719 36.71 -92.77 -38.96
C ASP C 719 35.83 -91.53 -38.96
N GLU C 720 35.38 -91.11 -37.77
CA GLU C 720 34.55 -89.90 -37.69
C GLU C 720 35.34 -88.67 -38.10
N ASN C 721 36.62 -88.60 -37.72
CA ASN C 721 37.45 -87.47 -38.11
C ASN C 721 37.64 -87.43 -39.62
N VAL C 722 37.89 -88.58 -40.23
CA VAL C 722 38.05 -88.63 -41.69
C VAL C 722 36.75 -88.26 -42.38
N LEU C 723 35.62 -88.68 -41.81
CA LEU C 723 34.32 -88.34 -42.41
C LEU C 723 34.07 -86.84 -42.32
N SER C 724 34.38 -86.22 -41.18
CA SER C 724 34.21 -84.78 -41.07
C SER C 724 35.14 -84.04 -42.00
N TYR C 725 36.37 -84.52 -42.15
CA TYR C 725 37.31 -83.91 -43.09
C TYR C 725 36.79 -83.98 -44.51
N TYR C 726 36.24 -85.14 -44.90
CA TYR C 726 35.68 -85.29 -46.23
C TYR C 726 34.45 -84.41 -46.42
N ARG C 727 33.64 -84.25 -45.36
CA ARG C 727 32.47 -83.38 -45.44
C ARG C 727 32.89 -81.93 -45.66
N TYR C 728 33.91 -81.48 -44.94
CA TYR C 728 34.38 -80.11 -45.12
C TYR C 728 35.04 -79.93 -46.49
N GLN C 729 35.71 -80.96 -47.00
CA GLN C 729 36.26 -80.88 -48.35
C GLN C 729 35.15 -80.77 -49.38
N LEU C 730 34.08 -81.53 -49.21
CA LEU C 730 32.94 -81.43 -50.12
C LEU C 730 32.29 -80.05 -50.01
N LYS C 731 32.24 -79.49 -48.80
CA LYS C 731 31.70 -78.15 -48.62
C LYS C 731 32.56 -77.12 -49.34
N LEU C 732 33.88 -77.29 -49.28
CA LEU C 732 34.78 -76.38 -50.00
C LEU C 732 34.57 -76.51 -51.50
N PHE C 733 34.45 -77.73 -52.01
CA PHE C 733 34.19 -77.94 -53.43
C PHE C 733 32.87 -77.29 -53.84
N ALA C 734 31.86 -77.37 -52.97
CA ALA C 734 30.58 -76.75 -53.26
C ALA C 734 30.69 -75.24 -53.29
N ARG C 735 31.44 -74.66 -52.35
CA ARG C 735 31.57 -73.21 -52.28
C ARG C 735 32.45 -72.66 -53.40
N MET C 736 33.26 -73.50 -54.04
CA MET C 736 34.09 -73.08 -55.16
C MET C 736 33.36 -73.12 -56.49
N CYS C 737 32.04 -73.33 -56.49
CA CYS C 737 31.24 -73.40 -57.71
C CYS C 737 29.94 -72.63 -57.53
N LEU C 738 30.02 -71.47 -56.89
CA LEU C 738 28.82 -70.64 -56.69
C LEU C 738 28.35 -69.98 -57.97
N ASP C 739 29.23 -69.81 -58.95
CA ASP C 739 28.89 -69.23 -60.25
C ASP C 739 29.51 -70.09 -61.34
N ARG C 740 29.29 -69.67 -62.59
CA ARG C 740 29.79 -70.38 -63.77
C ARG C 740 31.05 -69.69 -64.27
N GLN C 741 32.16 -69.95 -63.56
CA GLN C 741 33.44 -69.35 -63.94
C GLN C 741 34.17 -70.14 -65.01
N TYR C 742 33.83 -71.41 -65.21
CA TYR C 742 34.46 -72.25 -66.23
C TYR C 742 35.96 -72.40 -65.98
N LEU C 743 36.33 -72.54 -64.71
CA LEU C 743 37.71 -72.73 -64.28
C LEU C 743 37.88 -73.93 -63.37
N ALA C 744 36.89 -74.20 -62.51
CA ALA C 744 36.92 -75.35 -61.60
C ALA C 744 35.84 -76.37 -61.90
N ILE C 745 34.82 -76.02 -62.68
CA ILE C 745 33.76 -76.96 -63.02
C ILE C 745 34.26 -78.06 -63.95
N ASP C 746 35.35 -77.81 -64.69
CA ASP C 746 35.91 -78.80 -65.61
C ASP C 746 36.81 -79.82 -64.92
N GLU C 747 36.83 -79.86 -63.59
CA GLU C 747 37.63 -80.82 -62.83
C GLU C 747 36.81 -81.64 -61.87
N ILE C 748 35.80 -81.05 -61.23
CA ILE C 748 34.95 -81.81 -60.31
C ILE C 748 33.93 -82.64 -61.07
N SER C 749 33.55 -82.21 -62.28
CA SER C 749 32.57 -82.97 -63.06
C SER C 749 33.13 -84.32 -63.49
N GLN C 750 34.41 -84.36 -63.85
CA GLN C 750 35.05 -85.61 -64.24
C GLN C 750 35.44 -86.47 -63.05
N GLN C 751 35.48 -85.91 -61.83
CA GLN C 751 35.84 -86.66 -60.64
C GLN C 751 34.64 -87.27 -59.93
N LEU C 752 33.49 -86.60 -59.97
CA LEU C 752 32.28 -87.06 -59.32
C LEU C 752 31.22 -87.54 -60.29
N GLY C 753 30.84 -86.70 -61.26
CA GLY C 753 29.84 -87.08 -62.23
C GLY C 753 28.44 -87.04 -61.67
N VAL C 754 27.47 -87.38 -62.52
CA VAL C 754 26.07 -87.38 -62.15
C VAL C 754 25.64 -88.70 -61.49
N ASP C 755 26.34 -89.80 -61.75
CA ASP C 755 25.96 -91.08 -61.18
C ASP C 755 26.30 -91.16 -59.70
N LEU C 756 27.46 -90.63 -59.30
CA LEU C 756 27.85 -90.64 -57.90
C LEU C 756 26.90 -89.82 -57.05
N ILE C 757 26.29 -88.78 -57.62
CA ILE C 757 25.33 -87.96 -56.88
C ILE C 757 24.13 -88.81 -56.46
N PHE C 758 23.61 -89.62 -57.38
CA PHE C 758 22.49 -90.49 -57.05
C PHE C 758 22.93 -91.66 -56.19
N LEU C 759 24.17 -92.14 -56.38
CA LEU C 759 24.63 -93.30 -55.63
C LEU C 759 24.86 -92.96 -54.16
N CYS C 760 25.37 -91.75 -53.88
CA CYS C 760 25.66 -91.38 -52.50
C CYS C 760 24.40 -91.15 -51.69
N MET C 761 23.34 -90.63 -52.33
CA MET C 761 22.07 -90.35 -51.67
C MET C 761 21.03 -91.43 -51.95
N ALA C 762 21.48 -92.65 -52.26
CA ALA C 762 20.54 -93.72 -52.62
C ALA C 762 19.96 -94.40 -51.38
N ASP C 763 20.82 -95.00 -50.56
CA ASP C 763 20.39 -95.85 -49.45
C ASP C 763 21.29 -95.65 -48.25
N GLU C 764 20.86 -94.78 -47.33
CA GLU C 764 21.37 -94.72 -45.96
C GLU C 764 22.88 -94.45 -45.93
N MET C 765 23.23 -93.24 -46.35
CA MET C 765 24.54 -92.69 -46.01
C MET C 765 24.66 -92.61 -44.48
N LEU C 766 25.90 -92.41 -44.00
CA LEU C 766 26.18 -92.56 -42.58
C LEU C 766 25.37 -91.58 -41.72
N PRO C 767 25.53 -90.24 -41.86
CA PRO C 767 24.39 -89.35 -41.55
C PRO C 767 23.64 -88.98 -42.82
N PHE C 768 22.41 -88.50 -42.67
CA PHE C 768 21.73 -87.88 -43.80
C PHE C 768 22.34 -86.54 -44.17
N ASP C 769 23.04 -85.89 -43.23
CA ASP C 769 23.65 -84.60 -43.51
C ASP C 769 24.82 -84.73 -44.49
N LEU C 770 25.56 -85.85 -44.43
CA LEU C 770 26.64 -86.06 -45.39
C LEU C 770 26.10 -86.18 -46.81
N ARG C 771 25.05 -87.00 -46.98
CA ARG C 771 24.40 -87.08 -48.28
C ARG C 771 23.79 -85.75 -48.68
N ALA C 772 23.32 -84.96 -47.71
CA ALA C 772 22.78 -83.65 -48.02
C ALA C 772 23.85 -82.72 -48.57
N SER C 773 25.04 -82.72 -47.96
CA SER C 773 26.13 -81.89 -48.44
C SER C 773 26.61 -82.37 -49.82
N PHE C 774 26.67 -83.69 -50.01
CA PHE C 774 27.03 -84.23 -51.31
C PHE C 774 26.04 -83.80 -52.37
N CYS C 775 24.75 -83.82 -52.05
CA CYS C 775 23.72 -83.40 -53.01
C CYS C 775 23.78 -81.90 -53.25
N HIS C 776 24.14 -81.11 -52.23
CA HIS C 776 24.34 -79.68 -52.41
C HIS C 776 25.44 -79.43 -53.43
N LEU C 777 26.59 -80.09 -53.24
CA LEU C 777 27.69 -79.95 -54.19
C LEU C 777 27.29 -80.42 -55.59
N MET C 778 26.57 -81.54 -55.66
CA MET C 778 26.17 -82.08 -56.96
C MET C 778 25.22 -81.13 -57.67
N LEU C 779 24.26 -80.55 -56.95
CA LEU C 779 23.34 -79.59 -57.55
C LEU C 779 24.07 -78.35 -58.02
N HIS C 780 24.99 -77.82 -57.20
CA HIS C 780 25.73 -76.63 -57.60
C HIS C 780 26.63 -76.92 -58.80
N VAL C 781 27.10 -78.15 -58.96
CA VAL C 781 28.00 -78.47 -60.06
C VAL C 781 27.23 -78.80 -61.34
N HIS C 782 26.03 -79.37 -61.23
CA HIS C 782 25.30 -79.88 -62.38
C HIS C 782 24.19 -78.96 -62.87
N VAL C 783 23.59 -78.16 -61.98
CA VAL C 783 22.44 -77.34 -62.32
C VAL C 783 22.83 -75.89 -62.59
N ASP C 784 24.10 -75.66 -62.96
CA ASP C 784 24.59 -74.32 -63.26
C ASP C 784 25.52 -74.33 -64.48
N ARG C 785 25.28 -75.25 -65.41
CA ARG C 785 26.10 -75.35 -66.61
C ARG C 785 25.74 -74.26 -67.61
N PRO C 787 24.16 -74.55 -70.52
CA PRO C 787 22.86 -74.51 -71.22
C PRO C 787 21.67 -74.46 -70.25
N GLN C 788 21.52 -73.32 -69.56
CA GLN C 788 20.44 -73.13 -68.61
C GLN C 788 20.02 -71.67 -68.65
N GLU C 789 18.77 -71.43 -69.00
CA GLU C 789 18.21 -70.09 -69.11
C GLU C 789 17.02 -69.95 -68.16
N LEU C 790 16.90 -68.78 -67.54
CA LEU C 790 15.81 -68.49 -66.62
C LEU C 790 14.64 -67.96 -67.44
N VAL C 791 13.72 -68.87 -67.80
CA VAL C 791 12.58 -68.49 -68.61
C VAL C 791 11.57 -67.73 -67.76
N THR C 792 10.83 -66.83 -68.40
CA THR C 792 9.84 -66.05 -67.69
C THR C 792 8.65 -66.93 -67.30
N PRO C 793 8.09 -66.78 -66.09
CA PRO C 793 6.92 -67.62 -65.75
C PRO C 793 5.65 -67.24 -66.48
N VAL C 794 5.56 -66.02 -67.02
CA VAL C 794 4.35 -65.52 -67.68
C VAL C 794 4.77 -64.87 -68.98
N LYS C 795 4.25 -65.38 -70.10
CA LYS C 795 4.55 -64.81 -71.40
C LYS C 795 3.72 -63.55 -71.61
N PHE C 796 4.39 -62.47 -72.03
CA PHE C 796 3.75 -61.18 -72.24
C PHE C 796 3.49 -60.87 -73.71
N ALA C 797 3.87 -61.76 -74.63
CA ALA C 797 3.69 -61.53 -76.06
C ALA C 797 3.39 -62.85 -76.75
N ARG C 798 2.36 -62.84 -77.60
CA ARG C 798 1.93 -64.01 -78.35
C ARG C 798 1.99 -63.70 -79.84
N LEU C 799 1.88 -64.75 -80.64
CA LEU C 799 1.98 -64.67 -82.10
C LEU C 799 0.73 -65.24 -82.74
N TRP C 800 0.48 -64.81 -83.97
CA TRP C 800 -0.67 -65.29 -84.73
C TRP C 800 -0.43 -66.72 -85.20
N THR C 801 -1.53 -67.44 -85.41
CA THR C 801 -1.48 -68.82 -85.91
C THR C 801 -0.79 -69.75 -84.91
N GLU C 802 -0.89 -69.43 -83.62
CA GLU C 802 -0.36 -70.26 -82.56
C GLU C 802 -1.32 -70.49 -81.40
N ILE C 803 -2.31 -69.62 -81.19
CA ILE C 803 -3.28 -69.77 -80.12
C ILE C 803 -4.41 -70.66 -80.65
N PRO C 804 -4.57 -71.89 -80.17
CA PRO C 804 -5.63 -72.75 -80.71
C PRO C 804 -7.01 -72.26 -80.28
N THR C 805 -8.02 -72.87 -80.90
CA THR C 805 -9.40 -72.52 -80.55
C THR C 805 -9.76 -72.97 -79.15
N ALA C 806 -9.16 -74.07 -78.68
CA ALA C 806 -9.36 -74.58 -77.34
C ALA C 806 -8.03 -75.03 -76.77
N ILE C 807 -7.94 -75.04 -75.44
CA ILE C 807 -6.73 -75.43 -74.73
C ILE C 807 -7.12 -76.39 -73.61
N THR C 808 -6.13 -77.14 -73.14
CA THR C 808 -6.30 -78.11 -72.07
C THR C 808 -5.06 -78.11 -71.19
N ILE C 809 -5.20 -78.70 -70.00
CA ILE C 809 -4.07 -78.78 -69.08
C ILE C 809 -2.98 -79.68 -69.65
N LYS C 810 -3.36 -80.83 -70.19
CA LYS C 810 -2.37 -81.72 -70.80
C LYS C 810 -1.87 -81.17 -72.13
N ASP C 811 -2.71 -80.41 -72.85
CA ASP C 811 -2.29 -79.83 -74.12
C ASP C 811 -1.31 -78.68 -73.91
N TYR C 812 -1.37 -78.03 -72.75
CA TYR C 812 -0.44 -76.92 -72.48
C TYR C 812 1.00 -77.41 -72.38
N ASP C 813 1.21 -78.64 -71.91
CA ASP C 813 2.56 -79.19 -71.85
C ASP C 813 3.11 -79.41 -73.26
N SER C 814 2.28 -79.94 -74.16
CA SER C 814 2.71 -80.09 -75.55
C SER C 814 2.92 -78.74 -76.22
N ASN C 815 2.13 -77.74 -75.85
CA ASN C 815 2.32 -76.40 -76.39
C ASN C 815 3.62 -75.78 -75.91
N LEU C 816 4.08 -76.16 -74.71
CA LEU C 816 5.32 -75.66 -74.15
C LEU C 816 6.56 -76.44 -74.61
N ASN C 817 6.40 -77.37 -75.53
CA ASN C 817 7.51 -78.19 -76.02
C ASN C 817 8.18 -78.95 -74.89
N ASN C 825 16.23 -83.16 -69.91
CA ASN C 825 15.53 -84.17 -69.13
C ASN C 825 16.46 -85.33 -68.78
N LYS C 826 17.71 -85.01 -68.45
CA LYS C 826 18.68 -86.04 -68.09
C LYS C 826 18.54 -86.45 -66.63
N PHE C 827 18.27 -85.48 -65.75
CA PHE C 827 18.12 -85.73 -64.32
C PHE C 827 16.67 -85.90 -63.91
N ALA C 828 15.83 -86.41 -64.82
CA ALA C 828 14.41 -86.59 -64.50
C ALA C 828 14.22 -87.67 -63.45
N ASN C 829 15.02 -88.73 -63.49
CA ASN C 829 14.94 -89.76 -62.45
C ASN C 829 15.31 -89.19 -61.09
N THR C 830 16.27 -88.26 -61.04
CA THR C 830 16.58 -87.59 -59.79
C THR C 830 15.42 -86.73 -59.32
N MET C 831 14.70 -86.09 -60.26
CA MET C 831 13.51 -85.33 -59.89
C MET C 831 12.45 -86.24 -59.27
N GLU C 832 12.23 -87.41 -59.88
CA GLU C 832 11.29 -88.38 -59.31
C GLU C 832 11.77 -88.87 -57.96
N PHE C 833 13.09 -89.02 -57.78
CA PHE C 833 13.62 -89.48 -56.51
C PHE C 833 13.37 -88.47 -55.41
N VAL C 834 13.63 -87.18 -55.68
CA VAL C 834 13.40 -86.18 -54.65
C VAL C 834 11.90 -85.98 -54.43
N GLU C 835 11.08 -86.19 -55.46
CA GLU C 835 9.63 -86.17 -55.24
C GLU C 835 9.19 -87.29 -54.31
N ASP C 836 9.74 -88.48 -54.49
CA ASP C 836 9.45 -89.59 -53.58
C ASP C 836 9.98 -89.31 -52.19
N TYR C 837 11.12 -88.61 -52.08
CA TYR C 837 11.63 -88.22 -50.78
C TYR C 837 10.69 -87.25 -50.08
N LEU C 838 10.15 -86.29 -50.83
CA LEU C 838 9.16 -85.38 -50.27
C LEU C 838 7.91 -86.13 -49.83
N ASN C 839 7.49 -87.12 -50.63
CA ASN C 839 6.33 -87.93 -50.25
C ASN C 839 6.59 -88.71 -48.97
N ASN C 840 7.80 -89.26 -48.83
CA ASN C 840 8.15 -89.98 -47.60
C ASN C 840 8.17 -89.04 -46.41
N VAL C 841 8.71 -87.83 -46.59
CA VAL C 841 8.74 -86.86 -45.50
C VAL C 841 7.33 -86.43 -45.14
N VAL C 842 6.41 -86.42 -46.10
CA VAL C 842 5.02 -86.06 -45.80
C VAL C 842 4.34 -87.15 -44.99
N SER C 843 4.65 -88.41 -45.28
CA SER C 843 4.07 -89.55 -44.57
C SER C 843 4.91 -89.92 -43.34
N GLU C 844 5.15 -88.94 -42.47
CA GLU C 844 5.90 -89.15 -41.24
C GLU C 844 5.27 -88.49 -40.02
N ALA C 845 4.32 -87.58 -40.19
CA ALA C 845 3.62 -86.93 -39.08
C ALA C 845 4.54 -86.13 -38.18
N VAL C 846 5.67 -85.67 -38.71
CA VAL C 846 6.65 -84.90 -37.93
C VAL C 846 7.48 -84.07 -38.89
N PRO C 847 7.02 -82.91 -39.35
CA PRO C 847 7.78 -82.15 -40.35
C PRO C 847 8.89 -81.33 -39.71
N PHE C 848 10.12 -81.56 -40.16
CA PHE C 848 11.29 -80.80 -39.69
C PHE C 848 11.49 -80.97 -38.19
N ALA C 849 11.24 -82.19 -37.70
CA ALA C 849 11.43 -82.52 -36.29
C ALA C 849 12.80 -83.08 -35.98
N ASN C 850 13.46 -83.70 -36.96
CA ASN C 850 14.80 -84.26 -36.79
C ASN C 850 15.83 -83.28 -37.35
N GLU C 851 16.94 -83.13 -36.62
CA GLU C 851 17.98 -82.19 -37.04
C GLU C 851 18.63 -82.64 -38.35
N GLU C 852 18.98 -83.92 -38.44
CA GLU C 852 19.58 -84.43 -39.67
C GLU C 852 18.61 -84.33 -40.84
N LYS C 853 17.35 -84.74 -40.62
CA LYS C 853 16.34 -84.60 -41.67
C LYS C 853 16.07 -83.14 -41.99
N ASN C 854 16.12 -82.27 -40.99
CA ASN C 854 15.92 -80.85 -41.23
C ASN C 854 17.03 -80.29 -42.12
N LYS C 855 18.27 -80.72 -41.89
CA LYS C 855 19.37 -80.27 -42.74
C LYS C 855 19.30 -80.89 -44.12
N LEU C 856 18.77 -82.11 -44.23
CA LEU C 856 18.69 -82.78 -45.52
C LEU C 856 17.58 -82.23 -46.39
N THR C 857 16.47 -81.80 -45.79
CA THR C 857 15.37 -81.27 -46.57
C THR C 857 15.73 -79.96 -47.26
N PHE C 858 16.63 -79.18 -46.66
CA PHE C 858 16.95 -77.86 -47.20
C PHE C 858 17.64 -77.96 -48.55
N GLU C 859 18.61 -78.87 -48.67
CA GLU C 859 19.32 -79.02 -49.94
C GLU C 859 18.38 -79.52 -51.04
N VAL C 860 17.50 -80.47 -50.71
CA VAL C 860 16.57 -80.98 -51.70
C VAL C 860 15.58 -79.91 -52.12
N VAL C 861 15.12 -79.09 -51.17
CA VAL C 861 14.19 -78.01 -51.49
C VAL C 861 14.86 -77.00 -52.39
N SER C 862 16.12 -76.66 -52.10
CA SER C 862 16.84 -75.70 -52.94
C SER C 862 17.07 -76.27 -54.34
N LEU C 863 17.37 -77.56 -54.43
CA LEU C 863 17.57 -78.19 -55.74
C LEU C 863 16.28 -78.16 -56.55
N ALA C 864 15.16 -78.51 -55.92
CA ALA C 864 13.87 -78.45 -56.61
C ALA C 864 13.52 -77.02 -57.01
N HIS C 865 13.85 -76.05 -56.15
CA HIS C 865 13.61 -74.64 -56.46
C HIS C 865 14.38 -74.22 -57.69
N ASN C 866 15.67 -74.56 -57.75
CA ASN C 866 16.48 -74.21 -58.91
C ASN C 866 15.98 -74.91 -60.16
N LEU C 867 15.57 -76.18 -60.03
CA LEU C 867 15.07 -76.92 -61.18
C LEU C 867 13.77 -76.32 -61.71
N ILE C 868 12.91 -75.84 -60.81
CA ILE C 868 11.64 -75.26 -61.22
C ILE C 868 11.85 -73.88 -61.84
N TYR C 869 12.77 -73.09 -61.28
CA TYR C 869 13.04 -71.78 -61.84
C TYR C 869 13.77 -71.88 -63.18
N PHE C 870 14.55 -72.94 -63.39
CA PHE C 870 15.12 -73.19 -64.71
C PHE C 870 14.06 -73.74 -65.65
N GLY C 871 13.27 -74.68 -65.18
CA GLY C 871 12.13 -75.21 -65.93
C GLY C 871 12.40 -76.56 -66.57
N PHE C 872 11.96 -77.63 -65.90
CA PHE C 872 12.03 -78.98 -66.44
C PHE C 872 10.83 -79.81 -66.02
N TYR C 873 9.70 -79.16 -65.77
CA TYR C 873 8.52 -79.81 -65.21
C TYR C 873 7.30 -79.56 -66.08
N SER C 874 6.28 -80.40 -65.88
CA SER C 874 5.00 -80.30 -66.56
C SER C 874 3.95 -79.79 -65.58
N PHE C 875 2.78 -79.44 -66.13
CA PHE C 875 1.75 -78.80 -65.31
C PHE C 875 1.12 -79.78 -64.33
N SER C 876 0.90 -81.03 -64.74
CA SER C 876 0.36 -82.02 -63.82
C SER C 876 1.35 -82.32 -62.70
N GLU C 877 2.62 -82.48 -63.04
CA GLU C 877 3.65 -82.67 -62.02
C GLU C 877 3.73 -81.45 -61.11
N LEU C 878 3.59 -80.25 -61.66
CA LEU C 878 3.61 -79.04 -60.84
C LEU C 878 2.43 -79.01 -59.88
N LEU C 879 1.25 -79.43 -60.34
CA LEU C 879 0.09 -79.45 -59.47
C LEU C 879 0.25 -80.48 -58.35
N ARG C 880 0.77 -81.67 -58.68
CA ARG C 880 1.01 -82.67 -57.66
C ARG C 880 2.05 -82.19 -56.64
N LEU C 881 3.10 -81.51 -57.13
CA LEU C 881 4.12 -80.99 -56.23
C LEU C 881 3.54 -79.91 -55.32
N THR C 882 2.71 -79.03 -55.87
CA THR C 882 2.07 -78.00 -55.05
C THR C 882 1.17 -78.62 -53.99
N ARG C 883 0.42 -79.66 -54.38
CA ARG C 883 -0.46 -80.33 -53.43
C ARG C 883 0.33 -80.96 -52.29
N THR C 884 1.33 -81.78 -52.62
CA THR C 884 2.09 -82.47 -51.58
C THR C 884 2.98 -81.53 -50.78
N LEU C 885 3.29 -80.34 -51.31
CA LEU C 885 4.07 -79.37 -50.55
C LEU C 885 3.19 -78.54 -49.64
N LEU C 886 1.97 -78.21 -50.07
CA LEU C 886 1.02 -77.56 -49.17
C LEU C 886 0.56 -78.51 -48.07
N GLY C 887 0.55 -79.81 -48.35
CA GLY C 887 0.24 -80.80 -47.33
C GLY C 887 1.36 -81.03 -46.33
N ILE C 888 2.55 -80.47 -46.57
CA ILE C 888 3.68 -80.67 -45.67
C ILE C 888 3.70 -79.66 -44.52
N ILE C 889 3.01 -78.53 -44.65
CA ILE C 889 3.01 -77.49 -43.63
C ILE C 889 1.86 -77.74 -42.67
N ASP C 890 2.17 -77.82 -41.38
CA ASP C 890 1.18 -78.04 -40.34
C ASP C 890 0.44 -79.36 -40.57
N ASP C 958 16.64 -73.74 -36.53
CA ASP C 958 15.77 -72.58 -36.35
C ASP C 958 15.60 -71.82 -37.66
N ILE C 959 16.73 -71.50 -38.29
CA ILE C 959 16.71 -70.75 -39.55
C ILE C 959 16.58 -71.65 -40.77
N VAL C 960 16.95 -72.93 -40.68
CA VAL C 960 16.87 -73.82 -41.83
C VAL C 960 15.42 -74.05 -42.22
N VAL C 961 14.55 -74.28 -41.23
CA VAL C 961 13.13 -74.48 -41.52
C VAL C 961 12.53 -73.21 -42.12
N MET C 962 12.96 -72.05 -41.63
CA MET C 962 12.46 -70.79 -42.17
C MET C 962 12.89 -70.62 -43.63
N GLU C 963 14.14 -70.94 -43.95
CA GLU C 963 14.60 -70.85 -45.33
C GLU C 963 13.86 -71.83 -46.22
N THR C 964 13.60 -73.04 -45.73
CA THR C 964 12.84 -74.01 -46.50
C THR C 964 11.42 -73.52 -46.76
N LYS C 965 10.80 -72.90 -45.74
CA LYS C 965 9.47 -72.35 -45.92
C LYS C 965 9.48 -71.20 -46.93
N LEU C 966 10.53 -70.38 -46.91
CA LEU C 966 10.64 -69.31 -47.88
C LEU C 966 10.77 -69.85 -49.30
N LYS C 967 11.57 -70.92 -49.47
CA LYS C 967 11.70 -71.54 -50.77
C LYS C 967 10.37 -72.14 -51.23
N ILE C 968 9.62 -72.74 -50.31
CA ILE C 968 8.32 -73.29 -50.66
C ILE C 968 7.36 -72.18 -51.07
N LEU C 969 7.42 -71.04 -50.39
CA LEU C 969 6.58 -69.91 -50.77
C LEU C 969 6.96 -69.37 -52.14
N GLU C 970 8.25 -69.36 -52.45
CA GLU C 970 8.68 -68.92 -53.78
C GLU C 970 8.17 -69.89 -54.85
N ILE C 971 8.22 -71.19 -54.57
CA ILE C 971 7.70 -72.17 -55.51
C ILE C 971 6.20 -72.00 -55.70
N LEU C 972 5.49 -71.67 -54.61
CA LEU C 972 4.06 -71.42 -54.71
C LEU C 972 3.77 -70.19 -55.55
N GLN C 973 4.59 -69.14 -55.40
CA GLN C 973 4.43 -67.95 -56.23
C GLN C 973 4.68 -68.27 -57.70
N PHE C 974 5.67 -69.12 -57.97
CA PHE C 974 5.93 -69.56 -59.34
C PHE C 974 4.73 -70.31 -59.91
N ILE C 975 4.14 -71.19 -59.10
CA ILE C 975 2.96 -71.94 -59.54
C ILE C 975 1.80 -70.98 -59.81
N LEU C 976 1.65 -69.95 -58.98
CA LEU C 976 0.60 -68.96 -59.19
C LEU C 976 0.83 -68.18 -60.48
N ASN C 977 2.09 -67.87 -60.78
CA ASN C 977 2.39 -67.20 -62.04
C ASN C 977 2.06 -68.09 -63.23
N VAL C 978 2.36 -69.38 -63.13
CA VAL C 978 1.99 -70.32 -64.20
C VAL C 978 0.47 -70.38 -64.34
N ARG C 979 -0.24 -70.33 -63.23
CA ARG C 979 -1.70 -70.34 -63.28
C ARG C 979 -2.24 -69.08 -63.95
N LEU C 980 -1.62 -67.93 -63.67
CA LEU C 980 -2.00 -66.69 -64.34
C LEU C 980 -1.76 -66.78 -65.84
N ASP C 981 -0.63 -67.39 -66.23
CA ASP C 981 -0.36 -67.60 -67.65
C ASP C 981 -1.41 -68.49 -68.29
N TYR C 982 -1.82 -69.54 -67.58
CA TYR C 982 -2.85 -70.43 -68.11
C TYR C 982 -4.19 -69.71 -68.26
N ARG C 983 -4.53 -68.84 -67.31
CA ARG C 983 -5.76 -68.07 -67.41
C ARG C 983 -5.71 -67.12 -68.60
N ILE C 984 -4.57 -66.46 -68.80
CA ILE C 984 -4.40 -65.59 -69.97
C ILE C 984 -4.55 -66.38 -71.25
N SER C 985 -4.00 -67.61 -71.28
CA SER C 985 -4.13 -68.45 -72.45
C SER C 985 -5.58 -68.85 -72.70
N TYR C 986 -6.33 -69.12 -71.63
CA TYR C 986 -7.74 -69.45 -71.77
C TYR C 986 -8.52 -68.29 -72.36
N LEU C 987 -8.28 -67.07 -71.84
CA LEU C 987 -8.94 -65.90 -72.38
C LEU C 987 -8.57 -65.68 -73.85
N LEU C 988 -7.29 -65.90 -74.19
CA LEU C 988 -6.86 -65.74 -75.57
C LEU C 988 -7.56 -66.75 -76.47
N SER C 989 -7.72 -67.99 -76.01
CA SER C 989 -8.39 -69.01 -76.80
C SER C 989 -9.86 -68.66 -77.00
N VAL C 990 -10.52 -68.16 -75.96
CA VAL C 990 -11.93 -67.78 -76.08
C VAL C 990 -12.08 -66.65 -77.10
N PHE C 991 -11.22 -65.63 -77.00
CA PHE C 991 -11.29 -64.53 -77.95
C PHE C 991 -10.95 -64.99 -79.37
N LYS C 992 -10.03 -65.94 -79.50
CA LYS C 992 -9.70 -66.49 -80.81
C LYS C 992 -10.89 -67.20 -81.43
N LYS C 993 -11.60 -68.00 -80.63
CA LYS C 993 -12.80 -68.66 -81.14
C LYS C 993 -13.86 -67.65 -81.53
N GLU C 994 -14.06 -66.62 -80.70
CA GLU C 994 -15.06 -65.60 -81.00
C GLU C 994 -14.73 -64.87 -82.30
N PHE C 995 -13.46 -64.51 -82.50
CA PHE C 995 -13.07 -63.80 -83.71
C PHE C 995 -13.01 -64.71 -84.93
N VAL C 996 -12.83 -66.01 -84.73
CA VAL C 996 -12.84 -66.95 -85.86
C VAL C 996 -14.26 -67.24 -86.30
N GLU C 997 -15.23 -67.19 -85.39
CA GLU C 997 -16.63 -67.36 -85.78
C GLU C 997 -17.05 -66.24 -86.74
N VAL C 998 -16.77 -65.00 -86.38
CA VAL C 998 -17.10 -63.86 -87.23
C VAL C 998 -15.93 -63.57 -88.17
N LEU C 1022 -21.23 -62.24 -77.56
CA LEU C 1022 -20.29 -61.54 -76.69
C LEU C 1022 -20.57 -61.84 -75.22
N ASP C 1023 -21.85 -61.88 -74.86
CA ASP C 1023 -22.22 -62.16 -73.48
C ASP C 1023 -21.80 -63.56 -73.06
N ARG C 1024 -21.85 -64.52 -73.97
CA ARG C 1024 -21.42 -65.89 -73.65
C ARG C 1024 -19.91 -65.92 -73.40
N ILE C 1025 -19.13 -65.16 -74.16
CA ILE C 1025 -17.70 -65.08 -73.92
C ILE C 1025 -17.44 -64.46 -72.55
N GLY C 1026 -18.22 -63.45 -72.17
CA GLY C 1026 -18.08 -62.88 -70.85
C GLY C 1026 -18.43 -63.87 -69.75
N GLU C 1027 -19.46 -64.68 -69.97
CA GLU C 1027 -19.83 -65.69 -68.98
C GLU C 1027 -18.73 -66.73 -68.85
N GLN C 1028 -18.10 -67.12 -69.96
CA GLN C 1028 -16.99 -68.06 -69.89
C GLN C 1028 -15.79 -67.46 -69.16
N ALA C 1029 -15.49 -66.19 -69.44
CA ALA C 1029 -14.39 -65.52 -68.75
C ALA C 1029 -14.67 -65.40 -67.26
N GLU C 1030 -15.93 -65.21 -66.88
CA GLU C 1030 -16.29 -65.17 -65.46
C GLU C 1030 -16.20 -66.54 -64.83
N ALA C 1031 -16.57 -67.58 -65.58
CA ALA C 1031 -16.40 -68.95 -65.08
C ALA C 1031 -14.93 -69.28 -64.88
N MET C 1032 -14.05 -68.70 -65.70
CA MET C 1032 -12.61 -68.91 -65.55
C MET C 1032 -12.10 -68.42 -64.20
N PHE C 1033 -12.79 -67.49 -63.54
CA PHE C 1033 -12.34 -66.98 -62.25
C PHE C 1033 -12.35 -68.08 -61.19
N GLY C 1034 -13.34 -68.96 -61.24
CA GLY C 1034 -13.44 -70.05 -60.29
C GLY C 1034 -12.59 -71.24 -60.67
N SER C 1040 -12.91 -74.59 -62.12
CA SER C 1040 -12.41 -75.26 -60.93
C SER C 1040 -11.53 -76.46 -61.28
N MET C 1041 -10.87 -76.39 -62.43
CA MET C 1041 -9.98 -77.47 -62.86
C MET C 1041 -8.58 -77.30 -62.28
N LEU C 1042 -8.00 -76.11 -62.43
CA LEU C 1042 -6.69 -75.79 -61.89
C LEU C 1042 -6.90 -75.17 -60.50
N GLU C 1043 -6.66 -75.97 -59.46
CA GLU C 1043 -6.85 -75.53 -58.08
C GLU C 1043 -5.82 -76.20 -57.20
N VAL C 1044 -5.03 -75.39 -56.48
CA VAL C 1044 -4.03 -75.94 -55.56
C VAL C 1044 -4.72 -76.50 -54.33
N ASP C 1045 -4.07 -77.45 -53.66
CA ASP C 1045 -4.58 -77.94 -52.38
C ASP C 1045 -5.97 -78.53 -52.50
N ASP C 1046 -6.07 -79.80 -52.95
CA ASP C 1046 -7.32 -80.41 -53.40
C ASP C 1046 -8.48 -80.20 -52.43
N GLU C 1047 -8.16 -80.06 -51.13
CA GLU C 1047 -9.11 -79.59 -50.13
C GLU C 1047 -9.62 -78.17 -50.36
N GLY C 1048 -9.15 -77.47 -51.39
CA GLY C 1048 -9.64 -76.14 -51.71
C GLY C 1048 -8.90 -75.06 -50.93
N GLY C 1049 -9.61 -74.00 -50.59
CA GLY C 1049 -8.97 -72.88 -49.93
C GLY C 1049 -8.60 -73.17 -48.48
N ARG C 1050 -9.33 -74.10 -47.85
CA ARG C 1050 -9.11 -74.36 -46.43
C ARG C 1050 -7.71 -74.91 -46.20
N MET C 1051 -7.22 -75.78 -47.09
CA MET C 1051 -5.86 -76.28 -46.93
C MET C 1051 -4.84 -75.19 -47.21
N PHE C 1052 -5.17 -74.29 -48.14
CA PHE C 1052 -4.24 -73.24 -48.55
C PHE C 1052 -4.08 -72.18 -47.47
N LEU C 1053 -5.18 -71.69 -46.90
CA LEU C 1053 -5.16 -70.43 -46.16
C LEU C 1053 -4.65 -70.59 -44.73
N ARG C 1054 -5.03 -71.68 -44.06
CA ARG C 1054 -4.60 -71.89 -42.68
C ARG C 1054 -3.09 -72.06 -42.65
N VAL C 1055 -2.51 -72.60 -43.72
CA VAL C 1055 -1.06 -72.73 -43.82
C VAL C 1055 -0.41 -71.35 -43.85
N LEU C 1056 -0.96 -70.43 -44.65
CA LEU C 1056 -0.43 -69.08 -44.69
C LEU C 1056 -0.59 -68.38 -43.36
N ILE C 1057 -1.72 -68.61 -42.68
CA ILE C 1057 -1.94 -67.99 -41.37
C ILE C 1057 -0.93 -68.53 -40.36
N HIS C 1058 -0.65 -69.83 -40.39
CA HIS C 1058 0.34 -70.40 -39.50
C HIS C 1058 1.74 -69.89 -39.80
N LEU C 1059 2.04 -69.66 -41.09
CA LEU C 1059 3.34 -69.12 -41.45
C LEU C 1059 3.46 -67.65 -41.03
N THR C 1060 2.34 -66.92 -41.01
CA THR C 1060 2.37 -65.52 -40.62
C THR C 1060 2.67 -65.33 -39.14
N MET C 1061 2.45 -66.36 -38.31
CA MET C 1061 2.68 -66.23 -36.88
C MET C 1061 4.16 -66.18 -36.52
N HIS C 1062 5.04 -66.67 -37.38
CA HIS C 1062 6.46 -66.70 -37.07
C HIS C 1062 7.04 -65.28 -37.09
N ASP C 1063 8.26 -65.16 -36.56
CA ASP C 1063 8.92 -63.88 -36.40
C ASP C 1063 9.97 -63.60 -37.48
N TYR C 1064 10.27 -64.56 -38.34
CA TYR C 1064 11.21 -64.32 -39.43
C TYR C 1064 10.61 -63.30 -40.40
N ALA C 1065 11.30 -62.16 -40.55
CA ALA C 1065 10.69 -61.03 -41.27
C ALA C 1065 10.46 -61.34 -42.75
N PRO C 1066 11.44 -61.85 -43.51
CA PRO C 1066 11.14 -62.17 -44.91
C PRO C 1066 10.07 -63.24 -45.07
N LEU C 1067 9.97 -64.18 -44.13
CA LEU C 1067 8.95 -65.21 -44.20
C LEU C 1067 7.56 -64.59 -44.12
N VAL C 1068 7.32 -63.75 -43.11
CA VAL C 1068 6.02 -63.11 -42.98
C VAL C 1068 5.78 -62.12 -44.11
N SER C 1069 6.85 -61.53 -44.66
CA SER C 1069 6.69 -60.65 -45.82
C SER C 1069 6.14 -61.42 -47.01
N GLY C 1070 6.77 -62.54 -47.35
CA GLY C 1070 6.27 -63.38 -48.43
C GLY C 1070 4.89 -63.93 -48.13
N ALA C 1071 4.61 -64.24 -46.86
CA ALA C 1071 3.29 -64.73 -46.50
C ALA C 1071 2.22 -63.69 -46.73
N LEU C 1072 2.48 -62.44 -46.32
CA LEU C 1072 1.53 -61.36 -46.56
C LEU C 1072 1.37 -61.10 -48.06
N GLN C 1073 2.46 -61.21 -48.82
CA GLN C 1073 2.37 -61.03 -50.27
C GLN C 1073 1.47 -62.09 -50.88
N LEU C 1074 1.66 -63.35 -50.49
CA LEU C 1074 0.83 -64.42 -51.02
C LEU C 1074 -0.62 -64.26 -50.58
N LEU C 1075 -0.84 -63.77 -49.35
CA LEU C 1075 -2.19 -63.57 -48.85
C LEU C 1075 -2.91 -62.49 -49.63
N PHE C 1076 -2.22 -61.38 -49.92
CA PHE C 1076 -2.83 -60.30 -50.68
C PHE C 1076 -2.98 -60.65 -52.16
N LYS C 1077 -2.13 -61.54 -52.69
CA LYS C 1077 -2.26 -61.97 -54.07
C LYS C 1077 -3.27 -63.09 -54.25
N HIS C 1078 -3.65 -63.78 -53.17
CA HIS C 1078 -4.60 -64.89 -53.29
C HIS C 1078 -6.00 -64.40 -53.58
N PHE C 1079 -6.38 -63.23 -53.04
CA PHE C 1079 -7.72 -62.68 -53.22
C PHE C 1079 -7.78 -61.59 -54.29
N SER C 1080 -6.68 -61.33 -55.00
CA SER C 1080 -6.62 -60.34 -56.06
C SER C 1080 -6.42 -61.00 -57.42
N GLN C 1081 -7.07 -62.14 -57.63
CA GLN C 1081 -6.87 -62.91 -58.85
C GLN C 1081 -7.47 -62.20 -60.05
N ARG C 1082 -8.70 -61.70 -59.91
CA ARG C 1082 -9.38 -61.09 -61.05
C ARG C 1082 -8.69 -59.80 -61.48
N GLN C 1083 -8.26 -58.97 -60.52
CA GLN C 1083 -7.59 -57.72 -60.86
C GLN C 1083 -6.27 -58.00 -61.57
N GLU C 1084 -5.49 -58.96 -61.06
CA GLU C 1084 -4.22 -59.31 -61.69
C GLU C 1084 -4.45 -59.88 -63.08
N ALA C 1085 -5.51 -60.67 -63.25
CA ALA C 1085 -5.81 -61.23 -64.56
C ALA C 1085 -6.18 -60.13 -65.55
N MET C 1086 -6.99 -59.18 -65.12
CA MET C 1086 -7.36 -58.06 -65.98
C MET C 1086 -6.14 -57.23 -66.34
N HIS C 1087 -5.24 -56.99 -65.38
CA HIS C 1087 -4.04 -56.21 -65.66
C HIS C 1087 -3.13 -56.95 -66.64
N THR C 1088 -2.98 -58.27 -66.48
CA THR C 1088 -2.15 -59.03 -67.40
C THR C 1088 -2.76 -59.07 -68.79
N PHE C 1089 -4.09 -59.17 -68.89
CA PHE C 1089 -4.74 -59.15 -70.19
C PHE C 1089 -4.58 -57.79 -70.86
N LYS C 1090 -4.65 -56.71 -70.07
CA LYS C 1090 -4.46 -55.38 -70.64
C LYS C 1090 -3.02 -55.15 -71.06
N GLN C 1091 -2.06 -55.72 -70.35
CA GLN C 1091 -0.66 -55.55 -70.70
C GLN C 1091 -0.26 -56.36 -71.92
N VAL C 1092 -0.91 -57.52 -72.14
CA VAL C 1092 -0.56 -58.38 -73.27
C VAL C 1092 -1.16 -57.82 -74.55
N GLN C 1093 -0.60 -58.25 -75.68
CA GLN C 1093 -1.07 -57.84 -76.99
C GLN C 1093 -0.86 -59.00 -77.97
N LEU C 1094 -1.48 -58.87 -79.14
CA LEU C 1094 -1.42 -59.88 -80.19
C LEU C 1094 -0.74 -59.31 -81.43
N LEU C 1095 0.18 -60.07 -82.00
CA LEU C 1095 0.91 -59.69 -83.20
C LEU C 1095 0.46 -60.55 -84.37
N ILE C 1096 0.91 -60.18 -85.57
CA ILE C 1096 0.48 -60.80 -86.81
C ILE C 1096 1.65 -61.48 -87.53
N SER C 1097 2.85 -60.96 -87.35
CA SER C 1097 4.03 -61.42 -88.08
C SER C 1097 5.10 -61.92 -87.11
N ALA C 1098 5.89 -62.89 -87.60
CA ALA C 1098 6.98 -63.43 -86.79
C ALA C 1098 8.19 -62.51 -86.80
N GLN C 1099 8.49 -61.89 -87.95
CA GLN C 1099 9.55 -60.91 -87.99
C GLN C 1099 9.22 -59.71 -87.11
N ASP C 1100 7.94 -59.32 -87.08
CA ASP C 1100 7.53 -58.27 -86.16
C ASP C 1100 7.69 -58.70 -84.70
N VAL C 1101 7.46 -59.98 -84.41
CA VAL C 1101 7.65 -60.47 -83.05
C VAL C 1101 9.12 -60.43 -82.67
N GLU C 1102 10.00 -60.80 -83.60
CA GLU C 1102 11.43 -60.73 -83.32
C GLU C 1102 11.87 -59.28 -83.13
N ASN C 1103 11.35 -58.36 -83.94
CA ASN C 1103 11.68 -56.95 -83.78
C ASN C 1103 11.16 -56.43 -82.44
N TYR C 1104 9.99 -56.89 -82.00
CA TYR C 1104 9.45 -56.45 -80.72
C TYR C 1104 10.29 -56.99 -79.57
N LYS C 1105 10.75 -58.24 -79.67
CA LYS C 1105 11.63 -58.79 -78.65
C LYS C 1105 12.94 -58.02 -78.60
N VAL C 1106 13.49 -57.68 -79.77
CA VAL C 1106 14.73 -56.91 -79.82
C VAL C 1106 14.52 -55.53 -79.22
N ILE C 1107 13.35 -54.93 -79.47
CA ILE C 1107 13.07 -53.60 -78.94
C ILE C 1107 12.90 -53.65 -77.42
N LYS C 1108 12.28 -54.72 -76.91
CA LYS C 1108 12.15 -54.86 -75.47
C LYS C 1108 13.51 -55.05 -74.80
N SER C 1109 14.36 -55.89 -75.39
CA SER C 1109 15.72 -56.05 -74.89
C SER C 1109 16.47 -54.74 -74.93
N GLU C 1110 16.29 -53.97 -76.01
CA GLU C 1110 16.96 -52.68 -76.12
C GLU C 1110 16.45 -51.69 -75.08
N LEU C 1111 15.17 -51.74 -74.75
CA LEU C 1111 14.63 -50.84 -73.73
C LEU C 1111 15.13 -51.21 -72.34
N ASP C 1112 15.21 -52.51 -72.04
CA ASP C 1112 15.78 -52.93 -70.76
C ASP C 1112 17.25 -52.52 -70.67
N ARG C 1113 18.01 -52.78 -71.73
CA ARG C 1113 19.40 -52.33 -71.78
C ARG C 1113 19.49 -50.82 -71.68
N LEU C 1114 18.50 -50.09 -72.19
CA LEU C 1114 18.53 -48.64 -72.15
C LEU C 1114 18.27 -48.12 -70.75
N ARG C 1115 17.40 -48.79 -69.98
CA ARG C 1115 17.21 -48.40 -68.58
C ARG C 1115 18.47 -48.70 -67.77
N THR C 1116 19.01 -49.91 -67.94
CA THR C 1116 20.26 -50.27 -67.26
C THR C 1116 21.37 -49.30 -67.63
N MET C 1117 21.39 -48.88 -68.90
CA MET C 1117 22.41 -47.96 -69.39
C MET C 1117 22.13 -46.54 -68.93
N VAL C 1118 20.88 -46.21 -68.64
CA VAL C 1118 20.57 -44.91 -68.04
C VAL C 1118 21.17 -44.84 -66.65
N GLU C 1119 20.96 -45.88 -65.84
CA GLU C 1119 21.59 -45.94 -64.53
C GLU C 1119 23.11 -45.91 -64.65
N LYS C 1120 23.66 -46.70 -65.57
CA LYS C 1120 25.11 -46.73 -65.78
C LYS C 1120 25.64 -45.37 -66.20
N SER C 1121 24.96 -44.71 -67.14
CA SER C 1121 25.41 -43.42 -67.63
C SER C 1121 25.34 -42.37 -66.54
N GLU C 1122 24.35 -42.47 -65.65
CA GLU C 1122 24.36 -41.67 -64.44
C GLU C 1122 25.61 -41.96 -63.61
N LEU C 1123 26.05 -43.23 -63.64
CA LEU C 1123 27.33 -43.59 -63.01
C LEU C 1123 28.51 -43.35 -63.95
N TRP C 1124 28.30 -43.52 -65.26
CA TRP C 1124 29.38 -43.63 -66.22
C TRP C 1124 29.46 -42.38 -67.08
N GLN C 1167 30.56 -45.45 -76.35
CA GLN C 1167 29.46 -45.30 -77.29
C GLN C 1167 28.39 -46.36 -77.06
N ILE C 1168 28.06 -46.59 -75.79
CA ILE C 1168 27.04 -47.56 -75.41
C ILE C 1168 25.68 -46.89 -75.41
N VAL C 1169 25.52 -45.83 -74.61
CA VAL C 1169 24.25 -45.13 -74.54
C VAL C 1169 23.93 -44.45 -75.87
N LYS C 1170 24.94 -43.82 -76.48
CA LYS C 1170 24.72 -43.17 -77.77
C LYS C 1170 24.38 -44.21 -78.84
N GLY C 1171 25.04 -45.37 -78.80
CA GLY C 1171 24.71 -46.42 -79.75
C GLY C 1171 23.30 -46.95 -79.57
N ILE C 1172 22.87 -47.11 -78.32
CA ILE C 1172 21.51 -47.57 -78.06
C ILE C 1172 20.50 -46.54 -78.53
N LEU C 1173 20.81 -45.25 -78.32
CA LEU C 1173 19.90 -44.20 -78.78
C LEU C 1173 19.82 -44.17 -80.31
N GLU C 1174 20.95 -44.34 -80.98
CA GLU C 1174 20.95 -44.38 -82.44
C GLU C 1174 20.19 -45.60 -82.96
N ARG C 1175 20.30 -46.73 -82.26
CA ARG C 1175 19.56 -47.92 -82.65
C ARG C 1175 18.06 -47.70 -82.48
N LEU C 1176 17.65 -47.12 -81.34
CA LEU C 1176 16.23 -46.87 -81.11
C LEU C 1176 15.68 -45.83 -82.09
N ASN C 1177 16.50 -44.87 -82.50
CA ASN C 1177 16.04 -43.87 -83.45
C ASN C 1177 15.90 -44.46 -84.85
N LYS C 1178 16.81 -45.34 -85.24
CA LYS C 1178 16.78 -46.01 -86.53
C LYS C 1178 15.98 -47.31 -86.51
N MET C 1179 15.28 -47.60 -85.41
CA MET C 1179 14.51 -48.85 -85.32
C MET C 1179 13.23 -48.78 -86.14
N CYS C 1180 12.58 -47.61 -86.18
CA CYS C 1180 11.33 -47.45 -86.90
C CYS C 1180 11.18 -45.97 -87.27
N GLY C 1181 9.98 -45.61 -87.72
CA GLY C 1181 9.67 -44.25 -88.13
C GLY C 1181 9.34 -44.09 -89.60
N VAL C 1182 9.54 -45.12 -90.42
CA VAL C 1182 9.27 -45.03 -91.86
C VAL C 1182 7.83 -45.47 -92.12
N GLY C 1183 7.24 -44.94 -93.18
CA GLY C 1183 5.90 -45.27 -93.56
C GLY C 1183 4.84 -44.52 -92.75
N GLU C 1184 3.60 -44.66 -93.20
CA GLU C 1184 2.46 -44.04 -92.54
C GLU C 1184 1.75 -45.02 -91.61
N GLN C 1185 1.32 -46.16 -92.13
CA GLN C 1185 0.70 -47.18 -91.28
C GLN C 1185 1.73 -47.94 -90.48
N MET C 1186 2.91 -48.18 -91.07
CA MET C 1186 4.00 -48.83 -90.33
C MET C 1186 4.44 -47.96 -89.16
N ARG C 1187 4.49 -46.63 -89.37
CA ARG C 1187 4.83 -45.74 -88.27
C ARG C 1187 3.77 -45.78 -87.18
N LYS C 1188 2.50 -45.89 -87.55
CA LYS C 1188 1.44 -46.00 -86.56
C LYS C 1188 1.56 -47.30 -85.77
N LYS C 1189 1.88 -48.40 -86.45
CA LYS C 1189 2.07 -49.67 -85.76
C LYS C 1189 3.27 -49.62 -84.82
N GLN C 1190 4.35 -48.97 -85.26
CA GLN C 1190 5.52 -48.82 -84.39
C GLN C 1190 5.20 -47.96 -83.18
N GLN C 1191 4.43 -46.90 -83.37
CA GLN C 1191 4.03 -46.05 -82.25
C GLN C 1191 3.16 -46.82 -81.27
N ARG C 1192 2.24 -47.64 -81.78
CA ARG C 1192 1.42 -48.47 -80.91
C ARG C 1192 2.27 -49.46 -80.13
N LEU C 1193 3.23 -50.09 -80.79
CA LEU C 1193 4.10 -51.06 -80.13
C LEU C 1193 4.95 -50.38 -79.06
N LEU C 1194 5.41 -49.16 -79.32
CA LEU C 1194 6.24 -48.46 -78.35
C LEU C 1194 5.41 -47.99 -77.15
N LYS C 1195 4.20 -47.46 -77.41
CA LYS C 1195 3.35 -47.02 -76.32
C LYS C 1195 2.88 -48.19 -75.47
N ASN C 1196 2.71 -49.37 -76.09
CA ASN C 1196 2.34 -50.55 -75.32
C ASN C 1196 3.50 -51.05 -74.48
N MET C 1197 4.73 -50.80 -74.91
CA MET C 1197 5.93 -51.24 -74.19
C MET C 1197 6.43 -50.21 -73.18
N ASP C 1198 5.68 -49.12 -72.96
CA ASP C 1198 6.06 -48.09 -72.00
C ASP C 1198 7.42 -47.47 -72.35
N ALA C 1199 7.47 -46.87 -73.52
CA ALA C 1199 8.69 -46.23 -74.01
C ALA C 1199 8.87 -44.80 -73.50
N HIS C 1200 7.99 -44.32 -72.62
CA HIS C 1200 8.13 -42.96 -72.10
C HIS C 1200 9.22 -42.88 -71.03
N LYS C 1201 9.28 -43.88 -70.16
CA LYS C 1201 10.20 -43.82 -69.02
C LYS C 1201 11.66 -43.78 -69.47
N VAL C 1202 11.99 -44.53 -70.51
CA VAL C 1202 13.38 -44.57 -70.99
C VAL C 1202 13.79 -43.20 -71.50
N MET C 1203 12.93 -42.59 -72.33
CA MET C 1203 13.25 -41.27 -72.88
C MET C 1203 13.32 -40.21 -71.78
N LEU C 1204 12.40 -40.27 -70.82
CA LEU C 1204 12.41 -39.27 -69.75
C LEU C 1204 13.59 -39.45 -68.81
N ASP C 1205 14.07 -40.69 -68.64
CA ASP C 1205 15.28 -40.90 -67.86
C ASP C 1205 16.52 -40.45 -68.61
N LEU C 1206 16.54 -40.63 -69.93
CA LEU C 1206 17.64 -40.12 -70.73
C LEU C 1206 17.65 -38.59 -70.74
N LEU C 1207 16.47 -37.96 -70.63
CA LEU C 1207 16.39 -36.51 -70.62
C LEU C 1207 16.78 -35.92 -69.27
N GLN C 1208 16.49 -36.62 -68.17
CA GLN C 1208 16.79 -36.14 -66.82
C GLN C 1208 18.14 -36.62 -66.32
N ILE C 1209 19.10 -36.88 -67.21
CA ILE C 1209 20.43 -37.36 -66.86
C ILE C 1209 21.46 -36.37 -67.40
N PRO C 1210 22.17 -35.60 -66.56
CA PRO C 1210 23.18 -34.72 -67.14
C PRO C 1210 24.35 -35.47 -67.76
N ASP C 1215 30.28 -31.10 -72.91
CA ASP C 1215 30.54 -32.47 -73.36
C ASP C 1215 30.22 -32.61 -74.84
N ALA C 1216 31.11 -33.27 -75.57
CA ALA C 1216 30.96 -33.48 -77.00
C ALA C 1216 30.18 -34.76 -77.35
N LYS C 1217 29.60 -35.43 -76.36
CA LYS C 1217 28.88 -36.68 -76.57
C LYS C 1217 27.48 -36.61 -75.98
N MET C 1218 27.31 -35.87 -74.88
CA MET C 1218 26.00 -35.77 -74.24
C MET C 1218 25.02 -34.99 -75.09
N MET C 1219 25.49 -33.90 -75.72
CA MET C 1219 24.60 -33.07 -76.54
C MET C 1219 24.06 -33.85 -77.72
N GLU C 1220 24.91 -34.64 -78.39
CA GLU C 1220 24.44 -35.45 -79.51
C GLU C 1220 23.46 -36.52 -79.05
N ILE C 1221 23.70 -37.09 -77.87
CA ILE C 1221 22.78 -38.09 -77.34
C ILE C 1221 21.42 -37.47 -77.06
N LEU C 1222 21.41 -36.27 -76.46
CA LEU C 1222 20.14 -35.59 -76.22
C LEU C 1222 19.47 -35.19 -77.53
N ARG C 1223 20.25 -34.83 -78.55
CA ARG C 1223 19.66 -34.51 -79.85
C ARG C 1223 18.98 -35.72 -80.47
N TYR C 1224 19.65 -36.88 -80.41
CA TYR C 1224 19.04 -38.09 -80.93
C TYR C 1224 17.81 -38.49 -80.12
N THR C 1225 17.85 -38.28 -78.80
CA THR C 1225 16.68 -38.58 -77.98
C THR C 1225 15.52 -37.66 -78.33
N HIS C 1226 15.79 -36.38 -78.59
CA HIS C 1226 14.74 -35.45 -78.96
C HIS C 1226 14.17 -35.80 -80.34
N GLN C 1227 15.03 -36.22 -81.26
CA GLN C 1227 14.54 -36.66 -82.57
C GLN C 1227 13.65 -37.89 -82.43
N PHE C 1228 14.05 -38.83 -81.57
CA PHE C 1228 13.23 -40.01 -81.33
C PHE C 1228 11.89 -39.63 -80.72
N LEU C 1229 11.89 -38.70 -79.76
CA LEU C 1229 10.65 -38.28 -79.14
C LEU C 1229 9.75 -37.55 -80.14
N GLN C 1230 10.35 -36.78 -81.06
CA GLN C 1230 9.56 -36.09 -82.08
C GLN C 1230 8.95 -37.09 -83.05
N LYS C 1231 9.72 -38.11 -83.44
CA LYS C 1231 9.17 -39.15 -84.31
C LYS C 1231 8.14 -40.01 -83.59
N PHE C 1232 8.19 -40.07 -82.26
CA PHE C 1232 7.24 -40.88 -81.52
C PHE C 1232 5.84 -40.29 -81.54
N CYS C 1233 5.73 -38.96 -81.57
CA CYS C 1233 4.45 -38.24 -81.54
C CYS C 1233 4.21 -37.49 -82.84
N ALA C 1234 4.51 -38.12 -83.97
CA ALA C 1234 4.36 -37.46 -85.27
C ALA C 1234 2.90 -37.21 -85.60
N GLY C 1235 2.11 -38.28 -85.71
CA GLY C 1235 0.72 -38.20 -86.11
C GLY C 1235 -0.22 -38.97 -85.21
N ASN C 1236 0.07 -38.99 -83.91
CA ASN C 1236 -0.72 -39.71 -82.91
C ASN C 1236 -1.25 -38.71 -81.88
N PRO C 1237 -2.56 -38.49 -81.78
CA PRO C 1237 -3.04 -37.58 -80.73
C PRO C 1237 -2.81 -38.11 -79.33
N GLY C 1238 -2.83 -39.43 -79.14
CA GLY C 1238 -2.58 -39.99 -77.83
C GLY C 1238 -1.15 -39.73 -77.35
N ASN C 1239 -0.18 -39.96 -78.22
CA ASN C 1239 1.21 -39.67 -77.87
C ASN C 1239 1.42 -38.17 -77.67
N GLN C 1240 0.72 -37.35 -78.45
CA GLN C 1240 0.82 -35.91 -78.25
C GLN C 1240 0.29 -35.51 -76.88
N ALA C 1241 -0.85 -36.07 -76.47
CA ALA C 1241 -1.38 -35.76 -75.14
C ALA C 1241 -0.47 -36.30 -74.04
N LEU C 1242 0.15 -37.47 -74.27
CA LEU C 1242 1.07 -38.01 -73.28
C LEU C 1242 2.29 -37.11 -73.12
N LEU C 1243 2.83 -36.59 -74.22
CA LEU C 1243 3.94 -35.65 -74.14
C LEU C 1243 3.51 -34.34 -73.49
N HIS C 1244 2.27 -33.90 -73.75
CA HIS C 1244 1.75 -32.70 -73.10
C HIS C 1244 1.61 -32.91 -71.60
N LYS C 1245 1.34 -34.14 -71.16
CA LYS C 1245 1.27 -34.41 -69.74
C LYS C 1245 2.63 -34.25 -69.06
N HIS C 1246 3.71 -34.45 -69.79
CA HIS C 1246 5.08 -34.31 -69.28
C HIS C 1246 5.71 -33.00 -69.73
N LEU C 1247 4.91 -31.93 -69.82
CA LEU C 1247 5.42 -30.63 -70.26
C LEU C 1247 6.23 -29.92 -69.18
N HIS C 1248 6.28 -30.45 -67.96
CA HIS C 1248 7.08 -29.81 -66.92
C HIS C 1248 8.56 -29.92 -67.24
N LEU C 1249 9.00 -31.06 -67.79
CA LEU C 1249 10.39 -31.23 -68.16
C LEU C 1249 10.74 -30.52 -69.46
N PHE C 1250 9.76 -30.37 -70.36
CA PHE C 1250 9.99 -29.71 -71.63
C PHE C 1250 9.95 -28.19 -71.52
N LEU C 1251 9.66 -27.63 -70.35
CA LEU C 1251 9.57 -26.19 -70.17
C LEU C 1251 10.93 -25.53 -69.98
N THR C 1252 12.01 -26.30 -69.87
CA THR C 1252 13.32 -25.73 -69.64
C THR C 1252 13.81 -24.99 -70.89
N PRO C 1253 14.84 -24.17 -70.76
CA PRO C 1253 15.36 -23.47 -71.94
C PRO C 1253 16.26 -24.34 -72.79
N GLY C 1254 16.35 -23.97 -74.06
CA GLY C 1254 17.16 -24.71 -75.02
C GLY C 1254 16.67 -24.47 -76.42
N LEU C 1255 17.57 -24.68 -77.38
CA LEU C 1255 17.24 -24.47 -78.79
C LEU C 1255 16.41 -25.63 -79.33
N LEU C 1256 16.94 -26.85 -79.26
CA LEU C 1256 16.21 -28.02 -79.76
C LEU C 1256 14.98 -28.34 -78.92
N GLU C 1257 14.94 -27.89 -77.66
CA GLU C 1257 13.77 -28.15 -76.82
C GLU C 1257 12.54 -27.45 -77.38
N ALA C 1258 12.71 -26.22 -77.87
CA ALA C 1258 11.58 -25.51 -78.47
C ALA C 1258 11.11 -26.20 -79.74
N GLU C 1259 12.04 -26.72 -80.54
CA GLU C 1259 11.67 -27.45 -81.74
C GLU C 1259 10.91 -28.72 -81.39
N THR C 1260 11.34 -29.42 -80.34
CA THR C 1260 10.62 -30.60 -79.90
C THR C 1260 9.22 -30.25 -79.41
N MET C 1261 9.09 -29.14 -78.68
CA MET C 1261 7.78 -28.71 -78.22
C MET C 1261 6.88 -28.34 -79.40
N GLN C 1262 7.45 -27.72 -80.43
CA GLN C 1262 6.68 -27.40 -81.63
C GLN C 1262 6.23 -28.67 -82.34
N HIS C 1263 7.12 -29.66 -82.44
CA HIS C 1263 6.74 -30.94 -83.03
C HIS C 1263 5.68 -31.65 -82.21
N ILE C 1264 5.64 -31.40 -80.90
CA ILE C 1264 4.67 -32.09 -80.03
C ILE C 1264 3.27 -31.53 -80.24
N PHE C 1265 3.15 -30.21 -80.40
CA PHE C 1265 1.86 -29.54 -80.50
C PHE C 1265 1.42 -29.34 -81.95
N LEU C 1266 1.82 -30.23 -82.86
CA LEU C 1266 1.42 -30.10 -84.26
C LEU C 1266 0.01 -30.66 -84.45
N ASN C 1267 -0.92 -29.80 -84.84
CA ASN C 1267 -2.28 -30.20 -85.17
C ASN C 1267 -2.97 -30.88 -83.98
N ASN C 1268 -2.75 -30.33 -82.79
CA ASN C 1268 -3.36 -30.83 -81.55
C ASN C 1268 -4.46 -29.84 -81.16
N TYR C 1269 -5.68 -30.11 -81.65
CA TYR C 1269 -6.81 -29.22 -81.36
C TYR C 1269 -7.22 -29.29 -79.90
N GLN C 1270 -7.08 -30.46 -79.27
CA GLN C 1270 -7.42 -30.61 -77.87
C GLN C 1270 -6.40 -29.98 -76.93
N LEU C 1271 -5.14 -29.86 -77.37
CA LEU C 1271 -4.08 -29.30 -76.56
C LEU C 1271 -3.84 -27.82 -76.84
N CYS C 1272 -3.89 -27.40 -78.11
CA CYS C 1272 -3.63 -26.01 -78.44
C CYS C 1272 -4.77 -25.10 -78.00
N SER C 1273 -6.01 -25.59 -78.04
CA SER C 1273 -7.15 -24.77 -77.64
C SER C 1273 -7.09 -24.46 -76.15
N GLU C 1274 -6.65 -25.43 -75.33
CA GLU C 1274 -6.51 -25.26 -73.89
C GLU C 1274 -5.07 -24.98 -73.49
N ILE C 1275 -4.33 -24.27 -74.34
CA ILE C 1275 -2.93 -23.96 -74.03
C ILE C 1275 -2.87 -23.03 -72.82
N SER C 1276 -1.85 -23.23 -71.99
CA SER C 1276 -1.73 -22.46 -70.76
C SER C 1276 -1.08 -21.11 -71.03
N GLU C 1277 -1.54 -20.11 -70.27
CA GLU C 1277 -0.94 -18.77 -70.38
C GLU C 1277 0.51 -18.74 -69.92
N PRO C 1278 0.87 -19.27 -68.74
CA PRO C 1278 2.29 -19.18 -68.33
C PRO C 1278 3.26 -19.89 -69.25
N VAL C 1279 2.82 -20.94 -69.97
CA VAL C 1279 3.70 -21.61 -70.92
C VAL C 1279 4.10 -20.65 -72.03
N LEU C 1280 3.11 -20.03 -72.68
CA LEU C 1280 3.41 -19.08 -73.74
C LEU C 1280 4.14 -17.87 -73.20
N GLN C 1281 3.86 -17.47 -71.96
CA GLN C 1281 4.60 -16.38 -71.34
C GLN C 1281 6.08 -16.72 -71.22
N HIS C 1282 6.38 -17.93 -70.75
CA HIS C 1282 7.76 -18.36 -70.64
C HIS C 1282 8.42 -18.45 -72.02
N PHE C 1283 7.67 -18.88 -73.02
CA PHE C 1283 8.24 -19.00 -74.36
C PHE C 1283 8.58 -17.63 -74.96
N VAL C 1284 7.68 -16.65 -74.78
CA VAL C 1284 7.99 -15.32 -75.30
C VAL C 1284 9.09 -14.66 -74.47
N HIS C 1285 9.17 -14.96 -73.18
CA HIS C 1285 10.29 -14.50 -72.38
C HIS C 1285 11.61 -15.06 -72.92
N LEU C 1286 11.62 -16.34 -73.28
CA LEU C 1286 12.81 -16.94 -73.89
C LEU C 1286 13.13 -16.27 -75.22
N LEU C 1287 12.10 -15.99 -76.03
CA LEU C 1287 12.33 -15.35 -77.32
C LEU C 1287 12.92 -13.96 -77.14
N ALA C 1288 12.52 -13.25 -76.10
CA ALA C 1288 13.07 -11.93 -75.83
C ALA C 1288 14.46 -11.99 -75.23
N THR C 1289 14.76 -13.03 -74.45
CA THR C 1289 16.03 -13.10 -73.74
C THR C 1289 17.14 -13.64 -74.64
N HIS C 1290 16.93 -14.81 -75.25
CA HIS C 1290 18.01 -15.49 -75.96
C HIS C 1290 18.42 -14.80 -77.25
N GLY C 1291 17.61 -13.88 -77.77
CA GLY C 1291 17.99 -13.09 -78.93
C GLY C 1291 17.21 -13.40 -80.19
N ARG C 1292 15.93 -13.76 -80.03
CA ARG C 1292 15.00 -13.91 -81.15
C ARG C 1292 15.48 -14.98 -82.14
N HIS C 1293 15.55 -16.22 -81.66
CA HIS C 1293 15.83 -17.34 -82.54
C HIS C 1293 14.60 -17.68 -83.38
N VAL C 1294 14.84 -18.26 -84.55
CA VAL C 1294 13.74 -18.60 -85.45
C VAL C 1294 12.93 -19.80 -84.95
N GLN C 1295 13.50 -20.62 -84.07
CA GLN C 1295 12.79 -21.80 -83.61
C GLN C 1295 11.60 -21.43 -82.74
N TYR C 1296 11.74 -20.38 -81.92
CA TYR C 1296 10.59 -19.91 -81.15
C TYR C 1296 9.51 -19.33 -82.04
N LEU C 1297 9.90 -18.68 -83.14
CA LEU C 1297 8.92 -18.20 -84.10
C LEU C 1297 8.19 -19.36 -84.77
N ASP C 1298 8.92 -20.44 -85.08
CA ASP C 1298 8.26 -21.62 -85.65
C ASP C 1298 7.32 -22.25 -84.63
N PHE C 1299 7.71 -22.26 -83.35
CA PHE C 1299 6.82 -22.78 -82.32
C PHE C 1299 5.55 -21.94 -82.21
N LEU C 1300 5.69 -20.61 -82.30
CA LEU C 1300 4.52 -19.75 -82.26
C LEU C 1300 3.64 -19.98 -83.49
N HIS C 1301 4.25 -20.21 -84.65
CA HIS C 1301 3.48 -20.53 -85.85
C HIS C 1301 2.71 -21.83 -85.67
N THR C 1302 3.33 -22.82 -85.06
CA THR C 1302 2.66 -24.10 -84.84
C THR C 1302 1.54 -23.99 -83.82
N VAL C 1303 1.72 -23.15 -82.79
CA VAL C 1303 0.73 -23.01 -81.72
C VAL C 1303 -0.37 -22.02 -82.05
N ILE C 1304 -0.19 -21.16 -83.04
CA ILE C 1304 -1.20 -20.15 -83.36
C ILE C 1304 -2.37 -20.78 -84.11
N LYS C 1305 -2.11 -21.34 -85.28
CA LYS C 1305 -3.15 -21.96 -86.08
C LYS C 1305 -3.40 -23.39 -85.58
N ALA C 1306 -4.65 -23.67 -85.22
CA ALA C 1306 -5.02 -24.98 -84.71
C ALA C 1306 -5.24 -25.93 -85.89
N GLU C 1307 -5.71 -27.15 -85.59
CA GLU C 1307 -5.95 -28.12 -86.66
C GLU C 1307 -7.12 -27.70 -87.54
N GLY C 1308 -8.13 -27.08 -86.95
CA GLY C 1308 -9.29 -26.61 -87.70
C GLY C 1308 -9.19 -25.14 -88.06
N LYS C 1309 -9.97 -24.31 -87.39
CA LYS C 1309 -9.96 -22.87 -87.62
C LYS C 1309 -8.86 -22.22 -86.79
N TYR C 1310 -8.83 -20.90 -86.77
CA TYR C 1310 -7.85 -20.17 -85.97
C TYR C 1310 -8.24 -20.19 -84.50
N VAL C 1311 -7.23 -20.03 -83.64
CA VAL C 1311 -7.47 -20.01 -82.20
C VAL C 1311 -8.17 -18.72 -81.81
N LYS C 1312 -8.80 -18.76 -80.63
CA LYS C 1312 -9.55 -17.62 -80.10
C LYS C 1312 -8.83 -16.92 -78.96
N LYS C 1313 -8.40 -17.66 -77.94
CA LYS C 1313 -7.75 -17.07 -76.77
C LYS C 1313 -6.23 -16.98 -76.92
N CYS C 1314 -5.63 -17.75 -77.82
CA CYS C 1314 -4.18 -17.75 -77.95
C CYS C 1314 -3.68 -16.56 -78.78
N GLN C 1315 -4.41 -16.20 -79.84
CA GLN C 1315 -3.95 -15.13 -80.71
C GLN C 1315 -3.92 -13.80 -79.99
N ASP C 1316 -4.93 -13.51 -79.18
CA ASP C 1316 -4.96 -12.24 -78.45
C ASP C 1316 -3.84 -12.17 -77.43
N MET C 1317 -3.60 -13.26 -76.70
CA MET C 1317 -2.52 -13.27 -75.72
C MET C 1317 -1.16 -13.13 -76.41
N ILE C 1318 -0.98 -13.78 -77.55
CA ILE C 1318 0.28 -13.68 -78.27
C ILE C 1318 0.51 -12.27 -78.78
N MET C 1319 -0.55 -11.63 -79.29
CA MET C 1319 -0.43 -10.25 -79.76
C MET C 1319 -0.10 -9.31 -78.61
N THR C 1320 -0.77 -9.49 -77.47
CA THR C 1320 -0.51 -8.64 -76.32
C THR C 1320 0.92 -8.83 -75.81
N GLU C 1321 1.41 -10.06 -75.77
CA GLU C 1321 2.77 -10.31 -75.31
C GLU C 1321 3.80 -9.77 -76.29
N LEU C 1322 3.51 -9.84 -77.59
CA LEU C 1322 4.46 -9.31 -78.58
C LEU C 1322 4.47 -7.79 -78.57
N THR C 1323 3.34 -7.15 -78.27
CA THR C 1323 3.28 -5.69 -78.26
C THR C 1323 3.85 -5.13 -76.97
N ASN C 1324 3.61 -5.79 -75.84
CA ASN C 1324 4.07 -5.32 -74.54
C ASN C 1324 5.51 -5.74 -74.23
N ALA C 1325 6.14 -6.54 -75.09
CA ALA C 1325 7.52 -6.94 -74.84
C ALA C 1325 8.49 -5.78 -75.00
N GLY C 1326 8.11 -4.76 -75.78
CA GLY C 1326 8.96 -3.61 -76.03
C GLY C 1326 9.68 -3.72 -77.35
N ASP C 1327 10.67 -2.83 -77.52
CA ASP C 1327 11.46 -2.80 -78.73
C ASP C 1327 12.58 -3.84 -78.74
N ASP C 1328 12.67 -4.69 -77.72
CA ASP C 1328 13.72 -5.70 -77.69
C ASP C 1328 13.45 -6.79 -78.71
N VAL C 1329 12.34 -7.51 -78.55
CA VAL C 1329 11.92 -8.53 -79.53
C VAL C 1329 11.06 -7.81 -80.55
N VAL C 1330 11.73 -7.21 -81.54
CA VAL C 1330 11.05 -6.51 -82.63
C VAL C 1330 12.10 -6.16 -83.68
N VAL C 1331 11.75 -6.32 -84.95
CA VAL C 1331 12.63 -5.97 -86.07
C VAL C 1331 11.78 -5.23 -87.10
N PHE C 1332 11.83 -3.90 -87.06
CA PHE C 1332 11.15 -3.05 -88.03
C PHE C 1332 12.22 -2.10 -88.58
N TYR C 1333 12.84 -2.51 -89.68
CA TYR C 1333 13.98 -1.77 -90.22
C TYR C 1333 13.47 -0.54 -90.94
N ASN C 1334 13.57 0.61 -90.29
CA ASN C 1334 13.27 1.89 -90.91
C ASN C 1334 14.48 2.47 -91.64
N ASP C 1335 15.69 2.07 -91.25
CA ASP C 1335 16.90 2.55 -91.90
C ASP C 1335 17.19 1.75 -93.16
N LYS C 1336 17.79 2.42 -94.14
CA LYS C 1336 18.13 1.77 -95.40
C LYS C 1336 19.35 0.88 -95.29
N ALA C 1337 20.22 1.10 -94.30
CA ALA C 1337 21.42 0.28 -94.16
C ALA C 1337 21.07 -1.14 -93.75
N SER C 1338 19.95 -1.35 -93.08
CA SER C 1338 19.55 -2.69 -92.66
C SER C 1338 19.07 -3.52 -93.85
N LEU C 1339 18.30 -2.91 -94.75
CA LEU C 1339 17.80 -3.61 -95.93
C LEU C 1339 18.85 -3.68 -97.05
N ALA C 1340 19.80 -2.76 -97.10
CA ALA C 1340 20.82 -2.81 -98.13
C ALA C 1340 21.76 -3.98 -97.93
N HIS C 1341 22.01 -4.36 -96.68
CA HIS C 1341 22.90 -5.48 -96.38
C HIS C 1341 22.21 -6.81 -96.63
N ASP C 1355 18.82 -20.68 -94.00
CA ASP C 1355 17.86 -21.24 -93.06
C ASP C 1355 17.68 -20.30 -91.87
N HIS C 1356 18.65 -20.32 -90.95
CA HIS C 1356 18.64 -19.45 -89.79
C HIS C 1356 19.37 -18.16 -90.14
N SER C 1357 18.64 -17.06 -90.23
CA SER C 1357 19.23 -15.77 -90.58
C SER C 1357 18.33 -14.66 -90.03
N PRO C 1358 18.86 -13.44 -89.89
CA PRO C 1358 17.99 -12.35 -89.42
C PRO C 1358 16.92 -11.97 -90.42
N LEU C 1359 17.18 -12.10 -91.72
CA LEU C 1359 16.15 -11.84 -92.71
C LEU C 1359 15.03 -12.88 -92.61
N MET C 1360 15.39 -14.15 -92.47
CA MET C 1360 14.38 -15.18 -92.23
C MET C 1360 13.66 -14.95 -90.90
N TYR C 1361 14.37 -14.42 -89.90
CA TYR C 1361 13.73 -14.10 -88.64
C TYR C 1361 12.68 -13.01 -88.81
N HIS C 1362 13.01 -11.96 -89.58
CA HIS C 1362 12.03 -10.91 -89.84
C HIS C 1362 10.86 -11.45 -90.66
N ILE C 1363 11.13 -12.35 -91.61
CA ILE C 1363 10.06 -12.94 -92.41
C ILE C 1363 9.11 -13.74 -91.52
N SER C 1364 9.68 -14.55 -90.62
CA SER C 1364 8.85 -15.33 -89.70
C SER C 1364 8.07 -14.41 -88.75
N LEU C 1365 8.68 -13.31 -88.31
CA LEU C 1365 7.99 -12.38 -87.43
C LEU C 1365 6.83 -11.71 -88.16
N VAL C 1366 7.04 -11.33 -89.42
CA VAL C 1366 5.96 -10.72 -90.19
C VAL C 1366 4.84 -11.72 -90.43
N ASP C 1367 5.20 -12.98 -90.69
CA ASP C 1367 4.18 -14.01 -90.88
C ASP C 1367 3.39 -14.24 -89.60
N LEU C 1368 4.07 -14.23 -88.45
CA LEU C 1368 3.37 -14.39 -87.18
C LEU C 1368 2.46 -13.21 -86.89
N LEU C 1369 2.92 -11.99 -87.22
CA LEU C 1369 2.07 -10.82 -87.03
C LEU C 1369 0.85 -10.87 -87.94
N ALA C 1370 1.02 -11.38 -89.17
CA ALA C 1370 -0.13 -11.53 -90.06
C ALA C 1370 -1.09 -12.58 -89.55
N ALA C 1371 -0.57 -13.70 -89.04
CA ALA C 1371 -1.43 -14.73 -88.48
C ALA C 1371 -2.15 -14.26 -87.22
N CYS C 1372 -1.53 -13.32 -86.49
CA CYS C 1372 -2.16 -12.82 -85.27
C CYS C 1372 -3.44 -12.05 -85.56
N ALA C 1373 -3.56 -11.46 -86.75
CA ALA C 1373 -4.72 -10.67 -87.13
C ALA C 1373 -5.07 -11.00 -88.59
N GLU C 1374 -5.97 -11.96 -88.77
CA GLU C 1374 -6.52 -12.33 -90.07
C GLU C 1374 -8.04 -12.20 -90.11
N GLY C 1375 -8.72 -12.59 -89.04
CA GLY C 1375 -10.16 -12.45 -88.93
C GLY C 1375 -10.54 -11.07 -88.42
N LYS C 1376 -11.71 -11.02 -87.77
CA LYS C 1376 -12.23 -9.78 -87.22
C LYS C 1376 -11.62 -9.55 -85.83
N ASN C 1377 -10.67 -8.62 -85.75
CA ASN C 1377 -10.04 -8.26 -84.48
C ASN C 1377 -9.77 -6.77 -84.50
N VAL C 1378 -10.28 -6.06 -83.49
CA VAL C 1378 -10.20 -4.60 -83.47
C VAL C 1378 -8.86 -4.14 -82.93
N TYR C 1379 -8.56 -4.45 -81.67
CA TYR C 1379 -7.34 -3.94 -81.05
C TYR C 1379 -6.10 -4.64 -81.59
N THR C 1380 -6.23 -5.91 -81.97
CA THR C 1380 -5.10 -6.61 -82.59
C THR C 1380 -4.71 -5.94 -83.91
N GLU C 1381 -5.69 -5.69 -84.77
CA GLU C 1381 -5.42 -5.00 -86.02
C GLU C 1381 -4.94 -3.57 -85.79
N ILE C 1382 -5.44 -2.92 -84.73
CA ILE C 1382 -4.99 -1.56 -84.43
C ILE C 1382 -3.51 -1.56 -84.06
N LYS C 1383 -3.10 -2.51 -83.21
CA LYS C 1383 -1.70 -2.62 -82.83
C LYS C 1383 -0.84 -3.00 -84.03
N CYS C 1384 -1.37 -3.85 -84.91
CA CYS C 1384 -0.61 -4.23 -86.11
C CYS C 1384 -0.40 -3.03 -87.02
N THR C 1385 -1.42 -2.19 -87.17
CA THR C 1385 -1.28 -0.99 -88.00
C THR C 1385 -0.34 0.02 -87.34
N SER C 1386 -0.39 0.13 -86.01
CA SER C 1386 0.50 1.05 -85.32
C SER C 1386 1.95 0.58 -85.36
N LEU C 1387 2.17 -0.73 -85.45
CA LEU C 1387 3.54 -1.26 -85.47
C LEU C 1387 4.22 -1.03 -86.82
N LEU C 1388 3.46 -1.14 -87.90
CA LEU C 1388 3.99 -1.02 -89.26
C LEU C 1388 3.17 0.02 -90.02
N PRO C 1389 3.74 1.15 -90.44
CA PRO C 1389 2.97 2.08 -91.25
C PRO C 1389 2.71 1.53 -92.64
N LEU C 1390 1.57 1.94 -93.20
CA LEU C 1390 1.21 1.50 -94.56
C LEU C 1390 2.09 2.18 -95.59
N GLU C 1391 2.32 3.49 -95.44
CA GLU C 1391 3.19 4.20 -96.36
C GLU C 1391 4.63 3.68 -96.29
N ASP C 1392 5.09 3.34 -95.09
CA ASP C 1392 6.41 2.76 -94.95
C ASP C 1392 6.51 1.41 -95.65
N VAL C 1393 5.45 0.61 -95.56
CA VAL C 1393 5.44 -0.68 -96.25
C VAL C 1393 5.44 -0.48 -97.76
N VAL C 1394 4.68 0.50 -98.24
CA VAL C 1394 4.65 0.79 -99.67
C VAL C 1394 6.02 1.27 -100.15
N SER C 1395 6.71 2.05 -99.33
CA SER C 1395 8.05 2.52 -99.69
C SER C 1395 9.05 1.36 -99.69
N VAL C 1396 8.94 0.45 -98.73
CA VAL C 1396 9.83 -0.69 -98.68
C VAL C 1396 9.56 -1.65 -99.84
N VAL C 1397 8.32 -1.70 -100.32
CA VAL C 1397 8.01 -2.55 -101.45
C VAL C 1397 8.70 -2.05 -102.72
N THR C 1398 8.91 -0.74 -102.83
CA THR C 1398 9.59 -0.17 -103.99
C THR C 1398 11.08 -0.46 -103.95
N THR C 1404 14.59 -10.92 -102.08
CA THR C 1404 13.43 -10.41 -102.79
C THR C 1404 12.17 -11.24 -102.54
N GLU C 1405 12.18 -12.03 -101.46
CA GLU C 1405 11.05 -12.88 -101.09
C GLU C 1405 10.26 -12.32 -99.92
N VAL C 1406 10.34 -11.00 -99.68
CA VAL C 1406 9.63 -10.38 -98.58
C VAL C 1406 8.24 -9.93 -99.02
N LYS C 1407 7.82 -10.32 -100.23
CA LYS C 1407 6.49 -9.96 -100.70
C LYS C 1407 5.38 -10.71 -99.98
N MET C 1408 5.70 -11.85 -99.36
CA MET C 1408 4.68 -12.62 -98.65
C MET C 1408 4.13 -11.84 -97.46
N ALA C 1409 4.96 -11.00 -96.83
CA ALA C 1409 4.50 -10.21 -95.69
C ALA C 1409 3.39 -9.26 -96.12
N TYR C 1410 3.62 -8.48 -97.17
CA TYR C 1410 2.59 -7.57 -97.67
C TYR C 1410 1.42 -8.33 -98.29
N VAL C 1411 1.67 -9.53 -98.82
CA VAL C 1411 0.59 -10.32 -99.40
C VAL C 1411 -0.38 -10.78 -98.32
N ASN C 1412 0.15 -11.26 -97.19
CA ASN C 1412 -0.69 -11.71 -96.09
C ASN C 1412 -1.25 -10.55 -95.28
N PHE C 1413 -0.56 -9.40 -95.28
CA PHE C 1413 -1.10 -8.20 -94.65
C PHE C 1413 -2.17 -7.53 -95.50
N VAL C 1414 -2.40 -8.00 -96.73
CA VAL C 1414 -3.42 -7.42 -97.58
C VAL C 1414 -4.81 -7.63 -97.00
N ASN C 1415 -4.97 -8.61 -96.12
CA ASN C 1415 -6.25 -8.83 -95.44
C ASN C 1415 -6.68 -7.57 -94.70
N HIS C 1416 -7.88 -7.09 -95.02
CA HIS C 1416 -8.38 -5.83 -94.49
C HIS C 1416 -9.83 -6.00 -94.04
N CYS C 1417 -10.12 -5.56 -92.82
CA CYS C 1417 -11.46 -5.64 -92.25
C CYS C 1417 -11.97 -7.07 -92.22
N UNK C 1418 8.93 -20.38 -105.61
CA UNK C 1418 9.89 -19.32 -105.92
C UNK C 1418 9.19 -18.24 -106.73
N UNK C 1419 9.03 -18.48 -108.04
CA UNK C 1419 8.34 -17.55 -108.93
C UNK C 1419 6.86 -17.88 -109.04
N UNK C 1420 6.50 -19.17 -109.06
CA UNK C 1420 5.10 -19.55 -109.11
C UNK C 1420 4.37 -19.17 -107.83
N UNK C 1421 5.01 -19.40 -106.68
CA UNK C 1421 4.41 -19.00 -105.41
C UNK C 1421 4.27 -17.49 -105.32
N UNK C 1422 5.27 -16.76 -105.84
CA UNK C 1422 5.19 -15.30 -105.84
C UNK C 1422 4.04 -14.81 -106.72
N UNK C 1423 3.87 -15.43 -107.90
CA UNK C 1423 2.78 -15.05 -108.77
C UNK C 1423 1.43 -15.39 -108.14
N UNK C 1424 1.33 -16.53 -107.45
CA UNK C 1424 0.09 -16.87 -106.78
C UNK C 1424 -0.23 -15.90 -105.66
N UNK C 1425 0.78 -15.51 -104.88
CA UNK C 1425 0.56 -14.53 -103.81
C UNK C 1425 0.16 -13.18 -104.38
N UNK C 1426 0.76 -12.78 -105.51
CA UNK C 1426 0.40 -11.52 -106.14
C UNK C 1426 -1.03 -11.57 -106.64
N UNK C 1427 -1.44 -12.69 -107.21
CA UNK C 1427 -2.83 -12.84 -107.67
C UNK C 1427 -3.80 -12.79 -106.50
N UNK C 1428 -3.44 -13.44 -105.40
CA UNK C 1428 -4.31 -13.41 -104.22
C UNK C 1428 -4.42 -12.00 -103.66
N UNK C 1429 -3.31 -11.25 -103.65
CA UNK C 1429 -3.34 -9.88 -103.16
C UNK C 1429 -4.17 -8.99 -104.08
N UNK C 1430 -4.07 -9.20 -105.40
CA UNK C 1430 -4.87 -8.42 -106.33
C UNK C 1430 -6.35 -8.73 -106.17
N UNK C 1431 -6.68 -10.01 -105.93
CA UNK C 1431 -8.08 -10.37 -105.71
C UNK C 1431 -8.60 -9.83 -104.38
N UNK C 1432 -7.74 -9.73 -103.38
CA UNK C 1432 -8.15 -9.17 -102.09
C UNK C 1432 -8.33 -7.65 -102.19
N UNK C 1433 -7.53 -6.99 -103.00
CA UNK C 1433 -7.63 -5.54 -103.17
C UNK C 1433 -8.75 -5.18 -104.14
N ASP C 1434 -6.86 -55.68 -91.55
CA ASP C 1434 -7.45 -56.77 -90.78
C ASP C 1434 -6.99 -56.73 -89.33
N TYR C 1435 -5.70 -56.44 -89.12
CA TYR C 1435 -5.15 -56.41 -87.77
C TYR C 1435 -5.75 -55.27 -86.95
N LYS C 1436 -6.11 -54.17 -87.59
CA LYS C 1436 -6.70 -53.05 -86.85
C LYS C 1436 -8.06 -53.41 -86.29
N ASN C 1437 -8.90 -54.07 -87.09
CA ASN C 1437 -10.20 -54.50 -86.60
C ASN C 1437 -10.05 -55.53 -85.48
N ILE C 1438 -9.08 -56.43 -85.59
CA ILE C 1438 -8.85 -57.41 -84.54
C ILE C 1438 -8.41 -56.74 -83.26
N ILE C 1439 -7.53 -55.73 -83.37
CA ILE C 1439 -7.07 -55.02 -82.18
C ILE C 1439 -8.21 -54.25 -81.54
N GLU C 1440 -9.07 -53.63 -82.35
CA GLU C 1440 -10.22 -52.90 -81.81
C GLU C 1440 -11.18 -53.85 -81.12
N LYS C 1441 -11.42 -55.02 -81.72
CA LYS C 1441 -12.30 -56.00 -81.09
C LYS C 1441 -11.72 -56.51 -79.77
N LEU C 1442 -10.41 -56.73 -79.74
CA LEU C 1442 -9.76 -57.18 -78.51
C LEU C 1442 -9.86 -56.12 -77.42
N GLN C 1443 -9.66 -54.85 -77.78
CA GLN C 1443 -9.78 -53.76 -76.81
C GLN C 1443 -11.21 -53.66 -76.28
N ASP C 1444 -12.20 -53.77 -77.17
CA ASP C 1444 -13.58 -53.70 -76.74
C ASP C 1444 -13.93 -54.86 -75.83
N ILE C 1445 -13.45 -56.07 -76.16
CA ILE C 1445 -13.73 -57.24 -75.34
C ILE C 1445 -13.09 -57.09 -73.97
N ILE C 1446 -11.85 -56.58 -73.92
CA ILE C 1446 -11.18 -56.38 -72.64
C ILE C 1446 -11.92 -55.35 -71.80
N THR C 1447 -12.36 -54.26 -72.42
CA THR C 1447 -13.11 -53.24 -71.68
C THR C 1447 -14.42 -53.80 -71.14
N ALA C 1448 -15.13 -54.57 -71.96
CA ALA C 1448 -16.39 -55.15 -71.52
C ALA C 1448 -16.17 -56.14 -70.38
N LEU C 1449 -15.13 -56.97 -70.49
CA LEU C 1449 -14.84 -57.93 -69.43
C LEU C 1449 -14.47 -57.23 -68.14
N GLU C 1450 -13.69 -56.15 -68.22
CA GLU C 1450 -13.33 -55.39 -67.02
C GLU C 1450 -14.57 -54.77 -66.38
N GLU C 1451 -15.43 -54.16 -67.21
CA GLU C 1451 -16.64 -53.54 -66.69
C GLU C 1451 -17.58 -54.57 -66.08
N ARG C 1452 -17.57 -55.80 -66.58
CA ARG C 1452 -18.43 -56.84 -66.04
C ARG C 1452 -17.86 -57.47 -64.78
N LEU C 1453 -16.53 -57.56 -64.68
CA LEU C 1453 -15.87 -58.26 -63.58
C LEU C 1453 -15.44 -57.33 -62.45
N LYS C 1454 -15.58 -56.01 -62.62
CA LYS C 1454 -15.25 -55.11 -61.52
C LYS C 1454 -16.08 -55.37 -60.27
N PRO C 1455 -17.40 -55.63 -60.37
CA PRO C 1455 -18.14 -55.99 -59.16
C PRO C 1455 -17.66 -57.29 -58.52
N LEU C 1456 -17.23 -58.25 -59.35
CA LEU C 1456 -16.65 -59.47 -58.80
C LEU C 1456 -15.37 -59.17 -58.02
N VAL C 1457 -14.56 -58.23 -58.54
CA VAL C 1457 -13.33 -57.87 -57.83
C VAL C 1457 -13.66 -57.17 -56.52
N GLN C 1458 -14.68 -56.32 -56.52
CA GLN C 1458 -15.09 -55.67 -55.27
C GLN C 1458 -15.59 -56.69 -54.26
N ALA C 1459 -16.37 -57.66 -54.72
CA ALA C 1459 -16.85 -58.71 -53.82
C ALA C 1459 -15.70 -59.55 -53.28
N GLU C 1460 -14.70 -59.81 -54.13
CA GLU C 1460 -13.53 -60.55 -53.67
C GLU C 1460 -12.75 -59.78 -52.62
N LEU C 1461 -12.62 -58.47 -52.80
CA LEU C 1461 -11.96 -57.64 -51.80
C LEU C 1461 -12.74 -57.64 -50.49
N SER C 1462 -14.07 -57.57 -50.57
CA SER C 1462 -14.89 -57.63 -49.36
C SER C 1462 -14.73 -58.97 -48.65
N VAL C 1463 -14.69 -60.06 -49.42
CA VAL C 1463 -14.50 -61.38 -48.82
C VAL C 1463 -13.13 -61.49 -48.18
N LEU C 1464 -12.11 -60.89 -48.81
CA LEU C 1464 -10.77 -60.91 -48.23
C LEU C 1464 -10.75 -60.13 -46.91
N VAL C 1465 -11.42 -58.99 -46.87
CA VAL C 1465 -11.49 -58.22 -45.62
C VAL C 1465 -12.21 -59.02 -44.55
N ASP C 1466 -13.32 -59.68 -44.91
CA ASP C 1466 -14.06 -60.48 -43.94
C ASP C 1466 -13.22 -61.63 -43.41
N VAL C 1467 -12.43 -62.26 -44.29
CA VAL C 1467 -11.60 -63.37 -43.86
C VAL C 1467 -10.46 -62.87 -42.97
N LEU C 1468 -9.89 -61.72 -43.30
CA LEU C 1468 -8.83 -61.15 -42.48
C LEU C 1468 -9.34 -60.68 -41.13
N HIS C 1469 -10.62 -60.36 -41.02
CA HIS C 1469 -11.16 -59.92 -39.72
C HIS C 1469 -11.26 -61.07 -38.74
N TRP C 1470 -11.76 -62.23 -39.18
CA TRP C 1470 -12.03 -63.36 -38.31
C TRP C 1470 -10.95 -64.43 -38.50
N PRO C 1471 -10.15 -64.79 -37.50
CA PRO C 1471 -9.19 -65.89 -37.67
C PRO C 1471 -9.72 -67.28 -37.33
N GLU C 1472 -10.86 -67.37 -36.64
CA GLU C 1472 -11.34 -68.67 -36.16
C GLU C 1472 -11.82 -69.58 -37.29
N LEU C 1473 -12.21 -69.02 -38.44
CA LEU C 1473 -12.76 -69.84 -39.50
C LEU C 1473 -11.69 -70.71 -40.16
N LEU C 1474 -10.48 -70.16 -40.33
CA LEU C 1474 -9.44 -70.89 -41.05
C LEU C 1474 -8.67 -71.84 -40.14
N PHE C 1475 -8.40 -71.43 -38.90
CA PHE C 1475 -7.58 -72.25 -38.01
C PHE C 1475 -8.34 -73.51 -37.57
N LEU C 1476 -9.45 -73.33 -36.85
CA LEU C 1476 -10.33 -74.42 -36.47
C LEU C 1476 -9.61 -75.52 -35.68
N GLU C 1477 -8.61 -75.14 -34.89
CA GLU C 1477 -7.86 -76.12 -34.11
C GLU C 1477 -8.62 -76.54 -32.87
N GLY C 1478 -9.13 -75.58 -32.10
CA GLY C 1478 -9.86 -75.88 -30.89
C GLY C 1478 -8.96 -75.98 -29.67
N ALA C 1481 -2.23 -72.59 -29.55
CA ALA C 1481 -2.79 -72.80 -30.88
C ALA C 1481 -3.97 -71.87 -31.12
N TYR C 1482 -5.10 -72.17 -30.50
CA TYR C 1482 -6.29 -71.35 -30.64
C TYR C 1482 -6.20 -70.08 -29.81
N GLN C 1483 -5.48 -70.11 -28.69
CA GLN C 1483 -5.31 -68.92 -27.88
C GLN C 1483 -4.52 -67.85 -28.61
N ARG C 1484 -3.57 -68.25 -29.46
CA ARG C 1484 -2.78 -67.30 -30.24
C ARG C 1484 -3.51 -66.78 -31.46
N CYS C 1485 -4.59 -67.45 -31.88
CA CYS C 1485 -5.29 -67.05 -33.10
C CYS C 1485 -6.26 -65.91 -32.85
N GLU C 1486 -7.25 -66.13 -31.97
CA GLU C 1486 -8.30 -65.15 -31.74
C GLU C 1486 -7.88 -64.12 -30.69
N SER C 1487 -7.58 -64.58 -29.48
CA SER C 1487 -7.22 -63.68 -28.39
C SER C 1487 -5.75 -63.29 -28.39
N GLY C 1488 -4.92 -63.91 -29.22
CA GLY C 1488 -3.50 -63.59 -29.25
C GLY C 1488 -3.16 -62.30 -29.95
N GLY C 1489 -4.05 -61.81 -30.82
CA GLY C 1489 -3.80 -60.59 -31.54
C GLY C 1489 -3.01 -60.80 -32.82
N PHE C 1490 -3.56 -61.64 -33.71
CA PHE C 1490 -2.94 -61.83 -35.03
C PHE C 1490 -2.86 -60.51 -35.78
N LEU C 1491 -3.89 -59.67 -35.65
CA LEU C 1491 -3.85 -58.34 -36.23
C LEU C 1491 -2.74 -57.50 -35.63
N SER C 1492 -2.45 -57.69 -34.34
CA SER C 1492 -1.36 -56.95 -33.72
C SER C 1492 -0.02 -57.36 -34.30
N LYS C 1493 0.20 -58.66 -34.50
CA LYS C 1493 1.44 -59.12 -35.12
C LYS C 1493 1.53 -58.62 -36.56
N LEU C 1494 0.40 -58.60 -37.27
CA LEU C 1494 0.40 -58.08 -38.64
C LEU C 1494 0.79 -56.60 -38.66
N ILE C 1495 0.24 -55.82 -37.73
CA ILE C 1495 0.57 -54.40 -37.67
C ILE C 1495 2.04 -54.19 -37.31
N GLN C 1496 2.55 -55.02 -36.40
CA GLN C 1496 3.97 -54.92 -36.04
C GLN C 1496 4.86 -55.23 -37.23
N HIS C 1497 4.54 -56.29 -37.98
CA HIS C 1497 5.32 -56.64 -39.16
C HIS C 1497 5.21 -55.58 -40.25
N THR C 1498 4.04 -54.93 -40.36
CA THR C 1498 3.88 -53.87 -41.35
C THR C 1498 4.68 -52.63 -40.96
N LYS C 1499 4.74 -52.32 -39.66
CA LYS C 1499 5.52 -51.18 -39.21
C LYS C 1499 7.01 -51.46 -39.28
N ASP C 1500 7.41 -52.74 -39.17
CA ASP C 1500 8.83 -53.08 -39.22
C ASP C 1500 9.34 -53.14 -40.65
N LEU C 1501 8.58 -53.77 -41.55
CA LEU C 1501 9.00 -53.97 -42.94
C LEU C 1501 8.38 -52.95 -43.88
N MET C 1502 8.18 -51.72 -43.42
CA MET C 1502 7.60 -50.68 -44.26
C MET C 1502 8.62 -50.08 -45.22
N GLU C 1503 9.90 -50.07 -44.84
CA GLU C 1503 10.92 -49.44 -45.66
C GLU C 1503 11.39 -50.33 -46.82
N SER C 1504 11.23 -51.65 -46.70
CA SER C 1504 11.73 -52.54 -47.75
C SER C 1504 10.83 -52.49 -48.98
N GLU C 1505 9.52 -52.65 -48.79
CA GLU C 1505 8.55 -52.67 -49.88
C GLU C 1505 7.36 -51.81 -49.49
N GLU C 1506 7.16 -50.72 -50.24
CA GLU C 1506 6.04 -49.82 -49.98
C GLU C 1506 4.71 -50.35 -50.52
N LYS C 1507 4.76 -51.24 -51.52
CA LYS C 1507 3.52 -51.79 -52.07
C LYS C 1507 2.80 -52.64 -51.02
N LEU C 1508 3.54 -53.51 -50.32
CA LEU C 1508 2.92 -54.30 -49.26
C LEU C 1508 2.40 -53.41 -48.14
N CYS C 1509 3.12 -52.34 -47.83
CA CYS C 1509 2.70 -51.44 -46.76
C CYS C 1509 1.40 -50.73 -47.11
N ILE C 1510 1.32 -50.16 -48.32
CA ILE C 1510 0.10 -49.46 -48.70
C ILE C 1510 -1.05 -50.44 -48.90
N LYS C 1511 -0.75 -51.69 -49.30
CA LYS C 1511 -1.80 -52.69 -49.40
C LYS C 1511 -2.36 -53.04 -48.02
N VAL C 1512 -1.49 -53.20 -47.03
CA VAL C 1512 -1.94 -53.48 -45.67
C VAL C 1512 -2.73 -52.29 -45.13
N LEU C 1513 -2.30 -51.07 -45.45
CA LEU C 1513 -3.02 -49.89 -45.01
C LEU C 1513 -4.41 -49.84 -45.63
N ARG C 1514 -4.52 -50.15 -46.92
CA ARG C 1514 -5.82 -50.17 -47.58
C ARG C 1514 -6.71 -51.25 -46.99
N THR C 1515 -6.14 -52.41 -46.66
CA THR C 1515 -6.93 -53.48 -46.06
C THR C 1515 -7.44 -53.07 -44.68
N LEU C 1516 -6.59 -52.43 -43.87
CA LEU C 1516 -7.04 -51.97 -42.56
C LEU C 1516 -8.07 -50.86 -42.69
N GLN C 1517 -7.94 -50.01 -43.71
CA GLN C 1517 -8.93 -48.97 -43.94
C GLN C 1517 -10.29 -49.57 -44.30
N GLN C 1518 -10.29 -50.55 -45.21
CA GLN C 1518 -11.54 -51.17 -45.60
C GLN C 1518 -12.13 -52.05 -44.51
N MET C 1519 -11.30 -52.54 -43.58
CA MET C 1519 -11.80 -53.40 -42.52
C MET C 1519 -12.53 -52.61 -41.44
N LEU C 1520 -12.02 -51.42 -41.10
CA LEU C 1520 -12.59 -50.61 -40.03
C LEU C 1520 -13.66 -49.66 -40.59
N LEU C 1521 -14.67 -50.25 -41.21
CA LEU C 1521 -15.77 -49.49 -41.80
C LEU C 1521 -16.99 -50.40 -41.91
N LYS C 1522 -18.15 -49.76 -42.04
CA LYS C 1522 -19.39 -50.51 -42.15
C LYS C 1522 -19.50 -51.16 -43.52
N LYS C 1523 -20.05 -52.37 -43.56
CA LYS C 1523 -20.19 -53.10 -44.80
C LYS C 1523 -21.32 -52.51 -45.64
N THR C 1524 -21.23 -52.74 -46.95
CA THR C 1524 -22.22 -52.27 -47.92
C THR C 1524 -22.57 -53.41 -48.86
N LYS C 1525 -23.85 -53.54 -49.17
CA LYS C 1525 -24.32 -54.61 -50.04
C LYS C 1525 -24.01 -54.29 -51.49
N TYR C 1526 -23.40 -55.25 -52.18
CA TYR C 1526 -23.05 -55.11 -53.59
C TYR C 1526 -24.21 -55.61 -54.45
N GLY C 1527 -23.97 -55.77 -55.75
CA GLY C 1527 -25.00 -56.24 -56.65
C GLY C 1527 -25.44 -57.66 -56.37
N ASP C 1528 -26.40 -58.14 -57.15
CA ASP C 1528 -26.93 -59.49 -56.95
C ASP C 1528 -25.86 -60.54 -57.21
N ARG C 1529 -25.15 -60.43 -58.33
CA ARG C 1529 -24.08 -61.38 -58.64
C ARG C 1529 -22.96 -61.26 -57.61
N GLY C 1530 -22.59 -60.03 -57.24
CA GLY C 1530 -21.56 -59.85 -56.23
C GLY C 1530 -21.98 -60.39 -54.87
N ASN C 1531 -23.25 -60.18 -54.50
CA ASN C 1531 -23.74 -60.70 -53.23
C ASN C 1531 -23.73 -62.23 -53.23
N GLN C 1532 -24.14 -62.84 -54.35
CA GLN C 1532 -24.13 -64.30 -54.43
C GLN C 1532 -22.71 -64.84 -54.36
N LEU C 1533 -21.77 -64.18 -55.05
CA LEU C 1533 -20.38 -64.63 -55.01
C LEU C 1533 -19.80 -64.49 -53.60
N ARG C 1534 -20.11 -63.39 -52.92
CA ARG C 1534 -19.63 -63.21 -51.56
C ARG C 1534 -20.22 -64.25 -50.62
N LYS C 1535 -21.51 -64.56 -50.78
CA LYS C 1535 -22.14 -65.57 -49.94
C LYS C 1535 -21.52 -66.94 -50.18
N MET C 1536 -21.25 -67.28 -51.44
CA MET C 1536 -20.63 -68.57 -51.76
C MET C 1536 -19.23 -68.64 -51.18
N LEU C 1537 -18.44 -67.57 -51.34
CA LEU C 1537 -17.08 -67.57 -50.81
C LEU C 1537 -17.09 -67.65 -49.28
N LEU C 1538 -18.06 -66.99 -48.64
CA LEU C 1538 -18.16 -67.06 -47.18
C LEU C 1538 -18.53 -68.47 -46.73
N GLN C 1539 -19.50 -69.10 -47.40
CA GLN C 1539 -19.86 -70.46 -47.06
C GLN C 1539 -18.72 -71.44 -47.31
N ASN C 1540 -17.85 -71.14 -48.28
CA ASN C 1540 -16.75 -72.03 -48.59
C ASN C 1540 -15.60 -71.88 -47.58
N TYR C 1541 -15.25 -70.63 -47.24
CA TYR C 1541 -14.08 -70.37 -46.40
C TYR C 1541 -14.39 -70.43 -44.92
N LEU C 1542 -15.62 -70.11 -44.50
CA LEU C 1542 -15.95 -70.11 -43.08
C LEU C 1542 -16.10 -71.52 -42.53
N GLN C 1543 -17.08 -72.27 -43.06
CA GLN C 1543 -17.32 -73.65 -42.64
C GLN C 1543 -17.61 -73.74 -41.14
N ASN C 1544 -18.32 -72.74 -40.62
CA ASN C 1544 -18.64 -72.70 -39.19
C ASN C 1544 -19.85 -71.80 -38.95
N ASP C 1564 -25.65 -49.79 -34.34
CA ASP C 1564 -24.68 -49.76 -35.42
C ASP C 1564 -23.33 -49.22 -34.93
N TRP C 1565 -23.38 -48.09 -34.22
CA TRP C 1565 -22.16 -47.47 -33.73
C TRP C 1565 -21.44 -48.33 -32.70
N SER C 1566 -22.16 -49.22 -32.00
CA SER C 1566 -21.53 -50.07 -31.00
C SER C 1566 -20.51 -51.01 -31.64
N ALA C 1567 -20.86 -51.61 -32.78
CA ALA C 1567 -19.94 -52.52 -33.45
C ALA C 1567 -18.71 -51.79 -33.96
N ILE C 1568 -18.90 -50.59 -34.54
CA ILE C 1568 -17.77 -49.81 -35.03
C ILE C 1568 -16.86 -49.40 -33.88
N ALA C 1569 -17.46 -49.02 -32.75
CA ALA C 1569 -16.67 -48.64 -31.59
C ALA C 1569 -15.89 -49.82 -31.04
N ALA C 1570 -16.51 -51.00 -31.01
CA ALA C 1570 -15.81 -52.19 -30.53
C ALA C 1570 -14.66 -52.55 -31.48
N THR C 1571 -14.88 -52.44 -32.78
CA THR C 1571 -13.81 -52.71 -33.74
C THR C 1571 -12.66 -51.73 -33.58
N GLN C 1572 -12.99 -50.44 -33.37
CA GLN C 1572 -11.95 -49.44 -33.18
C GLN C 1572 -11.17 -49.69 -31.90
N CYS C 1573 -11.86 -50.07 -30.83
CA CYS C 1573 -11.18 -50.37 -29.57
C CYS C 1573 -10.28 -51.59 -29.71
N ARG C 1574 -10.75 -52.61 -30.44
CA ARG C 1574 -9.93 -53.80 -30.64
C ARG C 1574 -8.70 -53.49 -31.49
N LEU C 1575 -8.86 -52.63 -32.51
CA LEU C 1575 -7.72 -52.25 -33.33
C LEU C 1575 -6.73 -51.42 -32.53
N ASP C 1576 -7.23 -50.55 -31.64
CA ASP C 1576 -6.33 -49.74 -30.82
C ASP C 1576 -5.62 -50.59 -29.77
N LYS C 1577 -6.28 -51.63 -29.26
CA LYS C 1577 -5.63 -52.50 -28.29
C LYS C 1577 -4.52 -53.31 -28.93
N GLU C 1578 -4.62 -53.59 -30.23
CA GLU C 1578 -3.58 -54.32 -30.94
C GLU C 1578 -2.32 -53.49 -31.16
N GLY C 1579 -2.37 -52.17 -30.95
CA GLY C 1579 -1.22 -51.31 -31.12
C GLY C 1579 -1.20 -50.60 -32.45
N ALA C 1580 -2.40 -50.21 -32.94
CA ALA C 1580 -2.49 -49.52 -34.22
C ALA C 1580 -2.14 -48.05 -34.11
N THR C 1581 -2.32 -47.45 -32.92
CA THR C 1581 -2.02 -46.03 -32.76
C THR C 1581 -0.53 -45.76 -32.92
N LYS C 1582 0.31 -46.55 -32.26
CA LYS C 1582 1.75 -46.37 -32.38
C LYS C 1582 2.22 -46.67 -33.81
N LEU C 1583 1.60 -47.65 -34.46
CA LEU C 1583 1.97 -47.96 -35.84
C LEU C 1583 1.63 -46.80 -36.76
N VAL C 1584 0.44 -46.20 -36.59
CA VAL C 1584 0.06 -45.07 -37.41
C VAL C 1584 0.97 -43.87 -37.15
N CYS C 1585 1.34 -43.66 -35.89
CA CYS C 1585 2.25 -42.57 -35.55
C CYS C 1585 3.60 -42.76 -36.20
N ASP C 1586 4.14 -43.99 -36.14
CA ASP C 1586 5.43 -44.26 -36.76
C ASP C 1586 5.36 -44.14 -38.27
N LEU C 1587 4.25 -44.56 -38.88
CA LEU C 1587 4.10 -44.43 -40.33
C LEU C 1587 3.99 -42.98 -40.75
N ILE C 1588 3.36 -42.14 -39.93
CA ILE C 1588 3.24 -40.72 -40.25
C ILE C 1588 4.52 -39.95 -39.96
N THR C 1589 5.35 -40.45 -39.03
CA THR C 1589 6.56 -39.74 -38.61
C THR C 1589 7.83 -40.24 -39.30
N SER C 1590 7.82 -41.44 -39.87
CA SER C 1590 9.01 -42.07 -40.44
C SER C 1590 8.71 -42.63 -41.82
N THR C 1591 8.09 -41.81 -42.67
CA THR C 1591 7.76 -42.19 -44.04
C THR C 1591 8.05 -41.01 -44.97
N LYS C 1592 8.34 -41.34 -46.23
CA LYS C 1592 8.64 -40.35 -47.25
C LYS C 1592 7.71 -40.40 -48.45
N ASN C 1593 7.06 -41.54 -48.71
CA ASN C 1593 6.15 -41.65 -49.84
C ASN C 1593 4.85 -40.91 -49.56
N GLU C 1594 4.35 -40.20 -50.56
CA GLU C 1594 3.12 -39.43 -50.39
C GLU C 1594 1.91 -40.34 -50.30
N LYS C 1595 1.90 -41.43 -51.08
CA LYS C 1595 0.76 -42.34 -51.05
C LYS C 1595 0.66 -43.06 -49.71
N ILE C 1596 1.79 -43.48 -49.16
CA ILE C 1596 1.78 -44.15 -47.85
C ILE C 1596 1.30 -43.19 -46.77
N PHE C 1597 1.74 -41.94 -46.84
CA PHE C 1597 1.30 -40.95 -45.86
C PHE C 1597 -0.19 -40.66 -45.99
N GLN C 1598 -0.70 -40.60 -47.23
CA GLN C 1598 -2.13 -40.39 -47.43
C GLN C 1598 -2.93 -41.56 -46.88
N GLU C 1599 -2.45 -42.79 -47.10
CA GLU C 1599 -3.14 -43.96 -46.57
C GLU C 1599 -3.12 -43.96 -45.04
N SER C 1600 -2.00 -43.56 -44.45
CA SER C 1600 -1.91 -43.50 -42.99
C SER C 1600 -2.86 -42.45 -42.43
N ILE C 1601 -2.94 -41.29 -43.09
CA ILE C 1601 -3.86 -40.24 -42.63
C ILE C 1601 -5.29 -40.71 -42.76
N GLY C 1602 -5.61 -41.42 -43.84
CA GLY C 1602 -6.95 -41.94 -44.00
C GLY C 1602 -7.30 -42.97 -42.94
N LEU C 1603 -6.35 -43.85 -42.61
CA LEU C 1603 -6.58 -44.83 -41.55
C LEU C 1603 -6.78 -44.14 -40.21
N ALA C 1604 -5.99 -43.10 -39.93
CA ALA C 1604 -6.14 -42.36 -38.68
C ALA C 1604 -7.47 -41.64 -38.62
N ILE C 1605 -7.95 -41.14 -39.76
CA ILE C 1605 -9.23 -40.43 -39.79
C ILE C 1605 -10.39 -41.41 -39.58
N HIS C 1606 -10.34 -42.56 -40.25
CA HIS C 1606 -11.40 -43.54 -40.13
C HIS C 1606 -11.34 -44.32 -38.83
N LEU C 1607 -10.23 -44.29 -38.11
CA LEU C 1607 -10.13 -45.02 -36.85
C LEU C 1607 -10.76 -44.24 -35.70
N LEU C 1608 -10.54 -42.91 -35.67
CA LEU C 1608 -11.04 -42.06 -34.60
C LEU C 1608 -12.32 -41.32 -34.98
N ASP C 1609 -13.11 -41.89 -35.88
CA ASP C 1609 -14.35 -41.26 -36.30
C ASP C 1609 -15.47 -41.55 -35.30
N GLY C 1610 -16.34 -40.57 -35.10
CA GLY C 1610 -17.44 -40.75 -34.18
C GLY C 1610 -16.97 -40.70 -32.73
N GLY C 1611 -17.49 -41.62 -31.93
CA GLY C 1611 -17.11 -41.69 -30.53
C GLY C 1611 -15.84 -42.48 -30.32
N ASN C 1612 -14.74 -41.77 -30.10
CA ASN C 1612 -13.41 -42.36 -29.93
C ASN C 1612 -12.70 -41.73 -28.74
N THR C 1613 -13.40 -41.64 -27.62
CA THR C 1613 -12.78 -41.08 -26.41
C THR C 1613 -11.61 -41.94 -25.95
N GLU C 1614 -11.76 -43.26 -25.97
CA GLU C 1614 -10.66 -44.14 -25.62
C GLU C 1614 -9.52 -44.02 -26.61
N ILE C 1615 -9.84 -43.91 -27.90
CA ILE C 1615 -8.80 -43.75 -28.92
C ILE C 1615 -8.10 -42.41 -28.74
N GLN C 1616 -8.85 -41.37 -28.38
CA GLN C 1616 -8.24 -40.07 -28.12
C GLN C 1616 -7.30 -40.12 -26.92
N LYS C 1617 -7.72 -40.82 -25.86
CA LYS C 1617 -6.85 -40.99 -24.70
C LYS C 1617 -5.60 -41.77 -25.07
N SER C 1618 -5.74 -42.78 -25.93
CA SER C 1618 -4.58 -43.55 -26.36
C SER C 1618 -3.62 -42.70 -27.17
N PHE C 1619 -4.15 -41.87 -28.07
CA PHE C 1619 -3.28 -40.98 -28.84
C PHE C 1619 -2.58 -39.99 -27.92
N HIS C 1620 -3.29 -39.47 -26.91
CA HIS C 1620 -2.66 -38.54 -25.98
C HIS C 1620 -1.55 -39.21 -25.20
N ASN C 1621 -1.79 -40.44 -24.73
CA ASN C 1621 -0.78 -41.16 -23.97
C ASN C 1621 0.42 -41.51 -24.86
N LEU C 1622 0.19 -41.77 -26.15
CA LEU C 1622 1.29 -42.10 -27.04
C LEU C 1622 2.10 -40.88 -27.43
N MET C 1623 1.44 -39.72 -27.59
CA MET C 1623 2.13 -38.50 -27.98
C MET C 1623 2.78 -37.79 -26.80
N MET C 1624 2.32 -38.04 -25.58
CA MET C 1624 2.88 -37.36 -24.41
C MET C 1624 4.21 -37.97 -24.00
N SER C 1625 4.20 -39.26 -23.66
CA SER C 1625 5.40 -39.95 -23.20
C SER C 1625 6.14 -40.58 -24.39
N ASP C 1626 6.65 -39.69 -25.25
CA ASP C 1626 7.40 -40.12 -26.42
C ASP C 1626 8.26 -38.97 -26.90
N LYS C 1627 9.45 -39.28 -27.38
CA LYS C 1627 10.39 -38.27 -27.87
C LYS C 1627 10.20 -37.94 -29.34
N LYS C 1628 9.51 -38.79 -30.10
CA LYS C 1628 9.32 -38.56 -31.52
C LYS C 1628 8.14 -37.64 -31.81
N SER C 1629 7.25 -37.41 -30.84
CA SER C 1629 6.04 -36.63 -31.07
C SER C 1629 6.38 -35.22 -31.55
N GLU C 1630 7.39 -34.60 -30.95
CA GLU C 1630 7.84 -33.29 -31.40
C GLU C 1630 8.21 -33.32 -32.88
N ARG C 1631 8.94 -34.35 -33.30
CA ARG C 1631 9.26 -34.49 -34.71
C ARG C 1631 8.00 -34.67 -35.54
N PHE C 1632 7.05 -35.47 -35.04
CA PHE C 1632 5.82 -35.74 -35.78
C PHE C 1632 5.07 -34.45 -36.07
N PHE C 1633 4.75 -33.70 -35.02
CA PHE C 1633 4.11 -32.41 -35.18
C PHE C 1633 4.92 -31.50 -36.10
N LYS C 1634 6.26 -31.56 -35.98
CA LYS C 1634 7.11 -30.74 -36.84
C LYS C 1634 6.84 -31.06 -38.31
N VAL C 1635 6.84 -32.35 -38.64
CA VAL C 1635 6.58 -32.77 -40.02
C VAL C 1635 5.21 -32.29 -40.44
N LEU C 1636 4.23 -32.38 -39.55
CA LEU C 1636 2.88 -31.90 -39.86
C LEU C 1636 2.93 -30.44 -40.24
N HIS C 1637 3.58 -29.62 -39.42
CA HIS C 1637 3.68 -28.20 -39.70
C HIS C 1637 4.35 -27.97 -41.04
N ASP C 1638 5.40 -28.75 -41.33
CA ASP C 1638 6.10 -28.59 -42.60
C ASP C 1638 5.15 -28.81 -43.76
N ARG C 1639 4.38 -29.90 -43.71
CA ARG C 1639 3.42 -30.18 -44.79
C ARG C 1639 2.40 -29.07 -44.87
N MET C 1640 1.94 -28.58 -43.72
CA MET C 1640 0.95 -27.51 -43.71
C MET C 1640 1.52 -26.27 -44.40
N LYS C 1641 2.76 -25.93 -44.08
CA LYS C 1641 3.39 -24.77 -44.69
C LYS C 1641 3.49 -24.96 -46.19
N ARG C 1642 3.83 -26.17 -46.63
CA ARG C 1642 3.90 -26.44 -48.07
C ARG C 1642 2.55 -26.19 -48.72
N ALA C 1643 1.49 -26.69 -48.09
CA ALA C 1643 0.15 -26.48 -48.63
C ALA C 1643 -0.17 -24.98 -48.66
N GLN C 1644 0.26 -24.25 -47.63
CA GLN C 1644 0.04 -22.82 -47.60
C GLN C 1644 0.74 -22.15 -48.77
N GLN C 1645 1.97 -22.58 -49.05
CA GLN C 1645 2.70 -22.03 -50.19
C GLN C 1645 1.95 -22.31 -51.48
N GLU C 1646 1.38 -23.51 -51.60
CA GLU C 1646 0.58 -23.83 -52.79
C GLU C 1646 -0.61 -22.91 -52.89
N THR C 1647 -1.27 -22.63 -51.75
CA THR C 1647 -2.40 -21.71 -51.76
C THR C 1647 -1.96 -20.31 -52.15
N LYS C 1648 -0.71 -19.95 -51.84
CA LYS C 1648 -0.17 -18.66 -52.23
C LYS C 1648 0.35 -18.66 -53.67
N SER C 1649 0.47 -19.82 -54.30
CA SER C 1649 1.03 -19.88 -55.66
C SER C 1649 -0.03 -19.53 -56.70
N THR C 1650 -1.12 -20.30 -56.75
CA THR C 1650 -2.18 -20.12 -57.74
C THR C 1650 -3.38 -19.39 -57.14
N VAL C 1651 -3.15 -18.48 -56.19
CA VAL C 1651 -4.24 -17.76 -55.57
C VAL C 1651 -4.89 -16.75 -56.52
N ALA C 1652 -4.17 -16.33 -57.56
CA ALA C 1652 -4.71 -15.36 -58.51
C ALA C 1652 -5.73 -16.04 -59.41
N VAL C 1653 -6.95 -15.53 -59.40
CA VAL C 1653 -8.03 -16.08 -60.23
C VAL C 1653 -9.09 -15.01 -60.48
N SER C 1708 -10.24 -23.82 -62.82
CA SER C 1708 -9.00 -24.58 -62.67
C SER C 1708 -9.17 -25.67 -61.62
N GLU C 1709 -8.05 -26.29 -61.24
CA GLU C 1709 -8.03 -27.35 -60.23
C GLU C 1709 -6.92 -27.07 -59.24
N MET C 1710 -7.21 -27.31 -57.96
CA MET C 1710 -6.23 -27.07 -56.92
C MET C 1710 -5.08 -28.06 -57.02
N GLY C 1711 -3.97 -27.71 -56.35
CA GLY C 1711 -2.79 -28.54 -56.36
C GLY C 1711 -2.93 -29.77 -55.49
N THR C 1712 -1.91 -30.61 -55.55
CA THR C 1712 -1.90 -31.83 -54.75
C THR C 1712 -1.68 -31.54 -53.27
N SER C 1713 -0.98 -30.44 -52.96
CA SER C 1713 -0.76 -30.09 -51.55
C SER C 1713 -2.07 -29.76 -50.85
N VAL C 1714 -2.97 -29.04 -51.53
CA VAL C 1714 -4.27 -28.73 -50.94
C VAL C 1714 -5.08 -30.00 -50.77
N LEU C 1715 -5.02 -30.92 -51.73
CA LEU C 1715 -5.74 -32.17 -51.63
C LEU C 1715 -5.18 -33.05 -50.50
N ILE C 1716 -3.90 -32.90 -50.19
CA ILE C 1716 -3.30 -33.66 -49.09
C ILE C 1716 -3.59 -33.01 -47.75
N MET C 1717 -3.74 -31.68 -47.73
CA MET C 1717 -4.05 -30.97 -46.49
C MET C 1717 -5.53 -30.98 -46.15
N GLN C 1718 -6.40 -31.25 -47.13
CA GLN C 1718 -7.84 -31.28 -46.83
C GLN C 1718 -8.19 -32.35 -45.81
N PRO C 1719 -7.72 -33.59 -45.92
CA PRO C 1719 -8.00 -34.56 -44.84
C PRO C 1719 -7.22 -34.28 -43.57
N ILE C 1720 -6.13 -33.49 -43.63
CA ILE C 1720 -5.37 -33.19 -42.43
C ILE C 1720 -6.21 -32.37 -41.46
N LEU C 1721 -6.90 -31.34 -41.98
CA LEU C 1721 -7.77 -30.53 -41.13
C LEU C 1721 -8.93 -31.36 -40.60
N ARG C 1722 -9.46 -32.28 -41.42
CA ARG C 1722 -10.54 -33.14 -40.96
C ARG C 1722 -10.07 -34.05 -39.83
N PHE C 1723 -8.83 -34.57 -39.93
CA PHE C 1723 -8.28 -35.40 -38.87
C PHE C 1723 -8.06 -34.58 -37.60
N LEU C 1724 -7.57 -33.35 -37.75
CA LEU C 1724 -7.38 -32.49 -36.59
C LEU C 1724 -8.71 -32.16 -35.92
N GLN C 1725 -9.77 -32.01 -36.71
CA GLN C 1725 -11.08 -31.73 -36.13
C GLN C 1725 -11.66 -32.97 -35.46
N LEU C 1726 -11.51 -34.13 -36.08
CA LEU C 1726 -11.98 -35.37 -35.48
C LEU C 1726 -11.20 -35.72 -34.21
N LEU C 1727 -9.98 -35.20 -34.09
CA LEU C 1727 -9.23 -35.40 -32.84
C LEU C 1727 -9.96 -34.75 -31.67
N CYS C 1728 -10.54 -33.57 -31.89
CA CYS C 1728 -11.37 -32.89 -30.88
C CYS C 1728 -12.84 -33.19 -31.11
N GLU C 1729 -13.19 -34.47 -30.99
CA GLU C 1729 -14.58 -34.89 -31.16
C GLU C 1729 -15.42 -34.45 -29.97
N ASN C 1730 -15.02 -34.84 -28.77
CA ASN C 1730 -15.65 -34.37 -27.54
C ASN C 1730 -15.09 -32.99 -27.20
N HIS C 1731 -15.35 -32.52 -25.98
CA HIS C 1731 -14.76 -31.27 -25.52
C HIS C 1731 -13.24 -31.34 -25.56
N ASN C 1732 -12.66 -32.22 -24.75
CA ASN C 1732 -11.22 -32.52 -24.78
C ASN C 1732 -10.38 -31.26 -24.58
N ARG C 1733 -10.51 -30.67 -23.39
CA ARG C 1733 -9.73 -29.48 -23.06
C ARG C 1733 -8.24 -29.79 -23.04
N ASP C 1734 -7.86 -30.93 -22.46
CA ASP C 1734 -6.45 -31.28 -22.39
C ASP C 1734 -5.87 -31.52 -23.79
N LEU C 1735 -6.65 -32.16 -24.66
CA LEU C 1735 -6.17 -32.43 -26.01
C LEU C 1735 -6.03 -31.14 -26.81
N GLN C 1736 -6.97 -30.21 -26.65
CA GLN C 1736 -6.86 -28.92 -27.31
C GLN C 1736 -5.65 -28.15 -26.80
N ASN C 1737 -5.39 -28.22 -25.49
CA ASN C 1737 -4.22 -27.55 -24.93
C ASN C 1737 -2.93 -28.16 -25.47
N PHE C 1738 -2.91 -29.49 -25.62
CA PHE C 1738 -1.73 -30.15 -26.18
C PHE C 1738 -1.53 -29.76 -27.64
N LEU C 1739 -2.62 -29.66 -28.40
CA LEU C 1739 -2.49 -29.23 -29.79
C LEU C 1739 -2.05 -27.77 -29.89
N ARG C 1740 -2.40 -26.96 -28.89
CA ARG C 1740 -1.99 -25.55 -28.89
C ARG C 1740 -0.56 -25.40 -28.39
N CYS C 1741 -0.29 -25.82 -27.16
CA CYS C 1741 1.01 -25.60 -26.55
C CYS C 1741 2.04 -26.59 -27.09
N GLN C 1742 1.76 -27.88 -26.99
CA GLN C 1742 2.69 -28.94 -27.39
C GLN C 1742 4.00 -28.81 -26.62
N ASN C 1743 3.88 -29.03 -25.31
CA ASN C 1743 5.00 -28.81 -24.39
C ASN C 1743 6.13 -29.78 -24.70
N ASN C 1744 7.18 -29.28 -25.34
CA ASN C 1744 8.33 -30.09 -25.73
C ASN C 1744 9.50 -29.13 -25.96
N LYS C 1745 10.56 -29.64 -26.60
CA LYS C 1745 11.70 -28.79 -26.93
C LYS C 1745 11.32 -27.68 -27.91
N THR C 1746 10.25 -27.89 -28.69
CA THR C 1746 9.78 -26.88 -29.65
C THR C 1746 8.25 -26.89 -29.67
N ASN C 1747 7.68 -25.71 -29.88
CA ASN C 1747 6.24 -25.52 -30.00
C ASN C 1747 5.92 -24.94 -31.36
N TYR C 1748 4.73 -25.28 -31.87
CA TYR C 1748 4.35 -24.95 -33.24
C TYR C 1748 2.99 -24.26 -33.32
N ASN C 1749 2.07 -24.59 -32.41
CA ASN C 1749 0.77 -23.92 -32.33
C ASN C 1749 -0.01 -24.06 -33.63
N LEU C 1750 -0.39 -25.32 -33.91
CA LEU C 1750 -1.06 -25.65 -35.17
C LEU C 1750 -2.38 -24.90 -35.37
N VAL C 1751 -2.99 -24.39 -34.29
CA VAL C 1751 -4.21 -23.61 -34.44
C VAL C 1751 -3.91 -22.32 -35.21
N CYS C 1752 -2.81 -21.65 -34.85
CA CYS C 1752 -2.40 -20.48 -35.61
C CYS C 1752 -2.06 -20.83 -37.04
N GLU C 1753 -1.52 -22.03 -37.27
CA GLU C 1753 -1.24 -22.47 -38.64
C GLU C 1753 -2.54 -22.63 -39.43
N THR C 1754 -3.57 -23.18 -38.81
CA THR C 1754 -4.86 -23.31 -39.49
C THR C 1754 -5.47 -21.94 -39.76
N LEU C 1755 -5.32 -21.00 -38.82
CA LEU C 1755 -5.80 -19.65 -39.04
C LEU C 1755 -5.08 -18.99 -40.22
N GLN C 1756 -3.76 -19.17 -40.29
CA GLN C 1756 -3.01 -18.62 -41.42
C GLN C 1756 -3.42 -19.29 -42.73
N PHE C 1757 -3.71 -20.59 -42.68
CA PHE C 1757 -4.18 -21.30 -43.87
C PHE C 1757 -5.50 -20.72 -44.35
N LEU C 1758 -6.43 -20.47 -43.43
CA LEU C 1758 -7.71 -19.87 -43.80
C LEU C 1758 -7.49 -18.46 -44.37
N ASP C 1759 -6.60 -17.69 -43.76
CA ASP C 1759 -6.33 -16.34 -44.24
C ASP C 1759 -5.75 -16.35 -45.64
N ILE C 1760 -4.88 -17.32 -45.92
CA ILE C 1760 -4.27 -17.40 -47.24
C ILE C 1760 -5.27 -17.89 -48.28
N MET C 1761 -6.14 -18.81 -47.90
CA MET C 1761 -7.14 -19.32 -48.83
C MET C 1761 -8.20 -18.27 -49.14
N CYS C 1762 -8.54 -17.44 -48.16
CA CYS C 1762 -9.55 -16.39 -48.33
C CYS C 1762 -8.96 -15.04 -48.70
N GLY C 1763 -7.63 -14.90 -48.71
CA GLY C 1763 -7.01 -13.63 -49.01
C GLY C 1763 -6.82 -12.78 -47.78
N SER C 1764 -5.60 -12.24 -47.59
CA SER C 1764 -5.33 -11.44 -46.41
C SER C 1764 -6.09 -10.12 -46.46
N THR C 1765 -6.03 -9.42 -47.61
CA THR C 1765 -6.72 -8.15 -47.78
C THR C 1765 -8.14 -8.46 -48.25
N THR C 1766 -9.07 -8.53 -47.30
CA THR C 1766 -10.47 -8.84 -47.55
C THR C 1766 -11.37 -7.71 -47.08
N GLY C 1767 -10.98 -6.47 -47.37
CA GLY C 1767 -11.79 -5.33 -46.96
C GLY C 1767 -13.03 -5.17 -47.82
N GLY C 1768 -12.86 -5.24 -49.14
CA GLY C 1768 -13.96 -5.10 -50.05
C GLY C 1768 -14.73 -6.39 -50.26
N LEU C 1769 -15.86 -6.26 -50.96
CA LEU C 1769 -16.68 -7.44 -51.25
C LEU C 1769 -15.96 -8.39 -52.18
N GLY C 1770 -15.46 -7.88 -53.31
CA GLY C 1770 -14.70 -8.72 -54.23
C GLY C 1770 -13.39 -9.21 -53.66
N LEU C 1771 -12.83 -8.52 -52.68
CA LEU C 1771 -11.60 -8.95 -52.04
C LEU C 1771 -11.81 -10.03 -50.99
N LEU C 1772 -13.07 -10.40 -50.69
CA LEU C 1772 -13.38 -11.36 -49.64
C LEU C 1772 -14.35 -12.45 -50.08
N GLY C 1773 -14.95 -12.36 -51.26
CA GLY C 1773 -15.91 -13.34 -51.73
C GLY C 1773 -15.66 -13.86 -53.14
N LEU C 1774 -14.78 -13.20 -53.89
CA LEU C 1774 -14.53 -13.59 -55.27
C LEU C 1774 -13.58 -14.78 -55.39
N TYR C 1775 -12.78 -15.06 -54.35
CA TYR C 1775 -11.82 -16.16 -54.43
C TYR C 1775 -12.50 -17.51 -54.20
N ILE C 1776 -13.50 -17.57 -53.32
CA ILE C 1776 -14.14 -18.83 -53.00
C ILE C 1776 -15.03 -19.24 -54.17
N ASN C 1777 -14.61 -20.26 -54.91
CA ASN C 1777 -15.33 -20.78 -56.05
C ASN C 1777 -16.15 -22.00 -55.64
N GLU C 1778 -16.83 -22.60 -56.63
CA GLU C 1778 -17.64 -23.79 -56.35
C GLU C 1778 -16.77 -25.01 -56.10
N ASP C 1779 -15.61 -25.09 -56.73
CA ASP C 1779 -14.70 -26.23 -56.58
C ASP C 1779 -13.68 -26.02 -55.47
N ASN C 1780 -13.86 -24.99 -54.62
CA ASN C 1780 -12.95 -24.72 -53.51
C ASN C 1780 -13.67 -24.43 -52.20
N VAL C 1781 -15.01 -24.45 -52.18
CA VAL C 1781 -15.74 -24.17 -50.95
C VAL C 1781 -15.67 -25.34 -49.98
N GLY C 1782 -15.41 -26.55 -50.45
CA GLY C 1782 -15.36 -27.70 -49.56
C GLY C 1782 -14.22 -27.62 -48.57
N LEU C 1783 -13.02 -27.30 -49.07
CA LEU C 1783 -11.87 -27.17 -48.17
C LEU C 1783 -12.05 -26.01 -47.22
N VAL C 1784 -12.66 -24.92 -47.68
CA VAL C 1784 -12.91 -23.78 -46.80
C VAL C 1784 -13.88 -24.16 -45.70
N ILE C 1785 -14.94 -24.91 -46.05
CA ILE C 1785 -15.91 -25.33 -45.05
C ILE C 1785 -15.28 -26.30 -44.06
N GLN C 1786 -14.39 -27.17 -44.54
CA GLN C 1786 -13.72 -28.11 -43.65
C GLN C 1786 -12.81 -27.38 -42.67
N THR C 1787 -12.02 -26.42 -43.17
CA THR C 1787 -11.17 -25.63 -42.29
C THR C 1787 -11.99 -24.82 -41.30
N LEU C 1788 -13.15 -24.33 -41.74
CA LEU C 1788 -14.03 -23.57 -40.85
C LEU C 1788 -14.59 -24.45 -39.75
N GLU C 1789 -15.02 -25.67 -40.10
CA GLU C 1789 -15.50 -26.59 -39.09
C GLU C 1789 -14.40 -27.00 -38.13
N THR C 1790 -13.17 -27.15 -38.64
CA THR C 1790 -12.04 -27.46 -37.76
C THR C 1790 -11.77 -26.31 -36.79
N LEU C 1791 -11.81 -25.07 -37.28
CA LEU C 1791 -11.64 -23.92 -36.41
C LEU C 1791 -12.75 -23.84 -35.37
N THR C 1792 -13.98 -24.22 -35.74
CA THR C 1792 -15.06 -24.25 -34.77
C THR C 1792 -14.82 -25.33 -33.71
N GLU C 1793 -14.36 -26.50 -34.13
CA GLU C 1793 -14.16 -27.60 -33.20
C GLU C 1793 -12.94 -27.38 -32.30
N TYR C 1794 -11.99 -26.54 -32.71
CA TYR C 1794 -10.85 -26.25 -31.85
C TYR C 1794 -11.29 -25.58 -30.56
N CYS C 1795 -12.10 -24.51 -30.68
CA CYS C 1795 -12.56 -23.72 -29.55
C CYS C 1795 -14.06 -23.92 -29.30
N GLN C 1796 -14.57 -25.12 -29.58
CA GLN C 1796 -15.98 -25.38 -29.33
C GLN C 1796 -16.28 -25.43 -27.83
N GLY C 1797 -15.54 -26.26 -27.11
CA GLY C 1797 -15.72 -26.37 -25.68
C GLY C 1797 -15.16 -25.16 -24.95
N PRO C 1798 -15.49 -25.01 -23.66
CA PRO C 1798 -14.99 -23.85 -22.90
C PRO C 1798 -13.58 -24.08 -22.41
N CYS C 1799 -12.63 -23.34 -22.99
CA CYS C 1799 -11.23 -23.36 -22.59
C CYS C 1799 -10.69 -21.98 -22.24
N HIS C 1800 -11.10 -20.95 -22.97
CA HIS C 1800 -10.68 -19.56 -22.71
C HIS C 1800 -9.18 -19.37 -22.84
N GLU C 1801 -8.49 -20.27 -23.55
CA GLU C 1801 -7.07 -20.15 -23.82
C GLU C 1801 -6.77 -20.07 -25.31
N ASN C 1802 -7.27 -21.01 -26.10
CA ASN C 1802 -7.07 -20.96 -27.54
C ASN C 1802 -7.96 -19.91 -28.20
N GLN C 1803 -9.09 -19.58 -27.58
CA GLN C 1803 -9.95 -18.53 -28.14
C GLN C 1803 -9.25 -17.18 -28.14
N THR C 1804 -8.42 -16.91 -27.12
CA THR C 1804 -7.67 -15.66 -27.09
C THR C 1804 -6.53 -15.67 -28.08
N CYS C 1805 -5.94 -16.84 -28.34
CA CYS C 1805 -4.84 -16.95 -29.29
C CYS C 1805 -5.30 -16.93 -30.74
N ILE C 1806 -6.54 -17.34 -31.01
CA ILE C 1806 -7.07 -17.35 -32.36
C ILE C 1806 -7.70 -16.02 -32.73
N VAL C 1807 -7.53 -15.00 -31.88
CA VAL C 1807 -8.08 -13.67 -32.12
C VAL C 1807 -6.98 -12.61 -31.94
N THR C 1808 -5.72 -13.02 -32.15
CA THR C 1808 -4.58 -12.12 -31.98
C THR C 1808 -3.64 -12.09 -33.17
N HIS C 1809 -3.66 -13.10 -34.04
CA HIS C 1809 -2.78 -13.15 -35.20
C HIS C 1809 -3.50 -12.68 -36.45
N ILE C 1814 -7.12 -11.90 -39.31
CA ILE C 1814 -7.71 -13.23 -39.37
C ILE C 1814 -9.20 -13.16 -39.06
N ASP C 1815 -9.52 -12.61 -37.89
CA ASP C 1815 -10.92 -12.48 -37.50
C ASP C 1815 -11.68 -11.55 -38.44
N ILE C 1816 -10.98 -10.58 -39.04
CA ILE C 1816 -11.63 -9.68 -40.00
C ILE C 1816 -12.10 -10.46 -41.21
N ILE C 1817 -11.38 -11.52 -41.60
CA ILE C 1817 -11.80 -12.35 -42.73
C ILE C 1817 -13.11 -13.05 -42.40
N THR C 1818 -13.23 -13.59 -41.20
CA THR C 1818 -14.48 -14.23 -40.79
C THR C 1818 -15.62 -13.22 -40.70
N ALA C 1819 -15.32 -12.02 -40.21
CA ALA C 1819 -16.34 -10.98 -40.12
C ALA C 1819 -16.84 -10.60 -41.51
N LEU C 1820 -15.92 -10.48 -42.47
CA LEU C 1820 -16.33 -10.16 -43.84
C LEU C 1820 -17.09 -11.32 -44.48
N ILE C 1821 -16.72 -12.56 -44.15
CA ILE C 1821 -17.44 -13.71 -44.68
C ILE C 1821 -18.87 -13.74 -44.14
N LEU C 1822 -19.05 -13.35 -42.87
CA LEU C 1822 -20.36 -13.34 -42.26
C LEU C 1822 -21.16 -12.07 -42.55
N ASN C 1823 -20.52 -11.03 -43.09
CA ASN C 1823 -21.17 -9.74 -43.33
C ASN C 1823 -21.10 -9.32 -44.80
N ASP C 1824 -20.91 -10.26 -45.72
CA ASP C 1824 -20.87 -9.95 -47.14
C ASP C 1824 -21.37 -11.15 -47.93
N ILE C 1825 -22.04 -10.86 -49.04
CA ILE C 1825 -22.62 -11.90 -49.89
C ILE C 1825 -21.55 -12.46 -50.80
N SER C 1826 -21.82 -13.61 -51.41
CA SER C 1826 -20.88 -14.25 -52.32
C SER C 1826 -21.23 -13.87 -53.75
N PRO C 1827 -20.34 -13.24 -54.54
CA PRO C 1827 -20.74 -12.84 -55.88
C PRO C 1827 -20.88 -14.00 -56.85
N LEU C 1828 -19.94 -14.95 -56.82
CA LEU C 1828 -19.90 -16.03 -57.78
C LEU C 1828 -20.69 -17.26 -57.34
N CYS C 1829 -20.89 -17.44 -56.04
CA CYS C 1829 -21.60 -18.61 -55.51
C CYS C 1829 -23.11 -18.41 -55.46
N LYS C 1830 -23.64 -17.39 -56.14
CA LYS C 1830 -25.08 -17.17 -56.13
C LYS C 1830 -25.83 -18.21 -56.96
N TYR C 1831 -25.15 -18.86 -57.90
CA TYR C 1831 -25.81 -19.89 -58.70
C TYR C 1831 -26.15 -21.12 -57.86
N ARG C 1832 -25.34 -21.41 -56.83
CA ARG C 1832 -25.58 -22.53 -55.92
C ARG C 1832 -25.49 -21.96 -54.51
N MET C 1833 -26.62 -21.48 -53.99
CA MET C 1833 -26.66 -20.78 -52.71
C MET C 1833 -26.78 -21.70 -51.52
N ASP C 1834 -27.02 -23.00 -51.73
CA ASP C 1834 -27.15 -23.92 -50.60
C ASP C 1834 -25.82 -24.05 -49.85
N LEU C 1835 -24.74 -24.32 -50.57
CA LEU C 1835 -23.43 -24.42 -49.93
C LEU C 1835 -22.99 -23.09 -49.35
N VAL C 1836 -23.38 -21.98 -49.99
CA VAL C 1836 -23.03 -20.67 -49.45
C VAL C 1836 -23.74 -20.43 -48.12
N LEU C 1837 -25.02 -20.79 -48.04
CA LEU C 1837 -25.75 -20.66 -46.78
C LEU C 1837 -25.19 -21.58 -45.72
N GLN C 1838 -24.76 -22.79 -46.12
CA GLN C 1838 -24.12 -23.70 -45.16
C GLN C 1838 -22.83 -23.10 -44.62
N LEU C 1839 -22.02 -22.50 -45.48
CA LEU C 1839 -20.79 -21.85 -45.03
C LEU C 1839 -21.10 -20.66 -44.13
N LYS C 1840 -22.17 -19.92 -44.43
CA LYS C 1840 -22.57 -18.80 -43.58
C LYS C 1840 -22.98 -19.29 -42.20
N ASP C 1841 -23.73 -20.39 -42.15
CA ASP C 1841 -24.14 -20.96 -40.87
C ASP C 1841 -22.93 -21.46 -40.08
N ASN C 1842 -21.97 -22.08 -40.77
CA ASN C 1842 -20.76 -22.53 -40.10
C ASN C 1842 -19.95 -21.35 -39.56
N ALA C 1843 -19.93 -20.24 -40.30
CA ALA C 1843 -19.22 -19.06 -39.84
C ALA C 1843 -19.91 -18.45 -38.62
N SER C 1844 -21.25 -18.43 -38.63
CA SER C 1844 -22.00 -17.98 -37.47
C SER C 1844 -21.70 -18.86 -36.26
N LYS C 1845 -21.60 -20.17 -36.48
CA LYS C 1845 -21.28 -21.08 -35.39
C LYS C 1845 -19.89 -20.81 -34.84
N LEU C 1846 -18.92 -20.58 -35.73
CA LEU C 1846 -17.57 -20.27 -35.28
C LEU C 1846 -17.54 -18.98 -34.49
N LEU C 1847 -18.27 -17.96 -34.95
CA LEU C 1847 -18.28 -16.68 -34.24
C LEU C 1847 -19.00 -16.78 -32.91
N LEU C 1848 -20.00 -17.67 -32.81
CA LEU C 1848 -20.67 -17.89 -31.53
C LEU C 1848 -19.75 -18.64 -30.57
N ALA C 1849 -18.96 -19.59 -31.09
CA ALA C 1849 -18.04 -20.32 -30.24
C ALA C 1849 -16.87 -19.45 -29.79
N LEU C 1850 -16.45 -18.50 -30.63
CA LEU C 1850 -15.35 -17.62 -30.24
C LEU C 1850 -15.75 -16.71 -29.09
N MET C 1851 -16.97 -16.17 -29.13
CA MET C 1851 -17.49 -15.33 -28.05
C MET C 1851 -18.13 -16.20 -26.97
N GLU C 1852 -17.29 -17.03 -26.36
CA GLU C 1852 -17.73 -17.96 -25.33
C GLU C 1852 -17.87 -17.23 -24.00
N SER C 1853 -18.06 -17.97 -22.92
CA SER C 1853 -18.23 -17.39 -21.60
C SER C 1853 -16.90 -16.80 -21.14
N ARG C 1854 -16.72 -15.50 -21.35
CA ARG C 1854 -15.52 -14.78 -20.96
C ARG C 1854 -15.91 -13.50 -20.25
N HIS C 1855 -15.34 -13.29 -19.06
CA HIS C 1855 -15.66 -12.09 -18.29
C HIS C 1855 -15.02 -10.85 -18.90
N ASP C 1856 -13.90 -11.00 -19.60
CA ASP C 1856 -13.22 -9.86 -20.20
C ASP C 1856 -14.02 -9.34 -21.40
N SER C 1857 -13.45 -8.32 -22.05
CA SER C 1857 -14.08 -7.71 -23.21
C SER C 1857 -13.07 -7.38 -24.31
N GLU C 1858 -11.91 -8.04 -24.32
CA GLU C 1858 -10.93 -7.78 -25.38
C GLU C 1858 -11.37 -8.43 -26.69
N ASN C 1859 -11.75 -9.71 -26.65
CA ASN C 1859 -12.25 -10.38 -27.84
C ASN C 1859 -13.53 -9.73 -28.33
N ALA C 1860 -14.39 -9.31 -27.40
CA ALA C 1860 -15.61 -8.62 -27.79
C ALA C 1860 -15.29 -7.29 -28.47
N GLU C 1861 -14.30 -6.56 -27.95
CA GLU C 1861 -13.90 -5.30 -28.57
C GLU C 1861 -13.33 -5.52 -29.96
N ARG C 1862 -12.54 -6.59 -30.13
CA ARG C 1862 -11.99 -6.90 -31.44
C ARG C 1862 -13.09 -7.26 -32.43
N ILE C 1863 -14.08 -8.05 -31.98
CA ILE C 1863 -15.17 -8.43 -32.86
C ILE C 1863 -16.01 -7.21 -33.22
N LEU C 1864 -16.17 -6.27 -32.29
CA LEU C 1864 -16.92 -5.06 -32.56
C LEU C 1864 -16.17 -4.15 -33.54
N ILE C 1865 -14.85 -4.11 -33.43
CA ILE C 1865 -14.05 -3.29 -34.35
C ILE C 1865 -14.02 -3.93 -35.73
N SER C 1866 -14.11 -5.26 -35.80
CA SER C 1866 -14.08 -5.95 -37.09
C SER C 1866 -15.39 -5.77 -37.84
N LEU C 1867 -16.50 -6.23 -37.26
CA LEU C 1867 -17.80 -6.17 -37.89
C LEU C 1867 -18.46 -4.82 -37.60
N ARG C 1868 -19.45 -4.49 -38.43
CA ARG C 1868 -20.20 -3.24 -38.31
C ARG C 1868 -21.55 -3.49 -37.62
N PRO C 1869 -22.03 -2.63 -36.70
CA PRO C 1869 -23.34 -2.90 -36.09
C PRO C 1869 -24.49 -2.79 -37.06
N GLN C 1870 -24.55 -1.67 -37.79
CA GLN C 1870 -25.64 -1.45 -38.74
C GLN C 1870 -25.61 -2.48 -39.85
N GLU C 1871 -24.41 -2.85 -40.31
CA GLU C 1871 -24.31 -3.88 -41.34
C GLU C 1871 -24.82 -5.21 -40.84
N LEU C 1872 -24.52 -5.55 -39.58
CA LEU C 1872 -25.01 -6.82 -39.02
C LEU C 1872 -26.52 -6.80 -38.87
N VAL C 1873 -27.08 -5.67 -38.43
CA VAL C 1873 -28.53 -5.56 -38.30
C VAL C 1873 -29.20 -5.70 -39.66
N ASP C 1874 -28.65 -5.03 -40.68
CA ASP C 1874 -29.21 -5.16 -42.02
C ASP C 1874 -29.06 -6.58 -42.56
N VAL C 1875 -27.96 -7.26 -42.22
CA VAL C 1875 -27.76 -8.62 -42.68
C VAL C 1875 -28.81 -9.54 -42.05
N ILE C 1876 -29.07 -9.38 -40.75
CA ILE C 1876 -30.09 -10.19 -40.10
C ILE C 1876 -31.47 -9.90 -40.69
N LYS C 1877 -31.75 -8.62 -40.96
CA LYS C 1877 -33.04 -8.25 -41.53
C LYS C 1877 -33.22 -8.87 -42.91
N LYS C 1878 -32.19 -8.81 -43.75
CA LYS C 1878 -32.28 -9.42 -45.08
C LYS C 1878 -32.36 -10.94 -44.99
N ALA C 1879 -31.67 -11.54 -44.02
CA ALA C 1879 -31.75 -12.99 -43.85
C ALA C 1879 -33.16 -13.43 -43.50
N TYR C 1880 -33.84 -12.68 -42.62
CA TYR C 1880 -35.22 -13.03 -42.30
C TYR C 1880 -36.16 -12.69 -43.44
N LEU C 1881 -35.86 -11.62 -44.20
CA LEU C 1881 -36.72 -11.21 -45.30
C LEU C 1881 -36.58 -12.10 -46.53
N GLN C 1882 -35.51 -12.90 -46.60
CA GLN C 1882 -35.38 -13.85 -47.71
C GLN C 1882 -36.55 -14.83 -47.71
N GLU C 1883 -36.64 -15.65 -46.66
CA GLU C 1883 -37.79 -16.51 -46.42
C GLU C 1883 -38.07 -17.47 -47.58
N GLU C 1884 -37.05 -17.85 -48.33
CA GLU C 1884 -37.20 -18.75 -49.48
C GLU C 1884 -36.04 -19.74 -49.42
N GLU C 1885 -36.26 -20.88 -48.77
CA GLU C 1885 -35.22 -21.89 -48.63
C GLU C 1885 -35.09 -22.71 -49.92
N ARG C 1886 -36.15 -23.42 -50.30
CA ARG C 1886 -36.15 -24.26 -51.50
C ARG C 1886 -35.06 -25.33 -51.42
N GLU C 1887 -34.84 -25.85 -50.21
CA GLU C 1887 -33.82 -26.86 -50.00
C GLU C 1887 -34.20 -27.67 -48.77
N ASN C 1888 -33.55 -28.83 -48.63
CA ASN C 1888 -33.79 -29.74 -47.51
C ASN C 1888 -32.49 -30.09 -46.78
N SER C 1889 -31.47 -29.24 -46.87
CA SER C 1889 -30.18 -29.46 -46.21
C SER C 1889 -30.01 -28.52 -45.02
N GLU C 1890 -31.11 -28.14 -44.37
CA GLU C 1890 -31.09 -27.22 -43.24
C GLU C 1890 -30.46 -25.89 -43.63
N VAL C 1891 -30.72 -25.45 -44.85
CA VAL C 1891 -30.17 -24.21 -45.39
C VAL C 1891 -31.18 -23.07 -45.33
N SER C 1892 -32.16 -23.16 -44.44
CA SER C 1892 -33.16 -22.11 -44.33
C SER C 1892 -32.51 -20.84 -43.78
N PRO C 1893 -32.70 -19.67 -44.42
CA PRO C 1893 -32.05 -18.46 -43.88
C PRO C 1893 -32.60 -18.01 -42.54
N ARG C 1894 -33.76 -18.52 -42.12
CA ARG C 1894 -34.34 -18.09 -40.84
C ARG C 1894 -33.44 -18.48 -39.67
N GLU C 1895 -32.94 -19.73 -39.68
CA GLU C 1895 -32.11 -20.20 -38.58
C GLU C 1895 -30.78 -19.45 -38.55
N VAL C 1896 -30.17 -19.22 -39.71
CA VAL C 1896 -28.91 -18.49 -39.76
C VAL C 1896 -29.09 -17.05 -39.31
N GLY C 1897 -30.19 -16.42 -39.73
CA GLY C 1897 -30.47 -15.06 -39.29
C GLY C 1897 -30.70 -14.98 -37.80
N HIS C 1898 -31.41 -15.96 -37.24
CA HIS C 1898 -31.63 -15.96 -35.79
C HIS C 1898 -30.34 -16.23 -35.03
N ASN C 1899 -29.45 -17.05 -35.58
CA ASN C 1899 -28.15 -17.26 -34.96
C ASN C 1899 -27.32 -15.98 -34.98
N ILE C 1900 -27.36 -15.25 -36.10
CA ILE C 1900 -26.66 -13.97 -36.18
C ILE C 1900 -27.26 -12.99 -35.17
N TYR C 1901 -28.58 -13.04 -34.99
CA TYR C 1901 -29.22 -12.18 -33.99
C TYR C 1901 -28.77 -12.54 -32.58
N ILE C 1902 -28.62 -13.84 -32.31
CA ILE C 1902 -28.14 -14.26 -31.00
C ILE C 1902 -26.72 -13.77 -30.77
N LEU C 1903 -25.87 -13.87 -31.80
CA LEU C 1903 -24.52 -13.37 -31.68
C LEU C 1903 -24.51 -11.86 -31.45
N ALA C 1904 -25.40 -11.13 -32.13
CA ALA C 1904 -25.49 -9.69 -31.94
C ALA C 1904 -25.94 -9.34 -30.53
N LEU C 1905 -26.92 -10.08 -30.00
CA LEU C 1905 -27.37 -9.85 -28.64
C LEU C 1905 -26.26 -10.16 -27.64
N GLN C 1906 -25.44 -11.18 -27.92
CA GLN C 1906 -24.31 -11.48 -27.05
C GLN C 1906 -23.28 -10.36 -27.09
N LEU C 1907 -23.02 -9.80 -28.28
CA LEU C 1907 -22.03 -8.74 -28.42
C LEU C 1907 -22.54 -7.39 -27.92
N SER C 1908 -23.86 -7.21 -27.81
CA SER C 1908 -24.43 -5.93 -27.40
C SER C 1908 -24.25 -5.61 -25.93
N ARG C 1909 -23.65 -6.51 -25.14
CA ARG C 1909 -23.52 -6.31 -23.69
C ARG C 1909 -22.30 -5.48 -23.31
N HIS C 1910 -21.65 -4.81 -24.27
CA HIS C 1910 -20.48 -3.99 -23.98
C HIS C 1910 -20.59 -2.59 -24.58
N ASN C 1911 -21.27 -2.46 -25.71
CA ASN C 1911 -21.44 -1.18 -26.39
C ASN C 1911 -22.88 -0.71 -26.28
N LYS C 1912 -23.05 0.61 -26.24
CA LYS C 1912 -24.36 1.23 -26.06
C LYS C 1912 -25.10 1.44 -27.37
N GLN C 1913 -24.40 1.49 -28.50
CA GLN C 1913 -25.06 1.74 -29.78
C GLN C 1913 -26.00 0.60 -30.15
N LEU C 1914 -25.67 -0.63 -29.74
CA LEU C 1914 -26.47 -1.81 -30.06
C LEU C 1914 -27.48 -2.16 -28.97
N GLN C 1915 -27.49 -1.43 -27.85
CA GLN C 1915 -28.46 -1.72 -26.81
C GLN C 1915 -29.85 -1.22 -27.20
N HIS C 1916 -29.94 0.01 -27.69
CA HIS C 1916 -31.20 0.60 -28.11
C HIS C 1916 -31.53 0.35 -29.58
N LEU C 1917 -30.67 -0.37 -30.31
CA LEU C 1917 -30.89 -0.64 -31.72
C LEU C 1917 -31.56 -1.98 -31.98
N LEU C 1918 -31.57 -2.90 -31.01
CA LEU C 1918 -32.16 -4.21 -31.22
C LEU C 1918 -33.66 -4.23 -30.97
N LYS C 1919 -34.21 -3.24 -30.29
CA LYS C 1919 -35.64 -3.24 -30.01
C LYS C 1919 -36.41 -3.02 -31.32
N PRO C 1920 -37.54 -3.71 -31.52
CA PRO C 1920 -38.31 -3.43 -32.76
C PRO C 1920 -38.96 -2.06 -32.76
N VAL C 1921 -39.58 -1.67 -31.64
CA VAL C 1921 -40.26 -0.38 -31.56
C VAL C 1921 -40.32 0.08 -30.11
N ASP C 1959 -41.28 -6.81 -37.86
CA ASP C 1959 -41.62 -8.23 -37.91
C ASP C 1959 -40.42 -9.17 -37.68
N PRO C 1960 -39.25 -8.91 -38.30
CA PRO C 1960 -38.10 -9.80 -38.02
C PRO C 1960 -37.60 -9.66 -36.60
N LEU C 1961 -37.44 -8.42 -36.14
CA LEU C 1961 -36.91 -8.18 -34.81
C LEU C 1961 -37.83 -8.72 -33.73
N ALA C 1962 -39.14 -8.52 -33.89
CA ALA C 1962 -40.09 -9.02 -32.91
C ALA C 1962 -40.10 -10.54 -32.87
N TYR C 1963 -40.10 -11.18 -34.04
CA TYR C 1963 -40.11 -12.64 -34.09
C TYR C 1963 -38.84 -13.22 -33.51
N TYR C 1964 -37.71 -12.56 -33.70
CA TYR C 1964 -36.45 -13.04 -33.13
C TYR C 1964 -36.38 -12.79 -31.63
N GLU C 1965 -36.96 -11.68 -31.16
CA GLU C 1965 -37.02 -11.44 -29.72
C GLU C 1965 -38.00 -12.38 -29.03
N ASN C 1966 -38.99 -12.91 -29.76
CA ASN C 1966 -39.92 -13.86 -29.17
C ASN C 1966 -39.24 -15.19 -28.89
N HIS C 1967 -38.46 -15.69 -29.85
CA HIS C 1967 -37.80 -16.99 -29.73
C HIS C 1967 -36.37 -16.81 -29.22
N THR C 1968 -36.27 -16.32 -27.98
CA THR C 1968 -34.99 -16.11 -27.32
C THR C 1968 -35.17 -16.31 -25.83
N SER C 1969 -34.21 -17.00 -25.21
CA SER C 1969 -34.26 -17.28 -23.78
C SER C 1969 -32.85 -17.37 -23.23
N GLN C 1970 -32.60 -16.64 -22.15
CA GLN C 1970 -31.31 -16.64 -21.47
C GLN C 1970 -31.44 -17.38 -20.14
N ILE C 1971 -30.34 -18.01 -19.73
CA ILE C 1971 -30.31 -18.75 -18.47
C ILE C 1971 -28.90 -18.73 -17.92
N GLU C 1972 -28.78 -18.61 -16.60
CA GLU C 1972 -27.50 -18.61 -15.92
C GLU C 1972 -27.21 -19.99 -15.36
N ILE C 1973 -25.98 -20.46 -15.55
CA ILE C 1973 -25.55 -21.77 -15.09
C ILE C 1973 -24.17 -21.61 -14.45
N VAL C 1974 -23.65 -22.72 -13.91
CA VAL C 1974 -22.33 -22.77 -13.32
C VAL C 1974 -21.63 -24.03 -13.84
N ARG C 1975 -20.32 -23.92 -14.09
CA ARG C 1975 -19.55 -24.99 -14.73
C ARG C 1975 -18.30 -25.29 -13.91
N GLN C 1976 -18.47 -26.11 -12.87
CA GLN C 1976 -17.38 -26.75 -12.12
C GLN C 1976 -16.33 -25.77 -11.61
N ASP C 1977 -16.68 -24.48 -11.46
CA ASP C 1977 -15.73 -23.50 -10.94
C ASP C 1977 -16.36 -22.48 -10.00
N ARG C 1978 -17.64 -22.64 -9.65
CA ARG C 1978 -18.33 -21.71 -8.75
C ARG C 1978 -18.36 -20.30 -9.35
N SER C 1979 -18.59 -20.21 -10.65
CA SER C 1979 -18.69 -18.94 -11.36
C SER C 1979 -19.88 -19.01 -12.31
N MET C 1980 -20.68 -17.95 -12.33
CA MET C 1980 -21.87 -17.90 -13.15
C MET C 1980 -21.53 -17.61 -14.60
N GLU C 1981 -22.35 -18.14 -15.51
CA GLU C 1981 -22.20 -17.91 -16.93
C GLU C 1981 -23.58 -17.88 -17.56
N GLN C 1982 -23.84 -16.85 -18.37
CA GLN C 1982 -25.14 -16.65 -19.01
C GLN C 1982 -25.09 -17.21 -20.43
N ILE C 1983 -26.00 -18.13 -20.73
CA ILE C 1983 -26.12 -18.75 -22.04
C ILE C 1983 -27.48 -18.39 -22.61
N VAL C 1984 -27.49 -17.89 -23.84
CA VAL C 1984 -28.71 -17.56 -24.57
C VAL C 1984 -28.94 -18.63 -25.62
N PHE C 1985 -30.20 -18.96 -25.88
CA PHE C 1985 -30.55 -20.00 -26.82
C PHE C 1985 -31.96 -19.74 -27.32
N PRO C 1986 -32.33 -20.29 -28.48
CA PRO C 1986 -33.71 -20.17 -28.95
C PRO C 1986 -34.60 -21.25 -28.36
N VAL C 1987 -35.89 -20.94 -28.28
CA VAL C 1987 -36.88 -21.89 -27.78
C VAL C 1987 -37.20 -22.87 -28.91
N PRO C 1988 -37.30 -24.17 -28.65
CA PRO C 1988 -37.64 -25.09 -29.75
C PRO C 1988 -39.11 -24.98 -30.14
N GLY C 1989 -39.43 -25.59 -31.28
CA GLY C 1989 -40.78 -25.53 -31.80
C GLY C 1989 -41.77 -26.42 -31.07
N ILE C 1990 -41.29 -27.45 -30.38
CA ILE C 1990 -42.16 -28.37 -29.66
C ILE C 1990 -42.37 -27.91 -28.22
N CYS C 1991 -42.00 -26.65 -27.92
CA CYS C 1991 -42.13 -26.09 -26.58
C CYS C 1991 -43.06 -24.89 -26.51
N GLN C 1992 -43.43 -24.30 -27.65
CA GLN C 1992 -44.31 -23.14 -27.62
C GLN C 1992 -45.75 -23.52 -27.26
N PHE C 1993 -46.18 -24.72 -27.63
CA PHE C 1993 -47.53 -25.20 -27.32
C PHE C 1993 -47.56 -25.63 -25.87
N LEU C 1994 -47.88 -24.68 -24.99
CA LEU C 1994 -48.02 -24.97 -23.57
C LEU C 1994 -49.05 -24.00 -23.00
N THR C 1995 -50.14 -24.53 -22.46
CA THR C 1995 -51.20 -23.70 -21.91
C THR C 1995 -50.76 -23.09 -20.59
N GLU C 1996 -51.40 -21.96 -20.25
CA GLU C 1996 -51.08 -21.26 -19.01
C GLU C 1996 -51.72 -21.93 -17.78
N GLU C 1997 -52.72 -22.78 -17.98
CA GLU C 1997 -53.38 -23.42 -16.85
C GLU C 1997 -52.42 -24.35 -16.10
N THR C 1998 -51.74 -25.23 -16.83
CA THR C 1998 -50.79 -26.14 -16.19
C THR C 1998 -49.63 -25.39 -15.57
N LYS C 1999 -49.18 -24.32 -16.23
CA LYS C 1999 -48.09 -23.52 -15.69
C LYS C 1999 -48.49 -22.86 -14.37
N HIS C 2000 -49.69 -22.27 -14.32
CA HIS C 2000 -50.17 -21.66 -13.10
C HIS C 2000 -50.41 -22.69 -12.01
N ARG C 2001 -50.83 -23.90 -12.39
CA ARG C 2001 -50.99 -24.97 -11.41
C ARG C 2001 -49.65 -25.36 -10.81
N LEU C 2002 -48.63 -25.50 -11.65
CA LEU C 2002 -47.31 -25.93 -11.16
C LEU C 2002 -46.62 -24.81 -10.38
N PHE C 2003 -46.94 -23.54 -10.69
CA PHE C 2003 -46.29 -22.43 -10.00
C PHE C 2003 -46.70 -22.34 -8.54
N THR C 2004 -47.86 -22.90 -8.17
CA THR C 2004 -48.37 -22.87 -6.81
C THR C 2004 -48.35 -24.21 -6.12
N THR C 2005 -47.98 -25.29 -6.82
CA THR C 2005 -47.96 -26.64 -6.27
C THR C 2005 -46.56 -27.22 -6.35
N THR C 2006 -45.57 -26.43 -5.95
CA THR C 2006 -44.16 -26.84 -5.94
C THR C 2006 -43.57 -26.42 -4.60
N GLU C 2007 -43.59 -27.33 -3.63
CA GLU C 2007 -43.11 -27.06 -2.29
C GLU C 2007 -41.66 -27.49 -2.14
N GLN C 2008 -41.00 -26.95 -1.12
CA GLN C 2008 -39.62 -27.30 -0.83
C GLN C 2008 -39.53 -28.71 -0.25
N ASP C 2009 -38.37 -29.34 -0.43
CA ASP C 2009 -38.13 -30.71 0.06
C ASP C 2009 -36.80 -30.72 0.83
N GLU C 2010 -36.87 -30.35 2.11
CA GLU C 2010 -35.76 -30.49 3.06
C GLU C 2010 -34.48 -29.81 2.60
N GLN C 2011 -34.58 -28.81 1.72
CA GLN C 2011 -33.40 -28.11 1.22
C GLN C 2011 -33.60 -26.61 1.06
N GLY C 2012 -34.76 -26.06 1.44
CA GLY C 2012 -34.99 -24.64 1.28
C GLY C 2012 -35.05 -24.16 -0.15
N SER C 2013 -35.25 -25.06 -1.11
CA SER C 2013 -35.31 -24.70 -2.52
C SER C 2013 -36.41 -25.50 -3.20
N LYS C 2014 -36.98 -24.92 -4.25
CA LYS C 2014 -38.09 -25.51 -5.00
C LYS C 2014 -37.61 -26.14 -6.31
N VAL C 2015 -36.34 -26.54 -6.39
CA VAL C 2015 -35.79 -27.11 -7.61
C VAL C 2015 -35.89 -28.63 -7.66
N SER C 2016 -35.92 -29.30 -6.51
CA SER C 2016 -35.95 -30.77 -6.50
C SER C 2016 -37.24 -31.32 -7.09
N ASP C 2017 -38.34 -30.58 -6.96
CA ASP C 2017 -39.64 -31.01 -7.48
C ASP C 2017 -39.90 -30.50 -8.89
N PHE C 2018 -38.84 -30.26 -9.66
CA PHE C 2018 -38.93 -29.70 -11.01
C PHE C 2018 -38.57 -30.70 -12.10
N PHE C 2019 -37.47 -31.44 -11.94
CA PHE C 2019 -37.12 -32.46 -12.94
C PHE C 2019 -38.13 -33.60 -12.92
N ASP C 2020 -38.69 -33.93 -11.76
CA ASP C 2020 -39.70 -34.98 -11.69
C ASP C 2020 -40.93 -34.63 -12.51
N GLN C 2021 -41.20 -33.34 -12.72
CA GLN C 2021 -42.33 -32.88 -13.52
C GLN C 2021 -41.93 -32.45 -14.93
N SER C 2022 -40.64 -32.37 -15.23
CA SER C 2022 -40.22 -31.91 -16.55
C SER C 2022 -40.63 -32.89 -17.65
N SER C 2023 -40.42 -34.20 -17.42
CA SER C 2023 -40.81 -35.18 -18.42
C SER C 2023 -42.33 -35.19 -18.60
N PHE C 2024 -43.07 -35.04 -17.50
CA PHE C 2024 -44.53 -34.99 -17.59
C PHE C 2024 -44.98 -33.77 -18.38
N LEU C 2025 -44.31 -32.63 -18.18
CA LEU C 2025 -44.66 -31.43 -18.95
C LEU C 2025 -44.32 -31.61 -20.42
N HIS C 2026 -43.21 -32.28 -20.72
CA HIS C 2026 -42.86 -32.53 -22.11
C HIS C 2026 -43.90 -33.43 -22.78
N ASN C 2027 -44.32 -34.49 -22.08
CA ASN C 2027 -45.37 -35.36 -22.61
C ASN C 2027 -46.68 -34.60 -22.77
N GLU C 2028 -46.97 -33.68 -21.86
CA GLU C 2028 -48.19 -32.89 -21.96
C GLU C 2028 -48.14 -31.97 -23.18
N MET C 2029 -46.98 -31.36 -23.44
CA MET C 2029 -46.84 -30.52 -24.62
C MET C 2029 -46.95 -31.34 -25.89
N GLU C 2030 -46.40 -32.55 -25.88
CA GLU C 2030 -46.54 -33.43 -27.04
C GLU C 2030 -48.00 -33.79 -27.28
N TRP C 2031 -48.73 -34.10 -26.20
CA TRP C 2031 -50.15 -34.42 -26.33
C TRP C 2031 -50.94 -33.22 -26.82
N GLN C 2032 -50.57 -32.02 -26.37
CA GLN C 2032 -51.23 -30.81 -26.82
C GLN C 2032 -51.00 -30.58 -28.31
N ARG C 2033 -49.76 -30.82 -28.77
CA ARG C 2033 -49.46 -30.69 -30.19
C ARG C 2033 -50.23 -31.73 -31.00
N LYS C 2034 -50.37 -32.94 -30.47
CA LYS C 2034 -51.10 -33.98 -31.19
C LYS C 2034 -52.59 -33.67 -31.26
N LEU C 2035 -53.15 -33.11 -30.18
CA LEU C 2035 -54.58 -32.86 -30.14
C LEU C 2035 -54.97 -31.60 -30.90
N ARG C 2036 -54.11 -30.59 -30.90
CA ARG C 2036 -54.41 -29.36 -31.62
C ARG C 2036 -54.42 -29.57 -33.13
N SER C 2037 -53.77 -30.61 -33.63
CA SER C 2037 -53.80 -30.91 -35.06
C SER C 2037 -55.13 -31.50 -35.50
N MET C 2038 -55.88 -32.10 -34.57
CA MET C 2038 -57.18 -32.70 -34.89
C MET C 2038 -58.27 -31.65 -34.72
N PRO C 2039 -59.12 -31.39 -35.73
CA PRO C 2039 -60.23 -30.44 -35.52
C PRO C 2039 -61.36 -31.05 -34.71
N LEU C 2040 -62.22 -30.16 -34.21
CA LEU C 2040 -63.46 -30.49 -33.50
C LEU C 2040 -63.24 -31.17 -32.16
N ILE C 2041 -61.99 -31.24 -31.67
CA ILE C 2041 -61.67 -31.79 -30.36
C ILE C 2041 -61.00 -30.76 -29.47
N TYR C 2042 -60.14 -29.92 -30.04
CA TYR C 2042 -59.47 -28.89 -29.26
C TYR C 2042 -60.46 -27.85 -28.77
N TRP C 2043 -61.35 -27.38 -29.65
CA TRP C 2043 -62.39 -26.45 -29.23
C TRP C 2043 -63.41 -27.12 -28.32
N PHE C 2044 -63.63 -28.43 -28.50
CA PHE C 2044 -64.57 -29.16 -27.68
C PHE C 2044 -64.07 -29.44 -26.27
N SER C 2045 -62.77 -29.22 -26.01
CA SER C 2045 -62.17 -29.45 -24.70
C SER C 2045 -61.51 -28.23 -24.09
N ARG C 2046 -61.34 -27.15 -24.86
CA ARG C 2046 -60.70 -25.95 -24.31
C ARG C 2046 -61.59 -25.29 -23.26
N ARG C 2047 -62.88 -25.10 -23.58
CA ARG C 2047 -63.81 -24.44 -22.68
C ARG C 2047 -64.22 -25.41 -21.60
N MET C 2048 -63.37 -25.54 -20.58
CA MET C 2048 -63.61 -26.44 -19.47
C MET C 2048 -64.41 -25.80 -18.34
N THR C 2049 -64.40 -24.47 -18.24
CA THR C 2049 -65.06 -23.76 -17.16
C THR C 2049 -66.52 -23.44 -17.45
N LEU C 2050 -67.13 -24.13 -18.43
CA LEU C 2050 -68.54 -23.94 -18.78
C LEU C 2050 -69.36 -25.20 -18.63
N TRP C 2051 -68.84 -26.35 -19.08
CA TRP C 2051 -69.61 -27.58 -19.00
C TRP C 2051 -69.85 -28.00 -17.56
N GLY C 2052 -68.82 -27.92 -16.72
CA GLY C 2052 -68.99 -28.25 -15.31
C GLY C 2052 -69.97 -27.34 -14.61
N SER C 2053 -69.91 -26.04 -14.90
CA SER C 2053 -70.84 -25.10 -14.30
C SER C 2053 -72.27 -25.37 -14.74
N ILE C 2054 -72.46 -25.66 -16.03
CA ILE C 2054 -73.80 -25.97 -16.53
C ILE C 2054 -74.33 -27.24 -15.88
N SER C 2055 -73.47 -28.25 -15.73
CA SER C 2055 -73.89 -29.49 -15.10
C SER C 2055 -74.26 -29.27 -13.64
N PHE C 2056 -73.47 -28.46 -12.93
CA PHE C 2056 -73.76 -28.18 -11.53
C PHE C 2056 -75.08 -27.43 -11.39
N ASN C 2057 -75.33 -26.45 -12.26
CA ASN C 2057 -76.58 -25.71 -12.22
C ASN C 2057 -77.77 -26.61 -12.52
N LEU C 2058 -77.62 -27.49 -13.52
CA LEU C 2058 -78.70 -28.42 -13.84
C LEU C 2058 -78.97 -29.38 -12.68
N ALA C 2059 -77.91 -29.86 -12.03
CA ALA C 2059 -78.09 -30.75 -10.88
C ALA C 2059 -78.77 -30.02 -9.74
N VAL C 2060 -78.40 -28.76 -9.50
CA VAL C 2060 -79.02 -27.99 -8.42
C VAL C 2060 -80.50 -27.78 -8.70
N PHE C 2061 -80.84 -27.46 -9.94
CA PHE C 2061 -82.25 -27.27 -10.28
C PHE C 2061 -83.03 -28.58 -10.19
N ILE C 2062 -82.40 -29.69 -10.58
CA ILE C 2062 -83.07 -30.98 -10.47
C ILE C 2062 -83.33 -31.32 -9.01
N ASN C 2063 -82.35 -31.05 -8.15
CA ASN C 2063 -82.53 -31.30 -6.72
C ASN C 2063 -83.64 -30.41 -6.15
N ILE C 2064 -83.68 -29.14 -6.54
CA ILE C 2064 -84.71 -28.23 -6.05
C ILE C 2064 -86.08 -28.67 -6.52
N ILE C 2065 -86.16 -29.23 -7.74
CA ILE C 2065 -87.45 -29.69 -8.24
C ILE C 2065 -87.88 -30.96 -7.51
N ILE C 2066 -86.95 -31.86 -7.24
CA ILE C 2066 -87.28 -33.10 -6.56
C ILE C 2066 -87.63 -32.85 -5.09
N ALA C 2067 -87.09 -31.79 -4.50
CA ALA C 2067 -87.29 -31.53 -3.08
C ALA C 2067 -88.65 -30.93 -2.75
N PHE C 2068 -89.48 -30.63 -3.75
CA PHE C 2068 -90.80 -30.06 -3.53
C PHE C 2068 -91.94 -30.96 -3.99
N PHE C 2069 -91.69 -31.88 -4.94
CA PHE C 2069 -92.74 -32.70 -5.53
C PHE C 2069 -92.39 -34.18 -5.56
N TYR C 2070 -91.73 -34.70 -4.52
CA TYR C 2070 -91.28 -36.09 -4.56
C TYR C 2070 -92.43 -37.09 -4.63
N PRO C 2071 -93.56 -36.91 -3.93
CA PRO C 2071 -94.74 -37.74 -4.21
C PRO C 2071 -95.52 -37.18 -5.40
N TYR C 2072 -95.51 -37.90 -6.51
CA TYR C 2072 -96.16 -37.43 -7.72
C TYR C 2072 -96.44 -38.61 -8.63
N MET C 2073 -97.38 -38.40 -9.55
CA MET C 2073 -97.76 -39.40 -10.53
C MET C 2073 -98.41 -38.71 -11.71
N GLU C 2074 -97.87 -38.92 -12.90
CA GLU C 2074 -98.40 -38.28 -14.11
C GLU C 2074 -98.08 -39.12 -15.34
N UNK C 2075 -96.73 -24.33 -3.58
CA UNK C 2075 -96.52 -22.93 -3.93
C UNK C 2075 -95.12 -22.71 -4.49
N UNK C 2076 -94.69 -23.59 -5.39
CA UNK C 2076 -93.37 -23.47 -5.99
C UNK C 2076 -93.34 -22.39 -7.07
N UNK C 2077 -94.37 -22.34 -7.92
CA UNK C 2077 -94.42 -21.33 -8.96
C UNK C 2077 -94.59 -19.93 -8.36
N UNK C 2078 -95.37 -19.82 -7.28
CA UNK C 2078 -95.54 -18.53 -6.61
C UNK C 2078 -94.24 -18.06 -5.97
N UNK C 2079 -93.43 -19.00 -5.46
CA UNK C 2079 -92.15 -18.63 -4.88
C UNK C 2079 -91.13 -18.30 -5.95
N UNK C 2080 -91.22 -18.95 -7.12
CA UNK C 2080 -90.31 -18.64 -8.21
C UNK C 2080 -90.64 -17.31 -8.87
N UNK C 2081 -91.92 -16.96 -8.94
CA UNK C 2081 -92.31 -15.68 -9.52
C UNK C 2081 -91.87 -14.51 -8.63
N UNK C 2082 -91.90 -14.70 -7.32
CA UNK C 2082 -91.47 -13.67 -6.37
C UNK C 2082 -89.97 -13.72 -6.09
N UNK C 2083 -89.20 -14.47 -6.89
CA UNK C 2083 -87.76 -14.57 -6.69
C UNK C 2083 -87.07 -14.97 -7.98
N PRO C 2084 -79.24 -17.99 -16.99
CA PRO C 2084 -79.65 -17.67 -15.62
C PRO C 2084 -81.18 -17.62 -15.48
N LEU C 2085 -81.82 -16.58 -16.03
CA LEU C 2085 -83.28 -16.49 -16.00
C LEU C 2085 -83.92 -17.29 -17.12
N ILE C 2086 -83.25 -17.40 -18.26
CA ILE C 2086 -83.75 -18.25 -19.34
C ILE C 2086 -83.81 -19.70 -18.89
N VAL C 2087 -82.88 -20.13 -18.05
CA VAL C 2087 -82.93 -21.48 -17.50
C VAL C 2087 -84.17 -21.65 -16.64
N ALA C 2088 -84.51 -20.64 -15.85
CA ALA C 2088 -85.71 -20.70 -15.03
C ALA C 2088 -86.97 -20.73 -15.90
N LEU C 2089 -86.98 -19.97 -16.98
CA LEU C 2089 -88.13 -19.99 -17.89
C LEU C 2089 -88.28 -21.35 -18.55
N ILE C 2090 -87.17 -21.95 -18.97
CA ILE C 2090 -87.23 -23.29 -19.56
C ILE C 2090 -87.69 -24.31 -18.53
N LEU C 2091 -87.27 -24.13 -17.27
CA LEU C 2091 -87.70 -25.03 -16.21
C LEU C 2091 -89.20 -24.92 -15.97
N ARG C 2092 -89.72 -23.69 -16.00
CA ARG C 2092 -91.16 -23.49 -15.85
C ARG C 2092 -91.92 -24.11 -17.02
N SER C 2093 -91.42 -23.92 -18.25
CA SER C 2093 -92.07 -24.52 -19.41
C SER C 2093 -92.04 -26.04 -19.35
N ILE C 2094 -90.99 -26.62 -18.78
CA ILE C 2094 -90.91 -28.07 -18.66
C ILE C 2094 -91.85 -28.57 -17.56
N TYR C 2095 -91.93 -27.82 -16.46
CA TYR C 2095 -92.83 -28.19 -15.37
C TYR C 2095 -94.29 -28.11 -15.82
N TYR C 2096 -94.59 -27.19 -16.74
CA TYR C 2096 -95.94 -27.12 -17.28
C TYR C 2096 -96.28 -28.30 -18.19
N LEU C 2097 -95.28 -29.07 -18.61
CA LEU C 2097 -95.49 -30.24 -19.47
C LEU C 2097 -95.23 -31.54 -18.70
N GLY C 2098 -95.66 -31.59 -17.44
CA GLY C 2098 -95.47 -32.76 -16.61
C GLY C 2098 -94.13 -32.77 -15.91
N ILE C 2099 -94.14 -33.08 -14.61
CA ILE C 2099 -92.91 -33.05 -13.84
C ILE C 2099 -92.07 -34.30 -14.06
N GLY C 2100 -92.71 -35.44 -14.29
CA GLY C 2100 -91.99 -36.70 -14.45
C GLY C 2100 -91.11 -36.72 -15.68
N PRO C 2101 -91.72 -36.61 -16.86
CA PRO C 2101 -90.91 -36.56 -18.08
C PRO C 2101 -89.96 -35.38 -18.12
N THR C 2102 -90.33 -34.24 -17.53
CA THR C 2102 -89.42 -33.10 -17.48
C THR C 2102 -88.17 -33.44 -16.68
N LEU C 2103 -88.36 -34.05 -15.50
CA LEU C 2103 -87.22 -34.45 -14.69
C LEU C 2103 -86.40 -35.52 -15.38
N ASN C 2104 -87.05 -36.42 -16.11
CA ASN C 2104 -86.31 -37.45 -16.85
C ASN C 2104 -85.45 -36.83 -17.94
N ILE C 2105 -85.99 -35.86 -18.67
CA ILE C 2105 -85.23 -35.19 -19.71
C ILE C 2105 -84.09 -34.38 -19.10
N LEU C 2106 -84.35 -33.74 -17.96
CA LEU C 2106 -83.29 -32.99 -17.28
C LEU C 2106 -82.17 -33.91 -16.83
N GLY C 2107 -82.52 -35.08 -16.30
CA GLY C 2107 -81.50 -36.04 -15.88
C GLY C 2107 -80.71 -36.58 -17.06
N ALA C 2108 -81.38 -36.82 -18.19
CA ALA C 2108 -80.67 -37.28 -19.38
C ALA C 2108 -79.72 -36.21 -19.88
N LEU C 2109 -80.15 -34.95 -19.87
CA LEU C 2109 -79.28 -33.85 -20.29
C LEU C 2109 -78.09 -33.71 -19.35
N ASN C 2110 -78.33 -33.88 -18.05
CA ASN C 2110 -77.24 -33.80 -17.08
C ASN C 2110 -76.25 -34.94 -17.28
N LEU C 2111 -76.75 -36.14 -17.58
CA LEU C 2111 -75.86 -37.26 -17.84
C LEU C 2111 -75.03 -37.03 -19.09
N THR C 2112 -75.66 -36.50 -20.15
CA THR C 2112 -74.92 -36.20 -21.37
C THR C 2112 -73.86 -35.13 -21.13
N ASN C 2113 -74.20 -34.10 -20.36
CA ASN C 2113 -73.25 -33.04 -20.05
C ASN C 2113 -72.09 -33.57 -19.21
N LYS C 2114 -72.39 -34.45 -18.26
CA LYS C 2114 -71.33 -35.03 -17.44
C LYS C 2114 -70.42 -35.92 -18.28
N ILE C 2115 -70.99 -36.66 -19.24
CA ILE C 2115 -70.17 -37.48 -20.12
C ILE C 2115 -69.28 -36.61 -20.98
N VAL C 2116 -69.82 -35.50 -21.50
CA VAL C 2116 -69.02 -34.59 -22.32
C VAL C 2116 -67.91 -33.96 -21.47
N PHE C 2117 -68.23 -33.62 -20.22
CA PHE C 2117 -67.23 -33.04 -19.33
C PHE C 2117 -66.12 -34.04 -19.02
N VAL C 2118 -66.48 -35.31 -18.78
CA VAL C 2118 -65.47 -36.33 -18.52
C VAL C 2118 -64.61 -36.54 -19.75
N VAL C 2119 -65.21 -36.52 -20.94
CA VAL C 2119 -64.45 -36.69 -22.17
C VAL C 2119 -63.48 -35.51 -22.35
N SER C 2120 -63.94 -34.30 -22.06
CA SER C 2120 -63.07 -33.13 -22.18
C SER C 2120 -61.92 -33.20 -21.17
N PHE C 2121 -62.22 -33.63 -19.94
CA PHE C 2121 -61.18 -33.75 -18.92
C PHE C 2121 -60.16 -34.84 -19.29
N VAL C 2122 -60.63 -35.92 -19.91
CA VAL C 2122 -59.71 -36.99 -20.31
C VAL C 2122 -58.86 -36.54 -21.49
N GLY C 2123 -59.43 -35.75 -22.41
CA GLY C 2123 -58.68 -35.30 -23.57
C GLY C 2123 -57.74 -34.14 -23.28
N ASN C 2124 -58.03 -33.36 -22.24
CA ASN C 2124 -57.18 -32.21 -21.93
C ASN C 2124 -55.86 -32.65 -21.33
N ARG C 2125 -55.90 -33.31 -20.17
CA ARG C 2125 -54.70 -33.76 -19.49
C ARG C 2125 -54.84 -35.15 -18.87
N GLY C 2126 -55.95 -35.86 -19.11
CA GLY C 2126 -56.13 -37.16 -18.49
C GLY C 2126 -55.27 -38.24 -19.10
N THR C 2127 -54.94 -38.11 -20.39
CA THR C 2127 -54.12 -39.11 -21.08
C THR C 2127 -52.64 -38.77 -20.94
N PHE C 2128 -52.20 -38.65 -19.67
CA PHE C 2128 -50.79 -38.38 -19.40
C PHE C 2128 -49.93 -39.56 -19.79
N ILE C 2129 -50.26 -40.74 -19.28
CA ILE C 2129 -49.54 -41.95 -19.67
C ILE C 2129 -50.04 -42.42 -21.03
N ARG C 2130 -49.26 -43.30 -21.66
CA ARG C 2130 -49.60 -43.81 -22.98
C ARG C 2130 -50.69 -44.87 -22.86
N GLY C 2131 -51.87 -44.58 -23.42
CA GLY C 2131 -52.98 -45.52 -23.41
C GLY C 2131 -53.76 -45.57 -22.11
N TYR C 2132 -53.49 -44.67 -21.16
CA TYR C 2132 -54.19 -44.63 -19.88
C TYR C 2132 -54.02 -45.95 -19.12
N LYS C 2133 -52.77 -46.31 -18.90
CA LYS C 2133 -52.46 -47.54 -18.18
C LYS C 2133 -52.60 -47.36 -16.68
N ALA C 2134 -52.02 -46.28 -16.14
CA ALA C 2134 -52.05 -45.98 -14.71
C ALA C 2134 -52.87 -44.73 -14.41
N MET C 2135 -53.87 -44.44 -15.25
CA MET C 2135 -54.70 -43.26 -15.05
C MET C 2135 -55.78 -43.47 -14.00
N VAL C 2136 -56.05 -44.70 -13.57
CA VAL C 2136 -57.09 -44.95 -12.58
C VAL C 2136 -56.65 -44.60 -11.16
N MET C 2137 -55.35 -44.54 -10.90
CA MET C 2137 -54.82 -44.26 -9.58
C MET C 2137 -54.39 -42.81 -9.42
N ASP C 2138 -55.03 -41.89 -10.15
CA ASP C 2138 -54.72 -40.47 -10.07
C ASP C 2138 -55.48 -39.74 -8.98
N MET C 2139 -56.49 -40.38 -8.37
CA MET C 2139 -57.27 -39.80 -7.28
C MET C 2139 -58.10 -38.60 -7.73
N GLU C 2140 -58.28 -38.42 -9.04
CA GLU C 2140 -59.17 -37.39 -9.58
C GLU C 2140 -60.08 -37.87 -10.69
N PHE C 2141 -59.72 -38.95 -11.39
CA PHE C 2141 -60.57 -39.52 -12.43
C PHE C 2141 -61.55 -40.54 -11.89
N LEU C 2142 -61.14 -41.32 -10.88
CA LEU C 2142 -62.07 -42.27 -10.26
C LEU C 2142 -63.23 -41.55 -9.59
N TYR C 2143 -62.99 -40.34 -9.08
CA TYR C 2143 -64.07 -39.57 -8.47
C TYR C 2143 -65.12 -39.23 -9.51
N HIS C 2144 -64.71 -38.74 -10.68
CA HIS C 2144 -65.66 -38.45 -11.74
C HIS C 2144 -66.31 -39.72 -12.28
N VAL C 2145 -65.57 -40.83 -12.30
CA VAL C 2145 -66.15 -42.10 -12.75
C VAL C 2145 -67.29 -42.52 -11.82
N GLY C 2146 -67.05 -42.47 -10.51
CA GLY C 2146 -68.09 -42.78 -9.56
C GLY C 2146 -69.24 -41.79 -9.60
N TYR C 2147 -68.94 -40.52 -9.89
CA TYR C 2147 -69.99 -39.52 -10.04
C TYR C 2147 -70.90 -39.86 -11.20
N ILE C 2148 -70.32 -40.20 -12.35
CA ILE C 2148 -71.11 -40.57 -13.52
C ILE C 2148 -71.89 -41.85 -13.25
N LEU C 2149 -71.27 -42.80 -12.54
CA LEU C 2149 -71.96 -44.03 -12.22
C LEU C 2149 -73.13 -43.78 -11.28
N THR C 2150 -72.95 -42.92 -10.28
CA THR C 2150 -74.04 -42.58 -9.37
C THR C 2150 -75.16 -41.86 -10.10
N SER C 2151 -74.80 -40.97 -11.03
CA SER C 2151 -75.83 -40.26 -11.81
C SER C 2151 -76.61 -41.23 -12.68
N VAL C 2152 -75.91 -42.19 -13.30
CA VAL C 2152 -76.60 -43.18 -14.13
C VAL C 2152 -77.52 -44.05 -13.27
N LEU C 2153 -77.06 -44.43 -12.08
CA LEU C 2153 -77.88 -45.24 -11.19
C LEU C 2153 -79.12 -44.48 -10.75
N GLY C 2154 -78.97 -43.18 -10.46
CA GLY C 2154 -80.12 -42.38 -10.08
C GLY C 2154 -81.07 -42.13 -11.23
N LEU C 2155 -80.55 -42.05 -12.45
CA LEU C 2155 -81.40 -41.84 -13.62
C LEU C 2155 -82.14 -43.10 -14.04
N PHE C 2156 -81.55 -44.28 -13.81
CA PHE C 2156 -82.10 -45.54 -14.26
C PHE C 2156 -82.87 -46.28 -13.17
N ALA C 2157 -82.23 -46.50 -12.02
CA ALA C 2157 -82.82 -47.37 -11.01
C ALA C 2157 -83.99 -46.71 -10.30
N HIS C 2158 -83.74 -45.61 -9.60
CA HIS C 2158 -84.79 -44.96 -8.81
C HIS C 2158 -84.36 -43.53 -8.54
N GLU C 2159 -85.33 -42.74 -8.07
CA GLU C 2159 -85.08 -41.35 -7.73
C GLU C 2159 -84.44 -41.26 -6.35
N LEU C 2160 -84.30 -40.04 -5.83
CA LEU C 2160 -83.74 -39.79 -4.50
C LEU C 2160 -82.29 -40.27 -4.39
N PHE C 2161 -81.58 -40.35 -5.52
CA PHE C 2161 -80.15 -40.57 -5.55
C PHE C 2161 -79.37 -39.37 -6.06
N TYR C 2162 -80.05 -38.32 -6.51
CA TYR C 2162 -79.36 -37.10 -6.93
C TYR C 2162 -78.72 -36.37 -5.76
N SER C 2163 -79.14 -36.66 -4.53
CA SER C 2163 -78.50 -36.06 -3.36
C SER C 2163 -77.04 -36.46 -3.28
N ILE C 2164 -76.70 -37.68 -3.71
CA ILE C 2164 -75.30 -38.10 -3.75
C ILE C 2164 -74.54 -37.28 -4.77
N LEU C 2165 -75.19 -36.96 -5.89
CA LEU C 2165 -74.57 -36.08 -6.88
C LEU C 2165 -74.50 -34.64 -6.41
N LEU C 2166 -75.28 -34.27 -5.40
CA LEU C 2166 -75.30 -32.89 -4.90
C LEU C 2166 -74.04 -32.50 -4.13
N PHE C 2167 -73.08 -33.41 -3.93
CA PHE C 2167 -71.82 -33.09 -3.29
C PHE C 2167 -70.77 -32.55 -4.26
N ASP C 2168 -71.19 -32.05 -5.42
CA ASP C 2168 -70.27 -31.43 -6.35
C ASP C 2168 -69.82 -30.05 -5.90
N LEU C 2169 -70.38 -29.52 -4.82
CA LEU C 2169 -69.97 -28.21 -4.30
C LEU C 2169 -68.57 -28.24 -3.71
N ILE C 2170 -68.05 -29.41 -3.36
CA ILE C 2170 -66.71 -29.50 -2.77
C ILE C 2170 -65.65 -29.26 -3.82
N TYR C 2171 -65.79 -29.91 -4.98
CA TYR C 2171 -64.76 -29.83 -6.01
C TYR C 2171 -64.78 -28.50 -6.73
N ARG C 2172 -65.96 -27.89 -6.87
CA ARG C 2172 -66.07 -26.63 -7.60
C ARG C 2172 -65.59 -25.46 -6.75
N GLU C 2173 -66.14 -25.31 -5.56
CA GLU C 2173 -65.77 -24.19 -4.69
C GLU C 2173 -64.37 -24.43 -4.13
N GLU C 2174 -63.49 -23.46 -4.33
CA GLU C 2174 -62.11 -23.56 -3.86
C GLU C 2174 -61.93 -23.09 -2.44
N THR C 2175 -62.73 -22.13 -1.99
CA THR C 2175 -62.62 -21.61 -0.62
C THR C 2175 -63.18 -22.56 0.43
N LEU C 2176 -63.75 -23.68 0.04
CA LEU C 2176 -64.26 -24.69 0.97
C LEU C 2176 -63.25 -25.78 1.28
N PHE C 2177 -62.40 -26.12 0.31
CA PHE C 2177 -61.52 -27.27 0.46
C PHE C 2177 -60.55 -27.10 1.61
N ASN C 2178 -60.21 -25.85 1.96
CA ASN C 2178 -59.43 -25.62 3.17
C ASN C 2178 -60.21 -26.04 4.41
N VAL C 2179 -61.51 -25.76 4.42
CA VAL C 2179 -62.33 -26.11 5.58
C VAL C 2179 -62.46 -27.62 5.70
N ILE C 2180 -62.60 -28.32 4.57
CA ILE C 2180 -62.68 -29.77 4.61
C ILE C 2180 -61.34 -30.38 5.00
N LYS C 2181 -60.24 -29.77 4.53
CA LYS C 2181 -58.91 -30.23 4.94
C LYS C 2181 -58.70 -30.02 6.43
N SER C 2182 -59.34 -29.00 7.00
CA SER C 2182 -59.29 -28.80 8.45
C SER C 2182 -59.87 -29.98 9.22
N VAL C 2183 -60.70 -30.80 8.60
CA VAL C 2183 -61.27 -31.98 9.23
C VAL C 2183 -60.48 -33.21 8.80
N THR C 2184 -59.98 -33.21 7.56
CA THR C 2184 -59.32 -34.39 7.00
C THR C 2184 -57.87 -34.51 7.41
N ARG C 2185 -57.24 -33.42 7.86
CA ARG C 2185 -55.83 -33.47 8.24
C ARG C 2185 -55.64 -34.24 9.54
N ASN C 2186 -56.21 -33.73 10.62
CA ASN C 2186 -56.09 -34.33 11.94
C ASN C 2186 -57.31 -35.18 12.32
N GLY C 2187 -57.96 -35.77 11.31
CA GLY C 2187 -59.10 -36.63 11.60
C GLY C 2187 -58.75 -37.84 12.44
N ARG C 2188 -57.50 -38.30 12.35
CA ARG C 2188 -57.03 -39.37 13.21
C ARG C 2188 -57.21 -39.01 14.68
N SER C 2189 -56.66 -37.86 15.09
CA SER C 2189 -56.80 -37.43 16.47
C SER C 2189 -58.24 -37.13 16.84
N ILE C 2190 -59.05 -36.71 15.86
CA ILE C 2190 -60.46 -36.42 16.15
C ILE C 2190 -61.20 -37.70 16.50
N LEU C 2191 -61.05 -38.74 15.67
CA LEU C 2191 -61.66 -40.02 15.99
C LEU C 2191 -61.06 -40.62 17.26
N LEU C 2192 -59.78 -40.32 17.54
CA LEU C 2192 -59.15 -40.86 18.74
C LEU C 2192 -59.76 -40.24 20.00
N THR C 2193 -59.90 -38.91 20.02
CA THR C 2193 -60.52 -38.28 21.19
C THR C 2193 -62.01 -38.58 21.25
N ALA C 2194 -62.64 -38.87 20.10
CA ALA C 2194 -64.02 -39.37 20.13
C ALA C 2194 -64.08 -40.72 20.82
N LEU C 2195 -63.12 -41.60 20.53
CA LEU C 2195 -63.04 -42.87 21.25
C LEU C 2195 -62.76 -42.65 22.73
N LEU C 2196 -61.98 -41.64 23.08
CA LEU C 2196 -61.75 -41.31 24.48
C LEU C 2196 -63.04 -40.92 25.17
N ALA C 2197 -63.82 -40.05 24.53
CA ALA C 2197 -65.12 -39.67 25.07
C ALA C 2197 -66.03 -40.88 25.19
N LEU C 2198 -65.99 -41.77 24.19
CA LEU C 2198 -66.82 -42.96 24.20
C LEU C 2198 -66.48 -43.87 25.38
N ILE C 2199 -65.18 -44.12 25.59
CA ILE C 2199 -64.78 -45.04 26.65
C ILE C 2199 -64.99 -44.41 28.01
N LEU C 2200 -64.89 -43.08 28.11
CA LEU C 2200 -65.19 -42.42 29.39
C LEU C 2200 -66.69 -42.50 29.69
N VAL C 2201 -67.53 -42.29 28.68
CA VAL C 2201 -68.97 -42.46 28.86
C VAL C 2201 -69.29 -43.91 29.23
N TYR C 2202 -68.54 -44.86 28.68
CA TYR C 2202 -68.74 -46.27 29.02
C TYR C 2202 -68.35 -46.55 30.46
N LEU C 2203 -67.27 -45.93 30.94
CA LEU C 2203 -66.90 -46.05 32.35
C LEU C 2203 -67.99 -45.50 33.24
N PHE C 2204 -68.52 -44.33 32.90
CA PHE C 2204 -69.59 -43.74 33.71
C PHE C 2204 -70.84 -44.61 33.67
N SER C 2205 -71.14 -45.20 32.50
CA SER C 2205 -72.30 -46.06 32.38
C SER C 2205 -72.16 -47.31 33.23
N ILE C 2206 -70.97 -47.93 33.23
CA ILE C 2206 -70.81 -49.18 33.96
C ILE C 2206 -70.77 -48.93 35.46
N VAL C 2207 -70.17 -47.82 35.91
CA VAL C 2207 -70.21 -47.54 37.34
C VAL C 2207 -71.63 -47.19 37.78
N GLY C 2208 -72.40 -46.52 36.92
CA GLY C 2208 -73.80 -46.30 37.22
C GLY C 2208 -74.58 -47.60 37.31
N PHE C 2209 -74.31 -48.53 36.40
CA PHE C 2209 -74.92 -49.85 36.47
C PHE C 2209 -74.50 -50.60 37.73
N LEU C 2210 -73.31 -50.32 38.24
CA LEU C 2210 -72.84 -50.98 39.45
C LEU C 2210 -73.49 -50.40 40.70
N PHE C 2211 -73.79 -49.10 40.71
CA PHE C 2211 -74.38 -48.44 41.88
C PHE C 2211 -75.81 -47.98 41.62
N LEU C 2212 -76.04 -47.18 40.58
CA LEU C 2212 -77.31 -46.49 40.36
C LEU C 2212 -78.17 -47.18 39.29
N LYS C 2213 -78.15 -48.52 39.27
CA LYS C 2213 -78.92 -49.25 38.28
C LYS C 2213 -80.42 -49.02 38.45
N ASP C 2214 -80.92 -49.13 39.69
CA ASP C 2214 -82.34 -49.01 39.96
C ASP C 2214 -82.76 -47.56 40.22
N ASP C 2215 -82.42 -46.68 39.28
CA ASP C 2215 -82.79 -45.27 39.37
C ASP C 2215 -83.20 -44.65 38.03
N PHE C 2216 -83.25 -45.42 36.94
CA PHE C 2216 -83.62 -44.91 35.63
C PHE C 2216 -85.08 -45.23 35.34
N ILE C 2217 -85.87 -44.21 35.04
CA ILE C 2217 -87.24 -44.37 34.58
C ILE C 2217 -87.35 -43.53 33.30
N LEU C 2218 -87.11 -44.14 32.16
CA LEU C 2218 -87.10 -43.45 30.88
C LEU C 2218 -88.52 -43.34 30.34
N GLU C 2219 -88.99 -42.11 30.13
CA GLU C 2219 -90.32 -41.88 29.58
C GLU C 2219 -90.30 -42.23 28.10
N VAL C 2220 -90.86 -43.38 27.76
CA VAL C 2220 -90.88 -43.91 26.40
C VAL C 2220 -92.33 -44.09 25.97
N ASP C 2221 -92.73 -43.37 24.93
CA ASP C 2221 -94.07 -43.51 24.39
C ASP C 2221 -94.18 -44.83 23.60
N ARG C 2222 -95.39 -45.37 23.56
CA ARG C 2222 -95.67 -46.62 22.89
C ARG C 2222 -96.28 -46.36 21.52
N LEU C 2223 -95.97 -47.25 20.58
CA LEU C 2223 -96.51 -47.13 19.23
C LEU C 2223 -97.97 -47.54 19.19
N PRO C 2224 -98.71 -47.14 18.16
CA PRO C 2224 -100.11 -47.57 18.06
C PRO C 2224 -100.21 -49.05 17.74
N ASN C 2225 -100.78 -49.81 18.67
CA ASN C 2225 -100.92 -51.25 18.49
C ASN C 2225 -101.98 -51.57 17.45
N THR C 2272 -95.46 -47.70 30.82
CA THR C 2272 -95.07 -46.42 30.24
C THR C 2272 -93.55 -46.23 30.30
N GLU C 2273 -92.99 -46.34 31.51
CA GLU C 2273 -91.56 -46.15 31.71
C GLU C 2273 -90.82 -47.46 31.46
N ARG C 2274 -89.54 -47.31 31.07
CA ARG C 2274 -88.65 -48.44 30.84
C ARG C 2274 -87.57 -48.47 31.90
N ALA C 2275 -87.27 -49.67 32.40
CA ALA C 2275 -86.28 -49.80 33.47
C ALA C 2275 -84.87 -49.70 32.94
N CYS C 2276 -84.58 -50.34 31.81
CA CYS C 2276 -83.24 -50.35 31.21
C CYS C 2276 -82.21 -50.95 32.17
N ASP C 2277 -82.63 -51.92 32.98
CA ASP C 2277 -81.74 -52.66 33.87
C ASP C 2277 -81.25 -53.96 33.24
N THR C 2278 -81.20 -54.01 31.91
CA THR C 2278 -80.77 -55.20 31.17
C THR C 2278 -79.25 -55.22 31.07
N LEU C 2279 -78.72 -56.06 30.17
CA LEU C 2279 -77.29 -56.17 29.92
C LEU C 2279 -76.68 -54.80 29.62
N LEU C 2280 -75.36 -54.69 29.79
CA LEU C 2280 -74.69 -53.40 29.73
C LEU C 2280 -74.81 -52.73 28.36
N MET C 2281 -75.11 -53.48 27.31
CA MET C 2281 -75.32 -52.85 26.01
C MET C 2281 -76.50 -51.89 26.04
N CYS C 2282 -77.60 -52.31 26.67
CA CYS C 2282 -78.79 -51.47 26.73
C CYS C 2282 -78.53 -50.19 27.51
N ILE C 2283 -77.86 -50.30 28.66
CA ILE C 2283 -77.62 -49.12 29.49
C ILE C 2283 -76.56 -48.23 28.86
N VAL C 2284 -75.61 -48.81 28.12
CA VAL C 2284 -74.64 -47.97 27.40
C VAL C 2284 -75.35 -47.20 26.30
N THR C 2285 -76.28 -47.84 25.59
CA THR C 2285 -77.05 -47.13 24.57
C THR C 2285 -77.91 -46.05 25.21
N VAL C 2286 -78.46 -46.31 26.40
CA VAL C 2286 -79.25 -45.29 27.09
C VAL C 2286 -78.36 -44.13 27.51
N MET C 2287 -77.12 -44.41 27.93
CA MET C 2287 -76.20 -43.35 28.28
C MET C 2287 -75.85 -42.49 27.08
N ASN C 2288 -75.61 -43.13 25.92
CA ASN C 2288 -75.36 -42.37 24.71
C ASN C 2288 -76.59 -41.58 24.28
N HIS C 2289 -77.79 -42.11 24.56
CA HIS C 2289 -79.02 -41.38 24.27
C HIS C 2289 -79.13 -40.13 25.13
N GLY C 2290 -78.78 -40.24 26.41
CA GLY C 2290 -78.88 -39.11 27.31
C GLY C 2290 -77.73 -38.14 27.25
N LEU C 2291 -76.61 -38.54 26.65
CA LEU C 2291 -75.43 -37.68 26.61
C LEU C 2291 -75.68 -36.41 25.81
N ARG C 2292 -76.52 -36.47 24.78
CA ARG C 2292 -76.69 -35.34 23.87
C ARG C 2292 -77.54 -34.22 24.46
N ASN C 2293 -78.10 -34.38 25.66
CA ASN C 2293 -78.95 -33.34 26.21
C ASN C 2293 -78.19 -32.07 26.58
N GLY C 2294 -76.87 -32.14 26.70
CA GLY C 2294 -76.05 -30.99 27.05
C GLY C 2294 -75.85 -30.82 28.54
N GLY C 2295 -76.91 -31.00 29.31
CA GLY C 2295 -76.83 -30.90 30.76
C GLY C 2295 -76.52 -32.23 31.42
N GLY C 2296 -75.53 -32.93 30.89
CA GLY C 2296 -75.16 -34.22 31.44
C GLY C 2296 -76.25 -35.26 31.24
N VAL C 2297 -76.06 -36.39 31.93
CA VAL C 2297 -77.01 -37.51 31.88
C VAL C 2297 -77.98 -37.51 33.04
N GLY C 2298 -77.91 -36.52 33.93
CA GLY C 2298 -78.80 -36.48 35.08
C GLY C 2298 -80.24 -36.16 34.72
N ASP C 2299 -80.46 -35.54 33.56
CA ASP C 2299 -81.83 -35.21 33.15
C ASP C 2299 -82.64 -36.46 32.83
N ILE C 2300 -82.00 -37.51 32.34
CA ILE C 2300 -82.71 -38.75 32.06
C ILE C 2300 -83.14 -39.44 33.35
N LEU C 2301 -82.33 -39.35 34.40
CA LEU C 2301 -82.64 -39.97 35.67
C LEU C 2301 -83.66 -39.13 36.43
N ARG C 2302 -84.43 -39.80 37.29
CA ARG C 2302 -85.44 -39.12 38.08
C ARG C 2302 -84.80 -38.19 39.09
N LYS C 2303 -85.56 -37.17 39.49
CA LYS C 2303 -85.08 -36.20 40.47
C LYS C 2303 -85.43 -36.68 41.87
N PRO C 2304 -84.45 -36.81 42.81
CA PRO C 2304 -84.79 -37.34 44.13
C PRO C 2304 -85.27 -36.25 45.09
N SER C 2305 -85.60 -36.65 46.31
CA SER C 2305 -86.05 -35.71 47.33
C SER C 2305 -84.85 -35.10 48.05
N LYS C 2306 -85.13 -34.19 48.98
CA LYS C 2306 -84.08 -33.53 49.74
C LYS C 2306 -83.49 -34.43 50.83
N ASP C 2307 -84.25 -35.41 51.32
CA ASP C 2307 -83.83 -36.30 52.39
C ASP C 2307 -83.78 -37.74 51.90
N GLU C 2308 -83.29 -37.94 50.67
CA GLU C 2308 -83.16 -39.28 50.11
C GLU C 2308 -81.93 -39.97 50.69
N SER C 2309 -81.65 -41.18 50.21
CA SER C 2309 -80.55 -41.97 50.73
C SER C 2309 -79.23 -41.56 50.11
N LEU C 2310 -79.10 -41.71 48.79
CA LEU C 2310 -77.87 -41.46 48.05
C LEU C 2310 -77.92 -40.16 47.27
N PHE C 2311 -78.63 -39.15 47.78
CA PHE C 2311 -78.76 -37.90 47.05
C PHE C 2311 -77.44 -37.14 46.97
N PRO C 2312 -76.66 -36.99 48.04
CA PRO C 2312 -75.33 -36.37 47.88
C PRO C 2312 -74.43 -37.10 46.90
N ALA C 2313 -74.38 -38.44 47.01
CA ALA C 2313 -73.61 -39.23 46.06
C ALA C 2313 -74.11 -39.03 44.64
N ARG C 2314 -75.43 -38.96 44.46
CA ARG C 2314 -75.98 -38.79 43.12
C ARG C 2314 -75.59 -37.44 42.55
N VAL C 2315 -75.69 -36.36 43.33
CA VAL C 2315 -75.41 -35.04 42.79
C VAL C 2315 -73.92 -34.87 42.53
N VAL C 2316 -73.06 -35.42 43.40
CA VAL C 2316 -71.63 -35.30 43.12
C VAL C 2316 -71.26 -36.13 41.90
N TYR C 2317 -71.90 -37.29 41.71
CA TYR C 2317 -71.67 -38.09 40.51
C TYR C 2317 -72.09 -37.33 39.26
N ASP C 2318 -73.24 -36.66 39.32
CA ASP C 2318 -73.70 -35.88 38.17
C ASP C 2318 -72.74 -34.73 37.86
N LEU C 2319 -72.28 -34.02 38.90
CA LEU C 2319 -71.36 -32.91 38.67
C LEU C 2319 -70.03 -33.40 38.11
N LEU C 2320 -69.56 -34.56 38.57
CA LEU C 2320 -68.31 -35.10 38.03
C LEU C 2320 -68.48 -35.52 36.58
N PHE C 2321 -69.62 -36.16 36.26
CA PHE C 2321 -69.90 -36.50 34.88
C PHE C 2321 -69.94 -35.26 34.00
N PHE C 2322 -70.50 -34.16 34.53
CA PHE C 2322 -70.50 -32.91 33.78
C PHE C 2322 -69.09 -32.40 33.54
N PHE C 2323 -68.34 -32.18 34.62
CA PHE C 2323 -67.01 -31.59 34.47
C PHE C 2323 -65.99 -32.54 33.84
N ILE C 2324 -66.34 -33.79 33.58
CA ILE C 2324 -65.43 -34.74 32.93
C ILE C 2324 -65.93 -35.25 31.59
N VAL C 2325 -67.15 -34.94 31.17
CA VAL C 2325 -67.76 -35.59 30.01
C VAL C 2325 -68.35 -34.64 28.99
N ILE C 2326 -68.64 -33.38 29.33
CA ILE C 2326 -69.26 -32.42 28.41
C ILE C 2326 -68.43 -31.14 28.33
N ILE C 2327 -67.45 -30.97 29.24
CA ILE C 2327 -66.58 -29.80 29.24
C ILE C 2327 -65.16 -30.22 28.87
N ILE C 2328 -64.56 -31.09 29.65
CA ILE C 2328 -63.17 -31.48 29.40
C ILE C 2328 -63.08 -32.51 28.27
N VAL C 2329 -64.15 -33.26 28.01
CA VAL C 2329 -64.08 -34.36 27.05
C VAL C 2329 -64.25 -33.86 25.62
N LEU C 2330 -65.32 -33.10 25.36
CA LEU C 2330 -65.67 -32.71 24.00
C LEU C 2330 -64.92 -31.47 23.54
N ASN C 2331 -64.66 -30.51 24.43
CA ASN C 2331 -63.93 -29.31 24.02
C ASN C 2331 -62.51 -29.61 23.57
N LEU C 2332 -61.98 -30.79 23.91
CA LEU C 2332 -60.69 -31.20 23.36
C LEU C 2332 -60.77 -31.36 21.85
N ILE C 2333 -61.86 -31.94 21.35
CA ILE C 2333 -62.04 -32.08 19.91
C ILE C 2333 -62.12 -30.70 19.27
N PHE C 2334 -62.88 -29.79 19.88
CA PHE C 2334 -62.94 -28.41 19.42
C PHE C 2334 -61.55 -27.78 19.39
N GLY C 2335 -60.72 -28.12 20.39
CA GLY C 2335 -59.38 -27.56 20.44
C GLY C 2335 -58.50 -28.07 19.31
N VAL C 2336 -58.55 -29.37 19.05
CA VAL C 2336 -57.80 -29.92 17.91
C VAL C 2336 -58.29 -29.29 16.62
N ILE C 2337 -59.60 -29.04 16.52
CA ILE C 2337 -60.16 -28.45 15.32
C ILE C 2337 -59.63 -27.02 15.11
N ILE C 2338 -59.63 -26.22 16.18
CA ILE C 2338 -59.12 -24.86 16.08
C ILE C 2338 -57.63 -24.88 15.79
N ASP C 2339 -56.90 -25.83 16.38
CA ASP C 2339 -55.46 -25.92 16.18
C ASP C 2339 -55.14 -26.23 14.73
N THR C 2340 -55.88 -27.16 14.11
CA THR C 2340 -55.60 -27.48 12.72
C THR C 2340 -56.12 -26.38 11.79
N PHE C 2341 -57.14 -25.63 12.20
CA PHE C 2341 -57.53 -24.45 11.43
C PHE C 2341 -56.37 -23.46 11.38
N ALA C 2342 -55.83 -23.10 12.55
CA ALA C 2342 -54.67 -22.21 12.58
C ALA C 2342 -53.48 -22.82 11.86
N ASP C 2343 -53.34 -24.15 11.90
CA ASP C 2343 -52.27 -24.82 11.17
C ASP C 2343 -52.37 -24.56 9.67
N LEU C 2344 -53.54 -24.87 9.12
CA LEU C 2344 -53.79 -24.64 7.70
C LEU C 2344 -53.58 -23.17 7.35
N ARG C 2345 -54.04 -22.26 8.22
CA ARG C 2345 -53.88 -20.83 7.94
C ARG C 2345 -52.41 -20.45 7.89
N SER C 2346 -51.65 -20.82 8.92
CA SER C 2346 -50.25 -20.43 8.98
C SER C 2346 -49.46 -21.03 7.83
N GLU C 2347 -49.78 -22.27 7.46
CA GLU C 2347 -49.10 -22.88 6.33
C GLU C 2347 -49.39 -22.12 5.04
N LYS C 2348 -50.66 -21.74 4.83
CA LYS C 2348 -51.01 -20.96 3.65
C LYS C 2348 -50.27 -19.63 3.63
N GLN C 2349 -50.23 -18.94 4.78
CA GLN C 2349 -49.59 -17.63 4.82
C GLN C 2349 -48.09 -17.74 4.58
N LYS C 2350 -47.44 -18.75 5.17
CA LYS C 2350 -46.01 -18.93 4.97
C LYS C 2350 -45.71 -19.28 3.52
N LYS C 2351 -46.54 -20.13 2.91
CA LYS C 2351 -46.33 -20.48 1.50
C LYS C 2351 -46.52 -19.26 0.61
N GLU C 2352 -47.50 -18.41 0.91
CA GLU C 2352 -47.70 -17.19 0.14
C GLU C 2352 -46.50 -16.26 0.27
N GLU C 2353 -46.00 -16.09 1.50
CA GLU C 2353 -44.85 -15.22 1.71
C GLU C 2353 -43.60 -15.76 1.02
N ILE C 2354 -43.43 -17.08 0.99
CA ILE C 2354 -42.28 -17.65 0.31
C ILE C 2354 -42.41 -17.54 -1.19
N LEU C 2355 -43.64 -17.62 -1.71
CA LEU C 2355 -43.85 -17.50 -3.15
C LEU C 2355 -43.76 -16.06 -3.63
N LYS C 2356 -44.03 -15.10 -2.75
CA LYS C 2356 -44.01 -13.70 -3.15
C LYS C 2356 -42.60 -13.12 -3.13
N THR C 2357 -41.76 -13.56 -2.19
CA THR C 2357 -40.44 -12.99 -1.95
C THR C 2357 -39.35 -14.02 -2.23
N THR C 2358 -39.48 -14.74 -3.34
CA THR C 2358 -38.47 -15.70 -3.76
C THR C 2358 -38.49 -15.79 -5.28
N CYS C 2359 -37.30 -15.80 -5.89
CA CYS C 2359 -37.19 -15.85 -7.33
C CYS C 2359 -37.45 -17.23 -7.91
N PHE C 2360 -37.77 -18.23 -7.09
CA PHE C 2360 -38.18 -19.57 -7.47
C PHE C 2360 -37.00 -20.44 -7.92
N ILE C 2361 -35.79 -19.90 -8.06
CA ILE C 2361 -34.62 -20.68 -8.47
C ILE C 2361 -33.49 -20.44 -7.48
N CYS C 2362 -33.09 -19.18 -7.33
CA CYS C 2362 -31.91 -18.86 -6.52
C CYS C 2362 -32.23 -18.81 -5.03
N GLY C 2363 -33.45 -18.42 -4.67
CA GLY C 2363 -33.83 -18.36 -3.27
C GLY C 2363 -33.38 -17.12 -2.56
N LEU C 2364 -33.42 -15.97 -3.23
CA LEU C 2364 -33.02 -14.69 -2.67
C LEU C 2364 -34.25 -13.92 -2.20
N GLU C 2365 -34.02 -12.99 -1.28
CA GLU C 2365 -35.07 -12.11 -0.77
C GLU C 2365 -35.12 -10.84 -1.61
N ARG C 2366 -35.90 -9.85 -1.16
CA ARG C 2366 -36.06 -8.59 -1.86
C ARG C 2366 -35.13 -7.49 -1.33
N ASP C 2367 -34.58 -7.65 -0.13
CA ASP C 2367 -33.74 -6.61 0.45
C ASP C 2367 -32.43 -6.44 -0.30
N LYS C 2368 -31.99 -7.45 -1.05
CA LYS C 2368 -30.71 -7.38 -1.74
C LYS C 2368 -30.78 -6.65 -3.08
N PHE C 2369 -31.98 -6.25 -3.52
CA PHE C 2369 -32.15 -5.45 -4.73
C PHE C 2369 -32.71 -4.09 -4.31
N ASP C 2370 -31.81 -3.15 -4.03
CA ASP C 2370 -32.14 -1.79 -3.64
C ASP C 2370 -31.60 -0.76 -4.61
N ASN C 2371 -30.32 -0.88 -5.01
CA ASN C 2371 -29.71 0.04 -5.95
C ASN C 2371 -28.78 -0.67 -6.93
N LYS C 2372 -29.01 -1.95 -7.20
CA LYS C 2372 -28.18 -2.72 -8.11
C LYS C 2372 -28.60 -2.58 -9.57
N THR C 2373 -29.52 -1.66 -9.87
CA THR C 2373 -29.98 -1.42 -11.24
C THR C 2373 -30.66 -2.65 -11.83
N VAL C 2374 -31.23 -3.50 -10.99
CA VAL C 2374 -31.98 -4.67 -11.43
C VAL C 2374 -33.12 -4.92 -10.45
N SER C 2375 -34.36 -4.76 -10.92
CA SER C 2375 -35.52 -4.91 -10.06
C SER C 2375 -35.85 -6.38 -9.85
N PHE C 2376 -36.57 -6.64 -8.76
CA PHE C 2376 -37.01 -8.01 -8.48
C PHE C 2376 -38.02 -8.49 -9.50
N GLU C 2377 -38.82 -7.58 -10.06
CA GLU C 2377 -39.80 -7.98 -11.07
C GLU C 2377 -39.11 -8.37 -12.37
N GLU C 2378 -38.08 -7.63 -12.77
CA GLU C 2378 -37.36 -7.95 -13.98
C GLU C 2378 -36.45 -9.17 -13.79
N HIS C 2379 -35.97 -9.39 -12.58
CA HIS C 2379 -35.09 -10.53 -12.32
C HIS C 2379 -35.84 -11.85 -12.41
N ILE C 2380 -37.12 -11.85 -12.05
CA ILE C 2380 -37.94 -13.06 -12.07
C ILE C 2380 -38.72 -13.20 -13.38
N LYS C 2381 -38.38 -12.42 -14.40
CA LYS C 2381 -39.06 -12.49 -15.69
C LYS C 2381 -38.14 -12.45 -16.90
N LEU C 2382 -36.87 -12.11 -16.74
CA LEU C 2382 -35.91 -12.01 -17.84
C LEU C 2382 -34.68 -12.87 -17.66
N GLU C 2383 -34.16 -12.97 -16.43
CA GLU C 2383 -32.93 -13.71 -16.14
C GLU C 2383 -33.18 -15.05 -15.46
N HIS C 2384 -34.12 -15.12 -14.53
CA HIS C 2384 -34.40 -16.31 -13.74
C HIS C 2384 -35.84 -16.79 -13.96
N ASN C 2385 -36.28 -16.79 -15.22
CA ASN C 2385 -37.59 -17.32 -15.54
C ASN C 2385 -37.59 -18.83 -15.38
N MET C 2386 -38.64 -19.35 -14.72
CA MET C 2386 -38.69 -20.77 -14.42
C MET C 2386 -38.80 -21.62 -15.68
N TRP C 2387 -39.59 -21.15 -16.66
CA TRP C 2387 -39.82 -21.94 -17.86
C TRP C 2387 -38.64 -21.92 -18.82
N ASN C 2388 -37.71 -20.98 -18.68
CA ASN C 2388 -36.54 -20.97 -19.55
C ASN C 2388 -35.68 -22.19 -19.33
N TYR C 2389 -35.56 -22.66 -18.08
CA TYR C 2389 -34.78 -23.86 -17.81
C TYR C 2389 -35.50 -25.10 -18.33
N LEU C 2390 -36.83 -25.10 -18.31
CA LEU C 2390 -37.58 -26.18 -18.95
C LEU C 2390 -37.30 -26.21 -20.45
N TYR C 2391 -37.31 -25.03 -21.08
CA TYR C 2391 -37.00 -24.96 -22.51
C TYR C 2391 -35.58 -25.44 -22.77
N PHE C 2392 -34.65 -25.11 -21.88
CA PHE C 2392 -33.26 -25.55 -22.05
C PHE C 2392 -33.15 -27.06 -21.94
N ILE C 2393 -33.85 -27.66 -20.98
CA ILE C 2393 -33.85 -29.11 -20.85
C ILE C 2393 -34.47 -29.77 -22.07
N VAL C 2394 -35.53 -29.16 -22.61
CA VAL C 2394 -36.18 -29.69 -23.79
C VAL C 2394 -35.24 -29.64 -24.98
N LEU C 2395 -34.50 -28.53 -25.12
CA LEU C 2395 -33.53 -28.41 -26.21
C LEU C 2395 -32.40 -29.42 -26.06
N VAL C 2396 -31.97 -29.65 -24.82
CA VAL C 2396 -30.91 -30.64 -24.59
C VAL C 2396 -31.40 -32.04 -24.93
N ARG C 2397 -32.67 -32.32 -24.66
CA ARG C 2397 -33.24 -33.63 -24.98
C ARG C 2397 -33.61 -33.79 -26.45
N VAL C 2398 -33.73 -32.68 -27.18
CA VAL C 2398 -34.18 -32.72 -28.57
C VAL C 2398 -33.00 -32.70 -29.56
N LYS C 2399 -31.98 -31.90 -29.26
CA LYS C 2399 -30.88 -31.71 -30.20
C LYS C 2399 -30.06 -33.00 -30.34
N ASN C 2400 -29.19 -32.99 -31.36
CA ASN C 2400 -28.35 -34.15 -31.62
C ASN C 2400 -27.22 -34.23 -30.61
N LYS C 2401 -26.52 -35.37 -30.60
CA LYS C 2401 -25.53 -35.65 -29.59
C LYS C 2401 -24.16 -35.07 -29.91
N THR C 2402 -23.78 -35.05 -31.19
CA THR C 2402 -22.42 -34.68 -31.57
C THR C 2402 -22.18 -33.18 -31.62
N ASP C 2403 -23.24 -32.38 -31.77
CA ASP C 2403 -23.10 -30.94 -32.00
C ASP C 2403 -24.09 -30.17 -31.12
N TYR C 2404 -24.15 -30.51 -29.83
CA TYR C 2404 -25.06 -29.82 -28.93
C TYR C 2404 -24.70 -28.34 -28.81
N THR C 2405 -23.59 -28.06 -28.14
CA THR C 2405 -23.10 -26.70 -27.94
C THR C 2405 -21.77 -26.77 -27.19
N GLY C 2406 -21.25 -25.62 -26.78
CA GLY C 2406 -20.09 -25.59 -25.93
C GLY C 2406 -20.37 -26.17 -24.55
N PRO C 2407 -21.22 -25.50 -23.77
CA PRO C 2407 -21.58 -26.00 -22.44
C PRO C 2407 -22.79 -26.93 -22.40
N GLU C 2408 -23.48 -27.11 -23.53
CA GLU C 2408 -24.61 -28.02 -23.55
C GLU C 2408 -24.15 -29.46 -23.40
N SER C 2409 -22.98 -29.81 -23.91
CA SER C 2409 -22.42 -31.13 -23.63
C SER C 2409 -22.19 -31.31 -22.14
N TYR C 2410 -21.71 -30.26 -21.47
CA TYR C 2410 -21.46 -30.34 -20.04
C TYR C 2410 -22.75 -30.54 -19.26
N VAL C 2411 -23.77 -29.74 -19.57
CA VAL C 2411 -25.02 -29.86 -18.81
C VAL C 2411 -25.72 -31.17 -19.16
N ALA C 2412 -25.51 -31.70 -20.37
CA ALA C 2412 -26.06 -33.01 -20.70
C ALA C 2412 -25.36 -34.11 -19.90
N GLN C 2413 -24.03 -34.05 -19.80
CA GLN C 2413 -23.31 -35.01 -18.97
C GLN C 2413 -23.72 -34.91 -17.51
N MET C 2414 -24.05 -33.70 -17.06
CA MET C 2414 -24.50 -33.52 -15.68
C MET C 2414 -25.91 -34.05 -15.48
N ILE C 2415 -26.77 -33.94 -16.49
CA ILE C 2415 -28.14 -34.41 -16.38
C ILE C 2415 -28.21 -35.94 -16.41
N LYS C 2416 -27.23 -36.60 -17.03
CA LYS C 2416 -27.23 -38.06 -17.08
C LYS C 2416 -26.88 -38.69 -15.74
N ASN C 2417 -26.14 -37.98 -14.88
CA ASN C 2417 -25.75 -38.49 -13.58
C ASN C 2417 -26.74 -38.13 -12.47
N LYS C 2418 -27.79 -37.37 -12.78
CA LYS C 2418 -28.79 -36.97 -11.78
C LYS C 2418 -28.16 -36.18 -10.64
N ASN C 2419 -27.54 -35.06 -11.03
CA ASN C 2419 -26.88 -34.16 -10.08
C ASN C 2419 -27.38 -32.74 -10.37
N LEU C 2420 -28.21 -32.22 -9.46
CA LEU C 2420 -28.79 -30.88 -9.63
C LEU C 2420 -27.91 -29.83 -8.95
N ASP C 2421 -26.65 -29.81 -9.37
CA ASP C 2421 -25.66 -28.85 -8.88
C ASP C 2421 -25.42 -27.69 -9.84
N TRP C 2422 -25.93 -27.77 -11.07
CA TRP C 2422 -25.66 -26.75 -12.07
C TRP C 2422 -26.64 -25.58 -12.04
N PHE C 2423 -27.63 -25.61 -11.14
CA PHE C 2423 -28.48 -24.43 -10.96
C PHE C 2423 -27.74 -23.39 -10.11
N PRO C 2424 -28.09 -22.11 -10.25
CA PRO C 2424 -27.52 -21.10 -9.34
C PRO C 2424 -28.25 -21.09 -8.01
N ARG C 2425 -27.48 -20.92 -6.94
CA ARG C 2425 -28.02 -20.93 -5.57
C ARG C 2425 -27.48 -19.73 -4.82
N MET C 2426 -28.39 -18.84 -4.42
CA MET C 2426 -28.09 -17.70 -3.55
C MET C 2426 -27.15 -16.69 -4.21
N ARG C 2427 -27.02 -16.72 -5.54
CA ARG C 2427 -26.24 -15.70 -6.24
C ARG C 2427 -26.60 -15.76 -7.72
N ALA C 2428 -26.35 -14.65 -8.41
CA ALA C 2428 -26.68 -14.55 -9.82
C ALA C 2428 -25.93 -13.36 -10.41
N MET C 2429 -26.06 -13.21 -11.73
CA MET C 2429 -25.45 -12.08 -12.41
C MET C 2429 -26.16 -10.78 -12.02
N SER C 2430 -25.46 -9.67 -12.19
CA SER C 2430 -25.97 -8.34 -11.86
C SER C 2430 -26.27 -8.19 -10.37
N LEU C 2431 -25.63 -9.00 -9.53
CA LEU C 2431 -25.76 -8.91 -8.08
C LEU C 2431 -24.44 -8.71 -7.35
N VAL C 2432 -23.31 -9.01 -7.99
CA VAL C 2432 -22.00 -8.83 -7.38
C VAL C 2432 -21.49 -7.42 -7.65
N UNK C 2433 0.95 -4.38 -8.18
CA UNK C 2433 1.38 -3.39 -9.17
C UNK C 2433 2.51 -2.53 -8.61
N UNK C 2434 2.28 -1.96 -7.43
CA UNK C 2434 3.30 -1.13 -6.80
C UNK C 2434 4.54 -1.93 -6.44
N UNK C 2435 4.38 -3.22 -6.15
CA UNK C 2435 5.53 -4.06 -5.82
C UNK C 2435 6.46 -4.20 -7.02
N UNK C 2436 5.90 -4.26 -8.23
CA UNK C 2436 6.73 -4.35 -9.43
C UNK C 2436 7.54 -3.06 -9.62
N UNK C 2437 6.90 -1.91 -9.39
CA UNK C 2437 7.63 -0.64 -9.48
C UNK C 2437 8.71 -0.56 -8.43
N UNK C 2438 8.43 -1.06 -7.22
CA UNK C 2438 9.45 -1.08 -6.17
C UNK C 2438 10.61 -2.00 -6.55
N UNK C 2439 10.32 -3.13 -7.18
CA UNK C 2439 11.38 -4.04 -7.61
C UNK C 2439 12.23 -3.41 -8.71
N UNK C 2440 11.60 -2.72 -9.65
CA UNK C 2440 12.36 -2.02 -10.69
C UNK C 2440 13.24 -0.93 -10.08
N UNK C 2441 12.69 -0.18 -9.11
CA UNK C 2441 13.49 0.83 -8.43
C UNK C 2441 14.65 0.20 -7.67
N UNK C 2442 14.43 -0.98 -7.09
CA UNK C 2442 15.50 -1.67 -6.37
C UNK C 2442 16.59 -2.14 -7.33
N UNK C 2443 16.21 -2.60 -8.52
CA UNK C 2443 17.21 -2.98 -9.52
C UNK C 2443 18.02 -1.78 -9.97
N UNK C 2444 17.34 -0.66 -10.24
CA UNK C 2444 18.05 0.56 -10.61
C UNK C 2444 18.98 1.01 -9.48
N UNK C 2445 18.54 0.87 -8.23
CA UNK C 2445 19.39 1.23 -7.11
C UNK C 2445 20.55 0.27 -6.94
N UNK C 2446 20.36 -1.00 -7.31
CA UNK C 2446 21.46 -1.95 -7.28
C UNK C 2446 22.55 -1.54 -8.28
N UNK C 2447 22.14 -1.20 -9.51
CA UNK C 2447 23.10 -0.70 -10.49
C UNK C 2447 23.75 0.59 -10.01
N UNK C 2448 22.97 1.47 -9.37
CA UNK C 2448 23.50 2.73 -8.89
C UNK C 2448 24.55 2.51 -7.80
N UNK C 2449 24.29 1.58 -6.88
CA UNK C 2449 25.24 1.28 -5.82
C UNK C 2449 26.48 0.59 -6.37
N UNK C 2450 26.30 -0.25 -7.40
CA UNK C 2450 27.46 -0.86 -8.06
C UNK C 2450 28.33 0.21 -8.71
N UNK C 2451 27.72 1.23 -9.30
CA UNK C 2451 28.49 2.33 -9.87
C UNK C 2451 29.12 3.19 -8.78
N UNK C 2452 28.46 3.32 -7.63
CA UNK C 2452 28.99 4.15 -6.55
C UNK C 2452 30.14 3.45 -5.82
N UNK C 2453 30.15 2.12 -5.81
CA UNK C 2453 31.20 1.38 -5.14
C UNK C 2453 32.52 1.53 -5.87
N SER D 2 31.48 1.57 -34.48
CA SER D 2 30.65 0.62 -35.21
C SER D 2 29.41 0.27 -34.41
N SER D 3 28.28 0.15 -35.11
CA SER D 3 27.00 -0.18 -34.50
C SER D 3 26.21 -1.06 -35.45
N PHE D 4 25.11 -1.59 -34.94
CA PHE D 4 24.23 -2.43 -35.76
C PHE D 4 23.39 -1.56 -36.68
N LEU D 5 23.09 -2.11 -37.86
CA LEU D 5 22.25 -1.44 -38.83
C LEU D 5 20.78 -1.59 -38.44
N HIS D 6 20.07 -0.48 -38.41
CA HIS D 6 18.65 -0.44 -38.06
C HIS D 6 17.82 -0.12 -39.30
N ILE D 7 16.51 -0.29 -39.15
CA ILE D 7 15.56 0.00 -40.20
C ILE D 7 15.22 1.49 -40.17
N GLY D 8 15.23 2.12 -41.34
CA GLY D 8 14.95 3.54 -41.44
C GLY D 8 16.15 4.45 -41.38
N ASP D 9 17.35 3.91 -41.58
CA ASP D 9 18.58 4.69 -41.54
C ASP D 9 18.97 5.13 -42.96
N ILE D 10 19.74 6.22 -43.00
CA ILE D 10 20.24 6.78 -44.26
C ILE D 10 21.68 6.31 -44.42
N VAL D 11 21.90 5.41 -45.38
CA VAL D 11 23.20 4.78 -45.59
C VAL D 11 23.65 5.02 -47.03
N SER D 12 24.80 4.44 -47.39
CA SER D 12 25.32 4.51 -48.74
C SER D 12 25.86 3.14 -49.11
N LEU D 13 26.10 2.95 -50.41
CA LEU D 13 26.63 1.71 -50.96
C LEU D 13 27.88 2.01 -51.77
N TYR D 14 28.84 1.08 -51.71
CA TYR D 14 30.13 1.25 -52.37
C TYR D 14 30.49 -0.10 -53.01
N ALA D 15 30.33 -0.18 -54.33
CA ALA D 15 30.68 -1.40 -55.03
C ALA D 15 32.18 -1.56 -55.09
N GLU D 16 32.64 -2.80 -54.88
CA GLU D 16 34.07 -3.15 -54.94
C GLU D 16 34.18 -4.48 -55.67
N GLY D 17 34.37 -4.42 -56.98
CA GLY D 17 34.52 -5.59 -57.81
C GLY D 17 35.50 -5.36 -58.94
N SER D 18 35.10 -5.71 -60.16
CA SER D 18 35.92 -5.40 -61.33
C SER D 18 36.08 -3.88 -61.48
N VAL D 19 35.04 -3.13 -61.12
CA VAL D 19 35.09 -1.67 -61.03
C VAL D 19 34.65 -1.28 -59.63
N ASN D 20 35.27 -0.22 -59.10
CA ASN D 20 35.07 0.20 -57.73
C ASN D 20 34.52 1.62 -57.68
N GLY D 21 33.69 1.88 -56.67
CA GLY D 21 33.15 3.22 -56.44
C GLY D 21 31.74 3.23 -55.93
N PHE D 22 31.21 4.43 -55.66
CA PHE D 22 29.84 4.57 -55.23
C PHE D 22 28.89 4.42 -56.42
N ILE D 23 27.59 4.38 -56.11
CA ILE D 23 26.54 4.29 -57.11
C ILE D 23 25.74 5.59 -57.09
N SER D 24 25.14 5.90 -58.24
CA SER D 24 24.36 7.12 -58.39
C SER D 24 23.32 6.90 -59.47
N THR D 25 22.49 7.92 -59.70
CA THR D 25 21.41 7.86 -60.67
C THR D 25 21.36 9.17 -61.45
N LEU D 26 21.18 9.07 -62.76
CA LEU D 26 20.90 10.25 -63.56
C LEU D 26 19.57 10.85 -63.12
N GLY D 27 19.54 12.16 -62.96
CA GLY D 27 18.48 12.80 -62.21
C GLY D 27 17.08 12.73 -62.79
N LEU D 28 16.25 11.87 -62.22
CA LEU D 28 14.78 11.96 -62.24
C LEU D 28 14.18 11.84 -63.64
N VAL D 29 14.95 11.50 -64.66
CA VAL D 29 14.43 11.25 -66.00
C VAL D 29 14.85 9.89 -66.51
N ASP D 30 16.00 9.40 -66.03
CA ASP D 30 16.49 8.07 -66.35
C ASP D 30 16.11 7.10 -65.23
N ASP D 31 16.47 5.83 -65.43
CA ASP D 31 16.20 4.78 -64.46
C ASP D 31 17.41 3.89 -64.18
N ARG D 32 18.50 4.03 -64.94
CA ARG D 32 19.65 3.15 -64.78
C ARG D 32 20.54 3.65 -63.65
N CYS D 33 21.08 2.71 -62.88
CA CYS D 33 22.04 3.00 -61.82
C CYS D 33 23.45 2.95 -62.41
N VAL D 34 24.27 3.92 -62.04
CA VAL D 34 25.59 4.12 -62.64
C VAL D 34 26.65 4.04 -61.54
N VAL D 35 27.79 3.44 -61.87
CA VAL D 35 28.94 3.35 -60.99
C VAL D 35 30.07 4.17 -61.62
N GLU D 36 30.46 5.25 -60.95
CA GLU D 36 31.47 6.18 -61.46
C GLU D 36 32.82 5.84 -60.86
N PRO D 37 33.77 5.27 -61.60
CA PRO D 37 35.08 4.98 -60.99
C PRO D 37 35.93 6.22 -60.78
N ALA D 38 35.82 7.22 -61.65
CA ALA D 38 36.62 8.43 -61.55
C ALA D 38 36.01 9.47 -60.61
N ALA D 39 35.01 9.10 -59.81
CA ALA D 39 34.37 10.06 -58.92
C ALA D 39 35.15 10.20 -57.62
N GLY D 40 35.32 9.11 -56.89
CA GLY D 40 36.03 9.14 -55.62
C GLY D 40 35.99 7.81 -54.89
N ASP D 41 37.03 7.54 -54.10
CA ASP D 41 37.13 6.30 -53.34
C ASP D 41 36.52 6.50 -51.97
N LEU D 42 36.70 5.50 -51.09
CA LEU D 42 36.14 5.60 -49.74
C LEU D 42 36.84 6.66 -48.92
N ASP D 43 38.12 6.95 -49.21
CA ASP D 43 38.85 7.96 -48.47
C ASP D 43 38.39 9.37 -48.86
N ASN D 44 38.53 9.72 -50.14
CA ASN D 44 38.09 11.01 -50.64
C ASN D 44 36.70 10.87 -51.24
N PRO D 45 35.64 11.37 -50.60
CA PRO D 45 34.31 11.20 -51.18
C PRO D 45 34.13 12.08 -52.39
N PRO D 46 33.21 11.74 -53.29
CA PRO D 46 33.03 12.53 -54.51
C PRO D 46 32.13 13.72 -54.28
N LYS D 47 32.21 14.66 -55.22
CA LYS D 47 31.31 15.81 -55.22
C LYS D 47 29.90 15.36 -55.60
N LYS D 48 28.93 16.20 -55.24
CA LYS D 48 27.51 15.89 -55.44
C LYS D 48 27.14 14.58 -54.74
N PHE D 49 27.59 14.46 -53.48
CA PHE D 49 27.39 13.25 -52.71
C PHE D 49 25.93 13.01 -52.37
N ARG D 50 25.08 14.05 -52.42
CA ARG D 50 23.69 13.91 -52.00
C ARG D 50 22.91 12.90 -52.83
N ASP D 51 23.35 12.62 -54.06
CA ASP D 51 22.68 11.64 -54.90
C ASP D 51 23.05 10.20 -54.55
N CYS D 52 24.10 9.99 -53.75
CA CYS D 52 24.60 8.66 -53.45
C CYS D 52 24.04 8.07 -52.16
N LEU D 53 22.95 8.63 -51.64
CA LEU D 53 22.34 8.14 -50.41
C LEU D 53 21.26 7.11 -50.72
N PHE D 54 20.89 6.35 -49.69
CA PHE D 54 19.83 5.36 -49.80
C PHE D 54 19.22 5.14 -48.43
N LYS D 55 18.02 4.55 -48.42
CA LYS D 55 17.32 4.22 -47.20
C LYS D 55 16.85 2.78 -47.27
N VAL D 56 17.08 2.02 -46.21
CA VAL D 56 16.56 0.67 -46.10
C VAL D 56 15.10 0.75 -45.69
N CYS D 57 14.29 -0.11 -46.28
CA CYS D 57 12.85 -0.16 -46.03
C CYS D 57 12.41 -1.60 -45.83
N PRO D 58 11.35 -1.82 -45.03
CA PRO D 58 10.99 -3.20 -44.65
C PRO D 58 10.18 -3.90 -45.73
N MET D 59 9.71 -5.11 -45.41
CA MET D 59 8.87 -5.87 -46.31
C MET D 59 7.61 -5.09 -46.65
N ASN D 60 7.24 -5.09 -47.93
CA ASN D 60 6.03 -4.46 -48.44
C ASN D 60 5.14 -5.52 -49.07
N ARG D 61 3.93 -5.11 -49.42
CA ARG D 61 2.94 -5.96 -50.07
C ARG D 61 2.54 -5.33 -51.40
N TYR D 62 2.50 -6.15 -52.45
CA TYR D 62 2.16 -5.70 -53.80
C TYR D 62 1.20 -6.68 -54.46
N SER D 63 0.21 -7.15 -53.69
CA SER D 63 -0.78 -8.09 -54.22
C SER D 63 -1.89 -7.35 -54.95
N ALA D 64 -2.52 -6.38 -54.29
CA ALA D 64 -3.62 -5.65 -54.90
C ALA D 64 -3.15 -4.69 -55.98
N GLN D 65 -1.93 -4.16 -55.83
CA GLN D 65 -1.40 -3.23 -56.83
C GLN D 65 -1.17 -3.93 -58.17
N LYS D 66 -0.66 -5.17 -58.13
CA LYS D 66 -0.49 -5.93 -59.36
C LYS D 66 -1.84 -6.21 -60.00
N GLN D 67 -2.86 -6.51 -59.20
CA GLN D 67 -4.18 -6.75 -59.75
C GLN D 67 -4.74 -5.49 -60.40
N TYR D 68 -4.55 -4.34 -59.76
CA TYR D 68 -5.01 -3.09 -60.34
C TYR D 68 -4.30 -2.78 -61.65
N TRP D 69 -2.99 -3.03 -61.70
CA TRP D 69 -2.24 -2.78 -62.92
C TRP D 69 -2.66 -3.74 -64.03
N LYS D 70 -2.94 -4.99 -63.68
CA LYS D 70 -3.40 -5.96 -64.67
C LYS D 70 -4.79 -5.60 -65.18
N ALA D 71 -5.64 -5.04 -64.33
CA ALA D 71 -6.96 -4.60 -64.77
C ALA D 71 -6.85 -3.37 -65.67
N LYS D 72 -5.93 -2.46 -65.34
CA LYS D 72 -5.75 -1.27 -66.17
C LYS D 72 -5.08 -1.59 -67.50
N GLN D 73 -4.26 -2.65 -67.55
CA GLN D 73 -3.61 -3.01 -68.79
C GLN D 73 -4.61 -3.55 -69.81
N THR D 74 -5.55 -4.37 -69.36
CA THR D 74 -6.57 -4.92 -70.25
C THR D 74 -7.70 -3.93 -70.47
N ALA D 82 -20.63 -3.37 -66.44
CA ALA D 82 -20.77 -3.63 -65.01
C ALA D 82 -19.43 -3.91 -64.35
N ASP D 83 -18.34 -3.49 -64.98
CA ASP D 83 -16.99 -3.67 -64.44
C ASP D 83 -16.47 -2.43 -63.70
N VAL D 84 -17.27 -1.38 -63.61
CA VAL D 84 -16.82 -0.17 -62.93
C VAL D 84 -16.90 -0.36 -61.41
N VAL D 85 -17.93 -1.05 -60.93
CA VAL D 85 -18.10 -1.21 -59.49
C VAL D 85 -17.01 -2.11 -58.91
N LEU D 86 -16.67 -3.20 -59.62
CA LEU D 86 -15.60 -4.06 -59.12
C LEU D 86 -14.25 -3.37 -59.23
N LEU D 87 -14.05 -2.52 -60.24
CA LEU D 87 -12.82 -1.77 -60.34
C LEU D 87 -12.69 -0.77 -59.19
N GLN D 88 -13.80 -0.11 -58.84
CA GLN D 88 -13.78 0.82 -57.71
C GLN D 88 -13.51 0.08 -56.40
N LYS D 89 -14.12 -1.10 -56.24
CA LYS D 89 -13.86 -1.90 -55.03
C LYS D 89 -12.41 -2.33 -54.97
N LEU D 90 -11.84 -2.75 -56.10
CA LEU D 90 -10.44 -3.15 -56.13
C LEU D 90 -9.52 -1.97 -55.83
N GLN D 91 -9.86 -0.79 -56.33
CA GLN D 91 -9.05 0.40 -56.04
C GLN D 91 -9.13 0.76 -54.56
N HIS D 92 -10.33 0.65 -53.97
CA HIS D 92 -10.45 0.90 -52.53
C HIS D 92 -9.64 -0.10 -51.73
N ALA D 93 -9.65 -1.38 -52.15
CA ALA D 93 -8.85 -2.39 -51.47
C ALA D 93 -7.37 -2.11 -51.62
N ALA D 94 -6.95 -1.62 -52.78
CA ALA D 94 -5.55 -1.29 -52.98
C ALA D 94 -5.13 -0.11 -52.10
N GLN D 95 -5.98 0.90 -51.99
CA GLN D 95 -5.68 2.02 -51.10
C GLN D 95 -5.63 1.57 -49.65
N MET D 96 -6.52 0.66 -49.27
CA MET D 96 -6.49 0.12 -47.90
C MET D 96 -5.21 -0.66 -47.67
N GLU D 97 -4.74 -1.42 -48.66
CA GLU D 97 -3.49 -2.14 -48.53
C GLU D 97 -2.31 -1.18 -48.44
N GLN D 98 -2.37 -0.07 -49.17
CA GLN D 98 -1.32 0.93 -49.09
C GLN D 98 -1.27 1.55 -47.69
N LYS D 99 -2.43 1.87 -47.12
CA LYS D 99 -2.48 2.41 -45.77
C LYS D 99 -1.99 1.38 -44.76
N GLN D 100 -2.32 0.10 -44.97
CA GLN D 100 -1.84 -0.96 -44.10
C GLN D 100 -0.31 -1.05 -44.16
N ASN D 101 0.25 -0.99 -45.36
CA ASN D 101 1.71 -1.01 -45.50
C ASN D 101 2.33 0.21 -44.84
N ASP D 102 1.67 1.36 -44.93
CA ASP D 102 2.21 2.58 -44.33
C ASP D 102 2.25 2.46 -42.81
N THR D 103 1.14 2.05 -42.19
CA THR D 103 1.15 1.90 -40.73
C THR D 103 2.06 0.76 -40.29
N GLU D 104 2.23 -0.26 -41.11
CA GLU D 104 3.17 -1.33 -40.77
C GLU D 104 4.61 -0.82 -40.79
N ASN D 105 4.95 0.01 -41.78
CA ASN D 105 6.26 0.62 -41.81
C ASN D 105 6.46 1.55 -40.63
N LYS D 106 5.40 2.25 -40.22
CA LYS D 106 5.50 3.13 -39.06
C LYS D 106 5.71 2.35 -37.77
N LYS D 107 5.05 1.19 -37.65
CA LYS D 107 5.14 0.40 -36.43
C LYS D 107 6.45 -0.38 -36.34
N VAL D 108 6.96 -0.86 -37.48
CA VAL D 108 8.18 -1.65 -37.49
C VAL D 108 9.44 -0.80 -37.34
N HIS D 109 9.34 0.50 -37.58
CA HIS D 109 10.50 1.37 -37.49
C HIS D 109 11.04 1.40 -36.07
N GLY D 110 12.32 1.06 -35.91
CA GLY D 110 12.98 1.02 -34.62
C GLY D 110 13.48 -0.36 -34.26
N ASP D 111 13.82 -1.17 -35.26
CA ASP D 111 14.31 -2.52 -35.07
C ASP D 111 15.65 -2.67 -35.77
N VAL D 112 16.30 -3.81 -35.51
CA VAL D 112 17.61 -4.14 -36.07
C VAL D 112 17.42 -5.20 -37.13
N VAL D 113 18.05 -5.02 -38.28
CA VAL D 113 17.95 -5.97 -39.38
C VAL D 113 18.98 -7.08 -39.18
N LYS D 114 18.65 -8.27 -39.69
CA LYS D 114 19.50 -9.44 -39.59
C LYS D 114 19.70 -10.03 -40.98
N TYR D 115 20.70 -10.90 -41.09
CA TYR D 115 21.00 -11.54 -42.35
C TYR D 115 19.89 -12.50 -42.76
N GLY D 116 19.73 -12.69 -44.06
CA GLY D 116 18.70 -13.54 -44.60
C GLY D 116 17.33 -12.91 -44.67
N SER D 117 17.14 -11.71 -44.11
CA SER D 117 15.85 -11.04 -44.14
C SER D 117 15.68 -10.32 -45.47
N VAL D 118 14.67 -9.47 -45.56
CA VAL D 118 14.37 -8.70 -46.76
C VAL D 118 14.60 -7.22 -46.48
N ILE D 119 14.88 -6.48 -47.54
CA ILE D 119 15.11 -5.04 -47.43
C ILE D 119 14.99 -4.43 -48.81
N GLN D 120 14.37 -3.25 -48.87
CA GLN D 120 14.24 -2.49 -50.11
C GLN D 120 15.06 -1.21 -50.01
N LEU D 121 15.60 -0.78 -51.15
CA LEU D 121 16.44 0.41 -51.23
C LEU D 121 15.62 1.54 -51.83
N LEU D 122 15.36 2.58 -51.03
CA LEU D 122 14.65 3.77 -51.48
C LEU D 122 15.65 4.91 -51.68
N HIS D 123 15.53 5.60 -52.80
CA HIS D 123 16.40 6.73 -53.08
C HIS D 123 15.98 7.93 -52.24
N MET D 124 16.98 8.73 -51.84
CA MET D 124 16.72 9.93 -51.04
C MET D 124 16.38 11.13 -51.89
N LYS D 125 16.91 11.20 -53.11
CA LYS D 125 16.67 12.35 -53.99
C LYS D 125 15.44 12.17 -54.85
N SER D 126 15.09 10.93 -55.21
CA SER D 126 13.95 10.64 -56.06
C SER D 126 12.74 10.08 -55.33
N ASN D 127 12.93 9.51 -54.14
CA ASN D 127 11.85 8.91 -53.38
C ASN D 127 11.19 7.78 -54.17
N LYS D 128 12.03 6.99 -54.86
CA LYS D 128 11.57 5.86 -55.66
C LYS D 128 12.45 4.65 -55.35
N TYR D 129 11.81 3.50 -55.18
CA TYR D 129 12.53 2.29 -54.84
C TYR D 129 13.27 1.74 -56.05
N LEU D 130 14.26 0.89 -55.77
CA LEU D 130 15.05 0.22 -56.79
C LEU D 130 14.59 -1.22 -56.92
N THR D 131 14.52 -1.72 -58.15
CA THR D 131 14.09 -3.09 -58.39
C THR D 131 14.73 -3.60 -59.68
N VAL D 132 14.45 -4.86 -59.99
CA VAL D 132 14.92 -5.52 -61.20
C VAL D 132 13.72 -5.98 -62.00
N ASN D 133 13.90 -6.06 -63.32
CA ASN D 133 12.83 -6.45 -64.25
C ASN D 133 13.16 -7.83 -64.80
N LYS D 134 12.46 -8.84 -64.30
CA LYS D 134 12.62 -10.20 -64.84
C LYS D 134 12.06 -10.32 -66.26
N ARG D 135 11.21 -9.38 -66.69
CA ARG D 135 10.59 -9.40 -68.00
C ARG D 135 11.23 -8.40 -68.96
N LEU D 136 12.53 -8.18 -68.82
CA LEU D 136 13.23 -7.24 -69.70
C LEU D 136 14.73 -7.48 -69.62
N PRO D 137 15.45 -7.66 -70.75
CA PRO D 137 16.91 -7.73 -70.65
C PRO D 137 17.54 -6.37 -70.38
N ALA D 138 18.85 -6.35 -70.16
CA ALA D 138 19.56 -5.12 -69.87
C ALA D 138 19.76 -4.33 -71.17
N LEU D 139 20.35 -3.14 -71.03
CA LEU D 139 20.58 -2.25 -72.16
C LEU D 139 21.94 -2.51 -72.81
N LEU D 140 23.01 -2.38 -72.04
CA LEU D 140 24.37 -2.57 -72.53
C LEU D 140 24.85 -4.01 -72.41
N GLU D 141 23.95 -4.96 -72.18
CA GLU D 141 24.32 -6.37 -72.07
C GLU D 141 23.12 -7.21 -72.46
N LYS D 142 23.38 -8.33 -73.15
CA LYS D 142 22.36 -9.24 -73.61
C LYS D 142 22.40 -10.58 -72.86
N ASN D 143 22.79 -10.53 -71.58
CA ASN D 143 22.86 -11.72 -70.73
C ASN D 143 22.22 -11.55 -69.37
N ALA D 144 22.04 -10.32 -68.89
CA ALA D 144 21.47 -10.04 -67.58
C ALA D 144 20.20 -9.20 -67.73
N MET D 145 19.49 -9.04 -66.61
CA MET D 145 18.26 -8.27 -66.59
C MET D 145 18.56 -6.81 -66.27
N ARG D 146 17.51 -5.98 -66.23
CA ARG D 146 17.63 -4.54 -66.15
C ARG D 146 17.16 -4.05 -64.78
N VAL D 147 17.96 -3.18 -64.16
CA VAL D 147 17.54 -2.48 -62.95
C VAL D 147 16.67 -1.29 -63.34
N THR D 148 15.82 -0.87 -62.40
CA THR D 148 14.89 0.21 -62.68
C THR D 148 14.44 0.87 -61.39
N LEU D 149 14.22 2.17 -61.44
CA LEU D 149 13.71 2.96 -60.33
C LEU D 149 12.20 3.13 -60.51
N ASP D 150 11.42 2.52 -59.61
CA ASP D 150 9.97 2.58 -59.64
C ASP D 150 9.47 3.46 -58.52
N ALA D 151 8.53 4.35 -58.83
CA ALA D 151 8.03 5.28 -57.82
C ALA D 151 7.18 4.56 -56.78
N THR D 152 6.56 3.44 -57.13
CA THR D 152 5.70 2.68 -56.23
C THR D 152 6.25 1.32 -55.85
N GLY D 153 7.07 0.72 -56.69
CA GLY D 153 7.64 -0.58 -56.43
C GLY D 153 6.89 -1.69 -57.15
N ASN D 154 7.40 -2.91 -56.98
CA ASN D 154 6.82 -4.09 -57.60
C ASN D 154 7.14 -5.29 -56.73
N GLU D 155 6.81 -6.48 -57.24
CA GLU D 155 7.07 -7.71 -56.49
C GLU D 155 8.54 -8.08 -56.52
N GLY D 156 9.28 -7.65 -57.55
CA GLY D 156 10.68 -7.98 -57.66
C GLY D 156 11.61 -7.00 -56.97
N SER D 157 11.07 -6.20 -56.04
CA SER D 157 11.86 -5.24 -55.30
C SER D 157 12.44 -5.83 -54.01
N TRP D 158 12.01 -7.00 -53.59
CA TRP D 158 12.51 -7.61 -52.36
C TRP D 158 13.90 -8.17 -52.60
N LEU D 159 14.82 -7.82 -51.70
CA LEU D 159 16.23 -8.19 -51.84
C LEU D 159 16.68 -8.91 -50.58
N PHE D 160 17.13 -10.15 -50.72
CA PHE D 160 17.81 -10.84 -49.65
C PHE D 160 19.21 -10.27 -49.46
N ILE D 161 19.65 -10.22 -48.21
CA ILE D 161 20.97 -9.74 -47.83
C ILE D 161 21.79 -10.95 -47.39
N GLN D 162 23.00 -11.06 -47.93
CA GLN D 162 23.91 -12.15 -47.61
C GLN D 162 25.29 -11.61 -47.28
N PRO D 163 26.07 -12.30 -46.44
CA PRO D 163 27.45 -11.86 -46.23
C PRO D 163 28.35 -12.27 -47.37
N PHE D 164 29.22 -11.34 -47.78
CA PHE D 164 30.22 -11.66 -48.80
C PHE D 164 31.28 -12.59 -48.25
N TRP D 165 31.77 -12.30 -47.04
CA TRP D 165 32.75 -13.15 -46.40
C TRP D 165 32.07 -14.37 -45.78
N LYS D 166 32.90 -15.33 -45.36
CA LYS D 166 32.43 -16.51 -44.63
C LYS D 166 32.48 -16.31 -43.11
N LEU D 167 32.40 -15.06 -42.65
CA LEU D 167 32.49 -14.78 -41.22
C LEU D 167 31.17 -15.04 -40.52
N ARG D 168 30.08 -14.51 -41.06
CA ARG D 168 28.76 -14.58 -40.46
C ARG D 168 27.84 -15.44 -41.31
N SER D 169 26.69 -15.78 -40.73
CA SER D 169 25.70 -16.64 -41.37
C SER D 169 24.33 -15.99 -41.22
N ASN D 170 23.31 -16.68 -41.76
CA ASN D 170 21.95 -16.16 -41.70
C ASN D 170 21.45 -16.12 -40.27
N GLY D 171 20.72 -15.04 -39.94
CA GLY D 171 20.17 -14.85 -38.62
C GLY D 171 20.99 -13.94 -37.72
N ASP D 172 22.28 -13.76 -38.02
CA ASP D 172 23.12 -12.90 -37.21
C ASP D 172 22.84 -11.43 -37.50
N ASN D 173 23.28 -10.58 -36.58
CA ASN D 173 23.10 -9.15 -36.74
C ASN D 173 24.05 -8.59 -37.78
N VAL D 174 23.58 -7.60 -38.54
CA VAL D 174 24.35 -7.00 -39.62
C VAL D 174 25.08 -5.80 -39.05
N VAL D 175 26.38 -5.96 -38.82
CA VAL D 175 27.22 -4.85 -38.37
C VAL D 175 27.61 -4.00 -39.56
N VAL D 176 27.55 -2.68 -39.39
CA VAL D 176 27.88 -1.77 -40.49
C VAL D 176 29.36 -1.86 -40.82
N GLY D 177 29.72 -1.36 -41.99
CA GLY D 177 31.10 -1.37 -42.43
C GLY D 177 31.61 -2.75 -42.80
N ASP D 178 30.80 -3.53 -43.50
CA ASP D 178 31.17 -4.86 -43.95
C ASP D 178 30.73 -5.06 -45.39
N LYS D 179 31.31 -6.06 -46.03
CA LYS D 179 30.96 -6.41 -47.40
C LYS D 179 29.65 -7.19 -47.41
N VAL D 180 28.75 -6.80 -48.30
CA VAL D 180 27.39 -7.33 -48.35
C VAL D 180 27.04 -7.67 -49.79
N ILE D 181 26.20 -8.68 -49.96
CA ILE D 181 25.66 -9.06 -51.27
C ILE D 181 24.14 -8.91 -51.20
N LEU D 182 23.59 -8.11 -52.10
CA LEU D 182 22.14 -7.95 -52.25
C LEU D 182 21.69 -8.78 -53.45
N ASN D 183 20.74 -9.69 -53.21
CA ASN D 183 20.29 -10.63 -54.23
C ASN D 183 18.77 -10.48 -54.38
N PRO D 184 18.25 -10.11 -55.55
CA PRO D 184 16.79 -10.10 -55.71
C PRO D 184 16.21 -11.49 -55.69
N VAL D 185 15.00 -11.60 -55.13
CA VAL D 185 14.37 -12.91 -54.97
C VAL D 185 13.68 -13.39 -56.24
N ASN D 186 13.29 -12.49 -57.14
CA ASN D 186 12.52 -12.84 -58.32
C ASN D 186 13.39 -12.97 -59.57
N ALA D 187 14.72 -12.88 -59.44
CA ALA D 187 15.63 -13.02 -60.57
C ALA D 187 16.69 -14.07 -60.31
N GLY D 188 17.14 -14.18 -59.06
CA GLY D 188 18.14 -15.15 -58.65
C GLY D 188 19.58 -14.65 -58.72
N GLN D 189 19.91 -13.88 -59.73
CA GLN D 189 21.28 -13.39 -59.89
C GLN D 189 21.48 -12.12 -59.06
N PRO D 190 22.55 -11.98 -58.29
CA PRO D 190 22.75 -10.74 -57.53
C PRO D 190 23.21 -9.60 -58.42
N LEU D 191 23.26 -8.41 -57.83
CA LEU D 191 23.72 -7.24 -58.55
C LEU D 191 25.20 -7.35 -58.88
N HIS D 192 25.59 -6.72 -59.99
CA HIS D 192 26.96 -6.80 -60.47
C HIS D 192 27.30 -5.52 -61.23
N ALA D 193 28.40 -4.89 -60.83
CA ALA D 193 28.89 -3.69 -61.52
C ALA D 193 29.76 -4.11 -62.69
N SER D 194 29.25 -3.94 -63.90
CA SER D 194 29.97 -4.35 -65.10
C SER D 194 30.97 -3.26 -65.49
N ASN D 195 31.56 -3.39 -66.67
CA ASN D 195 32.56 -2.47 -67.19
C ASN D 195 32.19 -2.03 -68.61
N TYR D 196 30.91 -1.82 -68.85
CA TYR D 196 30.41 -1.36 -70.15
C TYR D 196 30.14 0.14 -70.10
N GLU D 197 30.72 0.86 -71.05
CA GLU D 197 30.54 2.30 -71.10
C GLU D 197 29.14 2.65 -71.60
N LEU D 198 28.77 3.92 -71.44
CA LEU D 198 27.48 4.44 -71.84
C LEU D 198 27.60 5.20 -73.15
N SER D 199 26.45 5.57 -73.71
CA SER D 199 26.43 6.24 -75.01
C SER D 199 26.95 7.67 -74.90
N ASP D 200 26.28 8.52 -74.13
CA ASP D 200 26.61 9.93 -74.02
C ASP D 200 27.48 10.23 -72.81
N ASN D 201 27.09 9.75 -71.63
CA ASN D 201 27.83 10.03 -70.41
C ASN D 201 29.11 9.21 -70.41
N ALA D 202 30.25 9.88 -70.60
CA ALA D 202 31.52 9.20 -70.67
C ALA D 202 32.07 8.94 -69.28
N GLY D 203 32.98 7.97 -69.19
CA GLY D 203 33.58 7.60 -67.92
C GLY D 203 32.55 7.10 -66.93
N CYS D 204 31.72 6.15 -67.37
CA CYS D 204 30.64 5.63 -66.55
C CYS D 204 30.46 4.15 -66.83
N LYS D 205 29.80 3.46 -65.90
CA LYS D 205 29.56 2.03 -66.00
C LYS D 205 28.18 1.73 -65.43
N GLU D 206 27.47 0.81 -66.06
CA GLU D 206 26.11 0.44 -65.68
C GLU D 206 26.11 -0.89 -64.93
N VAL D 207 25.19 -1.00 -63.98
CA VAL D 207 25.03 -2.20 -63.18
C VAL D 207 24.02 -3.11 -63.85
N ASN D 208 24.11 -4.41 -63.53
CA ASN D 208 23.19 -5.41 -64.05
C ASN D 208 23.00 -6.46 -62.97
N SER D 209 22.37 -7.58 -63.34
CA SER D 209 22.10 -8.70 -62.43
C SER D 209 22.63 -9.97 -63.08
N VAL D 210 23.88 -10.31 -62.78
CA VAL D 210 24.52 -11.53 -63.27
C VAL D 210 25.26 -12.18 -62.11
N ASN D 211 25.41 -13.50 -62.18
CA ASN D 211 26.09 -14.26 -61.14
C ASN D 211 27.57 -13.95 -61.20
N CYS D 212 28.04 -13.08 -60.30
CA CYS D 212 29.44 -12.70 -60.25
C CYS D 212 29.79 -12.24 -58.85
N ASN D 213 31.08 -12.25 -58.56
CA ASN D 213 31.57 -11.87 -57.23
C ASN D 213 31.66 -10.34 -57.16
N THR D 214 30.75 -9.74 -56.42
CA THR D 214 30.73 -8.29 -56.22
C THR D 214 30.28 -7.99 -54.80
N SER D 215 31.01 -7.10 -54.13
CA SER D 215 30.73 -6.70 -52.77
C SER D 215 30.14 -5.30 -52.74
N TRP D 216 29.44 -5.00 -51.65
CA TRP D 216 28.82 -3.70 -51.43
C TRP D 216 29.07 -3.29 -49.99
N LYS D 217 29.99 -2.36 -49.78
CA LYS D 217 30.35 -1.90 -48.45
C LYS D 217 29.36 -0.84 -48.01
N ILE D 218 28.54 -1.15 -47.01
CA ILE D 218 27.55 -0.22 -46.50
C ILE D 218 28.26 0.76 -45.56
N ASN D 219 28.14 2.04 -45.87
CA ASN D 219 28.71 3.12 -45.06
C ASN D 219 27.57 3.95 -44.49
N LEU D 220 27.63 4.22 -43.19
CA LEU D 220 26.58 4.98 -42.53
C LEU D 220 26.74 6.47 -42.82
N PHE D 221 25.60 7.15 -42.96
CA PHE D 221 25.55 8.60 -43.12
C PHE D 221 24.67 9.26 -42.07
N MET D 222 23.58 8.60 -41.67
CA MET D 222 22.72 9.13 -40.62
C MET D 222 21.91 7.98 -40.04
N GLN D 223 21.91 7.87 -38.71
CA GLN D 223 21.19 6.82 -38.04
C GLN D 223 19.68 7.10 -38.07
N PHE D 224 18.91 6.12 -37.60
CA PHE D 224 17.46 6.25 -37.57
C PHE D 224 16.97 7.15 -36.43
N ARG D 225 17.78 7.35 -35.40
CA ARG D 225 17.38 8.23 -34.31
C ARG D 225 17.42 9.69 -34.73
N ASP D 226 18.34 10.05 -35.62
CA ASP D 226 18.47 11.42 -36.11
C ASP D 226 17.59 11.66 -37.33
N HIS D 227 16.29 11.34 -37.20
CA HIS D 227 15.32 11.54 -38.26
C HIS D 227 13.99 12.02 -37.71
N LEU D 228 14.01 12.70 -36.56
CA LEU D 228 12.78 13.16 -35.91
C LEU D 228 12.19 14.40 -36.55
N GLU D 229 12.84 14.97 -37.57
CA GLU D 229 12.34 16.15 -38.26
C GLU D 229 12.17 17.35 -37.31
N GLU D 230 13.06 17.44 -36.32
CA GLU D 230 13.09 18.57 -35.39
C GLU D 230 14.49 19.19 -35.33
N VAL D 231 15.52 18.35 -35.44
CA VAL D 231 16.90 18.81 -35.38
C VAL D 231 17.39 19.11 -36.79
N LEU D 232 18.45 19.92 -36.87
CA LEU D 232 19.05 20.29 -38.14
C LEU D 232 19.87 19.12 -38.65
N LYS D 233 19.36 18.41 -39.65
CA LYS D 233 20.08 17.28 -40.21
C LYS D 233 21.32 17.76 -40.96
N GLY D 234 22.19 16.81 -41.29
CA GLY D 234 23.43 17.08 -41.97
C GLY D 234 23.36 17.05 -43.49
N GLY D 235 22.17 16.87 -44.07
CA GLY D 235 21.99 16.83 -45.51
C GLY D 235 20.81 17.62 -46.00
N ASP D 236 20.02 18.21 -45.10
CA ASP D 236 18.85 18.97 -45.48
C ASP D 236 19.26 20.35 -45.98
N VAL D 237 18.85 20.70 -47.20
CA VAL D 237 19.16 22.01 -47.75
C VAL D 237 18.32 23.06 -47.04
N VAL D 238 18.94 24.19 -46.70
CA VAL D 238 18.31 25.27 -45.98
C VAL D 238 18.56 26.57 -46.75
N ARG D 239 18.11 27.68 -46.16
CA ARG D 239 18.31 29.01 -46.72
C ARG D 239 18.76 29.94 -45.62
N LEU D 240 19.68 30.84 -45.96
CA LEU D 240 20.23 31.81 -45.03
C LEU D 240 19.56 33.16 -45.24
N PHE D 241 19.25 33.84 -44.14
CA PHE D 241 18.56 35.12 -44.19
C PHE D 241 19.14 36.05 -43.14
N HIS D 242 19.51 37.26 -43.55
CA HIS D 242 20.06 38.26 -42.64
C HIS D 242 18.93 39.09 -42.07
N ALA D 243 18.90 39.20 -40.73
CA ALA D 243 17.79 39.88 -40.07
C ALA D 243 17.94 41.40 -40.12
N GLU D 244 19.17 41.91 -40.09
CA GLU D 244 19.36 43.37 -40.08
C GLU D 244 19.04 43.97 -41.44
N GLN D 245 19.67 43.44 -42.50
CA GLN D 245 19.45 43.96 -43.84
C GLN D 245 18.13 43.49 -44.44
N GLU D 246 17.54 42.42 -43.91
CA GLU D 246 16.27 41.89 -44.40
C GLU D 246 16.38 41.47 -45.87
N LYS D 247 17.34 40.59 -46.13
CA LYS D 247 17.57 40.10 -47.48
C LYS D 247 18.32 38.77 -47.40
N PHE D 248 18.21 37.99 -48.46
CA PHE D 248 18.86 36.68 -48.52
C PHE D 248 20.29 36.80 -49.02
N LEU D 249 21.01 35.69 -48.92
CA LEU D 249 22.39 35.57 -49.37
C LEU D 249 22.45 34.57 -50.50
N THR D 250 23.20 34.88 -51.55
CA THR D 250 23.30 33.99 -52.71
C THR D 250 24.68 34.15 -53.33
N CYS D 251 24.89 33.48 -54.45
CA CYS D 251 26.14 33.57 -55.18
C CYS D 251 25.86 33.35 -56.65
N ASP D 252 26.56 34.10 -57.51
CA ASP D 252 26.31 34.05 -58.94
C ASP D 252 27.55 34.50 -59.68
N GLU D 253 27.53 34.29 -61.00
CA GLU D 253 28.63 34.67 -61.87
C GLU D 253 28.36 36.05 -62.46
N TYR D 254 29.37 36.90 -62.44
CA TYR D 254 29.28 38.25 -62.97
C TYR D 254 30.66 38.68 -63.44
N LYS D 255 30.74 39.16 -64.69
CA LYS D 255 32.00 39.61 -65.28
C LYS D 255 33.05 38.52 -65.26
N GLY D 256 32.63 37.27 -65.41
CA GLY D 256 33.55 36.15 -65.36
C GLY D 256 34.12 35.86 -63.98
N LYS D 257 33.41 36.25 -62.93
CA LYS D 257 33.83 35.99 -61.55
C LYS D 257 32.64 35.45 -60.77
N LEU D 258 32.83 34.30 -60.12
CA LEU D 258 31.79 33.68 -59.30
C LEU D 258 31.87 34.29 -57.91
N GLN D 259 30.99 35.25 -57.63
CA GLN D 259 31.02 36.02 -56.39
C GLN D 259 29.81 35.68 -55.53
N VAL D 260 30.04 35.65 -54.21
CA VAL D 260 28.98 35.48 -53.21
C VAL D 260 28.61 36.87 -52.71
N PHE D 261 27.31 37.12 -52.57
CA PHE D 261 26.85 38.45 -52.19
C PHE D 261 25.46 38.37 -51.58
N LEU D 262 25.09 39.46 -50.91
CA LEU D 262 23.78 39.65 -50.31
C LEU D 262 23.02 40.64 -51.18
N ARG D 263 22.09 40.13 -51.99
CA ARG D 263 21.40 40.97 -52.96
C ARG D 263 20.56 42.04 -52.27
N THR D 264 20.66 43.27 -52.78
CA THR D 264 19.93 44.41 -52.22
C THR D 264 18.60 44.55 -52.96
N THR D 265 17.63 43.77 -52.54
CA THR D 265 16.30 43.78 -53.14
C THR D 265 15.48 44.96 -52.60
N LEU D 266 14.24 45.07 -53.08
CA LEU D 266 13.33 46.09 -52.58
C LEU D 266 12.93 45.78 -51.13
N ARG D 267 12.31 44.62 -50.92
CA ARG D 267 11.96 44.16 -49.59
C ARG D 267 11.84 42.64 -49.62
N GLN D 268 12.12 42.01 -48.49
CA GLN D 268 12.09 40.56 -48.40
C GLN D 268 11.71 40.16 -46.98
N SER D 269 10.82 39.18 -46.87
CA SER D 269 10.38 38.68 -45.58
C SER D 269 11.37 37.62 -45.09
N ALA D 270 11.03 36.96 -43.98
CA ALA D 270 11.88 35.91 -43.40
C ALA D 270 11.49 34.51 -43.86
N THR D 271 10.37 34.36 -44.57
CA THR D 271 9.93 33.05 -45.05
C THR D 271 9.39 33.10 -46.47
N SER D 272 9.54 34.21 -47.18
CA SER D 272 9.05 34.31 -48.55
C SER D 272 9.98 33.57 -49.50
N ALA D 273 9.41 33.12 -50.62
CA ALA D 273 10.19 32.38 -51.60
C ALA D 273 11.15 33.31 -52.34
N THR D 274 12.16 32.71 -52.96
CA THR D 274 13.17 33.44 -53.72
C THR D 274 13.57 32.58 -54.91
N SER D 275 14.61 33.01 -55.61
CA SER D 275 15.09 32.30 -56.79
C SER D 275 15.85 31.05 -56.37
N SER D 276 16.24 30.26 -57.37
CA SER D 276 16.97 29.01 -57.14
C SER D 276 18.48 29.24 -57.15
N ASN D 277 18.94 30.21 -56.35
CA ASN D 277 20.36 30.48 -56.19
C ASN D 277 20.75 30.78 -54.75
N ALA D 278 19.81 30.81 -53.81
CA ALA D 278 20.09 31.13 -52.42
C ALA D 278 20.03 29.91 -51.51
N LEU D 279 19.79 28.72 -52.04
CA LEU D 279 19.75 27.52 -51.23
C LEU D 279 21.17 27.06 -50.91
N TRP D 280 21.35 26.48 -49.73
CA TRP D 280 22.65 26.00 -49.28
C TRP D 280 22.47 24.66 -48.60
N GLU D 281 23.26 23.68 -49.01
CA GLU D 281 23.30 22.37 -48.37
C GLU D 281 24.37 22.36 -47.28
N VAL D 282 23.96 22.02 -46.07
CA VAL D 282 24.86 21.96 -44.93
C VAL D 282 25.50 20.58 -44.89
N GLU D 283 26.70 20.53 -44.33
CA GLU D 283 27.42 19.26 -44.18
C GLU D 283 28.32 19.37 -42.97
N VAL D 284 28.00 18.60 -41.93
CA VAL D 284 28.85 18.54 -40.74
C VAL D 284 30.00 17.59 -41.02
N VAL D 285 31.20 17.96 -40.55
CA VAL D 285 32.41 17.16 -40.78
C VAL D 285 32.69 16.35 -39.53
N HIS D 286 33.20 15.14 -39.75
CA HIS D 286 33.57 14.22 -38.68
C HIS D 286 34.91 13.59 -39.04
N HIS D 287 35.42 12.74 -38.13
CA HIS D 287 36.65 12.02 -38.43
C HIS D 287 36.48 11.10 -39.63
N ASP D 288 35.28 10.54 -39.80
CA ASP D 288 34.97 9.71 -40.97
C ASP D 288 34.50 10.61 -42.12
N PRO D 289 34.92 10.40 -43.36
CA PRO D 289 34.51 11.31 -44.44
C PRO D 289 33.15 11.01 -45.06
N CYS D 290 32.36 10.12 -44.45
CA CYS D 290 31.05 9.75 -44.98
C CYS D 290 29.95 9.79 -43.93
N ARG D 291 30.24 10.22 -42.70
CA ARG D 291 29.26 10.28 -41.63
C ARG D 291 28.66 11.69 -41.55
N GLY D 292 27.68 11.85 -40.67
CA GLY D 292 27.04 13.13 -40.49
C GLY D 292 25.71 12.95 -39.78
N GLY D 293 24.93 14.04 -39.79
CA GLY D 293 23.59 14.01 -39.25
C GLY D 293 23.46 14.56 -37.85
N ALA D 294 22.73 15.67 -37.73
CA ALA D 294 22.38 16.27 -36.43
C ALA D 294 23.64 16.64 -35.64
N GLY D 295 24.40 17.57 -36.20
CA GLY D 295 25.58 18.07 -35.52
C GLY D 295 25.21 19.00 -34.37
N HIS D 296 26.01 18.93 -33.31
CA HIS D 296 25.79 19.75 -32.14
C HIS D 296 26.42 21.13 -32.34
N TRP D 297 26.33 21.97 -31.30
CA TRP D 297 26.87 23.33 -31.38
C TRP D 297 28.40 23.33 -31.46
N ASN D 298 29.05 22.29 -30.95
CA ASN D 298 30.50 22.19 -30.97
C ASN D 298 31.05 21.61 -32.27
N GLY D 299 30.19 21.20 -33.19
CA GLY D 299 30.65 20.58 -34.43
C GLY D 299 31.09 21.59 -35.47
N LEU D 300 31.81 21.07 -36.46
CA LEU D 300 32.32 21.88 -37.57
C LEU D 300 31.44 21.66 -38.79
N TYR D 301 31.08 22.76 -39.45
CA TYR D 301 30.12 22.77 -40.54
C TYR D 301 30.77 23.24 -41.83
N ARG D 302 30.12 22.92 -42.95
CA ARG D 302 30.47 23.43 -44.25
C ARG D 302 29.20 23.64 -45.05
N PHE D 303 29.27 24.54 -46.02
CA PHE D 303 28.13 24.91 -46.86
C PHE D 303 28.46 24.67 -48.32
N LYS D 304 27.46 24.22 -49.08
CA LYS D 304 27.60 23.97 -50.50
C LYS D 304 26.45 24.63 -51.25
N HIS D 305 26.73 25.14 -52.44
CA HIS D 305 25.70 25.74 -53.28
C HIS D 305 25.03 24.66 -54.11
N LEU D 306 23.70 24.78 -54.25
CA LEU D 306 22.92 23.74 -54.91
C LEU D 306 23.18 23.75 -56.42
N ALA D 307 23.24 24.93 -57.03
CA ALA D 307 23.41 25.02 -58.48
C ALA D 307 24.84 24.67 -58.89
N THR D 308 25.80 25.46 -58.41
CA THR D 308 27.21 25.26 -58.72
C THR D 308 27.88 24.47 -57.61
N GLY D 309 28.88 23.68 -57.98
CA GLY D 309 29.62 22.89 -57.02
C GLY D 309 30.75 23.66 -56.38
N ASN D 310 30.41 24.74 -55.68
CA ASN D 310 31.38 25.60 -55.00
C ASN D 310 30.98 25.79 -53.55
N TYR D 311 31.98 25.99 -52.71
CA TYR D 311 31.79 26.21 -51.28
C TYR D 311 32.18 27.64 -50.93
N LEU D 312 31.63 28.12 -49.81
CA LEU D 312 31.98 29.43 -49.28
C LEU D 312 33.17 29.30 -48.34
N ALA D 313 34.05 30.31 -48.36
CA ALA D 313 35.23 30.29 -47.51
C ALA D 313 35.71 31.72 -47.32
N ALA D 314 36.78 31.87 -46.54
CA ALA D 314 37.39 33.16 -46.29
C ALA D 314 38.48 33.43 -47.33
N GLU D 315 38.78 34.72 -47.50
CA GLU D 315 39.77 35.16 -48.48
C GLU D 315 40.53 36.35 -47.87
N GLU D 316 41.28 37.04 -48.71
CA GLU D 316 42.06 38.22 -48.31
C GLU D 316 41.72 39.38 -49.23
N ASN D 317 41.36 40.51 -48.63
CA ASN D 317 41.05 41.73 -49.36
C ASN D 317 41.64 42.91 -48.61
N PRO D 318 41.95 44.02 -49.31
CA PRO D 318 42.54 45.16 -48.60
C PRO D 318 41.52 45.92 -47.76
N LYS D 348 37.25 44.17 -43.65
CA LYS D 348 38.69 43.98 -43.82
C LYS D 348 38.96 43.00 -44.96
N TYR D 349 38.74 41.72 -44.70
CA TYR D 349 38.83 40.67 -45.70
C TYR D 349 37.56 39.84 -45.67
N CYS D 350 36.91 39.71 -46.83
CA CYS D 350 35.58 39.14 -46.94
C CYS D 350 35.65 37.71 -47.47
N LEU D 351 34.48 37.14 -47.72
CA LEU D 351 34.36 35.76 -48.14
C LEU D 351 34.55 35.62 -49.65
N VAL D 352 34.58 34.38 -50.12
CA VAL D 352 34.76 34.09 -51.54
C VAL D 352 34.35 32.65 -51.78
N ALA D 353 34.02 32.35 -53.04
CA ALA D 353 33.65 31.01 -53.45
C ALA D 353 34.90 30.26 -53.93
N VAL D 354 35.11 29.06 -53.40
CA VAL D 354 36.23 28.20 -53.77
C VAL D 354 35.67 26.86 -54.24
N PRO D 355 36.23 26.22 -55.28
CA PRO D 355 35.70 24.92 -55.71
C PRO D 355 36.17 23.78 -54.82
N HIS D 356 37.41 23.87 -54.35
CA HIS D 356 37.98 22.82 -53.51
C HIS D 356 37.46 22.96 -52.09
N GLY D 357 37.05 21.83 -51.50
CA GLY D 357 36.49 21.80 -50.17
C GLY D 357 37.35 21.08 -49.15
N ASN D 358 38.38 20.36 -49.62
CA ASN D 358 39.24 19.61 -48.71
C ASN D 358 40.09 20.52 -47.83
N ASP D 359 40.30 21.77 -48.22
CA ASP D 359 41.12 22.68 -47.44
C ASP D 359 40.41 23.06 -46.14
N ILE D 360 41.21 23.42 -45.14
CA ILE D 360 40.65 23.81 -43.84
C ILE D 360 40.15 25.25 -43.81
N ALA D 361 40.38 26.02 -44.86
CA ALA D 361 39.97 27.42 -44.90
C ALA D 361 38.49 27.61 -45.22
N SER D 362 37.73 26.52 -45.43
CA SER D 362 36.32 26.59 -45.78
C SER D 362 35.42 26.08 -44.66
N LEU D 363 35.94 25.97 -43.44
CA LEU D 363 35.17 25.50 -42.30
C LEU D 363 34.58 26.68 -41.53
N PHE D 364 33.57 26.37 -40.73
CA PHE D 364 32.90 27.37 -39.90
C PHE D 364 32.45 26.72 -38.60
N GLU D 365 32.00 27.56 -37.67
CA GLU D 365 31.47 27.10 -36.39
C GLU D 365 30.24 27.92 -36.06
N LEU D 366 29.25 27.27 -35.44
CA LEU D 366 28.01 27.91 -35.06
C LEU D 366 28.07 28.37 -33.61
N ASP D 367 27.41 29.49 -33.34
CA ASP D 367 27.28 30.04 -31.99
C ASP D 367 25.81 30.32 -31.76
N PRO D 368 25.19 29.79 -30.69
CA PRO D 368 23.75 29.93 -30.53
C PRO D 368 23.39 31.28 -29.89
N THR D 369 22.10 31.45 -29.65
CA THR D 369 21.59 32.63 -28.96
C THR D 369 20.41 32.22 -28.10
N THR D 370 19.97 33.14 -27.24
CA THR D 370 18.81 32.92 -26.37
C THR D 370 19.05 31.82 -25.35
N LEU D 371 20.31 31.58 -24.99
CA LEU D 371 20.69 30.65 -23.93
C LEU D 371 20.19 29.23 -24.23
N GLN D 372 20.69 28.67 -25.33
CA GLN D 372 20.35 27.31 -25.70
C GLN D 372 21.13 26.30 -24.84
N LYS D 373 20.58 25.10 -24.73
CA LYS D 373 21.22 24.06 -23.94
C LYS D 373 22.48 23.57 -24.65
N THR D 374 23.59 23.56 -23.92
CA THR D 374 24.86 23.14 -24.49
C THR D 374 24.91 21.63 -24.67
N ASP D 375 25.64 21.19 -25.69
CA ASP D 375 25.79 19.77 -26.01
C ASP D 375 24.44 19.13 -26.29
N SER D 376 23.64 19.80 -27.12
CA SER D 376 22.31 19.33 -27.50
C SER D 376 22.14 19.55 -29.00
N PHE D 377 21.03 19.02 -29.53
CA PHE D 377 20.76 19.14 -30.95
C PHE D 377 20.31 20.55 -31.30
N VAL D 378 20.73 21.01 -32.48
CA VAL D 378 20.36 22.34 -32.96
C VAL D 378 18.91 22.30 -33.41
N PRO D 379 18.02 23.14 -32.90
CA PRO D 379 16.61 23.06 -33.33
C PRO D 379 16.41 23.63 -34.73
N ARG D 380 15.28 23.27 -35.31
CA ARG D 380 14.94 23.72 -36.66
C ARG D 380 14.47 25.16 -36.63
N ASN D 381 14.88 25.93 -37.65
CA ASN D 381 14.45 27.32 -37.82
C ASN D 381 14.85 28.16 -36.61
N SER D 382 16.15 28.17 -36.34
CA SER D 382 16.71 28.90 -35.21
C SER D 382 17.86 29.78 -35.68
N TYR D 383 18.02 30.91 -35.00
CA TYR D 383 19.08 31.86 -35.32
C TYR D 383 20.42 31.36 -34.80
N VAL D 384 21.49 31.77 -35.49
CA VAL D 384 22.85 31.35 -35.12
C VAL D 384 23.82 32.35 -35.71
N ARG D 385 25.03 32.39 -35.17
CA ARG D 385 26.11 33.22 -35.67
C ARG D 385 27.23 32.32 -36.18
N LEU D 386 27.75 32.64 -37.36
CA LEU D 386 28.81 31.87 -38.00
C LEU D 386 30.16 32.53 -37.71
N ARG D 387 31.11 31.72 -37.24
CA ARG D 387 32.46 32.18 -36.92
C ARG D 387 33.48 31.34 -37.68
N HIS D 388 34.49 32.00 -38.23
CA HIS D 388 35.54 31.30 -38.95
C HIS D 388 36.52 30.66 -37.97
N LEU D 389 37.04 29.49 -38.35
CA LEU D 389 37.93 28.71 -37.50
C LEU D 389 39.40 28.89 -37.84
N CYS D 390 39.73 29.25 -39.08
CA CYS D 390 41.13 29.35 -39.48
C CYS D 390 41.76 30.64 -38.99
N THR D 391 41.00 31.74 -38.99
CA THR D 391 41.49 33.05 -38.58
C THR D 391 40.77 33.62 -37.36
N ASN D 392 39.68 33.00 -36.91
CA ASN D 392 38.95 33.46 -35.73
C ASN D 392 38.44 34.88 -35.93
N THR D 393 37.57 35.05 -36.92
CA THR D 393 36.93 36.31 -37.24
C THR D 393 35.42 36.12 -37.19
N TRP D 394 34.71 37.25 -37.17
CA TRP D 394 33.25 37.28 -37.13
C TRP D 394 32.74 38.00 -38.36
N ILE D 395 31.83 37.36 -39.08
CA ILE D 395 31.31 37.92 -40.32
C ILE D 395 30.23 38.94 -40.02
N GLN D 396 30.15 39.96 -40.87
CA GLN D 396 29.19 41.04 -40.71
C GLN D 396 28.79 41.57 -42.07
N SER D 397 27.61 42.19 -42.12
CA SER D 397 27.05 42.73 -43.36
C SER D 397 27.53 44.17 -43.53
N THR D 398 28.29 44.41 -44.59
CA THR D 398 28.81 45.73 -44.89
C THR D 398 27.83 46.47 -45.81
N ASN D 399 28.17 47.73 -46.12
CA ASN D 399 27.38 48.57 -47.01
C ASN D 399 28.10 48.94 -48.29
N VAL D 400 29.33 48.47 -48.49
CA VAL D 400 30.11 48.81 -49.69
C VAL D 400 29.61 47.95 -50.85
N PRO D 401 29.05 48.52 -51.92
CA PRO D 401 28.64 47.66 -53.05
C PRO D 401 29.85 47.10 -53.79
N ILE D 402 29.65 45.94 -54.40
CA ILE D 402 30.68 45.25 -55.16
C ILE D 402 30.39 45.44 -56.64
N ASP D 403 31.35 45.98 -57.38
CA ASP D 403 31.21 46.24 -58.81
C ASP D 403 30.04 47.18 -59.08
N ILE D 404 30.11 48.36 -58.45
CA ILE D 404 29.07 49.38 -58.57
C ILE D 404 29.42 50.19 -59.82
N GLU D 405 28.85 49.78 -60.95
CA GLU D 405 29.05 50.43 -62.24
C GLU D 405 27.75 50.88 -62.89
N GLU D 406 26.69 50.10 -62.75
CA GLU D 406 25.39 50.42 -63.33
C GLU D 406 24.54 51.15 -62.29
N GLU D 407 23.39 51.65 -62.76
CA GLU D 407 22.48 52.38 -61.90
C GLU D 407 21.70 51.41 -61.01
N ARG D 408 21.57 51.78 -59.73
CA ARG D 408 20.87 50.97 -58.75
C ARG D 408 21.52 49.59 -58.64
N PRO D 409 22.73 49.51 -58.11
CA PRO D 409 23.42 48.21 -58.04
C PRO D 409 22.74 47.26 -57.07
N ILE D 410 23.03 45.97 -57.27
CA ILE D 410 22.45 44.90 -56.48
C ILE D 410 23.50 44.19 -55.64
N ARG D 411 24.68 43.95 -56.20
CA ARG D 411 25.69 43.13 -55.56
C ARG D 411 26.48 43.97 -54.55
N LEU D 412 26.46 43.53 -53.29
CA LEU D 412 27.30 44.11 -52.24
C LEU D 412 27.93 42.98 -51.44
N MET D 413 29.16 43.22 -50.98
CA MET D 413 29.96 42.22 -50.29
C MET D 413 29.86 42.38 -48.78
N LEU D 414 30.14 41.28 -48.08
CA LEU D 414 30.16 41.26 -46.63
C LEU D 414 31.57 41.58 -46.14
N GLY D 415 31.83 41.37 -44.85
CA GLY D 415 33.17 41.58 -44.32
C GLY D 415 33.37 40.74 -43.08
N THR D 416 34.61 40.78 -42.59
CA THR D 416 35.01 40.06 -41.39
C THR D 416 35.71 41.01 -40.44
N CYS D 417 35.27 41.01 -39.18
CA CYS D 417 35.84 41.82 -38.12
C CYS D 417 36.35 40.91 -37.00
N PRO D 418 37.54 41.19 -36.42
CA PRO D 418 37.97 40.36 -35.28
C PRO D 418 37.13 40.56 -34.03
N THR D 419 36.40 41.67 -33.92
CA THR D 419 35.61 41.93 -32.73
C THR D 419 34.36 41.05 -32.71
N LYS D 420 33.79 40.89 -31.52
CA LYS D 420 32.59 40.09 -31.34
C LYS D 420 31.39 40.87 -31.83
N GLU D 421 30.84 40.45 -32.96
CA GLU D 421 29.67 41.10 -33.52
C GLU D 421 28.41 40.68 -32.77
N ASP D 422 27.50 41.62 -32.57
CA ASP D 422 26.25 41.40 -31.86
C ASP D 422 25.03 41.72 -32.71
N LYS D 423 25.10 42.77 -33.54
CA LYS D 423 23.96 43.13 -34.39
C LYS D 423 23.85 42.22 -35.60
N GLU D 424 24.97 41.87 -36.21
CA GLU D 424 24.98 41.02 -37.38
C GLU D 424 24.72 39.57 -36.97
N ALA D 425 23.60 39.02 -37.43
CA ALA D 425 23.23 37.65 -37.11
C ALA D 425 22.40 37.08 -38.26
N PHE D 426 22.70 35.84 -38.62
CA PHE D 426 22.00 35.14 -39.69
C PHE D 426 20.89 34.27 -39.12
N ALA D 427 20.07 33.74 -40.02
CA ALA D 427 18.95 32.88 -39.67
C ALA D 427 18.87 31.77 -40.70
N ILE D 428 18.91 30.53 -40.22
CA ILE D 428 18.74 29.35 -41.06
C ILE D 428 17.27 28.97 -41.05
N VAL D 429 16.67 28.89 -42.24
CA VAL D 429 15.28 28.49 -42.39
C VAL D 429 15.26 27.25 -43.28
N SER D 430 14.53 26.24 -42.85
CA SER D 430 14.45 24.97 -43.56
C SER D 430 13.34 25.01 -44.61
N VAL D 431 13.46 24.12 -45.59
CA VAL D 431 12.48 23.97 -46.66
C VAL D 431 12.13 22.49 -46.76
N PRO D 432 10.90 22.12 -47.14
CA PRO D 432 10.61 20.69 -47.33
C PRO D 432 11.38 20.12 -48.51
N VAL D 433 11.53 18.79 -48.49
CA VAL D 433 12.24 18.10 -49.55
C VAL D 433 11.42 18.04 -50.84
N SER D 434 10.10 18.19 -50.75
CA SER D 434 9.28 18.15 -51.96
C SER D 434 9.60 19.30 -52.89
N GLU D 435 9.87 20.49 -52.33
CA GLU D 435 10.23 21.63 -53.15
C GLU D 435 11.57 21.39 -53.85
N ILE D 436 12.52 20.77 -53.16
CA ILE D 436 13.82 20.49 -53.77
C ILE D 436 13.66 19.44 -54.86
N ARG D 437 12.81 18.45 -54.63
CA ARG D 437 12.54 17.44 -55.64
C ARG D 437 11.92 18.07 -56.89
N ASP D 438 10.96 18.98 -56.69
CA ASP D 438 10.37 19.67 -57.82
C ASP D 438 11.41 20.52 -58.56
N LEU D 439 12.28 21.19 -57.80
CA LEU D 439 13.29 22.06 -58.40
C LEU D 439 14.24 21.25 -59.29
N ASP D 440 14.88 20.23 -58.72
CA ASP D 440 15.84 19.49 -59.52
C ASP D 440 15.15 18.62 -60.57
N PHE D 441 13.87 18.28 -60.38
CA PHE D 441 13.12 17.63 -61.45
C PHE D 441 12.96 18.55 -62.63
N ALA D 442 12.57 19.81 -62.37
CA ALA D 442 12.45 20.79 -63.45
C ALA D 442 13.80 21.04 -64.11
N ASN D 443 14.87 21.03 -63.32
CA ASN D 443 16.20 21.27 -63.89
C ASN D 443 16.62 20.13 -64.81
N ASP D 444 16.41 18.88 -64.37
CA ASP D 444 16.73 17.74 -65.21
C ASP D 444 15.85 17.70 -66.45
N ALA D 445 14.58 18.11 -66.32
CA ALA D 445 13.71 18.16 -67.48
C ALA D 445 14.19 19.22 -68.47
N SER D 446 14.67 20.35 -67.96
CA SER D 446 15.23 21.38 -68.82
C SER D 446 16.46 20.87 -69.55
N SER D 447 17.32 20.13 -68.86
CA SER D 447 18.49 19.56 -69.51
C SER D 447 18.10 18.55 -70.58
N MET D 448 17.11 17.70 -70.29
CA MET D 448 16.66 16.72 -71.26
C MET D 448 16.05 17.39 -72.48
N LEU D 449 15.24 18.44 -72.27
CA LEU D 449 14.66 19.14 -73.40
C LEU D 449 15.71 19.92 -74.17
N ALA D 450 16.79 20.36 -73.51
CA ALA D 450 17.89 20.99 -74.21
C ALA D 450 18.59 19.99 -75.12
N SER D 451 18.84 18.78 -74.62
CA SER D 451 19.39 17.73 -75.47
C SER D 451 18.45 17.41 -76.62
N ALA D 452 17.14 17.39 -76.36
CA ALA D 452 16.17 17.06 -77.39
C ALA D 452 16.13 18.11 -78.49
N VAL D 453 16.07 19.39 -78.11
CA VAL D 453 16.02 20.45 -79.10
C VAL D 453 17.34 20.56 -79.84
N GLU D 454 18.45 20.22 -79.18
CA GLU D 454 19.74 20.16 -79.87
C GLU D 454 19.71 19.08 -80.95
N LYS D 455 19.22 17.89 -80.60
CA LYS D 455 19.13 16.81 -81.58
C LYS D 455 18.18 17.18 -82.72
N LEU D 456 17.11 17.91 -82.41
CA LEU D 456 16.13 18.26 -83.44
C LEU D 456 16.69 19.32 -84.38
N ASN D 457 17.33 20.36 -83.84
CA ASN D 457 17.97 21.34 -84.69
C ASN D 457 19.10 20.74 -85.50
N GLU D 458 19.76 19.71 -84.96
CA GLU D 458 20.72 18.96 -85.76
C GLU D 458 20.03 18.13 -86.83
N GLY D 459 18.87 17.57 -86.51
CA GLY D 459 18.05 16.85 -87.46
C GLY D 459 18.32 15.36 -87.46
N PHE D 460 17.35 14.60 -87.97
CA PHE D 460 17.46 13.16 -88.13
C PHE D 460 17.68 12.46 -86.78
N ILE D 461 16.68 12.58 -85.92
CA ILE D 461 16.70 11.92 -84.62
C ILE D 461 16.39 10.44 -84.81
N SER D 462 16.62 9.64 -83.77
CA SER D 462 16.26 8.23 -83.80
C SER D 462 14.77 8.05 -83.50
N GLN D 463 14.21 6.96 -84.02
CA GLN D 463 12.82 6.65 -83.74
C GLN D 463 12.60 6.23 -82.30
N ASN D 464 13.64 5.77 -81.60
CA ASN D 464 13.48 5.33 -80.22
C ASN D 464 13.46 6.50 -79.24
N ASP D 465 14.18 7.59 -79.54
CA ASP D 465 14.25 8.74 -78.65
C ASP D 465 13.16 9.77 -78.96
N ARG D 466 11.93 9.29 -79.09
CA ARG D 466 10.74 10.14 -79.18
C ARG D 466 9.74 9.81 -78.08
N ARG D 467 9.41 8.53 -77.90
CA ARG D 467 8.38 8.13 -76.94
C ARG D 467 8.73 8.58 -75.53
N PHE D 468 9.99 8.43 -75.15
CA PHE D 468 10.48 8.95 -73.86
C PHE D 468 10.07 10.40 -73.68
N VAL D 469 10.35 11.23 -74.70
CA VAL D 469 9.99 12.65 -74.64
C VAL D 469 8.50 12.81 -74.40
N ILE D 470 7.69 12.01 -75.11
CA ILE D 470 6.25 12.07 -74.92
C ILE D 470 5.91 11.82 -73.46
N GLN D 471 6.46 10.74 -72.90
CA GLN D 471 6.25 10.43 -71.49
C GLN D 471 6.68 11.60 -70.62
N LEU D 472 7.84 12.19 -70.92
CA LEU D 472 8.30 13.36 -70.16
C LEU D 472 7.27 14.47 -70.21
N LEU D 473 6.77 14.77 -71.43
CA LEU D 473 5.74 15.80 -71.55
C LEU D 473 4.52 15.43 -70.74
N GLU D 474 4.12 14.16 -70.79
CA GLU D 474 2.99 13.72 -69.96
C GLU D 474 3.29 13.96 -68.50
N ASP D 475 4.49 13.56 -68.05
CA ASP D 475 4.88 13.81 -66.67
C ASP D 475 4.87 15.30 -66.38
N LEU D 476 5.32 16.11 -67.35
CA LEU D 476 5.32 17.55 -67.16
C LEU D 476 3.92 18.07 -66.89
N VAL D 477 2.92 17.53 -67.61
CA VAL D 477 1.55 17.91 -67.34
C VAL D 477 1.18 17.55 -65.92
N PHE D 478 1.47 16.31 -65.52
CA PHE D 478 1.19 15.89 -64.16
C PHE D 478 2.12 16.54 -63.14
N PHE D 479 3.13 17.29 -63.59
CA PHE D 479 3.91 18.12 -62.69
C PHE D 479 3.31 19.51 -62.51
N VAL D 480 2.57 20.01 -63.50
CA VAL D 480 2.11 21.40 -63.48
C VAL D 480 0.74 21.47 -62.83
N SER D 481 -0.23 20.74 -63.38
CA SER D 481 -1.60 20.82 -62.90
C SER D 481 -1.79 20.22 -61.51
N ASP D 482 -0.78 19.53 -60.97
CA ASP D 482 -0.85 18.94 -59.63
C ASP D 482 -1.94 17.88 -59.53
N VAL D 483 -2.30 17.27 -60.65
CA VAL D 483 -3.31 16.22 -60.69
C VAL D 483 -2.59 14.88 -60.78
N PRO D 484 -3.06 13.81 -60.11
CA PRO D 484 -2.41 12.50 -60.30
C PRO D 484 -2.68 11.96 -61.69
N ASN D 485 -1.90 10.96 -62.06
CA ASN D 485 -2.03 10.30 -63.36
C ASN D 485 -3.25 9.38 -63.31
N ASN D 486 -4.39 9.91 -63.73
CA ASN D 486 -5.67 9.23 -63.60
C ASN D 486 -6.26 8.82 -64.96
N GLY D 487 -6.48 9.76 -65.87
CA GLY D 487 -7.13 9.44 -67.13
C GLY D 487 -6.75 10.27 -68.34
N GLN D 488 -6.26 9.57 -69.37
CA GLN D 488 -6.23 10.05 -70.76
C GLN D 488 -5.17 11.09 -71.08
N ASN D 489 -4.52 11.66 -70.05
CA ASN D 489 -3.31 12.51 -70.19
C ASN D 489 -3.45 13.61 -71.25
N VAL D 490 -4.69 14.01 -71.60
CA VAL D 490 -4.91 14.87 -72.76
C VAL D 490 -5.16 16.31 -72.30
N LEU D 491 -6.23 16.51 -71.54
CA LEU D 491 -6.61 17.84 -71.06
C LEU D 491 -7.19 17.69 -69.66
N ASP D 492 -6.49 18.25 -68.67
CA ASP D 492 -6.93 18.16 -67.28
C ASP D 492 -8.08 19.14 -67.07
N ILE D 493 -9.29 18.62 -66.97
CA ILE D 493 -10.45 19.46 -66.72
C ILE D 493 -10.36 20.11 -65.34
N MET D 494 -9.64 19.47 -64.41
CA MET D 494 -9.44 20.05 -63.09
C MET D 494 -8.45 21.21 -63.20
N VAL D 495 -8.98 22.42 -63.33
CA VAL D 495 -8.17 23.62 -63.55
C VAL D 495 -8.20 24.50 -62.31
N THR D 496 -8.31 23.88 -61.14
CA THR D 496 -8.34 24.63 -59.89
C THR D 496 -7.04 25.40 -59.69
N LYS D 497 -7.03 26.22 -58.63
CA LYS D 497 -5.92 27.11 -58.32
C LYS D 497 -4.62 26.30 -58.18
N PRO D 498 -3.67 26.38 -59.11
CA PRO D 498 -2.47 25.56 -59.01
C PRO D 498 -1.50 26.12 -57.98
N ASN D 499 -0.43 25.35 -57.74
CA ASN D 499 0.60 25.76 -56.79
C ASN D 499 1.43 26.88 -57.41
N ARG D 500 1.42 28.05 -56.77
CA ARG D 500 2.22 29.16 -57.26
C ARG D 500 3.71 28.85 -57.17
N GLU D 501 4.13 28.03 -56.21
CA GLU D 501 5.53 27.65 -56.10
C GLU D 501 5.98 26.85 -57.31
N ARG D 502 5.12 25.94 -57.79
CA ARG D 502 5.48 25.14 -58.96
C ARG D 502 5.53 26.01 -60.22
N GLN D 503 4.62 26.97 -60.34
CA GLN D 503 4.66 27.89 -61.47
C GLN D 503 5.93 28.74 -61.43
N LYS D 504 6.32 29.20 -60.25
CA LYS D 504 7.55 29.97 -60.12
C LYS D 504 8.77 29.11 -60.46
N LEU D 505 8.74 27.83 -60.06
CA LEU D 505 9.83 26.93 -60.40
C LEU D 505 9.91 26.73 -61.92
N MET D 506 8.76 26.62 -62.58
CA MET D 506 8.74 26.46 -64.02
C MET D 506 9.25 27.72 -64.72
N ARG D 507 8.90 28.90 -64.20
CA ARG D 507 9.31 30.14 -64.83
C ARG D 507 10.79 30.44 -64.60
N GLU D 508 11.32 30.08 -63.42
CA GLU D 508 12.68 30.45 -63.05
C GLU D 508 13.71 29.41 -63.46
N GLN D 509 13.34 28.13 -63.51
CA GLN D 509 14.29 27.07 -63.85
C GLN D 509 14.56 26.98 -65.35
N ASN D 510 14.01 27.89 -66.16
CA ASN D 510 14.34 27.99 -67.58
C ASN D 510 13.92 26.73 -68.34
N ILE D 511 12.62 26.46 -68.32
CA ILE D 511 12.01 25.44 -69.17
C ILE D 511 11.20 26.04 -70.31
N LEU D 512 10.72 27.28 -70.17
CA LEU D 512 9.89 27.87 -71.22
C LEU D 512 10.68 28.11 -72.49
N LYS D 513 11.96 28.45 -72.37
CA LYS D 513 12.80 28.59 -73.56
C LYS D 513 12.94 27.26 -74.27
N GLN D 514 13.02 26.16 -73.51
CA GLN D 514 13.20 24.84 -74.13
C GLN D 514 11.94 24.37 -74.83
N VAL D 515 10.77 24.66 -74.27
CA VAL D 515 9.53 24.25 -74.94
C VAL D 515 9.26 25.18 -76.13
N PHE D 516 9.66 26.45 -76.06
CA PHE D 516 9.61 27.27 -77.26
C PHE D 516 10.54 26.71 -78.33
N GLY D 517 11.70 26.19 -77.91
CA GLY D 517 12.63 25.62 -78.87
C GLY D 517 12.10 24.37 -79.53
N ILE D 518 11.50 23.47 -78.75
CA ILE D 518 10.94 22.25 -79.33
C ILE D 518 9.67 22.54 -80.12
N LEU D 519 9.00 23.66 -79.85
CA LEU D 519 7.87 24.07 -80.68
C LEU D 519 8.33 24.68 -82.00
N LYS D 520 9.45 25.40 -81.99
CA LYS D 520 9.92 26.12 -83.16
C LYS D 520 10.82 25.29 -84.06
N ALA D 521 11.47 24.25 -83.53
CA ALA D 521 12.40 23.47 -84.35
C ALA D 521 11.70 22.73 -85.48
N PRO D 522 10.70 21.88 -85.23
CA PRO D 522 10.03 21.20 -86.35
C PRO D 522 9.26 22.15 -87.25
N PHE D 523 8.92 23.36 -86.77
CA PHE D 523 8.31 24.36 -87.63
C PHE D 523 9.26 24.84 -88.71
N ARG D 524 10.58 24.64 -88.54
CA ARG D 524 11.54 25.02 -89.55
C ARG D 524 11.44 24.07 -90.75
N GLU D 525 12.32 24.27 -91.73
CA GLU D 525 12.28 23.49 -92.95
C GLU D 525 12.61 22.02 -92.67
N LYS D 526 12.10 21.15 -93.54
CA LYS D 526 12.36 19.71 -93.52
C LYS D 526 11.85 19.02 -92.25
N GLY D 527 10.95 19.67 -91.50
CA GLY D 527 10.40 19.07 -90.30
C GLY D 527 9.16 18.25 -90.56
N GLY D 528 8.24 18.80 -91.34
CA GLY D 528 6.99 18.15 -91.65
C GLY D 528 5.88 19.18 -91.77
N GLU D 529 4.91 18.89 -92.64
CA GLU D 529 3.79 19.78 -92.94
C GLU D 529 2.44 19.14 -92.69
N GLY D 530 2.26 17.88 -93.07
CA GLY D 530 0.97 17.21 -92.99
C GLY D 530 0.99 16.07 -92.00
N PRO D 531 0.08 16.08 -91.00
CA PRO D 531 0.04 14.88 -90.15
C PRO D 531 -0.46 13.65 -90.89
N GLN D 541 -1.42 9.89 -90.55
CA GLN D 541 -0.89 8.83 -89.70
C GLN D 541 0.62 8.68 -89.80
N LYS D 542 1.29 9.62 -90.48
CA LYS D 542 2.74 9.58 -90.64
C LYS D 542 3.47 10.36 -89.56
N ASN D 543 2.80 11.32 -88.91
CA ASN D 543 3.38 12.13 -87.85
C ASN D 543 2.42 12.22 -86.67
N ALA D 544 1.75 11.12 -86.36
CA ALA D 544 0.80 11.08 -85.26
C ALA D 544 1.50 11.23 -83.91
N PRO D 545 2.65 10.59 -83.68
CA PRO D 545 3.40 10.94 -82.47
C PRO D 545 3.81 12.41 -82.40
N TYR D 546 4.15 13.01 -83.54
CA TYR D 546 4.47 14.43 -83.55
C TYR D 546 3.23 15.26 -83.24
N GLN D 547 2.06 14.85 -83.73
CA GLN D 547 0.82 15.52 -83.40
C GLN D 547 0.55 15.44 -81.89
N HIS D 548 0.76 14.26 -81.31
CA HIS D 548 0.58 14.11 -79.86
C HIS D 548 1.58 14.96 -79.09
N MET D 549 2.81 15.06 -79.61
CA MET D 549 3.82 15.90 -78.96
C MET D 549 3.40 17.36 -78.97
N PHE D 550 2.94 17.86 -80.11
CA PHE D 550 2.49 19.24 -80.18
C PHE D 550 1.27 19.48 -79.31
N ARG D 551 0.37 18.48 -79.24
CA ARG D 551 -0.82 18.61 -78.40
C ARG D 551 -0.42 18.71 -76.93
N LEU D 552 0.46 17.83 -76.47
CA LEU D 552 0.94 17.89 -75.09
C LEU D 552 1.68 19.19 -74.81
N CYS D 553 2.44 19.67 -75.81
CA CYS D 553 3.18 20.92 -75.65
C CYS D 553 2.23 22.09 -75.44
N TYR D 554 1.22 22.22 -76.30
CA TYR D 554 0.27 23.31 -76.16
C TYR D 554 -0.55 23.16 -74.88
N ARG D 555 -0.84 21.92 -74.47
CA ARG D 555 -1.59 21.72 -73.23
C ARG D 555 -0.79 22.20 -72.03
N VAL D 556 0.49 21.82 -71.96
CA VAL D 556 1.35 22.25 -70.86
C VAL D 556 1.54 23.76 -70.90
N LEU D 557 1.64 24.33 -72.11
CA LEU D 557 1.81 25.77 -72.25
C LEU D 557 0.58 26.53 -71.78
N ARG D 558 -0.60 26.00 -72.06
CA ARG D 558 -1.84 26.63 -71.57
C ARG D 558 -1.95 26.47 -70.05
N HIS D 559 -1.53 25.32 -69.53
CA HIS D 559 -1.57 25.12 -68.08
C HIS D 559 -0.59 26.02 -67.36
N SER D 560 0.52 26.39 -68.01
CA SER D 560 1.53 27.24 -67.41
C SER D 560 1.21 28.73 -67.49
N GLN D 561 0.01 29.10 -67.95
CA GLN D 561 -0.39 30.50 -68.12
C GLN D 561 -1.75 30.73 -67.48
N GLU D 562 -1.91 30.22 -66.25
CA GLU D 562 -3.17 30.30 -65.50
C GLU D 562 -2.93 31.11 -64.24
N ASP D 563 -3.46 32.34 -64.22
CA ASP D 563 -3.41 33.20 -63.03
C ASP D 563 -1.98 33.50 -62.62
N TYR D 564 -1.24 34.13 -63.54
CA TYR D 564 0.12 34.57 -63.24
C TYR D 564 0.51 35.64 -64.26
N ARG D 565 0.87 36.82 -63.75
CA ARG D 565 1.12 37.98 -64.61
C ARG D 565 2.40 37.80 -65.43
N LYS D 566 3.51 37.48 -64.74
CA LYS D 566 4.80 37.35 -65.40
C LYS D 566 4.76 36.27 -66.47
N ASN D 567 4.03 35.18 -66.23
CA ASN D 567 3.94 34.13 -67.25
C ASN D 567 3.12 34.59 -68.43
N GLN D 568 2.09 35.40 -68.20
CA GLN D 568 1.30 35.92 -69.31
C GLN D 568 2.16 36.78 -70.23
N GLU D 569 2.92 37.73 -69.66
CA GLU D 569 3.78 38.55 -70.51
C GLU D 569 4.91 37.75 -71.12
N HIS D 570 5.41 36.72 -70.41
CA HIS D 570 6.47 35.90 -70.96
C HIS D 570 5.99 35.10 -72.16
N ILE D 571 4.75 34.62 -72.12
CA ILE D 571 4.19 33.92 -73.26
C ILE D 571 3.90 34.89 -74.40
N ALA D 572 3.38 36.08 -74.07
CA ALA D 572 3.07 37.06 -75.10
C ALA D 572 4.32 37.60 -75.78
N LYS D 573 5.49 37.49 -75.14
CA LYS D 573 6.72 37.92 -75.78
C LYS D 573 6.98 37.16 -77.07
N GLN D 574 6.60 35.87 -77.11
CA GLN D 574 6.74 35.04 -78.30
C GLN D 574 5.43 34.90 -79.06
N PHE D 575 4.54 35.88 -78.94
CA PHE D 575 3.26 35.81 -79.65
C PHE D 575 3.45 35.88 -81.16
N GLY D 576 4.51 36.56 -81.62
CA GLY D 576 4.77 36.62 -83.05
C GLY D 576 5.09 35.26 -83.63
N MET D 577 5.82 34.43 -82.88
CA MET D 577 6.06 33.06 -83.31
C MET D 577 4.86 32.17 -83.06
N MET D 578 4.06 32.48 -82.04
CA MET D 578 2.86 31.70 -81.77
C MET D 578 1.85 31.81 -82.91
N GLN D 579 1.59 33.04 -83.36
CA GLN D 579 0.58 33.26 -84.38
C GLN D 579 0.96 32.71 -85.76
N SER D 580 2.22 32.31 -85.96
CA SER D 580 2.64 31.77 -87.24
C SER D 580 2.16 30.35 -87.48
N GLN D 581 1.50 29.72 -86.51
CA GLN D 581 0.97 28.35 -86.65
C GLN D 581 -0.48 28.28 -86.20
N ILE D 582 -1.22 29.39 -86.31
CA ILE D 582 -2.62 29.38 -85.94
C ILE D 582 -3.48 28.67 -86.98
N GLY D 583 -3.00 28.56 -88.22
CA GLY D 583 -3.75 27.91 -89.27
C GLY D 583 -3.58 26.40 -89.27
N TYR D 584 -3.90 25.77 -88.13
CA TYR D 584 -3.83 24.32 -87.99
C TYR D 584 -4.93 23.89 -87.05
N ASP D 585 -5.06 22.58 -86.85
CA ASP D 585 -6.18 21.98 -86.13
C ASP D 585 -5.68 20.95 -85.13
N ILE D 586 -4.70 21.33 -84.31
CA ILE D 586 -4.21 20.49 -83.21
C ILE D 586 -4.66 21.03 -81.86
N LEU D 587 -4.21 22.23 -81.48
CA LEU D 587 -4.77 22.90 -80.31
C LEU D 587 -4.77 24.42 -80.44
N ALA D 588 -4.40 24.99 -81.59
CA ALA D 588 -4.17 26.42 -81.70
C ALA D 588 -5.43 27.25 -81.46
N GLU D 589 -6.62 26.66 -81.55
CA GLU D 589 -7.86 27.37 -81.34
C GLU D 589 -8.24 27.51 -79.86
N ASP D 590 -7.33 27.15 -78.94
CA ASP D 590 -7.59 27.22 -77.50
C ASP D 590 -6.58 28.08 -76.76
N THR D 591 -5.29 27.98 -77.09
CA THR D 591 -4.28 28.72 -76.35
C THR D 591 -4.40 30.21 -76.61
N ILE D 592 -4.57 30.61 -77.86
CA ILE D 592 -4.72 32.03 -78.20
C ILE D 592 -6.01 32.57 -77.60
N THR D 593 -7.04 31.74 -77.49
CA THR D 593 -8.31 32.20 -76.92
C THR D 593 -8.20 32.37 -75.41
N ALA D 594 -7.48 31.47 -74.74
CA ALA D 594 -7.32 31.56 -73.30
C ALA D 594 -6.30 32.61 -72.88
N LEU D 595 -5.36 32.97 -73.76
CA LEU D 595 -4.37 33.99 -73.41
C LEU D 595 -4.96 35.38 -73.43
N LEU D 596 -5.97 35.63 -74.28
CA LEU D 596 -6.60 36.93 -74.44
C LEU D 596 -8.01 36.95 -73.89
N HIS D 597 -8.23 36.28 -72.76
CA HIS D 597 -9.56 36.18 -72.19
C HIS D 597 -9.92 37.44 -71.40
N ASN D 598 -9.13 37.75 -70.37
CA ASN D 598 -9.41 38.87 -69.47
C ASN D 598 -8.20 39.73 -69.17
N ASN D 599 -7.02 39.38 -69.67
CA ASN D 599 -5.81 40.17 -69.41
C ASN D 599 -5.82 41.40 -70.30
N ARG D 600 -5.97 42.58 -69.69
CA ARG D 600 -6.01 43.82 -70.45
C ARG D 600 -4.61 44.31 -70.82
N LYS D 601 -3.69 44.28 -69.86
CA LYS D 601 -2.34 44.77 -70.13
C LYS D 601 -1.62 43.92 -71.16
N LEU D 602 -1.94 42.63 -71.23
CA LEU D 602 -1.34 41.77 -72.24
C LEU D 602 -1.70 42.24 -73.64
N LEU D 603 -2.94 42.71 -73.82
CA LEU D 603 -3.36 43.25 -75.10
C LEU D 603 -2.90 44.69 -75.29
N GLU D 604 -2.68 45.43 -74.21
CA GLU D 604 -2.25 46.82 -74.32
C GLU D 604 -0.78 46.93 -74.70
N LYS D 605 0.06 46.02 -74.18
CA LYS D 605 1.50 46.09 -74.37
C LYS D 605 1.99 45.18 -75.49
N HIS D 606 1.50 43.95 -75.58
CA HIS D 606 1.98 42.94 -76.52
C HIS D 606 1.11 42.84 -77.76
N ILE D 607 0.56 43.96 -78.22
CA ILE D 607 -0.24 44.02 -79.45
C ILE D 607 0.24 45.21 -80.26
N THR D 608 0.64 44.96 -81.50
CA THR D 608 1.18 45.97 -82.40
C THR D 608 0.47 45.88 -83.75
N LYS D 609 0.90 46.70 -84.69
CA LYS D 609 0.29 46.72 -86.01
C LYS D 609 0.71 45.50 -86.84
N THR D 610 1.93 45.01 -86.64
CA THR D 610 2.40 43.85 -87.38
C THR D 610 1.55 42.62 -87.05
N GLU D 611 1.13 42.48 -85.79
CA GLU D 611 0.29 41.36 -85.41
C GLU D 611 -1.06 41.42 -86.12
N VAL D 612 -1.69 42.60 -86.16
CA VAL D 612 -2.97 42.73 -86.85
C VAL D 612 -2.80 42.49 -88.34
N GLU D 613 -1.69 42.93 -88.91
CA GLU D 613 -1.43 42.67 -90.32
C GLU D 613 -1.29 41.18 -90.59
N THR D 614 -0.60 40.46 -89.70
CA THR D 614 -0.48 39.02 -89.85
C THR D 614 -1.84 38.34 -89.73
N PHE D 615 -2.68 38.81 -88.80
CA PHE D 615 -4.02 38.26 -88.68
C PHE D 615 -4.83 38.48 -89.95
N VAL D 616 -4.70 39.67 -90.55
CA VAL D 616 -5.43 39.95 -91.79
C VAL D 616 -4.92 39.08 -92.92
N SER D 617 -3.59 38.87 -92.97
CA SER D 617 -3.02 37.99 -93.99
C SER D 617 -3.55 36.56 -93.85
N LEU D 618 -3.55 36.03 -92.63
CA LEU D 618 -4.07 34.69 -92.39
C LEU D 618 -5.56 34.61 -92.65
N VAL D 619 -6.29 35.72 -92.47
CA VAL D 619 -7.73 35.72 -92.72
C VAL D 619 -8.00 35.66 -94.21
N ARG D 620 -7.28 36.45 -95.00
CA ARG D 620 -7.49 36.45 -96.45
C ARG D 620 -6.97 35.17 -97.10
N LYS D 621 -6.00 34.49 -96.48
CA LYS D 621 -5.40 33.32 -97.10
C LYS D 621 -6.40 32.19 -97.32
N ASN D 622 -7.46 32.12 -96.51
CA ASN D 622 -8.46 31.07 -96.62
C ASN D 622 -9.89 31.55 -96.54
N ARG D 623 -10.17 32.71 -95.93
CA ARG D 623 -11.52 33.26 -95.85
C ARG D 623 -12.46 32.33 -95.09
N GLU D 624 -12.11 32.09 -93.81
CA GLU D 624 -12.88 31.27 -92.90
C GLU D 624 -13.39 32.11 -91.72
N PRO D 625 -14.55 31.78 -91.14
CA PRO D 625 -15.03 32.57 -89.98
C PRO D 625 -14.32 32.24 -88.68
N ARG D 626 -13.70 31.07 -88.56
CA ARG D 626 -13.00 30.72 -87.33
C ARG D 626 -11.82 31.65 -87.09
N PHE D 627 -11.11 32.02 -88.17
CA PHE D 627 -9.99 32.94 -88.04
C PHE D 627 -10.44 34.37 -87.78
N LEU D 628 -11.68 34.72 -88.17
CA LEU D 628 -12.19 36.06 -87.96
C LEU D 628 -12.84 36.24 -86.59
N ASP D 629 -13.34 35.15 -85.99
CA ASP D 629 -13.94 35.24 -84.66
C ASP D 629 -12.92 35.67 -83.62
N TYR D 630 -11.69 35.17 -83.72
CA TYR D 630 -10.66 35.57 -82.77
C TYR D 630 -10.23 37.02 -83.00
N LEU D 631 -10.18 37.45 -84.26
CA LEU D 631 -9.89 38.85 -84.55
C LEU D 631 -10.97 39.76 -83.97
N SER D 632 -12.23 39.30 -83.99
CA SER D 632 -13.30 40.09 -83.40
C SER D 632 -13.21 40.10 -81.88
N ASP D 633 -12.94 38.94 -81.27
CA ASP D 633 -12.81 38.87 -79.82
C ASP D 633 -11.59 39.63 -79.30
N LEU D 634 -10.59 39.85 -80.15
CA LEU D 634 -9.42 40.63 -79.75
C LEU D 634 -9.81 42.03 -79.31
N CYS D 635 -10.84 42.61 -79.93
CA CYS D 635 -11.27 43.98 -79.62
C CYS D 635 -12.25 44.07 -78.46
N VAL D 636 -12.78 42.94 -77.99
CA VAL D 636 -13.78 42.98 -76.92
C VAL D 636 -13.12 43.34 -75.60
N SER D 637 -12.17 42.53 -75.15
CA SER D 637 -11.44 42.77 -73.90
C SER D 637 -12.39 42.71 -72.70
N ASN D 638 -13.24 41.68 -72.68
CA ASN D 638 -14.15 41.43 -71.56
C ASN D 638 -15.13 42.58 -71.38
N HIS D 639 -15.79 42.96 -72.47
CA HIS D 639 -16.83 43.99 -72.44
C HIS D 639 -16.29 45.33 -71.98
N ILE D 640 -15.03 45.60 -72.24
CA ILE D 640 -14.37 46.84 -71.87
C ILE D 640 -14.16 47.75 -73.07
N ALA D 641 -13.80 47.18 -74.22
CA ALA D 641 -13.61 47.93 -75.46
C ALA D 641 -12.52 49.00 -75.29
N ILE D 642 -11.31 48.51 -75.05
CA ILE D 642 -10.17 49.41 -74.89
C ILE D 642 -9.97 50.21 -76.17
N PRO D 643 -9.61 51.50 -76.12
CA PRO D 643 -9.59 52.30 -77.35
C PRO D 643 -8.34 52.11 -78.20
N VAL D 644 -7.21 51.73 -77.61
CA VAL D 644 -5.98 51.62 -78.39
C VAL D 644 -6.08 50.47 -79.39
N THR D 645 -6.57 49.32 -78.95
CA THR D 645 -6.73 48.19 -79.86
C THR D 645 -7.83 48.46 -80.88
N GLN D 646 -8.86 49.20 -80.49
CA GLN D 646 -9.89 49.59 -81.45
C GLN D 646 -9.32 50.48 -82.54
N GLU D 647 -8.48 51.45 -82.16
CA GLU D 647 -7.85 52.31 -83.15
C GLU D 647 -6.90 51.50 -84.05
N LEU D 648 -6.18 50.56 -83.46
CA LEU D 648 -5.25 49.75 -84.25
C LEU D 648 -6.00 48.91 -85.28
N ILE D 649 -7.04 48.19 -84.86
CA ILE D 649 -7.77 47.35 -85.78
C ILE D 649 -8.57 48.18 -86.78
N CYS D 650 -8.96 49.40 -86.40
CA CYS D 650 -9.63 50.27 -87.35
C CYS D 650 -8.66 50.75 -88.43
N LYS D 651 -7.45 51.13 -88.04
CA LYS D 651 -6.46 51.58 -89.02
C LYS D 651 -5.99 50.43 -89.90
N CYS D 652 -5.99 49.20 -89.37
CA CYS D 652 -5.50 48.05 -90.11
C CYS D 652 -6.58 47.34 -90.93
N VAL D 653 -7.85 47.53 -90.61
CA VAL D 653 -8.94 46.80 -91.26
C VAL D 653 -9.62 47.67 -92.30
N LEU D 654 -9.76 48.96 -92.03
CA LEU D 654 -10.48 49.88 -92.89
C LEU D 654 -9.62 50.47 -94.00
N ASP D 655 -8.50 49.84 -94.34
CA ASP D 655 -7.66 50.33 -95.42
C ASP D 655 -8.28 49.95 -96.77
N PRO D 656 -8.25 50.83 -97.78
CA PRO D 656 -8.86 50.46 -99.07
C PRO D 656 -8.21 49.27 -99.76
N LYS D 657 -6.95 48.96 -99.45
CA LYS D 657 -6.29 47.82 -100.10
C LYS D 657 -6.86 46.49 -99.64
N ASN D 658 -7.43 46.43 -98.43
CA ASN D 658 -8.02 45.22 -97.89
C ASN D 658 -9.52 45.13 -98.17
N SER D 659 -9.98 45.77 -99.25
CA SER D 659 -11.39 45.75 -99.60
C SER D 659 -11.84 44.42 -100.21
N ASP D 660 -10.90 43.54 -100.57
CA ASP D 660 -11.28 42.26 -101.15
C ASP D 660 -11.79 41.27 -100.11
N ILE D 661 -11.37 41.43 -98.85
CA ILE D 661 -11.82 40.53 -97.80
C ILE D 661 -13.22 40.91 -97.32
N LEU D 662 -13.49 42.21 -97.18
CA LEU D 662 -14.78 42.67 -96.71
C LEU D 662 -15.80 42.59 -97.84
N ILE D 663 -17.04 42.24 -97.47
CA ILE D 663 -18.12 42.12 -98.45
C ILE D 663 -18.72 43.49 -98.71
N ARG D 664 -18.83 43.85 -99.98
CA ARG D 664 -19.46 45.10 -100.38
C ARG D 664 -20.97 44.87 -100.53
N THR D 665 -21.75 45.65 -99.78
CA THR D 665 -23.21 45.52 -99.78
C THR D 665 -23.81 46.47 -100.80
N GLU D 666 -24.73 45.96 -101.61
CA GLU D 666 -25.41 46.73 -102.63
C GLU D 666 -26.83 47.05 -102.19
N LEU D 667 -27.32 48.22 -102.62
CA LEU D 667 -28.66 48.65 -102.29
C LEU D 667 -29.20 49.61 -103.35
N THR D 692 -22.36 41.52 -103.41
CA THR D 692 -21.18 41.16 -104.19
C THR D 692 -19.96 41.00 -103.29
N TRP D 693 -19.20 39.93 -103.51
CA TRP D 693 -18.01 39.64 -102.75
C TRP D 693 -16.96 39.02 -103.68
N THR D 694 -15.79 38.74 -103.12
CA THR D 694 -14.68 38.14 -103.84
C THR D 694 -14.50 36.69 -103.39
N ASP D 695 -14.36 35.79 -104.34
CA ASP D 695 -14.20 34.38 -104.05
C ASP D 695 -12.76 34.11 -103.60
N LYS D 696 -12.48 32.84 -103.29
CA LYS D 696 -11.14 32.45 -102.84
C LYS D 696 -10.15 32.31 -103.99
N ASN D 697 -10.63 32.04 -105.21
CA ASN D 697 -9.78 31.87 -106.38
C ASN D 697 -9.57 33.16 -107.16
N ASN D 698 -9.65 34.31 -106.49
CA ASN D 698 -9.47 35.61 -107.13
C ASN D 698 -10.51 35.83 -108.22
N GLU D 699 -11.78 35.79 -107.80
CA GLU D 699 -12.91 36.01 -108.71
C GLU D 699 -13.90 36.98 -108.07
N HIS D 700 -15.06 37.14 -108.70
CA HIS D 700 -16.10 38.04 -108.21
C HIS D 700 -17.46 37.38 -108.45
N HIS D 701 -18.21 37.18 -107.37
CA HIS D 701 -19.52 36.55 -107.41
C HIS D 701 -20.54 37.50 -106.78
N GLU D 702 -21.61 37.78 -107.51
CA GLU D 702 -22.70 38.65 -107.05
C GLU D 702 -23.99 37.86 -107.08
N LYS D 703 -24.69 37.83 -105.94
CA LYS D 703 -25.97 37.13 -105.81
C LYS D 703 -26.93 37.99 -105.02
N SER D 704 -28.22 37.75 -105.24
CA SER D 704 -29.26 38.51 -104.55
C SER D 704 -29.42 37.99 -103.12
N VAL D 705 -30.12 38.79 -102.31
CA VAL D 705 -30.36 38.41 -100.92
C VAL D 705 -31.41 37.29 -100.86
N ARG D 706 -32.53 37.48 -101.56
CA ARG D 706 -33.56 36.45 -101.57
C ARG D 706 -33.08 35.19 -102.29
N GLN D 707 -32.23 35.33 -103.31
CA GLN D 707 -31.68 34.17 -103.97
C GLN D 707 -30.79 33.36 -103.03
N LEU D 708 -29.91 34.04 -102.30
CA LEU D 708 -29.10 33.36 -101.30
C LEU D 708 -29.95 32.75 -100.21
N ALA D 709 -31.05 33.40 -99.83
CA ALA D 709 -31.94 32.84 -98.82
C ALA D 709 -32.60 31.56 -99.31
N GLN D 710 -33.07 31.56 -100.56
CA GLN D 710 -33.65 30.36 -101.13
C GLN D 710 -32.61 29.25 -101.23
N GLU D 711 -31.38 29.60 -101.58
CA GLU D 711 -30.31 28.60 -101.66
C GLU D 711 -30.00 28.01 -100.30
N ALA D 712 -30.02 28.84 -99.25
CA ALA D 712 -29.74 28.35 -97.91
C ALA D 712 -30.89 27.49 -97.39
N ARG D 713 -32.13 27.89 -97.69
CA ARG D 713 -33.28 27.10 -97.22
C ARG D 713 -33.41 25.79 -97.98
N ALA D 714 -32.96 25.75 -99.24
CA ALA D 714 -33.04 24.53 -100.03
C ALA D 714 -31.86 23.60 -99.76
N GLY D 715 -30.72 24.15 -99.33
CA GLY D 715 -29.54 23.36 -99.03
C GLY D 715 -28.42 23.61 -100.02
N ASN D 716 -27.39 24.35 -99.60
CA ASN D 716 -26.24 24.63 -100.45
C ASN D 716 -25.04 24.90 -99.55
N ALA D 717 -23.90 24.29 -99.89
CA ALA D 717 -22.71 24.41 -99.06
C ALA D 717 -22.04 25.77 -99.24
N HIS D 718 -21.80 26.17 -100.49
CA HIS D 718 -21.14 27.43 -100.76
C HIS D 718 -21.98 28.61 -100.29
N ASP D 719 -23.29 28.56 -100.52
CA ASP D 719 -24.16 29.64 -100.09
C ASP D 719 -24.18 29.76 -98.57
N GLU D 720 -24.27 28.62 -97.87
CA GLU D 720 -24.25 28.67 -96.41
C GLU D 720 -22.92 29.18 -95.88
N ASN D 721 -21.82 28.78 -96.52
CA ASN D 721 -20.51 29.27 -96.10
C ASN D 721 -20.39 30.77 -96.30
N VAL D 722 -20.86 31.28 -97.43
CA VAL D 722 -20.82 32.72 -97.69
C VAL D 722 -21.71 33.46 -96.70
N LEU D 723 -22.86 32.86 -96.36
CA LEU D 723 -23.75 33.51 -95.39
C LEU D 723 -23.11 33.56 -94.01
N SER D 724 -22.46 32.48 -93.59
CA SER D 724 -21.78 32.50 -92.29
C SER D 724 -20.61 33.50 -92.30
N TYR D 725 -19.88 33.57 -93.41
CA TYR D 725 -18.81 34.55 -93.53
C TYR D 725 -19.34 35.97 -93.41
N TYR D 726 -20.46 36.26 -94.07
CA TYR D 726 -21.06 37.58 -93.99
C TYR D 726 -21.58 37.86 -92.58
N ARG D 727 -22.11 36.83 -91.90
CA ARG D 727 -22.58 37.01 -90.53
C ARG D 727 -21.42 37.36 -89.61
N TYR D 728 -20.30 36.66 -89.75
CA TYR D 728 -19.14 36.97 -88.93
C TYR D 728 -18.55 38.33 -89.26
N GLN D 729 -18.61 38.74 -90.53
CA GLN D 729 -18.17 40.08 -90.90
C GLN D 729 -19.05 41.14 -90.25
N LEU D 730 -20.37 40.91 -90.25
CA LEU D 730 -21.28 41.84 -89.58
C LEU D 730 -21.03 41.87 -88.08
N LYS D 731 -20.70 40.71 -87.50
CA LYS D 731 -20.38 40.67 -86.07
C LYS D 731 -19.12 41.47 -85.79
N LEU D 732 -18.12 41.37 -86.67
CA LEU D 732 -16.90 42.16 -86.51
C LEU D 732 -17.20 43.65 -86.61
N PHE D 733 -18.03 44.04 -87.59
CA PHE D 733 -18.40 45.45 -87.72
C PHE D 733 -19.14 45.92 -86.48
N ALA D 734 -19.98 45.06 -85.89
CA ALA D 734 -20.70 45.43 -84.69
C ALA D 734 -19.75 45.60 -83.50
N ARG D 735 -18.77 44.71 -83.38
CA ARG D 735 -17.83 44.77 -82.27
C ARG D 735 -16.83 45.92 -82.42
N MET D 736 -16.68 46.47 -83.62
CA MET D 736 -15.80 47.61 -83.83
C MET D 736 -16.48 48.94 -83.56
N CYS D 737 -17.69 48.94 -83.00
CA CYS D 737 -18.43 50.16 -82.69
C CYS D 737 -19.06 50.07 -81.31
N LEU D 738 -18.31 49.53 -80.34
CA LEU D 738 -18.81 49.42 -78.97
C LEU D 738 -18.89 50.77 -78.27
N ASP D 739 -18.09 51.75 -78.71
CA ASP D 739 -18.10 53.10 -78.15
C ASP D 739 -18.12 54.11 -79.30
N ARG D 740 -18.12 55.39 -78.93
CA ARG D 740 -18.17 56.49 -79.90
C ARG D 740 -16.75 57.02 -80.10
N GLN D 741 -15.96 56.30 -80.89
CA GLN D 741 -14.58 56.70 -81.15
C GLN D 741 -14.46 57.69 -82.30
N TYR D 742 -15.48 57.78 -83.16
CA TYR D 742 -15.49 58.71 -84.29
C TYR D 742 -14.33 58.42 -85.25
N LEU D 743 -14.06 57.14 -85.47
CA LEU D 743 -13.00 56.68 -86.37
C LEU D 743 -13.51 55.66 -87.37
N ALA D 744 -14.43 54.78 -86.97
CA ALA D 744 -15.03 53.78 -87.85
C ALA D 744 -16.52 54.00 -88.10
N ILE D 745 -17.18 54.82 -87.28
CA ILE D 745 -18.60 55.09 -87.48
C ILE D 745 -18.85 55.91 -88.74
N ASP D 746 -17.85 56.64 -89.22
CA ASP D 746 -17.99 57.46 -90.41
C ASP D 746 -17.79 56.67 -91.71
N GLU D 747 -17.74 55.34 -91.64
CA GLU D 747 -17.60 54.48 -92.82
C GLU D 747 -18.71 53.46 -92.95
N ILE D 748 -19.18 52.90 -91.84
CA ILE D 748 -20.27 51.92 -91.90
C ILE D 748 -21.62 52.63 -92.06
N SER D 749 -21.73 53.87 -91.59
CA SER D 749 -23.00 54.59 -91.72
C SER D 749 -23.32 54.88 -93.17
N GLN D 750 -22.31 55.22 -93.97
CA GLN D 750 -22.50 55.48 -95.38
C GLN D 750 -22.62 54.21 -96.21
N GLN D 751 -22.23 53.06 -95.68
CA GLN D 751 -22.30 51.80 -96.41
C GLN D 751 -23.61 51.05 -96.16
N LEU D 752 -24.17 51.17 -94.96
CA LEU D 752 -25.41 50.49 -94.59
C LEU D 752 -26.59 51.44 -94.46
N GLY D 753 -26.46 52.48 -93.64
CA GLY D 753 -27.54 53.43 -93.45
C GLY D 753 -28.65 52.88 -92.57
N VAL D 754 -29.67 53.72 -92.39
CA VAL D 754 -30.81 53.35 -91.55
C VAL D 754 -31.88 52.60 -92.32
N ASP D 755 -31.94 52.75 -93.65
CA ASP D 755 -32.97 52.06 -94.43
C ASP D 755 -32.67 50.57 -94.57
N LEU D 756 -31.39 50.22 -94.75
CA LEU D 756 -31.02 48.81 -94.88
C LEU D 756 -31.30 48.05 -93.59
N ILE D 757 -31.23 48.73 -92.44
CA ILE D 757 -31.53 48.07 -91.17
C ILE D 757 -32.97 47.60 -91.14
N PHE D 758 -33.91 48.45 -91.58
CA PHE D 758 -35.30 48.06 -91.63
C PHE D 758 -35.57 47.07 -92.77
N LEU D 759 -34.84 47.21 -93.88
CA LEU D 759 -35.08 46.35 -95.04
C LEU D 759 -34.64 44.92 -94.76
N CYS D 760 -33.53 44.73 -94.05
CA CYS D 760 -33.01 43.39 -93.79
C CYS D 760 -33.89 42.63 -92.81
N MET D 761 -34.49 43.33 -91.84
CA MET D 761 -35.35 42.71 -90.83
C MET D 761 -36.83 42.90 -91.16
N ALA D 762 -37.18 43.10 -92.43
CA ALA D 762 -38.56 43.37 -92.79
C ALA D 762 -39.36 42.09 -92.91
N ASP D 763 -38.96 41.19 -93.83
CA ASP D 763 -39.77 40.02 -94.18
C ASP D 763 -38.85 38.82 -94.44
N GLU D 764 -38.67 38.00 -93.40
CA GLU D 764 -38.17 36.64 -93.53
C GLU D 764 -36.77 36.60 -94.16
N MET D 765 -35.81 37.14 -93.41
CA MET D 765 -34.41 36.81 -93.68
C MET D 765 -34.20 35.31 -93.55
N LEU D 766 -33.06 34.84 -94.06
CA LEU D 766 -32.86 33.40 -94.21
C LEU D 766 -32.93 32.65 -92.89
N PRO D 767 -32.03 32.90 -91.89
CA PRO D 767 -32.46 32.70 -90.50
C PRO D 767 -32.91 34.00 -89.86
N PHE D 768 -33.64 33.92 -88.75
CA PHE D 768 -33.91 35.11 -87.96
C PHE D 768 -32.65 35.59 -87.23
N ASP D 769 -31.67 34.71 -87.03
CA ASP D 769 -30.45 35.10 -86.35
C ASP D 769 -29.59 36.04 -87.20
N LEU D 770 -29.63 35.87 -88.53
CA LEU D 770 -28.89 36.79 -89.40
C LEU D 770 -29.47 38.20 -89.31
N ARG D 771 -30.80 38.30 -89.39
CA ARG D 771 -31.45 39.60 -89.20
C ARG D 771 -31.19 40.13 -87.80
N ALA D 772 -31.09 39.25 -86.80
CA ALA D 772 -30.81 39.68 -85.44
C ALA D 772 -29.42 40.30 -85.34
N SER D 773 -28.42 39.68 -85.97
CA SER D 773 -27.07 40.22 -85.96
C SER D 773 -27.00 41.54 -86.74
N PHE D 774 -27.72 41.60 -87.86
CA PHE D 774 -27.78 42.85 -88.62
C PHE D 774 -28.40 43.96 -87.79
N CYS D 775 -29.46 43.66 -87.04
CA CYS D 775 -30.09 44.66 -86.20
C CYS D 775 -29.21 45.04 -85.02
N HIS D 776 -28.42 44.09 -84.50
CA HIS D 776 -27.45 44.40 -83.46
C HIS D 776 -26.44 45.42 -83.96
N LEU D 777 -25.87 45.16 -85.15
CA LEU D 777 -24.92 46.10 -85.74
C LEU D 777 -25.58 47.45 -86.01
N MET D 778 -26.81 47.44 -86.53
CA MET D 778 -27.50 48.68 -86.83
C MET D 778 -27.76 49.51 -85.58
N LEU D 779 -28.19 48.84 -84.50
CA LEU D 779 -28.43 49.54 -83.24
C LEU D 779 -27.15 50.11 -82.68
N HIS D 780 -26.07 49.33 -82.71
CA HIS D 780 -24.79 49.83 -82.19
C HIS D 780 -24.26 50.98 -83.03
N VAL D 781 -24.59 51.02 -84.32
CA VAL D 781 -24.08 52.07 -85.19
C VAL D 781 -24.95 53.33 -85.13
N HIS D 782 -26.25 53.18 -84.89
CA HIS D 782 -27.19 54.30 -85.00
C HIS D 782 -27.60 54.88 -83.65
N VAL D 783 -27.61 54.08 -82.59
CA VAL D 783 -28.10 54.51 -81.29
C VAL D 783 -26.96 54.90 -80.35
N ASP D 784 -25.80 55.27 -80.91
CA ASP D 784 -24.64 55.69 -80.12
C ASP D 784 -23.95 56.89 -80.76
N ARG D 785 -24.70 57.74 -81.45
CA ARG D 785 -24.13 58.91 -82.10
C ARG D 785 -23.86 60.02 -81.09
N PRO D 787 -25.44 62.91 -80.66
CA PRO D 787 -26.51 63.62 -79.94
C PRO D 787 -27.42 62.68 -79.16
N GLN D 788 -26.87 62.11 -78.09
CA GLN D 788 -27.60 61.18 -77.23
C GLN D 788 -27.12 61.37 -75.81
N GLU D 789 -28.03 61.75 -74.92
CA GLU D 789 -27.73 61.99 -73.51
C GLU D 789 -28.59 61.08 -72.65
N LEU D 790 -28.00 60.57 -71.57
CA LEU D 790 -28.70 59.70 -70.63
C LEU D 790 -29.40 60.57 -69.59
N VAL D 791 -30.68 60.87 -69.85
CA VAL D 791 -31.44 61.72 -68.96
C VAL D 791 -31.78 60.96 -67.69
N THR D 792 -31.93 61.69 -66.59
CA THR D 792 -32.26 61.06 -65.32
C THR D 792 -33.72 60.61 -65.34
N PRO D 793 -34.05 59.43 -64.79
CA PRO D 793 -35.47 59.03 -64.79
C PRO D 793 -36.33 59.81 -63.81
N VAL D 794 -35.73 60.45 -62.81
CA VAL D 794 -36.47 61.17 -61.78
C VAL D 794 -35.80 62.53 -61.58
N LYS D 795 -36.58 63.60 -61.80
CA LYS D 795 -36.07 64.95 -61.60
C LYS D 795 -36.03 65.28 -60.12
N PHE D 796 -34.89 65.80 -59.66
CA PHE D 796 -34.69 66.13 -58.26
C PHE D 796 -34.78 67.63 -57.98
N ALA D 797 -35.01 68.45 -58.99
CA ALA D 797 -35.10 69.89 -58.82
C ALA D 797 -36.12 70.46 -59.79
N ARG D 798 -37.00 71.33 -59.27
CA ARG D 798 -38.05 71.97 -60.04
C ARG D 798 -37.88 73.48 -59.95
N LEU D 799 -38.60 74.19 -60.82
CA LEU D 799 -38.54 75.64 -60.93
C LEU D 799 -39.92 76.25 -60.74
N TRP D 800 -39.93 77.52 -60.34
CA TRP D 800 -41.17 78.24 -60.14
C TRP D 800 -41.81 78.58 -61.48
N THR D 801 -43.14 78.73 -61.47
CA THR D 801 -43.90 79.09 -62.67
C THR D 801 -43.81 78.01 -63.74
N GLU D 802 -43.67 76.75 -63.30
CA GLU D 802 -43.65 75.62 -64.21
C GLU D 802 -44.51 74.45 -63.75
N ILE D 803 -44.83 74.34 -62.46
CA ILE D 803 -45.67 73.28 -61.94
C ILE D 803 -47.13 73.74 -62.06
N PRO D 804 -47.94 73.15 -62.95
CA PRO D 804 -49.32 73.62 -63.09
C PRO D 804 -50.16 73.26 -61.87
N THR D 805 -51.36 73.83 -61.82
CA THR D 805 -52.28 73.54 -60.73
C THR D 805 -52.77 72.10 -60.79
N ALA D 806 -52.88 71.53 -61.98
CA ALA D 806 -53.29 70.15 -62.17
C ALA D 806 -52.43 69.52 -63.26
N ILE D 807 -52.30 68.19 -63.21
CA ILE D 807 -51.50 67.43 -64.15
C ILE D 807 -52.31 66.24 -64.62
N THR D 808 -51.91 65.69 -65.77
CA THR D 808 -52.56 64.53 -66.36
C THR D 808 -51.51 63.64 -67.00
N ILE D 809 -51.91 62.41 -67.31
CA ILE D 809 -50.99 61.46 -67.94
C ILE D 809 -50.61 61.94 -69.33
N LYS D 810 -51.60 62.37 -70.12
CA LYS D 810 -51.32 62.88 -71.45
C LYS D 810 -50.66 64.25 -71.39
N ASP D 811 -50.95 65.04 -70.36
CA ASP D 811 -50.32 66.35 -70.23
C ASP D 811 -48.86 66.24 -69.82
N TYR D 812 -48.48 65.15 -69.16
CA TYR D 812 -47.09 64.97 -68.76
C TYR D 812 -46.18 64.81 -69.98
N ASP D 813 -46.68 64.22 -71.06
CA ASP D 813 -45.89 64.10 -72.28
C ASP D 813 -45.62 65.47 -72.89
N SER D 814 -46.63 66.34 -72.92
CA SER D 814 -46.42 67.69 -73.40
C SER D 814 -45.51 68.48 -72.48
N ASN D 815 -45.58 68.21 -71.18
CA ASN D 815 -44.69 68.88 -70.24
C ASN D 815 -43.24 68.43 -70.43
N LEU D 816 -43.04 67.21 -70.91
CA LEU D 816 -41.70 66.67 -71.15
C LEU D 816 -41.15 67.04 -72.53
N ASN D 817 -41.85 67.88 -73.29
CA ASN D 817 -41.42 68.27 -74.62
C ASN D 817 -41.25 67.07 -75.54
N ASN D 825 -36.82 61.63 -83.14
CA ASN D 825 -37.93 60.75 -83.50
C ASN D 825 -37.81 60.29 -84.96
N LYS D 826 -36.58 59.97 -85.38
CA LYS D 826 -36.37 59.50 -86.74
C LYS D 826 -36.65 58.01 -86.88
N PHE D 827 -36.29 57.23 -85.86
CA PHE D 827 -36.49 55.78 -85.86
C PHE D 827 -37.77 55.38 -85.13
N ALA D 828 -38.79 56.24 -85.16
CA ALA D 828 -40.04 55.93 -84.47
C ALA D 828 -40.77 54.79 -85.15
N ASN D 829 -40.71 54.73 -86.48
CA ASN D 829 -41.31 53.61 -87.19
C ASN D 829 -40.63 52.29 -86.82
N THR D 830 -39.31 52.32 -86.61
CA THR D 830 -38.63 51.12 -86.12
C THR D 830 -39.07 50.75 -84.71
N MET D 831 -39.35 51.75 -83.87
CA MET D 831 -39.88 51.47 -82.54
C MET D 831 -41.23 50.80 -82.63
N GLU D 832 -42.10 51.29 -83.51
CA GLU D 832 -43.40 50.66 -83.71
C GLU D 832 -43.23 49.24 -84.28
N PHE D 833 -42.23 49.04 -85.14
CA PHE D 833 -42.00 47.72 -85.72
C PHE D 833 -41.58 46.72 -84.65
N VAL D 834 -40.66 47.11 -83.78
CA VAL D 834 -40.24 46.18 -82.72
C VAL D 834 -41.34 46.00 -81.69
N GLU D 835 -42.18 47.01 -81.48
CA GLU D 835 -43.35 46.82 -80.62
C GLU D 835 -44.30 45.79 -81.21
N ASP D 836 -44.54 45.86 -82.52
CA ASP D 836 -45.37 44.86 -83.19
C ASP D 836 -44.71 43.48 -83.13
N TYR D 837 -43.38 43.44 -83.21
CA TYR D 837 -42.69 42.16 -83.07
C TYR D 837 -42.88 41.56 -81.69
N LEU D 838 -42.81 42.41 -80.65
CA LEU D 838 -43.08 41.95 -79.29
C LEU D 838 -44.52 41.46 -79.17
N ASN D 839 -45.46 42.17 -79.79
CA ASN D 839 -46.85 41.74 -79.77
C ASN D 839 -47.02 40.38 -80.45
N ASN D 840 -46.35 40.18 -81.58
CA ASN D 840 -46.42 38.89 -82.25
C ASN D 840 -45.81 37.78 -81.41
N VAL D 841 -44.69 38.07 -80.74
CA VAL D 841 -44.07 37.07 -79.87
C VAL D 841 -44.96 36.76 -78.68
N VAL D 842 -45.77 37.73 -78.24
CA VAL D 842 -46.68 37.50 -77.13
C VAL D 842 -47.82 36.59 -77.57
N SER D 843 -48.30 36.76 -78.79
CA SER D 843 -49.40 35.95 -79.34
C SER D 843 -48.88 34.69 -80.01
N GLU D 844 -48.07 33.91 -79.27
CA GLU D 844 -47.53 32.65 -79.77
C GLU D 844 -47.63 31.51 -78.77
N ALA D 845 -47.90 31.77 -77.50
CA ALA D 845 -48.06 30.74 -76.48
C ALA D 845 -46.80 29.90 -76.28
N VAL D 846 -45.63 30.47 -76.59
CA VAL D 846 -44.37 29.74 -76.45
C VAL D 846 -43.24 30.76 -76.33
N PRO D 847 -42.99 31.34 -75.15
CA PRO D 847 -41.97 32.39 -75.05
C PRO D 847 -40.57 31.81 -74.96
N PHE D 848 -39.70 32.22 -75.87
CA PHE D 848 -38.29 31.81 -75.89
C PHE D 848 -38.17 30.30 -76.02
N ALA D 849 -39.04 29.69 -76.82
CA ALA D 849 -39.02 28.26 -77.08
C ALA D 849 -38.19 27.88 -78.31
N ASN D 850 -38.05 28.78 -79.27
CA ASN D 850 -37.25 28.55 -80.46
C ASN D 850 -35.88 29.18 -80.30
N GLU D 851 -34.85 28.47 -80.76
CA GLU D 851 -33.48 28.96 -80.60
C GLU D 851 -33.25 30.21 -81.45
N GLU D 852 -33.69 30.18 -82.71
CA GLU D 852 -33.54 31.35 -83.58
C GLU D 852 -34.33 32.52 -83.03
N LYS D 853 -35.58 32.30 -82.63
CA LYS D 853 -36.38 33.36 -82.04
C LYS D 853 -35.79 33.82 -80.71
N ASN D 854 -35.20 32.90 -79.94
CA ASN D 854 -34.57 33.27 -78.69
C ASN D 854 -33.39 34.20 -78.93
N LYS D 855 -32.60 33.92 -79.97
CA LYS D 855 -31.48 34.78 -80.30
C LYS D 855 -31.95 36.11 -80.89
N LEU D 856 -33.08 36.10 -81.60
CA LEU D 856 -33.57 37.33 -82.21
C LEU D 856 -34.21 38.26 -81.19
N THR D 857 -34.85 37.72 -80.17
CA THR D 857 -35.49 38.57 -79.16
C THR D 857 -34.48 39.36 -78.36
N PHE D 858 -33.26 38.83 -78.18
CA PHE D 858 -32.28 39.48 -77.32
C PHE D 858 -31.83 40.81 -77.91
N GLU D 859 -31.55 40.83 -79.22
CA GLU D 859 -31.11 42.07 -79.86
C GLU D 859 -32.21 43.13 -79.82
N VAL D 860 -33.45 42.73 -80.07
CA VAL D 860 -34.56 43.68 -80.05
C VAL D 860 -34.77 44.21 -78.64
N VAL D 861 -34.65 43.34 -77.62
CA VAL D 861 -34.81 43.78 -76.24
C VAL D 861 -33.71 44.75 -75.86
N SER D 862 -32.48 44.48 -76.28
CA SER D 862 -31.39 45.40 -75.97
C SER D 862 -31.57 46.73 -76.69
N LEU D 863 -32.07 46.70 -77.93
CA LEU D 863 -32.32 47.94 -78.66
C LEU D 863 -33.39 48.77 -77.97
N ALA D 864 -34.48 48.13 -77.55
CA ALA D 864 -35.54 48.84 -76.84
C ALA D 864 -35.02 49.36 -75.50
N HIS D 865 -34.16 48.60 -74.83
CA HIS D 865 -33.58 49.04 -73.57
C HIS D 865 -32.75 50.29 -73.76
N ASN D 866 -31.90 50.31 -74.78
CA ASN D 866 -31.07 51.48 -75.05
C ASN D 866 -31.94 52.68 -75.44
N LEU D 867 -32.99 52.43 -76.23
CA LEU D 867 -33.86 53.53 -76.65
C LEU D 867 -34.62 54.11 -75.46
N ILE D 868 -35.01 53.26 -74.51
CA ILE D 868 -35.75 53.75 -73.35
C ILE D 868 -34.82 54.49 -72.39
N TYR D 869 -33.59 53.99 -72.22
CA TYR D 869 -32.63 54.67 -71.34
C TYR D 869 -32.15 55.98 -71.95
N PHE D 870 -32.12 56.08 -73.29
CA PHE D 870 -31.85 57.36 -73.92
C PHE D 870 -33.07 58.27 -73.85
N GLY D 871 -34.25 57.73 -74.12
CA GLY D 871 -35.50 58.43 -73.98
C GLY D 871 -36.08 58.95 -75.29
N PHE D 872 -37.02 58.19 -75.86
CA PHE D 872 -37.75 58.60 -77.05
C PHE D 872 -39.19 58.12 -77.01
N TYR D 873 -39.76 57.96 -75.81
CA TYR D 873 -41.06 57.34 -75.62
C TYR D 873 -41.96 58.25 -74.80
N SER D 874 -43.26 57.98 -74.89
CA SER D 874 -44.29 58.68 -74.13
C SER D 874 -44.82 57.78 -73.03
N PHE D 875 -45.60 58.37 -72.13
CA PHE D 875 -46.05 57.63 -70.95
C PHE D 875 -47.08 56.56 -71.32
N SER D 876 -47.99 56.87 -72.24
CA SER D 876 -48.97 55.87 -72.67
C SER D 876 -48.28 54.71 -73.38
N GLU D 877 -47.33 55.02 -74.26
CA GLU D 877 -46.56 53.98 -74.92
C GLU D 877 -45.76 53.17 -73.91
N LEU D 878 -45.22 53.84 -72.88
CA LEU D 878 -44.48 53.14 -71.84
C LEU D 878 -45.39 52.19 -71.06
N LEU D 879 -46.62 52.63 -70.77
CA LEU D 879 -47.55 51.77 -70.05
C LEU D 879 -47.95 50.57 -70.89
N ARG D 880 -48.22 50.78 -72.18
CA ARG D 880 -48.55 49.66 -73.06
C ARG D 880 -47.38 48.69 -73.18
N LEU D 881 -46.16 49.22 -73.25
CA LEU D 881 -44.98 48.35 -73.33
C LEU D 881 -44.81 47.55 -72.04
N THR D 882 -45.01 48.20 -70.89
CA THR D 882 -44.91 47.49 -69.62
C THR D 882 -45.96 46.39 -69.53
N ARG D 883 -47.18 46.68 -69.99
CA ARG D 883 -48.25 45.69 -69.96
C ARG D 883 -47.90 44.49 -70.83
N THR D 884 -47.57 44.73 -72.10
CA THR D 884 -47.30 43.62 -73.00
C THR D 884 -45.99 42.89 -72.66
N LEU D 885 -45.08 43.53 -71.91
CA LEU D 885 -43.86 42.86 -71.51
C LEU D 885 -44.08 42.02 -70.25
N LEU D 886 -44.92 42.50 -69.32
CA LEU D 886 -45.28 41.69 -68.18
C LEU D 886 -46.15 40.52 -68.60
N GLY D 887 -46.92 40.67 -69.68
CA GLY D 887 -47.69 39.56 -70.22
C GLY D 887 -46.86 38.54 -70.98
N ILE D 888 -45.57 38.81 -71.22
CA ILE D 888 -44.72 37.88 -71.94
C ILE D 888 -44.09 36.82 -71.03
N ILE D 889 -44.01 37.07 -69.73
CA ILE D 889 -43.38 36.15 -68.79
C ILE D 889 -44.43 35.19 -68.26
N ASP D 890 -44.16 33.89 -68.40
CA ASP D 890 -45.07 32.85 -67.92
C ASP D 890 -46.43 32.95 -68.60
N ASP D 958 -29.75 29.23 -72.88
CA ASP D 958 -29.81 29.17 -71.44
C ASP D 958 -29.56 30.55 -70.83
N ILE D 959 -28.48 31.20 -71.26
CA ILE D 959 -28.13 32.52 -70.74
C ILE D 959 -28.79 33.66 -71.50
N VAL D 960 -29.21 33.43 -72.75
CA VAL D 960 -29.83 34.50 -73.52
C VAL D 960 -31.17 34.89 -72.93
N VAL D 961 -31.97 33.90 -72.54
CA VAL D 961 -33.26 34.19 -71.91
C VAL D 961 -33.07 34.91 -70.59
N MET D 962 -32.02 34.52 -69.85
CA MET D 962 -31.75 35.19 -68.57
C MET D 962 -31.36 36.65 -68.80
N GLU D 963 -30.52 36.91 -69.80
CA GLU D 963 -30.15 38.29 -70.10
C GLU D 963 -31.35 39.10 -70.55
N THR D 964 -32.23 38.50 -71.36
CA THR D 964 -33.44 39.19 -71.78
C THR D 964 -34.34 39.51 -70.59
N LYS D 965 -34.46 38.57 -69.66
CA LYS D 965 -35.24 38.82 -68.45
C LYS D 965 -34.63 39.92 -67.61
N LEU D 966 -33.30 39.97 -67.53
CA LEU D 966 -32.63 41.04 -66.80
C LEU D 966 -32.90 42.38 -67.44
N LYS D 967 -32.85 42.45 -68.77
CA LYS D 967 -33.16 43.69 -69.47
C LYS D 967 -34.60 44.11 -69.24
N ILE D 968 -35.52 43.14 -69.23
CA ILE D 968 -36.93 43.45 -68.97
C ILE D 968 -37.09 43.99 -67.55
N LEU D 969 -36.37 43.41 -66.58
CA LEU D 969 -36.44 43.89 -65.22
C LEU D 969 -35.88 45.31 -65.11
N GLU D 970 -34.81 45.61 -65.85
CA GLU D 970 -34.27 46.95 -65.86
C GLU D 970 -35.28 47.94 -66.45
N ILE D 971 -35.97 47.54 -67.51
CA ILE D 971 -37.00 48.41 -68.10
C ILE D 971 -38.13 48.63 -67.11
N LEU D 972 -38.49 47.57 -66.36
CA LEU D 972 -39.53 47.72 -65.34
C LEU D 972 -39.10 48.68 -64.25
N GLN D 973 -37.83 48.61 -63.84
CA GLN D 973 -37.32 49.56 -62.84
C GLN D 973 -37.35 50.98 -63.38
N PHE D 974 -37.03 51.16 -64.66
CA PHE D 974 -37.12 52.48 -65.27
C PHE D 974 -38.56 53.00 -65.26
N ILE D 975 -39.52 52.11 -65.57
CA ILE D 975 -40.93 52.51 -65.54
C ILE D 975 -41.35 52.87 -64.13
N LEU D 976 -40.84 52.14 -63.13
CA LEU D 976 -41.17 52.46 -61.75
C LEU D 976 -40.59 53.81 -61.34
N ASN D 977 -39.38 54.12 -61.82
CA ASN D 977 -38.80 55.43 -61.56
C ASN D 977 -39.63 56.54 -62.19
N VAL D 978 -40.12 56.31 -63.41
CA VAL D 978 -41.00 57.29 -64.05
C VAL D 978 -42.27 57.46 -63.26
N ARG D 979 -42.80 56.36 -62.71
CA ARG D 979 -44.00 56.43 -61.89
C ARG D 979 -43.75 57.24 -60.62
N LEU D 980 -42.58 57.04 -60.00
CA LEU D 980 -42.23 57.83 -58.83
C LEU D 980 -42.13 59.31 -59.18
N ASP D 981 -41.58 59.63 -60.34
CA ASP D 981 -41.52 61.02 -60.79
C ASP D 981 -42.92 61.59 -60.97
N TYR D 982 -43.83 60.79 -61.53
CA TYR D 982 -45.20 61.25 -61.72
C TYR D 982 -45.89 61.48 -60.38
N ARG D 983 -45.64 60.62 -59.40
CA ARG D 983 -46.22 60.80 -58.07
C ARG D 983 -45.69 62.08 -57.42
N ILE D 984 -44.38 62.33 -57.56
CA ILE D 984 -43.80 63.57 -57.03
C ILE D 984 -44.43 64.77 -57.71
N SER D 985 -44.67 64.68 -59.02
CA SER D 985 -45.30 65.78 -59.74
C SER D 985 -46.73 66.00 -59.26
N TYR D 986 -47.46 64.92 -58.97
CA TYR D 986 -48.82 65.05 -58.44
C TYR D 986 -48.82 65.76 -57.09
N LEU D 987 -47.92 65.34 -56.20
CA LEU D 987 -47.81 66.00 -54.90
C LEU D 987 -47.44 67.48 -55.06
N LEU D 988 -46.53 67.78 -55.98
CA LEU D 988 -46.15 69.17 -56.22
C LEU D 988 -47.32 69.98 -56.73
N SER D 989 -48.14 69.39 -57.61
CA SER D 989 -49.31 70.11 -58.13
C SER D 989 -50.33 70.36 -57.02
N VAL D 990 -50.54 69.38 -56.14
CA VAL D 990 -51.48 69.56 -55.04
C VAL D 990 -51.01 70.68 -54.12
N PHE D 991 -49.72 70.65 -53.76
CA PHE D 991 -49.19 71.71 -52.91
C PHE D 991 -49.24 73.06 -53.59
N LYS D 992 -49.02 73.10 -54.91
CA LYS D 992 -49.11 74.35 -55.65
C LYS D 992 -50.52 74.91 -55.60
N LYS D 993 -51.53 74.06 -55.79
CA LYS D 993 -52.92 74.52 -55.70
C LYS D 993 -53.23 75.02 -54.29
N GLU D 994 -52.77 74.28 -53.27
CA GLU D 994 -53.03 74.70 -51.89
C GLU D 994 -52.40 76.05 -51.58
N PHE D 995 -51.16 76.27 -52.04
CA PHE D 995 -50.48 77.53 -51.78
C PHE D 995 -51.00 78.66 -52.65
N VAL D 996 -51.58 78.34 -53.81
CA VAL D 996 -52.17 79.38 -54.66
C VAL D 996 -53.52 79.81 -54.12
N GLU D 997 -54.25 78.92 -53.46
CA GLU D 997 -55.51 79.31 -52.83
C GLU D 997 -55.27 80.38 -51.77
N VAL D 998 -54.31 80.13 -50.87
CA VAL D 998 -53.97 81.08 -49.82
C VAL D 998 -52.89 82.04 -50.33
N LEU D 1022 -56.05 71.66 -45.35
CA LEU D 1022 -54.84 70.85 -45.24
C LEU D 1022 -55.18 69.36 -45.21
N ASP D 1023 -56.24 69.01 -44.47
CA ASP D 1023 -56.65 67.61 -44.37
C ASP D 1023 -57.08 67.06 -45.72
N ARG D 1024 -57.71 67.89 -46.56
CA ARG D 1024 -58.10 67.43 -47.89
C ARG D 1024 -56.88 67.15 -48.76
N ILE D 1025 -55.85 67.98 -48.64
CA ILE D 1025 -54.60 67.72 -49.37
C ILE D 1025 -53.98 66.42 -48.91
N GLY D 1026 -54.04 66.14 -47.60
CA GLY D 1026 -53.54 64.87 -47.11
C GLY D 1026 -54.35 63.69 -47.62
N GLU D 1027 -55.67 63.85 -47.71
CA GLU D 1027 -56.50 62.78 -48.25
C GLU D 1027 -56.19 62.54 -49.71
N GLN D 1028 -55.93 63.60 -50.47
CA GLN D 1028 -55.55 63.44 -51.88
C GLN D 1028 -54.20 62.75 -52.01
N ALA D 1029 -53.23 63.14 -51.17
CA ALA D 1029 -51.93 62.49 -51.19
C ALA D 1029 -52.02 61.02 -50.81
N GLU D 1030 -52.94 60.68 -49.91
CA GLU D 1030 -53.15 59.28 -49.54
C GLU D 1030 -53.83 58.52 -50.66
N ALA D 1031 -54.75 59.17 -51.38
CA ALA D 1031 -55.37 58.55 -52.55
C ALA D 1031 -54.34 58.31 -53.64
N MET D 1032 -53.32 59.16 -53.72
CA MET D 1032 -52.26 58.97 -54.70
C MET D 1032 -51.50 57.66 -54.49
N PHE D 1033 -51.51 57.11 -53.28
CA PHE D 1033 -50.80 55.86 -53.01
C PHE D 1033 -51.39 54.70 -53.80
N GLY D 1034 -52.71 54.69 -53.97
CA GLY D 1034 -53.37 53.64 -54.72
C GLY D 1034 -53.35 53.89 -56.22
N SER D 1040 -55.59 55.04 -58.89
CA SER D 1040 -55.50 53.79 -59.62
C SER D 1040 -55.48 54.01 -61.14
N MET D 1041 -54.94 55.15 -61.56
CA MET D 1041 -54.84 55.48 -62.98
C MET D 1041 -53.57 54.89 -63.60
N LEU D 1042 -52.42 55.14 -62.96
CA LEU D 1042 -51.14 54.61 -63.40
C LEU D 1042 -50.91 53.30 -62.66
N GLU D 1043 -51.12 52.18 -63.35
CA GLU D 1043 -50.96 50.86 -62.77
C GLU D 1043 -50.46 49.89 -63.84
N VAL D 1044 -49.34 49.24 -63.57
CA VAL D 1044 -48.78 48.27 -64.50
C VAL D 1044 -49.61 46.99 -64.46
N ASP D 1045 -49.59 46.23 -65.56
CA ASP D 1045 -50.23 44.92 -65.56
C ASP D 1045 -51.72 45.00 -65.27
N ASP D 1046 -52.54 45.34 -66.29
CA ASP D 1046 -53.93 45.75 -66.11
C ASP D 1046 -54.72 44.82 -65.21
N GLU D 1047 -54.32 43.54 -65.15
CA GLU D 1047 -54.80 42.58 -64.15
C GLU D 1047 -54.43 42.95 -62.71
N GLY D 1048 -53.69 44.04 -62.49
CA GLY D 1048 -53.34 44.49 -61.16
C GLY D 1048 -52.09 43.80 -60.64
N GLY D 1049 -52.07 43.57 -59.33
CA GLY D 1049 -50.87 43.00 -58.72
C GLY D 1049 -50.68 41.54 -59.05
N ARG D 1050 -51.77 40.83 -59.34
CA ARG D 1050 -51.68 39.38 -59.57
C ARG D 1050 -50.83 39.08 -60.80
N MET D 1051 -50.96 39.88 -61.86
CA MET D 1051 -50.12 39.67 -63.04
C MET D 1051 -48.68 40.04 -62.74
N PHE D 1052 -48.47 41.05 -61.89
CA PHE D 1052 -47.13 41.53 -61.60
C PHE D 1052 -46.34 40.56 -60.74
N LEU D 1053 -46.95 40.05 -59.66
CA LEU D 1053 -46.19 39.43 -58.58
C LEU D 1053 -45.81 37.98 -58.88
N ARG D 1054 -46.71 37.22 -59.50
CA ARG D 1054 -46.42 35.83 -59.80
C ARG D 1054 -45.27 35.76 -60.79
N VAL D 1055 -45.15 36.77 -61.66
CA VAL D 1055 -44.03 36.82 -62.59
C VAL D 1055 -42.72 36.97 -61.84
N LEU D 1056 -42.68 37.86 -60.85
CA LEU D 1056 -41.47 38.02 -60.04
C LEU D 1056 -41.16 36.75 -59.26
N ILE D 1057 -42.18 36.08 -58.76
CA ILE D 1057 -41.96 34.84 -58.02
C ILE D 1057 -41.39 33.76 -58.94
N HIS D 1058 -41.91 33.68 -60.18
CA HIS D 1058 -41.38 32.72 -61.14
C HIS D 1058 -39.95 33.05 -61.53
N LEU D 1059 -39.63 34.35 -61.63
CA LEU D 1059 -38.26 34.75 -61.95
C LEU D 1059 -37.32 34.46 -60.78
N THR D 1060 -37.82 34.52 -59.55
CA THR D 1060 -36.97 34.26 -58.39
C THR D 1060 -36.57 32.80 -58.27
N MET D 1061 -37.30 31.88 -58.93
CA MET D 1061 -36.97 30.47 -58.83
C MET D 1061 -35.71 30.09 -59.59
N HIS D 1062 -35.31 30.89 -60.58
CA HIS D 1062 -34.15 30.57 -61.38
C HIS D 1062 -32.87 30.71 -60.56
N ASP D 1063 -31.77 30.17 -61.11
CA ASP D 1063 -30.48 30.12 -60.42
C ASP D 1063 -29.52 31.21 -60.88
N TYR D 1064 -29.84 31.98 -61.90
CA TYR D 1064 -28.99 33.07 -62.34
C TYR D 1064 -28.94 34.13 -61.25
N ALA D 1065 -27.73 34.37 -60.71
CA ALA D 1065 -27.62 35.21 -59.51
C ALA D 1065 -28.04 36.65 -59.75
N PRO D 1066 -27.57 37.35 -60.78
CA PRO D 1066 -28.06 38.73 -61.00
C PRO D 1066 -29.55 38.80 -61.27
N LEU D 1067 -30.11 37.77 -61.91
CA LEU D 1067 -31.55 37.75 -62.17
C LEU D 1067 -32.33 37.75 -60.86
N VAL D 1068 -32.00 36.84 -59.96
CA VAL D 1068 -32.71 36.79 -58.68
C VAL D 1068 -32.39 38.00 -57.84
N SER D 1069 -31.20 38.58 -58.01
CA SER D 1069 -30.88 39.83 -57.29
C SER D 1069 -31.82 40.95 -57.71
N GLY D 1070 -31.95 41.17 -59.02
CA GLY D 1070 -32.88 42.17 -59.50
C GLY D 1070 -34.32 41.85 -59.15
N ALA D 1071 -34.67 40.56 -59.13
CA ALA D 1071 -36.02 40.17 -58.76
C ALA D 1071 -36.32 40.52 -57.30
N LEU D 1072 -35.38 40.22 -56.40
CA LEU D 1072 -35.56 40.57 -55.00
C LEU D 1072 -35.60 42.08 -54.82
N GLN D 1073 -34.80 42.82 -55.59
CA GLN D 1073 -34.83 44.27 -55.52
C GLN D 1073 -36.21 44.81 -55.92
N LEU D 1074 -36.74 44.30 -57.04
CA LEU D 1074 -38.06 44.73 -57.48
C LEU D 1074 -39.14 44.33 -56.48
N LEU D 1075 -38.99 43.15 -55.86
CA LEU D 1075 -39.97 42.69 -54.89
C LEU D 1075 -39.97 43.59 -53.65
N PHE D 1076 -38.79 43.96 -53.16
CA PHE D 1076 -38.71 44.83 -51.99
C PHE D 1076 -39.09 46.27 -52.32
N LYS D 1077 -38.92 46.70 -53.57
CA LYS D 1077 -39.33 48.04 -53.97
C LYS D 1077 -40.80 48.13 -54.31
N HIS D 1078 -41.47 46.99 -54.58
CA HIS D 1078 -42.87 47.03 -54.95
C HIS D 1078 -43.76 47.38 -53.78
N PHE D 1079 -43.39 46.96 -52.57
CA PHE D 1079 -44.17 47.20 -51.37
C PHE D 1079 -43.66 48.37 -50.54
N SER D 1080 -42.64 49.08 -51.00
CA SER D 1080 -42.07 50.24 -50.31
C SER D 1080 -42.33 51.52 -51.09
N GLN D 1081 -43.53 51.64 -51.67
CA GLN D 1081 -43.84 52.78 -52.51
C GLN D 1081 -43.99 54.05 -51.69
N ARG D 1082 -44.71 53.97 -50.57
CA ARG D 1082 -44.96 55.16 -49.77
C ARG D 1082 -43.69 55.71 -49.14
N GLN D 1083 -42.83 54.82 -48.64
CA GLN D 1083 -41.58 55.27 -48.04
C GLN D 1083 -40.68 55.92 -49.06
N GLU D 1084 -40.56 55.32 -50.25
CA GLU D 1084 -39.75 55.90 -51.30
C GLU D 1084 -40.31 57.24 -51.76
N ALA D 1085 -41.64 57.35 -51.83
CA ALA D 1085 -42.27 58.60 -52.21
C ALA D 1085 -41.98 59.69 -51.19
N MET D 1086 -42.09 59.35 -49.90
CA MET D 1086 -41.79 60.33 -48.85
C MET D 1086 -40.32 60.76 -48.91
N HIS D 1087 -39.43 59.80 -49.14
CA HIS D 1087 -38.01 60.13 -49.22
C HIS D 1087 -37.71 61.03 -50.40
N THR D 1088 -38.33 60.75 -51.56
CA THR D 1088 -38.12 61.58 -52.74
C THR D 1088 -38.69 62.98 -52.54
N PHE D 1089 -39.85 63.07 -51.87
CA PHE D 1089 -40.43 64.39 -51.60
C PHE D 1089 -39.56 65.17 -50.63
N LYS D 1090 -38.96 64.49 -49.64
CA LYS D 1090 -38.08 65.17 -48.70
C LYS D 1090 -36.78 65.60 -49.35
N GLN D 1091 -36.30 64.82 -50.33
CA GLN D 1091 -35.05 65.17 -51.01
C GLN D 1091 -35.24 66.31 -52.00
N VAL D 1092 -36.43 66.43 -52.60
CA VAL D 1092 -36.68 67.46 -53.59
C VAL D 1092 -36.92 68.80 -52.90
N GLN D 1093 -36.74 69.88 -53.66
CA GLN D 1093 -36.96 71.23 -53.18
C GLN D 1093 -37.48 72.08 -54.32
N LEU D 1094 -37.95 73.28 -53.97
CA LEU D 1094 -38.53 74.23 -54.92
C LEU D 1094 -37.70 75.50 -54.93
N LEU D 1095 -37.40 75.99 -56.11
CA LEU D 1095 -36.62 77.21 -56.33
C LEU D 1095 -37.53 78.30 -56.88
N ILE D 1096 -36.99 79.53 -56.93
CA ILE D 1096 -37.77 80.71 -57.30
C ILE D 1096 -37.22 81.36 -58.58
N SER D 1097 -35.92 81.20 -58.83
CA SER D 1097 -35.24 81.87 -59.93
C SER D 1097 -34.61 80.85 -60.87
N ALA D 1098 -34.54 81.22 -62.15
CA ALA D 1098 -33.92 80.36 -63.15
C ALA D 1098 -32.40 80.44 -63.08
N GLN D 1099 -31.84 81.63 -62.85
CA GLN D 1099 -30.41 81.75 -62.65
C GLN D 1099 -29.98 80.98 -61.41
N ASP D 1100 -30.80 81.01 -60.36
CA ASP D 1100 -30.51 80.20 -59.19
C ASP D 1100 -30.56 78.71 -59.51
N VAL D 1101 -31.46 78.30 -60.40
CA VAL D 1101 -31.54 76.89 -60.80
C VAL D 1101 -30.29 76.50 -61.57
N GLU D 1102 -29.81 77.38 -62.45
CA GLU D 1102 -28.58 77.10 -63.19
C GLU D 1102 -27.39 77.03 -62.23
N ASN D 1103 -27.33 77.94 -61.26
CA ASN D 1103 -26.25 77.89 -60.27
C ASN D 1103 -26.32 76.62 -59.44
N TYR D 1104 -27.53 76.16 -59.11
CA TYR D 1104 -27.67 74.93 -58.34
C TYR D 1104 -27.24 73.72 -59.16
N LYS D 1105 -27.58 73.70 -60.46
CA LYS D 1105 -27.12 72.61 -61.31
C LYS D 1105 -25.60 72.62 -61.44
N VAL D 1106 -25.01 73.81 -61.57
CA VAL D 1106 -23.55 73.91 -61.65
C VAL D 1106 -22.92 73.44 -60.34
N ILE D 1107 -23.54 73.77 -59.21
CA ILE D 1107 -23.00 73.36 -57.92
C ILE D 1107 -23.11 71.85 -57.74
N LYS D 1108 -24.19 71.25 -58.21
CA LYS D 1108 -24.33 69.80 -58.14
C LYS D 1108 -23.30 69.10 -59.02
N SER D 1109 -23.10 69.61 -60.23
CA SER D 1109 -22.06 69.07 -61.10
C SER D 1109 -20.68 69.22 -60.46
N GLU D 1110 -20.44 70.37 -59.81
CA GLU D 1110 -19.16 70.59 -59.14
C GLU D 1110 -18.98 69.65 -57.97
N LEU D 1111 -20.05 69.33 -57.24
CA LEU D 1111 -19.93 68.41 -56.11
C LEU D 1111 -19.67 66.99 -56.58
N ASP D 1112 -20.34 66.57 -57.67
CA ASP D 1112 -20.06 65.25 -58.24
C ASP D 1112 -18.62 65.17 -58.73
N ARG D 1113 -18.17 66.19 -59.46
CA ARG D 1113 -16.78 66.27 -59.89
C ARG D 1113 -15.84 66.31 -58.69
N LEU D 1114 -16.27 66.90 -57.58
CA LEU D 1114 -15.41 66.99 -56.41
C LEU D 1114 -15.28 65.63 -55.72
N ARG D 1115 -16.34 64.84 -55.71
CA ARG D 1115 -16.22 63.48 -55.16
C ARG D 1115 -15.32 62.62 -56.06
N THR D 1116 -15.56 62.67 -57.37
CA THR D 1116 -14.72 61.95 -58.32
C THR D 1116 -13.26 62.39 -58.17
N MET D 1117 -13.06 63.69 -57.97
CA MET D 1117 -11.72 64.24 -57.83
C MET D 1117 -11.12 63.93 -56.47
N VAL D 1118 -11.96 63.67 -55.46
CA VAL D 1118 -11.44 63.21 -54.17
C VAL D 1118 -10.85 61.82 -54.34
N GLU D 1119 -11.59 60.94 -55.00
CA GLU D 1119 -11.06 59.61 -55.31
C GLU D 1119 -9.79 59.72 -56.16
N LYS D 1120 -9.83 60.55 -57.19
CA LYS D 1120 -8.67 60.72 -58.06
C LYS D 1120 -7.47 61.27 -57.28
N SER D 1121 -7.69 62.27 -56.43
CA SER D 1121 -6.60 62.89 -55.66
C SER D 1121 -6.02 61.88 -54.69
N GLU D 1122 -6.85 61.01 -54.14
CA GLU D 1122 -6.34 59.87 -53.38
C GLU D 1122 -5.45 59.01 -54.27
N LEU D 1123 -5.81 58.90 -55.55
CA LEU D 1123 -4.93 58.23 -56.51
C LEU D 1123 -3.87 59.17 -57.06
N TRP D 1124 -4.19 60.46 -57.20
CA TRP D 1124 -3.41 61.40 -57.99
C TRP D 1124 -2.66 62.36 -57.09
N GLN D 1167 -3.89 71.29 -61.00
CA GLN D 1167 -4.74 72.27 -60.33
C GLN D 1167 -6.22 71.95 -60.55
N ILE D 1168 -6.56 70.67 -60.46
CA ILE D 1168 -7.94 70.22 -60.65
C ILE D 1168 -8.69 70.30 -59.31
N VAL D 1169 -8.17 69.61 -58.30
CA VAL D 1169 -8.82 69.62 -56.99
C VAL D 1169 -8.75 71.00 -56.37
N LYS D 1170 -7.59 71.65 -56.47
CA LYS D 1170 -7.46 73.01 -55.93
C LYS D 1170 -8.37 73.98 -56.67
N GLY D 1171 -8.48 73.82 -57.98
CA GLY D 1171 -9.38 74.67 -58.74
C GLY D 1171 -10.83 74.47 -58.35
N ILE D 1172 -11.23 73.22 -58.14
CA ILE D 1172 -12.60 72.93 -57.72
C ILE D 1172 -12.86 73.50 -56.33
N LEU D 1173 -11.87 73.41 -55.44
CA LEU D 1173 -12.04 73.98 -54.10
C LEU D 1173 -12.15 75.50 -54.16
N GLU D 1174 -11.34 76.14 -55.01
CA GLU D 1174 -11.43 77.59 -55.16
C GLU D 1174 -12.77 78.01 -55.75
N ARG D 1175 -13.29 77.20 -56.69
CA ARG D 1175 -14.60 77.50 -57.28
C ARG D 1175 -15.70 77.36 -56.23
N LEU D 1176 -15.65 76.30 -55.42
CA LEU D 1176 -16.67 76.11 -54.40
C LEU D 1176 -16.57 77.18 -53.31
N ASN D 1177 -15.37 77.67 -53.03
CA ASN D 1177 -15.22 78.72 -52.02
C ASN D 1177 -15.73 80.05 -52.54
N LYS D 1178 -15.50 80.34 -53.82
CA LYS D 1178 -15.96 81.57 -54.45
C LYS D 1178 -17.35 81.44 -55.06
N MET D 1179 -18.05 80.33 -54.80
CA MET D 1179 -19.38 80.14 -55.39
C MET D 1179 -20.42 80.98 -54.67
N CYS D 1180 -20.30 81.13 -53.35
CA CYS D 1180 -21.26 81.88 -52.56
C CYS D 1180 -20.57 82.39 -51.30
N GLY D 1181 -21.37 82.89 -50.37
CA GLY D 1181 -20.86 83.42 -49.10
C GLY D 1181 -21.10 84.90 -48.91
N VAL D 1182 -21.55 85.63 -49.93
CA VAL D 1182 -21.80 87.07 -49.82
C VAL D 1182 -23.24 87.30 -49.39
N GLY D 1183 -23.46 88.42 -48.70
CA GLY D 1183 -24.78 88.79 -48.24
C GLY D 1183 -25.17 88.07 -46.97
N GLU D 1184 -26.30 88.52 -46.40
CA GLU D 1184 -26.86 87.93 -45.19
C GLU D 1184 -27.96 86.92 -45.51
N GLN D 1185 -28.99 87.34 -46.24
CA GLN D 1185 -30.04 86.42 -46.65
C GLN D 1185 -29.58 85.53 -47.81
N MET D 1186 -28.78 86.08 -48.72
CA MET D 1186 -28.22 85.27 -49.79
C MET D 1186 -27.31 84.18 -49.24
N ARG D 1187 -26.53 84.50 -48.20
CA ARG D 1187 -25.69 83.50 -47.58
C ARG D 1187 -26.54 82.41 -46.91
N LYS D 1188 -27.67 82.79 -46.31
CA LYS D 1188 -28.56 81.80 -45.72
C LYS D 1188 -29.16 80.90 -46.78
N LYS D 1189 -29.56 81.47 -47.93
CA LYS D 1189 -30.10 80.66 -49.01
C LYS D 1189 -29.04 79.72 -49.57
N GLN D 1190 -27.80 80.20 -49.70
CA GLN D 1190 -26.71 79.33 -50.17
C GLN D 1190 -26.44 78.21 -49.18
N GLN D 1191 -26.48 78.51 -47.89
CA GLN D 1191 -26.28 77.48 -46.87
C GLN D 1191 -27.40 76.44 -46.93
N ARG D 1192 -28.64 76.89 -47.12
CA ARG D 1192 -29.75 75.95 -47.24
C ARG D 1192 -29.58 75.07 -48.48
N LEU D 1193 -29.17 75.67 -49.61
CA LEU D 1193 -28.98 74.90 -50.83
C LEU D 1193 -27.86 73.89 -50.68
N LEU D 1194 -26.79 74.25 -49.97
CA LEU D 1194 -25.67 73.33 -49.78
C LEU D 1194 -26.04 72.21 -48.82
N LYS D 1195 -26.73 72.53 -47.73
CA LYS D 1195 -27.15 71.50 -46.78
C LYS D 1195 -28.17 70.55 -47.41
N ASN D 1196 -29.00 71.05 -48.32
CA ASN D 1196 -29.94 70.19 -49.01
C ASN D 1196 -29.23 69.29 -50.02
N MET D 1197 -28.10 69.72 -50.55
CA MET D 1197 -27.33 68.95 -51.52
C MET D 1197 -26.30 68.03 -50.88
N ASP D 1198 -26.29 67.93 -49.56
CA ASP D 1198 -25.35 67.06 -48.83
C ASP D 1198 -23.90 67.43 -49.14
N ALA D 1199 -23.54 68.67 -48.77
CA ALA D 1199 -22.21 69.19 -48.98
C ALA D 1199 -21.23 68.81 -47.88
N HIS D 1200 -21.65 67.99 -46.91
CA HIS D 1200 -20.74 67.60 -45.83
C HIS D 1200 -19.75 66.53 -46.30
N LYS D 1201 -20.22 65.57 -47.09
CA LYS D 1201 -19.39 64.43 -47.46
C LYS D 1201 -18.20 64.86 -48.29
N VAL D 1202 -18.38 65.82 -49.19
CA VAL D 1202 -17.29 66.28 -50.04
C VAL D 1202 -16.19 66.91 -49.20
N MET D 1203 -16.58 67.79 -48.28
CA MET D 1203 -15.60 68.47 -47.44
C MET D 1203 -14.90 67.47 -46.52
N LEU D 1204 -15.65 66.51 -45.96
CA LEU D 1204 -15.03 65.54 -45.06
C LEU D 1204 -14.12 64.58 -45.80
N ASP D 1205 -14.41 64.29 -47.08
CA ASP D 1205 -13.52 63.47 -47.87
C ASP D 1205 -12.27 64.24 -48.27
N LEU D 1206 -12.42 65.54 -48.54
CA LEU D 1206 -11.24 66.36 -48.81
C LEU D 1206 -10.38 66.53 -47.57
N LEU D 1207 -10.98 66.48 -46.38
CA LEU D 1207 -10.22 66.61 -45.14
C LEU D 1207 -9.51 65.31 -44.77
N GLN D 1208 -10.09 64.16 -45.09
CA GLN D 1208 -9.53 62.86 -44.76
C GLN D 1208 -8.67 62.29 -45.88
N ILE D 1209 -8.07 63.15 -46.70
CA ILE D 1209 -7.23 62.74 -47.82
C ILE D 1209 -5.85 63.35 -47.65
N PRO D 1210 -4.79 62.57 -47.35
CA PRO D 1210 -3.48 63.22 -47.24
C PRO D 1210 -2.97 63.75 -48.58
N ASP D 1215 4.17 69.19 -48.82
CA ASP D 1215 3.60 69.51 -50.11
C ASP D 1215 3.18 70.98 -50.17
N ALA D 1216 3.50 71.64 -51.28
CA ALA D 1216 3.21 73.05 -51.48
C ALA D 1216 1.84 73.28 -52.12
N LYS D 1217 1.01 72.24 -52.25
CA LYS D 1217 -0.30 72.34 -52.88
C LYS D 1217 -1.40 71.78 -51.98
N MET D 1218 -1.06 70.77 -51.17
CA MET D 1218 -2.06 70.15 -50.31
C MET D 1218 -2.45 71.08 -49.17
N MET D 1219 -1.47 71.81 -48.61
CA MET D 1219 -1.77 72.70 -47.49
C MET D 1219 -2.70 73.83 -47.92
N GLU D 1220 -2.47 74.40 -49.10
CA GLU D 1220 -3.36 75.45 -49.59
C GLU D 1220 -4.76 74.91 -49.87
N ILE D 1221 -4.85 73.68 -50.38
CA ILE D 1221 -6.15 73.06 -50.63
C ILE D 1221 -6.90 72.87 -49.32
N LEU D 1222 -6.21 72.38 -48.29
CA LEU D 1222 -6.84 72.22 -46.98
C LEU D 1222 -7.23 73.57 -46.38
N ARG D 1223 -6.42 74.61 -46.62
CA ARG D 1223 -6.78 75.94 -46.13
C ARG D 1223 -8.05 76.45 -46.79
N TYR D 1224 -8.16 76.27 -48.11
CA TYR D 1224 -9.38 76.69 -48.80
C TYR D 1224 -10.57 75.87 -48.35
N THR D 1225 -10.37 74.57 -48.10
CA THR D 1225 -11.46 73.74 -47.60
C THR D 1225 -11.91 74.19 -46.23
N HIS D 1226 -10.96 74.56 -45.36
CA HIS D 1226 -11.32 75.04 -44.04
C HIS D 1226 -12.04 76.37 -44.11
N GLN D 1227 -11.61 77.25 -45.01
CA GLN D 1227 -12.32 78.52 -45.20
C GLN D 1227 -13.74 78.28 -45.69
N PHE D 1228 -13.92 77.33 -46.61
CA PHE D 1228 -15.25 76.99 -47.10
C PHE D 1228 -16.11 76.43 -45.98
N LEU D 1229 -15.55 75.57 -45.14
CA LEU D 1229 -16.30 75.01 -44.01
C LEU D 1229 -16.67 76.08 -43.00
N GLN D 1230 -15.78 77.05 -42.79
CA GLN D 1230 -16.07 78.15 -41.87
C GLN D 1230 -17.18 79.03 -42.41
N LYS D 1231 -17.14 79.33 -43.72
CA LYS D 1231 -18.22 80.09 -44.33
C LYS D 1231 -19.53 79.31 -44.39
N PHE D 1232 -19.46 77.98 -44.35
CA PHE D 1232 -20.68 77.17 -44.41
C PHE D 1232 -21.49 77.28 -43.13
N CYS D 1233 -20.83 77.43 -41.98
CA CYS D 1233 -21.48 77.49 -40.67
C CYS D 1233 -21.29 78.85 -40.02
N ALA D 1234 -21.46 79.92 -40.80
CA ALA D 1234 -21.25 81.27 -40.30
C ALA D 1234 -22.33 81.64 -39.28
N GLY D 1235 -23.59 81.67 -39.72
CA GLY D 1235 -24.70 82.09 -38.88
C GLY D 1235 -25.88 81.13 -38.91
N ASN D 1236 -25.58 79.83 -38.98
CA ASN D 1236 -26.61 78.79 -39.04
C ASN D 1236 -26.44 77.86 -37.84
N PRO D 1237 -27.39 77.80 -36.89
CA PRO D 1237 -27.22 76.84 -35.79
C PRO D 1237 -27.27 75.39 -36.24
N GLY D 1238 -28.03 75.09 -37.30
CA GLY D 1238 -28.08 73.72 -37.78
C GLY D 1238 -26.76 73.25 -38.34
N ASN D 1239 -26.11 74.09 -39.16
CA ASN D 1239 -24.80 73.75 -39.68
C ASN D 1239 -23.77 73.68 -38.57
N GLN D 1240 -23.90 74.53 -37.56
CA GLN D 1240 -23.00 74.47 -36.41
C GLN D 1240 -23.14 73.15 -35.67
N ALA D 1241 -24.38 72.71 -35.45
CA ALA D 1241 -24.59 71.43 -34.79
C ALA D 1241 -24.11 70.27 -35.65
N LEU D 1242 -24.26 70.38 -36.97
CA LEU D 1242 -23.78 69.33 -37.87
C LEU D 1242 -22.26 69.23 -37.81
N LEU D 1243 -21.57 70.38 -37.79
CA LEU D 1243 -20.12 70.37 -37.64
C LEU D 1243 -19.70 69.85 -36.27
N HIS D 1244 -20.48 70.17 -35.23
CA HIS D 1244 -20.19 69.63 -33.90
C HIS D 1244 -20.36 68.11 -33.86
N LYS D 1245 -21.26 67.57 -34.68
CA LYS D 1245 -21.42 66.13 -34.75
C LYS D 1245 -20.19 65.44 -35.32
N HIS D 1246 -19.44 66.15 -36.17
CA HIS D 1246 -18.22 65.63 -36.78
C HIS D 1246 -16.97 66.18 -36.11
N LEU D 1247 -17.02 66.40 -34.79
CA LEU D 1247 -15.89 66.94 -34.06
C LEU D 1247 -14.77 65.93 -33.85
N HIS D 1248 -14.98 64.65 -34.20
CA HIS D 1248 -13.92 63.66 -34.06
C HIS D 1248 -12.77 63.95 -35.01
N LEU D 1249 -13.08 64.39 -36.23
CA LEU D 1249 -12.05 64.72 -37.20
C LEU D 1249 -11.41 66.08 -36.93
N PHE D 1250 -12.17 67.00 -36.32
CA PHE D 1250 -11.66 68.33 -36.01
C PHE D 1250 -10.83 68.37 -34.74
N LEU D 1251 -10.70 67.25 -34.02
CA LEU D 1251 -9.94 67.20 -32.78
C LEU D 1251 -8.44 67.06 -33.00
N THR D 1252 -7.99 66.86 -34.23
CA THR D 1252 -6.58 66.67 -34.49
C THR D 1252 -5.82 67.97 -34.28
N PRO D 1253 -4.49 67.91 -34.18
CA PRO D 1253 -3.70 69.14 -33.99
C PRO D 1253 -3.51 69.90 -35.30
N GLY D 1254 -3.28 71.19 -35.15
CA GLY D 1254 -3.07 72.06 -36.28
C GLY D 1254 -3.40 73.50 -35.93
N LEU D 1255 -2.81 74.42 -36.70
CA LEU D 1255 -3.02 75.83 -36.46
C LEU D 1255 -4.39 76.29 -36.98
N LEU D 1256 -4.64 76.09 -38.27
CA LEU D 1256 -5.92 76.49 -38.85
C LEU D 1256 -7.08 75.65 -38.34
N GLU D 1257 -6.81 74.43 -37.86
CA GLU D 1257 -7.87 73.58 -37.33
C GLU D 1257 -8.52 74.21 -36.10
N ALA D 1258 -7.71 74.82 -35.22
CA ALA D 1258 -8.26 75.49 -34.06
C ALA D 1258 -9.07 76.72 -34.46
N GLU D 1259 -8.64 77.45 -35.48
CA GLU D 1259 -9.42 78.58 -35.97
C GLU D 1259 -10.74 78.13 -36.54
N THR D 1260 -10.74 77.01 -37.27
CA THR D 1260 -11.99 76.47 -37.80
C THR D 1260 -12.93 76.04 -36.67
N MET D 1261 -12.37 75.41 -35.63
CA MET D 1261 -13.18 75.01 -34.48
C MET D 1261 -13.76 76.24 -33.79
N GLN D 1262 -12.99 77.31 -33.68
CA GLN D 1262 -13.49 78.54 -33.08
C GLN D 1262 -14.61 79.14 -33.91
N HIS D 1263 -14.45 79.13 -35.24
CA HIS D 1263 -15.50 79.61 -36.12
C HIS D 1263 -16.75 78.74 -36.02
N ILE D 1264 -16.59 77.45 -35.70
CA ILE D 1264 -17.73 76.55 -35.64
C ILE D 1264 -18.57 76.82 -34.40
N PHE D 1265 -17.93 77.10 -33.26
CA PHE D 1265 -18.62 77.29 -32.00
C PHE D 1265 -18.91 78.76 -31.69
N LEU D 1266 -19.14 79.57 -32.71
CA LEU D 1266 -19.44 80.99 -32.51
C LEU D 1266 -20.93 81.14 -32.19
N ASN D 1267 -21.23 81.62 -30.98
CA ASN D 1267 -22.60 81.93 -30.55
C ASN D 1267 -23.49 80.69 -30.62
N ASN D 1268 -22.95 79.56 -30.21
CA ASN D 1268 -23.69 78.28 -30.15
C ASN D 1268 -24.01 78.00 -28.69
N TYR D 1269 -25.18 78.48 -28.25
CA TYR D 1269 -25.58 78.29 -26.87
C TYR D 1269 -25.91 76.83 -26.57
N GLN D 1270 -26.44 76.10 -27.55
CA GLN D 1270 -26.75 74.69 -27.36
C GLN D 1270 -25.51 73.81 -27.35
N LEU D 1271 -24.43 74.23 -28.00
CA LEU D 1271 -23.19 73.47 -28.08
C LEU D 1271 -22.17 73.87 -27.03
N CYS D 1272 -22.03 75.17 -26.77
CA CYS D 1272 -21.03 75.63 -25.81
C CYS D 1272 -21.44 75.29 -24.38
N SER D 1273 -22.74 75.31 -24.08
CA SER D 1273 -23.19 74.99 -22.73
C SER D 1273 -22.91 73.54 -22.37
N GLU D 1274 -23.07 72.63 -23.34
CA GLU D 1274 -22.80 71.22 -23.17
C GLU D 1274 -21.43 70.82 -23.73
N ILE D 1275 -20.45 71.72 -23.64
CA ILE D 1275 -19.11 71.43 -24.16
C ILE D 1275 -18.49 70.30 -23.33
N SER D 1276 -17.74 69.43 -24.01
CA SER D 1276 -17.14 68.28 -23.35
C SER D 1276 -15.86 68.66 -22.63
N GLU D 1277 -15.62 68.02 -21.49
CA GLU D 1277 -14.38 68.24 -20.75
C GLU D 1277 -13.16 67.76 -21.51
N PRO D 1278 -13.10 66.53 -22.04
CA PRO D 1278 -11.87 66.11 -22.75
C PRO D 1278 -11.53 66.96 -23.96
N VAL D 1279 -12.51 67.58 -24.61
CA VAL D 1279 -12.21 68.45 -25.75
C VAL D 1279 -11.37 69.64 -25.29
N LEU D 1280 -11.86 70.36 -24.27
CA LEU D 1280 -11.12 71.50 -23.75
C LEU D 1280 -9.80 71.06 -23.12
N GLN D 1281 -9.76 69.86 -22.54
CA GLN D 1281 -8.51 69.33 -22.01
C GLN D 1281 -7.49 69.15 -23.13
N HIS D 1282 -7.90 68.58 -24.26
CA HIS D 1282 -6.99 68.41 -25.39
C HIS D 1282 -6.57 69.77 -25.94
N PHE D 1283 -7.48 70.75 -25.95
CA PHE D 1283 -7.13 72.06 -26.49
C PHE D 1283 -6.10 72.77 -25.61
N VAL D 1284 -6.27 72.69 -24.29
CA VAL D 1284 -5.29 73.33 -23.41
C VAL D 1284 -3.97 72.55 -23.44
N HIS D 1285 -4.03 71.24 -23.62
CA HIS D 1285 -2.79 70.47 -23.81
C HIS D 1285 -2.05 70.94 -25.06
N LEU D 1286 -2.79 71.18 -26.14
CA LEU D 1286 -2.18 71.71 -27.36
C LEU D 1286 -1.59 73.09 -27.11
N LEU D 1287 -2.31 73.94 -26.37
CA LEU D 1287 -1.82 75.28 -26.08
C LEU D 1287 -0.53 75.23 -25.26
N ALA D 1288 -0.42 74.26 -24.36
CA ALA D 1288 0.79 74.11 -23.57
C ALA D 1288 1.94 73.48 -24.36
N THR D 1289 1.61 72.61 -25.32
CA THR D 1289 2.65 71.88 -26.05
C THR D 1289 3.23 72.71 -27.19
N HIS D 1290 2.36 73.21 -28.08
CA HIS D 1290 2.83 73.84 -29.32
C HIS D 1290 3.51 75.18 -29.10
N GLY D 1291 3.34 75.79 -27.92
CA GLY D 1291 4.05 77.02 -27.59
C GLY D 1291 3.18 78.25 -27.49
N ARG D 1292 1.93 78.08 -27.06
CA ARG D 1292 1.04 79.19 -26.75
C ARG D 1292 0.79 80.08 -27.97
N HIS D 1293 0.15 79.48 -28.99
CA HIS D 1293 -0.29 80.25 -30.13
C HIS D 1293 -1.52 81.06 -29.78
N VAL D 1294 -1.71 82.17 -30.49
CA VAL D 1294 -2.84 83.06 -30.22
C VAL D 1294 -4.16 82.46 -30.69
N GLN D 1295 -4.12 81.50 -31.62
CA GLN D 1295 -5.37 80.94 -32.15
C GLN D 1295 -6.10 80.13 -31.08
N TYR D 1296 -5.36 79.41 -30.23
CA TYR D 1296 -6.00 78.69 -29.14
C TYR D 1296 -6.59 79.66 -28.12
N LEU D 1297 -5.94 80.80 -27.91
CA LEU D 1297 -6.52 81.82 -27.03
C LEU D 1297 -7.80 82.38 -27.62
N ASP D 1298 -7.84 82.59 -28.94
CA ASP D 1298 -9.06 83.05 -29.59
C ASP D 1298 -10.16 82.00 -29.47
N PHE D 1299 -9.80 80.72 -29.61
CA PHE D 1299 -10.77 79.65 -29.43
C PHE D 1299 -11.34 79.64 -28.02
N LEU D 1300 -10.47 79.84 -27.02
CA LEU D 1300 -10.93 79.91 -25.64
C LEU D 1300 -11.85 81.11 -25.44
N HIS D 1301 -11.53 82.24 -26.06
CA HIS D 1301 -12.39 83.41 -25.98
C HIS D 1301 -13.75 83.14 -26.59
N THR D 1302 -13.78 82.41 -27.71
CA THR D 1302 -15.05 82.10 -28.36
C THR D 1302 -15.86 81.10 -27.55
N VAL D 1303 -15.19 80.15 -26.88
CA VAL D 1303 -15.89 79.12 -26.12
C VAL D 1303 -16.24 79.55 -24.69
N ILE D 1304 -15.65 80.62 -24.18
CA ILE D 1304 -15.92 81.04 -22.80
C ILE D 1304 -17.27 81.73 -22.71
N LYS D 1305 -17.41 82.85 -23.42
CA LYS D 1305 -18.66 83.60 -23.40
C LYS D 1305 -19.65 82.98 -24.38
N ALA D 1306 -20.82 82.61 -23.88
CA ALA D 1306 -21.86 81.98 -24.70
C ALA D 1306 -22.62 83.07 -25.45
N GLU D 1307 -23.69 82.68 -26.15
CA GLU D 1307 -24.49 83.64 -26.89
C GLU D 1307 -25.24 84.58 -25.95
N GLY D 1308 -25.69 84.07 -24.82
CA GLY D 1308 -26.41 84.87 -23.85
C GLY D 1308 -25.51 85.36 -22.73
N LYS D 1309 -25.66 84.79 -21.55
CA LYS D 1309 -24.84 85.15 -20.40
C LYS D 1309 -23.53 84.36 -20.43
N TYR D 1310 -22.75 84.46 -19.35
CA TYR D 1310 -21.50 83.72 -19.25
C TYR D 1310 -21.77 82.26 -18.92
N VAL D 1311 -20.81 81.41 -19.30
CA VAL D 1311 -20.95 79.98 -19.02
C VAL D 1311 -20.78 79.71 -17.54
N LYS D 1312 -21.26 78.55 -17.10
CA LYS D 1312 -21.21 78.14 -15.71
C LYS D 1312 -20.17 77.05 -15.44
N LYS D 1313 -20.20 75.96 -16.22
CA LYS D 1313 -19.28 74.84 -16.02
C LYS D 1313 -17.99 74.98 -16.81
N CYS D 1314 -17.97 75.80 -17.85
CA CYS D 1314 -16.78 75.92 -18.70
C CYS D 1314 -15.74 76.83 -18.08
N GLN D 1315 -16.17 77.93 -17.45
CA GLN D 1315 -15.22 78.91 -16.91
C GLN D 1315 -14.40 78.29 -15.78
N ASP D 1316 -15.03 77.53 -14.90
CA ASP D 1316 -14.31 76.92 -13.78
C ASP D 1316 -13.30 75.90 -14.28
N MET D 1317 -13.70 75.07 -15.24
CA MET D 1317 -12.77 74.09 -15.79
C MET D 1317 -11.62 74.75 -16.51
N ILE D 1318 -11.88 75.84 -17.23
CA ILE D 1318 -10.82 76.54 -17.94
C ILE D 1318 -9.85 77.17 -16.95
N MET D 1319 -10.37 77.76 -15.87
CA MET D 1319 -9.51 78.36 -14.86
C MET D 1319 -8.66 77.30 -14.17
N THR D 1320 -9.26 76.15 -13.84
CA THR D 1320 -8.51 75.07 -13.21
C THR D 1320 -7.43 74.53 -14.12
N GLU D 1321 -7.73 74.38 -15.41
CA GLU D 1321 -6.74 73.87 -16.35
C GLU D 1321 -5.62 74.88 -16.57
N LEU D 1322 -5.94 76.18 -16.58
CA LEU D 1322 -4.90 77.19 -16.77
C LEU D 1322 -4.03 77.34 -15.52
N THR D 1323 -4.60 77.11 -14.33
CA THR D 1323 -3.81 77.23 -13.11
C THR D 1323 -2.97 75.98 -12.86
N ASN D 1324 -3.50 74.80 -13.18
CA ASN D 1324 -2.80 73.55 -12.95
C ASN D 1324 -1.84 73.18 -14.08
N ALA D 1325 -1.80 73.96 -15.16
CA ALA D 1325 -0.89 73.66 -16.26
C ALA D 1325 0.56 73.90 -15.87
N GLY D 1326 0.80 74.78 -14.89
CA GLY D 1326 2.14 75.12 -14.46
C GLY D 1326 2.62 76.42 -15.05
N ASP D 1327 3.91 76.66 -14.91
CA ASP D 1327 4.55 77.85 -15.43
C ASP D 1327 4.87 77.75 -16.93
N ASP D 1328 4.51 76.65 -17.58
CA ASP D 1328 4.79 76.52 -19.02
C ASP D 1328 3.90 77.44 -19.83
N VAL D 1329 2.59 77.23 -19.77
CA VAL D 1329 1.63 78.11 -20.46
C VAL D 1329 1.29 79.21 -19.46
N VAL D 1330 2.13 80.24 -19.43
CA VAL D 1330 1.93 81.40 -18.57
C VAL D 1330 2.95 82.46 -18.96
N VAL D 1331 2.52 83.72 -19.00
CA VAL D 1331 3.39 84.85 -19.31
C VAL D 1331 3.08 85.95 -18.31
N PHE D 1332 3.88 86.04 -17.25
CA PHE D 1332 3.76 87.09 -16.23
C PHE D 1332 5.15 87.71 -16.11
N TYR D 1333 5.39 88.76 -16.90
CA TYR D 1333 6.72 89.36 -16.99
C TYR D 1333 6.96 90.20 -15.75
N ASN D 1334 7.73 89.64 -14.81
CA ASN D 1334 8.19 90.39 -13.64
C ASN D 1334 9.47 91.15 -13.92
N ASP D 1335 10.27 90.70 -14.90
CA ASP D 1335 11.50 91.38 -15.25
C ASP D 1335 11.23 92.56 -16.17
N LYS D 1336 12.06 93.59 -16.06
CA LYS D 1336 11.92 94.78 -16.89
C LYS D 1336 12.43 94.57 -18.31
N ALA D 1337 13.32 93.59 -18.52
CA ALA D 1337 13.84 93.35 -19.86
C ALA D 1337 12.76 92.83 -20.81
N SER D 1338 11.74 92.16 -20.27
CA SER D 1338 10.67 91.63 -21.12
C SER D 1338 9.76 92.74 -21.62
N LEU D 1339 9.44 93.70 -20.76
CA LEU D 1339 8.58 94.82 -21.14
C LEU D 1339 9.34 95.91 -21.89
N ALA D 1340 10.65 96.03 -21.68
CA ALA D 1340 11.43 97.04 -22.38
C ALA D 1340 11.56 96.71 -23.86
N HIS D 1341 11.59 95.43 -24.22
CA HIS D 1341 11.69 95.02 -25.61
C HIS D 1341 10.36 95.16 -26.32
N ASP D 1355 -0.20 91.31 -35.53
CA ASP D 1355 -1.27 90.33 -35.36
C ASP D 1355 -0.83 89.24 -34.39
N HIS D 1356 -0.01 88.32 -34.88
CA HIS D 1356 0.53 87.23 -34.06
C HIS D 1356 1.85 87.70 -33.46
N SER D 1357 1.88 87.89 -32.14
CA SER D 1357 3.07 88.35 -31.46
C SER D 1357 2.98 87.91 -30.00
N PRO D 1358 4.11 87.88 -29.28
CA PRO D 1358 4.04 87.53 -27.85
C PRO D 1358 3.33 88.57 -27.01
N LEU D 1359 3.43 89.85 -27.38
CA LEU D 1359 2.67 90.88 -26.67
C LEU D 1359 1.18 90.70 -26.86
N MET D 1360 0.75 90.42 -28.10
CA MET D 1360 -0.65 90.12 -28.35
C MET D 1360 -1.06 88.83 -27.64
N TYR D 1361 -0.13 87.87 -27.53
CA TYR D 1361 -0.42 86.65 -26.79
C TYR D 1361 -0.67 86.94 -25.33
N HIS D 1362 0.15 87.79 -24.72
CA HIS D 1362 -0.07 88.17 -23.32
C HIS D 1362 -1.36 88.95 -23.16
N ILE D 1363 -1.68 89.80 -24.13
CA ILE D 1363 -2.93 90.55 -24.07
C ILE D 1363 -4.13 89.61 -24.10
N SER D 1364 -4.09 88.63 -25.01
CA SER D 1364 -5.17 87.66 -25.11
C SER D 1364 -5.26 86.81 -23.84
N LEU D 1365 -4.11 86.46 -23.25
CA LEU D 1365 -4.12 85.68 -22.02
C LEU D 1365 -4.72 86.47 -20.87
N VAL D 1366 -4.39 87.77 -20.79
CA VAL D 1366 -4.95 88.61 -19.74
C VAL D 1366 -6.45 88.77 -19.94
N ASP D 1367 -6.88 88.91 -21.20
CA ASP D 1367 -8.31 89.02 -21.47
C ASP D 1367 -9.04 87.73 -21.10
N LEU D 1368 -8.43 86.58 -21.38
CA LEU D 1368 -9.04 85.31 -21.02
C LEU D 1368 -9.10 85.14 -19.51
N LEU D 1369 -8.06 85.57 -18.80
CA LEU D 1369 -8.07 85.51 -17.34
C LEU D 1369 -9.15 86.42 -16.77
N ALA D 1370 -9.35 87.59 -17.37
CA ALA D 1370 -10.40 88.49 -16.93
C ALA D 1370 -11.78 87.89 -17.19
N ALA D 1371 -11.97 87.28 -18.36
CA ALA D 1371 -13.24 86.64 -18.66
C ALA D 1371 -13.50 85.43 -17.77
N CYS D 1372 -12.44 84.78 -17.30
CA CYS D 1372 -12.62 83.62 -16.42
C CYS D 1372 -13.24 84.00 -15.09
N ALA D 1373 -13.05 85.25 -14.64
CA ALA D 1373 -13.59 85.72 -13.36
C ALA D 1373 -14.11 87.13 -13.56
N GLU D 1374 -15.41 87.24 -13.85
CA GLU D 1374 -16.12 88.51 -13.93
C GLU D 1374 -17.30 88.58 -12.97
N GLY D 1375 -18.03 87.49 -12.81
CA GLY D 1375 -19.13 87.41 -11.87
C GLY D 1375 -18.65 87.04 -10.49
N LYS D 1376 -19.55 86.41 -9.73
CA LYS D 1376 -19.25 85.98 -8.37
C LYS D 1376 -18.57 84.62 -8.42
N ASN D 1377 -17.25 84.61 -8.19
CA ASN D 1377 -16.48 83.38 -8.14
C ASN D 1377 -15.41 83.52 -7.07
N VAL D 1378 -15.38 82.58 -6.13
CA VAL D 1378 -14.49 82.69 -4.97
C VAL D 1378 -13.09 82.19 -5.31
N TYR D 1379 -12.99 80.89 -5.63
CA TYR D 1379 -11.66 80.31 -5.86
C TYR D 1379 -11.06 80.77 -7.19
N THR D 1380 -11.89 81.03 -8.19
CA THR D 1380 -11.39 81.57 -9.44
C THR D 1380 -10.75 82.94 -9.24
N GLU D 1381 -11.45 83.83 -8.53
CA GLU D 1381 -10.89 85.14 -8.23
C GLU D 1381 -9.67 85.03 -7.33
N ILE D 1382 -9.67 84.05 -6.41
CA ILE D 1382 -8.52 83.86 -5.53
C ILE D 1382 -7.28 83.47 -6.34
N LYS D 1383 -7.46 82.53 -7.28
CA LYS D 1383 -6.34 82.13 -8.14
C LYS D 1383 -5.91 83.27 -9.04
N CYS D 1384 -6.86 84.08 -9.51
CA CYS D 1384 -6.51 85.23 -10.34
C CYS D 1384 -5.69 86.24 -9.57
N THR D 1385 -6.06 86.49 -8.31
CA THR D 1385 -5.29 87.42 -7.47
C THR D 1385 -3.93 86.85 -7.14
N SER D 1386 -3.84 85.54 -6.91
CA SER D 1386 -2.56 84.91 -6.60
C SER D 1386 -1.64 84.88 -7.81
N LEU D 1387 -2.20 84.87 -9.02
CA LEU D 1387 -1.38 84.81 -10.23
C LEU D 1387 -0.76 86.16 -10.54
N LEU D 1388 -1.48 87.25 -10.28
CA LEU D 1388 -1.04 88.61 -10.61
C LEU D 1388 -1.15 89.46 -9.35
N PRO D 1389 -0.04 89.98 -8.79
CA PRO D 1389 -0.18 90.88 -7.64
C PRO D 1389 -0.77 92.21 -8.07
N LEU D 1390 -1.50 92.84 -7.14
CA LEU D 1390 -2.09 94.14 -7.41
C LEU D 1390 -1.03 95.24 -7.43
N GLU D 1391 -0.09 95.19 -6.49
CA GLU D 1391 0.99 96.17 -6.47
C GLU D 1391 1.88 96.03 -7.70
N ASP D 1392 2.11 94.79 -8.15
CA ASP D 1392 2.88 94.57 -9.37
C ASP D 1392 2.16 95.16 -10.58
N VAL D 1393 0.83 95.01 -10.63
CA VAL D 1393 0.07 95.57 -11.73
C VAL D 1393 0.12 97.09 -11.69
N VAL D 1394 0.04 97.67 -10.50
CA VAL D 1394 0.12 99.12 -10.37
C VAL D 1394 1.49 99.62 -10.80
N SER D 1395 2.55 98.87 -10.49
CA SER D 1395 3.89 99.26 -10.89
C SER D 1395 4.05 99.14 -12.40
N VAL D 1396 3.48 98.09 -13.01
CA VAL D 1396 3.57 97.92 -14.45
C VAL D 1396 2.77 99.00 -15.17
N VAL D 1397 1.69 99.48 -14.54
CA VAL D 1397 0.90 100.55 -15.15
C VAL D 1397 1.70 101.84 -15.25
N THR D 1398 2.62 102.07 -14.30
CA THR D 1398 3.44 103.27 -14.32
C THR D 1398 4.51 103.18 -15.40
N THR D 1404 1.53 100.31 -25.81
CA THR D 1404 0.84 101.09 -24.78
C THR D 1404 -0.65 100.77 -24.72
N GLU D 1405 -1.05 99.63 -25.30
CA GLU D 1405 -2.45 99.20 -25.32
C GLU D 1405 -2.73 98.08 -24.31
N VAL D 1406 -1.91 97.97 -23.26
CA VAL D 1406 -2.09 96.94 -22.24
C VAL D 1406 -2.99 97.44 -21.12
N LYS D 1407 -3.63 98.62 -21.31
CA LYS D 1407 -4.53 99.14 -20.30
C LYS D 1407 -5.82 98.36 -20.21
N MET D 1408 -6.19 97.64 -21.28
CA MET D 1408 -7.44 96.88 -21.26
C MET D 1408 -7.40 95.76 -20.21
N ALA D 1409 -6.21 95.21 -19.95
CA ALA D 1409 -6.09 94.16 -18.95
C ALA D 1409 -6.48 94.67 -17.57
N TYR D 1410 -5.90 95.80 -17.16
CA TYR D 1410 -6.25 96.39 -15.87
C TYR D 1410 -7.66 96.94 -15.88
N VAL D 1411 -8.16 97.37 -17.04
CA VAL D 1411 -9.52 97.89 -17.11
C VAL D 1411 -10.53 96.79 -16.86
N ASN D 1412 -10.33 95.61 -17.46
CA ASN D 1412 -11.22 94.49 -17.25
C ASN D 1412 -10.99 93.80 -15.92
N PHE D 1413 -9.78 93.88 -15.38
CA PHE D 1413 -9.52 93.37 -14.03
C PHE D 1413 -10.05 94.30 -12.94
N VAL D 1414 -10.55 95.47 -13.30
CA VAL D 1414 -11.09 96.40 -12.30
C VAL D 1414 -12.34 95.82 -11.64
N ASN D 1415 -12.99 94.85 -12.29
CA ASN D 1415 -14.14 94.18 -11.68
C ASN D 1415 -13.74 93.57 -10.35
N HIS D 1416 -14.47 93.94 -9.29
CA HIS D 1416 -14.14 93.53 -7.93
C HIS D 1416 -15.42 93.09 -7.21
N CYS D 1417 -15.35 91.91 -6.59
CA CYS D 1417 -16.47 91.36 -5.83
C CYS D 1417 -17.71 91.20 -6.72
N UNK D 1418 -8.63 103.03 -30.62
CA UNK D 1418 -7.27 103.43 -30.32
C UNK D 1418 -7.25 104.35 -29.10
N UNK D 1419 -7.58 105.62 -29.32
CA UNK D 1419 -7.66 106.59 -28.24
C UNK D 1419 -9.06 106.70 -27.67
N UNK D 1420 -10.08 106.62 -28.53
CA UNK D 1420 -11.46 106.65 -28.05
C UNK D 1420 -11.78 105.42 -27.22
N UNK D 1421 -11.35 104.24 -27.67
CA UNK D 1421 -11.57 103.02 -26.90
C UNK D 1421 -10.81 103.08 -25.58
N UNK D 1422 -9.60 103.64 -25.59
CA UNK D 1422 -8.84 103.79 -24.35
C UNK D 1422 -9.55 104.72 -23.38
N UNK D 1423 -10.07 105.84 -23.88
CA UNK D 1423 -10.81 106.75 -23.02
C UNK D 1423 -12.07 106.12 -22.46
N UNK D 1424 -12.77 105.34 -23.29
CA UNK D 1424 -13.96 104.64 -22.81
C UNK D 1424 -13.63 103.61 -21.73
N UNK D 1425 -12.55 102.87 -21.93
CA UNK D 1425 -12.13 101.90 -20.92
C UNK D 1425 -11.70 102.59 -19.63
N UNK D 1426 -11.03 103.74 -19.74
CA UNK D 1426 -10.64 104.49 -18.56
C UNK D 1426 -11.86 105.00 -17.81
N UNK D 1427 -12.87 105.48 -18.55
CA UNK D 1427 -14.10 105.95 -17.92
C UNK D 1427 -14.83 104.80 -17.23
N UNK D 1428 -14.86 103.62 -17.88
CA UNK D 1428 -15.51 102.46 -17.26
C UNK D 1428 -14.77 102.04 -16.00
N UNK D 1429 -13.43 102.08 -16.02
CA UNK D 1429 -12.65 101.73 -14.84
C UNK D 1429 -12.87 102.74 -13.72
N UNK D 1430 -12.97 104.02 -14.04
CA UNK D 1430 -13.22 105.04 -13.03
C UNK D 1430 -14.61 104.86 -12.43
N UNK D 1431 -15.59 104.52 -13.27
CA UNK D 1431 -16.94 104.28 -12.76
C UNK D 1431 -17.00 103.02 -11.90
N UNK D 1432 -16.20 102.00 -12.24
CA UNK D 1432 -16.17 100.79 -11.42
C UNK D 1432 -15.46 101.03 -10.10
N UNK D 1433 -14.46 101.89 -10.08
CA UNK D 1433 -13.72 102.20 -8.85
C UNK D 1433 -14.48 103.21 -8.00
N ASP D 1434 -41.09 85.99 -49.32
CA ASP D 1434 -42.16 85.14 -49.82
C ASP D 1434 -41.69 83.69 -49.92
N TYR D 1435 -40.47 83.50 -50.41
CA TYR D 1435 -39.94 82.15 -50.59
C TYR D 1435 -39.76 81.44 -49.25
N LYS D 1436 -39.44 82.19 -48.18
CA LYS D 1436 -39.25 81.57 -46.87
C LYS D 1436 -40.56 80.98 -46.35
N ASN D 1437 -41.67 81.73 -46.49
CA ASN D 1437 -42.97 81.23 -46.05
C ASN D 1437 -43.37 80.01 -46.87
N ILE D 1438 -43.09 80.03 -48.18
CA ILE D 1438 -43.42 78.89 -49.03
C ILE D 1438 -42.62 77.67 -48.62
N ILE D 1439 -41.33 77.85 -48.30
CA ILE D 1439 -40.50 76.73 -47.88
C ILE D 1439 -40.98 76.18 -46.55
N GLU D 1440 -41.36 77.06 -45.62
CA GLU D 1440 -41.87 76.61 -44.33
C GLU D 1440 -43.17 75.83 -44.50
N LYS D 1441 -44.06 76.32 -45.37
CA LYS D 1441 -45.32 75.62 -45.61
C LYS D 1441 -45.07 74.27 -46.26
N LEU D 1442 -44.11 74.19 -47.19
CA LEU D 1442 -43.78 72.92 -47.81
C LEU D 1442 -43.22 71.93 -46.79
N GLN D 1443 -42.34 72.41 -45.90
CA GLN D 1443 -41.79 71.54 -44.87
C GLN D 1443 -42.88 71.04 -43.93
N ASP D 1444 -43.79 71.93 -43.53
CA ASP D 1444 -44.87 71.53 -42.65
C ASP D 1444 -45.79 70.52 -43.32
N ILE D 1445 -46.09 70.73 -44.61
CA ILE D 1445 -46.95 69.80 -45.34
C ILE D 1445 -46.28 68.44 -45.48
N ILE D 1446 -44.97 68.43 -45.75
CA ILE D 1446 -44.25 67.17 -45.87
C ILE D 1446 -44.25 66.43 -44.53
N THR D 1447 -44.02 67.16 -43.43
CA THR D 1447 -44.02 66.52 -42.12
C THR D 1447 -45.39 65.96 -41.78
N ALA D 1448 -46.45 66.71 -42.08
CA ALA D 1448 -47.80 66.22 -41.79
C ALA D 1448 -48.12 65.00 -42.64
N LEU D 1449 -47.75 65.02 -43.91
CA LEU D 1449 -48.00 63.88 -44.79
C LEU D 1449 -47.25 62.65 -44.32
N GLU D 1450 -46.00 62.82 -43.87
CA GLU D 1450 -45.23 61.69 -43.36
C GLU D 1450 -45.87 61.14 -42.10
N GLU D 1451 -46.27 62.02 -41.17
CA GLU D 1451 -46.88 61.56 -39.93
C GLU D 1451 -48.21 60.88 -40.19
N ARG D 1452 -48.93 61.27 -41.25
CA ARG D 1452 -50.20 60.65 -41.56
C ARG D 1452 -50.04 59.34 -42.30
N LEU D 1453 -49.00 59.21 -43.13
CA LEU D 1453 -48.81 58.04 -43.98
C LEU D 1453 -47.87 57.00 -43.37
N LYS D 1454 -47.25 57.27 -42.23
CA LYS D 1454 -46.42 56.26 -41.58
C LYS D 1454 -47.20 55.01 -41.22
N PRO D 1455 -48.43 55.10 -40.69
CA PRO D 1455 -49.20 53.88 -40.46
C PRO D 1455 -49.52 53.12 -41.74
N LEU D 1456 -49.74 53.84 -42.84
CA LEU D 1456 -49.93 53.17 -44.13
C LEU D 1456 -48.67 52.42 -44.54
N VAL D 1457 -47.50 52.99 -44.28
CA VAL D 1457 -46.26 52.32 -44.62
C VAL D 1457 -46.07 51.07 -43.75
N GLN D 1458 -46.43 51.16 -42.47
CA GLN D 1458 -46.34 49.99 -41.60
C GLN D 1458 -47.29 48.90 -42.07
N ALA D 1459 -48.51 49.26 -42.46
CA ALA D 1459 -49.46 48.29 -42.97
C ALA D 1459 -48.98 47.66 -44.26
N GLU D 1460 -48.33 48.46 -45.12
CA GLU D 1460 -47.77 47.92 -46.36
C GLU D 1460 -46.66 46.94 -46.08
N LEU D 1461 -45.81 47.24 -45.09
CA LEU D 1461 -44.74 46.30 -44.72
C LEU D 1461 -45.33 45.01 -44.17
N SER D 1462 -46.39 45.12 -43.36
CA SER D 1462 -47.05 43.92 -42.84
C SER D 1462 -47.64 43.09 -43.96
N VAL D 1463 -48.27 43.75 -44.94
CA VAL D 1463 -48.85 43.04 -46.08
C VAL D 1463 -47.75 42.37 -46.89
N LEU D 1464 -46.60 43.04 -47.04
CA LEU D 1464 -45.48 42.44 -47.75
C LEU D 1464 -44.96 41.20 -47.04
N VAL D 1465 -44.87 41.26 -45.71
CA VAL D 1465 -44.44 40.10 -44.94
C VAL D 1465 -45.43 38.96 -45.09
N ASP D 1466 -46.73 39.28 -45.03
CA ASP D 1466 -47.76 38.25 -45.18
C ASP D 1466 -47.71 37.61 -46.57
N VAL D 1467 -47.46 38.41 -47.59
CA VAL D 1467 -47.37 37.87 -48.95
C VAL D 1467 -46.13 37.01 -49.10
N LEU D 1468 -45.01 37.44 -48.52
CA LEU D 1468 -43.78 36.66 -48.59
C LEU D 1468 -43.88 35.36 -47.81
N HIS D 1469 -44.75 35.30 -46.80
CA HIS D 1469 -44.89 34.07 -46.02
C HIS D 1469 -45.59 32.98 -46.83
N TRP D 1470 -46.67 33.32 -47.52
CA TRP D 1470 -47.49 32.35 -48.23
C TRP D 1470 -47.23 32.43 -49.74
N PRO D 1471 -46.74 31.39 -50.41
CA PRO D 1471 -46.58 31.45 -51.86
C PRO D 1471 -47.78 30.99 -52.66
N GLU D 1472 -48.74 30.31 -52.04
CA GLU D 1472 -49.86 29.72 -52.79
C GLU D 1472 -50.81 30.76 -53.35
N LEU D 1473 -50.86 31.96 -52.77
CA LEU D 1473 -51.83 32.96 -53.21
C LEU D 1473 -51.47 33.51 -54.59
N LEU D 1474 -50.18 33.72 -54.84
CA LEU D 1474 -49.76 34.35 -56.09
C LEU D 1474 -49.64 33.35 -57.23
N PHE D 1475 -49.13 32.15 -56.94
CA PHE D 1475 -48.88 31.18 -58.01
C PHE D 1475 -50.19 30.64 -58.57
N LEU D 1476 -50.97 29.95 -57.73
CA LEU D 1476 -52.32 29.48 -58.09
C LEU D 1476 -52.31 28.59 -59.34
N GLU D 1477 -51.24 27.81 -59.52
CA GLU D 1477 -51.15 26.95 -60.69
C GLU D 1477 -51.97 25.67 -60.50
N GLY D 1478 -51.81 25.01 -59.36
CA GLY D 1478 -52.52 23.78 -59.08
C GLY D 1478 -51.78 22.56 -59.58
N ALA D 1481 -44.32 22.65 -60.63
CA ALA D 1481 -44.95 23.96 -60.59
C ALA D 1481 -45.40 24.30 -59.18
N TYR D 1482 -46.49 23.67 -58.73
CA TYR D 1482 -47.00 23.91 -57.39
C TYR D 1482 -46.17 23.19 -56.33
N GLN D 1483 -45.54 22.07 -56.68
CA GLN D 1483 -44.70 21.36 -55.73
C GLN D 1483 -43.47 22.19 -55.36
N ARG D 1484 -42.96 22.97 -56.31
CA ARG D 1484 -41.80 23.82 -56.04
C ARG D 1484 -42.16 25.10 -55.31
N CYS D 1485 -43.45 25.47 -55.28
CA CYS D 1485 -43.85 26.73 -54.66
C CYS D 1485 -43.98 26.59 -53.14
N GLU D 1486 -44.88 25.73 -52.69
CA GLU D 1486 -45.18 25.59 -51.26
C GLU D 1486 -44.21 24.64 -50.58
N SER D 1487 -44.17 23.38 -51.02
CA SER D 1487 -43.32 22.38 -50.40
C SER D 1487 -41.88 22.39 -50.91
N GLY D 1488 -41.60 23.16 -51.97
CA GLY D 1488 -40.25 23.19 -52.52
C GLY D 1488 -39.26 24.01 -51.71
N GLY D 1489 -39.74 24.93 -50.88
CA GLY D 1489 -38.87 25.76 -50.08
C GLY D 1489 -38.41 27.00 -50.82
N PHE D 1490 -39.37 27.82 -51.27
CA PHE D 1490 -39.02 29.10 -51.88
C PHE D 1490 -38.24 29.97 -50.91
N LEU D 1491 -38.60 29.93 -49.62
CA LEU D 1491 -37.84 30.64 -48.61
C LEU D 1491 -36.42 30.10 -48.51
N SER D 1492 -36.24 28.79 -48.72
CA SER D 1492 -34.90 28.22 -48.68
C SER D 1492 -34.05 28.74 -49.83
N LYS D 1493 -34.62 28.83 -51.03
CA LYS D 1493 -33.89 29.39 -52.16
C LYS D 1493 -33.59 30.86 -51.94
N LEU D 1494 -34.53 31.60 -51.33
CA LEU D 1494 -34.29 33.00 -51.02
C LEU D 1494 -33.14 33.15 -50.03
N ILE D 1495 -33.10 32.30 -49.00
CA ILE D 1495 -32.02 32.37 -48.02
C ILE D 1495 -30.70 32.01 -48.65
N GLN D 1496 -30.69 31.02 -49.55
CA GLN D 1496 -29.46 30.66 -50.24
C GLN D 1496 -28.96 31.80 -51.11
N HIS D 1497 -29.86 32.45 -51.85
CA HIS D 1497 -29.46 33.58 -52.68
C HIS D 1497 -28.99 34.77 -51.84
N THR D 1498 -29.59 34.95 -50.66
CA THR D 1498 -29.15 36.03 -49.78
C THR D 1498 -27.78 35.75 -49.19
N LYS D 1499 -27.50 34.49 -48.86
CA LYS D 1499 -26.18 34.13 -48.34
C LYS D 1499 -25.12 34.15 -49.43
N ASP D 1500 -25.52 33.93 -50.68
CA ASP D 1500 -24.56 33.92 -51.78
C ASP D 1500 -24.22 35.33 -52.23
N LEU D 1501 -25.24 36.18 -52.38
CA LEU D 1501 -25.07 37.54 -52.90
C LEU D 1501 -25.04 38.58 -51.79
N MET D 1502 -24.48 38.24 -50.63
CA MET D 1502 -24.41 39.18 -49.52
C MET D 1502 -23.27 40.18 -49.70
N GLU D 1503 -22.20 39.78 -50.38
CA GLU D 1503 -21.02 40.65 -50.52
C GLU D 1503 -21.19 41.70 -51.61
N SER D 1504 -22.07 41.48 -52.59
CA SER D 1504 -22.22 42.42 -53.69
C SER D 1504 -22.98 43.67 -53.24
N GLU D 1505 -24.13 43.48 -52.61
CA GLU D 1505 -24.99 44.58 -52.17
C GLU D 1505 -25.46 44.28 -50.75
N GLU D 1506 -25.04 45.13 -49.81
CA GLU D 1506 -25.45 44.97 -48.42
C GLU D 1506 -26.85 45.48 -48.14
N LYS D 1507 -27.36 46.39 -48.97
CA LYS D 1507 -28.71 46.90 -48.77
C LYS D 1507 -29.75 45.79 -48.97
N LEU D 1508 -29.61 45.01 -50.04
CA LEU D 1508 -30.52 43.89 -50.25
C LEU D 1508 -30.39 42.87 -49.12
N CYS D 1509 -29.18 42.64 -48.63
CA CYS D 1509 -28.97 41.66 -47.57
C CYS D 1509 -29.66 42.10 -46.28
N ILE D 1510 -29.44 43.35 -45.86
CA ILE D 1510 -30.07 43.82 -44.63
C ILE D 1510 -31.57 43.93 -44.80
N LYS D 1511 -32.05 44.22 -46.02
CA LYS D 1511 -33.49 44.24 -46.25
C LYS D 1511 -34.09 42.84 -46.10
N VAL D 1512 -33.43 41.83 -46.65
CA VAL D 1512 -33.90 40.45 -46.50
C VAL D 1512 -33.85 40.03 -45.04
N LEU D 1513 -32.81 40.47 -44.32
CA LEU D 1513 -32.71 40.14 -42.90
C LEU D 1513 -33.85 40.78 -42.11
N ARG D 1514 -34.18 42.04 -42.43
CA ARG D 1514 -35.29 42.71 -41.75
C ARG D 1514 -36.61 42.03 -42.08
N THR D 1515 -36.78 41.59 -43.33
CA THR D 1515 -38.01 40.90 -43.71
C THR D 1515 -38.14 39.58 -42.95
N LEU D 1516 -37.06 38.81 -42.86
CA LEU D 1516 -37.10 37.56 -42.11
C LEU D 1516 -37.32 37.81 -40.62
N GLN D 1517 -36.78 38.90 -40.09
CA GLN D 1517 -37.00 39.25 -38.69
C GLN D 1517 -38.47 39.56 -38.44
N GLN D 1518 -39.07 40.37 -39.31
CA GLN D 1518 -40.48 40.73 -39.15
C GLN D 1518 -41.41 39.56 -39.44
N MET D 1519 -40.97 38.58 -40.23
CA MET D 1519 -41.83 37.45 -40.56
C MET D 1519 -41.93 36.46 -39.42
N LEU D 1520 -40.82 36.22 -38.71
CA LEU D 1520 -40.79 35.25 -37.61
C LEU D 1520 -41.15 35.92 -36.28
N LEU D 1521 -42.34 36.49 -36.24
CA LEU D 1521 -42.84 37.16 -35.05
C LEU D 1521 -44.35 37.19 -35.10
N LYS D 1522 -44.96 37.40 -33.93
CA LYS D 1522 -46.41 37.46 -33.85
C LYS D 1522 -46.92 38.77 -34.43
N LYS D 1523 -48.07 38.69 -35.12
CA LYS D 1523 -48.65 39.87 -35.73
C LYS D 1523 -49.28 40.78 -34.67
N THR D 1524 -49.38 42.05 -35.02
CA THR D 1524 -49.98 43.07 -34.16
C THR D 1524 -50.94 43.92 -34.97
N LYS D 1525 -52.09 44.23 -34.37
CA LYS D 1525 -53.12 45.00 -35.05
C LYS D 1525 -52.74 46.47 -35.09
N TYR D 1526 -52.82 47.07 -36.28
CA TYR D 1526 -52.50 48.47 -36.48
C TYR D 1526 -53.77 49.30 -36.29
N GLY D 1527 -53.72 50.58 -36.67
CA GLY D 1527 -54.87 51.45 -36.55
C GLY D 1527 -56.03 51.04 -37.43
N ASP D 1528 -57.13 51.79 -37.35
CA ASP D 1528 -58.31 51.47 -38.13
C ASP D 1528 -58.04 51.62 -39.63
N ARG D 1529 -57.46 52.74 -40.03
CA ARG D 1529 -57.11 52.94 -41.43
C ARG D 1529 -56.09 51.91 -41.90
N GLY D 1530 -55.07 51.65 -41.07
CA GLY D 1530 -54.08 50.64 -41.42
C GLY D 1530 -54.68 49.25 -41.51
N ASN D 1531 -55.58 48.91 -40.58
CA ASN D 1531 -56.23 47.61 -40.64
C ASN D 1531 -57.09 47.46 -41.89
N GLN D 1532 -57.82 48.53 -42.25
CA GLN D 1532 -58.64 48.47 -43.45
C GLN D 1532 -57.78 48.34 -44.70
N LEU D 1533 -56.66 49.07 -44.75
CA LEU D 1533 -55.77 48.98 -45.90
C LEU D 1533 -55.16 47.59 -46.00
N ARG D 1534 -54.77 47.01 -44.86
CA ARG D 1534 -54.20 45.66 -44.88
C ARG D 1534 -55.25 44.64 -45.32
N LYS D 1535 -56.49 44.79 -44.85
CA LYS D 1535 -57.54 43.87 -45.26
C LYS D 1535 -57.83 43.97 -46.75
N MET D 1536 -57.85 45.20 -47.28
CA MET D 1536 -58.09 45.38 -48.71
C MET D 1536 -56.95 44.78 -49.53
N LEU D 1537 -55.70 45.02 -49.11
CA LEU D 1537 -54.55 44.47 -49.83
C LEU D 1537 -54.55 42.95 -49.77
N LEU D 1538 -54.94 42.38 -48.63
CA LEU D 1538 -55.01 40.93 -48.51
C LEU D 1538 -56.09 40.35 -49.41
N GLN D 1539 -57.27 40.98 -49.44
CA GLN D 1539 -58.34 40.51 -50.31
C GLN D 1539 -57.96 40.66 -51.77
N ASN D 1540 -57.11 41.64 -52.10
CA ASN D 1540 -56.72 41.85 -53.49
C ASN D 1540 -55.66 40.85 -53.93
N TYR D 1541 -54.65 40.62 -53.09
CA TYR D 1541 -53.51 39.79 -53.47
C TYR D 1541 -53.72 38.31 -53.22
N LEU D 1542 -54.54 37.95 -52.23
CA LEU D 1542 -54.75 36.54 -51.92
C LEU D 1542 -55.66 35.87 -52.94
N GLN D 1543 -56.91 36.33 -53.04
CA GLN D 1543 -57.87 35.79 -54.00
C GLN D 1543 -58.09 34.29 -53.78
N ASN D 1544 -58.09 33.87 -52.51
CA ASN D 1544 -58.27 32.47 -52.18
C ASN D 1544 -58.75 32.32 -50.73
N ASP D 1564 -50.83 29.83 -29.05
CA ASP D 1564 -50.04 30.90 -29.66
C ASP D 1564 -48.62 30.44 -29.95
N TRP D 1565 -47.99 29.84 -28.94
CA TRP D 1565 -46.61 29.39 -29.09
C TRP D 1565 -46.47 28.27 -30.11
N SER D 1566 -47.53 27.51 -30.37
CA SER D 1566 -47.45 26.43 -31.35
C SER D 1566 -47.17 26.97 -32.74
N ALA D 1567 -47.85 28.05 -33.13
CA ALA D 1567 -47.64 28.62 -34.45
C ALA D 1567 -46.23 29.19 -34.59
N ILE D 1568 -45.74 29.87 -33.56
CA ILE D 1568 -44.39 30.42 -33.61
C ILE D 1568 -43.36 29.30 -33.69
N ALA D 1569 -43.58 28.21 -32.95
CA ALA D 1569 -42.66 27.08 -32.98
C ALA D 1569 -42.68 26.41 -34.35
N ALA D 1570 -43.86 26.28 -34.96
CA ALA D 1570 -43.94 25.69 -36.29
C ALA D 1570 -43.23 26.58 -37.32
N THR D 1571 -43.40 27.89 -37.21
CA THR D 1571 -42.73 28.81 -38.13
C THR D 1571 -41.21 28.72 -37.95
N GLN D 1572 -40.74 28.65 -36.71
CA GLN D 1572 -39.31 28.53 -36.46
C GLN D 1572 -38.77 27.22 -37.01
N CYS D 1573 -39.50 26.13 -36.83
CA CYS D 1573 -39.06 24.84 -37.36
C CYS D 1573 -39.02 24.85 -38.87
N ARG D 1574 -40.01 25.49 -39.51
CA ARG D 1574 -40.02 25.57 -40.97
C ARG D 1574 -38.88 26.43 -41.48
N LEU D 1575 -38.56 27.52 -40.77
CA LEU D 1575 -37.44 28.36 -41.17
C LEU D 1575 -36.11 27.63 -40.99
N ASP D 1576 -36.00 26.83 -39.93
CA ASP D 1576 -34.77 26.07 -39.71
C ASP D 1576 -34.62 24.94 -40.72
N LYS D 1577 -35.73 24.34 -41.15
CA LYS D 1577 -35.66 23.29 -42.15
C LYS D 1577 -35.23 23.84 -43.51
N GLU D 1578 -35.52 25.10 -43.78
CA GLU D 1578 -35.11 25.73 -45.03
C GLU D 1578 -33.61 26.02 -45.09
N GLY D 1579 -32.90 25.92 -43.97
CA GLY D 1579 -31.47 26.16 -43.93
C GLY D 1579 -31.11 27.55 -43.47
N ALA D 1580 -31.89 28.08 -42.52
CA ALA D 1580 -31.63 29.42 -42.00
C ALA D 1580 -30.50 29.44 -40.98
N THR D 1581 -30.26 28.33 -40.30
CA THR D 1581 -29.20 28.29 -39.28
C THR D 1581 -27.83 28.46 -39.93
N LYS D 1582 -27.56 27.71 -41.01
CA LYS D 1582 -26.28 27.83 -41.69
C LYS D 1582 -26.12 29.21 -42.30
N LEU D 1583 -27.21 29.79 -42.82
CA LEU D 1583 -27.14 31.12 -43.39
C LEU D 1583 -26.80 32.15 -42.33
N VAL D 1584 -27.43 32.05 -41.15
CA VAL D 1584 -27.13 32.98 -40.07
C VAL D 1584 -25.70 32.81 -39.60
N CYS D 1585 -25.22 31.57 -39.53
CA CYS D 1585 -23.85 31.32 -39.11
C CYS D 1585 -22.86 31.93 -40.11
N ASP D 1586 -23.12 31.76 -41.40
CA ASP D 1586 -22.23 32.33 -42.42
C ASP D 1586 -22.29 33.85 -42.41
N LEU D 1587 -23.46 34.43 -42.16
CA LEU D 1587 -23.57 35.88 -42.10
C LEU D 1587 -22.84 36.44 -40.88
N ILE D 1588 -22.86 35.71 -39.76
CA ILE D 1588 -22.17 36.16 -38.57
C ILE D 1588 -20.67 35.92 -38.65
N THR D 1589 -20.22 34.94 -39.45
CA THR D 1589 -18.82 34.58 -39.52
C THR D 1589 -18.08 35.19 -40.71
N SER D 1590 -18.80 35.65 -41.72
CA SER D 1590 -18.20 36.15 -42.97
C SER D 1590 -18.82 37.48 -43.37
N THR D 1591 -18.90 38.40 -42.41
CA THR D 1591 -19.43 39.74 -42.66
C THR D 1591 -18.57 40.76 -41.94
N LYS D 1592 -18.58 41.99 -42.47
CA LYS D 1592 -17.80 43.10 -41.93
C LYS D 1592 -18.66 44.30 -41.54
N ASN D 1593 -19.84 44.46 -42.12
CA ASN D 1593 -20.70 45.58 -41.78
C ASN D 1593 -21.33 45.38 -40.42
N GLU D 1594 -21.38 46.45 -39.63
CA GLU D 1594 -21.95 46.38 -38.29
C GLU D 1594 -23.47 46.22 -38.34
N LYS D 1595 -24.12 46.90 -39.28
CA LYS D 1595 -25.58 46.79 -39.38
C LYS D 1595 -26.01 45.40 -39.80
N ILE D 1596 -25.30 44.79 -40.74
CA ILE D 1596 -25.63 43.43 -41.18
C ILE D 1596 -25.44 42.46 -40.03
N PHE D 1597 -24.37 42.63 -39.26
CA PHE D 1597 -24.12 41.75 -38.12
C PHE D 1597 -25.19 41.93 -37.05
N GLN D 1598 -25.62 43.17 -36.81
CA GLN D 1598 -26.69 43.41 -35.84
C GLN D 1598 -27.99 42.77 -36.30
N GLU D 1599 -28.31 42.87 -37.59
CA GLU D 1599 -29.51 42.24 -38.11
C GLU D 1599 -29.44 40.72 -38.00
N SER D 1600 -28.26 40.15 -38.26
CA SER D 1600 -28.09 38.70 -38.14
C SER D 1600 -28.25 38.26 -36.68
N ILE D 1601 -27.69 39.02 -35.75
CA ILE D 1601 -27.82 38.68 -34.34
C ILE D 1601 -29.27 38.78 -33.91
N GLY D 1602 -29.99 39.80 -34.40
CA GLY D 1602 -31.40 39.92 -34.07
C GLY D 1602 -32.23 38.77 -34.62
N LEU D 1603 -31.92 38.35 -35.86
CA LEU D 1603 -32.63 37.21 -36.44
C LEU D 1603 -32.34 35.94 -35.65
N ALA D 1604 -31.09 35.74 -35.23
CA ALA D 1604 -30.75 34.57 -34.45
C ALA D 1604 -31.42 34.60 -33.08
N ILE D 1605 -31.59 35.79 -32.50
CA ILE D 1605 -32.23 35.89 -31.20
C ILE D 1605 -33.73 35.62 -31.32
N HIS D 1606 -34.37 36.17 -32.34
CA HIS D 1606 -35.80 35.99 -32.53
C HIS D 1606 -36.15 34.62 -33.09
N LEU D 1607 -35.18 33.88 -33.65
CA LEU D 1607 -35.45 32.56 -34.19
C LEU D 1607 -35.48 31.50 -33.10
N LEU D 1608 -34.56 31.58 -32.13
CA LEU D 1608 -34.43 30.59 -31.06
C LEU D 1608 -35.07 31.06 -29.76
N ASP D 1609 -36.10 31.92 -29.85
CA ASP D 1609 -36.77 32.41 -28.66
C ASP D 1609 -37.81 31.41 -28.19
N GLY D 1610 -37.97 31.32 -26.86
CA GLY D 1610 -38.93 30.40 -26.31
C GLY D 1610 -38.46 28.96 -26.41
N GLY D 1611 -39.37 28.08 -26.81
CA GLY D 1611 -39.06 26.67 -26.97
C GLY D 1611 -38.44 26.37 -28.32
N ASN D 1612 -37.12 26.20 -28.35
CA ASN D 1612 -36.37 25.96 -29.57
C ASN D 1612 -35.37 24.83 -29.36
N THR D 1613 -35.85 23.72 -28.79
CA THR D 1613 -34.98 22.57 -28.59
C THR D 1613 -34.47 22.01 -29.91
N GLU D 1614 -35.36 21.92 -30.91
CA GLU D 1614 -34.93 21.46 -32.23
C GLU D 1614 -33.97 22.46 -32.87
N ILE D 1615 -34.22 23.76 -32.70
CA ILE D 1615 -33.31 24.77 -33.24
C ILE D 1615 -31.97 24.71 -32.52
N GLN D 1616 -31.99 24.44 -31.22
CA GLN D 1616 -30.73 24.30 -30.49
C GLN D 1616 -29.95 23.09 -30.97
N LYS D 1617 -30.64 21.97 -31.21
CA LYS D 1617 -29.97 20.78 -31.74
C LYS D 1617 -29.40 21.07 -33.13
N SER D 1618 -30.13 21.83 -33.95
CA SER D 1618 -29.64 22.18 -35.27
C SER D 1618 -28.39 23.05 -35.19
N PHE D 1619 -28.39 24.03 -34.29
CA PHE D 1619 -27.20 24.86 -34.11
C PHE D 1619 -26.02 24.04 -33.62
N HIS D 1620 -26.27 23.09 -32.71
CA HIS D 1620 -25.20 22.23 -32.22
C HIS D 1620 -24.63 21.37 -33.35
N ASN D 1621 -25.51 20.80 -34.17
CA ASN D 1621 -25.05 19.97 -35.29
C ASN D 1621 -24.29 20.80 -36.32
N LEU D 1622 -24.68 22.06 -36.51
CA LEU D 1622 -24.01 22.91 -37.49
C LEU D 1622 -22.66 23.39 -36.98
N MET D 1623 -22.56 23.67 -35.67
CA MET D 1623 -21.31 24.16 -35.10
C MET D 1623 -20.33 23.05 -34.79
N MET D 1624 -20.80 21.81 -34.63
CA MET D 1624 -19.91 20.71 -34.30
C MET D 1624 -19.14 20.23 -35.52
N SER D 1625 -19.86 19.77 -36.54
CA SER D 1625 -19.25 19.22 -37.75
C SER D 1625 -19.05 20.34 -38.77
N ASP D 1626 -18.17 21.27 -38.43
CA ASP D 1626 -17.84 22.38 -39.29
C ASP D 1626 -16.50 22.96 -38.87
N LYS D 1627 -15.71 23.39 -39.86
CA LYS D 1627 -14.39 23.97 -39.60
C LYS D 1627 -14.42 25.46 -39.34
N LYS D 1628 -15.51 26.14 -39.72
CA LYS D 1628 -15.59 27.59 -39.53
C LYS D 1628 -16.05 27.98 -38.13
N SER D 1629 -16.60 27.04 -37.36
CA SER D 1629 -17.16 27.36 -36.05
C SER D 1629 -16.11 27.97 -35.14
N GLU D 1630 -14.89 27.40 -35.15
CA GLU D 1630 -13.80 27.98 -34.37
C GLU D 1630 -13.57 29.44 -34.73
N ARG D 1631 -13.57 29.75 -36.03
CA ARG D 1631 -13.46 31.14 -36.44
C ARG D 1631 -14.62 31.96 -35.93
N PHE D 1632 -15.84 31.41 -36.01
CA PHE D 1632 -17.03 32.14 -35.59
C PHE D 1632 -16.93 32.56 -34.13
N PHE D 1633 -16.73 31.57 -33.25
CA PHE D 1633 -16.52 31.87 -31.84
C PHE D 1633 -15.37 32.84 -31.64
N LYS D 1634 -14.30 32.71 -32.44
CA LYS D 1634 -13.18 33.64 -32.32
C LYS D 1634 -13.64 35.07 -32.56
N VAL D 1635 -14.39 35.29 -33.64
CA VAL D 1635 -14.90 36.61 -33.95
C VAL D 1635 -15.77 37.11 -32.81
N LEU D 1636 -16.59 36.21 -32.25
CA LEU D 1636 -17.44 36.59 -31.12
C LEU D 1636 -16.58 37.11 -29.97
N HIS D 1637 -15.55 36.35 -29.61
CA HIS D 1637 -14.67 36.76 -28.53
C HIS D 1637 -14.04 38.11 -28.84
N ASP D 1638 -13.64 38.31 -30.10
CA ASP D 1638 -13.03 39.58 -30.48
C ASP D 1638 -13.98 40.73 -30.19
N ARG D 1639 -15.23 40.59 -30.65
CA ARG D 1639 -16.21 41.65 -30.43
C ARG D 1639 -16.43 41.85 -28.94
N MET D 1640 -16.49 40.75 -28.18
CA MET D 1640 -16.68 40.85 -26.74
C MET D 1640 -15.55 41.64 -26.11
N LYS D 1641 -14.31 41.34 -26.52
CA LYS D 1641 -13.16 42.05 -25.98
C LYS D 1641 -13.25 43.52 -26.31
N ARG D 1642 -13.69 43.85 -27.53
CA ARG D 1642 -13.83 45.24 -27.91
C ARG D 1642 -14.83 45.93 -26.99
N ALA D 1643 -15.97 45.28 -26.75
CA ALA D 1643 -16.96 45.85 -25.85
C ALA D 1643 -16.38 46.03 -24.45
N GLN D 1644 -15.57 45.07 -24.02
CA GLN D 1644 -14.94 45.16 -22.71
C GLN D 1644 -14.03 46.38 -22.66
N GLN D 1645 -13.27 46.61 -23.73
CA GLN D 1645 -12.41 47.79 -23.80
C GLN D 1645 -13.24 49.05 -23.71
N GLU D 1646 -14.40 49.07 -24.38
CA GLU D 1646 -15.28 50.23 -24.29
C GLU D 1646 -15.75 50.43 -22.85
N THR D 1647 -16.07 49.34 -22.17
CA THR D 1647 -16.48 49.45 -20.77
C THR D 1647 -15.34 49.96 -19.91
N LYS D 1648 -14.10 49.67 -20.30
CA LYS D 1648 -12.93 50.17 -19.58
C LYS D 1648 -12.56 51.59 -19.99
N SER D 1649 -13.15 52.12 -21.06
CA SER D 1649 -12.79 53.45 -21.54
C SER D 1649 -13.50 54.54 -20.74
N THR D 1650 -14.83 54.53 -20.76
CA THR D 1650 -15.65 55.54 -20.08
C THR D 1650 -16.20 55.03 -18.77
N VAL D 1651 -15.45 54.17 -18.07
CA VAL D 1651 -15.91 53.62 -16.80
C VAL D 1651 -15.91 54.68 -15.69
N ALA D 1652 -15.11 55.74 -15.84
CA ALA D 1652 -15.06 56.78 -14.82
C ALA D 1652 -16.32 57.63 -14.87
N VAL D 1653 -17.03 57.70 -13.75
CA VAL D 1653 -18.26 58.47 -13.66
C VAL D 1653 -18.54 58.84 -12.21
N SER D 1708 -24.58 60.37 -18.95
CA SER D 1708 -23.99 60.14 -20.26
C SER D 1708 -24.71 59.00 -20.97
N GLU D 1709 -24.13 58.54 -22.09
CA GLU D 1709 -24.67 57.45 -22.88
C GLU D 1709 -23.56 56.46 -23.20
N MET D 1710 -23.87 55.17 -23.13
CA MET D 1710 -22.89 54.14 -23.39
C MET D 1710 -22.50 54.14 -24.87
N GLY D 1711 -21.37 53.49 -25.15
CA GLY D 1711 -20.88 53.41 -26.51
C GLY D 1711 -21.65 52.43 -27.36
N THR D 1712 -21.28 52.39 -28.65
CA THR D 1712 -21.95 51.48 -29.58
C THR D 1712 -21.54 50.03 -29.34
N SER D 1713 -20.33 49.82 -28.81
CA SER D 1713 -19.88 48.45 -28.53
C SER D 1713 -20.75 47.80 -27.46
N VAL D 1714 -21.10 48.55 -26.42
CA VAL D 1714 -21.97 48.01 -25.38
C VAL D 1714 -23.36 47.73 -25.94
N LEU D 1715 -23.86 48.61 -26.80
CA LEU D 1715 -25.16 48.39 -27.42
C LEU D 1715 -25.16 47.19 -28.35
N ILE D 1716 -24.00 46.87 -28.93
CA ILE D 1716 -23.90 45.71 -29.81
C ILE D 1716 -23.71 44.43 -28.99
N MET D 1717 -23.08 44.53 -27.82
CA MET D 1717 -22.88 43.37 -26.96
C MET D 1717 -24.08 43.05 -26.09
N GLN D 1718 -24.99 44.01 -25.90
CA GLN D 1718 -26.18 43.73 -25.09
C GLN D 1718 -27.05 42.62 -25.67
N PRO D 1719 -27.37 42.61 -26.97
CA PRO D 1719 -28.10 41.45 -27.51
C PRO D 1719 -27.24 40.20 -27.63
N ILE D 1720 -25.91 40.32 -27.60
CA ILE D 1720 -25.07 39.14 -27.69
C ILE D 1720 -25.24 38.27 -26.45
N LEU D 1721 -25.25 38.89 -25.27
CA LEU D 1721 -25.46 38.12 -24.04
C LEU D 1721 -26.87 37.54 -24.01
N ARG D 1722 -27.86 38.27 -24.53
CA ARG D 1722 -29.22 37.75 -24.58
C ARG D 1722 -29.31 36.54 -25.51
N PHE D 1723 -28.59 36.57 -26.63
CA PHE D 1723 -28.55 35.43 -27.53
C PHE D 1723 -27.87 34.25 -26.89
N LEU D 1724 -26.76 34.49 -26.17
CA LEU D 1724 -26.07 33.42 -25.49
C LEU D 1724 -26.94 32.80 -24.40
N GLN D 1725 -27.76 33.62 -23.74
CA GLN D 1725 -28.67 33.09 -22.72
C GLN D 1725 -29.81 32.30 -23.34
N LEU D 1726 -30.39 32.82 -24.43
CA LEU D 1726 -31.44 32.11 -25.13
C LEU D 1726 -30.94 30.81 -25.75
N LEU D 1727 -29.64 30.71 -26.02
CA LEU D 1727 -29.09 29.44 -26.49
C LEU D 1727 -29.27 28.34 -25.45
N CYS D 1728 -29.10 28.68 -24.17
CA CYS D 1728 -29.33 27.75 -23.07
C CYS D 1728 -30.73 27.97 -22.49
N GLU D 1729 -31.74 27.74 -23.33
CA GLU D 1729 -33.13 27.89 -22.89
C GLU D 1729 -33.52 26.76 -21.95
N ASN D 1730 -33.35 25.52 -22.40
CA ASN D 1730 -33.57 24.34 -21.56
C ASN D 1730 -32.30 24.12 -20.72
N HIS D 1731 -32.20 22.95 -20.09
CA HIS D 1731 -30.99 22.61 -19.36
C HIS D 1731 -29.77 22.63 -20.30
N ASN D 1732 -29.76 21.72 -21.27
CA ASN D 1732 -28.76 21.71 -22.34
C ASN D 1732 -27.34 21.61 -21.77
N ARG D 1733 -27.07 20.49 -21.12
CA ARG D 1733 -25.74 20.26 -20.56
C ARG D 1733 -24.69 20.19 -21.65
N ASP D 1734 -24.99 19.50 -22.75
CA ASP D 1734 -24.03 19.38 -23.85
C ASP D 1734 -23.76 20.74 -24.49
N LEU D 1735 -24.79 21.56 -24.64
CA LEU D 1735 -24.60 22.88 -25.25
C LEU D 1735 -23.79 23.79 -24.34
N GLN D 1736 -24.04 23.73 -23.02
CA GLN D 1736 -23.24 24.50 -22.09
C GLN D 1736 -21.78 24.05 -22.10
N ASN D 1737 -21.56 22.73 -22.20
CA ASN D 1737 -20.19 22.22 -22.27
C ASN D 1737 -19.51 22.68 -23.55
N PHE D 1738 -20.24 22.71 -24.66
CA PHE D 1738 -19.67 23.19 -25.92
C PHE D 1738 -19.34 24.67 -25.84
N LEU D 1739 -20.21 25.46 -25.20
CA LEU D 1739 -19.92 26.88 -25.03
C LEU D 1739 -18.74 27.10 -24.10
N ARG D 1740 -18.52 26.20 -23.14
CA ARG D 1740 -17.38 26.31 -22.24
C ARG D 1740 -16.10 25.82 -22.89
N CYS D 1741 -16.07 24.54 -23.27
CA CYS D 1741 -14.85 23.94 -23.80
C CYS D 1741 -14.58 24.37 -25.23
N GLN D 1742 -15.55 24.16 -26.12
CA GLN D 1742 -15.39 24.45 -27.54
C GLN D 1742 -14.21 23.67 -28.12
N ASN D 1743 -14.37 22.35 -28.13
CA ASN D 1743 -13.30 21.45 -28.52
C ASN D 1743 -12.93 21.65 -29.97
N ASN D 1744 -11.81 22.32 -30.21
CA ASN D 1744 -11.34 22.61 -31.55
C ASN D 1744 -9.85 22.92 -31.46
N LYS D 1745 -9.30 23.50 -32.53
CA LYS D 1745 -7.89 23.89 -32.51
C LYS D 1745 -7.61 24.96 -31.47
N THR D 1746 -8.64 25.74 -31.10
CA THR D 1746 -8.50 26.79 -30.09
C THR D 1746 -9.75 26.83 -29.23
N ASN D 1747 -9.56 27.16 -27.95
CA ASN D 1747 -10.64 27.31 -26.98
C ASN D 1747 -10.64 28.72 -26.45
N TYR D 1748 -11.83 29.21 -26.09
CA TYR D 1748 -12.00 30.62 -25.72
C TYR D 1748 -12.74 30.78 -24.39
N ASN D 1749 -13.64 29.86 -24.06
CA ASN D 1749 -14.33 29.85 -22.77
C ASN D 1749 -15.11 31.15 -22.54
N LEU D 1750 -16.14 31.32 -23.37
CA LEU D 1750 -16.93 32.55 -23.37
C LEU D 1750 -17.59 32.83 -22.02
N VAL D 1751 -17.77 31.81 -21.17
CA VAL D 1751 -18.34 32.06 -19.84
C VAL D 1751 -17.39 32.92 -19.02
N CYS D 1752 -16.10 32.63 -19.08
CA CYS D 1752 -15.11 33.48 -18.41
C CYS D 1752 -15.09 34.88 -19.02
N GLU D 1753 -15.34 34.98 -20.32
CA GLU D 1753 -15.42 36.29 -20.95
C GLU D 1753 -16.60 37.09 -20.41
N THR D 1754 -17.75 36.44 -20.22
CA THR D 1754 -18.90 37.12 -19.65
C THR D 1754 -18.65 37.52 -18.21
N LEU D 1755 -17.94 36.66 -17.46
CA LEU D 1755 -17.58 37.01 -16.08
C LEU D 1755 -16.67 38.24 -16.06
N GLN D 1756 -15.68 38.28 -16.95
CA GLN D 1756 -14.80 39.44 -17.03
C GLN D 1756 -15.57 40.69 -17.45
N PHE D 1757 -16.55 40.53 -18.35
CA PHE D 1757 -17.38 41.65 -18.75
C PHE D 1757 -18.16 42.21 -17.57
N LEU D 1758 -18.75 41.32 -16.77
CA LEU D 1758 -19.46 41.77 -15.57
C LEU D 1758 -18.53 42.46 -14.59
N ASP D 1759 -17.32 41.90 -14.42
CA ASP D 1759 -16.36 42.51 -13.50
C ASP D 1759 -15.93 43.89 -13.97
N ILE D 1760 -15.79 44.07 -15.28
CA ILE D 1760 -15.38 45.37 -15.80
C ILE D 1760 -16.53 46.37 -15.72
N MET D 1761 -17.76 45.91 -15.95
CA MET D 1761 -18.90 46.81 -15.87
C MET D 1761 -19.20 47.23 -14.43
N CYS D 1762 -18.95 46.34 -13.47
CA CYS D 1762 -19.20 46.62 -12.07
C CYS D 1762 -17.96 47.10 -11.32
N GLY D 1763 -16.79 47.11 -11.97
CA GLY D 1763 -15.56 47.51 -11.31
C GLY D 1763 -14.87 46.37 -10.61
N SER D 1764 -13.57 46.21 -10.86
CA SER D 1764 -12.83 45.11 -10.25
C SER D 1764 -12.70 45.29 -8.74
N THR D 1765 -12.32 46.49 -8.31
CA THR D 1765 -12.17 46.79 -6.89
C THR D 1765 -13.52 47.25 -6.36
N THR D 1766 -14.28 46.31 -5.81
CA THR D 1766 -15.63 46.54 -5.29
C THR D 1766 -15.71 46.20 -3.82
N GLY D 1767 -14.69 46.59 -3.05
CA GLY D 1767 -14.70 46.30 -1.62
C GLY D 1767 -15.66 47.19 -0.86
N GLY D 1768 -15.62 48.50 -1.13
CA GLY D 1768 -16.49 49.43 -0.45
C GLY D 1768 -17.86 49.52 -1.09
N LEU D 1769 -18.75 50.25 -0.40
CA LEU D 1769 -20.09 50.45 -0.92
C LEU D 1769 -20.08 51.28 -2.19
N GLY D 1770 -19.42 52.44 -2.16
CA GLY D 1770 -19.31 53.27 -3.34
C GLY D 1770 -18.50 52.64 -4.45
N LEU D 1771 -17.60 51.72 -4.11
CA LEU D 1771 -16.80 51.02 -5.12
C LEU D 1771 -17.55 49.88 -5.79
N LEU D 1772 -18.78 49.57 -5.35
CA LEU D 1772 -19.54 48.45 -5.87
C LEU D 1772 -20.98 48.78 -6.25
N GLY D 1773 -21.47 49.97 -5.94
CA GLY D 1773 -22.83 50.37 -6.23
C GLY D 1773 -22.98 51.71 -6.91
N LEU D 1774 -21.91 52.52 -6.94
CA LEU D 1774 -22.00 53.85 -7.52
C LEU D 1774 -21.89 53.84 -9.04
N TYR D 1775 -21.35 52.78 -9.63
CA TYR D 1775 -21.19 52.75 -11.08
C TYR D 1775 -22.49 52.40 -11.79
N ILE D 1776 -23.31 51.53 -11.19
CA ILE D 1776 -24.55 51.10 -11.83
C ILE D 1776 -25.55 52.25 -11.75
N ASN D 1777 -25.82 52.88 -12.90
CA ASN D 1777 -26.76 53.98 -13.00
C ASN D 1777 -28.11 53.47 -13.50
N GLU D 1778 -29.04 54.40 -13.69
CA GLU D 1778 -30.38 54.03 -14.18
C GLU D 1778 -30.35 53.65 -15.65
N ASP D 1779 -29.47 54.27 -16.43
CA ASP D 1779 -29.35 54.00 -17.87
C ASP D 1779 -28.34 52.89 -18.18
N ASN D 1780 -27.89 52.15 -17.17
CA ASN D 1780 -26.94 51.06 -17.36
C ASN D 1780 -27.32 49.79 -16.61
N VAL D 1781 -28.42 49.79 -15.86
CA VAL D 1781 -28.82 48.60 -15.11
C VAL D 1781 -29.39 47.52 -16.02
N GLY D 1782 -29.87 47.88 -17.21
CA GLY D 1782 -30.45 46.88 -18.10
C GLY D 1782 -29.42 45.89 -18.61
N LEU D 1783 -28.27 46.39 -19.07
CA LEU D 1783 -27.22 45.50 -19.55
C LEU D 1783 -26.67 44.65 -18.40
N VAL D 1784 -26.57 45.22 -17.21
CA VAL D 1784 -26.09 44.46 -16.06
C VAL D 1784 -27.07 43.34 -15.73
N ILE D 1785 -28.37 43.64 -15.77
CA ILE D 1785 -29.37 42.61 -15.47
C ILE D 1785 -29.36 41.54 -16.54
N GLN D 1786 -29.14 41.92 -17.80
CA GLN D 1786 -29.08 40.93 -18.88
C GLN D 1786 -27.88 40.01 -18.72
N THR D 1787 -26.71 40.59 -18.42
CA THR D 1787 -25.52 39.77 -18.20
C THR D 1787 -25.71 38.88 -16.98
N LEU D 1788 -26.39 39.38 -15.95
CA LEU D 1788 -26.64 38.58 -14.76
C LEU D 1788 -27.56 37.40 -15.07
N GLU D 1789 -28.62 37.64 -15.85
CA GLU D 1789 -29.51 36.56 -16.25
C GLU D 1789 -28.78 35.54 -17.13
N THR D 1790 -27.88 36.02 -17.98
CA THR D 1790 -27.10 35.10 -18.81
C THR D 1790 -26.19 34.24 -17.94
N LEU D 1791 -25.53 34.84 -16.95
CA LEU D 1791 -24.70 34.08 -16.03
C LEU D 1791 -25.53 33.06 -15.25
N THR D 1792 -26.76 33.43 -14.90
CA THR D 1792 -27.63 32.47 -14.22
C THR D 1792 -28.01 31.32 -15.15
N GLU D 1793 -28.31 31.62 -16.41
CA GLU D 1793 -28.72 30.58 -17.35
C GLU D 1793 -27.57 29.70 -17.79
N TYR D 1794 -26.32 30.16 -17.67
CA TYR D 1794 -25.19 29.32 -18.02
C TYR D 1794 -25.11 28.10 -17.10
N CYS D 1795 -25.17 28.33 -15.78
CA CYS D 1795 -25.06 27.28 -14.78
C CYS D 1795 -26.39 27.04 -14.07
N GLN D 1796 -27.50 27.21 -14.77
CA GLN D 1796 -28.81 26.96 -14.16
C GLN D 1796 -29.01 25.47 -13.91
N GLY D 1797 -28.85 24.65 -14.95
CA GLY D 1797 -29.00 23.23 -14.81
C GLY D 1797 -27.83 22.61 -14.09
N PRO D 1798 -27.95 21.34 -13.68
CA PRO D 1798 -26.86 20.69 -12.94
C PRO D 1798 -25.80 20.16 -13.89
N CYS D 1799 -24.63 20.80 -13.88
CA CYS D 1799 -23.47 20.38 -14.66
C CYS D 1799 -22.24 20.14 -13.82
N HIS D 1800 -22.01 20.96 -12.80
CA HIS D 1800 -20.88 20.83 -11.88
C HIS D 1800 -19.53 20.96 -12.58
N GLU D 1801 -19.50 21.57 -13.77
CA GLU D 1801 -18.28 21.84 -14.52
C GLU D 1801 -18.05 23.32 -14.73
N ASN D 1802 -19.03 24.03 -15.28
CA ASN D 1802 -18.90 25.47 -15.48
C ASN D 1802 -19.05 26.23 -14.17
N GLN D 1803 -19.77 25.66 -13.19
CA GLN D 1803 -19.90 26.32 -11.90
C GLN D 1803 -18.57 26.43 -11.19
N THR D 1804 -17.69 25.44 -11.36
CA THR D 1804 -16.37 25.51 -10.76
C THR D 1804 -15.46 26.49 -11.51
N CYS D 1805 -15.66 26.62 -12.82
CA CYS D 1805 -14.85 27.54 -13.61
C CYS D 1805 -15.28 28.99 -13.45
N ILE D 1806 -16.54 29.24 -13.10
CA ILE D 1806 -17.05 30.60 -12.93
C ILE D 1806 -16.82 31.10 -11.50
N VAL D 1807 -16.07 30.34 -10.70
CA VAL D 1807 -15.77 30.71 -9.32
C VAL D 1807 -14.27 30.61 -9.07
N THR D 1808 -13.46 30.76 -10.13
CA THR D 1808 -12.01 30.66 -10.03
C THR D 1808 -11.26 31.84 -10.65
N HIS D 1809 -11.89 32.61 -11.53
CA HIS D 1809 -11.24 33.75 -12.17
C HIS D 1809 -11.62 35.05 -11.48
N ILE D 1814 -14.27 38.01 -9.02
CA ILE D 1814 -15.51 37.96 -9.78
C ILE D 1814 -16.69 37.68 -8.85
N ASP D 1815 -16.60 36.57 -8.12
CA ASP D 1815 -17.66 36.22 -7.18
C ASP D 1815 -17.79 37.25 -6.06
N ILE D 1816 -16.69 37.92 -5.72
CA ILE D 1816 -16.75 38.97 -4.70
C ILE D 1816 -17.64 40.12 -5.16
N ILE D 1817 -17.65 40.38 -6.48
CA ILE D 1817 -18.51 41.44 -7.00
C ILE D 1817 -19.98 41.07 -6.79
N THR D 1818 -20.34 39.82 -7.08
CA THR D 1818 -21.71 39.38 -6.86
C THR D 1818 -22.07 39.39 -5.38
N ALA D 1819 -21.12 39.00 -4.52
CA ALA D 1819 -21.37 39.04 -3.08
C ALA D 1819 -21.62 40.46 -2.60
N LEU D 1820 -20.84 41.42 -3.11
CA LEU D 1820 -21.04 42.81 -2.74
C LEU D 1820 -22.35 43.35 -3.29
N ILE D 1821 -22.75 42.90 -4.50
CA ILE D 1821 -24.01 43.34 -5.06
C ILE D 1821 -25.18 42.81 -4.24
N LEU D 1822 -25.05 41.59 -3.72
CA LEU D 1822 -26.10 41.00 -2.90
C LEU D 1822 -26.04 41.41 -1.43
N ASN D 1823 -24.95 42.04 -0.99
CA ASN D 1823 -24.77 42.41 0.41
C ASN D 1823 -24.52 43.90 0.59
N ASP D 1824 -24.95 44.74 -0.36
CA ASP D 1824 -24.79 46.18 -0.25
C ASP D 1824 -25.92 46.85 -1.00
N ILE D 1825 -26.36 48.00 -0.48
CA ILE D 1825 -27.45 48.76 -1.07
C ILE D 1825 -26.92 49.60 -2.22
N SER D 1826 -27.83 50.11 -3.06
CA SER D 1826 -27.46 50.94 -4.19
C SER D 1826 -27.59 52.41 -3.80
N PRO D 1827 -26.53 53.22 -3.86
CA PRO D 1827 -26.69 54.62 -3.41
C PRO D 1827 -27.51 55.47 -4.37
N LEU D 1828 -27.26 55.35 -5.68
CA LEU D 1828 -27.90 56.21 -6.65
C LEU D 1828 -29.22 55.66 -7.18
N CYS D 1829 -29.44 54.34 -7.10
CA CYS D 1829 -30.65 53.73 -7.61
C CYS D 1829 -31.78 53.71 -6.59
N LYS D 1830 -31.67 54.48 -5.50
CA LYS D 1830 -32.73 54.52 -4.51
C LYS D 1830 -33.96 55.26 -4.99
N TYR D 1831 -33.82 56.14 -6.00
CA TYR D 1831 -34.97 56.84 -6.53
C TYR D 1831 -35.92 55.90 -7.26
N ARG D 1832 -35.39 54.84 -7.88
CA ARG D 1832 -36.17 53.82 -8.58
C ARG D 1832 -35.72 52.47 -8.04
N MET D 1833 -36.36 52.02 -6.97
CA MET D 1833 -35.94 50.81 -6.27
C MET D 1833 -36.51 49.53 -6.87
N ASP D 1834 -37.45 49.62 -7.81
CA ASP D 1834 -38.03 48.42 -8.39
C ASP D 1834 -36.99 47.64 -9.19
N LEU D 1835 -36.28 48.32 -10.09
CA LEU D 1835 -35.24 47.66 -10.86
C LEU D 1835 -34.10 47.19 -9.97
N VAL D 1836 -33.80 47.93 -8.90
CA VAL D 1836 -32.76 47.52 -7.97
C VAL D 1836 -33.15 46.23 -7.26
N LEU D 1837 -34.40 46.13 -6.83
CA LEU D 1837 -34.87 44.91 -6.19
C LEU D 1837 -34.89 43.75 -7.19
N GLN D 1838 -35.23 44.03 -8.44
CA GLN D 1838 -35.19 42.99 -9.47
C GLN D 1838 -33.77 42.48 -9.67
N LEU D 1839 -32.80 43.39 -9.72
CA LEU D 1839 -31.40 42.98 -9.85
C LEU D 1839 -30.95 42.19 -8.63
N LYS D 1840 -31.41 42.58 -7.44
CA LYS D 1840 -31.07 41.84 -6.23
C LYS D 1840 -31.64 40.43 -6.28
N ASP D 1841 -32.88 40.29 -6.74
CA ASP D 1841 -33.47 38.96 -6.86
C ASP D 1841 -32.74 38.12 -7.90
N ASN D 1842 -32.32 38.74 -9.01
CA ASN D 1842 -31.56 38.00 -10.01
C ASN D 1842 -30.21 37.57 -9.45
N ALA D 1843 -29.59 38.41 -8.63
CA ALA D 1843 -28.31 38.04 -8.03
C ALA D 1843 -28.48 36.90 -7.04
N SER D 1844 -29.57 36.94 -6.27
CA SER D 1844 -29.87 35.83 -5.36
C SER D 1844 -30.09 34.54 -6.15
N LYS D 1845 -30.76 34.64 -7.30
CA LYS D 1845 -30.98 33.46 -8.14
C LYS D 1845 -29.66 32.92 -8.67
N LEU D 1846 -28.76 33.82 -9.11
CA LEU D 1846 -27.44 33.38 -9.58
C LEU D 1846 -26.66 32.71 -8.47
N LEU D 1847 -26.70 33.27 -7.26
CA LEU D 1847 -25.96 32.68 -6.16
C LEU D 1847 -26.56 31.36 -5.72
N LEU D 1848 -27.88 31.19 -5.86
CA LEU D 1848 -28.50 29.91 -5.57
C LEU D 1848 -28.13 28.87 -6.61
N ALA D 1849 -28.04 29.28 -7.88
CA ALA D 1849 -27.66 28.35 -8.93
C ALA D 1849 -26.19 27.97 -8.85
N LEU D 1850 -25.34 28.88 -8.38
CA LEU D 1850 -23.91 28.57 -8.25
C LEU D 1850 -23.68 27.52 -7.19
N MET D 1851 -24.38 27.62 -6.06
CA MET D 1851 -24.29 26.63 -4.98
C MET D 1851 -25.25 25.48 -5.24
N GLU D 1852 -25.01 24.79 -6.36
CA GLU D 1852 -25.87 23.69 -6.77
C GLU D 1852 -25.51 22.43 -5.97
N SER D 1853 -26.03 21.29 -6.40
CA SER D 1853 -25.79 20.03 -5.71
C SER D 1853 -24.35 19.60 -5.95
N ARG D 1854 -23.48 19.93 -5.00
CA ARG D 1854 -22.06 19.60 -5.07
C ARG D 1854 -21.62 19.01 -3.73
N HIS D 1855 -20.98 17.83 -3.79
CA HIS D 1855 -20.53 17.18 -2.56
C HIS D 1855 -19.32 17.89 -1.96
N ASP D 1856 -18.53 18.57 -2.79
CA ASP D 1856 -17.34 19.26 -2.30
C ASP D 1856 -17.75 20.50 -1.51
N SER D 1857 -16.74 21.25 -1.04
CA SER D 1857 -16.95 22.47 -0.29
C SER D 1857 -15.98 23.58 -0.69
N GLU D 1858 -15.40 23.52 -1.89
CA GLU D 1858 -14.50 24.58 -2.33
C GLU D 1858 -15.28 25.83 -2.71
N ASN D 1859 -16.32 25.66 -3.54
CA ASN D 1859 -17.15 26.80 -3.90
C ASN D 1859 -17.86 27.37 -2.68
N ALA D 1860 -18.29 26.50 -1.77
CA ALA D 1860 -18.91 26.96 -0.53
C ALA D 1860 -17.92 27.76 0.31
N GLU D 1861 -16.68 27.29 0.38
CA GLU D 1861 -15.66 28.03 1.14
C GLU D 1861 -15.38 29.38 0.51
N ARG D 1862 -15.33 29.44 -0.82
CA ARG D 1862 -15.11 30.71 -1.50
C ARG D 1862 -16.27 31.67 -1.25
N ILE D 1863 -17.51 31.17 -1.30
CA ILE D 1863 -18.66 32.02 -1.06
C ILE D 1863 -18.67 32.51 0.39
N LEU D 1864 -18.23 31.66 1.32
CA LEU D 1864 -18.18 32.07 2.72
C LEU D 1864 -17.08 33.10 2.95
N ILE D 1865 -15.96 32.98 2.25
CA ILE D 1865 -14.88 33.96 2.38
C ILE D 1865 -15.27 35.28 1.73
N SER D 1866 -16.10 35.23 0.69
CA SER D 1866 -16.52 36.45 0.00
C SER D 1866 -17.54 37.23 0.83
N LEU D 1867 -18.68 36.62 1.12
CA LEU D 1867 -19.74 37.27 1.87
C LEU D 1867 -19.52 37.11 3.37
N ARG D 1868 -20.17 37.99 4.15
CA ARG D 1868 -20.07 38.00 5.59
C ARG D 1868 -21.29 37.31 6.21
N PRO D 1869 -21.15 36.48 7.27
CA PRO D 1869 -22.36 35.86 7.85
C PRO D 1869 -23.29 36.85 8.51
N GLN D 1870 -22.73 37.68 9.40
CA GLN D 1870 -23.54 38.66 10.13
C GLN D 1870 -24.15 39.68 9.17
N GLU D 1871 -23.39 40.08 8.15
CA GLU D 1871 -23.92 41.01 7.16
C GLU D 1871 -25.09 40.39 6.39
N LEU D 1872 -24.98 39.11 6.05
CA LEU D 1872 -26.08 38.44 5.35
C LEU D 1872 -27.31 38.31 6.23
N VAL D 1873 -27.10 37.99 7.51
CA VAL D 1873 -28.23 37.89 8.44
C VAL D 1873 -28.92 39.23 8.59
N ASP D 1874 -28.14 40.30 8.74
CA ASP D 1874 -28.71 41.64 8.84
C ASP D 1874 -29.42 42.04 7.56
N VAL D 1875 -28.89 41.63 6.40
CA VAL D 1875 -29.52 41.95 5.12
C VAL D 1875 -30.88 41.26 5.03
N ILE D 1876 -30.95 39.98 5.42
CA ILE D 1876 -32.22 39.27 5.38
C ILE D 1876 -33.21 39.90 6.36
N LYS D 1877 -32.73 40.29 7.55
CA LYS D 1877 -33.60 40.91 8.54
C LYS D 1877 -34.17 42.23 8.01
N LYS D 1878 -33.31 43.06 7.41
CA LYS D 1878 -33.78 44.32 6.86
C LYS D 1878 -34.71 44.10 5.67
N ALA D 1879 -34.46 43.07 4.86
CA ALA D 1879 -35.33 42.77 3.73
C ALA D 1879 -36.72 42.40 4.21
N TYR D 1880 -36.82 41.60 5.28
CA TYR D 1880 -38.14 41.27 5.81
C TYR D 1880 -38.76 42.46 6.52
N LEU D 1881 -37.95 43.30 7.17
CA LEU D 1881 -38.46 44.44 7.89
C LEU D 1881 -38.90 45.58 6.98
N GLN D 1882 -38.48 45.57 5.72
CA GLN D 1882 -38.96 46.58 4.78
C GLN D 1882 -40.47 46.51 4.63
N GLU D 1883 -40.98 45.39 4.11
CA GLU D 1883 -42.40 45.08 4.07
C GLU D 1883 -43.23 46.16 3.36
N GLU D 1884 -42.64 46.87 2.41
CA GLU D 1884 -43.31 47.92 1.65
C GLU D 1884 -42.92 47.76 0.19
N GLU D 1885 -43.72 47.00 -0.56
CA GLU D 1885 -43.43 46.76 -1.97
C GLU D 1885 -43.84 47.96 -2.82
N ARG D 1886 -45.13 48.29 -2.82
CA ARG D 1886 -45.66 49.40 -3.61
C ARG D 1886 -45.37 49.22 -5.10
N GLU D 1887 -45.44 47.96 -5.56
CA GLU D 1887 -45.16 47.64 -6.95
C GLU D 1887 -45.88 46.34 -7.29
N ASN D 1888 -46.00 46.10 -8.60
CA ASN D 1888 -46.67 44.90 -9.12
C ASN D 1888 -45.78 44.12 -10.08
N SER D 1889 -44.45 44.28 -9.97
CA SER D 1889 -43.50 43.58 -10.82
C SER D 1889 -42.77 42.48 -10.05
N GLU D 1890 -43.44 41.88 -9.07
CA GLU D 1890 -42.84 40.84 -8.23
C GLU D 1890 -41.58 41.35 -7.54
N VAL D 1891 -41.60 42.61 -7.13
CA VAL D 1891 -40.47 43.25 -6.48
C VAL D 1891 -40.65 43.30 -4.96
N SER D 1892 -41.47 42.42 -4.40
CA SER D 1892 -41.69 42.42 -2.96
C SER D 1892 -40.41 41.99 -2.25
N PRO D 1893 -39.93 42.73 -1.24
CA PRO D 1893 -38.68 42.30 -0.57
C PRO D 1893 -38.83 41.01 0.22
N ARG D 1894 -40.05 40.56 0.50
CA ARG D 1894 -40.23 39.34 1.28
C ARG D 1894 -39.67 38.13 0.55
N GLU D 1895 -39.97 38.01 -0.75
CA GLU D 1895 -39.50 36.87 -1.52
C GLU D 1895 -37.99 36.88 -1.66
N VAL D 1896 -37.40 38.06 -1.90
CA VAL D 1896 -35.96 38.16 -2.04
C VAL D 1896 -35.27 37.84 -0.72
N GLY D 1897 -35.83 38.33 0.38
CA GLY D 1897 -35.26 38.02 1.69
C GLY D 1897 -35.35 36.54 2.01
N HIS D 1898 -36.46 35.90 1.66
CA HIS D 1898 -36.58 34.47 1.90
C HIS D 1898 -35.64 33.67 1.02
N ASN D 1899 -35.41 34.13 -0.21
CA ASN D 1899 -34.43 33.47 -1.07
C ASN D 1899 -33.02 33.61 -0.50
N ILE D 1900 -32.68 34.79 0.02
CA ILE D 1900 -31.39 34.97 0.67
C ILE D 1900 -31.28 34.07 1.90
N TYR D 1901 -32.38 33.90 2.63
CA TYR D 1901 -32.39 33.00 3.77
C TYR D 1901 -32.16 31.55 3.35
N ILE D 1902 -32.76 31.15 2.22
CA ILE D 1902 -32.56 29.80 1.71
C ILE D 1902 -31.10 29.60 1.31
N LEU D 1903 -30.51 30.60 0.68
CA LEU D 1903 -29.09 30.52 0.33
C LEU D 1903 -28.22 30.43 1.57
N ALA D 1904 -28.57 31.18 2.62
CA ALA D 1904 -27.81 31.13 3.86
C ALA D 1904 -27.93 29.76 4.52
N LEU D 1905 -29.13 29.19 4.52
CA LEU D 1905 -29.31 27.85 5.07
C LEU D 1905 -28.54 26.81 4.27
N GLN D 1906 -28.45 26.99 2.96
CA GLN D 1906 -27.66 26.08 2.13
C GLN D 1906 -26.17 26.21 2.46
N LEU D 1907 -25.70 27.44 2.67
CA LEU D 1907 -24.29 27.66 2.97
C LEU D 1907 -23.92 27.31 4.40
N SER D 1908 -24.90 27.22 5.31
CA SER D 1908 -24.62 26.95 6.71
C SER D 1908 -24.24 25.49 6.99
N ARG D 1909 -24.21 24.62 5.98
CA ARG D 1909 -23.93 23.21 6.19
C ARG D 1909 -22.45 22.88 6.21
N HIS D 1910 -21.57 23.88 6.31
CA HIS D 1910 -20.12 23.66 6.33
C HIS D 1910 -19.45 24.38 7.49
N ASN D 1911 -19.99 25.54 7.89
CA ASN D 1911 -19.43 26.33 8.97
C ASN D 1911 -20.33 26.28 10.19
N LYS D 1912 -19.71 26.36 11.37
CA LYS D 1912 -20.44 26.27 12.64
C LYS D 1912 -20.99 27.59 13.13
N GLN D 1913 -20.42 28.72 12.68
CA GLN D 1913 -20.88 30.02 13.14
C GLN D 1913 -22.32 30.29 12.71
N LEU D 1914 -22.74 29.77 11.56
CA LEU D 1914 -24.07 30.01 11.02
C LEU D 1914 -25.06 28.90 11.40
N GLN D 1915 -24.61 27.85 12.09
CA GLN D 1915 -25.52 26.79 12.51
C GLN D 1915 -26.39 27.25 13.66
N HIS D 1916 -25.79 27.85 14.69
CA HIS D 1916 -26.51 28.34 15.85
C HIS D 1916 -26.98 29.79 15.70
N LEU D 1917 -26.72 30.43 14.57
CA LEU D 1917 -27.10 31.82 14.35
C LEU D 1917 -28.44 31.96 13.63
N LEU D 1918 -28.92 30.91 12.96
CA LEU D 1918 -30.15 31.00 12.20
C LEU D 1918 -31.40 30.78 13.06
N LYS D 1919 -31.25 30.20 14.23
CA LYS D 1919 -32.42 29.94 15.08
C LYS D 1919 -32.98 31.26 15.59
N PRO D 1920 -34.31 31.43 15.65
CA PRO D 1920 -34.83 32.69 16.21
C PRO D 1920 -34.59 32.83 17.70
N VAL D 1921 -34.83 31.77 18.47
CA VAL D 1921 -34.65 31.81 19.92
C VAL D 1921 -34.39 30.40 20.45
N ASP D 1959 -39.39 37.50 14.70
CA ASP D 1959 -40.50 37.43 13.75
C ASP D 1959 -40.04 37.09 12.31
N PRO D 1960 -38.95 37.72 11.79
CA PRO D 1960 -38.50 37.35 10.45
C PRO D 1960 -37.95 35.93 10.39
N LEU D 1961 -37.10 35.60 11.35
CA LEU D 1961 -36.46 34.28 11.35
C LEU D 1961 -37.48 33.18 11.54
N ALA D 1962 -38.45 33.37 12.43
CA ALA D 1962 -39.47 32.36 12.64
C ALA D 1962 -40.34 32.18 11.40
N TYR D 1963 -40.76 33.29 10.79
CA TYR D 1963 -41.60 33.20 9.60
C TYR D 1963 -40.86 32.55 8.44
N TYR D 1964 -39.56 32.79 8.33
CA TYR D 1964 -38.78 32.15 7.26
C TYR D 1964 -38.52 30.69 7.56
N GLU D 1965 -38.34 30.32 8.83
CA GLU D 1965 -38.19 28.92 9.18
C GLU D 1965 -39.51 28.15 9.02
N ASN D 1966 -40.65 28.85 9.09
CA ASN D 1966 -41.93 28.18 8.90
C ASN D 1966 -42.12 27.77 7.45
N HIS D 1967 -41.80 28.67 6.51
CA HIS D 1967 -41.99 28.42 5.09
C HIS D 1967 -40.70 27.91 4.46
N THR D 1968 -40.28 26.72 4.90
CA THR D 1968 -39.08 26.08 4.40
C THR D 1968 -39.28 24.56 4.47
N SER D 1969 -38.86 23.87 3.41
CA SER D 1969 -39.01 22.43 3.33
C SER D 1969 -37.87 21.86 2.50
N GLN D 1970 -37.21 20.84 3.04
CA GLN D 1970 -36.12 20.14 2.36
C GLN D 1970 -36.59 18.75 1.94
N ILE D 1971 -36.03 18.27 0.84
CA ILE D 1971 -36.37 16.94 0.32
C ILE D 1971 -35.18 16.39 -0.43
N GLU D 1972 -34.96 15.09 -0.28
CA GLU D 1972 -33.87 14.39 -0.95
C GLU D 1972 -34.40 13.69 -2.20
N ILE D 1973 -33.66 13.83 -3.30
CA ILE D 1973 -34.02 13.24 -4.59
C ILE D 1973 -32.78 12.60 -5.19
N VAL D 1974 -32.96 11.95 -6.34
CA VAL D 1974 -31.88 11.33 -7.09
C VAL D 1974 -32.05 11.73 -8.55
N ARG D 1975 -30.91 11.98 -9.23
CA ARG D 1975 -30.91 12.51 -10.59
C ARG D 1975 -30.02 11.64 -11.48
N GLN D 1976 -30.58 10.53 -11.97
CA GLN D 1976 -30.03 9.72 -13.05
C GLN D 1976 -28.58 9.29 -12.81
N ASP D 1977 -28.13 9.26 -11.55
CA ASP D 1977 -26.77 8.82 -11.24
C ASP D 1977 -26.68 7.98 -9.97
N ARG D 1978 -27.80 7.64 -9.34
CA ARG D 1978 -27.79 6.84 -8.11
C ARG D 1978 -27.04 7.56 -6.99
N SER D 1979 -27.24 8.88 -6.91
CA SER D 1979 -26.64 9.70 -5.86
C SER D 1979 -27.69 10.66 -5.32
N MET D 1980 -27.74 10.79 -4.00
CA MET D 1980 -28.73 11.62 -3.35
C MET D 1980 -28.34 13.08 -3.42
N GLU D 1981 -29.35 13.95 -3.47
CA GLU D 1981 -29.17 15.39 -3.48
C GLU D 1981 -30.31 16.03 -2.72
N GLN D 1982 -29.96 16.93 -1.81
CA GLN D 1982 -30.94 17.61 -0.95
C GLN D 1982 -31.28 18.97 -1.56
N ILE D 1983 -32.57 19.20 -1.82
CA ILE D 1983 -33.07 20.45 -2.37
C ILE D 1983 -34.01 21.07 -1.35
N VAL D 1984 -33.78 22.34 -1.03
CA VAL D 1984 -34.62 23.12 -0.13
C VAL D 1984 -35.47 24.07 -0.97
N PHE D 1985 -36.70 24.30 -0.53
CA PHE D 1985 -37.62 25.15 -1.27
C PHE D 1985 -38.66 25.70 -0.29
N PRO D 1986 -39.32 26.81 -0.63
CA PRO D 1986 -40.40 27.30 0.22
C PRO D 1986 -41.73 26.63 -0.11
N VAL D 1987 -42.61 26.60 0.89
CA VAL D 1987 -43.93 26.02 0.71
C VAL D 1987 -44.81 27.06 0.00
N PRO D 1988 -45.62 26.68 -0.99
CA PRO D 1988 -46.46 27.70 -1.64
C PRO D 1988 -47.62 28.12 -0.75
N GLY D 1989 -48.28 29.20 -1.15
CA GLY D 1989 -49.38 29.74 -0.37
C GLY D 1989 -50.67 28.95 -0.48
N ILE D 1990 -50.83 28.16 -1.53
CA ILE D 1990 -52.04 27.37 -1.73
C ILE D 1990 -51.88 25.97 -1.12
N CYS D 1991 -50.85 25.78 -0.28
CA CYS D 1991 -50.58 24.51 0.37
C CYS D 1991 -50.67 24.56 1.89
N GLN D 1992 -50.68 25.76 2.49
CA GLN D 1992 -50.75 25.85 3.94
C GLN D 1992 -52.13 25.47 4.47
N PHE D 1993 -53.19 25.74 3.70
CA PHE D 1993 -54.55 25.41 4.11
C PHE D 1993 -54.76 23.91 3.89
N LEU D 1994 -54.45 23.13 4.93
CA LEU D 1994 -54.67 21.69 4.90
C LEU D 1994 -54.94 21.23 6.32
N THR D 1995 -56.12 20.66 6.54
CA THR D 1995 -56.49 20.22 7.87
C THR D 1995 -55.74 18.94 8.23
N GLU D 1996 -55.59 18.71 9.55
CA GLU D 1996 -54.89 17.53 10.04
C GLU D 1996 -55.74 16.27 9.96
N GLU D 1997 -57.06 16.40 9.82
CA GLU D 1997 -57.92 15.22 9.76
C GLU D 1997 -57.62 14.37 8.53
N THR D 1998 -57.60 15.00 7.36
CA THR D 1998 -57.31 14.28 6.13
C THR D 1998 -55.91 13.71 6.13
N LYS D 1999 -54.95 14.47 6.70
CA LYS D 1999 -53.58 13.98 6.77
C LYS D 1999 -53.48 12.73 7.65
N HIS D 2000 -54.13 12.76 8.82
CA HIS D 2000 -54.12 11.60 9.69
C HIS D 2000 -54.86 10.42 9.06
N ARG D 2001 -55.91 10.69 8.29
CA ARG D 2001 -56.61 9.62 7.60
C ARG D 2001 -55.70 8.97 6.56
N LEU D 2002 -54.98 9.78 5.78
CA LEU D 2002 -54.12 9.24 4.74
C LEU D 2002 -52.88 8.56 5.32
N PHE D 2003 -52.44 8.99 6.50
CA PHE D 2003 -51.26 8.40 7.11
C PHE D 2003 -51.48 6.95 7.54
N THR D 2004 -52.72 6.55 7.77
CA THR D 2004 -53.07 5.20 8.21
C THR D 2004 -53.79 4.39 7.14
N THR D 2005 -54.13 4.99 6.00
CA THR D 2005 -54.85 4.31 4.93
C THR D 2005 -54.03 4.32 3.65
N THR D 2006 -52.75 3.98 3.76
CA THR D 2006 -51.83 3.93 2.63
C THR D 2006 -51.05 2.62 2.75
N GLU D 2007 -51.55 1.58 2.10
CA GLU D 2007 -50.93 0.25 2.16
C GLU D 2007 -49.99 0.04 0.98
N GLN D 2008 -49.10 -0.94 1.14
CA GLN D 2008 -48.15 -1.27 0.10
C GLN D 2008 -48.86 -1.98 -1.05
N ASP D 2009 -48.26 -1.88 -2.25
CA ASP D 2009 -48.81 -2.49 -3.47
C ASP D 2009 -47.71 -3.27 -4.17
N GLU D 2010 -47.50 -4.52 -3.73
CA GLU D 2010 -46.63 -5.49 -4.38
C GLU D 2010 -45.21 -4.98 -4.61
N GLN D 2011 -44.76 -4.02 -3.81
CA GLN D 2011 -43.41 -3.48 -3.94
C GLN D 2011 -42.73 -3.17 -2.61
N GLY D 2012 -43.35 -3.48 -1.47
CA GLY D 2012 -42.75 -3.19 -0.19
C GLY D 2012 -42.58 -1.73 0.12
N SER D 2013 -43.29 -0.85 -0.59
CA SER D 2013 -43.21 0.59 -0.38
C SER D 2013 -44.59 1.20 -0.46
N LYS D 2014 -44.76 2.32 0.25
CA LYS D 2014 -46.04 3.03 0.33
C LYS D 2014 -46.07 4.26 -0.56
N VAL D 2015 -45.26 4.28 -1.62
CA VAL D 2015 -45.18 5.45 -2.50
C VAL D 2015 -46.13 5.36 -3.69
N SER D 2016 -46.49 4.15 -4.12
CA SER D 2016 -47.33 4.01 -5.31
C SER D 2016 -48.74 4.55 -5.07
N ASP D 2017 -49.22 4.51 -3.82
CA ASP D 2017 -50.54 5.01 -3.47
C ASP D 2017 -50.53 6.47 -3.03
N PHE D 2018 -49.55 7.24 -3.51
CA PHE D 2018 -49.37 8.63 -3.11
C PHE D 2018 -49.69 9.62 -4.22
N PHE D 2019 -49.19 9.38 -5.43
CA PHE D 2019 -49.53 10.27 -6.55
C PHE D 2019 -51.00 10.17 -6.92
N ASP D 2020 -51.59 8.99 -6.77
CA ASP D 2020 -53.02 8.83 -7.04
C ASP D 2020 -53.87 9.69 -6.12
N GLN D 2021 -53.37 10.04 -4.93
CA GLN D 2021 -54.07 10.88 -3.98
C GLN D 2021 -53.56 12.32 -3.97
N SER D 2022 -52.46 12.61 -4.68
CA SER D 2022 -51.91 13.97 -4.65
C SER D 2022 -52.85 14.97 -5.31
N SER D 2023 -53.40 14.63 -6.47
CA SER D 2023 -54.34 15.53 -7.14
C SER D 2023 -55.59 15.72 -6.30
N PHE D 2024 -56.07 14.66 -5.66
CA PHE D 2024 -57.25 14.78 -4.80
C PHE D 2024 -56.95 15.68 -3.61
N LEU D 2025 -55.75 15.58 -3.04
CA LEU D 2025 -55.39 16.45 -1.92
C LEU D 2025 -55.27 17.89 -2.38
N HIS D 2026 -54.75 18.12 -3.59
CA HIS D 2026 -54.66 19.48 -4.11
C HIS D 2026 -56.05 20.06 -4.32
N ASN D 2027 -56.97 19.28 -4.87
CA ASN D 2027 -58.35 19.74 -5.04
C ASN D 2027 -59.00 19.99 -3.69
N GLU D 2028 -58.68 19.17 -2.69
CA GLU D 2028 -59.24 19.38 -1.36
C GLU D 2028 -58.73 20.66 -0.74
N MET D 2029 -57.44 20.96 -0.91
CA MET D 2029 -56.89 22.21 -0.41
C MET D 2029 -57.50 23.41 -1.12
N GLU D 2030 -57.74 23.28 -2.43
CA GLU D 2030 -58.41 24.36 -3.16
C GLU D 2030 -59.82 24.57 -2.65
N TRP D 2031 -60.55 23.49 -2.41
CA TRP D 2031 -61.91 23.60 -1.86
C TRP D 2031 -61.88 24.22 -0.47
N GLN D 2032 -60.88 23.86 0.34
CA GLN D 2032 -60.77 24.44 1.67
C GLN D 2032 -60.50 25.94 1.59
N ARG D 2033 -59.63 26.35 0.66
CA ARG D 2033 -59.38 27.78 0.48
C ARG D 2033 -60.63 28.50 0.01
N LYS D 2034 -61.41 27.87 -0.87
CA LYS D 2034 -62.63 28.50 -1.36
C LYS D 2034 -63.69 28.61 -0.27
N LEU D 2035 -63.79 27.60 0.59
CA LEU D 2035 -64.82 27.59 1.63
C LEU D 2035 -64.44 28.47 2.81
N ARG D 2036 -63.16 28.56 3.15
CA ARG D 2036 -62.74 29.40 4.27
C ARG D 2036 -62.94 30.88 3.98
N SER D 2037 -63.01 31.27 2.71
CA SER D 2037 -63.26 32.66 2.37
C SER D 2037 -64.72 33.07 2.60
N MET D 2038 -65.64 32.09 2.61
CA MET D 2038 -67.06 32.37 2.84
C MET D 2038 -67.35 32.33 4.33
N PRO D 2039 -67.95 33.36 4.94
CA PRO D 2039 -68.30 33.25 6.36
C PRO D 2039 -69.55 32.41 6.58
N LEU D 2040 -69.73 32.01 7.85
CA LEU D 2040 -70.90 31.29 8.33
C LEU D 2040 -71.06 29.88 7.77
N ILE D 2041 -70.05 29.37 7.04
CA ILE D 2041 -70.05 28.02 6.51
C ILE D 2041 -68.88 27.21 7.04
N TYR D 2042 -67.70 27.84 7.20
CA TYR D 2042 -66.54 27.15 7.73
C TYR D 2042 -66.74 26.77 9.18
N TRP D 2043 -67.25 27.70 10.00
CA TRP D 2043 -67.55 27.39 11.38
C TRP D 2043 -68.73 26.44 11.49
N PHE D 2044 -69.66 26.50 10.53
CA PHE D 2044 -70.83 25.62 10.54
C PHE D 2044 -70.50 24.19 10.15
N SER D 2045 -69.31 23.92 9.61
CA SER D 2045 -68.90 22.60 9.19
C SER D 2045 -67.62 22.10 9.85
N ARG D 2046 -66.91 22.95 10.58
CA ARG D 2046 -65.69 22.51 11.24
C ARG D 2046 -66.00 21.54 12.38
N ARG D 2047 -66.96 21.89 13.24
CA ARG D 2047 -67.31 21.08 14.39
C ARG D 2047 -68.16 19.90 13.91
N MET D 2048 -67.48 18.88 13.40
CA MET D 2048 -68.16 17.68 12.90
C MET D 2048 -68.40 16.63 13.98
N THR D 2049 -67.63 16.66 15.06
CA THR D 2049 -67.73 15.65 16.11
C THR D 2049 -68.76 16.01 17.18
N LEU D 2050 -69.69 16.90 16.89
CA LEU D 2050 -70.75 17.30 17.80
C LEU D 2050 -72.14 17.05 17.26
N TRP D 2051 -72.39 17.38 15.99
CA TRP D 2051 -73.72 17.19 15.42
C TRP D 2051 -74.08 15.73 15.34
N GLY D 2052 -73.16 14.88 14.89
CA GLY D 2052 -73.43 13.46 14.82
C GLY D 2052 -73.69 12.85 16.19
N SER D 2053 -72.91 13.26 17.19
CA SER D 2053 -73.12 12.76 18.54
C SER D 2053 -74.46 13.20 19.10
N ILE D 2054 -74.84 14.45 18.86
CA ILE D 2054 -76.14 14.94 19.34
C ILE D 2054 -77.27 14.19 18.65
N SER D 2055 -77.13 13.94 17.36
CA SER D 2055 -78.16 13.20 16.62
C SER D 2055 -78.26 11.77 17.13
N PHE D 2056 -77.13 11.13 17.40
CA PHE D 2056 -77.15 9.77 17.92
C PHE D 2056 -77.80 9.71 19.30
N ASN D 2057 -77.49 10.68 20.17
CA ASN D 2057 -78.10 10.71 21.49
C ASN D 2057 -79.59 10.94 21.40
N LEU D 2058 -80.02 11.85 20.52
CA LEU D 2058 -81.44 12.10 20.34
C LEU D 2058 -82.16 10.87 19.81
N ALA D 2059 -81.54 10.16 18.86
CA ALA D 2059 -82.15 8.94 18.34
C ALA D 2059 -82.24 7.87 19.42
N VAL D 2060 -81.21 7.74 20.26
CA VAL D 2060 -81.24 6.75 21.32
C VAL D 2060 -82.35 7.07 22.31
N PHE D 2061 -82.50 8.35 22.68
CA PHE D 2061 -83.56 8.72 23.61
C PHE D 2061 -84.94 8.51 22.99
N ILE D 2062 -85.08 8.80 21.69
CA ILE D 2062 -86.36 8.58 21.02
C ILE D 2062 -86.70 7.09 21.00
N ASN D 2063 -85.70 6.24 20.74
CA ASN D 2063 -85.94 4.80 20.76
C ASN D 2063 -86.32 4.33 22.17
N ILE D 2064 -85.64 4.84 23.20
CA ILE D 2064 -85.95 4.45 24.56
C ILE D 2064 -87.35 4.89 24.95
N ILE D 2065 -87.79 6.05 24.44
CA ILE D 2065 -89.13 6.53 24.75
C ILE D 2065 -90.18 5.69 24.02
N ILE D 2066 -89.91 5.33 22.77
CA ILE D 2066 -90.86 4.54 22.00
C ILE D 2066 -90.95 3.12 22.53
N ALA D 2067 -89.87 2.61 23.13
CA ALA D 2067 -89.83 1.22 23.58
C ALA D 2067 -90.59 0.96 24.87
N PHE D 2068 -91.14 2.00 25.51
CA PHE D 2068 -91.91 1.85 26.74
C PHE D 2068 -93.37 2.25 26.62
N PHE D 2069 -93.73 3.10 25.65
CA PHE D 2069 -95.08 3.63 25.53
C PHE D 2069 -95.63 3.51 24.12
N TYR D 2070 -95.34 2.42 23.40
CA TYR D 2070 -95.77 2.34 22.01
C TYR D 2070 -97.28 2.33 21.83
N PRO D 2071 -98.08 1.65 22.68
CA PRO D 2071 -99.53 1.88 22.65
C PRO D 2071 -99.90 3.12 23.46
N TYR D 2072 -100.34 4.16 22.76
CA TYR D 2072 -100.66 5.41 23.42
C TYR D 2072 -101.60 6.22 22.55
N MET D 2073 -102.29 7.17 23.18
CA MET D 2073 -103.22 8.06 22.48
C MET D 2073 -103.41 9.30 23.33
N GLU D 2074 -103.13 10.47 22.75
CA GLU D 2074 -103.25 11.73 23.47
C GLU D 2074 -103.51 12.87 22.50
N UNK D 2075 -93.52 2.50 34.80
CA UNK D 2075 -92.57 2.99 35.80
C UNK D 2075 -91.31 3.55 35.14
N UNK D 2076 -91.50 4.35 34.09
CA UNK D 2076 -90.37 4.95 33.40
C UNK D 2076 -89.78 6.11 34.18
N UNK D 2077 -90.64 6.98 34.73
CA UNK D 2077 -90.14 8.11 35.51
C UNK D 2077 -89.47 7.64 36.79
N UNK D 2078 -90.00 6.59 37.41
CA UNK D 2078 -89.38 6.05 38.62
C UNK D 2078 -88.02 5.44 38.31
N UNK D 2079 -87.86 4.82 37.13
CA UNK D 2079 -86.57 4.26 36.75
C UNK D 2079 -85.59 5.35 36.36
N UNK D 2080 -86.08 6.46 35.78
CA UNK D 2080 -85.20 7.56 35.42
C UNK D 2080 -84.75 8.34 36.64
N UNK D 2081 -85.61 8.46 37.66
CA UNK D 2081 -85.22 9.16 38.88
C UNK D 2081 -84.16 8.38 39.66
N UNK D 2082 -84.23 7.05 39.63
CA UNK D 2082 -83.26 6.20 40.29
C UNK D 2082 -82.04 5.90 39.43
N UNK D 2083 -81.87 6.61 38.31
CA UNK D 2083 -80.73 6.38 37.43
C UNK D 2083 -80.44 7.63 36.59
N PRO D 2084 -76.10 16.21 28.91
CA PRO D 2084 -76.20 14.89 29.54
C PRO D 2084 -77.42 14.77 30.46
N LEU D 2085 -77.37 15.42 31.61
CA LEU D 2085 -78.52 15.41 32.53
C LEU D 2085 -79.55 16.46 32.15
N ILE D 2086 -79.11 17.58 31.57
CA ILE D 2086 -80.05 18.59 31.08
C ILE D 2086 -80.91 18.01 29.97
N VAL D 2087 -80.34 17.12 29.15
CA VAL D 2087 -81.12 16.45 28.12
C VAL D 2087 -82.22 15.59 28.76
N ALA D 2088 -81.88 14.90 29.85
CA ALA D 2088 -82.88 14.10 30.54
C ALA D 2088 -83.97 14.97 31.17
N LEU D 2089 -83.58 16.13 31.71
CA LEU D 2089 -84.57 17.04 32.27
C LEU D 2089 -85.50 17.57 31.19
N ILE D 2090 -84.96 17.92 30.03
CA ILE D 2090 -85.78 18.38 28.92
C ILE D 2090 -86.70 17.27 28.44
N LEU D 2091 -86.19 16.04 28.43
CA LEU D 2091 -87.02 14.90 28.03
C LEU D 2091 -88.17 14.70 29.01
N ARG D 2092 -87.91 14.84 30.31
CA ARG D 2092 -88.98 14.73 31.30
C ARG D 2092 -90.00 15.84 31.13
N SER D 2093 -89.53 17.07 30.90
CA SER D 2093 -90.45 18.19 30.68
C SER D 2093 -91.29 17.99 29.43
N ILE D 2094 -90.72 17.35 28.40
CA ILE D 2094 -91.48 17.10 27.18
C ILE D 2094 -92.49 15.97 27.40
N TYR D 2095 -92.08 14.93 28.15
CA TYR D 2095 -93.00 13.84 28.45
C TYR D 2095 -94.16 14.32 29.30
N TYR D 2096 -93.93 15.31 30.16
CA TYR D 2096 -95.02 15.89 30.95
C TYR D 2096 -96.01 16.69 30.10
N LEU D 2097 -95.65 17.02 28.85
CA LEU D 2097 -96.51 17.77 27.94
C LEU D 2097 -97.01 16.88 26.80
N GLY D 2098 -97.33 15.63 27.11
CA GLY D 2098 -97.81 14.70 26.10
C GLY D 2098 -96.69 13.98 25.39
N ILE D 2099 -96.82 12.65 25.27
CA ILE D 2099 -95.75 11.86 24.65
C ILE D 2099 -95.78 11.97 23.13
N GLY D 2100 -96.97 12.10 22.54
CA GLY D 2100 -97.10 12.12 21.10
C GLY D 2100 -96.45 13.34 20.46
N PRO D 2101 -96.93 14.54 20.81
CA PRO D 2101 -96.28 15.75 20.28
C PRO D 2101 -94.83 15.88 20.70
N THR D 2102 -94.46 15.41 21.89
CA THR D 2102 -93.07 15.45 22.31
C THR D 2102 -92.20 14.59 21.40
N LEU D 2103 -92.65 13.37 21.10
CA LEU D 2103 -91.92 12.51 20.19
C LEU D 2103 -91.87 13.09 18.79
N ASN D 2104 -92.95 13.74 18.36
CA ASN D 2104 -92.96 14.37 17.04
C ASN D 2104 -91.93 15.49 16.97
N ILE D 2105 -91.87 16.33 18.01
CA ILE D 2105 -90.90 17.42 18.03
C ILE D 2105 -89.48 16.87 18.10
N LEU D 2106 -89.27 15.79 18.86
CA LEU D 2106 -87.95 15.18 18.93
C LEU D 2106 -87.54 14.62 17.58
N GLY D 2107 -88.47 14.00 16.87
CA GLY D 2107 -88.16 13.48 15.54
C GLY D 2107 -87.86 14.59 14.55
N ALA D 2108 -88.61 15.69 14.63
CA ALA D 2108 -88.33 16.83 13.75
C ALA D 2108 -86.95 17.42 14.05
N LEU D 2109 -86.60 17.53 15.33
CA LEU D 2109 -85.27 18.03 15.68
C LEU D 2109 -84.18 17.10 15.21
N ASN D 2110 -84.42 15.78 15.32
CA ASN D 2110 -83.44 14.81 14.84
C ASN D 2110 -83.27 14.90 13.33
N LEU D 2111 -84.38 15.09 12.60
CA LEU D 2111 -84.30 15.23 11.15
C LEU D 2111 -83.53 16.50 10.77
N THR D 2112 -83.79 17.60 11.47
CA THR D 2112 -83.07 18.85 11.20
C THR D 2112 -81.58 18.68 11.49
N ASN D 2113 -81.25 18.01 12.60
CA ASN D 2113 -79.85 17.80 12.94
C ASN D 2113 -79.17 16.89 11.93
N LYS D 2114 -79.87 15.87 11.44
CA LYS D 2114 -79.29 14.98 10.43
C LYS D 2114 -79.09 15.73 9.12
N ILE D 2115 -80.01 16.61 8.77
CA ILE D 2115 -79.84 17.41 7.55
C ILE D 2115 -78.64 18.34 7.68
N VAL D 2116 -78.49 18.97 8.85
CA VAL D 2116 -77.35 19.85 9.08
C VAL D 2116 -76.04 19.05 9.03
N PHE D 2117 -76.06 17.84 9.59
CA PHE D 2117 -74.87 16.99 9.58
C PHE D 2117 -74.51 16.57 8.16
N VAL D 2118 -75.51 16.23 7.35
CA VAL D 2118 -75.26 15.86 5.96
C VAL D 2118 -74.72 17.05 5.18
N VAL D 2119 -75.25 18.25 5.45
CA VAL D 2119 -74.76 19.45 4.77
C VAL D 2119 -73.31 19.72 5.16
N SER D 2120 -72.99 19.56 6.44
CA SER D 2120 -71.62 19.76 6.90
C SER D 2120 -70.67 18.73 6.27
N PHE D 2121 -71.11 17.48 6.18
CA PHE D 2121 -70.28 16.45 5.58
C PHE D 2121 -70.08 16.68 4.08
N VAL D 2122 -71.10 17.21 3.41
CA VAL D 2122 -70.97 17.51 1.99
C VAL D 2122 -70.06 18.71 1.76
N GLY D 2123 -70.12 19.70 2.67
CA GLY D 2123 -69.30 20.88 2.50
C GLY D 2123 -67.86 20.69 2.93
N ASN D 2124 -67.60 19.74 3.83
CA ASN D 2124 -66.25 19.52 4.32
C ASN D 2124 -65.37 18.87 3.25
N ARG D 2125 -65.75 17.66 2.84
CA ARG D 2125 -64.99 16.91 1.83
C ARG D 2125 -65.87 16.17 0.84
N GLY D 2126 -67.19 16.36 0.87
CA GLY D 2126 -68.05 15.62 -0.04
C GLY D 2126 -67.98 16.12 -1.47
N THR D 2127 -67.69 17.41 -1.65
CA THR D 2127 -67.61 18.00 -2.99
C THR D 2127 -66.19 17.87 -3.56
N PHE D 2128 -65.71 16.62 -3.59
CA PHE D 2128 -64.40 16.34 -4.15
C PHE D 2128 -64.37 16.62 -5.65
N ILE D 2129 -65.29 16.01 -6.39
CA ILE D 2129 -65.41 16.28 -7.81
C ILE D 2129 -66.14 17.60 -8.02
N ARG D 2130 -66.02 18.13 -9.24
CA ARG D 2130 -66.65 19.40 -9.58
C ARG D 2130 -68.14 19.20 -9.81
N GLY D 2131 -68.96 19.79 -8.95
CA GLY D 2131 -70.41 19.70 -9.08
C GLY D 2131 -71.03 18.43 -8.57
N TYR D 2132 -70.25 17.55 -7.91
CA TYR D 2132 -70.76 16.29 -7.37
C TYR D 2132 -71.34 15.41 -8.48
N LYS D 2133 -70.50 15.14 -9.48
CA LYS D 2133 -70.91 14.31 -10.60
C LYS D 2133 -70.87 12.84 -10.24
N ALA D 2134 -69.76 12.39 -9.65
CA ALA D 2134 -69.55 11.00 -9.26
C ALA D 2134 -69.50 10.83 -7.75
N MET D 2135 -70.19 11.70 -7.01
CA MET D 2135 -70.20 11.62 -5.56
C MET D 2135 -71.16 10.57 -5.02
N VAL D 2136 -72.06 10.03 -5.85
CA VAL D 2136 -73.02 9.05 -5.38
C VAL D 2136 -72.40 7.66 -5.22
N MET D 2137 -71.28 7.38 -5.90
CA MET D 2137 -70.63 6.08 -5.85
C MET D 2137 -69.45 6.05 -4.89
N ASP D 2138 -69.49 6.87 -3.84
CA ASP D 2138 -68.42 6.92 -2.85
C ASP D 2138 -68.59 5.91 -1.73
N MET D 2139 -69.75 5.26 -1.63
CA MET D 2139 -70.02 4.24 -0.62
C MET D 2139 -70.03 4.81 0.80
N GLU D 2140 -70.15 6.13 0.94
CA GLU D 2140 -70.31 6.78 2.24
C GLU D 2140 -71.38 7.84 2.27
N PHE D 2141 -71.73 8.44 1.13
CA PHE D 2141 -72.79 9.44 1.06
C PHE D 2141 -74.16 8.81 0.83
N LEU D 2142 -74.22 7.73 0.05
CA LEU D 2142 -75.49 7.04 -0.16
C LEU D 2142 -76.01 6.46 1.15
N TYR D 2143 -75.11 6.05 2.04
CA TYR D 2143 -75.53 5.53 3.34
C TYR D 2143 -76.25 6.61 4.14
N HIS D 2144 -75.68 7.82 4.20
CA HIS D 2144 -76.33 8.92 4.89
C HIS D 2144 -77.61 9.34 4.18
N VAL D 2145 -77.65 9.25 2.85
CA VAL D 2145 -78.85 9.59 2.10
C VAL D 2145 -79.99 8.65 2.49
N GLY D 2146 -79.71 7.34 2.49
CA GLY D 2146 -80.71 6.38 2.92
C GLY D 2146 -81.09 6.53 4.38
N TYR D 2147 -80.14 6.92 5.21
CA TYR D 2147 -80.43 7.18 6.62
C TYR D 2147 -81.42 8.32 6.77
N ILE D 2148 -81.18 9.42 6.06
CA ILE D 2148 -82.09 10.57 6.11
C ILE D 2148 -83.45 10.18 5.54
N LEU D 2149 -83.45 9.39 4.46
CA LEU D 2149 -84.72 8.96 3.87
C LEU D 2149 -85.49 8.07 4.83
N THR D 2150 -84.80 7.15 5.51
CA THR D 2150 -85.47 6.29 6.47
C THR D 2150 -86.01 7.10 7.65
N SER D 2151 -85.25 8.10 8.10
CA SER D 2151 -85.73 8.95 9.19
C SER D 2151 -86.96 9.75 8.77
N VAL D 2152 -86.96 10.26 7.54
CA VAL D 2152 -88.12 11.01 7.05
C VAL D 2152 -89.33 10.09 6.93
N LEU D 2153 -89.12 8.86 6.46
CA LEU D 2153 -90.22 7.91 6.35
C LEU D 2153 -90.78 7.55 7.71
N GLY D 2154 -89.92 7.39 8.70
CA GLY D 2154 -90.38 7.10 10.04
C GLY D 2154 -91.07 8.28 10.69
N LEU D 2155 -90.66 9.49 10.36
CA LEU D 2155 -91.28 10.69 10.92
C LEU D 2155 -92.62 11.01 10.28
N PHE D 2156 -92.79 10.66 9.00
CA PHE D 2156 -93.99 11.01 8.24
C PHE D 2156 -94.99 9.86 8.15
N ALA D 2157 -94.54 8.67 7.72
CA ALA D 2157 -95.48 7.60 7.41
C ALA D 2157 -96.05 6.96 8.69
N HIS D 2158 -95.19 6.37 9.50
CA HIS D 2158 -95.64 5.66 10.69
C HIS D 2158 -94.47 5.51 11.65
N GLU D 2159 -94.79 5.12 12.89
CA GLU D 2159 -93.78 4.92 13.92
C GLU D 2159 -93.15 3.54 13.73
N LEU D 2160 -92.33 3.13 14.69
CA LEU D 2160 -91.66 1.83 14.69
C LEU D 2160 -90.74 1.66 13.48
N PHE D 2161 -90.25 2.77 12.92
CA PHE D 2161 -89.20 2.75 11.91
C PHE D 2161 -87.90 3.36 12.42
N TYR D 2162 -87.87 3.92 13.63
CA TYR D 2162 -86.63 4.44 14.19
C TYR D 2162 -85.64 3.34 14.52
N SER D 2163 -86.11 2.08 14.64
CA SER D 2163 -85.19 0.97 14.85
C SER D 2163 -84.21 0.83 13.70
N ILE D 2164 -84.65 1.14 12.47
CA ILE D 2164 -83.74 1.12 11.33
C ILE D 2164 -82.68 2.21 11.48
N LEU D 2165 -83.07 3.36 12.02
CA LEU D 2165 -82.11 4.42 12.30
C LEU D 2165 -81.22 4.09 13.49
N LEU D 2166 -81.61 3.12 14.31
CA LEU D 2166 -80.83 2.75 15.49
C LEU D 2166 -79.53 2.00 15.16
N PHE D 2167 -79.26 1.70 13.89
CA PHE D 2167 -78.01 1.08 13.49
C PHE D 2167 -76.88 2.08 13.26
N ASP D 2168 -77.00 3.29 13.80
CA ASP D 2168 -75.92 4.26 13.71
C ASP D 2168 -74.74 3.93 14.62
N LEU D 2169 -74.86 2.90 15.46
CA LEU D 2169 -73.76 2.51 16.33
C LEU D 2169 -72.60 1.90 15.57
N ILE D 2170 -72.82 1.45 14.34
CA ILE D 2170 -71.75 0.82 13.56
C ILE D 2170 -70.78 1.88 13.06
N TYR D 2171 -71.31 2.97 12.51
CA TYR D 2171 -70.46 3.99 11.90
C TYR D 2171 -69.76 4.84 12.95
N ARG D 2172 -70.39 5.04 14.11
CA ARG D 2172 -69.79 5.88 15.14
C ARG D 2172 -68.69 5.15 15.89
N GLU D 2173 -69.01 3.97 16.43
CA GLU D 2173 -68.04 3.21 17.20
C GLU D 2173 -67.00 2.60 16.26
N GLU D 2174 -65.73 2.88 16.54
CA GLU D 2174 -64.64 2.39 15.70
C GLU D 2174 -64.16 1.01 16.10
N THR D 2175 -64.27 0.66 17.38
CA THR D 2175 -63.81 -0.65 17.86
C THR D 2175 -64.77 -1.77 17.49
N LEU D 2176 -65.90 -1.47 16.86
CA LEU D 2176 -66.85 -2.49 16.41
C LEU D 2176 -66.62 -2.90 14.97
N PHE D 2177 -66.16 -1.99 14.12
CA PHE D 2177 -66.09 -2.26 12.69
C PHE D 2177 -65.13 -3.40 12.37
N ASN D 2178 -64.13 -3.64 13.23
CA ASN D 2178 -63.32 -4.83 13.07
C ASN D 2178 -64.14 -6.09 13.29
N VAL D 2179 -65.06 -6.06 14.25
CA VAL D 2179 -65.88 -7.23 14.53
C VAL D 2179 -66.83 -7.50 13.38
N ILE D 2180 -67.39 -6.44 12.79
CA ILE D 2180 -68.29 -6.61 11.65
C ILE D 2180 -67.50 -7.07 10.43
N LYS D 2181 -66.28 -6.57 10.26
CA LYS D 2181 -65.43 -7.03 9.16
C LYS D 2181 -65.07 -8.49 9.34
N SER D 2182 -65.00 -8.96 10.58
CA SER D 2182 -64.78 -10.38 10.84
C SER D 2182 -65.90 -11.26 10.27
N VAL D 2183 -67.08 -10.69 10.03
CA VAL D 2183 -68.19 -11.43 9.43
C VAL D 2183 -68.25 -11.12 7.94
N THR D 2184 -67.90 -9.89 7.56
CA THR D 2184 -68.05 -9.46 6.17
C THR D 2184 -66.90 -9.90 5.27
N ARG D 2185 -65.75 -10.25 5.85
CA ARG D 2185 -64.61 -10.64 5.03
C ARG D 2185 -64.84 -12.01 4.40
N ASN D 2186 -64.97 -13.05 5.23
CA ASN D 2186 -65.16 -14.42 4.79
C ASN D 2186 -66.62 -14.84 4.81
N GLY D 2187 -67.54 -13.90 4.62
CA GLY D 2187 -68.95 -14.24 4.59
C GLY D 2187 -69.32 -15.19 3.47
N ARG D 2188 -68.54 -15.17 2.37
CA ARG D 2188 -68.74 -16.14 1.30
C ARG D 2188 -68.62 -17.56 1.82
N SER D 2189 -67.50 -17.87 2.48
CA SER D 2189 -67.31 -19.21 3.03
C SER D 2189 -68.31 -19.51 4.13
N ILE D 2190 -68.78 -18.50 4.86
CA ILE D 2190 -69.75 -18.73 5.91
C ILE D 2190 -71.08 -19.18 5.31
N LEU D 2191 -71.57 -18.46 4.31
CA LEU D 2191 -72.79 -18.90 3.64
C LEU D 2191 -72.59 -20.22 2.91
N LEU D 2192 -71.37 -20.49 2.45
CA LEU D 2192 -71.09 -21.74 1.76
C LEU D 2192 -71.19 -22.94 2.71
N THR D 2193 -70.55 -22.83 3.88
CA THR D 2193 -70.65 -23.92 4.85
C THR D 2193 -72.05 -23.99 5.46
N ALA D 2194 -72.78 -22.87 5.49
CA ALA D 2194 -74.18 -22.92 5.85
C ALA D 2194 -74.99 -23.73 4.85
N LEU D 2195 -74.71 -23.55 3.55
CA LEU D 2195 -75.33 -24.37 2.53
C LEU D 2195 -74.92 -25.83 2.68
N LEU D 2196 -73.68 -26.09 3.09
CA LEU D 2196 -73.24 -27.46 3.34
C LEU D 2196 -74.07 -28.09 4.46
N ALA D 2197 -74.23 -27.37 5.57
CA ALA D 2197 -75.06 -27.86 6.65
C ALA D 2197 -76.50 -28.07 6.19
N LEU D 2198 -77.01 -27.16 5.36
CA LEU D 2198 -78.37 -27.27 4.85
C LEU D 2198 -78.55 -28.53 4.01
N ILE D 2199 -77.63 -28.78 3.09
CA ILE D 2199 -77.78 -29.93 2.20
C ILE D 2199 -77.53 -31.23 2.95
N LEU D 2200 -76.68 -31.20 3.98
CA LEU D 2200 -76.51 -32.40 4.81
C LEU D 2200 -77.77 -32.70 5.61
N VAL D 2201 -78.39 -31.66 6.18
CA VAL D 2201 -79.67 -31.83 6.87
C VAL D 2201 -80.73 -32.33 5.91
N TYR D 2202 -80.67 -31.88 4.65
CA TYR D 2202 -81.62 -32.34 3.64
C TYR D 2202 -81.40 -33.81 3.32
N LEU D 2203 -80.14 -34.25 3.25
CA LEU D 2203 -79.85 -35.66 3.05
C LEU D 2203 -80.40 -36.50 4.20
N PHE D 2204 -80.18 -36.03 5.43
CA PHE D 2204 -80.70 -36.76 6.59
C PHE D 2204 -82.23 -36.79 6.58
N SER D 2205 -82.84 -35.68 6.17
CA SER D 2205 -84.30 -35.62 6.11
C SER D 2205 -84.85 -36.59 5.08
N ILE D 2206 -84.23 -36.66 3.90
CA ILE D 2206 -84.78 -37.51 2.85
C ILE D 2206 -84.54 -38.98 3.16
N VAL D 2207 -83.41 -39.33 3.76
CA VAL D 2207 -83.21 -40.73 4.14
C VAL D 2207 -84.17 -41.12 5.26
N GLY D 2208 -84.45 -40.18 6.18
CA GLY D 2208 -85.47 -40.44 7.19
C GLY D 2208 -86.84 -40.64 6.58
N PHE D 2209 -87.18 -39.83 5.58
CA PHE D 2209 -88.43 -40.01 4.85
C PHE D 2209 -88.46 -41.35 4.11
N LEU D 2210 -87.30 -41.83 3.69
CA LEU D 2210 -87.24 -43.11 3.00
C LEU D 2210 -87.40 -44.29 3.94
N PHE D 2211 -86.90 -44.18 5.18
CA PHE D 2211 -86.97 -45.27 6.15
C PHE D 2211 -87.89 -44.95 7.32
N LEU D 2212 -87.68 -43.84 8.01
CA LEU D 2212 -88.33 -43.55 9.29
C LEU D 2212 -89.47 -42.53 9.13
N LYS D 2213 -90.22 -42.64 8.02
CA LYS D 2213 -91.31 -41.70 7.77
C LYS D 2213 -92.40 -41.84 8.83
N ASP D 2214 -92.82 -43.07 9.13
CA ASP D 2214 -93.91 -43.31 10.06
C ASP D 2214 -93.42 -43.42 11.50
N ASP D 2215 -92.68 -42.41 11.95
CA ASP D 2215 -92.18 -42.36 13.32
C ASP D 2215 -92.22 -40.98 13.95
N PHE D 2216 -92.74 -39.96 13.26
CA PHE D 2216 -92.81 -38.60 13.78
C PHE D 2216 -94.21 -38.34 14.31
N ILE D 2217 -94.28 -37.92 15.58
CA ILE D 2217 -95.52 -37.45 16.20
C ILE D 2217 -95.19 -36.11 16.84
N LEU D 2218 -95.39 -35.03 16.09
CA LEU D 2218 -95.04 -33.69 16.56
C LEU D 2218 -96.17 -33.12 17.40
N GLU D 2219 -95.86 -32.80 18.65
CA GLU D 2219 -96.84 -32.20 19.57
C GLU D 2219 -97.09 -30.77 19.13
N VAL D 2220 -98.23 -30.53 18.49
CA VAL D 2220 -98.59 -29.21 17.96
C VAL D 2220 -99.90 -28.79 18.61
N ASP D 2221 -99.87 -27.68 19.33
CA ASP D 2221 -101.07 -27.13 19.92
C ASP D 2221 -101.94 -26.48 18.85
N ARG D 2222 -103.24 -26.47 19.10
CA ARG D 2222 -104.22 -25.91 18.17
C ARG D 2222 -104.62 -24.51 18.62
N LEU D 2223 -104.91 -23.66 17.65
CA LEU D 2223 -105.34 -22.30 17.93
C LEU D 2223 -106.78 -22.28 18.42
N PRO D 2224 -107.21 -21.21 19.09
CA PRO D 2224 -108.60 -21.13 19.53
C PRO D 2224 -109.54 -20.94 18.34
N ASN D 2225 -110.40 -21.92 18.12
CA ASN D 2225 -111.34 -21.88 17.01
C ASN D 2225 -112.45 -20.87 17.27
N THR D 2272 -104.32 -33.90 17.83
CA THR D 2272 -103.30 -33.22 18.61
C THR D 2272 -101.95 -33.28 17.91
N GLU D 2273 -101.50 -34.49 17.60
CA GLU D 2273 -100.22 -34.70 16.95
C GLU D 2273 -100.34 -34.58 15.45
N ARG D 2274 -99.24 -34.20 14.80
CA ARG D 2274 -99.15 -34.08 13.35
C ARG D 2274 -98.23 -35.17 12.81
N ALA D 2275 -98.66 -35.78 11.69
CA ALA D 2275 -97.88 -36.87 11.11
C ALA D 2275 -96.67 -36.35 10.34
N CYS D 2276 -96.84 -35.28 9.57
CA CYS D 2276 -95.77 -34.71 8.75
C CYS D 2276 -95.22 -35.73 7.75
N ASP D 2277 -96.09 -36.62 7.26
CA ASP D 2277 -95.74 -37.58 6.22
C ASP D 2277 -96.10 -37.08 4.82
N THR D 2278 -96.14 -35.75 4.65
CA THR D 2278 -96.49 -35.15 3.37
C THR D 2278 -95.27 -35.06 2.47
N LEU D 2279 -95.35 -34.26 1.41
CA LEU D 2279 -94.24 -34.04 0.49
C LEU D 2279 -92.98 -33.62 1.23
N LEU D 2280 -91.82 -33.80 0.59
CA LEU D 2280 -90.54 -33.63 1.25
C LEU D 2280 -90.31 -32.20 1.76
N MET D 2281 -91.03 -31.22 1.24
CA MET D 2281 -90.90 -29.86 1.75
C MET D 2281 -91.32 -29.79 3.21
N CYS D 2282 -92.44 -30.44 3.55
CA CYS D 2282 -92.94 -30.40 4.93
C CYS D 2282 -91.95 -31.07 5.88
N ILE D 2283 -91.43 -32.24 5.50
CA ILE D 2283 -90.53 -32.95 6.40
C ILE D 2283 -89.17 -32.27 6.48
N VAL D 2284 -88.75 -31.60 5.41
CA VAL D 2284 -87.51 -30.81 5.48
C VAL D 2284 -87.70 -29.63 6.43
N THR D 2285 -88.85 -28.98 6.36
CA THR D 2285 -89.13 -27.89 7.30
C THR D 2285 -89.19 -28.41 8.73
N VAL D 2286 -89.74 -29.60 8.93
CA VAL D 2286 -89.79 -30.20 10.26
C VAL D 2286 -88.37 -30.51 10.75
N MET D 2287 -87.51 -30.97 9.84
CA MET D 2287 -86.13 -31.24 10.21
C MET D 2287 -85.41 -29.96 10.62
N ASN D 2288 -85.62 -28.88 9.87
CA ASN D 2288 -85.02 -27.60 10.25
C ASN D 2288 -85.62 -27.08 11.55
N HIS D 2289 -86.88 -27.39 11.83
CA HIS D 2289 -87.50 -27.03 13.10
C HIS D 2289 -86.84 -27.76 14.26
N GLY D 2290 -86.56 -29.06 14.07
CA GLY D 2290 -85.97 -29.85 15.13
C GLY D 2290 -84.47 -29.72 15.26
N LEU D 2291 -83.80 -29.17 14.25
CA LEU D 2291 -82.34 -29.06 14.28
C LEU D 2291 -81.85 -28.14 15.39
N ARG D 2292 -82.63 -27.12 15.73
CA ARG D 2292 -82.17 -26.11 16.68
C ARG D 2292 -82.20 -26.58 18.13
N ASN D 2293 -82.70 -27.78 18.41
CA ASN D 2293 -82.80 -28.23 19.79
C ASN D 2293 -81.44 -28.49 20.43
N GLY D 2294 -80.39 -28.63 19.64
CA GLY D 2294 -79.05 -28.88 20.13
C GLY D 2294 -78.71 -30.34 20.28
N GLY D 2295 -79.66 -31.13 20.81
CA GLY D 2295 -79.47 -32.55 20.96
C GLY D 2295 -79.95 -33.34 19.76
N GLY D 2296 -79.55 -32.90 18.57
CA GLY D 2296 -79.97 -33.56 17.36
C GLY D 2296 -81.45 -33.44 17.11
N VAL D 2297 -81.92 -34.23 16.14
CA VAL D 2297 -83.33 -34.27 15.75
C VAL D 2297 -84.08 -35.42 16.40
N GLY D 2298 -83.42 -36.22 17.24
CA GLY D 2298 -84.09 -37.34 17.88
C GLY D 2298 -85.11 -36.93 18.93
N ASP D 2299 -84.99 -35.71 19.47
CA ASP D 2299 -85.93 -35.26 20.48
C ASP D 2299 -87.32 -35.06 19.90
N ILE D 2300 -87.41 -34.68 18.63
CA ILE D 2300 -88.71 -34.49 18.00
C ILE D 2300 -89.40 -35.83 17.79
N LEU D 2301 -88.64 -36.88 17.49
CA LEU D 2301 -89.20 -38.19 17.27
C LEU D 2301 -89.53 -38.87 18.60
N ARG D 2302 -90.51 -39.77 18.55
CA ARG D 2302 -90.92 -40.49 19.75
C ARG D 2302 -89.82 -41.42 20.23
N LYS D 2303 -89.84 -41.70 21.53
CA LYS D 2303 -88.86 -42.60 22.13
C LYS D 2303 -89.37 -44.04 22.06
N PRO D 2304 -88.60 -44.98 21.47
CA PRO D 2304 -89.13 -46.35 21.35
C PRO D 2304 -88.86 -47.20 22.59
N SER D 2305 -89.31 -48.45 22.56
CA SER D 2305 -89.10 -49.38 23.66
C SER D 2305 -87.74 -50.06 23.53
N LYS D 2306 -87.41 -50.89 24.51
CA LYS D 2306 -86.14 -51.61 24.52
C LYS D 2306 -86.12 -52.77 23.54
N ASP D 2307 -87.28 -53.34 23.21
CA ASP D 2307 -87.40 -54.49 22.33
C ASP D 2307 -88.20 -54.13 21.08
N GLU D 2308 -87.97 -52.95 20.54
CA GLU D 2308 -88.64 -52.51 19.33
C GLU D 2308 -87.99 -53.17 18.12
N SER D 2309 -88.48 -52.80 16.93
CA SER D 2309 -88.00 -53.41 15.70
C SER D 2309 -86.70 -52.77 15.22
N LEU D 2310 -86.74 -51.47 14.91
CA LEU D 2310 -85.61 -50.73 14.35
C LEU D 2310 -84.95 -49.82 15.39
N PHE D 2311 -84.94 -50.24 16.65
CA PHE D 2311 -84.36 -49.39 17.69
C PHE D 2311 -82.85 -49.26 17.56
N PRO D 2312 -82.07 -50.33 17.33
CA PRO D 2312 -80.64 -50.13 17.07
C PRO D 2312 -80.36 -49.23 15.86
N ALA D 2313 -81.08 -49.46 14.76
CA ALA D 2313 -80.93 -48.60 13.59
C ALA D 2313 -81.28 -47.16 13.92
N ARG D 2314 -82.34 -46.97 14.70
CA ARG D 2314 -82.75 -45.61 15.07
C ARG D 2314 -81.69 -44.90 15.90
N VAL D 2315 -81.12 -45.59 16.89
CA VAL D 2315 -80.17 -44.93 17.78
C VAL D 2315 -78.85 -44.68 17.05
N VAL D 2316 -78.42 -45.61 16.18
CA VAL D 2316 -77.18 -45.33 15.44
C VAL D 2316 -77.41 -44.19 14.44
N TYR D 2317 -78.61 -44.11 13.85
CA TYR D 2317 -78.91 -43.00 12.96
C TYR D 2317 -78.88 -41.67 13.71
N ASP D 2318 -79.45 -41.65 14.92
CA ASP D 2318 -79.42 -40.43 15.72
C ASP D 2318 -78.00 -40.04 16.10
N LEU D 2319 -77.17 -41.01 16.49
CA LEU D 2319 -75.79 -40.70 16.87
C LEU D 2319 -75.00 -40.20 15.67
N LEU D 2320 -75.25 -40.77 14.49
CA LEU D 2320 -74.55 -40.30 13.29
C LEU D 2320 -75.00 -38.90 12.92
N PHE D 2321 -76.30 -38.62 13.02
CA PHE D 2321 -76.79 -37.26 12.78
C PHE D 2321 -76.15 -36.28 13.75
N PHE D 2322 -75.97 -36.69 15.00
CA PHE D 2322 -75.30 -35.83 15.97
C PHE D 2322 -73.85 -35.57 15.56
N PHE D 2323 -73.06 -36.63 15.40
CA PHE D 2323 -71.64 -36.45 15.11
C PHE D 2323 -71.36 -35.92 13.71
N ILE D 2324 -72.38 -35.77 12.86
CA ILE D 2324 -72.19 -35.23 11.51
C ILE D 2324 -72.94 -33.93 11.28
N VAL D 2325 -73.80 -33.46 12.19
CA VAL D 2325 -74.72 -32.36 11.89
C VAL D 2325 -74.69 -31.25 12.94
N ILE D 2326 -74.21 -31.47 14.16
CA ILE D 2326 -74.21 -30.45 15.21
C ILE D 2326 -72.81 -30.28 15.78
N ILE D 2327 -71.87 -31.17 15.44
CA ILE D 2327 -70.49 -31.09 15.90
C ILE D 2327 -69.58 -30.76 14.73
N ILE D 2328 -69.55 -31.64 13.72
CA ILE D 2328 -68.64 -31.44 12.60
C ILE D 2328 -69.18 -30.41 11.62
N VAL D 2329 -70.50 -30.20 11.59
CA VAL D 2329 -71.11 -29.35 10.56
C VAL D 2329 -71.03 -27.89 10.96
N LEU D 2330 -71.49 -27.55 12.16
CA LEU D 2330 -71.61 -26.15 12.57
C LEU D 2330 -70.31 -25.57 13.12
N ASN D 2331 -69.51 -26.38 13.82
CA ASN D 2331 -68.25 -25.87 14.36
C ASN D 2331 -67.27 -25.47 13.27
N LEU D 2332 -67.48 -25.93 12.03
CA LEU D 2332 -66.69 -25.44 10.92
C LEU D 2332 -66.89 -23.94 10.71
N ILE D 2333 -68.14 -23.48 10.80
CA ILE D 2333 -68.43 -22.05 10.68
C ILE D 2333 -67.75 -21.29 11.80
N PHE D 2334 -67.83 -21.81 13.02
CA PHE D 2334 -67.11 -21.22 14.15
C PHE D 2334 -65.61 -21.16 13.87
N GLY D 2335 -65.08 -22.18 13.21
CA GLY D 2335 -63.66 -22.20 12.90
C GLY D 2335 -63.27 -21.15 11.89
N VAL D 2336 -64.06 -21.00 10.83
CA VAL D 2336 -63.81 -19.93 9.86
C VAL D 2336 -63.90 -18.57 10.55
N ILE D 2337 -64.83 -18.44 11.49
CA ILE D 2337 -65.02 -17.17 12.20
C ILE D 2337 -63.78 -16.86 13.03
N ILE D 2338 -63.28 -17.84 13.78
CA ILE D 2338 -62.10 -17.62 14.60
C ILE D 2338 -60.88 -17.36 13.71
N ASP D 2339 -60.81 -18.05 12.57
CA ASP D 2339 -59.68 -17.86 11.66
C ASP D 2339 -59.66 -16.46 11.10
N THR D 2340 -60.82 -15.92 10.71
CA THR D 2340 -60.83 -14.56 10.17
C THR D 2340 -60.67 -13.53 11.29
N PHE D 2341 -61.07 -13.85 12.52
CA PHE D 2341 -60.74 -12.98 13.64
C PHE D 2341 -59.23 -12.85 13.80
N ALA D 2342 -58.54 -13.99 13.86
CA ALA D 2342 -57.08 -13.96 13.94
C ALA D 2342 -56.47 -13.31 12.71
N ASP D 2343 -57.11 -13.48 11.54
CA ASP D 2343 -56.64 -12.83 10.32
C ASP D 2343 -56.64 -11.31 10.47
N LEU D 2344 -57.80 -10.76 10.83
CA LEU D 2344 -57.93 -9.33 11.05
C LEU D 2344 -56.94 -8.84 12.10
N ARG D 2345 -56.77 -9.62 13.18
CA ARG D 2345 -55.84 -9.21 14.23
C ARG D 2345 -54.40 -9.15 13.71
N SER D 2346 -53.95 -10.22 13.05
CA SER D 2346 -52.57 -10.27 12.59
C SER D 2346 -52.31 -9.20 11.54
N GLU D 2347 -53.29 -8.93 10.68
CA GLU D 2347 -53.13 -7.86 9.70
C GLU D 2347 -53.00 -6.51 10.38
N LYS D 2348 -53.84 -6.25 11.39
CA LYS D 2348 -53.73 -5.00 12.14
C LYS D 2348 -52.37 -4.86 12.81
N GLN D 2349 -51.89 -5.93 13.44
CA GLN D 2349 -50.62 -5.88 14.14
C GLN D 2349 -49.46 -5.67 13.18
N LYS D 2350 -49.47 -6.36 12.04
CA LYS D 2350 -48.41 -6.19 11.06
C LYS D 2350 -48.42 -4.79 10.48
N LYS D 2351 -49.61 -4.24 10.20
CA LYS D 2351 -49.70 -2.88 9.70
C LYS D 2351 -49.18 -1.88 10.71
N GLU D 2352 -49.51 -2.09 12.00
CA GLU D 2352 -49.01 -1.20 13.05
C GLU D 2352 -47.49 -1.27 13.13
N GLU D 2353 -46.93 -2.48 13.09
CA GLU D 2353 -45.48 -2.62 13.17
C GLU D 2353 -44.79 -2.00 11.96
N ILE D 2354 -45.41 -2.09 10.78
CA ILE D 2354 -44.81 -1.49 9.59
C ILE D 2354 -44.92 0.03 9.64
N LEU D 2355 -45.99 0.55 10.22
CA LEU D 2355 -46.16 2.00 10.32
C LEU D 2355 -45.28 2.60 11.41
N LYS D 2356 -44.92 1.82 12.43
CA LYS D 2356 -44.13 2.35 13.53
C LYS D 2356 -42.64 2.36 13.20
N THR D 2357 -42.16 1.38 12.45
CA THR D 2357 -40.75 1.17 12.17
C THR D 2357 -40.44 1.34 10.69
N THR D 2358 -41.01 2.38 10.08
CA THR D 2358 -40.73 2.70 8.69
C THR D 2358 -40.87 4.20 8.49
N CYS D 2359 -39.93 4.79 7.76
CA CYS D 2359 -39.91 6.23 7.53
C CYS D 2359 -40.95 6.67 6.51
N PHE D 2360 -41.74 5.77 5.94
CA PHE D 2360 -42.85 6.03 5.04
C PHE D 2360 -42.40 6.39 3.62
N ILE D 2361 -41.10 6.56 3.36
CA ILE D 2361 -40.60 6.88 2.03
C ILE D 2361 -39.48 5.91 1.65
N CYS D 2362 -38.44 5.85 2.47
CA CYS D 2362 -37.26 5.06 2.13
C CYS D 2362 -37.43 3.59 2.48
N GLY D 2363 -38.19 3.28 3.52
CA GLY D 2363 -38.41 1.90 3.91
C GLY D 2363 -37.31 1.30 4.74
N LEU D 2364 -36.71 2.08 5.62
CA LEU D 2364 -35.64 1.62 6.50
C LEU D 2364 -36.19 1.25 7.87
N GLU D 2365 -35.44 0.42 8.58
CA GLU D 2365 -35.78 0.00 9.92
C GLU D 2365 -35.13 0.95 10.93
N ARG D 2366 -35.21 0.60 12.22
CA ARG D 2366 -34.64 1.42 13.28
C ARG D 2366 -33.24 0.99 13.69
N ASP D 2367 -32.82 -0.23 13.35
CA ASP D 2367 -31.51 -0.72 13.77
C ASP D 2367 -30.36 0.02 13.10
N LYS D 2368 -30.61 0.66 11.96
CA LYS D 2368 -29.55 1.35 11.23
C LYS D 2368 -29.24 2.74 11.76
N PHE D 2369 -30.01 3.24 12.74
CA PHE D 2369 -29.77 4.53 13.39
C PHE D 2369 -29.43 4.23 14.86
N ASP D 2370 -28.14 4.03 15.12
CA ASP D 2370 -27.63 3.77 16.46
C ASP D 2370 -26.64 4.83 16.92
N ASN D 2371 -25.68 5.18 16.06
CA ASN D 2371 -24.68 6.20 16.39
C ASN D 2371 -24.36 7.11 15.20
N LYS D 2372 -25.29 7.25 14.25
CA LYS D 2372 -25.09 8.08 13.08
C LYS D 2372 -25.41 9.55 13.31
N THR D 2373 -25.65 9.95 14.56
CA THR D 2373 -25.95 11.34 14.90
C THR D 2373 -27.24 11.83 14.24
N VAL D 2374 -28.15 10.91 13.93
CA VAL D 2374 -29.46 11.25 13.37
C VAL D 2374 -30.49 10.28 13.90
N SER D 2375 -31.43 10.77 14.69
CA SER D 2375 -32.43 9.92 15.30
C SER D 2375 -33.53 9.58 14.31
N PHE D 2376 -34.24 8.48 14.59
CA PHE D 2376 -35.36 8.08 13.74
C PHE D 2376 -36.51 9.07 13.85
N GLU D 2377 -36.68 9.72 15.00
CA GLU D 2377 -37.74 10.70 15.15
C GLU D 2377 -37.46 11.94 14.33
N GLU D 2378 -36.20 12.39 14.31
CA GLU D 2378 -35.84 13.58 13.53
C GLU D 2378 -35.78 13.26 12.04
N HIS D 2379 -35.45 12.01 11.69
CA HIS D 2379 -35.37 11.64 10.28
C HIS D 2379 -36.74 11.62 9.61
N ILE D 2380 -37.79 11.28 10.37
CA ILE D 2380 -39.14 11.20 9.84
C ILE D 2380 -39.92 12.50 10.06
N LYS D 2381 -39.24 13.59 10.43
CA LYS D 2381 -39.89 14.88 10.65
C LYS D 2381 -39.16 16.07 10.05
N LEU D 2382 -37.91 15.93 9.62
CA LEU D 2382 -37.12 17.02 9.07
C LEU D 2382 -36.59 16.74 7.68
N GLU D 2383 -36.16 15.51 7.41
CA GLU D 2383 -35.56 15.13 6.13
C GLU D 2383 -36.49 14.33 5.23
N HIS D 2384 -37.27 13.41 5.79
CA HIS D 2384 -38.15 12.52 5.03
C HIS D 2384 -39.61 12.72 5.45
N ASN D 2385 -40.02 13.97 5.58
CA ASN D 2385 -41.41 14.26 5.88
C ASN D 2385 -42.27 13.97 4.65
N MET D 2386 -43.40 13.27 4.88
CA MET D 2386 -44.24 12.85 3.78
C MET D 2386 -44.86 14.02 3.04
N TRP D 2387 -45.28 15.05 3.79
CA TRP D 2387 -45.97 16.18 3.17
C TRP D 2387 -45.03 17.13 2.43
N ASN D 2388 -43.73 17.05 2.69
CA ASN D 2388 -42.79 17.90 1.97
C ASN D 2388 -42.77 17.56 0.48
N TYR D 2389 -42.89 16.28 0.15
CA TYR D 2389 -42.92 15.89 -1.25
C TYR D 2389 -44.23 16.30 -1.91
N LEU D 2390 -45.33 16.29 -1.15
CA LEU D 2390 -46.58 16.84 -1.67
C LEU D 2390 -46.44 18.33 -1.97
N TYR D 2391 -45.80 19.07 -1.05
CA TYR D 2391 -45.56 20.49 -1.29
C TYR D 2391 -44.67 20.69 -2.52
N PHE D 2392 -43.68 19.82 -2.71
CA PHE D 2392 -42.80 19.94 -3.87
C PHE D 2392 -43.57 19.68 -5.16
N ILE D 2393 -44.44 18.68 -5.16
CA ILE D 2393 -45.26 18.40 -6.34
C ILE D 2393 -46.20 19.58 -6.62
N VAL D 2394 -46.75 20.18 -5.56
CA VAL D 2394 -47.63 21.32 -5.74
C VAL D 2394 -46.87 22.50 -6.32
N LEU D 2395 -45.65 22.73 -5.85
CA LEU D 2395 -44.83 23.81 -6.39
C LEU D 2395 -44.46 23.55 -7.84
N VAL D 2396 -44.18 22.29 -8.19
CA VAL D 2396 -43.86 21.96 -9.57
C VAL D 2396 -45.08 22.18 -10.47
N ARG D 2397 -46.27 21.90 -9.95
CA ARG D 2397 -47.50 22.10 -10.72
C ARG D 2397 -47.94 23.56 -10.76
N VAL D 2398 -47.45 24.39 -9.86
CA VAL D 2398 -47.90 25.78 -9.75
C VAL D 2398 -46.96 26.74 -10.47
N LYS D 2399 -45.65 26.51 -10.39
CA LYS D 2399 -44.69 27.45 -10.94
C LYS D 2399 -44.75 27.47 -12.46
N ASN D 2400 -44.08 28.46 -13.04
CA ASN D 2400 -44.04 28.61 -14.48
C ASN D 2400 -43.11 27.57 -15.12
N LYS D 2401 -43.19 27.45 -16.44
CA LYS D 2401 -42.49 26.39 -17.16
C LYS D 2401 -41.05 26.76 -17.48
N THR D 2402 -40.79 28.03 -17.78
CA THR D 2402 -39.47 28.41 -18.30
C THR D 2402 -38.43 28.60 -17.20
N ASP D 2403 -38.84 28.84 -15.96
CA ASP D 2403 -37.92 29.20 -14.88
C ASP D 2403 -38.27 28.42 -13.61
N TYR D 2404 -38.45 27.10 -13.76
CA TYR D 2404 -38.77 26.27 -12.59
C TYR D 2404 -37.64 26.28 -11.57
N THR D 2405 -36.52 25.63 -11.92
CA THR D 2405 -35.35 25.54 -11.07
C THR D 2405 -34.27 24.77 -11.82
N GLY D 2406 -33.16 24.47 -11.15
CA GLY D 2406 -32.15 23.60 -11.73
C GLY D 2406 -32.67 22.19 -11.92
N PRO D 2407 -32.94 21.48 -10.81
CA PRO D 2407 -33.48 20.12 -10.92
C PRO D 2407 -34.99 20.02 -10.98
N GLU D 2408 -35.71 21.13 -10.83
CA GLU D 2408 -37.15 21.09 -10.93
C GLU D 2408 -37.60 20.78 -12.36
N SER D 2409 -36.85 21.26 -13.36
CA SER D 2409 -37.13 20.85 -14.73
C SER D 2409 -36.97 19.35 -14.89
N TYR D 2410 -35.96 18.77 -14.25
CA TYR D 2410 -35.74 17.33 -14.33
C TYR D 2410 -36.88 16.55 -13.70
N VAL D 2411 -37.28 16.94 -12.48
CA VAL D 2411 -38.35 16.20 -11.81
C VAL D 2411 -39.68 16.43 -12.51
N ALA D 2412 -39.85 17.58 -13.17
CA ALA D 2412 -41.06 17.80 -13.96
C ALA D 2412 -41.09 16.90 -15.18
N GLN D 2413 -39.96 16.78 -15.88
CA GLN D 2413 -39.88 15.86 -17.01
C GLN D 2413 -40.09 14.42 -16.57
N MET D 2414 -39.65 14.08 -15.35
CA MET D 2414 -39.87 12.73 -14.84
C MET D 2414 -41.32 12.50 -14.44
N ILE D 2415 -42.00 13.54 -13.95
CA ILE D 2415 -43.40 13.39 -13.55
C ILE D 2415 -44.31 13.29 -14.76
N LYS D 2416 -43.91 13.83 -15.91
CA LYS D 2416 -44.74 13.75 -17.11
C LYS D 2416 -44.75 12.35 -17.71
N ASN D 2417 -43.71 11.55 -17.48
CA ASN D 2417 -43.63 10.20 -18.02
C ASN D 2417 -44.19 9.14 -17.07
N LYS D 2418 -44.64 9.53 -15.87
CA LYS D 2418 -45.21 8.60 -14.90
C LYS D 2418 -44.18 7.53 -14.51
N ASN D 2419 -43.05 8.00 -13.98
CA ASN D 2419 -41.95 7.14 -13.53
C ASN D 2419 -41.57 7.56 -12.12
N LEU D 2420 -41.92 6.72 -11.14
CA LEU D 2420 -41.65 7.02 -9.73
C LEU D 2420 -40.30 6.42 -9.31
N ASP D 2421 -39.27 6.83 -10.06
CA ASP D 2421 -37.89 6.41 -9.80
C ASP D 2421 -37.07 7.46 -9.07
N TRP D 2422 -37.58 8.69 -8.94
CA TRP D 2422 -36.82 9.78 -8.35
C TRP D 2422 -36.96 9.86 -6.83
N PHE D 2423 -37.75 8.98 -6.20
CA PHE D 2423 -37.77 8.93 -4.75
C PHE D 2423 -36.54 8.17 -4.25
N PRO D 2424 -36.11 8.42 -3.01
CA PRO D 2424 -35.04 7.61 -2.44
C PRO D 2424 -35.58 6.29 -1.91
N ARG D 2425 -34.80 5.23 -2.10
CA ARG D 2425 -35.18 3.88 -1.70
C ARG D 2425 -34.04 3.23 -0.95
N MET D 2426 -34.26 2.93 0.32
CA MET D 2426 -33.33 2.17 1.15
C MET D 2426 -32.01 2.90 1.39
N ARG D 2427 -31.97 4.22 1.18
CA ARG D 2427 -30.79 5.00 1.52
C ARG D 2427 -31.18 6.47 1.55
N ALA D 2428 -30.37 7.25 2.26
CA ALA D 2428 -30.64 8.68 2.41
C ALA D 2428 -29.37 9.36 2.91
N MET D 2429 -29.45 10.69 2.99
CA MET D 2429 -28.34 11.46 3.52
C MET D 2429 -28.17 11.21 5.02
N SER D 2430 -26.96 11.46 5.50
CA SER D 2430 -26.61 11.26 6.91
C SER D 2430 -26.72 9.80 7.33
N LEU D 2431 -26.61 8.88 6.37
CA LEU D 2431 -26.61 7.44 6.64
C LEU D 2431 -25.38 6.73 6.12
N VAL D 2432 -24.65 7.32 5.18
CA VAL D 2432 -23.45 6.71 4.63
C VAL D 2432 -22.23 7.09 5.46
N UNK D 2433 -2.08 7.60 -4.88
CA UNK D 2433 -1.21 8.67 -4.40
C UNK D 2433 0.23 8.19 -4.28
N UNK D 2434 0.41 7.06 -3.58
CA UNK D 2434 1.75 6.50 -3.43
C UNK D 2434 2.33 6.05 -4.76
N UNK D 2435 1.47 5.65 -5.70
CA UNK D 2435 1.95 5.23 -7.01
C UNK D 2435 2.58 6.40 -7.76
N UNK D 2436 2.05 7.60 -7.59
CA UNK D 2436 2.63 8.77 -8.24
C UNK D 2436 4.01 9.07 -7.66
N UNK D 2437 4.17 8.96 -6.34
CA UNK D 2437 5.47 9.16 -5.72
C UNK D 2437 6.46 8.09 -6.20
N UNK D 2438 6.00 6.85 -6.33
CA UNK D 2438 6.86 5.80 -6.84
C UNK D 2438 7.29 6.07 -8.28
N UNK D 2439 6.37 6.59 -9.10
CA UNK D 2439 6.70 6.93 -10.48
C UNK D 2439 7.71 8.06 -10.54
N UNK D 2440 7.55 9.08 -9.70
CA UNK D 2440 8.53 10.17 -9.64
C UNK D 2440 9.90 9.65 -9.20
N UNK D 2441 9.91 8.76 -8.20
CA UNK D 2441 11.18 8.16 -7.76
C UNK D 2441 11.80 7.33 -8.88
N UNK D 2442 10.98 6.65 -9.67
CA UNK D 2442 11.50 5.86 -10.78
C UNK D 2442 12.07 6.75 -11.87
N UNK D 2443 11.45 7.90 -12.12
CA UNK D 2443 12.01 8.84 -13.09
C UNK D 2443 13.35 9.40 -12.61
N UNK D 2444 13.41 9.78 -11.33
CA UNK D 2444 14.68 10.24 -10.77
C UNK D 2444 15.75 9.16 -10.84
N UNK D 2445 15.36 7.90 -10.59
CA UNK D 2445 16.30 6.79 -10.69
C UNK D 2445 16.72 6.53 -12.12
N UNK D 2446 15.83 6.78 -13.08
CA UNK D 2446 16.19 6.66 -14.49
C UNK D 2446 17.28 7.67 -14.84
N UNK D 2447 17.08 8.92 -14.43
CA UNK D 2447 18.11 9.94 -14.66
C UNK D 2447 19.41 9.58 -13.93
N UNK D 2448 19.29 9.03 -12.72
CA UNK D 2448 20.47 8.65 -11.95
C UNK D 2448 21.24 7.54 -12.63
N UNK D 2449 20.54 6.54 -13.16
CA UNK D 2449 21.20 5.44 -13.87
C UNK D 2449 21.79 5.92 -15.19
N UNK D 2450 21.14 6.87 -15.86
CA UNK D 2450 21.71 7.45 -17.07
C UNK D 2450 23.01 8.18 -16.75
N UNK D 2451 23.06 8.87 -15.61
CA UNK D 2451 24.30 9.53 -15.20
C UNK D 2451 25.35 8.52 -14.76
N UNK D 2452 24.93 7.40 -14.18
CA UNK D 2452 25.87 6.39 -13.73
C UNK D 2452 26.45 5.59 -14.89
N UNK D 2453 25.71 5.44 -15.97
CA UNK D 2453 26.18 4.69 -17.13
C UNK D 2453 27.32 5.43 -17.82
ZN ZN E . -24.56 -4.38 27.58
ZN ZN F . -21.65 -27.48 12.92
ZN ZN G . -32.88 -14.96 -9.00
ZN ZN H . -35.94 7.91 5.67
#